data_8WGZ
#
_entry.id   8WGZ
#
_cell.length_a   1.00
_cell.length_b   1.00
_cell.length_c   1.00
_cell.angle_alpha   90.00
_cell.angle_beta   90.00
_cell.angle_gamma   90.00
#
_symmetry.space_group_name_H-M   'P 1'
#
loop_
_entity.id
_entity.type
_entity.pdbx_description
1 polymer 'Uncoating factor OPG117'
2 polymer "DNA (5'-D(P*CP*CP*CP*CP*C)-3')"
#
loop_
_entity_poly.entity_id
_entity_poly.type
_entity_poly.pdbx_seq_one_letter_code
_entity_poly.pdbx_strand_id
1 'polypeptide(L)'
;MDAAIRGNDVIFVLKTIGVPSACRQNEDPRFVEAFKCDELERYIDNNPECTLFESLRDEEAYSIVRIFMDVDLDACLDEI
DYLTAIQDFIIEVSNCVARFAFTECGAIHENVIKSMRSNFSLTKSTNRDKTSFHIIFLDTYTTMDTLIAMKRTLLELSRS
SENPLTRSIDTAVYRRKTTLRVVGTRKNPNCDTIHVMQPPHDNIEDYLFTYVDMNNNSYYFSLQRRLEDLVPDKLWEPGF
ISFEDAIKRVSKIFINSIINFNDLDENNFTTVPLVIDYVTPCALCKKRSHKHPHQLSLENGAIRIYKTGNPHSCKVKIVP
LDGNKLFNIAQRILDTNSVLLTERGDHIVWINNSWKFNSEEPLITKLILSIRHQLPKEYSSELLCPRKRKTVEANIRDML
VDSVETDTYPDKLPFKNGVLDLVDGMFYSGDDAKKYTCTVSTGFKFDDTKFVEDSPEMEELMNIINDIQPLTDENKKNRE
LYEKTLSSCLCGATKGCLTFFFGETATGKSTTKRLLKSAIGDLFVETGQTILTDVLDKGPNPFIANMHLKRSVFCSELPD
FACSGSKKIRSDNIKKLTEPCVIGRPCFSNKINNRNHATIIIDTNYKPVFDRIDNALMRRIAVVRFRTHFSQPSGREAAE
NNDAYDKVKLLDEGLDGKIQNNRYRFAFLYLLVKWYKKYHIPIMKLYPTPEEIPDFAFYLKIGTLLVSSSVKHIPLMTDL
SKKGYILYDNVVTLPLTTFQQKISKYFNSRLFGHDIESFINRHKKFANVSDEYLQYIFIEDISSP
;
A,B,C,D,E,F,G,H,I,J,K,L
2 'polydeoxyribonucleotide' (DC)(DC)(DC)(DC)(DC) T
#
loop_
_chem_comp.id
_chem_comp.type
_chem_comp.name
_chem_comp.formula
DC DNA linking 2'-DEOXYCYTIDINE-5'-MONOPHOSPHATE 'C9 H14 N3 O7 P'
#
# COMPACT_ATOMS: atom_id res chain seq x y z
N TRP A 236 -29.44 38.88 2.41
CA TRP A 236 -30.09 37.83 3.20
C TRP A 236 -31.59 37.74 2.98
N GLU A 237 -32.20 36.80 3.71
CA GLU A 237 -33.64 36.76 3.91
C GLU A 237 -33.92 36.73 5.40
N PRO A 238 -34.95 37.42 5.88
CA PRO A 238 -35.08 37.65 7.33
C PRO A 238 -35.32 36.39 8.13
N GLY A 239 -35.53 35.25 7.48
CA GLY A 239 -35.82 34.04 8.21
C GLY A 239 -34.68 33.09 8.43
N PHE A 240 -33.42 33.46 8.13
CA PHE A 240 -32.37 32.44 8.20
C PHE A 240 -31.92 32.18 9.63
N ILE A 241 -31.18 33.12 10.20
CA ILE A 241 -30.51 32.95 11.49
C ILE A 241 -30.02 34.33 11.92
N SER A 242 -30.02 34.60 13.21
CA SER A 242 -29.36 35.81 13.71
C SER A 242 -27.89 35.79 13.32
N PHE A 243 -27.42 36.91 12.77
CA PHE A 243 -26.08 36.97 12.18
C PHE A 243 -25.02 36.50 13.17
N GLU A 244 -25.03 37.06 14.36
CA GLU A 244 -24.00 36.75 15.36
C GLU A 244 -24.01 35.28 15.76
N ASP A 245 -25.16 34.61 15.66
CA ASP A 245 -25.18 33.17 15.89
C ASP A 245 -24.36 32.43 14.85
N ALA A 246 -24.51 32.80 13.57
CA ALA A 246 -23.70 32.20 12.52
C ALA A 246 -22.23 32.56 12.68
N ILE A 247 -21.95 33.78 13.14
CA ILE A 247 -20.57 34.20 13.36
C ILE A 247 -19.92 33.35 14.45
N LYS A 248 -20.65 33.13 15.55
CA LYS A 248 -20.12 32.25 16.59
C LYS A 248 -19.99 30.81 16.09
N ARG A 249 -20.88 30.38 15.20
CA ARG A 249 -20.77 29.04 14.64
C ARG A 249 -19.49 28.89 13.81
N VAL A 250 -19.17 29.88 12.99
CA VAL A 250 -17.95 29.78 12.19
C VAL A 250 -16.72 29.92 13.07
N SER A 251 -16.81 30.73 14.12
CA SER A 251 -15.71 30.80 15.09
C SER A 251 -15.48 29.45 15.74
N LYS A 252 -16.55 28.73 16.04
CA LYS A 252 -16.42 27.39 16.59
C LYS A 252 -15.83 26.42 15.57
N ILE A 253 -16.23 26.55 14.30
CA ILE A 253 -15.76 25.60 13.31
C ILE A 253 -14.29 25.81 12.98
N PHE A 254 -13.81 27.05 13.04
CA PHE A 254 -12.39 27.33 12.81
C PHE A 254 -11.50 26.87 13.94
N ILE A 255 -12.06 26.46 15.07
CA ILE A 255 -11.38 25.79 16.18
C ILE A 255 -10.13 26.55 16.62
N ASN A 256 -10.00 27.80 16.19
CA ASN A 256 -8.83 28.60 16.52
C ASN A 256 -9.21 30.06 16.41
N SER A 257 -8.61 30.88 17.27
CA SER A 257 -8.95 32.29 17.32
C SER A 257 -8.75 32.92 15.94
N ILE A 258 -9.73 33.71 15.51
CA ILE A 258 -9.71 34.32 14.20
C ILE A 258 -9.37 35.80 14.34
N ILE A 259 -8.37 36.24 13.57
CA ILE A 259 -7.88 37.61 13.68
C ILE A 259 -8.88 38.63 13.12
N ASN A 260 -9.68 38.24 12.13
CA ASN A 260 -10.71 39.10 11.56
C ASN A 260 -12.03 39.00 12.31
N PHE A 261 -12.01 38.53 13.57
CA PHE A 261 -13.24 38.39 14.34
C PHE A 261 -13.94 39.74 14.51
N ASN A 262 -13.17 40.81 14.65
CA ASN A 262 -13.74 42.13 14.82
C ASN A 262 -13.78 42.94 13.53
N ASP A 263 -12.98 42.55 12.52
CA ASP A 263 -13.09 43.19 11.22
C ASP A 263 -14.34 42.75 10.48
N LEU A 264 -14.82 41.54 10.74
CA LEU A 264 -15.94 41.00 9.98
C LEU A 264 -17.20 41.82 10.22
N ASP A 265 -17.92 42.09 9.14
CA ASP A 265 -19.18 42.82 9.14
C ASP A 265 -20.23 41.99 8.42
N GLU A 266 -21.39 42.60 8.16
CA GLU A 266 -22.40 41.90 7.38
C GLU A 266 -22.07 41.92 5.89
N ASN A 267 -21.54 43.04 5.39
CA ASN A 267 -21.31 43.18 3.96
C ASN A 267 -20.20 42.26 3.49
N ASN A 268 -19.07 42.26 4.20
CA ASN A 268 -17.86 41.56 3.77
C ASN A 268 -18.09 40.06 3.88
N PHE A 269 -18.66 39.49 2.83
CA PHE A 269 -19.17 38.12 2.88
C PHE A 269 -18.40 37.17 1.96
N THR A 270 -18.40 37.46 0.65
CA THR A 270 -17.81 36.57 -0.34
C THR A 270 -16.62 37.22 -1.05
N THR A 271 -16.02 38.23 -0.44
CA THR A 271 -14.83 38.85 -0.99
C THR A 271 -13.64 38.79 -0.05
N VAL A 272 -13.81 39.18 1.19
CA VAL A 272 -12.67 39.31 2.12
C VAL A 272 -12.15 37.93 2.47
N PRO A 273 -10.84 37.71 2.50
CA PRO A 273 -10.31 36.47 3.06
C PRO A 273 -10.42 36.46 4.56
N LEU A 274 -10.48 35.25 5.12
CA LEU A 274 -10.51 35.04 6.56
C LEU A 274 -9.15 34.50 6.98
N VAL A 275 -8.47 35.23 7.85
CA VAL A 275 -7.12 34.89 8.27
C VAL A 275 -7.17 34.01 9.51
N ILE A 276 -6.39 32.95 9.49
CA ILE A 276 -6.36 31.97 10.57
C ILE A 276 -4.91 31.78 11.00
N ASP A 277 -4.63 32.00 12.28
CA ASP A 277 -3.31 31.75 12.84
C ASP A 277 -3.30 30.33 13.39
N TYR A 278 -2.83 29.39 12.58
CA TYR A 278 -2.94 27.96 12.88
C TYR A 278 -1.97 27.62 14.01
N VAL A 279 -2.36 27.98 15.23
CA VAL A 279 -1.59 27.59 16.40
C VAL A 279 -1.52 26.08 16.52
N THR A 280 -2.60 25.39 16.10
CA THR A 280 -2.65 23.94 15.99
C THR A 280 -2.91 23.59 14.54
N PRO A 281 -2.87 22.30 14.16
CA PRO A 281 -3.21 21.94 12.77
C PRO A 281 -4.61 22.36 12.40
N CYS A 282 -4.78 22.71 11.13
CA CYS A 282 -6.08 23.09 10.60
C CYS A 282 -7.07 21.95 10.76
N ALA A 283 -8.26 22.26 11.28
CA ALA A 283 -9.30 21.25 11.41
C ALA A 283 -9.93 20.91 10.07
N LEU A 284 -9.74 21.76 9.06
CA LEU A 284 -10.32 21.50 7.75
C LEU A 284 -9.57 20.40 7.02
N CYS A 285 -8.24 20.40 7.09
CA CYS A 285 -7.47 19.48 6.27
C CYS A 285 -6.29 18.82 7.00
N LYS A 286 -6.16 19.01 8.31
CA LYS A 286 -5.18 18.29 9.12
C LYS A 286 -3.75 18.48 8.59
N LYS A 287 -3.38 19.74 8.38
CA LYS A 287 -2.01 20.09 8.02
C LYS A 287 -1.49 21.10 9.03
N ARG A 288 -0.15 21.28 9.04
CA ARG A 288 0.47 22.18 10.01
C ARG A 288 -0.05 23.60 9.85
N SER A 289 -0.34 24.00 8.61
CA SER A 289 -0.81 25.34 8.30
C SER A 289 -1.34 25.31 6.87
N HIS A 290 -1.79 26.46 6.40
CA HIS A 290 -2.36 26.60 5.06
C HIS A 290 -1.52 27.56 4.24
N LYS A 291 -1.37 27.23 2.94
CA LYS A 291 -0.68 28.11 2.02
C LYS A 291 -1.46 29.38 1.72
N HIS A 292 -2.76 29.42 2.05
CA HIS A 292 -3.59 30.56 1.73
C HIS A 292 -4.77 30.58 2.70
N PRO A 293 -5.34 31.75 2.96
CA PRO A 293 -6.46 31.82 3.91
C PRO A 293 -7.72 31.17 3.33
N HIS A 294 -8.79 31.24 4.12
CA HIS A 294 -10.07 30.66 3.74
C HIS A 294 -11.10 31.76 3.51
N GLN A 295 -12.09 31.45 2.67
CA GLN A 295 -13.09 32.42 2.26
C GLN A 295 -14.48 31.77 2.36
N LEU A 296 -15.49 32.61 2.56
CA LEU A 296 -16.84 32.17 2.87
C LEU A 296 -17.76 32.49 1.69
N SER A 297 -18.70 31.59 1.41
CA SER A 297 -19.64 31.81 0.32
C SER A 297 -21.05 31.45 0.75
N LEU A 298 -22.03 32.10 0.15
CA LEU A 298 -23.44 31.88 0.45
C LEU A 298 -24.18 31.40 -0.79
N GLU A 299 -24.80 30.23 -0.69
CA GLU A 299 -25.57 29.66 -1.80
C GLU A 299 -26.56 28.67 -1.21
N ASN A 300 -27.76 28.66 -1.79
CA ASN A 300 -28.85 27.77 -1.38
C ASN A 300 -28.88 27.57 0.14
N GLY A 301 -28.84 28.68 0.87
CA GLY A 301 -29.00 28.63 2.31
C GLY A 301 -27.86 28.02 3.07
N ALA A 302 -26.66 27.96 2.49
CA ALA A 302 -25.50 27.40 3.16
C ALA A 302 -24.33 28.37 3.08
N ILE A 303 -23.53 28.39 4.13
CA ILE A 303 -22.33 29.23 4.20
C ILE A 303 -21.14 28.30 4.05
N ARG A 304 -20.66 28.16 2.82
CA ARG A 304 -19.61 27.20 2.50
C ARG A 304 -18.25 27.69 2.98
N ILE A 305 -17.41 26.74 3.41
CA ILE A 305 -16.06 27.01 3.88
C ILE A 305 -15.10 26.39 2.88
N TYR A 306 -14.11 27.15 2.41
CA TYR A 306 -13.19 26.61 1.43
C TYR A 306 -11.86 27.36 1.50
N LYS A 307 -10.84 26.79 0.89
CA LYS A 307 -9.52 27.39 0.82
C LYS A 307 -9.38 28.19 -0.46
N THR A 308 -8.55 29.23 -0.42
CA THR A 308 -8.34 30.11 -1.56
C THR A 308 -7.14 29.63 -2.37
N GLY A 309 -7.38 29.27 -3.62
CA GLY A 309 -6.35 28.71 -4.46
C GLY A 309 -6.69 27.31 -4.93
N ASN A 310 -5.72 26.40 -4.85
CA ASN A 310 -5.97 25.02 -5.25
C ASN A 310 -6.26 24.18 -4.01
N PRO A 311 -7.53 23.98 -3.66
CA PRO A 311 -7.88 23.27 -2.43
C PRO A 311 -8.13 21.78 -2.65
N HIS A 312 -7.24 21.12 -3.41
CA HIS A 312 -7.35 19.67 -3.57
C HIS A 312 -7.09 18.97 -2.24
N SER A 313 -6.08 19.41 -1.51
CA SER A 313 -5.84 18.92 -0.16
C SER A 313 -6.62 19.75 0.85
N CYS A 314 -7.91 19.94 0.55
CA CYS A 314 -8.82 20.71 1.37
C CYS A 314 -10.21 20.12 1.19
N LYS A 315 -11.11 20.42 2.12
CA LYS A 315 -12.47 19.95 2.00
C LYS A 315 -13.41 21.11 2.28
N VAL A 316 -14.45 21.21 1.47
CA VAL A 316 -15.46 22.25 1.63
C VAL A 316 -16.40 21.84 2.75
N LYS A 317 -16.59 22.74 3.72
CA LYS A 317 -17.56 22.57 4.78
C LYS A 317 -18.70 23.56 4.60
N ILE A 318 -19.90 23.13 4.94
CA ILE A 318 -21.08 23.97 4.81
C ILE A 318 -21.80 24.04 6.15
N VAL A 319 -22.27 25.22 6.50
CA VAL A 319 -23.16 25.41 7.64
C VAL A 319 -24.49 25.94 7.10
N PRO A 320 -25.60 25.25 7.34
CA PRO A 320 -26.89 25.71 6.82
C PRO A 320 -27.52 26.75 7.72
N LEU A 321 -28.26 27.66 7.10
CA LEU A 321 -28.91 28.79 7.79
C LEU A 321 -30.42 28.64 7.65
N ASP A 322 -31.00 27.83 8.51
CA ASP A 322 -32.43 27.52 8.50
C ASP A 322 -32.91 27.53 9.94
N GLY A 323 -33.47 28.67 10.36
CA GLY A 323 -33.84 28.87 11.75
C GLY A 323 -35.17 28.25 12.13
N ASN A 324 -35.18 26.93 12.32
CA ASN A 324 -36.39 26.22 12.75
C ASN A 324 -37.53 26.45 11.75
N LYS A 325 -37.37 25.83 10.59
CA LYS A 325 -38.36 25.81 9.52
C LYS A 325 -39.79 25.71 10.04
N LEU A 326 -40.00 24.91 11.08
CA LEU A 326 -41.33 24.76 11.66
C LEU A 326 -41.78 26.02 12.39
N PHE A 327 -40.86 26.76 13.01
CA PHE A 327 -41.28 28.02 13.63
C PHE A 327 -41.64 29.04 12.57
N ASN A 328 -40.93 29.04 11.45
CA ASN A 328 -41.31 29.94 10.36
C ASN A 328 -42.69 29.59 9.83
N ILE A 329 -42.98 28.31 9.66
CA ILE A 329 -44.32 27.94 9.19
C ILE A 329 -45.37 28.31 10.21
N ALA A 330 -45.08 28.13 11.49
CA ALA A 330 -46.02 28.53 12.53
C ALA A 330 -46.30 30.01 12.45
N GLN A 331 -45.27 30.81 12.25
CA GLN A 331 -45.45 32.25 12.11
C GLN A 331 -46.30 32.59 10.90
N ARG A 332 -46.09 31.90 9.79
CA ARG A 332 -46.86 32.20 8.59
C ARG A 332 -48.33 31.86 8.78
N ILE A 333 -48.62 30.68 9.35
CA ILE A 333 -50.00 30.28 9.59
C ILE A 333 -50.65 31.28 10.55
N LEU A 334 -49.92 31.69 11.58
CA LEU A 334 -50.46 32.64 12.54
C LEU A 334 -50.79 33.97 11.88
N ASP A 335 -49.85 34.52 11.12
CA ASP A 335 -50.06 35.82 10.50
C ASP A 335 -51.13 35.78 9.42
N THR A 336 -51.47 34.60 8.90
CA THR A 336 -52.61 34.54 7.99
C THR A 336 -53.94 34.81 8.67
N ASN A 337 -53.96 34.87 10.00
CA ASN A 337 -55.17 35.18 10.78
C ASN A 337 -56.29 34.19 10.51
N SER A 338 -56.03 32.95 10.91
CA SER A 338 -57.01 31.89 10.81
C SER A 338 -57.19 31.09 12.08
N VAL A 339 -56.35 31.26 13.09
CA VAL A 339 -56.55 30.67 14.40
C VAL A 339 -56.68 31.80 15.40
N LEU A 340 -57.72 31.76 16.22
CA LEU A 340 -57.99 32.79 17.21
C LEU A 340 -58.26 32.14 18.55
N LEU A 341 -57.83 32.79 19.61
CA LEU A 341 -58.11 32.32 20.97
C LEU A 341 -59.28 33.13 21.50
N THR A 342 -60.35 32.44 21.87
CA THR A 342 -61.56 33.13 22.31
C THR A 342 -61.53 33.35 23.82
N GLU A 343 -62.48 34.14 24.30
CA GLU A 343 -62.53 34.52 25.70
C GLU A 343 -62.78 33.32 26.61
N ARG A 344 -63.30 32.22 26.10
CA ARG A 344 -63.64 31.06 26.91
C ARG A 344 -62.52 30.05 27.00
N GLY A 345 -61.43 30.26 26.26
CA GLY A 345 -60.34 29.30 26.22
C GLY A 345 -60.40 28.32 25.07
N ASP A 346 -61.30 28.52 24.12
CA ASP A 346 -61.42 27.63 22.97
C ASP A 346 -60.84 28.31 21.74
N HIS A 347 -59.95 27.61 21.06
CA HIS A 347 -59.44 28.08 19.78
C HIS A 347 -60.51 27.86 18.72
N ILE A 348 -60.66 28.81 17.81
CA ILE A 348 -61.56 28.68 16.69
C ILE A 348 -60.78 28.85 15.40
N VAL A 349 -60.96 27.93 14.47
CA VAL A 349 -60.17 27.90 13.25
C VAL A 349 -61.08 28.15 12.07
N TRP A 350 -60.51 28.70 11.01
CA TRP A 350 -61.26 29.09 9.83
C TRP A 350 -61.05 28.02 8.77
N ILE A 351 -62.00 27.10 8.66
CA ILE A 351 -61.97 26.02 7.67
C ILE A 351 -63.14 26.20 6.72
N ASN A 352 -62.86 26.19 5.43
CA ASN A 352 -63.90 26.04 4.40
C ASN A 352 -64.98 27.12 4.54
N ASN A 353 -64.57 28.36 4.72
CA ASN A 353 -65.48 29.51 4.76
C ASN A 353 -66.45 29.45 5.93
N SER A 354 -65.97 29.04 7.10
CA SER A 354 -66.82 29.09 8.29
C SER A 354 -65.96 28.86 9.52
N TRP A 355 -66.19 29.66 10.55
CA TRP A 355 -65.44 29.50 11.78
C TRP A 355 -65.93 28.28 12.53
N LYS A 356 -65.00 27.44 12.96
CA LYS A 356 -65.30 26.19 13.62
C LYS A 356 -64.57 26.13 14.95
N PHE A 357 -65.09 25.33 15.86
CA PHE A 357 -64.36 25.07 17.09
C PHE A 357 -64.89 23.79 17.71
N ASN A 358 -64.09 23.21 18.59
CA ASN A 358 -64.42 21.94 19.22
C ASN A 358 -63.55 21.78 20.44
N SER A 359 -64.16 21.66 21.61
CA SER A 359 -63.42 21.80 22.85
C SER A 359 -62.52 20.61 23.13
N GLU A 360 -63.04 19.39 22.96
CA GLU A 360 -62.30 18.20 23.35
C GLU A 360 -61.38 17.68 22.25
N GLU A 361 -61.72 17.97 21.00
CA GLU A 361 -60.91 17.55 19.85
C GLU A 361 -60.50 18.80 19.09
N PRO A 362 -59.32 19.35 19.34
CA PRO A 362 -58.94 20.61 18.67
C PRO A 362 -58.72 20.39 17.18
N LEU A 363 -59.04 21.42 16.40
CA LEU A 363 -59.01 21.35 14.95
C LEU A 363 -57.79 22.02 14.35
N ILE A 364 -56.80 22.38 15.17
CA ILE A 364 -55.71 23.20 14.64
C ILE A 364 -54.96 22.46 13.56
N THR A 365 -54.71 21.16 13.75
CA THR A 365 -53.97 20.40 12.75
C THR A 365 -54.80 20.13 11.50
N LYS A 366 -56.12 20.08 11.61
CA LYS A 366 -56.94 20.04 10.40
C LYS A 366 -56.69 21.27 9.55
N LEU A 367 -56.64 22.44 10.17
CA LEU A 367 -56.28 23.65 9.44
C LEU A 367 -54.86 23.58 8.90
N ILE A 368 -53.91 23.17 9.74
CA ILE A 368 -52.51 23.15 9.34
C ILE A 368 -52.33 22.35 8.06
N LEU A 369 -52.94 21.17 8.01
CA LEU A 369 -52.94 20.43 6.75
C LEU A 369 -53.75 21.11 5.68
N SER A 370 -54.85 21.78 6.04
CA SER A 370 -55.76 22.27 5.02
C SER A 370 -55.18 23.42 4.23
N ILE A 371 -54.21 24.12 4.79
CA ILE A 371 -53.75 25.40 4.26
C ILE A 371 -52.41 25.30 3.56
N ARG A 372 -51.74 24.15 3.65
CA ARG A 372 -50.39 23.99 3.10
C ARG A 372 -50.32 24.33 1.62
N HIS A 373 -51.43 24.51 0.94
CA HIS A 373 -51.39 24.92 -0.46
C HIS A 373 -50.94 26.36 -0.62
N GLN A 374 -51.12 27.18 0.41
CA GLN A 374 -50.83 28.62 0.34
C GLN A 374 -49.54 28.98 1.06
N LEU A 375 -48.51 28.15 0.90
CA LEU A 375 -47.19 28.38 1.46
C LEU A 375 -46.16 28.20 0.37
N PRO A 376 -44.93 28.67 0.58
CA PRO A 376 -43.88 28.43 -0.42
C PRO A 376 -43.76 26.96 -0.74
N LYS A 377 -43.55 26.66 -2.02
CA LYS A 377 -43.58 25.29 -2.49
C LYS A 377 -42.49 24.42 -1.89
N GLU A 378 -41.60 25.00 -1.07
CA GLU A 378 -40.68 24.16 -0.31
C GLU A 378 -41.23 23.82 1.06
N TYR A 379 -41.99 24.74 1.67
CA TYR A 379 -42.59 24.45 2.97
C TYR A 379 -43.74 23.46 2.88
N SER A 380 -44.37 23.32 1.72
CA SER A 380 -45.66 22.64 1.67
C SER A 380 -45.58 21.17 2.01
N SER A 381 -44.47 20.51 1.73
CA SER A 381 -44.36 19.08 1.99
C SER A 381 -43.78 18.77 3.36
N GLU A 382 -43.36 19.76 4.13
CA GLU A 382 -42.89 19.48 5.48
C GLU A 382 -44.05 19.08 6.36
N LEU A 383 -45.20 19.70 6.17
CA LEU A 383 -46.37 19.47 7.00
C LEU A 383 -47.29 18.43 6.35
N LEU A 384 -46.69 17.26 6.11
CA LEU A 384 -47.39 16.03 5.78
C LEU A 384 -47.09 14.91 6.76
N CYS A 385 -46.12 15.06 7.59
CA CYS A 385 -45.87 14.11 8.66
C CYS A 385 -46.62 14.55 9.90
N PRO A 386 -47.41 13.70 10.53
CA PRO A 386 -48.18 14.13 11.70
C PRO A 386 -47.35 14.71 12.83
N ARG A 387 -46.14 14.23 13.05
CA ARG A 387 -45.33 14.77 14.15
C ARG A 387 -44.94 16.22 13.87
N LYS A 388 -44.64 16.55 12.62
CA LYS A 388 -44.34 17.93 12.27
C LYS A 388 -45.55 18.82 12.44
N ARG A 389 -46.73 18.35 12.03
CA ARG A 389 -47.95 19.14 12.23
C ARG A 389 -48.20 19.37 13.71
N LYS A 390 -47.92 18.40 14.56
CA LYS A 390 -48.16 18.63 15.97
C LYS A 390 -47.11 19.54 16.59
N THR A 391 -45.89 19.54 16.05
CA THR A 391 -44.90 20.53 16.51
C THR A 391 -45.31 21.95 16.14
N VAL A 392 -45.68 22.16 14.87
CA VAL A 392 -46.11 23.50 14.47
C VAL A 392 -47.40 23.90 15.18
N GLU A 393 -48.24 22.94 15.57
CA GLU A 393 -49.39 23.31 16.38
C GLU A 393 -48.98 23.75 17.78
N ALA A 394 -47.98 23.10 18.38
CA ALA A 394 -47.49 23.55 19.68
C ALA A 394 -46.98 24.98 19.59
N ASN A 395 -46.31 25.32 18.49
CA ASN A 395 -45.85 26.70 18.30
C ASN A 395 -47.02 27.66 18.15
N ILE A 396 -48.01 27.31 17.32
CA ILE A 396 -49.16 28.19 17.12
C ILE A 396 -49.86 28.44 18.44
N ARG A 397 -49.95 27.42 19.30
CA ARG A 397 -50.64 27.61 20.56
C ARG A 397 -49.79 28.31 21.61
N ASP A 398 -48.48 28.41 21.41
CA ASP A 398 -47.68 29.30 22.25
C ASP A 398 -47.65 30.73 21.77
N MET A 399 -47.99 30.99 20.50
CA MET A 399 -47.97 32.36 20.01
C MET A 399 -49.20 33.16 20.41
N LEU A 400 -50.32 32.50 20.68
CA LEU A 400 -51.58 33.18 20.93
C LEU A 400 -51.70 33.51 22.41
N VAL A 401 -51.51 34.78 22.75
CA VAL A 401 -51.63 35.22 24.13
C VAL A 401 -52.90 36.03 24.39
N ASP A 402 -53.36 36.79 23.41
CA ASP A 402 -54.53 37.65 23.57
C ASP A 402 -55.79 36.93 23.13
N SER A 403 -56.88 37.15 23.85
CA SER A 403 -58.17 36.61 23.46
C SER A 403 -58.92 37.60 22.59
N VAL A 404 -60.11 37.22 22.14
CA VAL A 404 -60.93 38.02 21.26
C VAL A 404 -62.39 37.89 21.70
N GLU A 405 -63.29 38.50 20.93
CA GLU A 405 -64.71 38.45 21.21
C GLU A 405 -65.46 38.08 19.94
N THR A 406 -66.51 37.26 20.09
CA THR A 406 -67.18 36.64 18.96
C THR A 406 -68.66 36.98 18.95
N ASP A 407 -69.23 36.90 17.75
CA ASP A 407 -70.67 37.12 17.51
C ASP A 407 -71.11 38.49 18.01
N THR A 408 -70.40 39.53 17.56
CA THR A 408 -70.65 40.87 18.06
C THR A 408 -71.46 41.72 17.11
N TYR A 409 -71.95 41.16 15.99
CA TYR A 409 -72.76 41.92 15.04
C TYR A 409 -74.14 41.29 14.99
N PRO A 410 -75.12 41.82 15.72
CA PRO A 410 -76.43 41.18 15.79
C PRO A 410 -77.17 41.15 14.48
N ASP A 411 -76.79 42.01 13.52
CA ASP A 411 -77.50 42.17 12.27
C ASP A 411 -76.94 41.28 11.15
N LYS A 412 -76.34 40.16 11.49
CA LYS A 412 -75.74 39.26 10.51
C LYS A 412 -76.33 37.86 10.65
N LEU A 413 -76.39 37.15 9.52
CA LEU A 413 -76.85 35.77 9.50
C LEU A 413 -75.76 34.90 8.87
N PRO A 414 -75.15 33.99 9.62
CA PRO A 414 -74.11 33.13 9.05
C PRO A 414 -74.71 31.93 8.33
N PHE A 415 -73.87 31.28 7.53
CA PHE A 415 -74.23 30.04 6.89
C PHE A 415 -72.99 29.15 6.89
N LYS A 416 -73.01 28.09 6.09
CA LYS A 416 -71.86 27.20 6.02
C LYS A 416 -70.91 27.55 4.88
N ASN A 417 -71.25 28.52 4.04
CA ASN A 417 -70.36 28.98 2.99
C ASN A 417 -70.08 30.47 3.03
N GLY A 418 -70.93 31.26 3.69
CA GLY A 418 -70.68 32.68 3.84
C GLY A 418 -71.76 33.29 4.70
N VAL A 419 -71.59 34.57 4.99
CA VAL A 419 -72.52 35.30 5.86
C VAL A 419 -73.42 36.16 4.99
N LEU A 420 -74.71 36.13 5.29
CA LEU A 420 -75.71 36.90 4.57
C LEU A 420 -76.01 38.18 5.34
N ASP A 421 -75.82 39.32 4.71
CA ASP A 421 -76.09 40.60 5.36
C ASP A 421 -77.57 40.92 5.24
N LEU A 422 -78.22 41.11 6.39
CA LEU A 422 -79.65 41.36 6.39
C LEU A 422 -79.97 42.80 6.01
N VAL A 423 -79.11 43.74 6.40
CA VAL A 423 -79.39 45.15 6.21
C VAL A 423 -79.43 45.49 4.72
N ASP A 424 -78.47 45.01 3.96
CA ASP A 424 -78.37 45.33 2.54
C ASP A 424 -78.93 44.25 1.64
N GLY A 425 -79.41 43.14 2.19
CA GLY A 425 -79.85 42.03 1.38
C GLY A 425 -78.77 41.42 0.52
N MET A 426 -77.56 41.29 1.05
CA MET A 426 -76.40 40.87 0.28
C MET A 426 -75.67 39.74 0.99
N PHE A 427 -75.06 38.86 0.20
CA PHE A 427 -74.36 37.68 0.69
C PHE A 427 -72.87 37.81 0.44
N TYR A 428 -72.07 37.47 1.45
CA TYR A 428 -70.63 37.59 1.38
C TYR A 428 -69.98 36.22 1.54
N SER A 429 -68.79 36.07 0.96
CA SER A 429 -68.08 34.81 1.00
C SER A 429 -66.59 35.06 1.04
N GLY A 430 -65.84 34.01 1.36
CA GLY A 430 -64.39 34.12 1.37
C GLY A 430 -63.91 35.05 2.45
N ASP A 431 -62.86 35.81 2.13
CA ASP A 431 -62.27 36.72 3.11
C ASP A 431 -63.26 37.78 3.55
N ASP A 432 -64.23 38.12 2.69
CA ASP A 432 -65.20 39.16 3.05
C ASP A 432 -66.13 38.69 4.15
N ALA A 433 -66.19 37.38 4.41
CA ALA A 433 -66.96 36.88 5.53
C ALA A 433 -66.10 36.61 6.77
N LYS A 434 -64.78 36.67 6.62
CA LYS A 434 -63.91 36.34 7.74
C LYS A 434 -63.99 37.38 8.84
N LYS A 435 -64.28 38.62 8.49
CA LYS A 435 -64.24 39.71 9.47
C LYS A 435 -65.26 39.50 10.57
N TYR A 436 -66.50 39.21 10.20
CA TYR A 436 -67.57 39.03 11.17
C TYR A 436 -67.35 37.70 11.86
N THR A 437 -66.70 37.71 13.01
CA THR A 437 -66.35 36.45 13.68
C THR A 437 -67.63 35.80 14.18
N CYS A 438 -68.30 35.10 13.26
CA CYS A 438 -69.62 34.49 13.50
C CYS A 438 -69.44 32.99 13.66
N THR A 439 -69.40 32.53 14.90
CA THR A 439 -69.14 31.12 15.16
C THR A 439 -70.34 30.25 14.76
N VAL A 440 -71.47 30.45 15.43
CA VAL A 440 -72.61 29.54 15.27
C VAL A 440 -73.25 29.76 13.92
N SER A 441 -73.17 28.74 13.06
CA SER A 441 -73.69 28.79 11.70
C SER A 441 -74.94 27.93 11.58
N THR A 442 -75.70 28.15 10.52
CA THR A 442 -76.88 27.35 10.27
C THR A 442 -76.54 25.95 9.78
N GLY A 443 -75.29 25.70 9.42
CA GLY A 443 -74.82 24.36 9.12
C GLY A 443 -75.03 23.89 7.70
N PHE A 444 -75.71 24.68 6.86
CA PHE A 444 -75.96 24.28 5.49
C PHE A 444 -75.58 25.41 4.54
N LYS A 445 -75.16 25.03 3.35
CA LYS A 445 -74.70 26.02 2.39
C LYS A 445 -75.85 26.90 1.92
N PHE A 446 -75.48 28.08 1.42
CA PHE A 446 -76.42 29.00 0.79
C PHE A 446 -76.21 28.95 -0.71
N ASP A 447 -77.30 28.89 -1.46
CA ASP A 447 -77.26 28.97 -2.92
C ASP A 447 -78.22 30.06 -3.37
N ASP A 448 -77.69 31.04 -4.08
CA ASP A 448 -78.47 32.19 -4.54
C ASP A 448 -79.49 31.81 -5.61
N THR A 449 -79.41 30.61 -6.17
CA THR A 449 -80.41 30.17 -7.14
C THR A 449 -81.80 30.06 -6.53
N LYS A 450 -81.88 29.94 -5.20
CA LYS A 450 -83.15 29.79 -4.51
C LYS A 450 -83.64 31.06 -3.85
N PHE A 451 -82.75 31.97 -3.49
CA PHE A 451 -83.15 33.23 -2.85
C PHE A 451 -83.60 34.21 -3.94
N VAL A 452 -84.78 33.94 -4.48
CA VAL A 452 -85.35 34.73 -5.57
C VAL A 452 -86.78 35.11 -5.21
N GLU A 453 -87.25 36.21 -5.78
CA GLU A 453 -88.59 36.71 -5.46
C GLU A 453 -89.67 35.76 -5.98
N ASP A 454 -89.52 35.26 -7.20
CA ASP A 454 -90.54 34.47 -7.87
C ASP A 454 -90.09 33.03 -8.00
N SER A 455 -90.99 32.09 -7.71
CA SER A 455 -90.76 30.67 -7.88
C SER A 455 -92.04 29.88 -7.60
N PRO A 456 -92.20 28.70 -8.20
CA PRO A 456 -93.32 27.84 -7.78
C PRO A 456 -93.28 27.50 -6.31
N GLU A 457 -92.07 27.33 -5.76
CA GLU A 457 -91.93 27.17 -4.32
C GLU A 457 -92.42 28.41 -3.59
N MET A 458 -92.11 29.59 -4.13
CA MET A 458 -92.54 30.83 -3.49
C MET A 458 -94.07 30.90 -3.38
N GLU A 459 -94.76 30.68 -4.51
CA GLU A 459 -96.21 30.75 -4.49
C GLU A 459 -96.83 29.63 -3.65
N GLU A 460 -96.27 28.42 -3.72
CA GLU A 460 -96.80 27.31 -2.92
C GLU A 460 -96.64 27.60 -1.44
N LEU A 461 -95.47 28.07 -1.01
CA LEU A 461 -95.26 28.37 0.39
C LEU A 461 -96.04 29.59 0.83
N MET A 462 -96.27 30.54 -0.07
CA MET A 462 -97.15 31.66 0.24
C MET A 462 -98.56 31.18 0.51
N ASN A 463 -99.05 30.25 -0.31
CA ASN A 463 -100.37 29.67 -0.07
C ASN A 463 -100.40 28.93 1.26
N ILE A 464 -99.33 28.18 1.57
CA ILE A 464 -99.26 27.47 2.83
C ILE A 464 -99.34 28.44 4.00
N ILE A 465 -98.56 29.52 3.93
CA ILE A 465 -98.53 30.50 5.02
C ILE A 465 -99.88 31.20 5.16
N ASN A 466 -100.49 31.57 4.03
CA ASN A 466 -101.81 32.20 4.08
C ASN A 466 -102.84 31.27 4.71
N ASP A 467 -102.80 29.99 4.36
CA ASP A 467 -103.72 29.03 4.97
C ASP A 467 -103.41 28.84 6.45
N ILE A 468 -102.14 29.00 6.84
CA ILE A 468 -101.78 28.89 8.25
C ILE A 468 -102.34 30.07 9.03
N GLN A 469 -101.92 31.28 8.67
CA GLN A 469 -102.42 32.51 9.27
C GLN A 469 -103.07 33.37 8.20
N PRO A 470 -104.40 33.36 8.08
CA PRO A 470 -105.05 34.16 7.03
C PRO A 470 -104.76 35.64 7.21
N LEU A 471 -104.73 36.34 6.09
CA LEU A 471 -104.43 37.77 6.05
C LEU A 471 -105.67 38.63 6.29
N THR A 472 -106.67 38.09 6.99
CA THR A 472 -107.90 38.80 7.27
C THR A 472 -107.66 39.94 8.25
N ASP A 473 -108.60 40.89 8.25
CA ASP A 473 -108.50 42.05 9.14
C ASP A 473 -108.61 41.63 10.61
N GLU A 474 -109.49 40.68 10.90
CA GLU A 474 -109.63 40.20 12.28
C GLU A 474 -108.35 39.51 12.76
N ASN A 475 -107.53 38.99 11.85
CA ASN A 475 -106.25 38.39 12.18
C ASN A 475 -105.10 39.34 11.91
N LYS A 476 -105.37 40.60 11.60
CA LYS A 476 -104.32 41.53 11.19
C LYS A 476 -103.30 41.72 12.30
N LYS A 477 -103.76 41.92 13.53
CA LYS A 477 -102.82 42.04 14.65
C LYS A 477 -102.13 40.71 14.93
N ASN A 478 -102.88 39.61 14.90
CA ASN A 478 -102.27 38.30 15.14
C ASN A 478 -101.26 37.97 14.04
N ARG A 479 -101.60 38.23 12.78
CA ARG A 479 -100.68 37.95 11.68
C ARG A 479 -99.44 38.85 11.75
N GLU A 480 -99.63 40.14 12.04
CA GLU A 480 -98.48 41.03 12.18
C GLU A 480 -97.58 40.58 13.32
N LEU A 481 -98.16 40.18 14.44
CA LEU A 481 -97.38 39.68 15.56
C LEU A 481 -96.63 38.42 15.18
N TYR A 482 -97.28 37.52 14.44
CA TYR A 482 -96.63 36.29 13.98
C TYR A 482 -95.43 36.61 13.10
N GLU A 483 -95.63 37.51 12.14
CA GLU A 483 -94.54 37.90 11.24
C GLU A 483 -93.39 38.53 12.00
N LYS A 484 -93.69 39.38 12.97
CA LYS A 484 -92.63 40.07 13.70
C LYS A 484 -91.89 39.13 14.64
N THR A 485 -92.61 38.28 15.37
CA THR A 485 -91.96 37.34 16.27
C THR A 485 -91.20 36.25 15.53
N LEU A 486 -91.56 36.00 14.27
CA LEU A 486 -90.82 35.00 13.51
C LEU A 486 -89.47 35.53 13.04
N SER A 487 -89.39 36.83 12.73
CA SER A 487 -88.13 37.40 12.27
C SER A 487 -87.14 37.58 13.41
N SER A 488 -87.63 37.75 14.64
CA SER A 488 -86.76 38.08 15.76
C SER A 488 -85.71 37.03 16.01
N CYS A 489 -85.94 35.79 15.58
CA CYS A 489 -84.95 34.74 15.75
C CYS A 489 -83.72 34.95 14.87
N LEU A 490 -83.84 35.76 13.81
CA LEU A 490 -82.71 36.00 12.93
C LEU A 490 -81.67 36.89 13.59
N CYS A 491 -82.12 37.98 14.24
CA CYS A 491 -81.20 38.92 14.86
C CYS A 491 -80.44 38.25 15.99
N GLY A 492 -79.15 38.56 16.10
CA GLY A 492 -78.29 37.87 17.02
C GLY A 492 -78.03 38.57 18.33
N ALA A 493 -79.04 39.23 18.89
CA ALA A 493 -78.91 39.94 20.15
C ALA A 493 -79.94 39.39 21.14
N THR A 494 -79.92 39.93 22.35
CA THR A 494 -80.86 39.51 23.38
C THR A 494 -82.25 40.08 23.13
N LYS A 495 -83.27 39.29 23.46
CA LYS A 495 -84.66 39.65 23.24
C LYS A 495 -85.32 39.96 24.59
N GLY A 496 -86.25 40.91 24.58
CA GLY A 496 -86.87 41.37 25.81
C GLY A 496 -88.22 40.80 26.16
N CYS A 497 -88.86 40.06 25.24
CA CYS A 497 -90.17 39.48 25.50
C CYS A 497 -90.21 38.06 24.97
N LEU A 498 -91.12 37.26 25.52
CA LEU A 498 -91.29 35.87 25.10
C LEU A 498 -92.61 35.70 24.37
N THR A 499 -92.61 34.79 23.39
CA THR A 499 -93.78 34.50 22.57
C THR A 499 -94.13 33.02 22.67
N PHE A 500 -95.40 32.72 22.93
CA PHE A 500 -95.88 31.35 23.04
C PHE A 500 -96.79 31.01 21.87
N PHE A 501 -96.66 29.78 21.36
CA PHE A 501 -97.58 29.28 20.35
C PHE A 501 -98.71 28.48 20.99
N PHE A 502 -99.55 29.20 21.72
CA PHE A 502 -100.82 28.63 22.17
C PHE A 502 -101.66 28.23 20.96
N GLY A 503 -102.41 27.14 21.10
CA GLY A 503 -103.26 26.70 20.03
C GLY A 503 -103.74 25.28 20.19
N GLU A 504 -104.83 24.95 19.52
CA GLU A 504 -105.36 23.60 19.57
C GLU A 504 -104.60 22.71 18.59
N THR A 505 -104.98 21.43 18.56
CA THR A 505 -104.28 20.45 17.72
C THR A 505 -104.59 20.68 16.25
N ALA A 506 -103.60 20.37 15.40
CA ALA A 506 -103.71 20.46 13.95
C ALA A 506 -104.04 21.89 13.51
N THR A 507 -103.16 22.81 13.89
CA THR A 507 -103.33 24.23 13.59
C THR A 507 -102.05 24.85 13.02
N GLY A 508 -101.14 24.05 12.50
CA GLY A 508 -99.92 24.56 11.94
C GLY A 508 -98.80 24.81 12.93
N LYS A 509 -98.97 24.45 14.20
CA LYS A 509 -97.87 24.63 15.16
C LYS A 509 -96.67 23.79 14.77
N SER A 510 -96.88 22.49 14.54
CA SER A 510 -95.78 21.63 14.12
C SER A 510 -95.24 22.07 12.78
N THR A 511 -96.11 22.50 11.87
CA THR A 511 -95.64 22.98 10.57
C THR A 511 -94.77 24.22 10.73
N THR A 512 -95.19 25.18 11.56
CA THR A 512 -94.38 26.37 11.78
C THR A 512 -93.04 26.03 12.40
N LYS A 513 -93.05 25.17 13.42
CA LYS A 513 -91.82 24.79 14.08
C LYS A 513 -90.87 24.08 13.12
N ARG A 514 -91.40 23.17 12.30
CA ARG A 514 -90.54 22.42 11.39
C ARG A 514 -90.04 23.29 10.24
N LEU A 515 -90.86 24.21 9.75
CA LEU A 515 -90.38 25.13 8.73
C LEU A 515 -89.27 26.03 9.28
N LEU A 516 -89.43 26.48 10.53
CA LEU A 516 -88.38 27.26 11.16
C LEU A 516 -87.11 26.43 11.29
N LYS A 517 -87.25 25.17 11.70
CA LYS A 517 -86.09 24.29 11.83
C LYS A 517 -85.40 24.08 10.50
N SER A 518 -86.18 23.89 9.43
CA SER A 518 -85.61 23.70 8.11
C SER A 518 -84.97 24.98 7.58
N ALA A 519 -85.44 26.14 8.01
CA ALA A 519 -84.87 27.39 7.52
C ALA A 519 -83.58 27.76 8.27
N ILE A 520 -83.70 28.03 9.58
CA ILE A 520 -82.54 28.53 10.31
C ILE A 520 -81.57 27.42 10.69
N GLY A 521 -81.94 26.17 10.46
CA GLY A 521 -80.98 25.09 10.62
C GLY A 521 -80.46 24.97 12.04
N ASP A 522 -79.14 24.93 12.16
CA ASP A 522 -78.50 24.62 13.44
C ASP A 522 -78.66 25.73 14.47
N LEU A 523 -79.05 26.94 14.05
CA LEU A 523 -79.32 27.99 15.02
C LEU A 523 -80.43 27.57 15.98
N PHE A 524 -81.36 26.76 15.50
CA PHE A 524 -82.46 26.28 16.31
C PHE A 524 -82.00 25.12 17.20
N VAL A 525 -82.67 24.96 18.33
CA VAL A 525 -82.41 23.85 19.24
C VAL A 525 -83.69 23.56 20.00
N GLU A 526 -83.89 22.31 20.38
CA GLU A 526 -85.07 21.89 21.13
C GLU A 526 -84.64 21.40 22.51
N THR A 527 -85.41 21.79 23.52
CA THR A 527 -85.06 21.46 24.90
C THR A 527 -86.35 21.32 25.70
N GLY A 528 -86.23 20.68 26.86
CA GLY A 528 -87.39 20.32 27.66
C GLY A 528 -88.01 21.49 28.39
N GLN A 529 -89.06 21.19 29.15
CA GLN A 529 -89.82 22.21 29.88
C GLN A 529 -89.43 22.29 31.34
N THR A 530 -88.31 21.68 31.74
CA THR A 530 -87.85 21.83 33.11
C THR A 530 -87.33 23.24 33.39
N ILE A 531 -87.00 24.01 32.34
CA ILE A 531 -86.50 25.36 32.53
C ILE A 531 -87.56 26.24 33.16
N LEU A 532 -88.80 26.14 32.71
CA LEU A 532 -89.88 26.95 33.27
C LEU A 532 -90.44 26.38 34.55
N THR A 533 -90.12 25.13 34.89
CA THR A 533 -90.78 24.47 36.00
C THR A 533 -89.80 24.13 37.13
N ASP A 534 -88.60 23.70 36.78
CA ASP A 534 -87.56 23.39 37.75
C ASP A 534 -86.58 24.55 37.85
N VAL A 535 -85.96 24.67 39.02
CA VAL A 535 -85.08 25.80 39.29
C VAL A 535 -83.96 25.82 38.26
N LEU A 536 -83.75 26.96 37.62
CA LEU A 536 -82.76 27.07 36.56
C LEU A 536 -81.34 26.88 37.05
N ASP A 537 -81.07 27.18 38.32
CA ASP A 537 -79.73 26.97 38.86
C ASP A 537 -79.46 25.50 39.14
N LYS A 538 -80.25 24.92 40.05
CA LYS A 538 -80.18 23.49 40.40
C LYS A 538 -78.75 22.98 40.48
N GLY A 539 -78.44 21.98 39.65
CA GLY A 539 -77.10 21.48 39.49
C GLY A 539 -76.67 21.57 38.05
N PRO A 540 -76.08 20.49 37.52
CA PRO A 540 -75.81 20.45 36.08
C PRO A 540 -77.10 20.50 35.29
N ASN A 541 -77.07 21.20 34.16
CA ASN A 541 -78.27 21.41 33.35
C ASN A 541 -77.85 21.72 31.93
N PRO A 542 -77.82 20.71 31.05
CA PRO A 542 -77.50 20.97 29.64
C PRO A 542 -78.62 21.67 28.88
N PHE A 543 -79.80 21.84 29.48
CA PHE A 543 -80.89 22.51 28.78
C PHE A 543 -80.57 23.98 28.54
N ILE A 544 -79.67 24.55 29.34
CA ILE A 544 -79.24 25.92 29.11
C ILE A 544 -77.80 25.98 28.61
N ALA A 545 -76.99 24.95 28.89
CA ALA A 545 -75.65 24.89 28.33
C ALA A 545 -75.69 24.86 26.81
N ASN A 546 -76.73 24.27 26.23
CA ASN A 546 -76.91 24.31 24.78
C ASN A 546 -77.71 25.52 24.32
N MET A 547 -78.25 26.31 25.25
CA MET A 547 -78.83 27.61 24.90
C MET A 547 -77.78 28.60 24.42
N HIS A 548 -76.50 28.31 24.66
CA HIS A 548 -75.42 29.22 24.31
C HIS A 548 -75.48 29.61 22.85
N LEU A 549 -75.67 30.90 22.59
CA LEU A 549 -75.66 31.51 21.26
C LEU A 549 -76.81 31.05 20.37
N LYS A 550 -77.72 30.24 20.88
CA LYS A 550 -78.82 29.78 20.05
C LYS A 550 -79.76 30.94 19.73
N ARG A 551 -80.16 31.03 18.47
CA ARG A 551 -80.95 32.15 18.01
C ARG A 551 -82.44 31.86 17.99
N SER A 552 -82.86 30.62 18.26
CA SER A 552 -84.26 30.31 18.54
C SER A 552 -84.39 28.91 19.13
N VAL A 553 -84.91 28.81 20.34
CA VAL A 553 -85.09 27.52 21.00
C VAL A 553 -86.58 27.27 21.21
N PHE A 554 -87.02 26.06 20.91
CA PHE A 554 -88.41 25.69 21.13
C PHE A 554 -88.48 24.60 22.20
N CYS A 555 -89.56 24.66 22.98
CA CYS A 555 -89.87 23.63 23.96
C CYS A 555 -91.35 23.28 23.82
N SER A 556 -91.68 22.03 24.13
CA SER A 556 -93.06 21.57 23.95
C SER A 556 -93.59 20.90 25.21
N GLU A 557 -94.76 20.25 25.09
CA GLU A 557 -95.40 19.46 26.14
C GLU A 557 -95.42 20.19 27.50
N LEU A 558 -96.19 21.27 27.55
CA LEU A 558 -96.43 21.91 28.83
C LEU A 558 -97.33 21.04 29.70
N PRO A 559 -96.92 20.74 30.94
CA PRO A 559 -97.72 19.84 31.79
C PRO A 559 -98.98 20.52 32.34
N ASP A 560 -100.08 20.45 31.58
CA ASP A 560 -101.30 21.21 31.81
C ASP A 560 -101.63 21.40 33.28
N PHE A 561 -102.01 22.63 33.63
CA PHE A 561 -102.00 23.10 35.01
C PHE A 561 -103.38 23.20 35.63
N ALA A 562 -104.45 23.03 34.86
CA ALA A 562 -105.79 23.16 35.41
C ALA A 562 -106.07 22.09 36.46
N CYS A 563 -105.32 21.00 36.45
CA CYS A 563 -105.39 19.98 37.47
C CYS A 563 -104.08 19.93 38.26
N SER A 564 -104.19 19.61 39.54
CA SER A 564 -103.01 19.53 40.39
C SER A 564 -102.15 18.33 40.03
N GLY A 565 -100.86 18.44 40.31
CA GLY A 565 -99.95 17.34 40.08
C GLY A 565 -98.62 17.74 39.48
N SER A 566 -98.60 18.78 38.65
CA SER A 566 -97.39 19.24 37.98
C SER A 566 -97.06 20.65 38.45
N LYS A 567 -95.78 20.89 38.72
CA LYS A 567 -95.33 22.19 39.17
C LYS A 567 -95.60 23.25 38.11
N LYS A 568 -96.11 24.39 38.56
CA LYS A 568 -96.50 25.45 37.64
C LYS A 568 -95.26 26.08 37.00
N ILE A 569 -95.50 26.83 35.93
CA ILE A 569 -94.45 27.61 35.29
C ILE A 569 -93.99 28.69 36.25
N ARG A 570 -92.71 28.65 36.61
CA ARG A 570 -92.21 29.55 37.65
C ARG A 570 -92.18 30.98 37.16
N SER A 571 -92.41 31.92 38.08
CA SER A 571 -92.35 33.33 37.75
C SER A 571 -90.91 33.81 37.62
N ASP A 572 -90.03 33.39 38.54
CA ASP A 572 -88.63 33.79 38.44
C ASP A 572 -87.96 33.19 37.21
N ASN A 573 -88.32 31.95 36.85
CA ASN A 573 -87.73 31.34 35.68
C ASN A 573 -88.07 32.13 34.42
N ILE A 574 -89.29 32.66 34.34
CA ILE A 574 -89.72 33.38 33.15
C ILE A 574 -89.36 34.86 33.18
N LYS A 575 -88.88 35.38 34.32
CA LYS A 575 -88.41 36.77 34.34
C LYS A 575 -86.97 36.90 33.86
N LYS A 576 -86.13 35.92 34.16
CA LYS A 576 -84.71 36.01 33.84
C LYS A 576 -84.37 35.41 32.49
N LEU A 577 -85.37 35.11 31.67
CA LEU A 577 -85.14 34.74 30.28
C LEU A 577 -85.02 35.95 29.37
N THR A 578 -84.75 37.12 29.93
CA THR A 578 -84.48 38.28 29.11
C THR A 578 -83.24 39.03 29.58
N GLU A 579 -82.42 38.44 30.46
CA GLU A 579 -81.15 39.09 30.75
C GLU A 579 -80.14 38.73 29.66
N PRO A 580 -79.33 39.70 29.23
CA PRO A 580 -78.40 39.45 28.11
C PRO A 580 -77.42 38.32 28.35
N CYS A 581 -77.28 37.83 29.58
CA CYS A 581 -76.42 36.69 29.86
C CYS A 581 -77.10 35.82 30.90
N VAL A 582 -77.86 34.82 30.44
CA VAL A 582 -78.60 33.94 31.32
C VAL A 582 -77.65 32.96 32.00
N ILE A 583 -77.83 32.80 33.30
CA ILE A 583 -76.93 31.99 34.11
C ILE A 583 -77.34 30.53 34.00
N GLY A 584 -76.39 29.69 33.61
CA GLY A 584 -76.63 28.26 33.50
C GLY A 584 -75.35 27.52 33.16
N ARG A 585 -75.07 26.45 33.88
CA ARG A 585 -73.80 25.77 33.73
C ARG A 585 -73.98 24.42 33.03
N PRO A 586 -72.94 23.93 32.35
CA PRO A 586 -73.06 22.66 31.64
C PRO A 586 -73.12 21.46 32.57
N CYS A 587 -73.04 20.26 32.01
CA CYS A 587 -73.08 19.06 32.83
C CYS A 587 -71.81 19.00 33.67
N PHE A 588 -71.87 19.55 34.87
CA PHE A 588 -70.73 19.62 35.79
C PHE A 588 -69.53 20.31 35.13
N SER A 589 -69.73 21.58 34.77
CA SER A 589 -68.68 22.43 34.23
C SER A 589 -68.77 23.80 34.88
N ASN A 590 -67.67 24.56 34.76
CA ASN A 590 -67.51 25.82 35.48
C ASN A 590 -67.79 27.04 34.61
N LYS A 591 -68.26 26.84 33.38
CA LYS A 591 -68.58 27.94 32.48
C LYS A 591 -70.00 28.39 32.80
N ILE A 592 -70.13 29.18 33.86
CA ILE A 592 -71.45 29.59 34.36
C ILE A 592 -72.17 30.46 33.35
N ASN A 593 -71.47 31.45 32.78
CA ASN A 593 -72.12 32.46 31.95
C ASN A 593 -72.32 31.94 30.54
N ASN A 594 -73.54 32.13 30.03
CA ASN A 594 -73.89 31.71 28.68
C ASN A 594 -74.61 32.85 27.98
N ARG A 595 -74.13 33.23 26.81
CA ARG A 595 -74.74 34.31 26.05
C ARG A 595 -76.11 33.87 25.53
N ASN A 596 -77.03 34.82 25.43
CA ASN A 596 -78.43 34.51 25.11
C ASN A 596 -78.93 35.44 24.02
N HIS A 597 -79.03 34.92 22.81
CA HIS A 597 -79.73 35.59 21.70
C HIS A 597 -81.04 34.92 21.37
N ALA A 598 -81.47 33.96 22.20
CA ALA A 598 -82.60 33.12 21.87
C ALA A 598 -83.92 33.88 21.92
N THR A 599 -84.80 33.56 20.98
CA THR A 599 -86.21 33.93 21.02
C THR A 599 -86.94 32.66 21.43
N ILE A 600 -87.25 32.52 22.71
CA ILE A 600 -87.81 31.28 23.22
C ILE A 600 -89.30 31.22 22.87
N ILE A 601 -89.72 30.13 22.25
CA ILE A 601 -91.11 29.89 21.87
C ILE A 601 -91.53 28.54 22.45
N ILE A 602 -92.74 28.47 23.00
CA ILE A 602 -93.27 27.22 23.53
C ILE A 602 -94.70 27.07 23.06
N ASP A 603 -95.07 25.85 22.68
CA ASP A 603 -96.38 25.54 22.12
C ASP A 603 -97.23 24.83 23.16
N THR A 604 -98.53 25.14 23.17
CA THR A 604 -99.44 24.61 24.18
C THR A 604 -100.87 24.65 23.65
N ASN A 605 -101.74 23.85 24.30
CA ASN A 605 -103.16 23.80 23.97
C ASN A 605 -104.04 24.62 24.89
N TYR A 606 -103.48 25.22 25.95
CA TYR A 606 -104.29 25.89 26.95
C TYR A 606 -103.63 27.21 27.33
N LYS A 607 -104.43 28.14 27.85
CA LYS A 607 -103.89 29.39 28.33
C LYS A 607 -103.12 29.14 29.61
N PRO A 608 -101.82 29.42 29.63
CA PRO A 608 -101.01 29.10 30.81
C PRO A 608 -101.42 29.97 32.00
N VAL A 609 -101.29 29.39 33.20
CA VAL A 609 -101.60 30.09 34.45
C VAL A 609 -100.31 30.22 35.25
N PHE A 610 -100.11 31.40 35.83
CA PHE A 610 -98.90 31.70 36.58
C PHE A 610 -99.15 31.59 38.07
N ASP A 611 -98.23 30.94 38.78
CA ASP A 611 -98.29 30.91 40.23
C ASP A 611 -98.19 32.31 40.82
N ARG A 612 -97.48 33.20 40.13
CA ARG A 612 -97.46 34.62 40.45
C ARG A 612 -97.67 35.45 39.19
N ILE A 613 -98.51 36.46 39.28
CA ILE A 613 -98.67 37.45 38.22
C ILE A 613 -98.33 38.82 38.78
N ASP A 614 -97.45 39.53 38.08
CA ASP A 614 -96.88 40.77 38.58
C ASP A 614 -96.70 41.74 37.42
N ASN A 615 -96.39 42.99 37.76
CA ASN A 615 -96.10 43.99 36.73
C ASN A 615 -94.89 43.61 35.91
N ALA A 616 -93.86 43.04 36.55
CA ALA A 616 -92.67 42.60 35.83
C ALA A 616 -92.97 41.50 34.82
N LEU A 617 -94.05 40.75 35.03
CA LEU A 617 -94.44 39.72 34.09
C LEU A 617 -95.34 40.25 32.98
N MET A 618 -96.12 41.29 33.28
CA MET A 618 -96.98 41.87 32.25
C MET A 618 -96.18 42.47 31.11
N ARG A 619 -94.88 42.71 31.31
CA ARG A 619 -94.01 43.23 30.27
C ARG A 619 -93.17 42.14 29.62
N ARG A 620 -93.43 40.87 29.92
CA ARG A 620 -92.54 39.79 29.53
C ARG A 620 -93.34 38.55 29.09
N ILE A 621 -94.36 38.75 28.26
CA ILE A 621 -95.19 37.64 27.80
C ILE A 621 -95.84 38.03 26.48
N ALA A 622 -95.99 37.04 25.60
CA ALA A 622 -96.79 37.18 24.39
C ALA A 622 -97.31 35.81 23.99
N VAL A 623 -98.39 35.81 23.20
CA VAL A 623 -99.05 34.59 22.75
C VAL A 623 -99.52 34.77 21.31
N VAL A 624 -99.38 33.72 20.50
CA VAL A 624 -99.96 33.65 19.17
C VAL A 624 -101.06 32.62 19.18
N ARG A 625 -102.18 32.94 18.56
CA ARG A 625 -103.32 32.04 18.46
C ARG A 625 -103.50 31.63 17.00
N PHE A 626 -103.75 30.35 16.75
CA PHE A 626 -104.04 29.85 15.42
C PHE A 626 -105.48 29.37 15.37
N ARG A 627 -106.21 29.83 14.35
CA ARG A 627 -107.64 29.57 14.20
C ARG A 627 -107.93 28.95 12.84
N THR A 628 -107.14 27.94 12.47
CA THR A 628 -107.34 27.23 11.22
C THR A 628 -107.01 25.76 11.44
N HIS A 629 -107.65 24.90 10.65
CA HIS A 629 -107.56 23.45 10.82
C HIS A 629 -107.23 22.76 9.51
N PHE A 630 -106.26 21.85 9.54
CA PHE A 630 -106.04 20.90 8.46
C PHE A 630 -106.67 19.58 8.88
N SER A 631 -107.73 19.17 8.20
CA SER A 631 -108.53 18.03 8.63
C SER A 631 -108.55 16.95 7.57
N GLN A 632 -108.42 15.70 8.02
CA GLN A 632 -108.66 14.57 7.13
C GLN A 632 -110.15 14.48 6.81
N PRO A 633 -110.50 13.91 5.65
CA PRO A 633 -111.92 13.86 5.26
C PRO A 633 -112.80 13.06 6.21
N SER A 634 -112.21 12.13 6.97
CA SER A 634 -113.02 11.33 7.89
C SER A 634 -113.67 12.18 8.96
N GLY A 635 -112.92 13.13 9.52
CA GLY A 635 -113.43 13.99 10.57
C GLY A 635 -113.89 15.35 10.08
N ARG A 636 -114.12 15.47 8.77
CA ARG A 636 -114.53 16.75 8.20
C ARG A 636 -115.87 17.21 8.74
N GLU A 637 -116.82 16.27 8.88
CA GLU A 637 -118.16 16.63 9.34
C GLU A 637 -118.12 17.20 10.75
N ALA A 638 -117.37 16.58 11.65
CA ALA A 638 -117.26 17.09 13.01
C ALA A 638 -116.53 18.44 13.03
N ALA A 639 -115.66 18.68 12.04
CA ALA A 639 -114.88 19.91 12.02
C ALA A 639 -115.77 21.13 11.89
N GLU A 640 -116.82 21.04 11.07
CA GLU A 640 -117.70 22.18 10.83
C GLU A 640 -118.54 22.52 12.06
N ASN A 641 -118.59 21.65 13.06
CA ASN A 641 -119.36 21.88 14.27
C ASN A 641 -118.51 22.37 15.44
N ASN A 642 -117.33 22.91 15.16
CA ASN A 642 -116.43 23.40 16.20
C ASN A 642 -116.31 24.92 16.12
N ASP A 643 -116.38 25.56 17.28
CA ASP A 643 -116.28 27.02 17.34
C ASP A 643 -114.86 27.51 17.16
N ALA A 644 -113.87 26.73 17.59
CA ALA A 644 -112.47 27.17 17.56
C ALA A 644 -111.87 27.18 16.16
N TYR A 645 -112.52 26.53 15.20
CA TYR A 645 -111.99 26.42 13.84
C TYR A 645 -112.73 27.42 12.95
N ASP A 646 -112.18 28.62 12.81
CA ASP A 646 -112.78 29.62 11.94
C ASP A 646 -112.56 29.33 10.46
N LYS A 647 -111.73 28.32 10.14
CA LYS A 647 -111.45 27.95 8.76
C LYS A 647 -110.88 26.55 8.78
N VAL A 648 -111.49 25.65 8.00
CA VAL A 648 -111.11 24.24 7.99
C VAL A 648 -110.72 23.85 6.57
N LYS A 649 -109.57 23.20 6.43
CA LYS A 649 -109.07 22.74 5.15
C LYS A 649 -108.72 21.25 5.24
N LEU A 650 -108.24 20.70 4.14
CA LEU A 650 -107.91 19.29 4.04
C LEU A 650 -106.41 19.10 4.30
N LEU A 651 -106.10 18.19 5.23
CA LEU A 651 -104.72 17.93 5.61
C LEU A 651 -103.98 17.26 4.46
N ASP A 652 -102.74 17.68 4.24
CA ASP A 652 -101.89 17.12 3.20
C ASP A 652 -100.79 16.29 3.84
N GLU A 653 -100.71 15.02 3.45
CA GLU A 653 -99.59 14.19 3.87
C GLU A 653 -98.28 14.61 3.22
N GLY A 654 -98.35 15.45 2.19
CA GLY A 654 -97.14 15.93 1.53
C GLY A 654 -96.41 17.01 2.28
N LEU A 655 -97.08 17.73 3.18
CA LEU A 655 -96.41 18.80 3.92
C LEU A 655 -95.28 18.26 4.78
N ASP A 656 -95.55 17.19 5.54
CA ASP A 656 -94.55 16.68 6.47
C ASP A 656 -93.31 16.19 5.73
N GLY A 657 -93.49 15.32 4.75
CA GLY A 657 -92.35 14.83 3.99
C GLY A 657 -91.64 15.93 3.23
N LYS A 658 -92.41 16.88 2.67
CA LYS A 658 -91.81 17.96 1.89
C LYS A 658 -90.95 18.86 2.78
N ILE A 659 -91.37 19.07 4.03
CA ILE A 659 -90.55 19.86 4.95
C ILE A 659 -89.53 19.01 5.67
N GLN A 660 -89.53 17.69 5.47
CA GLN A 660 -88.38 16.91 5.88
C GLN A 660 -87.21 17.05 4.91
N ASN A 661 -87.49 17.15 3.61
CA ASN A 661 -86.42 17.34 2.64
C ASN A 661 -85.96 18.78 2.53
N ASN A 662 -86.69 19.71 3.16
CA ASN A 662 -86.30 21.11 3.25
C ASN A 662 -86.36 21.81 1.89
N ARG A 663 -87.42 21.51 1.13
CA ARG A 663 -87.61 22.27 -0.10
C ARG A 663 -88.13 23.68 0.18
N TYR A 664 -88.89 23.84 1.27
CA TYR A 664 -89.35 25.15 1.70
C TYR A 664 -88.33 25.88 2.56
N ARG A 665 -87.09 25.38 2.63
CA ARG A 665 -86.08 26.01 3.48
C ARG A 665 -85.72 27.39 2.95
N PHE A 666 -85.26 27.47 1.69
CA PHE A 666 -84.74 28.73 1.19
C PHE A 666 -85.84 29.73 0.85
N ALA A 667 -86.99 29.27 0.37
CA ALA A 667 -88.11 30.19 0.19
C ALA A 667 -88.53 30.78 1.53
N PHE A 668 -88.55 29.96 2.58
CA PHE A 668 -88.94 30.44 3.90
C PHE A 668 -87.92 31.44 4.45
N LEU A 669 -86.63 31.19 4.19
CA LEU A 669 -85.64 32.21 4.55
C LEU A 669 -85.83 33.48 3.75
N TYR A 670 -86.22 33.37 2.48
CA TYR A 670 -86.41 34.56 1.68
C TYR A 670 -87.53 35.42 2.26
N LEU A 671 -88.65 34.79 2.61
CA LEU A 671 -89.74 35.56 3.20
C LEU A 671 -89.37 36.07 4.60
N LEU A 672 -88.57 35.31 5.35
CA LEU A 672 -88.10 35.80 6.64
C LEU A 672 -87.23 37.03 6.49
N VAL A 673 -86.36 37.06 5.48
CA VAL A 673 -85.52 38.22 5.25
C VAL A 673 -86.38 39.40 4.81
N LYS A 674 -87.39 39.14 3.99
CA LYS A 674 -88.31 40.21 3.62
C LYS A 674 -88.97 40.82 4.85
N TRP A 675 -89.41 39.96 5.77
CA TRP A 675 -90.06 40.44 7.00
C TRP A 675 -89.06 41.18 7.89
N TYR A 676 -87.83 40.69 7.96
CA TYR A 676 -86.81 41.38 8.75
C TYR A 676 -86.58 42.78 8.22
N LYS A 677 -86.50 42.91 6.89
CA LYS A 677 -86.40 44.24 6.29
C LYS A 677 -87.66 45.05 6.54
N LYS A 678 -88.80 44.40 6.68
CA LYS A 678 -90.03 45.12 6.98
C LYS A 678 -89.95 45.84 8.31
N TYR A 679 -89.36 45.21 9.32
CA TYR A 679 -89.13 45.83 10.62
C TYR A 679 -87.63 45.74 10.90
N HIS A 680 -86.87 46.69 10.32
CA HIS A 680 -85.42 46.66 10.35
C HIS A 680 -84.85 48.00 10.81
N ILE A 681 -85.63 48.80 11.53
CA ILE A 681 -85.15 50.08 12.02
C ILE A 681 -84.02 49.80 13.00
N PRO A 682 -83.04 50.70 13.12
CA PRO A 682 -81.80 50.38 13.86
C PRO A 682 -82.01 49.85 15.28
N ILE A 683 -83.24 49.91 15.78
CA ILE A 683 -83.57 49.39 17.10
C ILE A 683 -84.42 48.14 16.91
N MET A 684 -84.11 47.11 17.70
CA MET A 684 -84.92 45.89 17.78
C MET A 684 -85.52 45.81 19.17
N LYS A 685 -86.84 45.69 19.24
CA LYS A 685 -87.53 45.66 20.52
C LYS A 685 -88.88 44.97 20.35
N LEU A 686 -89.19 44.04 21.25
CA LEU A 686 -90.48 43.37 21.30
C LEU A 686 -91.22 43.79 22.55
N TYR A 687 -92.45 44.25 22.38
CA TYR A 687 -93.34 44.67 23.46
C TYR A 687 -94.23 43.51 23.88
N PRO A 688 -94.72 43.50 25.12
CA PRO A 688 -95.60 42.41 25.56
C PRO A 688 -97.01 42.58 25.01
N THR A 689 -97.80 41.53 25.17
CA THR A 689 -99.20 41.53 24.75
C THR A 689 -100.07 41.10 25.93
N PRO A 690 -100.57 42.06 26.72
CA PRO A 690 -101.37 41.69 27.89
C PRO A 690 -102.83 41.40 27.58
N GLU A 691 -103.33 41.75 26.40
CA GLU A 691 -104.74 41.57 26.10
C GLU A 691 -105.12 40.13 25.82
N GLU A 692 -104.19 39.30 25.36
CA GLU A 692 -104.54 37.93 24.98
C GLU A 692 -104.77 37.05 26.21
N ILE A 693 -103.94 37.20 27.23
CA ILE A 693 -104.03 36.30 28.39
C ILE A 693 -105.31 36.58 29.16
N PRO A 694 -106.11 35.55 29.46
CA PRO A 694 -107.29 35.77 30.30
C PRO A 694 -106.96 35.97 31.77
N ASP A 695 -105.73 35.64 32.19
CA ASP A 695 -105.33 35.79 33.58
C ASP A 695 -104.94 37.22 33.93
N PHE A 696 -104.89 38.11 32.94
CA PHE A 696 -104.44 39.49 33.13
C PHE A 696 -105.57 40.45 33.46
N ALA A 697 -106.80 39.97 33.63
CA ALA A 697 -107.94 40.87 33.75
C ALA A 697 -107.86 41.73 35.00
N PHE A 698 -107.68 41.10 36.17
CA PHE A 698 -107.78 41.85 37.42
C PHE A 698 -106.66 42.88 37.55
N TYR A 699 -105.44 42.50 37.21
CA TYR A 699 -104.32 43.43 37.36
C TYR A 699 -104.39 44.54 36.33
N LEU A 700 -105.00 44.28 35.17
CA LEU A 700 -105.37 45.35 34.26
C LEU A 700 -106.59 46.11 34.74
N LYS A 701 -107.51 45.42 35.44
CA LYS A 701 -108.76 46.03 35.87
C LYS A 701 -108.50 47.12 36.92
N ILE A 702 -107.73 46.79 37.96
CA ILE A 702 -107.54 47.73 39.05
C ILE A 702 -106.77 48.96 38.60
N GLY A 703 -105.90 48.80 37.59
CA GLY A 703 -105.23 49.97 37.05
C GLY A 703 -106.19 50.99 36.48
N THR A 704 -107.28 50.51 35.86
CA THR A 704 -108.29 51.38 35.29
C THR A 704 -109.47 51.63 36.22
N LEU A 705 -109.54 50.94 37.36
CA LEU A 705 -110.63 51.12 38.31
C LEU A 705 -110.19 51.64 39.67
N LEU A 706 -108.93 51.41 40.05
CA LEU A 706 -108.43 51.85 41.34
C LEU A 706 -107.20 52.73 41.17
N VAL A 707 -107.18 53.84 41.91
CA VAL A 707 -106.03 54.74 41.96
C VAL A 707 -105.67 54.94 43.42
N SER A 708 -104.37 55.05 43.69
CA SER A 708 -103.91 55.23 45.06
C SER A 708 -104.39 56.55 45.62
N SER A 709 -104.65 56.57 46.92
CA SER A 709 -105.03 57.79 47.59
C SER A 709 -103.84 58.74 47.65
N SER A 710 -104.07 59.99 47.26
CA SER A 710 -103.00 60.99 47.20
C SER A 710 -103.49 62.30 47.80
N VAL A 711 -102.58 63.28 47.85
CA VAL A 711 -102.90 64.57 48.43
C VAL A 711 -103.93 65.32 47.61
N LYS A 712 -104.08 64.98 46.33
CA LYS A 712 -105.05 65.67 45.49
C LYS A 712 -106.48 65.48 45.99
N HIS A 713 -106.75 64.35 46.64
CA HIS A 713 -108.10 64.02 47.09
C HIS A 713 -108.32 64.34 48.56
N ILE A 714 -107.35 64.95 49.25
CA ILE A 714 -107.52 65.27 50.67
C ILE A 714 -108.64 66.28 50.89
N PRO A 715 -108.71 67.43 50.18
CA PRO A 715 -109.82 68.36 50.42
C PRO A 715 -111.10 67.94 49.71
N LEU A 716 -111.42 66.64 49.76
CA LEU A 716 -112.66 66.12 49.17
C LEU A 716 -113.33 65.11 50.08
N MET A 717 -112.89 64.99 51.33
CA MET A 717 -113.43 63.99 52.24
C MET A 717 -114.85 64.30 52.69
N THR A 718 -115.36 65.51 52.41
CA THR A 718 -116.72 65.85 52.82
C THR A 718 -117.74 64.92 52.18
N ASP A 719 -117.64 64.72 50.87
CA ASP A 719 -118.51 63.80 50.16
C ASP A 719 -117.97 62.38 50.14
N LEU A 720 -116.70 62.18 50.48
CA LEU A 720 -116.14 60.83 50.53
C LEU A 720 -116.63 60.07 51.75
N SER A 721 -116.95 60.78 52.84
CA SER A 721 -117.48 60.12 54.03
C SER A 721 -118.85 59.51 53.75
N LYS A 722 -119.68 60.18 52.96
CA LYS A 722 -120.99 59.64 52.62
C LYS A 722 -120.90 58.40 51.73
N LYS A 723 -119.79 58.22 51.02
CA LYS A 723 -119.61 57.02 50.20
C LYS A 723 -119.29 55.79 51.04
N GLY A 724 -118.56 55.97 52.14
CA GLY A 724 -118.16 54.87 52.99
C GLY A 724 -116.68 54.84 53.36
N TYR A 725 -115.89 55.81 52.92
CA TYR A 725 -114.48 55.87 53.24
C TYR A 725 -114.27 56.56 54.59
N ILE A 726 -113.06 56.38 55.14
CA ILE A 726 -112.68 57.02 56.39
C ILE A 726 -111.30 57.65 56.21
N LEU A 727 -111.16 58.87 56.70
CA LEU A 727 -109.92 59.64 56.56
C LEU A 727 -109.03 59.42 57.78
N TYR A 728 -107.80 58.98 57.52
CA TYR A 728 -106.80 58.78 58.56
C TYR A 728 -105.49 59.37 58.09
N ASP A 729 -104.85 60.16 58.96
CA ASP A 729 -103.59 60.85 58.67
C ASP A 729 -103.57 61.44 57.26
N ASN A 730 -104.63 62.18 56.94
CA ASN A 730 -104.78 62.85 55.65
C ASN A 730 -104.73 61.86 54.49
N VAL A 731 -105.24 60.65 54.71
CA VAL A 731 -105.29 59.62 53.67
C VAL A 731 -106.70 59.05 53.65
N VAL A 732 -107.30 58.99 52.46
CA VAL A 732 -108.63 58.39 52.30
C VAL A 732 -108.46 56.88 52.21
N THR A 733 -108.97 56.16 53.20
CA THR A 733 -108.84 54.72 53.27
C THR A 733 -110.22 54.08 53.16
N LEU A 734 -110.24 52.76 53.03
CA LEU A 734 -111.49 52.03 52.93
C LEU A 734 -111.44 50.77 53.79
N PRO A 735 -112.29 50.68 54.82
CA PRO A 735 -112.32 49.48 55.67
C PRO A 735 -112.57 48.22 54.87
N LEU A 736 -112.36 47.08 55.54
CA LEU A 736 -112.31 45.80 54.87
C LEU A 736 -113.67 45.42 54.29
N THR A 737 -114.73 45.50 55.10
CA THR A 737 -116.04 45.06 54.64
C THR A 737 -116.59 45.95 53.53
N THR A 738 -116.46 47.27 53.70
CA THR A 738 -116.97 48.19 52.67
C THR A 738 -116.18 48.06 51.38
N PHE A 739 -114.86 47.91 51.47
CA PHE A 739 -114.06 47.70 50.27
C PHE A 739 -114.45 46.40 49.58
N GLN A 740 -114.64 45.33 50.36
CA GLN A 740 -115.00 44.05 49.77
C GLN A 740 -116.37 44.11 49.09
N GLN A 741 -117.35 44.76 49.73
CA GLN A 741 -118.67 44.85 49.12
C GLN A 741 -118.69 45.79 47.93
N LYS A 742 -117.81 46.80 47.89
CA LYS A 742 -117.64 47.58 46.67
C LYS A 742 -116.98 46.75 45.57
N ILE A 743 -116.06 45.86 45.95
CA ILE A 743 -115.53 44.86 45.03
C ILE A 743 -116.61 43.88 44.61
N SER A 744 -117.59 43.64 45.46
CA SER A 744 -118.66 42.67 45.21
C SER A 744 -119.59 43.10 44.09
N LYS A 745 -119.29 44.17 43.34
CA LYS A 745 -120.04 44.52 42.14
C LYS A 745 -119.22 44.46 40.87
N TYR A 746 -117.90 44.23 40.97
CA TYR A 746 -117.02 44.20 39.80
C TYR A 746 -116.56 42.79 39.45
N PHE A 747 -115.97 42.09 40.41
CA PHE A 747 -115.56 40.70 40.20
C PHE A 747 -115.85 39.90 41.47
N ASN A 748 -116.18 38.62 41.27
CA ASN A 748 -116.79 37.80 42.30
C ASN A 748 -115.82 37.53 43.44
N SER A 749 -116.33 36.87 44.49
CA SER A 749 -115.55 36.44 45.63
C SER A 749 -115.29 34.94 45.65
N ARG A 750 -115.94 34.17 44.79
CA ARG A 750 -115.69 32.73 44.73
C ARG A 750 -114.48 32.43 43.84
N LEU A 751 -114.55 32.84 42.57
CA LEU A 751 -113.43 32.59 41.66
C LEU A 751 -112.26 33.51 41.96
N PHE A 752 -112.54 34.78 42.23
CA PHE A 752 -111.50 35.77 42.48
C PHE A 752 -111.12 35.88 43.96
N GLY A 753 -111.64 34.99 44.81
CA GLY A 753 -111.41 35.12 46.24
C GLY A 753 -109.93 35.10 46.59
N HIS A 754 -109.18 34.20 45.96
CA HIS A 754 -107.74 34.15 46.20
C HIS A 754 -107.06 35.43 45.73
N ASP A 755 -107.48 35.95 44.58
CA ASP A 755 -106.93 37.22 44.09
C ASP A 755 -107.22 38.35 45.08
N ILE A 756 -108.46 38.42 45.56
CA ILE A 756 -108.85 39.50 46.47
C ILE A 756 -108.08 39.39 47.78
N GLU A 757 -107.97 38.19 48.34
CA GLU A 757 -107.28 38.04 49.62
C GLU A 757 -105.79 38.30 49.47
N SER A 758 -105.18 37.90 48.35
CA SER A 758 -103.77 38.21 48.12
C SER A 758 -103.56 39.71 48.00
N PHE A 759 -104.43 40.39 47.25
CA PHE A 759 -104.32 41.84 47.12
C PHE A 759 -104.48 42.51 48.48
N ILE A 760 -105.42 42.01 49.30
CA ILE A 760 -105.68 42.61 50.60
C ILE A 760 -104.49 42.43 51.53
N ASN A 761 -103.97 41.20 51.64
CA ASN A 761 -102.89 40.96 52.58
C ASN A 761 -101.53 41.38 52.05
N ARG A 762 -101.45 41.83 50.80
CA ARG A 762 -100.22 42.42 50.29
C ARG A 762 -100.25 43.95 50.25
N HIS A 763 -101.44 44.56 50.18
CA HIS A 763 -101.53 46.01 49.98
C HIS A 763 -102.13 46.77 51.15
N LYS A 764 -103.04 46.17 51.90
CA LYS A 764 -103.73 46.90 52.96
C LYS A 764 -102.77 47.29 54.07
N LYS A 765 -102.96 48.50 54.61
CA LYS A 765 -102.20 49.00 55.74
C LYS A 765 -103.03 48.84 57.01
N PHE A 766 -102.53 49.39 58.11
CA PHE A 766 -103.18 49.29 59.40
C PHE A 766 -103.40 50.68 59.99
N ALA A 767 -104.52 50.83 60.68
CA ALA A 767 -104.83 52.04 61.44
C ALA A 767 -104.93 51.79 62.94
N ASN A 768 -105.49 50.66 63.34
CA ASN A 768 -105.60 50.27 64.74
C ASN A 768 -105.90 48.78 64.78
N VAL A 769 -105.89 48.21 65.98
CA VAL A 769 -106.25 46.80 66.13
C VAL A 769 -107.71 46.59 65.76
N SER A 770 -108.57 47.55 66.08
CA SER A 770 -109.99 47.42 65.74
C SER A 770 -110.23 47.62 64.25
N ASP A 771 -109.61 48.64 63.66
CA ASP A 771 -109.91 49.05 62.29
C ASP A 771 -108.70 48.83 61.40
N GLU A 772 -108.88 48.03 60.35
CA GLU A 772 -107.85 47.81 59.34
C GLU A 772 -108.43 48.17 57.98
N TYR A 773 -107.73 49.03 57.25
CA TYR A 773 -108.22 49.51 55.97
C TYR A 773 -107.12 49.52 54.92
N LEU A 774 -107.41 50.10 53.76
CA LEU A 774 -106.45 50.21 52.66
C LEU A 774 -106.58 51.58 52.01
N GLN A 775 -105.45 52.16 51.62
CA GLN A 775 -105.41 53.49 51.05
C GLN A 775 -105.78 53.48 49.57
N TYR A 776 -106.90 52.84 49.23
CA TYR A 776 -107.36 52.71 47.85
C TYR A 776 -108.69 53.43 47.69
N ILE A 777 -108.80 54.24 46.65
CA ILE A 777 -110.01 54.99 46.35
C ILE A 777 -110.55 54.52 45.01
N PHE A 778 -111.84 54.21 44.96
CA PHE A 778 -112.49 53.95 43.69
C PHE A 778 -112.58 55.22 42.86
N ILE A 779 -112.58 55.04 41.54
CA ILE A 779 -112.79 56.18 40.65
C ILE A 779 -114.26 56.59 40.61
N GLU A 780 -115.17 55.70 41.02
CA GLU A 780 -116.59 56.03 40.99
C GLU A 780 -116.91 57.21 41.92
N ASP A 781 -116.31 57.23 43.11
CA ASP A 781 -116.54 58.34 44.03
C ASP A 781 -115.77 59.59 43.62
N ILE A 782 -114.57 59.43 43.05
CA ILE A 782 -113.79 60.57 42.61
C ILE A 782 -114.50 61.30 41.48
N SER A 783 -115.03 60.55 40.51
CA SER A 783 -115.74 61.18 39.39
C SER A 783 -117.01 61.88 39.85
N SER A 784 -117.73 61.30 40.81
CA SER A 784 -118.97 61.89 41.27
C SER A 784 -118.71 63.21 41.99
N PRO A 785 -119.68 64.14 41.95
CA PRO A 785 -119.55 65.44 42.61
C PRO A 785 -119.55 65.34 44.13
N TRP B 236 -42.87 -20.54 -2.92
CA TRP B 236 -42.65 -19.37 -2.06
C TRP B 236 -43.61 -19.37 -0.88
N GLU B 237 -43.07 -19.43 0.32
CA GLU B 237 -43.90 -19.40 1.52
C GLU B 237 -44.61 -18.05 1.61
N PRO B 238 -45.93 -18.02 1.79
CA PRO B 238 -46.64 -16.73 1.91
C PRO B 238 -46.16 -15.86 3.06
N GLY B 239 -45.40 -16.41 4.00
CA GLY B 239 -44.89 -15.66 5.12
C GLY B 239 -43.48 -15.13 4.97
N PHE B 240 -42.95 -15.02 3.76
CA PHE B 240 -41.62 -14.43 3.57
C PHE B 240 -41.74 -12.94 3.29
N ILE B 241 -42.28 -12.61 2.12
CA ILE B 241 -42.49 -11.23 1.66
C ILE B 241 -43.50 -11.34 0.53
N SER B 242 -44.12 -10.22 0.17
CA SER B 242 -44.85 -10.19 -1.09
C SER B 242 -43.89 -10.40 -2.25
N PHE B 243 -44.46 -10.69 -3.43
CA PHE B 243 -43.62 -10.87 -4.61
C PHE B 243 -43.10 -9.53 -5.12
N GLU B 244 -44.02 -8.62 -5.45
CA GLU B 244 -43.63 -7.33 -6.00
C GLU B 244 -42.70 -6.59 -5.06
N ASP B 245 -42.89 -6.76 -3.75
CA ASP B 245 -41.97 -6.15 -2.79
C ASP B 245 -40.55 -6.68 -3.00
N ALA B 246 -40.42 -7.99 -3.18
CA ALA B 246 -39.08 -8.57 -3.36
C ALA B 246 -38.45 -8.13 -4.67
N ILE B 247 -39.23 -8.12 -5.76
CA ILE B 247 -38.66 -7.71 -7.03
C ILE B 247 -38.26 -6.24 -7.00
N LYS B 248 -39.05 -5.41 -6.32
CA LYS B 248 -38.69 -4.01 -6.18
C LYS B 248 -37.43 -3.86 -5.33
N ARG B 249 -37.29 -4.66 -4.28
CA ARG B 249 -36.10 -4.57 -3.45
C ARG B 249 -34.85 -4.92 -4.24
N VAL B 250 -34.92 -5.98 -5.04
CA VAL B 250 -33.74 -6.37 -5.81
C VAL B 250 -33.44 -5.34 -6.90
N SER B 251 -34.48 -4.76 -7.51
CA SER B 251 -34.23 -3.73 -8.51
C SER B 251 -33.67 -2.46 -7.88
N LYS B 252 -34.01 -2.17 -6.63
CA LYS B 252 -33.48 -0.98 -5.98
C LYS B 252 -32.03 -1.18 -5.55
N ILE B 253 -31.69 -2.37 -5.06
CA ILE B 253 -30.28 -2.69 -4.82
C ILE B 253 -29.55 -2.97 -6.13
N PHE B 254 -30.29 -2.92 -7.24
CA PHE B 254 -29.74 -3.29 -8.54
C PHE B 254 -29.22 -2.06 -9.27
N ILE B 255 -29.76 -0.88 -8.94
CA ILE B 255 -29.35 0.46 -9.37
C ILE B 255 -28.99 0.50 -10.85
N ASN B 256 -29.74 -0.23 -11.66
CA ASN B 256 -29.59 -0.18 -13.10
C ASN B 256 -30.90 -0.57 -13.73
N SER B 257 -31.13 -0.09 -14.95
CA SER B 257 -32.34 -0.47 -15.64
C SER B 257 -32.31 -1.96 -15.97
N ILE B 258 -33.48 -2.53 -16.21
CA ILE B 258 -33.61 -3.93 -16.57
C ILE B 258 -34.40 -4.04 -17.87
N ILE B 259 -33.86 -4.80 -18.81
CA ILE B 259 -34.51 -4.96 -20.12
C ILE B 259 -35.58 -6.05 -20.06
N ASN B 260 -35.29 -7.16 -19.37
CA ASN B 260 -36.18 -8.30 -19.29
C ASN B 260 -37.06 -8.28 -18.04
N PHE B 261 -37.49 -7.09 -17.60
CA PHE B 261 -38.34 -6.98 -16.42
C PHE B 261 -39.66 -7.71 -16.61
N ASN B 262 -40.36 -7.41 -17.72
CA ASN B 262 -41.59 -8.13 -18.03
C ASN B 262 -41.32 -9.59 -18.38
N ASP B 263 -40.10 -9.90 -18.83
CA ASP B 263 -39.71 -11.29 -19.06
C ASP B 263 -39.41 -12.02 -17.77
N LEU B 264 -39.13 -11.29 -16.68
CA LEU B 264 -38.87 -11.93 -15.39
C LEU B 264 -40.16 -12.49 -14.82
N ASP B 265 -40.06 -13.65 -14.18
CA ASP B 265 -41.25 -14.37 -13.74
C ASP B 265 -41.23 -14.66 -12.25
N GLU B 266 -42.15 -15.53 -11.81
CA GLU B 266 -42.28 -15.91 -10.41
C GLU B 266 -41.37 -17.07 -10.03
N ASN B 267 -41.36 -18.12 -10.84
CA ASN B 267 -40.71 -19.39 -10.47
C ASN B 267 -39.28 -19.49 -10.95
N ASN B 268 -38.99 -19.08 -12.19
CA ASN B 268 -37.62 -19.15 -12.67
C ASN B 268 -36.81 -18.08 -11.96
N PHE B 269 -36.13 -18.47 -10.89
CA PHE B 269 -35.56 -17.54 -9.93
C PHE B 269 -34.05 -17.64 -9.85
N THR B 270 -33.53 -18.84 -9.63
CA THR B 270 -32.12 -19.06 -9.39
C THR B 270 -31.40 -19.63 -10.62
N THR B 271 -32.03 -19.59 -11.79
CA THR B 271 -31.46 -20.13 -13.00
C THR B 271 -31.27 -19.07 -14.08
N VAL B 272 -32.31 -18.30 -14.40
CA VAL B 272 -32.25 -17.34 -15.50
C VAL B 272 -31.36 -16.17 -15.13
N PRO B 273 -30.30 -15.91 -15.90
CA PRO B 273 -29.47 -14.73 -15.63
C PRO B 273 -30.18 -13.45 -15.99
N LEU B 274 -29.64 -12.34 -15.50
CA LEU B 274 -30.31 -11.05 -15.60
C LEU B 274 -29.42 -10.09 -16.38
N VAL B 275 -29.95 -9.59 -17.51
CA VAL B 275 -29.19 -8.78 -18.46
C VAL B 275 -29.47 -7.31 -18.19
N ILE B 276 -28.43 -6.49 -18.30
CA ILE B 276 -28.48 -5.07 -17.95
C ILE B 276 -27.90 -4.28 -19.11
N ASP B 277 -28.32 -3.02 -19.24
CA ASP B 277 -27.57 -2.02 -19.99
C ASP B 277 -26.88 -1.12 -18.97
N TYR B 278 -25.58 -1.37 -18.75
CA TYR B 278 -24.83 -0.68 -17.71
C TYR B 278 -24.60 0.78 -18.11
N VAL B 279 -25.66 1.57 -17.98
CA VAL B 279 -25.58 2.99 -18.25
C VAL B 279 -24.70 3.69 -17.23
N THR B 280 -24.38 3.03 -16.14
CA THR B 280 -23.47 3.51 -15.11
C THR B 280 -22.59 2.34 -14.69
N PRO B 281 -21.48 2.61 -14.02
CA PRO B 281 -20.67 1.51 -13.46
C PRO B 281 -21.53 0.61 -12.58
N CYS B 282 -21.31 -0.69 -12.73
CA CYS B 282 -22.04 -1.66 -11.92
C CYS B 282 -21.74 -1.44 -10.44
N ALA B 283 -22.80 -1.37 -9.62
CA ALA B 283 -22.61 -1.10 -8.20
C ALA B 283 -21.88 -2.24 -7.50
N LEU B 284 -21.96 -3.45 -8.07
CA LEU B 284 -21.40 -4.61 -7.40
C LEU B 284 -19.89 -4.51 -7.26
N CYS B 285 -19.21 -4.04 -8.31
CA CYS B 285 -17.76 -4.04 -8.30
C CYS B 285 -17.15 -2.80 -8.94
N LYS B 286 -17.92 -1.74 -9.16
CA LYS B 286 -17.43 -0.50 -9.77
C LYS B 286 -16.81 -0.71 -11.14
N LYS B 287 -17.08 -1.86 -11.76
CA LYS B 287 -16.58 -2.13 -13.09
C LYS B 287 -17.40 -1.37 -14.13
N ARG B 288 -16.92 -1.39 -15.37
CA ARG B 288 -17.68 -0.77 -16.45
C ARG B 288 -18.87 -1.62 -16.84
N SER B 289 -18.68 -2.92 -16.93
CA SER B 289 -19.73 -3.85 -17.32
C SER B 289 -19.38 -5.20 -16.72
N HIS B 290 -20.09 -6.24 -17.17
CA HIS B 290 -19.87 -7.59 -16.67
C HIS B 290 -19.81 -8.54 -17.84
N LYS B 291 -18.85 -9.46 -17.79
CA LYS B 291 -18.68 -10.43 -18.87
C LYS B 291 -19.91 -11.32 -19.02
N HIS B 292 -20.52 -11.72 -17.90
CA HIS B 292 -21.69 -12.56 -17.90
C HIS B 292 -22.81 -11.91 -17.08
N PRO B 293 -24.06 -12.19 -17.43
CA PRO B 293 -25.18 -11.67 -16.62
C PRO B 293 -25.20 -12.27 -15.23
N HIS B 294 -25.85 -11.56 -14.31
CA HIS B 294 -25.86 -11.88 -12.90
C HIS B 294 -26.86 -12.98 -12.56
N GLN B 295 -26.69 -13.53 -11.36
CA GLN B 295 -27.52 -14.62 -10.87
C GLN B 295 -27.72 -14.44 -9.37
N LEU B 296 -28.81 -15.03 -8.86
CA LEU B 296 -29.22 -14.85 -7.47
C LEU B 296 -29.95 -16.09 -7.00
N SER B 297 -29.73 -16.47 -5.74
CA SER B 297 -30.11 -17.79 -5.25
C SER B 297 -30.82 -17.68 -3.91
N LEU B 298 -31.07 -18.84 -3.29
CA LEU B 298 -31.88 -18.97 -2.09
C LEU B 298 -31.11 -19.72 -1.02
N GLU B 299 -31.08 -19.17 0.19
CA GLU B 299 -30.43 -19.82 1.33
C GLU B 299 -31.00 -19.25 2.62
N ASN B 300 -31.41 -20.14 3.52
CA ASN B 300 -31.89 -19.82 4.87
C ASN B 300 -32.83 -18.61 4.85
N GLY B 301 -33.81 -18.66 3.95
CA GLY B 301 -34.84 -17.63 3.87
C GLY B 301 -34.31 -16.26 3.53
N ALA B 302 -33.45 -16.17 2.51
CA ALA B 302 -32.87 -14.90 2.11
C ALA B 302 -32.45 -14.96 0.66
N ILE B 303 -32.25 -13.78 0.07
CA ILE B 303 -31.74 -13.65 -1.29
C ILE B 303 -30.38 -12.97 -1.23
N ARG B 304 -29.39 -13.63 -1.80
CA ARG B 304 -28.08 -13.04 -2.02
C ARG B 304 -27.88 -12.84 -3.51
N ILE B 305 -27.16 -11.79 -3.86
CA ILE B 305 -26.89 -11.44 -5.25
C ILE B 305 -25.38 -11.41 -5.46
N TYR B 306 -24.93 -12.10 -6.51
CA TYR B 306 -23.50 -12.33 -6.73
C TYR B 306 -23.19 -12.13 -8.20
N LYS B 307 -21.91 -12.26 -8.55
CA LYS B 307 -21.43 -12.05 -9.90
C LYS B 307 -20.99 -13.37 -10.49
N THR B 308 -21.57 -13.73 -11.64
CA THR B 308 -21.38 -15.05 -12.21
C THR B 308 -20.00 -15.20 -12.84
N GLY B 309 -19.68 -16.43 -13.22
CA GLY B 309 -18.40 -16.75 -13.83
C GLY B 309 -17.32 -16.91 -12.78
N ASN B 310 -16.33 -16.02 -12.79
CA ASN B 310 -15.26 -15.99 -11.81
C ASN B 310 -15.52 -14.84 -10.85
N PRO B 311 -16.19 -15.08 -9.73
CA PRO B 311 -16.55 -13.98 -8.84
C PRO B 311 -15.38 -13.51 -7.99
N HIS B 312 -14.22 -13.29 -8.61
CA HIS B 312 -13.07 -12.78 -7.89
C HIS B 312 -13.35 -11.40 -7.32
N SER B 313 -13.57 -10.42 -8.20
CA SER B 313 -13.75 -9.02 -7.78
C SER B 313 -15.24 -8.69 -7.75
N CYS B 314 -15.87 -9.12 -6.66
CA CYS B 314 -17.25 -8.76 -6.39
C CYS B 314 -17.52 -8.94 -4.90
N LYS B 315 -18.55 -8.25 -4.42
CA LYS B 315 -18.98 -8.34 -3.04
C LYS B 315 -20.32 -9.08 -2.99
N VAL B 316 -20.80 -9.29 -1.76
CA VAL B 316 -22.02 -10.06 -1.53
C VAL B 316 -22.99 -9.18 -0.74
N LYS B 317 -24.22 -9.09 -1.23
CA LYS B 317 -25.28 -8.38 -0.54
C LYS B 317 -26.48 -9.31 -0.40
N ILE B 318 -27.17 -9.20 0.73
CA ILE B 318 -28.29 -10.08 1.05
C ILE B 318 -29.51 -9.22 1.33
N VAL B 319 -30.62 -9.54 0.67
CA VAL B 319 -31.91 -8.93 0.94
C VAL B 319 -32.78 -9.98 1.66
N PRO B 320 -33.08 -9.78 2.94
CA PRO B 320 -33.79 -10.81 3.70
C PRO B 320 -35.25 -10.91 3.29
N LEU B 321 -35.82 -12.08 3.56
CA LEU B 321 -37.23 -12.36 3.31
C LEU B 321 -37.88 -12.72 4.65
N ASP B 322 -38.47 -11.74 5.31
CA ASP B 322 -39.10 -11.97 6.60
C ASP B 322 -40.25 -10.99 6.80
N GLY B 323 -41.44 -11.35 6.33
CA GLY B 323 -42.55 -10.41 6.28
C GLY B 323 -43.11 -10.05 7.62
N ASN B 324 -42.30 -9.35 8.43
CA ASN B 324 -42.74 -8.82 9.71
C ASN B 324 -43.18 -9.95 10.64
N LYS B 325 -42.18 -10.70 11.08
CA LYS B 325 -42.36 -11.90 11.88
C LYS B 325 -43.38 -11.73 13.00
N LEU B 326 -43.54 -10.51 13.53
CA LEU B 326 -44.54 -10.29 14.57
C LEU B 326 -45.95 -10.37 14.02
N PHE B 327 -46.17 -9.91 12.79
CA PHE B 327 -47.49 -10.11 12.20
C PHE B 327 -47.78 -11.57 11.96
N ASN B 328 -46.76 -12.36 11.66
CA ASN B 328 -46.98 -13.78 11.44
C ASN B 328 -47.20 -14.53 12.75
N ILE B 329 -46.51 -14.14 13.82
CA ILE B 329 -46.82 -14.69 15.14
C ILE B 329 -48.25 -14.35 15.52
N ALA B 330 -48.68 -13.11 15.27
CA ALA B 330 -50.04 -12.72 15.59
C ALA B 330 -51.04 -13.51 14.77
N GLN B 331 -50.74 -13.75 13.50
CA GLN B 331 -51.61 -14.56 12.66
C GLN B 331 -51.72 -15.97 13.19
N ARG B 332 -50.59 -16.57 13.61
CA ARG B 332 -50.64 -17.92 14.14
C ARG B 332 -51.49 -18.00 15.39
N ILE B 333 -51.21 -17.12 16.36
CA ILE B 333 -51.97 -17.12 17.60
C ILE B 333 -53.44 -16.87 17.34
N LEU B 334 -53.75 -16.07 16.34
CA LEU B 334 -55.15 -15.87 15.99
C LEU B 334 -55.75 -17.13 15.38
N ASP B 335 -54.91 -17.97 14.77
CA ASP B 335 -55.41 -19.19 14.13
C ASP B 335 -55.65 -20.32 15.10
N THR B 336 -55.29 -20.18 16.36
CA THR B 336 -55.57 -21.22 17.33
C THR B 336 -56.86 -20.98 18.10
N ASN B 337 -57.60 -19.93 17.76
CA ASN B 337 -58.91 -19.62 18.36
C ASN B 337 -58.82 -19.47 19.87
N SER B 338 -57.76 -18.82 20.35
CA SER B 338 -57.61 -18.57 21.78
C SER B 338 -58.12 -17.22 22.21
N VAL B 339 -58.30 -16.27 21.30
CA VAL B 339 -58.83 -14.95 21.60
C VAL B 339 -60.13 -14.78 20.84
N LEU B 340 -61.13 -14.22 21.50
CA LEU B 340 -62.40 -13.92 20.85
C LEU B 340 -62.95 -12.62 21.40
N LEU B 341 -63.81 -12.00 20.61
CA LEU B 341 -64.39 -10.69 20.93
C LEU B 341 -65.87 -10.89 21.23
N THR B 342 -66.29 -10.49 22.41
CA THR B 342 -67.67 -10.70 22.83
C THR B 342 -68.54 -9.53 22.40
N GLU B 343 -69.84 -9.81 22.20
CA GLU B 343 -70.77 -8.78 21.79
C GLU B 343 -70.85 -7.64 22.79
N ARG B 344 -70.47 -7.88 24.04
CA ARG B 344 -70.37 -6.81 25.02
C ARG B 344 -69.17 -5.91 24.76
N GLY B 345 -68.22 -6.34 23.93
CA GLY B 345 -67.02 -5.58 23.65
C GLY B 345 -65.76 -6.09 24.32
N ASP B 346 -65.87 -7.05 25.23
CA ASP B 346 -64.72 -7.61 25.91
C ASP B 346 -63.98 -8.61 25.02
N HIS B 347 -62.77 -8.94 25.44
CA HIS B 347 -61.98 -9.99 24.83
C HIS B 347 -61.89 -11.13 25.83
N ILE B 348 -62.33 -12.31 25.44
CA ILE B 348 -62.23 -13.50 26.28
C ILE B 348 -61.07 -14.33 25.78
N VAL B 349 -60.13 -14.65 26.65
CA VAL B 349 -58.97 -15.44 26.27
C VAL B 349 -59.07 -16.81 26.92
N TRP B 350 -58.50 -17.80 26.26
CA TRP B 350 -58.54 -19.19 26.69
C TRP B 350 -57.18 -19.58 27.26
N ILE B 351 -57.01 -19.35 28.55
CA ILE B 351 -55.75 -19.62 29.22
C ILE B 351 -56.03 -20.54 30.40
N ASN B 352 -55.25 -21.62 30.49
CA ASN B 352 -55.37 -22.61 31.55
C ASN B 352 -56.76 -23.24 31.59
N ASN B 353 -57.23 -23.65 30.41
CA ASN B 353 -58.45 -24.45 30.26
C ASN B 353 -59.67 -23.77 30.87
N SER B 354 -59.82 -22.47 30.61
CA SER B 354 -60.99 -21.72 31.04
C SER B 354 -61.04 -20.37 30.37
N TRP B 355 -62.19 -20.00 29.80
CA TRP B 355 -62.32 -18.75 29.06
C TRP B 355 -62.31 -17.60 30.06
N LYS B 356 -61.12 -17.23 30.50
CA LYS B 356 -60.98 -16.07 31.37
C LYS B 356 -61.20 -14.80 30.57
N PHE B 357 -61.64 -13.76 31.28
CA PHE B 357 -61.70 -12.44 30.65
C PHE B 357 -61.72 -11.38 31.72
N ASN B 358 -61.24 -10.19 31.36
CA ASN B 358 -61.17 -9.06 32.27
C ASN B 358 -61.11 -7.81 31.43
N SER B 359 -61.58 -6.71 32.02
CA SER B 359 -61.66 -5.43 31.33
C SER B 359 -60.72 -4.38 31.92
N GLU B 360 -60.11 -4.65 33.06
CA GLU B 360 -59.27 -3.69 33.75
C GLU B 360 -57.82 -4.12 33.88
N GLU B 361 -57.50 -5.40 33.70
CA GLU B 361 -56.13 -5.89 33.60
C GLU B 361 -56.04 -6.82 32.41
N PRO B 362 -56.15 -6.29 31.19
CA PRO B 362 -56.40 -7.15 30.02
C PRO B 362 -55.34 -8.23 29.85
N LEU B 363 -55.79 -9.39 29.39
CA LEU B 363 -55.06 -10.64 29.53
C LEU B 363 -54.31 -11.07 28.29
N ILE B 364 -54.40 -10.34 27.19
CA ILE B 364 -53.91 -10.88 25.93
C ILE B 364 -52.41 -11.15 26.00
N THR B 365 -51.67 -10.32 26.73
CA THR B 365 -50.24 -10.59 26.84
C THR B 365 -49.94 -11.74 27.79
N LYS B 366 -50.81 -12.02 28.76
CA LYS B 366 -50.70 -13.25 29.53
C LYS B 366 -50.82 -14.46 28.61
N LEU B 367 -51.79 -14.42 27.70
CA LEU B 367 -51.92 -15.48 26.71
C LEU B 367 -50.69 -15.60 25.86
N ILE B 368 -50.19 -14.48 25.34
CA ILE B 368 -49.07 -14.52 24.41
C ILE B 368 -47.85 -15.12 25.07
N LEU B 369 -47.57 -14.73 26.31
CA LEU B 369 -46.47 -15.37 27.00
C LEU B 369 -46.78 -16.83 27.28
N SER B 370 -48.06 -17.18 27.40
CA SER B 370 -48.42 -18.56 27.73
C SER B 370 -48.28 -19.49 26.53
N ILE B 371 -48.61 -19.02 25.32
CA ILE B 371 -48.74 -19.86 24.15
C ILE B 371 -47.46 -19.89 23.33
N ARG B 372 -46.34 -19.45 23.90
CA ARG B 372 -45.14 -19.34 23.09
C ARG B 372 -44.57 -20.69 22.70
N HIS B 373 -44.97 -21.76 23.39
CA HIS B 373 -44.43 -23.10 23.13
C HIS B 373 -45.04 -23.73 21.89
N GLN B 374 -46.27 -23.40 21.55
CA GLN B 374 -46.98 -24.02 20.45
C GLN B 374 -46.66 -23.40 19.13
N LEU B 375 -45.56 -22.69 19.02
CA LEU B 375 -45.12 -22.05 17.79
C LEU B 375 -43.74 -22.57 17.42
N PRO B 376 -43.35 -22.45 16.15
CA PRO B 376 -42.01 -22.88 15.75
C PRO B 376 -40.94 -22.25 16.62
N LYS B 377 -39.93 -23.05 16.98
CA LYS B 377 -38.95 -22.61 17.97
C LYS B 377 -38.15 -21.41 17.50
N GLU B 378 -38.17 -21.08 16.22
CA GLU B 378 -37.52 -19.84 15.82
C GLU B 378 -38.36 -18.61 16.16
N TYR B 379 -39.49 -18.81 16.84
CA TYR B 379 -40.33 -17.73 17.31
C TYR B 379 -40.38 -17.60 18.81
N SER B 380 -40.01 -18.63 19.55
CA SER B 380 -40.30 -18.68 20.97
C SER B 380 -39.40 -17.79 21.81
N SER B 381 -38.38 -17.18 21.24
CA SER B 381 -37.54 -16.26 22.01
C SER B 381 -37.81 -14.80 21.68
N GLU B 382 -38.72 -14.52 20.77
CA GLU B 382 -39.10 -13.14 20.50
C GLU B 382 -40.22 -12.69 21.40
N LEU B 383 -40.99 -13.61 21.95
CA LEU B 383 -42.07 -13.28 22.89
C LEU B 383 -41.59 -13.26 24.31
N LEU B 384 -40.34 -12.86 24.55
CA LEU B 384 -39.86 -12.61 25.89
C LEU B 384 -39.62 -11.13 26.16
N CYS B 385 -39.90 -10.26 25.19
CA CYS B 385 -39.73 -8.82 25.33
C CYS B 385 -41.10 -8.18 25.44
N PRO B 386 -41.40 -7.44 26.51
CA PRO B 386 -42.74 -6.87 26.65
C PRO B 386 -43.14 -5.96 25.51
N ARG B 387 -42.19 -5.26 24.89
CA ARG B 387 -42.49 -4.40 23.76
C ARG B 387 -43.03 -5.21 22.59
N LYS B 388 -42.41 -6.35 22.30
CA LYS B 388 -42.89 -7.20 21.22
C LYS B 388 -44.20 -7.87 21.58
N ARG B 389 -44.40 -8.22 22.84
CA ARG B 389 -45.69 -8.76 23.24
C ARG B 389 -46.80 -7.75 23.01
N LYS B 390 -46.53 -6.46 23.26
CA LYS B 390 -47.54 -5.46 22.99
C LYS B 390 -47.73 -5.21 21.50
N THR B 391 -46.68 -5.34 20.70
CA THR B 391 -46.88 -5.28 19.25
C THR B 391 -47.79 -6.41 18.76
N VAL B 392 -47.55 -7.62 19.25
CA VAL B 392 -48.40 -8.74 18.83
C VAL B 392 -49.82 -8.54 19.31
N GLU B 393 -50.01 -7.98 20.51
CA GLU B 393 -51.35 -7.71 20.99
C GLU B 393 -52.06 -6.68 20.12
N ALA B 394 -51.35 -5.65 19.67
CA ALA B 394 -51.98 -4.66 18.79
C ALA B 394 -52.41 -5.30 17.47
N ASN B 395 -51.55 -6.13 16.89
CA ASN B 395 -51.94 -6.86 15.69
C ASN B 395 -53.20 -7.68 15.93
N ILE B 396 -53.23 -8.40 17.06
CA ILE B 396 -54.36 -9.26 17.39
C ILE B 396 -55.64 -8.45 17.47
N ARG B 397 -55.61 -7.35 18.23
CA ARG B 397 -56.81 -6.55 18.42
C ARG B 397 -57.33 -6.01 17.09
N ASP B 398 -56.43 -5.63 16.18
CA ASP B 398 -56.91 -5.16 14.89
C ASP B 398 -57.37 -6.30 13.98
N MET B 399 -57.00 -7.54 14.28
CA MET B 399 -57.45 -8.67 13.47
C MET B 399 -58.92 -9.00 13.71
N LEU B 400 -59.40 -8.78 14.94
CA LEU B 400 -60.71 -9.26 15.38
C LEU B 400 -61.80 -8.26 15.01
N VAL B 401 -62.52 -8.54 13.94
CA VAL B 401 -63.61 -7.69 13.51
C VAL B 401 -64.96 -8.20 13.97
N ASP B 402 -65.21 -9.51 13.85
CA ASP B 402 -66.51 -10.08 14.19
C ASP B 402 -66.62 -10.44 15.66
N SER B 403 -67.80 -10.21 16.22
CA SER B 403 -68.12 -10.58 17.58
C SER B 403 -68.80 -11.94 17.61
N VAL B 404 -68.72 -12.60 18.77
CA VAL B 404 -69.26 -13.94 18.94
C VAL B 404 -70.36 -13.91 20.01
N GLU B 405 -71.20 -14.94 19.97
CA GLU B 405 -72.24 -15.14 20.96
C GLU B 405 -71.76 -16.15 21.99
N THR B 406 -71.79 -15.77 23.27
CA THR B 406 -71.28 -16.62 24.33
C THR B 406 -72.42 -17.28 25.07
N ASP B 407 -72.12 -18.43 25.68
CA ASP B 407 -73.06 -19.17 26.51
C ASP B 407 -74.34 -19.50 25.75
N THR B 408 -74.19 -20.36 24.74
CA THR B 408 -75.34 -20.79 23.97
C THR B 408 -75.76 -22.22 24.25
N TYR B 409 -74.97 -22.99 24.98
CA TYR B 409 -75.31 -24.37 25.26
C TYR B 409 -75.83 -24.48 26.68
N PRO B 410 -77.13 -24.75 26.88
CA PRO B 410 -77.69 -24.74 28.22
C PRO B 410 -77.62 -26.07 28.96
N ASP B 411 -77.27 -27.16 28.27
CA ASP B 411 -77.22 -28.49 28.86
C ASP B 411 -75.81 -28.92 29.21
N LYS B 412 -74.88 -27.99 29.34
CA LYS B 412 -73.51 -28.27 29.76
C LYS B 412 -73.24 -27.52 31.05
N LEU B 413 -72.17 -27.91 31.72
CA LEU B 413 -71.87 -27.33 33.02
C LEU B 413 -70.40 -26.99 33.13
N PRO B 414 -70.06 -25.72 33.18
CA PRO B 414 -68.64 -25.31 33.17
C PRO B 414 -68.00 -25.47 34.54
N PHE B 415 -67.10 -26.44 34.65
CA PHE B 415 -66.33 -26.62 35.87
C PHE B 415 -65.00 -25.88 35.73
N LYS B 416 -64.12 -26.06 36.72
CA LYS B 416 -62.84 -25.36 36.68
C LYS B 416 -61.92 -25.95 35.64
N ASN B 417 -61.82 -27.28 35.60
CA ASN B 417 -60.89 -27.97 34.72
C ASN B 417 -61.52 -28.43 33.42
N GLY B 418 -62.77 -28.07 33.17
CA GLY B 418 -63.43 -28.46 31.95
C GLY B 418 -64.92 -28.28 32.07
N VAL B 419 -65.61 -28.69 31.01
CA VAL B 419 -67.07 -28.63 30.96
C VAL B 419 -67.60 -30.05 31.10
N LEU B 420 -68.53 -30.24 32.03
CA LEU B 420 -69.13 -31.53 32.27
C LEU B 420 -70.45 -31.61 31.52
N ASP B 421 -70.55 -32.57 30.60
CA ASP B 421 -71.80 -32.76 29.88
C ASP B 421 -72.87 -33.33 30.81
N LEU B 422 -74.12 -32.96 30.55
CA LEU B 422 -75.24 -33.42 31.36
C LEU B 422 -76.16 -34.38 30.63
N VAL B 423 -76.18 -34.36 29.30
CA VAL B 423 -77.00 -35.31 28.57
C VAL B 423 -76.41 -36.72 28.68
N ASP B 424 -75.10 -36.84 28.55
CA ASP B 424 -74.43 -38.13 28.63
C ASP B 424 -73.75 -38.36 29.98
N GLY B 425 -72.79 -37.52 30.34
CA GLY B 425 -72.16 -37.66 31.64
C GLY B 425 -70.65 -37.51 31.63
N MET B 426 -70.03 -37.55 30.46
CA MET B 426 -68.57 -37.43 30.41
C MET B 426 -68.13 -36.01 30.67
N PHE B 427 -66.91 -35.86 31.15
CA PHE B 427 -66.34 -34.58 31.52
C PHE B 427 -65.25 -34.25 30.50
N TYR B 428 -65.59 -33.42 29.52
CA TYR B 428 -64.62 -33.02 28.53
C TYR B 428 -63.56 -32.12 29.17
N SER B 429 -62.45 -31.97 28.46
CA SER B 429 -61.41 -31.04 28.88
C SER B 429 -60.57 -30.70 27.66
N GLY B 430 -59.57 -29.84 27.87
CA GLY B 430 -58.70 -29.47 26.79
C GLY B 430 -59.47 -28.72 25.71
N ASP B 431 -59.00 -28.88 24.48
CA ASP B 431 -59.59 -28.14 23.36
C ASP B 431 -61.03 -28.56 23.10
N ASP B 432 -61.46 -29.70 23.63
CA ASP B 432 -62.84 -30.11 23.44
C ASP B 432 -63.79 -29.40 24.39
N ALA B 433 -63.30 -28.93 25.55
CA ALA B 433 -64.10 -28.07 26.39
C ALA B 433 -64.17 -26.65 25.85
N LYS B 434 -63.25 -26.29 24.96
CA LYS B 434 -63.16 -24.92 24.48
C LYS B 434 -64.33 -24.55 23.58
N LYS B 435 -64.92 -25.52 22.88
CA LYS B 435 -65.97 -25.21 21.92
C LYS B 435 -67.17 -24.56 22.59
N TYR B 436 -67.61 -25.11 23.72
CA TYR B 436 -68.76 -24.58 24.43
C TYR B 436 -68.29 -23.34 25.17
N THR B 437 -68.58 -22.17 24.62
CA THR B 437 -68.01 -20.93 25.14
C THR B 437 -68.72 -20.55 26.44
N CYS B 438 -68.33 -21.22 27.51
CA CYS B 438 -68.94 -21.04 28.82
C CYS B 438 -68.00 -20.25 29.71
N THR B 439 -68.46 -19.09 30.18
CA THR B 439 -67.60 -18.15 30.89
C THR B 439 -67.58 -18.37 32.40
N VAL B 440 -68.75 -18.51 33.02
CA VAL B 440 -68.84 -18.74 34.46
C VAL B 440 -68.24 -20.11 34.78
N SER B 441 -67.98 -20.37 36.06
CA SER B 441 -67.47 -21.68 36.46
C SER B 441 -67.86 -21.93 37.91
N THR B 442 -68.11 -23.21 38.24
CA THR B 442 -68.56 -23.53 39.59
C THR B 442 -67.50 -23.19 40.63
N GLY B 443 -66.24 -23.50 40.35
CA GLY B 443 -65.16 -23.20 41.26
C GLY B 443 -64.53 -24.38 41.95
N PHE B 444 -64.98 -25.60 41.66
CA PHE B 444 -64.38 -26.80 42.22
C PHE B 444 -63.84 -27.68 41.10
N LYS B 445 -62.57 -28.06 41.22
CA LYS B 445 -61.95 -28.90 40.20
C LYS B 445 -62.61 -30.26 40.18
N PHE B 446 -62.75 -30.80 38.97
CA PHE B 446 -63.45 -32.05 38.79
C PHE B 446 -62.48 -33.21 38.91
N ASP B 447 -62.88 -34.23 39.66
CA ASP B 447 -62.13 -35.49 39.76
C ASP B 447 -63.10 -36.62 39.45
N ASP B 448 -62.83 -37.37 38.38
CA ASP B 448 -63.68 -38.50 38.05
C ASP B 448 -63.59 -39.60 39.09
N THR B 449 -62.55 -39.58 39.94
CA THR B 449 -62.38 -40.63 40.93
C THR B 449 -63.54 -40.66 41.92
N LYS B 450 -63.84 -39.51 42.52
CA LYS B 450 -64.89 -39.41 43.53
C LYS B 450 -66.26 -39.11 42.93
N PHE B 451 -66.33 -38.80 41.64
CA PHE B 451 -67.60 -38.64 40.94
C PHE B 451 -68.15 -40.01 40.53
N VAL B 452 -68.49 -40.80 41.54
CA VAL B 452 -68.89 -42.18 41.34
C VAL B 452 -70.21 -42.44 42.03
N GLU B 453 -70.99 -43.37 41.47
CA GLU B 453 -72.29 -43.70 42.03
C GLU B 453 -72.16 -44.31 43.43
N ASP B 454 -71.58 -45.51 43.52
CA ASP B 454 -71.62 -46.25 44.78
C ASP B 454 -70.70 -45.61 45.81
N SER B 455 -71.30 -45.16 46.92
CA SER B 455 -70.57 -44.54 48.01
C SER B 455 -71.44 -44.52 49.27
N PRO B 456 -70.86 -44.75 50.45
CA PRO B 456 -71.65 -44.62 51.69
C PRO B 456 -72.23 -43.24 51.87
N GLU B 457 -71.52 -42.20 51.41
CA GLU B 457 -72.08 -40.85 51.45
C GLU B 457 -73.35 -40.77 50.62
N MET B 458 -73.36 -41.43 49.45
CA MET B 458 -74.57 -41.45 48.63
C MET B 458 -75.72 -42.12 49.38
N GLU B 459 -75.43 -43.23 50.08
CA GLU B 459 -76.48 -43.92 50.82
C GLU B 459 -77.03 -43.04 51.94
N GLU B 460 -76.14 -42.35 52.66
CA GLU B 460 -76.58 -41.41 53.69
C GLU B 460 -77.45 -40.32 53.07
N LEU B 461 -77.13 -39.92 51.84
CA LEU B 461 -77.91 -38.87 51.20
C LEU B 461 -79.29 -39.36 50.75
N MET B 462 -79.38 -40.60 50.25
CA MET B 462 -80.72 -41.15 50.02
C MET B 462 -81.51 -41.21 51.31
N ASN B 463 -80.85 -41.58 52.41
CA ASN B 463 -81.56 -41.59 53.70
C ASN B 463 -82.06 -40.20 54.04
N ILE B 464 -81.22 -39.18 53.88
CA ILE B 464 -81.62 -37.82 54.24
C ILE B 464 -82.76 -37.34 53.37
N ILE B 465 -82.68 -37.58 52.06
CA ILE B 465 -83.74 -37.10 51.17
C ILE B 465 -85.03 -37.87 51.37
N ASN B 466 -84.95 -39.16 51.69
CA ASN B 466 -86.16 -39.91 52.00
C ASN B 466 -86.77 -39.43 53.31
N ASP B 467 -85.96 -38.99 54.25
CA ASP B 467 -86.50 -38.33 55.44
C ASP B 467 -87.21 -37.05 55.07
N ILE B 468 -86.56 -36.19 54.28
CA ILE B 468 -87.16 -34.91 53.91
C ILE B 468 -88.32 -35.12 52.94
N GLN B 469 -88.12 -35.98 51.93
CA GLN B 469 -89.15 -36.29 50.95
C GLN B 469 -89.33 -37.80 50.90
N PRO B 470 -90.24 -38.33 51.71
CA PRO B 470 -90.49 -39.78 51.71
C PRO B 470 -91.09 -40.29 50.41
N LEU B 471 -90.97 -41.59 50.17
CA LEU B 471 -91.50 -42.23 48.98
C LEU B 471 -92.94 -42.71 49.16
N THR B 472 -93.57 -42.36 50.27
CA THR B 472 -94.96 -42.74 50.48
C THR B 472 -95.84 -42.15 49.40
N ASP B 473 -96.89 -42.90 49.02
CA ASP B 473 -97.69 -42.51 47.87
C ASP B 473 -98.39 -41.17 48.08
N GLU B 474 -98.62 -40.77 49.34
CA GLU B 474 -99.09 -39.41 49.59
C GLU B 474 -98.01 -38.38 49.27
N ASN B 475 -96.75 -38.79 49.27
CA ASN B 475 -95.62 -37.93 48.96
C ASN B 475 -95.09 -38.17 47.55
N LYS B 476 -95.81 -38.93 46.72
CA LYS B 476 -95.34 -39.21 45.37
C LYS B 476 -95.23 -37.93 44.55
N LYS B 477 -96.30 -37.13 44.52
CA LYS B 477 -96.27 -35.89 43.76
C LYS B 477 -95.29 -34.90 44.35
N ASN B 478 -95.28 -34.73 45.67
CA ASN B 478 -94.35 -33.80 46.30
C ASN B 478 -92.91 -34.21 46.03
N ARG B 479 -92.61 -35.51 46.19
CA ARG B 479 -91.25 -35.97 45.97
C ARG B 479 -90.84 -35.77 44.51
N GLU B 480 -91.73 -36.09 43.57
CA GLU B 480 -91.40 -35.92 42.16
C GLU B 480 -91.18 -34.46 41.81
N LEU B 481 -92.00 -33.56 42.36
CA LEU B 481 -91.88 -32.15 42.08
C LEU B 481 -90.58 -31.58 42.64
N TYR B 482 -90.23 -31.97 43.87
CA TYR B 482 -88.96 -31.55 44.45
C TYR B 482 -87.79 -32.11 43.66
N GLU B 483 -87.94 -33.34 43.16
CA GLU B 483 -86.95 -33.91 42.25
C GLU B 483 -86.76 -33.02 41.02
N LYS B 484 -87.87 -32.60 40.42
CA LYS B 484 -87.78 -31.77 39.22
C LYS B 484 -87.11 -30.43 39.52
N THR B 485 -87.47 -29.82 40.65
CA THR B 485 -86.93 -28.49 40.94
C THR B 485 -85.45 -28.53 41.29
N LEU B 486 -85.00 -29.54 42.02
CA LEU B 486 -83.58 -29.58 42.37
C LEU B 486 -82.69 -29.71 41.14
N SER B 487 -83.08 -30.55 40.18
CA SER B 487 -82.22 -30.77 39.02
C SER B 487 -82.14 -29.52 38.15
N SER B 488 -83.26 -28.82 37.97
CA SER B 488 -83.31 -27.76 36.97
C SER B 488 -82.41 -26.59 37.34
N CYS B 489 -81.94 -26.53 38.57
CA CYS B 489 -81.03 -25.46 38.94
C CYS B 489 -79.65 -25.69 38.35
N LEU B 490 -79.43 -26.83 37.69
CA LEU B 490 -78.20 -27.03 36.93
C LEU B 490 -78.32 -26.53 35.50
N CYS B 491 -79.47 -26.74 34.85
CA CYS B 491 -79.66 -26.31 33.47
C CYS B 491 -79.50 -24.80 33.36
N GLY B 492 -78.74 -24.37 32.37
CA GLY B 492 -78.49 -22.96 32.16
C GLY B 492 -79.35 -22.27 31.14
N ALA B 493 -80.67 -22.28 31.34
CA ALA B 493 -81.57 -21.53 30.50
C ALA B 493 -82.44 -20.65 31.38
N THR B 494 -83.48 -20.05 30.83
CA THR B 494 -84.39 -19.22 31.60
C THR B 494 -85.57 -20.06 32.08
N LYS B 495 -85.66 -20.23 33.40
CA LYS B 495 -86.73 -21.00 34.01
C LYS B 495 -87.94 -20.10 34.24
N GLY B 496 -89.03 -20.40 33.54
CA GLY B 496 -90.19 -19.52 33.51
C GLY B 496 -91.17 -19.64 34.65
N CYS B 497 -91.01 -20.58 35.57
CA CYS B 497 -91.95 -20.77 36.65
C CYS B 497 -91.20 -20.94 37.96
N LEU B 498 -91.52 -20.09 38.93
CA LEU B 498 -90.90 -20.19 40.24
C LEU B 498 -91.43 -21.41 40.99
N THR B 499 -90.79 -21.69 42.12
CA THR B 499 -91.29 -22.67 43.07
C THR B 499 -91.18 -22.08 44.47
N PHE B 500 -92.27 -22.14 45.21
CA PHE B 500 -92.31 -21.68 46.60
C PHE B 500 -92.12 -22.87 47.52
N PHE B 501 -91.08 -22.84 48.34
CA PHE B 501 -90.75 -23.97 49.20
C PHE B 501 -91.43 -23.79 50.55
N PHE B 502 -92.72 -24.08 50.57
CA PHE B 502 -93.52 -23.85 51.76
C PHE B 502 -93.35 -24.99 52.76
N GLY B 503 -93.28 -24.64 54.04
CA GLY B 503 -93.10 -25.62 55.10
C GLY B 503 -92.81 -24.95 56.43
N GLU B 504 -92.82 -25.72 57.52
CA GLU B 504 -92.60 -25.13 58.83
C GLU B 504 -91.11 -25.05 59.12
N THR B 505 -90.79 -24.64 60.35
CA THR B 505 -89.39 -24.53 60.77
C THR B 505 -88.77 -25.92 60.91
N ALA B 506 -87.49 -26.01 60.56
CA ALA B 506 -86.73 -27.25 60.65
C ALA B 506 -87.38 -28.37 59.83
N THR B 507 -87.73 -28.04 58.57
CA THR B 507 -88.28 -29.01 57.64
C THR B 507 -87.31 -29.29 56.49
N GLY B 508 -86.02 -29.15 56.75
CA GLY B 508 -85.00 -29.47 55.77
C GLY B 508 -84.72 -28.40 54.74
N LYS B 509 -85.42 -27.26 54.81
CA LYS B 509 -85.22 -26.21 53.80
C LYS B 509 -83.81 -25.63 53.89
N SER B 510 -83.38 -25.28 55.12
CA SER B 510 -82.02 -24.81 55.30
C SER B 510 -81.00 -25.87 54.90
N THR B 511 -81.32 -27.13 55.18
CA THR B 511 -80.42 -28.23 54.81
C THR B 511 -80.23 -28.30 53.30
N THR B 512 -81.32 -28.27 52.54
CA THR B 512 -81.22 -28.33 51.09
C THR B 512 -80.52 -27.10 50.55
N LYS B 513 -80.77 -25.93 51.13
CA LYS B 513 -80.02 -24.74 50.75
C LYS B 513 -78.53 -24.99 50.91
N ARG B 514 -78.12 -25.48 52.08
CA ARG B 514 -76.70 -25.69 52.33
C ARG B 514 -76.11 -26.70 51.35
N LEU B 515 -76.85 -27.78 51.09
CA LEU B 515 -76.36 -28.80 50.16
C LEU B 515 -76.18 -28.24 48.76
N LEU B 516 -77.18 -27.53 48.25
CA LEU B 516 -77.10 -27.00 46.90
C LEU B 516 -76.01 -25.95 46.77
N LYS B 517 -75.91 -25.05 47.75
CA LYS B 517 -74.88 -24.03 47.74
C LYS B 517 -73.50 -24.66 47.78
N SER B 518 -73.33 -25.71 48.58
CA SER B 518 -72.06 -26.41 48.60
C SER B 518 -71.76 -27.07 47.26
N ALA B 519 -72.76 -27.71 46.66
CA ALA B 519 -72.51 -28.56 45.50
C ALA B 519 -72.29 -27.75 44.23
N ILE B 520 -73.26 -26.90 43.86
CA ILE B 520 -73.24 -26.31 42.53
C ILE B 520 -72.05 -25.38 42.32
N GLY B 521 -71.40 -24.94 43.38
CA GLY B 521 -70.27 -24.04 43.25
C GLY B 521 -70.70 -22.60 43.34
N ASP B 522 -70.14 -21.75 42.49
CA ASP B 522 -70.38 -20.32 42.54
C ASP B 522 -71.51 -19.86 41.62
N LEU B 523 -72.14 -20.79 40.91
CA LEU B 523 -73.23 -20.42 40.01
C LEU B 523 -74.52 -20.11 40.75
N PHE B 524 -74.51 -20.23 42.07
CA PHE B 524 -75.68 -20.01 42.92
C PHE B 524 -75.47 -18.75 43.76
N VAL B 525 -76.51 -17.94 43.88
CA VAL B 525 -76.45 -16.71 44.64
C VAL B 525 -77.61 -16.68 45.63
N GLU B 526 -77.32 -16.28 46.87
CA GLU B 526 -78.32 -16.17 47.91
C GLU B 526 -78.54 -14.70 48.24
N THR B 527 -79.81 -14.30 48.37
CA THR B 527 -80.16 -12.92 48.60
C THR B 527 -81.46 -12.85 49.39
N GLY B 528 -81.77 -11.63 49.87
CA GLY B 528 -82.96 -11.41 50.68
C GLY B 528 -84.19 -11.10 49.85
N GLN B 529 -85.22 -10.60 50.54
CA GLN B 529 -86.51 -10.34 49.95
C GLN B 529 -86.64 -8.94 49.37
N THR B 530 -85.55 -8.19 49.33
CA THR B 530 -85.62 -6.80 48.88
C THR B 530 -86.03 -6.72 47.41
N ILE B 531 -85.48 -7.58 46.57
CA ILE B 531 -85.65 -7.45 45.12
C ILE B 531 -87.12 -7.58 44.73
N LEU B 532 -87.90 -8.33 45.50
CA LEU B 532 -89.30 -8.53 45.16
C LEU B 532 -90.19 -7.39 45.59
N THR B 533 -89.72 -6.52 46.49
CA THR B 533 -90.57 -5.47 47.05
C THR B 533 -90.00 -4.08 46.77
N ASP B 534 -89.41 -3.88 45.59
CA ASP B 534 -88.89 -2.59 45.19
C ASP B 534 -89.02 -2.44 43.69
N VAL B 535 -88.55 -1.31 43.17
CA VAL B 535 -88.54 -1.05 41.74
C VAL B 535 -87.25 -1.59 41.13
N LEU B 536 -87.37 -2.54 40.22
CA LEU B 536 -86.19 -3.17 39.63
C LEU B 536 -85.36 -2.17 38.84
N ASP B 537 -86.02 -1.29 38.09
CA ASP B 537 -85.28 -0.33 37.27
C ASP B 537 -84.59 0.71 38.15
N LYS B 538 -85.39 1.54 38.82
CA LYS B 538 -84.94 2.51 39.82
C LYS B 538 -83.59 3.12 39.50
N GLY B 539 -82.68 3.12 40.47
CA GLY B 539 -81.32 3.55 40.27
C GLY B 539 -80.38 2.38 40.16
N PRO B 540 -79.13 2.56 40.59
CA PRO B 540 -78.15 1.47 40.54
C PRO B 540 -78.49 0.40 41.58
N ASN B 541 -78.53 -0.85 41.14
CA ASN B 541 -78.88 -1.97 42.00
C ASN B 541 -77.86 -3.08 41.85
N PRO B 542 -77.27 -3.58 42.94
CA PRO B 542 -76.40 -4.75 42.83
C PRO B 542 -77.18 -6.05 42.74
N PHE B 543 -78.33 -6.08 43.42
CA PHE B 543 -79.12 -7.31 43.49
C PHE B 543 -79.63 -7.72 42.12
N ILE B 544 -79.78 -6.78 41.19
CA ILE B 544 -80.18 -7.11 39.83
C ILE B 544 -78.98 -7.31 38.91
N ALA B 545 -77.83 -6.72 39.24
CA ALA B 545 -76.68 -6.74 38.35
C ALA B 545 -75.70 -7.87 38.65
N ASN B 546 -75.79 -8.50 39.81
CA ASN B 546 -74.89 -9.61 40.12
C ASN B 546 -75.36 -10.93 39.52
N MET B 547 -76.63 -11.03 39.15
CA MET B 547 -77.21 -12.29 38.68
C MET B 547 -77.08 -12.46 37.18
N HIS B 548 -76.09 -11.83 36.57
CA HIS B 548 -75.83 -12.06 35.15
C HIS B 548 -75.23 -13.44 34.95
N LEU B 549 -75.93 -14.28 34.20
CA LEU B 549 -75.50 -15.64 33.86
C LEU B 549 -75.44 -16.57 35.06
N LYS B 550 -75.98 -16.17 36.21
CA LYS B 550 -76.04 -17.05 37.36
C LYS B 550 -77.10 -18.12 37.15
N ARG B 551 -76.90 -19.27 37.79
CA ARG B 551 -77.77 -20.42 37.60
C ARG B 551 -78.87 -20.52 38.65
N SER B 552 -78.60 -20.12 39.89
CA SER B 552 -79.58 -20.28 40.95
C SER B 552 -79.60 -19.06 41.86
N VAL B 553 -80.80 -18.58 42.16
CA VAL B 553 -81.01 -17.47 43.08
C VAL B 553 -82.04 -17.89 44.12
N PHE B 554 -81.83 -17.46 45.36
CA PHE B 554 -82.50 -18.02 46.51
C PHE B 554 -82.94 -16.92 47.45
N CYS B 555 -84.01 -17.18 48.21
CA CYS B 555 -84.58 -16.18 49.13
C CYS B 555 -85.30 -16.90 50.26
N SER B 556 -84.94 -16.59 51.49
CA SER B 556 -85.63 -17.10 52.67
C SER B 556 -86.03 -15.95 53.59
N GLU B 557 -86.40 -16.33 54.81
CA GLU B 557 -86.81 -15.44 55.90
C GLU B 557 -87.71 -14.32 55.37
N LEU B 558 -88.83 -14.76 54.81
CA LEU B 558 -89.79 -13.84 54.23
C LEU B 558 -90.39 -12.98 55.35
N PRO B 559 -90.52 -11.69 55.14
CA PRO B 559 -91.07 -10.82 56.18
C PRO B 559 -92.58 -10.98 56.27
N ASP B 560 -93.01 -11.97 57.06
CA ASP B 560 -94.42 -12.35 57.16
C ASP B 560 -95.32 -11.13 57.25
N PHE B 561 -96.31 -11.08 56.35
CA PHE B 561 -97.20 -9.94 56.24
C PHE B 561 -98.40 -10.04 57.19
N ALA B 562 -98.48 -11.12 57.97
CA ALA B 562 -99.53 -11.23 58.97
C ALA B 562 -99.42 -10.12 60.01
N CYS B 563 -98.20 -9.81 60.43
CA CYS B 563 -97.95 -8.65 61.28
C CYS B 563 -97.73 -7.41 60.41
N SER B 564 -98.19 -6.27 60.89
CA SER B 564 -98.01 -5.03 60.15
C SER B 564 -96.56 -4.56 60.23
N GLY B 565 -96.06 -4.03 59.11
CA GLY B 565 -94.71 -3.54 59.07
C GLY B 565 -93.95 -3.98 57.83
N SER B 566 -94.37 -5.11 57.25
CA SER B 566 -93.73 -5.66 56.07
C SER B 566 -94.53 -5.29 54.84
N LYS B 567 -93.85 -4.73 53.84
CA LYS B 567 -94.52 -4.35 52.61
C LYS B 567 -95.01 -5.58 51.87
N LYS B 568 -96.26 -5.54 51.42
CA LYS B 568 -96.85 -6.67 50.70
C LYS B 568 -96.07 -6.92 49.42
N ILE B 569 -95.96 -8.21 49.07
CA ILE B 569 -95.18 -8.62 47.90
C ILE B 569 -95.76 -7.95 46.66
N ARG B 570 -94.91 -7.78 45.65
CA ARG B 570 -95.33 -7.12 44.41
C ARG B 570 -95.40 -8.16 43.29
N SER B 571 -96.60 -8.34 42.74
CA SER B 571 -96.81 -9.41 41.76
C SER B 571 -96.16 -9.12 40.41
N ASP B 572 -95.72 -7.89 40.17
CA ASP B 572 -95.04 -7.59 38.91
C ASP B 572 -93.70 -8.33 38.82
N ASN B 573 -92.97 -8.40 39.93
CA ASN B 573 -91.65 -9.01 39.92
C ASN B 573 -91.73 -10.48 39.54
N ILE B 574 -92.75 -11.19 40.03
CA ILE B 574 -92.95 -12.58 39.63
C ILE B 574 -93.19 -12.65 38.13
N LYS B 575 -93.73 -11.60 37.53
CA LYS B 575 -93.76 -11.52 36.09
C LYS B 575 -92.52 -10.86 35.53
N LYS B 576 -91.80 -10.08 36.34
CA LYS B 576 -90.56 -9.47 35.87
C LYS B 576 -89.41 -10.47 35.85
N LEU B 577 -89.38 -11.40 36.80
CA LEU B 577 -88.26 -12.33 36.95
C LEU B 577 -88.47 -13.63 36.18
N THR B 578 -89.21 -13.58 35.08
CA THR B 578 -89.46 -14.74 34.25
C THR B 578 -88.98 -14.57 32.83
N GLU B 579 -89.03 -13.35 32.28
CA GLU B 579 -88.55 -13.14 30.92
C GLU B 579 -87.05 -13.45 30.84
N PRO B 580 -86.57 -13.88 29.67
CA PRO B 580 -85.14 -14.20 29.55
C PRO B 580 -84.24 -13.02 29.81
N CYS B 581 -84.71 -11.79 29.61
CA CYS B 581 -83.90 -10.60 29.79
C CYS B 581 -84.39 -9.82 30.99
N VAL B 582 -83.47 -9.46 31.88
CA VAL B 582 -83.77 -8.65 33.05
C VAL B 582 -83.31 -7.22 32.76
N ILE B 583 -84.21 -6.27 32.98
CA ILE B 583 -83.99 -4.87 32.61
C ILE B 583 -83.51 -4.12 33.85
N GLY B 584 -82.31 -3.57 33.77
CA GLY B 584 -81.73 -2.85 34.88
C GLY B 584 -80.25 -2.63 34.70
N ARG B 585 -79.73 -1.55 35.28
CA ARG B 585 -78.33 -1.20 35.05
C ARG B 585 -77.51 -1.37 36.33
N PRO B 586 -76.21 -1.62 36.22
CA PRO B 586 -75.38 -1.83 37.41
C PRO B 586 -75.01 -0.55 38.12
N CYS B 587 -74.07 -0.65 39.06
CA CYS B 587 -73.61 0.50 39.82
C CYS B 587 -72.85 1.46 38.92
N PHE B 588 -73.49 2.59 38.58
CA PHE B 588 -72.90 3.63 37.74
C PHE B 588 -72.42 3.05 36.40
N SER B 589 -73.39 2.52 35.65
CA SER B 589 -73.11 1.96 34.33
C SER B 589 -74.34 2.13 33.46
N ASN B 590 -74.19 1.82 32.18
CA ASN B 590 -75.22 2.05 31.19
C ASN B 590 -75.67 0.79 30.47
N LYS B 591 -75.33 -0.39 30.99
CA LYS B 591 -75.79 -1.65 30.41
C LYS B 591 -77.08 -2.05 31.10
N ILE B 592 -78.20 -1.91 30.39
CA ILE B 592 -79.51 -2.21 30.94
C ILE B 592 -79.97 -3.62 30.57
N ASN B 593 -79.03 -4.49 30.15
CA ASN B 593 -79.35 -5.84 29.74
C ASN B 593 -78.66 -6.83 30.66
N ASN B 594 -79.42 -7.80 31.16
CA ASN B 594 -78.89 -8.94 31.88
C ASN B 594 -79.48 -10.21 31.29
N ARG B 595 -78.72 -11.29 31.36
CA ARG B 595 -79.16 -12.60 30.90
C ARG B 595 -79.59 -13.43 32.11
N ASN B 596 -80.82 -13.92 32.08
CA ASN B 596 -81.44 -14.57 33.23
C ASN B 596 -81.40 -16.08 33.04
N HIS B 597 -80.35 -16.70 33.55
CA HIS B 597 -80.26 -18.14 33.66
C HIS B 597 -80.60 -18.63 35.06
N ALA B 598 -80.96 -17.73 35.96
CA ALA B 598 -81.14 -18.08 37.36
C ALA B 598 -82.41 -18.88 37.58
N THR B 599 -82.40 -19.71 38.63
CA THR B 599 -83.60 -20.36 39.12
C THR B 599 -83.94 -19.74 40.47
N ILE B 600 -85.21 -19.41 40.65
CA ILE B 600 -85.65 -18.66 41.81
C ILE B 600 -86.26 -19.61 42.82
N ILE B 601 -85.74 -19.59 44.04
CA ILE B 601 -86.21 -20.46 45.12
C ILE B 601 -86.61 -19.58 46.29
N ILE B 602 -87.86 -19.71 46.72
CA ILE B 602 -88.39 -18.94 47.84
C ILE B 602 -89.03 -19.91 48.83
N ASP B 603 -88.64 -19.79 50.11
CA ASP B 603 -89.19 -20.62 51.17
C ASP B 603 -89.54 -19.76 52.37
N THR B 604 -90.56 -20.19 53.09
CA THR B 604 -90.98 -19.54 54.33
C THR B 604 -91.87 -20.49 55.10
N ASN B 605 -92.43 -19.99 56.20
CA ASN B 605 -93.27 -20.80 57.07
C ASN B 605 -94.74 -20.40 57.04
N TYR B 606 -95.15 -19.55 56.11
CA TYR B 606 -96.54 -19.13 56.01
C TYR B 606 -96.96 -19.05 54.55
N LYS B 607 -98.24 -19.27 54.30
CA LYS B 607 -98.76 -19.17 52.94
C LYS B 607 -98.75 -17.71 52.49
N PRO B 608 -98.41 -17.45 51.23
CA PRO B 608 -98.17 -16.07 50.79
C PRO B 608 -99.46 -15.34 50.41
N VAL B 609 -99.34 -14.02 50.33
CA VAL B 609 -100.43 -13.15 49.90
C VAL B 609 -99.89 -12.18 48.86
N PHE B 610 -100.64 -12.01 47.78
CA PHE B 610 -100.24 -11.19 46.65
C PHE B 610 -101.17 -9.99 46.50
N ASP B 611 -100.62 -8.89 46.01
CA ASP B 611 -101.43 -7.67 45.84
C ASP B 611 -102.48 -7.86 44.77
N ARG B 612 -102.10 -8.43 43.63
CA ARG B 612 -103.00 -8.63 42.50
C ARG B 612 -102.79 -10.02 41.94
N ILE B 613 -103.85 -10.82 41.89
CA ILE B 613 -103.78 -12.19 41.42
C ILE B 613 -104.70 -12.35 40.23
N ASP B 614 -104.16 -12.87 39.14
CA ASP B 614 -104.94 -13.14 37.93
C ASP B 614 -104.26 -14.30 37.21
N ASN B 615 -104.60 -14.48 35.93
CA ASN B 615 -104.01 -15.57 35.16
C ASN B 615 -102.51 -15.43 35.00
N ALA B 616 -102.00 -14.19 34.95
CA ALA B 616 -100.57 -13.98 34.77
C ALA B 616 -99.78 -14.57 35.93
N LEU B 617 -100.16 -14.21 37.15
CA LEU B 617 -99.51 -14.79 38.32
C LEU B 617 -99.85 -16.26 38.51
N MET B 618 -100.87 -16.76 37.81
CA MET B 618 -101.31 -18.13 38.02
C MET B 618 -100.33 -19.13 37.44
N ARG B 619 -99.80 -18.87 36.25
CA ARG B 619 -98.97 -19.85 35.56
C ARG B 619 -97.53 -19.88 36.06
N ARG B 620 -97.14 -19.00 36.98
CA ARG B 620 -95.75 -18.86 37.36
C ARG B 620 -95.48 -19.18 38.82
N ILE B 621 -96.41 -19.83 39.53
CA ILE B 621 -96.25 -20.14 40.94
C ILE B 621 -96.40 -21.64 41.15
N ALA B 622 -95.40 -22.25 41.76
CA ALA B 622 -95.45 -23.64 42.17
C ALA B 622 -95.00 -23.73 43.62
N VAL B 623 -95.46 -24.77 44.31
CA VAL B 623 -95.19 -24.95 45.72
C VAL B 623 -94.64 -26.36 45.95
N VAL B 624 -93.55 -26.45 46.70
CA VAL B 624 -93.02 -27.72 47.19
C VAL B 624 -93.20 -27.73 48.70
N ARG B 625 -93.96 -28.71 49.19
CA ARG B 625 -94.34 -28.76 50.59
C ARG B 625 -93.28 -29.45 51.44
N PHE B 626 -93.06 -28.91 52.64
CA PHE B 626 -92.10 -29.43 53.61
C PHE B 626 -92.80 -29.71 54.93
N ARG B 627 -92.59 -30.91 55.47
CA ARG B 627 -93.13 -31.24 56.77
C ARG B 627 -92.20 -32.09 57.63
N THR B 628 -91.04 -32.49 57.13
CA THR B 628 -90.13 -33.31 57.91
C THR B 628 -89.62 -32.53 59.12
N HIS B 629 -89.26 -33.26 60.17
CA HIS B 629 -88.84 -32.64 61.41
C HIS B 629 -87.53 -33.24 61.89
N PHE B 630 -86.73 -32.42 62.56
CA PHE B 630 -85.52 -32.89 63.22
C PHE B 630 -85.16 -31.92 64.35
N SER B 631 -85.18 -32.43 65.58
CA SER B 631 -84.86 -31.62 66.75
C SER B 631 -84.23 -32.52 67.80
N GLN B 632 -83.72 -31.90 68.86
CA GLN B 632 -83.10 -32.65 69.94
C GLN B 632 -84.17 -33.43 70.71
N PRO B 633 -83.78 -34.54 71.36
CA PRO B 633 -84.77 -35.36 72.06
C PRO B 633 -85.48 -34.65 73.20
N SER B 634 -84.94 -33.55 73.71
CA SER B 634 -85.61 -32.82 74.78
C SER B 634 -86.98 -32.32 74.35
N GLY B 635 -87.07 -31.79 73.13
CA GLY B 635 -88.32 -31.36 72.56
C GLY B 635 -89.01 -32.41 71.69
N ARG B 636 -88.52 -33.66 71.69
CA ARG B 636 -89.12 -34.69 70.85
C ARG B 636 -90.55 -34.99 71.27
N GLU B 637 -90.83 -34.90 72.58
CA GLU B 637 -92.19 -35.14 73.06
C GLU B 637 -93.17 -34.13 72.47
N ALA B 638 -92.80 -32.84 72.50
CA ALA B 638 -93.65 -31.82 71.91
C ALA B 638 -93.74 -31.97 70.39
N ALA B 639 -92.65 -32.39 69.76
CA ALA B 639 -92.68 -32.64 68.32
C ALA B 639 -93.58 -33.83 67.98
N GLU B 640 -93.53 -34.89 68.80
CA GLU B 640 -94.38 -36.05 68.55
C GLU B 640 -95.84 -35.79 68.87
N ASN B 641 -96.15 -34.69 69.57
CA ASN B 641 -97.53 -34.26 69.80
C ASN B 641 -97.89 -33.08 68.89
N ASN B 642 -97.42 -33.10 67.66
CA ASN B 642 -97.62 -32.00 66.72
C ASN B 642 -98.40 -32.47 65.50
N ASP B 643 -98.98 -31.51 64.78
CA ASP B 643 -99.75 -31.80 63.58
C ASP B 643 -99.04 -31.39 62.29
N ALA B 644 -98.07 -30.49 62.36
CA ALA B 644 -97.42 -30.00 61.15
C ALA B 644 -96.58 -31.08 60.50
N TYR B 645 -95.88 -31.88 61.30
CA TYR B 645 -94.93 -32.86 60.79
C TYR B 645 -95.63 -34.20 60.56
N ASP B 646 -95.39 -34.78 59.39
CA ASP B 646 -95.83 -36.15 59.13
C ASP B 646 -94.94 -37.18 59.79
N LYS B 647 -93.76 -36.78 60.26
CA LYS B 647 -92.87 -37.66 61.00
C LYS B 647 -91.96 -36.82 61.87
N VAL B 648 -91.46 -37.43 62.94
CA VAL B 648 -90.60 -36.77 63.91
C VAL B 648 -89.35 -37.62 64.12
N LYS B 649 -88.18 -37.00 64.01
CA LYS B 649 -86.91 -37.67 64.23
C LYS B 649 -85.96 -36.72 64.94
N LEU B 650 -84.91 -37.31 65.52
CA LEU B 650 -83.93 -36.55 66.26
C LEU B 650 -83.04 -35.73 65.32
N LEU B 651 -82.48 -34.66 65.86
CA LEU B 651 -81.57 -33.82 65.10
C LEU B 651 -80.13 -34.28 65.32
N ASP B 652 -79.33 -34.23 64.27
CA ASP B 652 -77.92 -34.59 64.32
C ASP B 652 -77.08 -33.32 64.29
N GLU B 653 -76.25 -33.15 65.32
CA GLU B 653 -75.32 -32.02 65.32
C GLU B 653 -74.23 -32.21 64.27
N GLY B 654 -73.82 -33.45 64.01
CA GLY B 654 -72.72 -33.70 63.10
C GLY B 654 -73.07 -33.67 61.64
N LEU B 655 -74.35 -33.70 61.29
CA LEU B 655 -74.74 -33.66 59.88
C LEU B 655 -74.32 -32.36 59.21
N ASP B 656 -74.53 -31.24 59.91
CA ASP B 656 -74.14 -29.95 59.36
C ASP B 656 -72.63 -29.86 59.19
N GLY B 657 -71.88 -30.40 60.16
CA GLY B 657 -70.43 -30.45 59.99
C GLY B 657 -70.02 -31.32 58.82
N LYS B 658 -70.67 -32.48 58.66
CA LYS B 658 -70.34 -33.39 57.56
C LYS B 658 -70.58 -32.73 56.22
N ILE B 659 -71.72 -32.05 56.06
CA ILE B 659 -71.97 -31.37 54.79
C ILE B 659 -71.04 -30.17 54.62
N GLN B 660 -70.64 -29.54 55.73
CA GLN B 660 -69.72 -28.41 55.63
C GLN B 660 -68.34 -28.85 55.18
N ASN B 661 -67.93 -30.07 55.54
CA ASN B 661 -66.62 -30.59 55.19
C ASN B 661 -66.56 -31.11 53.76
N ASN B 662 -67.50 -30.71 52.90
CA ASN B 662 -67.54 -31.08 51.49
C ASN B 662 -67.64 -32.59 51.30
N ARG B 663 -68.23 -33.29 52.27
CA ARG B 663 -68.25 -34.74 52.23
C ARG B 663 -69.12 -35.26 51.09
N TYR B 664 -70.34 -34.73 50.96
CA TYR B 664 -71.32 -35.26 50.04
C TYR B 664 -71.38 -34.50 48.73
N ARG B 665 -70.34 -33.72 48.40
CA ARG B 665 -70.42 -32.82 47.26
C ARG B 665 -70.78 -33.55 45.98
N PHE B 666 -69.91 -34.44 45.53
CA PHE B 666 -70.09 -35.00 44.19
C PHE B 666 -71.12 -36.11 44.17
N ALA B 667 -71.41 -36.72 45.32
CA ALA B 667 -72.57 -37.61 45.38
C ALA B 667 -73.86 -36.82 45.24
N PHE B 668 -73.94 -35.65 45.88
CA PHE B 668 -75.10 -34.77 45.67
C PHE B 668 -75.19 -34.36 44.21
N LEU B 669 -74.05 -34.03 43.61
CA LEU B 669 -74.04 -33.68 42.20
C LEU B 669 -74.45 -34.86 41.32
N TYR B 670 -74.08 -36.07 41.70
CA TYR B 670 -74.51 -37.23 40.93
C TYR B 670 -76.01 -37.45 41.07
N LEU B 671 -76.55 -37.21 42.26
CA LEU B 671 -78.00 -37.23 42.43
C LEU B 671 -78.66 -36.24 41.48
N LEU B 672 -78.13 -35.02 41.45
CA LEU B 672 -78.70 -33.99 40.59
C LEU B 672 -78.59 -34.37 39.12
N VAL B 673 -77.45 -34.95 38.72
CA VAL B 673 -77.26 -35.35 37.34
C VAL B 673 -78.22 -36.47 36.96
N LYS B 674 -78.37 -37.46 37.85
CA LYS B 674 -79.31 -38.54 37.57
C LYS B 674 -80.74 -38.01 37.49
N TRP B 675 -81.06 -36.99 38.29
CA TRP B 675 -82.39 -36.42 38.22
C TRP B 675 -82.59 -35.63 36.93
N TYR B 676 -81.56 -34.89 36.50
CA TYR B 676 -81.64 -34.27 35.19
C TYR B 676 -81.76 -35.33 34.10
N LYS B 677 -81.18 -36.49 34.33
CA LYS B 677 -81.39 -37.63 33.45
C LYS B 677 -82.83 -38.10 33.48
N LYS B 678 -83.49 -37.99 34.64
CA LYS B 678 -84.89 -38.35 34.73
C LYS B 678 -85.75 -37.44 33.84
N TYR B 679 -85.43 -36.15 33.79
CA TYR B 679 -86.14 -35.18 32.97
C TYR B 679 -85.13 -34.46 32.08
N HIS B 680 -84.81 -35.08 30.95
CA HIS B 680 -83.89 -34.53 29.96
C HIS B 680 -84.52 -34.46 28.58
N ILE B 681 -85.84 -34.47 28.52
CA ILE B 681 -86.54 -34.37 27.23
C ILE B 681 -86.12 -33.08 26.55
N PRO B 682 -85.92 -33.07 25.22
CA PRO B 682 -85.53 -31.83 24.55
C PRO B 682 -86.50 -30.67 24.80
N ILE B 683 -87.66 -30.96 25.37
CA ILE B 683 -88.54 -29.94 25.92
C ILE B 683 -88.42 -30.01 27.44
N MET B 684 -87.85 -28.95 28.03
CA MET B 684 -87.68 -28.87 29.47
C MET B 684 -88.34 -27.59 29.97
N LYS B 685 -89.14 -27.72 31.03
CA LYS B 685 -89.87 -26.58 31.56
C LYS B 685 -90.17 -26.85 33.02
N LEU B 686 -90.70 -25.82 33.67
CA LEU B 686 -91.20 -25.94 35.04
C LEU B 686 -92.72 -25.78 35.04
N TYR B 687 -93.39 -26.67 35.75
CA TYR B 687 -94.85 -26.70 35.78
C TYR B 687 -95.36 -26.16 37.10
N PRO B 688 -96.24 -25.17 37.10
CA PRO B 688 -96.69 -24.56 38.35
C PRO B 688 -97.72 -25.43 39.06
N THR B 689 -97.85 -25.20 40.37
CA THR B 689 -98.84 -25.88 41.20
C THR B 689 -99.79 -24.85 41.77
N PRO B 690 -100.90 -24.55 41.08
CA PRO B 690 -101.79 -23.48 41.56
C PRO B 690 -102.74 -23.91 42.66
N GLU B 691 -103.05 -25.20 42.77
CA GLU B 691 -104.06 -25.63 43.75
C GLU B 691 -103.53 -25.54 45.17
N GLU B 692 -102.22 -25.69 45.36
CA GLU B 692 -101.66 -25.67 46.72
C GLU B 692 -101.89 -24.34 47.41
N ILE B 693 -102.03 -23.25 46.67
CA ILE B 693 -102.21 -21.92 47.26
C ILE B 693 -103.67 -21.74 47.67
N PRO B 694 -103.94 -21.47 48.95
CA PRO B 694 -105.34 -21.23 49.35
C PRO B 694 -105.98 -20.05 48.66
N ASP B 695 -105.21 -18.98 48.39
CA ASP B 695 -105.77 -17.80 47.75
C ASP B 695 -106.21 -18.07 46.31
N PHE B 696 -105.74 -19.16 45.70
CA PHE B 696 -106.12 -19.49 44.34
C PHE B 696 -107.46 -20.21 44.27
N ALA B 697 -107.95 -20.72 45.40
CA ALA B 697 -109.18 -21.52 45.39
C ALA B 697 -110.37 -20.68 44.94
N PHE B 698 -110.50 -19.46 45.48
CA PHE B 698 -111.64 -18.63 45.14
C PHE B 698 -111.62 -18.23 43.67
N TYR B 699 -110.45 -17.88 43.15
CA TYR B 699 -110.35 -17.49 41.74
C TYR B 699 -110.67 -18.65 40.81
N LEU B 700 -110.10 -19.82 41.09
CA LEU B 700 -110.46 -20.99 40.29
C LEU B 700 -111.92 -21.38 40.52
N LYS B 701 -112.44 -21.12 41.71
CA LYS B 701 -113.85 -21.42 41.98
C LYS B 701 -114.75 -20.60 41.07
N ILE B 702 -114.57 -19.28 41.06
CA ILE B 702 -115.40 -18.45 40.20
C ILE B 702 -115.10 -18.74 38.73
N GLY B 703 -113.88 -19.16 38.42
CA GLY B 703 -113.61 -19.69 37.09
C GLY B 703 -114.37 -20.96 36.80
N THR B 704 -114.59 -21.79 37.82
CA THR B 704 -115.28 -23.05 37.68
C THR B 704 -116.73 -23.02 38.19
N LEU B 705 -117.22 -21.85 38.61
CA LEU B 705 -118.60 -21.70 39.04
C LEU B 705 -119.39 -20.70 38.21
N LEU B 706 -118.79 -19.57 37.87
CA LEU B 706 -119.48 -18.49 37.17
C LEU B 706 -119.06 -18.48 35.72
N VAL B 707 -120.03 -18.47 34.82
CA VAL B 707 -119.79 -18.46 33.38
C VAL B 707 -120.48 -17.24 32.78
N SER B 708 -119.73 -16.48 32.00
CA SER B 708 -120.22 -15.23 31.43
C SER B 708 -121.20 -15.49 30.29
N SER B 709 -122.06 -14.51 30.04
CA SER B 709 -122.98 -14.58 28.92
C SER B 709 -122.22 -14.53 27.60
N SER B 710 -122.68 -15.29 26.62
CA SER B 710 -122.03 -15.36 25.31
C SER B 710 -123.10 -15.47 24.24
N VAL B 711 -122.68 -15.83 23.03
CA VAL B 711 -123.63 -16.00 21.93
C VAL B 711 -124.50 -17.24 22.15
N LYS B 712 -123.90 -18.32 22.65
CA LYS B 712 -124.63 -19.58 22.83
C LYS B 712 -125.70 -19.50 23.90
N HIS B 713 -125.71 -18.44 24.71
CA HIS B 713 -126.72 -18.28 25.74
C HIS B 713 -127.99 -17.60 25.24
N ILE B 714 -128.05 -17.25 23.96
CA ILE B 714 -129.25 -16.61 23.42
C ILE B 714 -130.48 -17.52 23.50
N PRO B 715 -130.45 -18.77 22.99
CA PRO B 715 -131.68 -19.58 23.02
C PRO B 715 -131.88 -20.32 24.33
N LEU B 716 -131.62 -19.65 25.45
CA LEU B 716 -131.92 -20.21 26.76
C LEU B 716 -132.42 -19.16 27.75
N MET B 717 -132.87 -18.00 27.25
CA MET B 717 -133.32 -16.93 28.13
C MET B 717 -134.78 -17.05 28.55
N THR B 718 -135.51 -18.02 27.99
CA THR B 718 -136.92 -18.17 28.35
C THR B 718 -137.10 -18.55 29.81
N ASP B 719 -136.31 -19.52 30.28
CA ASP B 719 -136.40 -19.96 31.67
C ASP B 719 -135.59 -19.09 32.62
N LEU B 720 -134.75 -18.20 32.10
CA LEU B 720 -133.95 -17.32 32.94
C LEU B 720 -134.75 -16.16 33.53
N SER B 721 -135.91 -15.84 32.94
CA SER B 721 -136.69 -14.71 33.43
C SER B 721 -137.19 -14.95 34.85
N LYS B 722 -137.65 -16.16 35.15
CA LYS B 722 -138.12 -16.47 36.50
C LYS B 722 -136.97 -16.51 37.50
N LYS B 723 -135.75 -16.77 37.02
CA LYS B 723 -134.59 -16.91 37.90
C LYS B 723 -133.97 -15.56 38.26
N GLY B 724 -134.55 -14.46 37.82
CA GLY B 724 -134.00 -13.14 38.09
C GLY B 724 -133.03 -12.64 37.04
N TYR B 725 -132.72 -13.44 36.03
CA TYR B 725 -131.79 -13.02 35.00
C TYR B 725 -132.48 -12.13 33.97
N ILE B 726 -131.86 -10.99 33.69
CA ILE B 726 -132.43 -9.98 32.80
C ILE B 726 -131.55 -9.88 31.57
N LEU B 727 -132.11 -9.27 30.53
CA LEU B 727 -131.46 -9.17 29.22
C LEU B 727 -131.10 -7.73 28.94
N TYR B 728 -130.01 -7.54 28.18
CA TYR B 728 -129.59 -6.22 27.73
C TYR B 728 -128.88 -6.39 26.40
N ASP B 729 -129.50 -5.88 25.33
CA ASP B 729 -129.01 -5.97 23.95
C ASP B 729 -128.44 -7.36 23.64
N ASN B 730 -129.32 -8.36 23.75
CA ASN B 730 -129.01 -9.75 23.45
C ASN B 730 -127.93 -10.33 24.36
N VAL B 731 -127.67 -9.67 25.50
CA VAL B 731 -126.69 -10.14 26.47
C VAL B 731 -127.37 -10.23 27.83
N VAL B 732 -127.36 -11.42 28.42
CA VAL B 732 -128.04 -11.65 29.69
C VAL B 732 -127.28 -10.96 30.81
N THR B 733 -127.99 -10.20 31.63
CA THR B 733 -127.42 -9.49 32.76
C THR B 733 -128.12 -9.92 34.04
N LEU B 734 -127.52 -9.55 35.17
CA LEU B 734 -128.06 -9.86 36.48
C LEU B 734 -127.91 -8.65 37.40
N PRO B 735 -128.87 -8.42 38.30
CA PRO B 735 -128.72 -7.34 39.27
C PRO B 735 -127.56 -7.63 40.22
N LEU B 736 -126.94 -6.55 40.71
CA LEU B 736 -125.84 -6.70 41.66
C LEU B 736 -126.31 -7.35 42.96
N THR B 737 -127.48 -6.95 43.45
CA THR B 737 -128.03 -7.55 44.65
C THR B 737 -128.39 -9.02 44.42
N THR B 738 -128.93 -9.34 43.24
CA THR B 738 -129.26 -10.73 42.93
C THR B 738 -128.03 -11.61 42.98
N PHE B 739 -126.95 -11.18 42.30
CA PHE B 739 -125.72 -11.95 42.33
C PHE B 739 -125.13 -12.01 43.73
N GLN B 740 -125.17 -10.89 44.46
CA GLN B 740 -124.61 -10.86 45.81
C GLN B 740 -125.31 -11.85 46.72
N GLN B 741 -126.65 -11.93 46.63
CA GLN B 741 -127.37 -12.95 47.36
C GLN B 741 -126.99 -14.35 46.86
N LYS B 742 -126.84 -14.51 45.54
CA LYS B 742 -126.45 -15.79 44.98
C LYS B 742 -125.00 -16.13 45.31
N ILE B 743 -124.11 -15.13 45.29
CA ILE B 743 -122.70 -15.37 45.55
C ILE B 743 -122.44 -15.81 46.98
N SER B 744 -123.26 -15.36 47.94
CA SER B 744 -122.99 -15.63 49.34
C SER B 744 -123.39 -17.05 49.77
N LYS B 745 -124.09 -17.80 48.92
CA LYS B 745 -124.52 -19.14 49.33
C LYS B 745 -123.36 -20.12 49.38
N TYR B 746 -122.25 -19.81 48.70
CA TYR B 746 -121.07 -20.65 48.76
C TYR B 746 -120.08 -20.16 49.83
N PHE B 747 -119.66 -18.91 49.72
CA PHE B 747 -118.80 -18.28 50.71
C PHE B 747 -119.48 -17.02 51.21
N ASN B 748 -119.41 -16.79 52.52
CA ASN B 748 -120.08 -15.66 53.13
C ASN B 748 -119.38 -14.36 52.75
N SER B 749 -120.05 -13.24 53.02
CA SER B 749 -119.63 -11.95 52.47
C SER B 749 -118.49 -11.29 53.23
N ARG B 750 -118.51 -11.34 54.56
CA ARG B 750 -117.67 -10.46 55.36
C ARG B 750 -116.19 -10.64 55.03
N LEU B 751 -115.64 -11.84 55.30
CA LEU B 751 -114.21 -12.04 55.11
C LEU B 751 -113.80 -11.94 53.65
N PHE B 752 -114.65 -12.37 52.73
CA PHE B 752 -114.37 -12.33 51.31
C PHE B 752 -114.97 -11.11 50.62
N GLY B 753 -115.44 -10.12 51.38
CA GLY B 753 -116.02 -8.93 50.78
C GLY B 753 -115.04 -8.17 49.92
N HIS B 754 -113.76 -8.18 50.30
CA HIS B 754 -112.75 -7.56 49.45
C HIS B 754 -112.67 -8.26 48.11
N ASP B 755 -112.72 -9.59 48.12
CA ASP B 755 -112.75 -10.34 46.87
C ASP B 755 -114.01 -10.02 46.07
N ILE B 756 -115.14 -9.89 46.75
CA ILE B 756 -116.41 -9.61 46.07
C ILE B 756 -116.34 -8.26 45.38
N GLU B 757 -115.87 -7.23 46.09
CA GLU B 757 -115.81 -5.90 45.48
C GLU B 757 -114.76 -5.83 44.39
N SER B 758 -113.63 -6.53 44.55
CA SER B 758 -112.63 -6.57 43.49
C SER B 758 -113.21 -7.21 42.23
N PHE B 759 -113.88 -8.35 42.38
CA PHE B 759 -114.53 -9.01 41.26
C PHE B 759 -115.59 -8.12 40.64
N ILE B 760 -116.33 -7.37 41.46
CA ILE B 760 -117.36 -6.48 40.93
C ILE B 760 -116.74 -5.38 40.09
N ASN B 761 -115.83 -4.61 40.67
CA ASN B 761 -115.24 -3.49 39.94
C ASN B 761 -114.41 -3.95 38.75
N ARG B 762 -113.92 -5.18 38.76
CA ARG B 762 -113.24 -5.74 37.59
C ARG B 762 -114.20 -6.44 36.65
N HIS B 763 -115.50 -6.51 37.00
CA HIS B 763 -116.47 -7.23 36.19
C HIS B 763 -117.80 -6.51 35.99
N LYS B 764 -118.16 -5.55 36.83
CA LYS B 764 -119.45 -4.87 36.70
C LYS B 764 -119.35 -3.74 35.68
N LYS B 765 -120.28 -3.72 34.73
CA LYS B 765 -120.32 -2.74 33.67
C LYS B 765 -121.31 -1.62 34.04
N PHE B 766 -121.61 -0.76 33.07
CA PHE B 766 -122.48 0.40 33.28
C PHE B 766 -123.61 0.36 32.27
N ALA B 767 -124.81 -0.03 32.71
CA ALA B 767 -125.99 0.11 31.86
C ALA B 767 -126.26 1.59 31.58
N ASN B 768 -126.25 2.41 32.61
CA ASN B 768 -126.09 3.85 32.51
C ASN B 768 -125.23 4.28 33.70
N VAL B 769 -125.12 5.58 33.92
CA VAL B 769 -124.36 6.06 35.08
C VAL B 769 -125.01 5.59 36.37
N SER B 770 -126.34 5.68 36.46
CA SER B 770 -127.03 5.31 37.69
C SER B 770 -127.11 3.80 37.88
N ASP B 771 -127.45 3.06 36.82
CA ASP B 771 -127.73 1.64 36.93
C ASP B 771 -126.54 0.81 36.47
N GLU B 772 -126.40 -0.38 37.05
CA GLU B 772 -125.33 -1.30 36.71
C GLU B 772 -125.82 -2.73 36.86
N TYR B 773 -125.18 -3.64 36.13
CA TYR B 773 -125.51 -5.06 36.18
C TYR B 773 -124.29 -5.85 35.71
N LEU B 774 -124.28 -7.14 36.03
CA LEU B 774 -123.20 -8.03 35.63
C LEU B 774 -123.78 -9.08 34.69
N GLN B 775 -123.08 -9.31 33.57
CA GLN B 775 -123.57 -10.18 32.50
C GLN B 775 -123.05 -11.61 32.66
N TYR B 776 -123.27 -12.16 33.85
CA TYR B 776 -122.76 -13.48 34.19
C TYR B 776 -123.92 -14.39 34.58
N ILE B 777 -123.81 -15.65 34.19
CA ILE B 777 -124.89 -16.63 34.36
C ILE B 777 -124.38 -17.77 35.23
N PHE B 778 -125.23 -18.25 36.13
CA PHE B 778 -124.93 -19.44 36.90
C PHE B 778 -125.16 -20.70 36.07
N ILE B 779 -124.25 -21.66 36.20
CA ILE B 779 -124.33 -22.89 35.42
C ILE B 779 -125.50 -23.77 35.85
N GLU B 780 -126.03 -23.55 37.06
CA GLU B 780 -127.12 -24.40 37.56
C GLU B 780 -128.35 -24.27 36.67
N ASP B 781 -128.70 -23.05 36.28
CA ASP B 781 -129.85 -22.85 35.40
C ASP B 781 -129.53 -23.21 33.96
N ILE B 782 -128.26 -23.08 33.56
CA ILE B 782 -127.86 -23.46 32.20
C ILE B 782 -128.04 -24.96 32.01
N SER B 783 -127.58 -25.76 32.96
CA SER B 783 -127.70 -27.21 32.84
C SER B 783 -129.13 -27.67 33.04
N SER B 784 -129.82 -27.14 34.06
CA SER B 784 -131.18 -27.55 34.32
C SER B 784 -132.12 -27.03 33.24
N PRO B 785 -133.20 -27.76 32.91
CA PRO B 785 -134.16 -27.33 31.89
C PRO B 785 -134.92 -26.08 32.30
N TRP C 236 -44.13 11.22 -15.68
CA TRP C 236 -43.89 11.73 -14.34
C TRP C 236 -45.16 11.52 -13.52
N GLU C 237 -45.02 11.03 -12.29
CA GLU C 237 -46.20 10.66 -11.54
C GLU C 237 -46.49 11.66 -10.41
N PRO C 238 -47.75 11.96 -10.14
CA PRO C 238 -48.08 12.96 -9.12
C PRO C 238 -47.96 12.42 -7.70
N GLY C 239 -47.26 11.31 -7.56
CA GLY C 239 -47.06 10.74 -6.24
C GLY C 239 -45.67 10.95 -5.68
N PHE C 240 -44.75 11.50 -6.47
CA PHE C 240 -43.36 11.52 -6.01
C PHE C 240 -43.10 12.65 -5.04
N ILE C 241 -42.97 13.87 -5.57
CA ILE C 241 -42.70 15.11 -4.84
C ILE C 241 -43.00 16.22 -5.85
N SER C 242 -43.21 17.45 -5.36
CA SER C 242 -43.23 18.58 -6.26
C SER C 242 -41.84 18.75 -6.89
N PHE C 243 -41.83 19.36 -8.07
CA PHE C 243 -40.59 19.53 -8.81
C PHE C 243 -39.60 20.40 -8.05
N GLU C 244 -40.11 21.45 -7.38
CA GLU C 244 -39.24 22.39 -6.69
C GLU C 244 -38.43 21.73 -5.60
N ASP C 245 -39.04 20.84 -4.83
CA ASP C 245 -38.29 20.17 -3.77
C ASP C 245 -37.18 19.32 -4.37
N ALA C 246 -37.45 18.67 -5.51
CA ALA C 246 -36.42 17.86 -6.16
C ALA C 246 -35.24 18.73 -6.58
N ILE C 247 -35.51 19.86 -7.23
CA ILE C 247 -34.40 20.68 -7.71
C ILE C 247 -33.64 21.28 -6.55
N LYS C 248 -34.33 21.66 -5.47
CA LYS C 248 -33.60 22.17 -4.31
C LYS C 248 -32.72 21.09 -3.71
N ARG C 249 -33.21 19.85 -3.69
CA ARG C 249 -32.38 18.76 -3.19
C ARG C 249 -31.13 18.56 -4.04
N VAL C 250 -31.28 18.59 -5.36
CA VAL C 250 -30.11 18.34 -6.22
C VAL C 250 -29.13 19.51 -6.13
N SER C 251 -29.64 20.74 -6.08
CA SER C 251 -28.76 21.88 -5.90
C SER C 251 -28.04 21.84 -4.57
N LYS C 252 -28.69 21.27 -3.55
CA LYS C 252 -28.00 21.08 -2.28
C LYS C 252 -26.95 20.00 -2.37
N ILE C 253 -27.16 19.01 -3.25
CA ILE C 253 -26.23 17.89 -3.31
C ILE C 253 -25.00 18.21 -4.16
N PHE C 254 -25.08 19.15 -5.10
CA PHE C 254 -23.86 19.59 -5.79
C PHE C 254 -22.87 20.30 -4.88
N ILE C 255 -23.30 20.78 -3.70
CA ILE C 255 -22.53 21.64 -2.81
C ILE C 255 -21.88 22.79 -3.59
N ASN C 256 -22.44 23.12 -4.75
CA ASN C 256 -21.87 24.16 -5.59
C ASN C 256 -22.95 24.69 -6.53
N SER C 257 -22.71 25.88 -7.07
CA SER C 257 -23.74 26.59 -7.79
C SER C 257 -23.98 25.98 -9.16
N ILE C 258 -25.03 26.46 -9.82
CA ILE C 258 -25.40 26.03 -11.16
C ILE C 258 -25.69 27.27 -11.99
N ILE C 259 -25.07 27.36 -13.17
CA ILE C 259 -25.26 28.52 -14.02
C ILE C 259 -26.67 28.53 -14.62
N ASN C 260 -27.12 27.37 -15.12
CA ASN C 260 -28.45 27.25 -15.71
C ASN C 260 -29.46 26.66 -14.73
N PHE C 261 -29.32 27.01 -13.44
CA PHE C 261 -30.30 26.60 -12.45
C PHE C 261 -31.65 27.26 -12.70
N ASN C 262 -31.65 28.58 -12.86
CA ASN C 262 -32.90 29.28 -13.19
C ASN C 262 -33.34 28.98 -14.62
N ASP C 263 -32.49 28.35 -15.42
CA ASP C 263 -32.86 27.94 -16.77
C ASP C 263 -33.50 26.56 -16.80
N LEU C 264 -33.52 25.82 -15.70
CA LEU C 264 -34.19 24.54 -15.66
C LEU C 264 -35.69 24.71 -15.86
N ASP C 265 -36.26 23.88 -16.73
CA ASP C 265 -37.67 23.95 -17.06
C ASP C 265 -38.30 22.57 -16.93
N GLU C 266 -39.57 22.45 -17.36
CA GLU C 266 -40.26 21.17 -17.27
C GLU C 266 -39.95 20.27 -18.46
N ASN C 267 -39.59 20.85 -19.60
CA ASN C 267 -39.35 20.03 -20.79
C ASN C 267 -38.04 19.26 -20.67
N ASN C 268 -36.96 19.91 -20.27
CA ASN C 268 -35.64 19.29 -20.19
C ASN C 268 -35.40 18.85 -18.75
N PHE C 269 -35.40 17.54 -18.53
CA PHE C 269 -35.15 16.98 -17.19
C PHE C 269 -33.81 16.27 -17.14
N THR C 270 -33.54 15.36 -18.08
CA THR C 270 -32.29 14.65 -18.15
C THR C 270 -31.52 14.93 -19.43
N THR C 271 -32.12 15.62 -20.40
CA THR C 271 -31.49 15.87 -21.70
C THR C 271 -30.47 16.99 -21.66
N VAL C 272 -30.48 17.82 -20.63
CA VAL C 272 -29.63 19.01 -20.56
C VAL C 272 -28.52 18.72 -19.55
N PRO C 273 -27.26 18.59 -19.97
CA PRO C 273 -26.17 18.49 -19.01
C PRO C 273 -26.06 19.74 -18.17
N LEU C 274 -25.59 19.58 -16.94
CA LEU C 274 -25.54 20.66 -15.97
C LEU C 274 -24.13 21.22 -15.89
N VAL C 275 -24.02 22.53 -16.12
CA VAL C 275 -22.76 23.23 -15.94
C VAL C 275 -22.64 23.66 -14.49
N ILE C 276 -21.48 23.41 -13.88
CA ILE C 276 -21.21 23.78 -12.50
C ILE C 276 -20.23 24.94 -12.52
N ASP C 277 -20.58 26.02 -11.83
CA ASP C 277 -19.61 27.09 -11.61
C ASP C 277 -18.60 26.61 -10.59
N TYR C 278 -17.57 25.89 -11.03
CA TYR C 278 -16.63 25.24 -10.14
C TYR C 278 -15.81 26.30 -9.41
N VAL C 279 -16.46 26.92 -8.42
CA VAL C 279 -15.82 27.96 -7.64
C VAL C 279 -15.17 27.43 -6.37
N THR C 280 -15.18 26.12 -6.16
CA THR C 280 -14.55 25.47 -5.02
C THR C 280 -14.06 24.09 -5.45
N PRO C 281 -13.30 23.37 -4.62
CA PRO C 281 -13.01 21.98 -4.93
C PRO C 281 -14.29 21.17 -5.05
N CYS C 282 -14.28 20.22 -5.97
CA CYS C 282 -15.48 19.42 -6.22
C CYS C 282 -15.77 18.51 -5.02
N ALA C 283 -17.04 18.15 -4.88
CA ALA C 283 -17.43 17.07 -3.98
C ALA C 283 -17.74 15.80 -4.74
N LEU C 284 -17.79 15.86 -6.07
CA LEU C 284 -18.02 14.69 -6.89
C LEU C 284 -16.81 13.76 -6.86
N CYS C 285 -15.59 14.33 -6.94
CA CYS C 285 -14.39 13.53 -6.74
C CYS C 285 -13.26 14.31 -6.07
N LYS C 286 -13.54 15.45 -5.44
CA LYS C 286 -12.49 16.30 -4.85
C LYS C 286 -11.46 16.71 -5.89
N LYS C 287 -11.94 17.25 -6.99
CA LYS C 287 -11.12 17.71 -8.11
C LYS C 287 -11.39 19.18 -8.36
N ARG C 288 -10.40 19.86 -8.96
CA ARG C 288 -10.57 21.27 -9.29
C ARG C 288 -11.81 21.49 -10.15
N SER C 289 -11.99 20.67 -11.18
CA SER C 289 -13.08 20.84 -12.12
C SER C 289 -13.16 19.60 -13.00
N HIS C 290 -14.39 19.23 -13.36
CA HIS C 290 -14.62 18.12 -14.27
C HIS C 290 -14.53 18.61 -15.71
N LYS C 291 -13.82 17.86 -16.55
CA LYS C 291 -13.73 18.21 -17.96
C LYS C 291 -15.02 17.89 -18.71
N HIS C 292 -15.92 17.15 -18.09
CA HIS C 292 -17.23 16.82 -18.63
C HIS C 292 -18.32 17.33 -17.71
N PRO C 293 -19.53 17.53 -18.21
CA PRO C 293 -20.64 17.94 -17.36
C PRO C 293 -21.17 16.74 -16.57
N HIS C 294 -22.15 17.03 -15.71
CA HIS C 294 -22.86 16.01 -14.94
C HIS C 294 -24.29 15.93 -15.42
N GLN C 295 -24.78 14.71 -15.59
CA GLN C 295 -26.14 14.47 -16.06
C GLN C 295 -26.92 13.68 -15.03
N LEU C 296 -28.11 14.17 -14.69
CA LEU C 296 -28.97 13.55 -13.70
C LEU C 296 -30.07 12.79 -14.43
N SER C 297 -30.29 11.54 -14.03
CA SER C 297 -31.18 10.64 -14.76
C SER C 297 -32.20 10.03 -13.82
N LEU C 298 -33.36 9.69 -14.38
CA LEU C 298 -34.49 9.17 -13.62
C LEU C 298 -34.78 7.73 -14.00
N GLU C 299 -34.99 6.89 -13.00
CA GLU C 299 -35.32 5.48 -13.22
C GLU C 299 -35.86 4.89 -11.93
N ASN C 300 -36.86 4.03 -12.07
CA ASN C 300 -37.52 3.31 -10.97
C ASN C 300 -37.77 4.22 -9.78
N GLY C 301 -38.38 5.37 -10.05
CA GLY C 301 -38.75 6.31 -9.01
C GLY C 301 -37.58 6.93 -8.26
N ALA C 302 -36.57 7.40 -8.98
CA ALA C 302 -35.44 8.08 -8.36
C ALA C 302 -34.66 8.83 -9.43
N ILE C 303 -34.17 10.00 -9.05
CA ILE C 303 -33.21 10.75 -9.86
C ILE C 303 -31.81 10.29 -9.52
N ARG C 304 -31.04 9.94 -10.55
CA ARG C 304 -29.67 9.47 -10.37
C ARG C 304 -28.72 10.46 -11.04
N ILE C 305 -27.69 10.88 -10.31
CA ILE C 305 -26.71 11.83 -10.81
C ILE C 305 -25.35 11.15 -10.93
N TYR C 306 -24.59 11.55 -11.95
CA TYR C 306 -23.32 10.93 -12.29
C TYR C 306 -22.63 11.82 -13.33
N LYS C 307 -21.44 11.42 -13.74
CA LYS C 307 -20.61 12.20 -14.66
C LYS C 307 -20.60 11.56 -16.05
N THR C 308 -20.75 12.39 -17.08
CA THR C 308 -20.66 11.89 -18.44
C THR C 308 -19.22 11.57 -18.79
N GLY C 309 -19.04 10.58 -19.66
CA GLY C 309 -17.71 10.24 -20.15
C GLY C 309 -16.99 9.22 -19.32
N ASN C 310 -16.05 9.68 -18.48
CA ASN C 310 -15.21 8.80 -17.69
C ASN C 310 -15.65 8.84 -16.24
N PRO C 311 -16.49 7.90 -15.78
CA PRO C 311 -16.83 7.87 -14.36
C PRO C 311 -15.86 7.01 -13.56
N HIS C 312 -14.57 7.24 -13.78
CA HIS C 312 -13.51 6.53 -13.05
C HIS C 312 -13.14 7.26 -11.77
N SER C 313 -12.67 8.50 -11.90
CA SER C 313 -12.38 9.34 -10.75
C SER C 313 -13.61 10.20 -10.45
N CYS C 314 -14.66 9.51 -10.03
CA CYS C 314 -15.94 10.11 -9.64
C CYS C 314 -16.71 9.05 -8.85
N LYS C 315 -18.00 9.29 -8.65
CA LYS C 315 -18.88 8.36 -7.99
C LYS C 315 -20.32 8.73 -8.39
N VAL C 316 -21.27 7.93 -7.93
CA VAL C 316 -22.67 8.09 -8.32
C VAL C 316 -23.50 8.35 -7.07
N LYS C 317 -24.45 9.28 -7.18
CA LYS C 317 -25.36 9.61 -6.10
C LYS C 317 -26.78 9.39 -6.58
N ILE C 318 -27.60 8.78 -5.73
CA ILE C 318 -28.98 8.44 -6.06
C ILE C 318 -29.88 9.08 -5.00
N VAL C 319 -30.92 9.76 -5.45
CA VAL C 319 -31.83 10.49 -4.58
C VAL C 319 -33.25 9.98 -4.83
N PRO C 320 -34.03 9.66 -3.78
CA PRO C 320 -35.34 9.06 -4.00
C PRO C 320 -36.50 10.05 -4.00
N LEU C 321 -37.61 9.66 -4.63
CA LEU C 321 -38.79 10.50 -4.72
C LEU C 321 -40.00 9.72 -4.22
N ASP C 322 -40.38 9.93 -2.97
CA ASP C 322 -41.59 9.31 -2.44
C ASP C 322 -42.19 10.18 -1.34
N GLY C 323 -43.22 10.94 -1.67
CA GLY C 323 -43.73 11.97 -0.79
C GLY C 323 -44.52 11.46 0.39
N ASN C 324 -43.82 10.85 1.35
CA ASN C 324 -44.48 10.30 2.53
C ASN C 324 -45.51 9.28 2.09
N LYS C 325 -45.04 8.11 1.64
CA LYS C 325 -45.94 7.08 1.15
C LYS C 325 -47.13 6.84 2.07
N LEU C 326 -46.97 7.07 3.38
CA LEU C 326 -48.10 6.95 4.27
C LEU C 326 -49.18 7.98 3.94
N PHE C 327 -48.79 9.16 3.49
CA PHE C 327 -49.81 10.13 3.08
C PHE C 327 -50.49 9.69 1.79
N ASN C 328 -49.75 9.10 0.87
CA ASN C 328 -50.38 8.63 -0.36
C ASN C 328 -51.34 7.49 -0.07
N ILE C 329 -50.96 6.59 0.83
CA ILE C 329 -51.86 5.53 1.28
C ILE C 329 -53.13 6.14 1.86
N ALA C 330 -52.96 7.05 2.83
CA ALA C 330 -54.11 7.64 3.50
C ALA C 330 -55.00 8.39 2.53
N GLN C 331 -54.42 8.97 1.48
CA GLN C 331 -55.25 9.62 0.48
C GLN C 331 -55.94 8.60 -0.42
N ARG C 332 -55.35 7.42 -0.60
CA ARG C 332 -56.07 6.37 -1.31
C ARG C 332 -57.28 5.92 -0.53
N ILE C 333 -57.13 5.73 0.78
CA ILE C 333 -58.22 5.18 1.59
C ILE C 333 -59.44 6.10 1.57
N LEU C 334 -59.22 7.42 1.56
CA LEU C 334 -60.36 8.33 1.43
C LEU C 334 -60.99 8.30 0.05
N ASP C 335 -60.26 7.86 -0.97
CA ASP C 335 -60.86 7.79 -2.29
C ASP C 335 -61.92 6.71 -2.38
N THR C 336 -61.76 5.64 -1.61
CA THR C 336 -62.78 4.59 -1.54
C THR C 336 -64.03 5.06 -0.83
N ASN C 337 -63.96 6.16 -0.09
CA ASN C 337 -65.10 6.74 0.61
C ASN C 337 -65.61 5.81 1.71
N SER C 338 -64.69 5.17 2.41
CA SER C 338 -65.03 4.11 3.35
C SER C 338 -64.80 4.49 4.80
N VAL C 339 -64.77 5.79 5.10
CA VAL C 339 -64.78 6.25 6.49
C VAL C 339 -65.31 7.67 6.48
N LEU C 340 -66.27 7.95 7.35
CA LEU C 340 -67.02 9.18 7.33
C LEU C 340 -66.94 9.84 8.69
N LEU C 341 -67.55 11.01 8.80
CA LEU C 341 -67.61 11.74 10.05
C LEU C 341 -69.06 12.17 10.26
N THR C 342 -69.51 12.11 11.51
CA THR C 342 -70.91 12.32 11.83
C THR C 342 -71.07 13.44 12.84
N GLU C 343 -72.21 14.13 12.76
CA GLU C 343 -72.44 15.30 13.60
C GLU C 343 -72.29 14.97 15.06
N ARG C 344 -72.71 13.77 15.46
CA ARG C 344 -72.55 13.37 16.85
C ARG C 344 -71.07 13.27 17.24
N GLY C 345 -70.17 13.23 16.27
CA GLY C 345 -68.76 13.40 16.53
C GLY C 345 -67.87 12.20 16.37
N ASP C 346 -68.35 11.09 15.81
CA ASP C 346 -67.55 9.89 15.68
C ASP C 346 -67.65 9.34 14.27
N HIS C 347 -66.59 8.63 13.88
CA HIS C 347 -66.42 8.19 12.50
C HIS C 347 -67.03 6.81 12.32
N ILE C 348 -67.78 6.63 11.25
CA ILE C 348 -68.50 5.40 10.98
C ILE C 348 -67.77 4.70 9.84
N VAL C 349 -67.13 3.62 10.15
CA VAL C 349 -66.28 2.92 9.19
C VAL C 349 -67.06 1.78 8.56
N TRP C 350 -66.64 1.35 7.38
CA TRP C 350 -67.33 0.35 6.58
C TRP C 350 -66.46 -0.91 6.50
N ILE C 351 -66.64 -1.80 7.47
CA ILE C 351 -65.96 -3.09 7.48
C ILE C 351 -67.02 -4.16 7.30
N ASN C 352 -66.74 -5.13 6.44
CA ASN C 352 -67.59 -6.31 6.28
C ASN C 352 -69.03 -5.93 5.96
N ASN C 353 -69.20 -5.08 4.94
CA ASN C 353 -70.51 -4.75 4.41
C ASN C 353 -71.45 -4.12 5.44
N SER C 354 -70.91 -3.28 6.33
CA SER C 354 -71.75 -2.65 7.33
C SER C 354 -71.04 -1.42 7.89
N TRP C 355 -71.82 -0.37 8.14
CA TRP C 355 -71.28 0.87 8.71
C TRP C 355 -71.21 0.72 10.21
N LYS C 356 -70.17 0.06 10.68
CA LYS C 356 -69.95 -0.02 12.11
C LYS C 356 -69.60 1.35 12.64
N PHE C 357 -69.63 1.49 13.96
CA PHE C 357 -68.80 2.51 14.58
C PHE C 357 -68.58 2.08 16.02
N ASN C 358 -67.73 2.84 16.70
CA ASN C 358 -67.49 2.67 18.12
C ASN C 358 -66.90 3.97 18.63
N SER C 359 -67.21 4.29 19.87
CA SER C 359 -66.90 5.59 20.47
C SER C 359 -65.73 5.52 21.43
N GLU C 360 -65.76 4.61 22.39
CA GLU C 360 -64.68 4.54 23.36
C GLU C 360 -63.38 4.07 22.71
N GLU C 361 -63.46 3.45 21.55
CA GLU C 361 -62.31 3.08 20.73
C GLU C 361 -62.73 3.09 19.27
N PRO C 362 -62.18 3.95 18.44
CA PRO C 362 -62.59 3.98 17.04
C PRO C 362 -62.12 2.75 16.29
N LEU C 363 -62.70 2.56 15.12
CA LEU C 363 -62.53 1.37 14.31
C LEU C 363 -61.78 1.69 13.03
N ILE C 364 -60.90 2.69 13.06
CA ILE C 364 -60.30 3.14 11.81
C ILE C 364 -59.09 2.29 11.47
N THR C 365 -58.25 2.01 12.46
CA THR C 365 -57.06 1.20 12.21
C THR C 365 -57.43 -0.21 11.76
N LYS C 366 -58.59 -0.71 12.22
CA LYS C 366 -59.11 -1.96 11.70
C LYS C 366 -59.38 -1.87 10.20
N LEU C 367 -60.00 -0.77 9.76
CA LEU C 367 -60.25 -0.59 8.33
C LEU C 367 -58.96 -0.52 7.57
N ILE C 368 -57.96 0.18 8.12
CA ILE C 368 -56.69 0.31 7.45
C ILE C 368 -56.07 -1.06 7.20
N LEU C 369 -56.10 -1.91 8.23
CA LEU C 369 -55.56 -3.26 8.05
C LEU C 369 -56.41 -4.08 7.10
N SER C 370 -57.73 -3.89 7.10
CA SER C 370 -58.59 -4.65 6.21
C SER C 370 -58.34 -4.30 4.75
N ILE C 371 -58.12 -3.01 4.46
CA ILE C 371 -58.06 -2.54 3.07
C ILE C 371 -56.77 -2.95 2.38
N ARG C 372 -55.77 -3.40 3.13
CA ARG C 372 -54.41 -3.59 2.63
C ARG C 372 -54.34 -4.34 1.31
N HIS C 373 -55.39 -5.07 0.95
CA HIS C 373 -55.36 -5.85 -0.27
C HIS C 373 -55.96 -5.14 -1.48
N GLN C 374 -56.55 -3.96 -1.30
CA GLN C 374 -57.10 -3.23 -2.44
C GLN C 374 -56.16 -2.19 -3.01
N LEU C 375 -55.07 -1.91 -2.34
CA LEU C 375 -54.04 -0.97 -2.77
C LEU C 375 -53.01 -1.67 -3.63
N PRO C 376 -52.21 -0.90 -4.39
CA PRO C 376 -51.06 -1.50 -5.09
C PRO C 376 -50.19 -2.34 -4.18
N LYS C 377 -49.46 -3.29 -4.77
CA LYS C 377 -48.85 -4.35 -3.99
C LYS C 377 -47.78 -3.82 -3.05
N GLU C 378 -46.99 -2.85 -3.51
CA GLU C 378 -45.90 -2.35 -2.67
C GLU C 378 -46.44 -1.62 -1.44
N TYR C 379 -47.68 -1.13 -1.50
CA TYR C 379 -48.28 -0.53 -0.32
C TYR C 379 -48.72 -1.58 0.69
N SER C 380 -49.05 -2.79 0.23
CA SER C 380 -49.64 -3.80 1.11
C SER C 380 -48.71 -4.12 2.28
N SER C 381 -47.44 -4.31 2.00
CA SER C 381 -46.52 -4.68 3.07
C SER C 381 -46.29 -3.56 4.07
N GLU C 382 -46.75 -2.34 3.77
CA GLU C 382 -46.49 -1.22 4.67
C GLU C 382 -47.42 -1.23 5.88
N LEU C 383 -48.65 -1.69 5.70
CA LEU C 383 -49.68 -1.57 6.71
C LEU C 383 -49.65 -2.69 7.71
N LEU C 384 -48.53 -3.39 7.85
CA LEU C 384 -48.44 -4.49 8.80
C LEU C 384 -47.67 -4.11 10.04
N CYS C 385 -47.36 -2.86 10.22
CA CYS C 385 -46.79 -2.41 11.48
C CYS C 385 -47.83 -1.58 12.23
N PRO C 386 -47.97 -1.77 13.54
CA PRO C 386 -48.96 -0.96 14.27
C PRO C 386 -48.70 0.53 14.18
N ARG C 387 -47.44 0.95 14.26
CA ARG C 387 -47.13 2.38 14.25
C ARG C 387 -47.49 3.02 12.93
N LYS C 388 -47.25 2.33 11.81
CA LYS C 388 -47.56 2.92 10.53
C LYS C 388 -49.05 2.95 10.27
N ARG C 389 -49.80 1.97 10.79
CA ARG C 389 -51.27 2.10 10.76
C ARG C 389 -51.73 3.27 11.62
N LYS C 390 -51.03 3.57 12.71
CA LYS C 390 -51.40 4.71 13.53
C LYS C 390 -51.18 6.03 12.82
N THR C 391 -50.06 6.18 12.10
CA THR C 391 -49.85 7.43 11.39
C THR C 391 -50.77 7.56 10.17
N VAL C 392 -51.08 6.45 9.49
CA VAL C 392 -52.08 6.54 8.44
C VAL C 392 -53.43 6.96 9.01
N GLU C 393 -53.74 6.49 10.22
CA GLU C 393 -54.98 6.91 10.87
C GLU C 393 -54.95 8.40 11.16
N ALA C 394 -53.82 8.93 11.62
CA ALA C 394 -53.73 10.35 11.90
C ALA C 394 -53.98 11.18 10.64
N ASN C 395 -53.39 10.78 9.53
CA ASN C 395 -53.67 11.48 8.28
C ASN C 395 -55.14 11.42 7.92
N ILE C 396 -55.77 10.25 8.05
CA ILE C 396 -57.17 10.12 7.65
C ILE C 396 -58.05 10.95 8.56
N ARG C 397 -57.71 11.04 9.84
CA ARG C 397 -58.47 11.89 10.75
C ARG C 397 -58.38 13.34 10.31
N ASP C 398 -57.17 13.84 10.09
CA ASP C 398 -56.97 15.23 9.71
C ASP C 398 -57.48 15.56 8.32
N MET C 399 -57.84 14.57 7.51
CA MET C 399 -58.41 14.86 6.21
C MET C 399 -59.92 14.88 6.18
N LEU C 400 -60.58 14.70 7.33
CA LEU C 400 -62.04 14.67 7.40
C LEU C 400 -62.51 15.90 8.17
N VAL C 401 -63.06 16.87 7.45
CA VAL C 401 -63.57 18.08 8.07
C VAL C 401 -65.09 18.20 7.97
N ASP C 402 -65.69 17.73 6.89
CA ASP C 402 -67.11 17.91 6.64
C ASP C 402 -67.91 16.70 7.11
N SER C 403 -68.98 16.96 7.85
CA SER C 403 -69.83 15.92 8.39
C SER C 403 -70.75 15.37 7.32
N VAL C 404 -71.63 14.46 7.73
CA VAL C 404 -72.63 13.87 6.86
C VAL C 404 -73.69 13.21 7.74
N GLU C 405 -74.94 13.30 7.32
CA GLU C 405 -76.04 12.72 8.10
C GLU C 405 -76.23 11.26 7.73
N THR C 406 -76.59 10.47 8.73
CA THR C 406 -76.73 9.03 8.58
C THR C 406 -78.15 8.60 8.84
N ASP C 407 -78.49 7.41 8.35
CA ASP C 407 -79.82 6.85 8.49
C ASP C 407 -80.85 7.82 7.91
N THR C 408 -80.67 8.12 6.63
CA THR C 408 -81.41 9.19 5.98
C THR C 408 -82.41 8.69 4.96
N TYR C 409 -82.53 7.38 4.76
CA TYR C 409 -83.57 6.84 3.90
C TYR C 409 -84.53 6.03 4.77
N PRO C 410 -85.85 6.23 4.64
CA PRO C 410 -86.78 5.61 5.57
C PRO C 410 -87.29 4.24 5.15
N ASP C 411 -87.08 3.84 3.90
CA ASP C 411 -87.67 2.62 3.37
C ASP C 411 -86.62 1.60 2.95
N LYS C 412 -85.64 1.35 3.81
CA LYS C 412 -84.64 0.32 3.60
C LYS C 412 -84.41 -0.43 4.89
N LEU C 413 -84.23 -1.76 4.79
CA LEU C 413 -84.04 -2.59 5.95
C LEU C 413 -82.59 -3.03 6.05
N PRO C 414 -81.90 -2.70 7.10
CA PRO C 414 -80.48 -3.04 7.20
C PRO C 414 -80.20 -4.42 7.76
N PHE C 415 -79.43 -5.23 7.05
CA PHE C 415 -78.92 -6.50 7.58
C PHE C 415 -77.41 -6.46 7.63
N LYS C 416 -76.83 -7.39 8.39
CA LYS C 416 -75.39 -7.40 8.65
C LYS C 416 -74.61 -7.80 7.41
N ASN C 417 -75.28 -7.88 6.27
CA ASN C 417 -74.61 -8.15 5.01
C ASN C 417 -75.01 -7.15 3.93
N GLY C 418 -76.21 -6.61 4.01
CA GLY C 418 -76.66 -5.71 2.98
C GLY C 418 -77.93 -4.98 3.38
N VAL C 419 -78.58 -4.38 2.39
CA VAL C 419 -79.75 -3.54 2.59
C VAL C 419 -80.87 -4.05 1.69
N LEU C 420 -81.97 -4.46 2.32
CA LEU C 420 -83.13 -4.99 1.61
C LEU C 420 -84.03 -3.83 1.23
N ASP C 421 -84.12 -3.53 -0.07
CA ASP C 421 -85.00 -2.49 -0.56
C ASP C 421 -86.44 -2.93 -0.33
N LEU C 422 -87.12 -2.29 0.62
CA LEU C 422 -88.50 -2.67 0.92
C LEU C 422 -89.45 -2.25 -0.19
N VAL C 423 -89.12 -1.20 -0.94
CA VAL C 423 -89.97 -0.78 -2.05
C VAL C 423 -89.94 -1.81 -3.17
N ASP C 424 -88.75 -2.27 -3.55
CA ASP C 424 -88.61 -3.20 -4.66
C ASP C 424 -88.73 -4.64 -4.20
N GLY C 425 -87.87 -5.04 -3.26
CA GLY C 425 -87.89 -6.40 -2.78
C GLY C 425 -86.55 -7.09 -2.89
N MET C 426 -85.75 -6.68 -3.89
CA MET C 426 -84.45 -7.27 -4.07
C MET C 426 -83.50 -6.84 -2.94
N PHE C 427 -82.46 -7.64 -2.74
CA PHE C 427 -81.51 -7.43 -1.66
C PHE C 427 -80.20 -6.94 -2.24
N TYR C 428 -79.63 -5.90 -1.63
CA TYR C 428 -78.37 -5.32 -2.06
C TYR C 428 -77.23 -5.81 -1.18
N SER C 429 -76.02 -5.77 -1.74
CA SER C 429 -74.84 -6.15 -0.99
C SER C 429 -73.63 -5.43 -1.57
N GLY C 430 -72.57 -5.37 -0.76
CA GLY C 430 -71.37 -4.70 -1.21
C GLY C 430 -71.58 -3.20 -1.36
N ASP C 431 -70.91 -2.64 -2.36
CA ASP C 431 -70.97 -1.20 -2.59
C ASP C 431 -72.38 -0.69 -2.85
N ASP C 432 -73.30 -1.56 -3.27
CA ASP C 432 -74.67 -1.11 -3.49
C ASP C 432 -75.35 -0.73 -2.19
N ALA C 433 -74.98 -1.38 -1.09
CA ALA C 433 -75.48 -1.01 0.22
C ALA C 433 -74.63 0.05 0.89
N LYS C 434 -73.58 0.51 0.22
CA LYS C 434 -72.77 1.58 0.78
C LYS C 434 -73.47 2.92 0.68
N LYS C 435 -74.24 3.14 -0.39
CA LYS C 435 -74.91 4.41 -0.58
C LYS C 435 -75.88 4.72 0.54
N TYR C 436 -76.78 3.79 0.82
CA TYR C 436 -77.80 4.00 1.85
C TYR C 436 -77.11 3.90 3.20
N THR C 437 -76.67 5.04 3.73
CA THR C 437 -75.89 5.01 4.97
C THR C 437 -76.82 4.64 6.11
N CYS C 438 -76.86 3.36 6.44
CA CYS C 438 -77.77 2.81 7.46
C CYS C 438 -76.90 2.26 8.58
N THR C 439 -76.86 2.97 9.70
CA THR C 439 -75.93 2.61 10.74
C THR C 439 -76.40 1.38 11.54
N VAL C 440 -77.70 1.26 11.82
CA VAL C 440 -78.23 0.16 12.63
C VAL C 440 -78.91 -0.88 11.75
N SER C 441 -78.50 -2.13 11.91
CA SER C 441 -79.02 -3.28 11.20
C SER C 441 -79.72 -4.22 12.16
N THR C 442 -80.31 -5.27 11.61
CA THR C 442 -80.94 -6.26 12.47
C THR C 442 -79.92 -7.06 13.27
N GLY C 443 -78.65 -6.98 12.92
CA GLY C 443 -77.59 -7.64 13.66
C GLY C 443 -77.23 -9.01 13.14
N PHE C 444 -77.98 -9.57 12.19
CA PHE C 444 -77.74 -10.91 11.70
C PHE C 444 -77.63 -10.91 10.19
N LYS C 445 -77.29 -12.08 9.64
CA LYS C 445 -77.08 -12.22 8.21
C LYS C 445 -78.37 -12.64 7.50
N PHE C 446 -78.52 -12.19 6.27
CA PHE C 446 -79.68 -12.47 5.44
C PHE C 446 -79.41 -13.72 4.61
N ASP C 447 -80.48 -14.38 4.20
CA ASP C 447 -80.38 -15.56 3.33
C ASP C 447 -81.56 -15.57 2.37
N ASP C 448 -81.28 -15.52 1.07
CA ASP C 448 -82.35 -15.65 0.08
C ASP C 448 -82.95 -17.05 0.10
N THR C 449 -82.18 -18.05 0.53
CA THR C 449 -82.69 -19.41 0.60
C THR C 449 -83.84 -19.50 1.60
N LYS C 450 -83.70 -18.87 2.76
CA LYS C 450 -84.77 -18.86 3.74
C LYS C 450 -85.79 -17.76 3.47
N PHE C 451 -85.46 -16.78 2.64
CA PHE C 451 -86.39 -15.70 2.29
C PHE C 451 -87.26 -16.17 1.12
N VAL C 452 -88.07 -17.18 1.40
CA VAL C 452 -88.88 -17.85 0.40
C VAL C 452 -90.33 -17.84 0.87
N GLU C 453 -91.23 -18.05 -0.08
CA GLU C 453 -92.67 -17.89 0.13
C GLU C 453 -93.34 -19.15 0.66
N ASP C 454 -93.02 -20.31 0.09
CA ASP C 454 -93.68 -21.56 0.42
C ASP C 454 -92.80 -22.38 1.35
N SER C 455 -93.33 -22.72 2.52
CA SER C 455 -92.63 -23.44 3.56
C SER C 455 -93.63 -23.82 4.64
N PRO C 456 -93.41 -24.90 5.38
CA PRO C 456 -94.33 -25.23 6.48
C PRO C 456 -94.42 -24.13 7.51
N GLU C 457 -93.34 -23.37 7.69
CA GLU C 457 -93.37 -22.25 8.63
C GLU C 457 -94.39 -21.21 8.19
N MET C 458 -94.52 -20.99 6.89
CA MET C 458 -95.50 -20.03 6.40
C MET C 458 -96.92 -20.45 6.79
N GLU C 459 -97.25 -21.72 6.60
CA GLU C 459 -98.58 -22.21 6.96
C GLU C 459 -98.79 -22.16 8.48
N GLU C 460 -97.78 -22.55 9.26
CA GLU C 460 -97.90 -22.50 10.71
C GLU C 460 -98.15 -21.07 11.19
N LEU C 461 -97.38 -20.12 10.64
CA LEU C 461 -97.53 -18.72 11.02
C LEU C 461 -98.89 -18.19 10.60
N MET C 462 -99.36 -18.56 9.40
CA MET C 462 -100.68 -18.12 8.97
C MET C 462 -101.76 -18.63 9.92
N ASN C 463 -101.63 -19.89 10.35
CA ASN C 463 -102.58 -20.44 11.32
C ASN C 463 -102.54 -19.65 12.63
N ILE C 464 -101.35 -19.44 13.18
CA ILE C 464 -101.23 -18.75 14.46
C ILE C 464 -101.82 -17.35 14.35
N ILE C 465 -101.59 -16.70 13.22
CA ILE C 465 -102.05 -15.31 13.05
C ILE C 465 -103.57 -15.27 12.91
N ASN C 466 -104.14 -16.17 12.12
CA ASN C 466 -105.59 -16.22 12.01
C ASN C 466 -106.24 -16.52 13.35
N ASP C 467 -105.59 -17.34 14.18
CA ASP C 467 -106.11 -17.59 15.52
C ASP C 467 -106.04 -16.35 16.40
N ILE C 468 -104.86 -15.72 16.46
CA ILE C 468 -104.66 -14.63 17.41
C ILE C 468 -105.53 -13.43 17.06
N GLN C 469 -105.51 -13.01 15.80
CA GLN C 469 -106.39 -11.94 15.37
C GLN C 469 -107.45 -12.52 14.45
N PRO C 470 -108.70 -12.62 14.90
CA PRO C 470 -109.76 -13.11 14.02
C PRO C 470 -109.98 -12.18 12.83
N LEU C 471 -110.15 -12.78 11.67
CA LEU C 471 -110.35 -12.06 10.41
C LEU C 471 -111.83 -11.91 10.04
N THR C 472 -112.74 -12.16 10.99
CA THR C 472 -114.17 -12.04 10.72
C THR C 472 -114.56 -10.57 10.52
N ASP C 473 -115.78 -10.38 10.01
CA ASP C 473 -116.23 -9.03 9.67
C ASP C 473 -116.32 -8.14 10.91
N GLU C 474 -116.81 -8.68 12.03
CA GLU C 474 -116.83 -7.92 13.28
C GLU C 474 -115.42 -7.49 13.66
N ASN C 475 -114.42 -8.27 13.27
CA ASN C 475 -113.03 -8.02 13.62
C ASN C 475 -112.20 -7.63 12.40
N LYS C 476 -112.85 -7.29 11.28
CA LYS C 476 -112.13 -7.03 10.04
C LYS C 476 -111.40 -5.68 10.07
N LYS C 477 -112.05 -4.64 10.58
CA LYS C 477 -111.37 -3.35 10.73
C LYS C 477 -110.19 -3.48 11.69
N ASN C 478 -110.38 -4.21 12.79
CA ASN C 478 -109.29 -4.42 13.72
C ASN C 478 -108.17 -5.25 13.10
N ARG C 479 -108.52 -6.18 12.20
CA ARG C 479 -107.49 -6.96 11.51
C ARG C 479 -106.71 -6.09 10.53
N GLU C 480 -107.40 -5.18 9.83
CA GLU C 480 -106.71 -4.21 8.98
C GLU C 480 -105.76 -3.36 9.81
N LEU C 481 -106.21 -2.95 10.99
CA LEU C 481 -105.34 -2.19 11.90
C LEU C 481 -104.11 -3.00 12.27
N TYR C 482 -104.30 -4.30 12.57
CA TYR C 482 -103.16 -5.15 12.89
C TYR C 482 -102.19 -5.23 11.72
N GLU C 483 -102.73 -5.37 10.50
CA GLU C 483 -101.89 -5.45 9.31
C GLU C 483 -101.07 -4.18 9.13
N LYS C 484 -101.70 -3.01 9.27
CA LYS C 484 -100.96 -1.77 9.18
C LYS C 484 -99.90 -1.67 10.26
N THR C 485 -100.26 -1.92 11.51
CA THR C 485 -99.34 -1.65 12.61
C THR C 485 -98.13 -2.57 12.57
N LEU C 486 -98.29 -3.78 12.04
CA LEU C 486 -97.08 -4.60 11.95
C LEU C 486 -96.25 -4.31 10.71
N SER C 487 -96.83 -3.71 9.67
CA SER C 487 -96.05 -3.38 8.48
C SER C 487 -95.17 -2.15 8.70
N SER C 488 -95.69 -1.13 9.37
CA SER C 488 -94.93 0.10 9.56
C SER C 488 -93.68 -0.14 10.38
N CYS C 489 -93.70 -1.15 11.24
CA CYS C 489 -92.60 -1.44 12.15
C CYS C 489 -91.30 -1.78 11.44
N LEU C 490 -91.29 -1.74 10.12
CA LEU C 490 -90.06 -1.85 9.33
C LEU C 490 -89.56 -0.52 8.81
N CYS C 491 -90.45 0.46 8.62
CA CYS C 491 -90.09 1.73 8.00
C CYS C 491 -89.41 2.66 9.00
N GLY C 492 -88.34 3.31 8.54
CA GLY C 492 -87.57 4.21 9.38
C GLY C 492 -87.93 5.68 9.27
N ALA C 493 -89.07 6.05 9.83
CA ALA C 493 -89.51 7.44 9.84
C ALA C 493 -90.02 7.74 11.24
N THR C 494 -90.82 8.79 11.38
CA THR C 494 -91.42 9.15 12.65
C THR C 494 -92.85 8.63 12.70
N LYS C 495 -93.11 7.68 13.59
CA LYS C 495 -94.45 7.13 13.79
C LYS C 495 -95.14 7.98 14.86
N GLY C 496 -95.91 8.96 14.42
CA GLY C 496 -96.55 9.86 15.37
C GLY C 496 -97.75 9.33 16.08
N CYS C 497 -98.42 8.32 15.52
CA CYS C 497 -99.63 7.76 16.10
C CYS C 497 -99.24 6.62 17.03
N LEU C 498 -99.97 6.47 18.13
CA LEU C 498 -99.71 5.38 19.04
C LEU C 498 -100.58 4.17 18.70
N THR C 499 -100.10 2.99 19.06
CA THR C 499 -100.82 1.74 18.89
C THR C 499 -100.91 1.05 20.25
N PHE C 500 -102.08 0.51 20.57
CA PHE C 500 -102.39 0.01 21.90
C PHE C 500 -102.96 -1.40 21.82
N PHE C 501 -102.15 -2.39 22.23
CA PHE C 501 -102.63 -3.76 22.36
C PHE C 501 -103.57 -3.89 23.55
N PHE C 502 -104.87 -3.64 23.35
CA PHE C 502 -105.84 -3.81 24.44
C PHE C 502 -106.10 -5.30 24.60
N GLY C 503 -105.06 -6.02 25.02
CA GLY C 503 -105.11 -7.46 25.11
C GLY C 503 -105.05 -7.96 26.54
N GLU C 504 -106.03 -8.78 26.91
CA GLU C 504 -106.09 -9.35 28.24
C GLU C 504 -105.04 -10.44 28.40
N THR C 505 -104.98 -11.02 29.60
CA THR C 505 -103.92 -11.97 29.92
C THR C 505 -104.07 -13.27 29.14
N ALA C 506 -102.92 -13.85 28.77
CA ALA C 506 -102.85 -15.16 28.13
C ALA C 506 -103.67 -15.22 26.83
N THR C 507 -103.40 -14.28 25.94
CA THR C 507 -104.06 -14.22 24.63
C THR C 507 -103.04 -14.26 23.50
N GLY C 508 -101.89 -14.88 23.75
CA GLY C 508 -100.86 -15.00 22.73
C GLY C 508 -100.22 -13.71 22.31
N LYS C 509 -99.87 -12.84 23.26
CA LYS C 509 -99.19 -11.59 22.95
C LYS C 509 -97.67 -11.77 22.96
N SER C 510 -97.15 -12.39 24.03
CA SER C 510 -95.70 -12.57 24.14
C SER C 510 -95.14 -13.37 22.98
N THR C 511 -95.94 -14.27 22.40
CA THR C 511 -95.46 -15.03 21.26
C THR C 511 -95.22 -14.14 20.05
N THR C 512 -96.15 -13.21 19.76
CA THR C 512 -95.91 -12.27 18.67
C THR C 512 -94.77 -11.32 19.01
N LYS C 513 -94.63 -10.97 20.28
CA LYS C 513 -93.50 -10.16 20.71
C LYS C 513 -92.18 -10.83 20.36
N ARG C 514 -92.05 -12.13 20.70
CA ARG C 514 -90.80 -12.83 20.39
C ARG C 514 -90.66 -13.12 18.90
N LEU C 515 -91.78 -13.30 18.19
CA LEU C 515 -91.74 -13.39 16.74
C LEU C 515 -91.05 -12.16 16.14
N LEU C 516 -91.50 -10.98 16.56
CA LEU C 516 -90.89 -9.75 16.08
C LEU C 516 -89.46 -9.62 16.54
N LYS C 517 -89.19 -9.97 17.80
CA LYS C 517 -87.84 -9.84 18.35
C LYS C 517 -86.85 -10.74 17.64
N SER C 518 -87.32 -11.85 17.07
CA SER C 518 -86.44 -12.73 16.30
C SER C 518 -86.46 -12.42 14.82
N ALA C 519 -87.47 -11.71 14.33
CA ALA C 519 -87.50 -11.33 12.92
C ALA C 519 -86.62 -10.12 12.65
N ILE C 520 -86.79 -9.04 13.42
CA ILE C 520 -86.07 -7.80 13.17
C ILE C 520 -84.84 -7.65 14.04
N GLY C 521 -84.60 -8.57 14.96
CA GLY C 521 -83.31 -8.61 15.63
C GLY C 521 -82.99 -7.34 16.39
N ASP C 522 -81.82 -6.76 16.10
CA ASP C 522 -81.30 -5.61 16.83
C ASP C 522 -82.11 -4.34 16.64
N LEU C 523 -83.00 -4.28 15.67
CA LEU C 523 -83.86 -3.10 15.57
C LEU C 523 -84.88 -3.04 16.65
N PHE C 524 -84.76 -3.95 17.61
CA PHE C 524 -85.70 -4.12 18.70
C PHE C 524 -85.03 -3.79 20.03
N VAL C 525 -85.80 -3.24 20.96
CA VAL C 525 -85.33 -2.95 22.30
C VAL C 525 -86.55 -2.93 23.20
N GLU C 526 -86.33 -3.17 24.49
CA GLU C 526 -87.40 -3.13 25.47
C GLU C 526 -86.99 -2.26 26.65
N THR C 527 -88.01 -1.76 27.34
CA THR C 527 -87.80 -0.85 28.47
C THR C 527 -89.00 -0.98 29.40
N GLY C 528 -88.83 -0.45 30.61
CA GLY C 528 -89.84 -0.53 31.64
C GLY C 528 -90.88 0.56 31.52
N GLN C 529 -91.64 0.75 32.59
CA GLN C 529 -92.70 1.73 32.63
C GLN C 529 -92.24 3.09 33.14
N THR C 530 -90.94 3.26 33.41
CA THR C 530 -90.44 4.55 33.87
C THR C 530 -90.68 5.64 32.83
N ILE C 531 -90.85 5.25 31.57
CA ILE C 531 -91.21 6.20 30.52
C ILE C 531 -92.57 6.82 30.81
N LEU C 532 -93.54 6.00 31.22
CA LEU C 532 -94.91 6.45 31.40
C LEU C 532 -95.24 6.74 32.86
N THR C 533 -94.23 6.92 33.70
CA THR C 533 -94.46 7.12 35.13
C THR C 533 -93.76 8.33 35.73
N ASP C 534 -92.87 9.01 35.00
CA ASP C 534 -92.14 10.13 35.55
C ASP C 534 -91.69 11.04 34.43
N VAL C 535 -90.82 11.99 34.77
CA VAL C 535 -90.24 12.90 33.79
C VAL C 535 -88.94 12.30 33.25
N LEU C 536 -88.77 12.35 31.93
CA LEU C 536 -87.61 11.75 31.29
C LEU C 536 -86.38 12.65 31.33
N ASP C 537 -86.53 13.94 31.65
CA ASP C 537 -85.38 14.83 31.67
C ASP C 537 -84.52 14.58 32.90
N LYS C 538 -85.02 14.97 34.08
CA LYS C 538 -84.41 14.71 35.38
C LYS C 538 -82.88 14.66 35.31
N GLY C 539 -82.31 13.53 35.71
CA GLY C 539 -80.90 13.28 35.53
C GLY C 539 -80.65 12.31 34.39
N PRO C 540 -79.56 11.55 34.45
CA PRO C 540 -79.28 10.57 33.41
C PRO C 540 -80.38 9.51 33.35
N ASN C 541 -80.66 9.06 32.14
CA ASN C 541 -81.76 8.11 31.90
C ASN C 541 -81.41 7.23 30.72
N PRO C 542 -80.61 6.19 30.94
CA PRO C 542 -80.31 5.26 29.84
C PRO C 542 -81.54 4.50 29.34
N PHE C 543 -82.60 4.42 30.13
CA PHE C 543 -83.83 3.79 29.68
C PHE C 543 -84.47 4.54 28.52
N ILE C 544 -84.18 5.83 28.40
CA ILE C 544 -84.66 6.62 27.27
C ILE C 544 -83.55 6.91 26.26
N ALA C 545 -82.28 6.91 26.67
CA ALA C 545 -81.19 7.18 25.74
C ALA C 545 -80.88 6.00 24.85
N ASN C 546 -81.40 4.81 25.17
CA ASN C 546 -81.14 3.62 24.37
C ASN C 546 -82.23 3.37 23.33
N MET C 547 -83.18 4.28 23.19
CA MET C 547 -84.20 4.20 22.15
C MET C 547 -83.70 4.77 20.82
N HIS C 548 -82.46 5.28 20.79
CA HIS C 548 -81.92 5.95 19.63
C HIS C 548 -81.93 5.07 18.38
N LEU C 549 -82.79 5.39 17.43
CA LEU C 549 -82.87 4.83 16.08
C LEU C 549 -83.51 3.45 16.02
N LYS C 550 -83.90 2.86 17.15
CA LYS C 550 -84.57 1.56 17.11
C LYS C 550 -85.91 1.71 16.40
N ARG C 551 -86.34 0.63 15.74
CA ARG C 551 -87.58 0.64 14.98
C ARG C 551 -88.72 -0.06 15.69
N SER C 552 -88.52 -0.56 16.91
CA SER C 552 -89.59 -1.22 17.64
C SER C 552 -89.23 -1.31 19.11
N VAL C 553 -90.20 -0.98 19.96
CA VAL C 553 -90.01 -1.04 21.41
C VAL C 553 -91.39 -1.09 22.04
N PHE C 554 -91.50 -1.83 23.15
CA PHE C 554 -92.78 -2.00 23.83
C PHE C 554 -92.63 -1.65 25.30
N CYS C 555 -93.77 -1.58 25.99
CA CYS C 555 -93.81 -1.38 27.42
C CYS C 555 -95.01 -2.13 27.97
N SER C 556 -94.77 -2.95 28.99
CA SER C 556 -95.81 -3.80 29.58
C SER C 556 -95.77 -3.64 31.09
N GLU C 557 -96.50 -4.51 31.79
CA GLU C 557 -96.44 -4.61 33.25
C GLU C 557 -96.81 -3.28 33.90
N LEU C 558 -97.90 -2.70 33.42
CA LEU C 558 -98.28 -1.36 33.81
C LEU C 558 -98.77 -1.34 35.26
N PRO C 559 -98.57 -0.22 35.97
CA PRO C 559 -99.17 -0.06 37.29
C PRO C 559 -100.65 0.28 37.21
N ASP C 560 -101.50 -0.75 37.19
CA ASP C 560 -102.94 -0.59 37.06
C ASP C 560 -103.46 0.52 37.97
N PHE C 561 -104.26 1.42 37.38
CA PHE C 561 -104.77 2.58 38.08
C PHE C 561 -106.15 2.36 38.67
N ALA C 562 -106.69 1.14 38.58
CA ALA C 562 -107.97 0.85 39.21
C ALA C 562 -107.88 1.06 40.72
N CYS C 563 -106.71 0.80 41.31
CA CYS C 563 -106.46 1.03 42.72
C CYS C 563 -105.50 2.21 42.88
N SER C 564 -105.87 3.16 43.74
CA SER C 564 -105.03 4.33 43.95
C SER C 564 -103.75 3.94 44.70
N GLY C 565 -102.70 4.73 44.46
CA GLY C 565 -101.42 4.47 45.09
C GLY C 565 -100.24 4.74 44.19
N SER C 566 -100.51 5.08 42.93
CA SER C 566 -99.47 5.39 41.96
C SER C 566 -99.87 6.65 41.20
N LYS C 567 -98.86 7.37 40.72
CA LYS C 567 -99.09 8.58 39.94
C LYS C 567 -99.70 8.21 38.59
N LYS C 568 -100.75 8.94 38.21
CA LYS C 568 -101.41 8.69 36.93
C LYS C 568 -100.45 8.93 35.78
N ILE C 569 -100.63 8.15 34.70
CA ILE C 569 -99.73 8.23 33.56
C ILE C 569 -99.72 9.64 33.01
N ARG C 570 -98.53 10.15 32.73
CA ARG C 570 -98.40 11.51 32.23
C ARG C 570 -98.89 11.58 30.79
N SER C 571 -99.80 12.54 30.53
CA SER C 571 -100.32 12.69 29.18
C SER C 571 -99.27 13.27 28.24
N ASP C 572 -98.37 14.12 28.75
CA ASP C 572 -97.29 14.62 27.91
C ASP C 572 -96.39 13.49 27.45
N ASN C 573 -96.26 12.44 28.27
CA ASN C 573 -95.45 11.27 27.93
C ASN C 573 -95.98 10.53 26.72
N ILE C 574 -97.08 10.98 26.13
CA ILE C 574 -97.49 10.58 24.80
C ILE C 574 -97.10 11.62 23.76
N LYS C 575 -97.21 12.91 24.10
CA LYS C 575 -96.81 13.95 23.19
C LYS C 575 -95.30 13.93 22.91
N LYS C 576 -94.49 13.70 23.95
CA LYS C 576 -93.05 13.62 23.74
C LYS C 576 -92.65 12.38 22.95
N LEU C 577 -93.49 11.34 22.95
CA LEU C 577 -93.25 10.14 22.17
C LEU C 577 -93.86 10.20 20.78
N THR C 578 -94.00 11.40 20.24
CA THR C 578 -94.52 11.59 18.88
C THR C 578 -93.62 12.54 18.12
N GLU C 579 -93.00 13.49 18.82
CA GLU C 579 -92.14 14.46 18.15
C GLU C 579 -90.90 13.75 17.60
N PRO C 580 -90.42 14.17 16.43
CA PRO C 580 -89.32 13.44 15.78
C PRO C 580 -88.00 13.44 16.53
N CYS C 581 -87.98 14.02 17.74
CA CYS C 581 -86.81 13.91 18.60
C CYS C 581 -87.28 13.88 20.05
N VAL C 582 -86.54 13.16 20.88
CA VAL C 582 -86.85 13.09 22.31
C VAL C 582 -85.64 13.56 23.09
N ILE C 583 -85.89 13.93 24.35
CA ILE C 583 -84.90 14.60 25.18
C ILE C 583 -84.48 13.67 26.30
N GLY C 584 -83.18 13.49 26.46
CA GLY C 584 -82.63 12.64 27.49
C GLY C 584 -81.17 12.35 27.23
N ARG C 585 -80.41 12.05 28.28
CA ARG C 585 -78.98 11.85 28.11
C ARG C 585 -78.54 10.59 28.84
N PRO C 586 -77.51 9.91 28.34
CA PRO C 586 -76.95 8.77 29.07
C PRO C 586 -76.23 9.22 30.32
N CYS C 587 -75.76 8.25 31.08
CA CYS C 587 -74.96 8.57 32.27
C CYS C 587 -73.61 9.14 31.85
N PHE C 588 -73.25 10.27 32.47
CA PHE C 588 -71.95 10.91 32.27
C PHE C 588 -71.76 11.32 30.80
N SER C 589 -72.83 11.80 30.18
CA SER C 589 -72.79 12.14 28.76
C SER C 589 -73.43 13.49 28.54
N ASN C 590 -73.00 14.18 27.47
CA ASN C 590 -73.41 15.54 27.18
C ASN C 590 -74.57 15.62 26.19
N LYS C 591 -74.61 14.74 25.20
CA LYS C 591 -75.60 14.85 24.14
C LYS C 591 -77.01 14.76 24.71
N ILE C 592 -77.89 15.64 24.22
CA ILE C 592 -79.25 15.72 24.72
C ILE C 592 -80.28 15.41 23.64
N ASN C 593 -79.94 15.55 22.37
CA ASN C 593 -80.87 15.25 21.28
C ASN C 593 -80.86 13.77 20.97
N ASN C 594 -82.03 13.23 20.67
CA ASN C 594 -82.18 11.79 20.47
C ASN C 594 -83.15 11.52 19.33
N ARG C 595 -82.76 10.63 18.43
CA ARG C 595 -83.54 10.34 17.24
C ARG C 595 -84.61 9.29 17.53
N ASN C 596 -85.74 9.40 16.85
CA ASN C 596 -86.94 8.63 17.19
C ASN C 596 -87.60 8.08 15.92
N HIS C 597 -87.12 6.92 15.47
CA HIS C 597 -87.76 6.16 14.40
C HIS C 597 -88.69 5.09 14.94
N ALA C 598 -88.80 4.95 16.25
CA ALA C 598 -89.37 3.75 16.85
C ALA C 598 -90.88 3.64 16.60
N THR C 599 -91.37 2.41 16.68
CA THR C 599 -92.77 2.11 16.88
C THR C 599 -92.93 1.61 18.31
N ILE C 600 -93.74 2.32 19.09
CA ILE C 600 -93.99 2.00 20.48
C ILE C 600 -95.45 1.56 20.60
N ILE C 601 -95.68 0.41 21.22
CA ILE C 601 -97.02 -0.15 21.39
C ILE C 601 -97.17 -0.60 22.83
N ILE C 602 -98.32 -0.31 23.42
CA ILE C 602 -98.63 -0.68 24.79
C ILE C 602 -99.52 -1.91 24.77
N ASP C 603 -99.25 -2.84 25.68
CA ASP C 603 -100.00 -4.10 25.78
C ASP C 603 -100.46 -4.31 27.22
N THR C 604 -101.76 -4.16 27.44
CA THR C 604 -102.32 -4.31 28.79
C THR C 604 -103.81 -4.63 28.67
N ASN C 605 -104.48 -4.67 29.83
CA ASN C 605 -105.83 -5.16 29.94
C ASN C 605 -106.86 -4.08 30.26
N TYR C 606 -106.50 -3.10 31.08
CA TYR C 606 -107.46 -2.15 31.62
C TYR C 606 -107.40 -0.84 30.84
N LYS C 607 -108.55 -0.17 30.74
CA LYS C 607 -108.64 1.07 30.00
C LYS C 607 -107.77 2.15 30.65
N PRO C 608 -106.98 2.85 29.85
CA PRO C 608 -106.07 3.86 30.40
C PRO C 608 -106.83 5.08 30.92
N VAL C 609 -106.22 5.71 31.93
CA VAL C 609 -106.75 6.92 32.53
C VAL C 609 -105.63 7.95 32.63
N PHE C 610 -105.90 9.16 32.14
CA PHE C 610 -104.88 10.20 32.04
C PHE C 610 -105.27 11.38 32.92
N ASP C 611 -104.25 12.06 33.45
CA ASP C 611 -104.49 13.16 34.39
C ASP C 611 -105.29 14.28 33.74
N ARG C 612 -104.94 14.65 32.51
CA ARG C 612 -105.66 15.69 31.80
C ARG C 612 -105.76 15.29 30.33
N ILE C 613 -106.98 15.04 29.87
CA ILE C 613 -107.25 14.62 28.51
C ILE C 613 -107.71 15.83 27.72
N ASP C 614 -106.98 16.16 26.66
CA ASP C 614 -107.26 17.34 25.85
C ASP C 614 -107.12 16.97 24.38
N ASN C 615 -107.12 17.99 23.53
CA ASN C 615 -107.02 17.77 22.09
C ASN C 615 -105.68 17.21 21.67
N ALA C 616 -104.66 17.29 22.54
CA ALA C 616 -103.35 16.75 22.18
C ALA C 616 -103.34 15.24 22.20
N LEU C 617 -103.89 14.63 23.25
CA LEU C 617 -103.75 13.18 23.43
C LEU C 617 -104.67 12.38 22.53
N MET C 618 -105.77 12.97 22.06
CA MET C 618 -106.77 12.19 21.35
C MET C 618 -106.26 11.66 20.02
N ARG C 619 -105.48 12.45 19.28
CA ARG C 619 -104.95 12.01 18.00
C ARG C 619 -103.69 11.17 18.12
N ARG C 620 -103.07 11.13 19.30
CA ARG C 620 -101.86 10.37 19.54
C ARG C 620 -102.13 9.03 20.20
N ILE C 621 -103.27 8.42 19.89
CA ILE C 621 -103.65 7.15 20.49
C ILE C 621 -104.62 6.45 19.57
N ALA C 622 -104.46 5.13 19.47
CA ALA C 622 -105.39 4.28 18.74
C ALA C 622 -105.33 2.89 19.35
N VAL C 623 -106.50 2.26 19.46
CA VAL C 623 -106.64 1.01 20.19
C VAL C 623 -106.79 -0.13 19.19
N VAL C 624 -106.02 -1.19 19.39
CA VAL C 624 -106.23 -2.46 18.73
C VAL C 624 -106.59 -3.48 19.80
N ARG C 625 -107.40 -4.47 19.44
CA ARG C 625 -108.00 -5.37 20.41
C ARG C 625 -107.79 -6.82 19.98
N PHE C 626 -107.62 -7.68 20.97
CA PHE C 626 -107.50 -9.12 20.77
C PHE C 626 -108.78 -9.79 21.25
N ARG C 627 -109.39 -10.61 20.39
CA ARG C 627 -110.63 -11.28 20.75
C ARG C 627 -110.47 -12.80 20.60
N THR C 628 -109.39 -13.33 21.18
CA THR C 628 -109.15 -14.77 21.16
C THR C 628 -108.35 -15.14 22.41
N HIS C 629 -108.57 -16.35 22.89
CA HIS C 629 -107.88 -16.88 24.06
C HIS C 629 -107.45 -18.31 23.76
N PHE C 630 -106.36 -18.73 24.38
CA PHE C 630 -105.92 -20.12 24.34
C PHE C 630 -105.67 -20.57 25.76
N SER C 631 -106.17 -21.76 26.12
CA SER C 631 -106.20 -22.21 27.50
C SER C 631 -105.72 -23.65 27.62
N GLN C 632 -105.23 -23.98 28.81
CA GLN C 632 -104.90 -25.35 29.15
C GLN C 632 -106.16 -26.16 29.39
N PRO C 633 -106.09 -27.49 29.26
CA PRO C 633 -107.29 -28.32 29.48
C PRO C 633 -107.88 -28.19 30.88
N SER C 634 -107.07 -27.90 31.90
CA SER C 634 -107.58 -27.88 33.27
C SER C 634 -108.63 -26.78 33.46
N GLY C 635 -108.37 -25.60 32.92
CA GLY C 635 -109.30 -24.49 33.06
C GLY C 635 -110.01 -24.12 31.78
N ARG C 636 -110.40 -25.13 31.00
CA ARG C 636 -111.02 -24.88 29.70
C ARG C 636 -112.37 -24.19 29.86
N GLU C 637 -113.17 -24.61 30.86
CA GLU C 637 -114.52 -24.07 31.00
C GLU C 637 -114.51 -22.62 31.43
N ALA C 638 -113.47 -22.17 32.13
CA ALA C 638 -113.43 -20.80 32.63
C ALA C 638 -113.35 -19.80 31.47
N ALA C 639 -112.40 -20.01 30.55
CA ALA C 639 -112.24 -19.10 29.43
C ALA C 639 -113.28 -19.32 28.34
N GLU C 640 -113.74 -20.55 28.16
CA GLU C 640 -114.71 -20.85 27.11
C GLU C 640 -116.03 -20.11 27.28
N ASN C 641 -116.30 -19.62 28.49
CA ASN C 641 -117.54 -18.92 28.80
C ASN C 641 -117.24 -17.56 29.41
N ASN C 642 -116.36 -16.80 28.76
CA ASN C 642 -116.03 -15.43 29.14
C ASN C 642 -116.50 -14.47 28.07
N ASP C 643 -117.08 -13.35 28.49
CA ASP C 643 -117.60 -12.36 27.54
C ASP C 643 -116.51 -11.58 26.84
N ALA C 644 -115.25 -11.70 27.26
CA ALA C 644 -114.16 -11.00 26.61
C ALA C 644 -113.47 -11.83 25.54
N TYR C 645 -113.87 -13.09 25.35
CA TYR C 645 -113.28 -13.96 24.35
C TYR C 645 -114.35 -14.41 23.37
N ASP C 646 -114.09 -14.23 22.07
CA ASP C 646 -114.94 -14.77 21.03
C ASP C 646 -114.45 -16.12 20.53
N LYS C 647 -113.40 -16.66 21.13
CA LYS C 647 -112.88 -17.99 20.80
C LYS C 647 -111.88 -18.39 21.87
N VAL C 648 -111.90 -19.68 22.23
CA VAL C 648 -110.91 -20.25 23.13
C VAL C 648 -110.44 -21.58 22.55
N LYS C 649 -109.13 -21.79 22.57
CA LYS C 649 -108.50 -22.97 22.00
C LYS C 649 -107.57 -23.58 23.06
N LEU C 650 -106.72 -24.51 22.62
CA LEU C 650 -105.76 -25.12 23.52
C LEU C 650 -104.45 -24.33 23.53
N LEU C 651 -103.74 -24.41 24.65
CA LEU C 651 -102.41 -23.80 24.76
C LEU C 651 -101.35 -24.80 24.33
N ASP C 652 -100.52 -24.38 23.37
CA ASP C 652 -99.44 -25.20 22.86
C ASP C 652 -98.24 -25.11 23.80
N GLU C 653 -97.58 -26.25 24.02
CA GLU C 653 -96.37 -26.31 24.81
C GLU C 653 -95.13 -26.54 23.96
N GLY C 654 -95.20 -26.23 22.66
CA GLY C 654 -94.06 -26.39 21.78
C GLY C 654 -93.69 -25.12 21.02
N LEU C 655 -94.58 -24.13 21.01
CA LEU C 655 -94.31 -22.88 20.31
C LEU C 655 -93.08 -22.18 20.88
N ASP C 656 -92.95 -22.16 22.21
CA ASP C 656 -91.89 -21.38 22.83
C ASP C 656 -90.51 -21.90 22.45
N GLY C 657 -90.33 -23.22 22.44
CA GLY C 657 -89.05 -23.78 22.04
C GLY C 657 -88.70 -23.47 20.60
N LYS C 658 -89.68 -23.60 19.70
CA LYS C 658 -89.44 -23.29 18.29
C LYS C 658 -89.14 -21.81 18.07
N ILE C 659 -89.88 -20.95 18.75
CA ILE C 659 -89.78 -19.52 18.49
C ILE C 659 -88.52 -18.94 19.11
N GLN C 660 -88.05 -19.53 20.21
CA GLN C 660 -86.80 -19.05 20.80
C GLN C 660 -85.61 -19.37 19.90
N ASN C 661 -85.69 -20.43 19.11
CA ASN C 661 -84.61 -20.82 18.21
C ASN C 661 -84.85 -20.33 16.79
N ASN C 662 -85.43 -19.14 16.66
CA ASN C 662 -85.51 -18.37 15.40
C ASN C 662 -85.91 -19.24 14.21
N ARG C 663 -86.86 -20.15 14.44
CA ARG C 663 -87.36 -20.99 13.36
C ARG C 663 -88.07 -20.15 12.31
N TYR C 664 -88.98 -19.28 12.73
CA TYR C 664 -89.85 -18.53 11.84
C TYR C 664 -89.28 -17.17 11.51
N ARG C 665 -88.00 -16.95 11.78
CA ARG C 665 -87.40 -15.63 11.61
C ARG C 665 -87.55 -15.13 10.18
N PHE C 666 -87.12 -15.93 9.21
CA PHE C 666 -87.21 -15.48 7.83
C PHE C 666 -88.64 -15.58 7.30
N ALA C 667 -89.42 -16.57 7.74
CA ALA C 667 -90.81 -16.63 7.34
C ALA C 667 -91.58 -15.42 7.86
N PHE C 668 -91.38 -15.08 9.15
CA PHE C 668 -92.04 -13.90 9.69
C PHE C 668 -91.57 -12.65 8.97
N LEU C 669 -90.28 -12.56 8.68
CA LEU C 669 -89.76 -11.39 7.98
C LEU C 669 -90.38 -11.25 6.60
N TYR C 670 -90.55 -12.37 5.89
CA TYR C 670 -91.19 -12.34 4.57
C TYR C 670 -92.64 -11.88 4.69
N LEU C 671 -93.34 -12.38 5.70
CA LEU C 671 -94.73 -11.95 5.88
C LEU C 671 -94.79 -10.46 6.16
N LEU C 672 -93.86 -9.96 6.98
CA LEU C 672 -93.82 -8.54 7.29
C LEU C 672 -93.56 -7.70 6.06
N VAL C 673 -92.62 -8.13 5.20
CA VAL C 673 -92.35 -7.33 4.01
C VAL C 673 -93.53 -7.37 3.06
N LYS C 674 -94.24 -8.49 2.98
CA LYS C 674 -95.46 -8.51 2.18
C LYS C 674 -96.48 -7.52 2.71
N TRP C 675 -96.65 -7.49 4.04
CA TRP C 675 -97.56 -6.52 4.65
C TRP C 675 -97.12 -5.09 4.36
N TYR C 676 -95.82 -4.84 4.38
CA TYR C 676 -95.32 -3.51 4.03
C TYR C 676 -95.72 -3.16 2.60
N LYS C 677 -95.60 -4.13 1.69
CA LYS C 677 -96.03 -3.89 0.32
C LYS C 677 -97.53 -3.69 0.22
N LYS C 678 -98.29 -4.15 1.23
CA LYS C 678 -99.72 -3.87 1.26
C LYS C 678 -99.99 -2.37 1.37
N TYR C 679 -99.30 -1.68 2.29
CA TYR C 679 -99.51 -0.25 2.52
C TYR C 679 -98.16 0.47 2.45
N HIS C 680 -97.70 0.73 1.24
CA HIS C 680 -96.47 1.46 0.99
C HIS C 680 -96.76 2.69 0.14
N ILE C 681 -97.80 3.41 0.54
CA ILE C 681 -98.20 4.66 -0.10
C ILE C 681 -97.05 5.64 0.01
N PRO C 682 -97.05 6.74 -0.74
CA PRO C 682 -95.89 7.65 -0.70
C PRO C 682 -95.49 8.11 0.68
N ILE C 683 -96.44 8.22 1.62
CA ILE C 683 -96.13 8.62 2.99
C ILE C 683 -96.76 7.61 3.94
N MET C 684 -95.93 6.90 4.69
CA MET C 684 -96.42 6.04 5.76
C MET C 684 -96.96 6.92 6.88
N LYS C 685 -98.25 6.80 7.16
CA LYS C 685 -98.87 7.49 8.30
C LYS C 685 -99.85 6.55 8.96
N LEU C 686 -100.03 6.70 10.27
CA LEU C 686 -100.96 5.90 11.03
C LEU C 686 -102.11 6.77 11.51
N TYR C 687 -103.34 6.30 11.32
CA TYR C 687 -104.55 7.02 11.67
C TYR C 687 -105.07 6.57 13.04
N PRO C 688 -105.27 7.52 13.96
CA PRO C 688 -105.87 7.16 15.25
C PRO C 688 -107.32 6.76 15.09
N THR C 689 -107.78 5.91 15.99
CA THR C 689 -109.18 5.47 16.04
C THR C 689 -109.71 5.73 17.45
N PRO C 690 -110.25 6.93 17.71
CA PRO C 690 -110.64 7.29 19.08
C PRO C 690 -111.91 6.62 19.55
N GLU C 691 -112.55 5.80 18.72
CA GLU C 691 -113.86 5.24 19.05
C GLU C 691 -113.82 4.26 20.21
N GLU C 692 -112.64 3.84 20.66
CA GLU C 692 -112.52 2.81 21.68
C GLU C 692 -112.31 3.36 23.08
N ILE C 693 -111.72 4.55 23.22
CA ILE C 693 -111.41 5.10 24.53
C ILE C 693 -112.70 5.54 25.21
N PRO C 694 -113.04 4.98 26.37
CA PRO C 694 -114.29 5.37 27.04
C PRO C 694 -114.23 6.73 27.69
N ASP C 695 -113.03 7.27 27.92
CA ASP C 695 -112.92 8.55 28.62
C ASP C 695 -113.29 9.71 27.73
N PHE C 696 -113.30 9.51 26.41
CA PHE C 696 -113.55 10.59 25.47
C PHE C 696 -115.03 10.85 25.22
N ALA C 697 -115.92 10.06 25.81
CA ALA C 697 -117.35 10.23 25.58
C ALA C 697 -117.82 11.60 26.04
N PHE C 698 -117.38 12.04 27.22
CA PHE C 698 -117.72 13.39 27.68
C PHE C 698 -117.11 14.44 26.77
N TYR C 699 -115.83 14.26 26.39
CA TYR C 699 -115.17 15.21 25.51
C TYR C 699 -115.80 15.20 24.12
N LEU C 700 -116.13 14.03 23.60
CA LEU C 700 -116.81 13.95 22.31
C LEU C 700 -118.19 14.60 22.38
N LYS C 701 -118.89 14.41 23.48
CA LYS C 701 -120.24 14.96 23.60
C LYS C 701 -120.21 16.48 23.61
N ILE C 702 -119.41 17.08 24.49
CA ILE C 702 -119.42 18.53 24.64
C ILE C 702 -118.92 19.22 23.39
N GLY C 703 -117.95 18.61 22.69
CA GLY C 703 -117.52 19.17 21.42
C GLY C 703 -118.63 19.19 20.39
N THR C 704 -119.54 18.22 20.44
CA THR C 704 -120.67 18.13 19.54
C THR C 704 -121.97 18.66 20.15
N LEU C 705 -121.91 19.24 21.35
CA LEU C 705 -123.11 19.72 22.03
C LEU C 705 -123.12 21.23 22.24
N LEU C 706 -121.98 21.83 22.53
CA LEU C 706 -121.90 23.25 22.86
C LEU C 706 -120.98 23.97 21.89
N VAL C 707 -121.38 25.18 21.49
CA VAL C 707 -120.60 26.03 20.60
C VAL C 707 -120.61 27.45 21.14
N SER C 708 -119.49 28.14 21.01
CA SER C 708 -119.36 29.49 21.53
C SER C 708 -120.31 30.44 20.82
N SER C 709 -120.82 31.42 21.55
CA SER C 709 -121.69 32.42 20.96
C SER C 709 -120.92 33.25 19.94
N SER C 710 -121.56 33.55 18.82
CA SER C 710 -120.95 34.26 17.71
C SER C 710 -121.81 35.47 17.36
N VAL C 711 -121.36 36.22 16.35
CA VAL C 711 -122.15 37.33 15.84
C VAL C 711 -123.44 36.82 15.22
N LYS C 712 -123.38 35.64 14.57
CA LYS C 712 -124.59 35.01 14.08
C LYS C 712 -125.54 34.61 15.20
N HIS C 713 -125.02 34.43 16.42
CA HIS C 713 -125.86 34.10 17.56
C HIS C 713 -126.67 35.29 18.06
N ILE C 714 -126.42 36.49 17.55
CA ILE C 714 -127.17 37.68 17.95
C ILE C 714 -128.56 37.65 17.30
N PRO C 715 -128.70 37.43 15.97
CA PRO C 715 -130.06 37.37 15.41
C PRO C 715 -130.67 35.99 15.56
N LEU C 716 -130.47 35.36 16.72
CA LEU C 716 -131.23 34.19 17.12
C LEU C 716 -131.50 34.15 18.61
N MET C 717 -131.07 35.17 19.37
CA MET C 717 -131.31 35.21 20.80
C MET C 717 -132.71 35.66 21.15
N THR C 718 -133.50 36.10 20.17
CA THR C 718 -134.90 36.43 20.43
C THR C 718 -135.66 35.22 20.94
N ASP C 719 -135.40 34.05 20.35
CA ASP C 719 -135.96 32.80 20.84
C ASP C 719 -135.22 32.27 22.05
N LEU C 720 -134.06 32.84 22.39
CA LEU C 720 -133.28 32.39 23.54
C LEU C 720 -133.73 33.03 24.84
N SER C 721 -134.65 34.00 24.79
CA SER C 721 -135.21 34.56 26.02
C SER C 721 -136.02 33.51 26.78
N LYS C 722 -136.76 32.67 26.07
CA LYS C 722 -137.50 31.59 26.71
C LYS C 722 -136.58 30.50 27.24
N LYS C 723 -135.39 30.36 26.67
CA LYS C 723 -134.41 29.40 27.18
C LYS C 723 -133.56 29.97 28.30
N GLY C 724 -133.79 31.22 28.69
CA GLY C 724 -133.04 31.85 29.75
C GLY C 724 -131.72 32.47 29.33
N TYR C 725 -131.34 32.35 28.06
CA TYR C 725 -130.07 32.90 27.61
C TYR C 725 -130.11 34.42 27.60
N ILE C 726 -129.09 35.03 28.19
CA ILE C 726 -128.99 36.47 28.30
C ILE C 726 -127.81 36.94 27.46
N LEU C 727 -127.83 38.22 27.12
CA LEU C 727 -126.83 38.80 26.22
C LEU C 727 -126.00 39.84 26.98
N TYR C 728 -124.70 39.84 26.69
CA TYR C 728 -123.77 40.82 27.23
C TYR C 728 -122.78 41.19 26.14
N ASP C 729 -122.70 42.49 25.84
CA ASP C 729 -121.91 43.03 24.72
C ASP C 729 -122.06 42.16 23.47
N ASN C 730 -123.31 41.86 23.14
CA ASN C 730 -123.66 41.04 21.97
C ASN C 730 -123.09 39.64 22.06
N VAL C 731 -122.89 39.13 23.27
CA VAL C 731 -122.45 37.77 23.51
C VAL C 731 -123.53 37.05 24.29
N VAL C 732 -124.02 35.95 23.75
CA VAL C 732 -125.10 35.19 24.38
C VAL C 732 -124.53 34.42 25.56
N THR C 733 -125.10 34.65 26.74
CA THR C 733 -124.61 34.04 27.96
C THR C 733 -125.77 33.42 28.73
N LEU C 734 -125.44 32.43 29.55
CA LEU C 734 -126.41 31.70 30.34
C LEU C 734 -125.93 31.67 31.79
N PRO C 735 -126.82 31.72 32.77
CA PRO C 735 -126.38 31.64 34.17
C PRO C 735 -125.71 30.31 34.47
N LEU C 736 -124.78 30.37 35.43
CA LEU C 736 -123.99 29.20 35.79
C LEU C 736 -124.87 28.06 36.30
N THR C 737 -125.80 28.38 37.20
CA THR C 737 -126.73 27.37 37.69
C THR C 737 -127.61 26.83 36.57
N THR C 738 -127.90 27.66 35.56
CA THR C 738 -128.65 27.16 34.41
C THR C 738 -127.85 26.13 33.61
N PHE C 739 -126.54 26.37 33.45
CA PHE C 739 -125.68 25.34 32.89
C PHE C 739 -125.73 24.08 33.74
N GLN C 740 -125.67 24.24 35.07
CA GLN C 740 -125.65 23.08 35.95
C GLN C 740 -126.92 22.23 35.80
N GLN C 741 -128.08 22.89 35.75
CA GLN C 741 -129.35 22.15 35.73
C GLN C 741 -129.69 21.64 34.34
N LYS C 742 -129.40 22.42 33.30
CA LYS C 742 -129.86 22.06 31.96
C LYS C 742 -129.08 20.89 31.37
N ILE C 743 -127.76 20.88 31.58
CA ILE C 743 -126.90 19.87 30.97
C ILE C 743 -127.02 18.50 31.62
N SER C 744 -127.68 18.42 32.79
CA SER C 744 -127.77 17.16 33.51
C SER C 744 -128.72 16.16 32.85
N LYS C 745 -129.47 16.57 31.83
CA LYS C 745 -130.45 15.68 31.21
C LYS C 745 -129.83 14.67 30.27
N TYR C 746 -128.53 14.78 29.98
CA TYR C 746 -127.84 13.82 29.12
C TYR C 746 -127.15 12.74 29.92
N PHE C 747 -126.36 13.11 30.93
CA PHE C 747 -125.63 12.17 31.76
C PHE C 747 -125.87 12.50 33.23
N ASN C 748 -125.68 11.49 34.08
CA ASN C 748 -125.82 11.71 35.51
C ASN C 748 -124.65 12.53 36.04
N SER C 749 -124.87 13.19 37.17
CA SER C 749 -123.95 14.20 37.67
C SER C 749 -122.87 13.64 38.58
N ARG C 750 -123.13 12.51 39.26
CA ARG C 750 -122.17 12.00 40.24
C ARG C 750 -120.86 11.59 39.57
N LEU C 751 -120.94 10.87 38.46
CA LEU C 751 -119.73 10.35 37.83
C LEU C 751 -118.89 11.46 37.23
N PHE C 752 -119.53 12.51 36.70
CA PHE C 752 -118.84 13.55 35.97
C PHE C 752 -118.77 14.87 36.74
N GLY C 753 -118.90 14.82 38.06
CA GLY C 753 -118.89 16.05 38.84
C GLY C 753 -117.58 16.82 38.73
N HIS C 754 -116.46 16.10 38.84
CA HIS C 754 -115.16 16.75 38.68
C HIS C 754 -114.99 17.28 37.25
N ASP C 755 -115.45 16.53 36.26
CA ASP C 755 -115.44 17.03 34.89
C ASP C 755 -116.30 18.28 34.76
N ILE C 756 -117.46 18.29 35.41
CA ILE C 756 -118.35 19.44 35.35
C ILE C 756 -117.68 20.66 35.96
N GLU C 757 -117.04 20.49 37.12
CA GLU C 757 -116.41 21.64 37.77
C GLU C 757 -115.19 22.12 36.98
N SER C 758 -114.43 21.20 36.38
CA SER C 758 -113.31 21.60 35.55
C SER C 758 -113.79 22.40 34.34
N PHE C 759 -114.85 21.92 33.70
CA PHE C 759 -115.41 22.64 32.56
C PHE C 759 -115.94 24.01 32.97
N ILE C 760 -116.57 24.08 34.16
CA ILE C 760 -117.11 25.35 34.63
C ILE C 760 -116.00 26.36 34.88
N ASN C 761 -114.96 25.95 35.61
CA ASN C 761 -113.90 26.90 35.94
C ASN C 761 -112.99 27.20 34.75
N ARG C 762 -112.97 26.33 33.73
CA ARG C 762 -112.14 26.56 32.55
C ARG C 762 -112.90 27.21 31.40
N HIS C 763 -114.22 27.28 31.47
CA HIS C 763 -115.03 27.78 30.36
C HIS C 763 -115.97 28.90 30.74
N LYS C 764 -115.89 29.43 31.97
CA LYS C 764 -116.77 30.51 32.37
C LYS C 764 -116.02 31.84 32.32
N LYS C 765 -116.70 32.85 31.80
CA LYS C 765 -116.20 34.22 31.80
C LYS C 765 -116.97 35.04 32.83
N PHE C 766 -116.63 36.32 32.92
CA PHE C 766 -117.21 37.19 33.93
C PHE C 766 -117.73 38.46 33.27
N ALA C 767 -118.97 38.83 33.60
CA ALA C 767 -119.55 40.11 33.23
C ALA C 767 -119.44 41.12 34.37
N ASN C 768 -119.86 40.73 35.56
CA ASN C 768 -119.66 41.49 36.78
C ASN C 768 -119.37 40.50 37.91
N VAL C 769 -119.40 40.98 39.14
CA VAL C 769 -119.17 40.11 40.29
C VAL C 769 -120.31 39.10 40.43
N SER C 770 -121.54 39.58 40.37
CA SER C 770 -122.70 38.70 40.54
C SER C 770 -122.89 37.80 39.33
N ASP C 771 -122.70 38.33 38.13
CA ASP C 771 -123.00 37.60 36.89
C ASP C 771 -121.74 36.86 36.44
N GLU C 772 -121.77 35.54 36.58
CA GLU C 772 -120.75 34.65 36.04
C GLU C 772 -121.41 33.69 35.08
N TYR C 773 -120.88 33.59 33.87
CA TYR C 773 -121.52 32.83 32.80
C TYR C 773 -120.44 32.13 31.98
N LEU C 774 -120.86 31.08 31.27
CA LEU C 774 -119.99 30.31 30.40
C LEU C 774 -120.31 30.62 28.94
N GLN C 775 -119.29 30.57 28.09
CA GLN C 775 -119.44 30.90 26.67
C GLN C 775 -119.83 29.68 25.83
N TYR C 776 -120.91 29.00 26.23
CA TYR C 776 -121.40 27.83 25.53
C TYR C 776 -122.91 27.95 25.33
N ILE C 777 -123.36 27.49 24.17
CA ILE C 777 -124.78 27.51 23.81
C ILE C 777 -125.21 26.09 23.46
N PHE C 778 -126.34 25.66 24.00
CA PHE C 778 -126.87 24.34 23.69
C PHE C 778 -127.40 24.34 22.26
N ILE C 779 -127.00 23.33 21.48
CA ILE C 779 -127.40 23.28 20.07
C ILE C 779 -128.91 23.06 19.93
N GLU C 780 -129.54 22.47 20.95
CA GLU C 780 -130.97 22.19 20.85
C GLU C 780 -131.78 23.48 20.71
N ASP C 781 -131.45 24.51 21.47
CA ASP C 781 -132.17 25.77 21.35
C ASP C 781 -131.77 26.53 20.09
N ILE C 782 -130.57 26.29 19.56
CA ILE C 782 -130.17 26.92 18.30
C ILE C 782 -130.96 26.33 17.14
N SER C 783 -131.17 25.01 17.14
CA SER C 783 -131.96 24.38 16.09
C SER C 783 -133.43 24.78 16.19
N SER C 784 -133.98 24.81 17.39
CA SER C 784 -135.38 25.16 17.57
C SER C 784 -135.58 26.64 17.29
N PRO C 785 -136.60 27.02 16.51
CA PRO C 785 -136.89 28.43 16.20
C PRO C 785 -137.36 29.21 17.42
N TRP D 236 -10.51 -0.19 46.52
CA TRP D 236 -11.88 -0.32 46.02
C TRP D 236 -12.93 0.35 46.90
N GLU D 237 -13.48 1.43 46.38
CA GLU D 237 -14.52 2.17 47.05
C GLU D 237 -15.85 1.42 46.93
N PRO D 238 -16.67 1.42 47.97
CA PRO D 238 -17.86 0.57 48.01
C PRO D 238 -18.97 1.01 47.07
N GLY D 239 -18.70 1.88 46.11
CA GLY D 239 -19.70 2.24 45.13
C GLY D 239 -19.24 2.02 43.71
N PHE D 240 -18.17 1.25 43.51
CA PHE D 240 -17.64 1.12 42.15
C PHE D 240 -18.49 0.16 41.34
N ILE D 241 -18.29 -1.13 41.58
CA ILE D 241 -18.95 -2.23 40.87
C ILE D 241 -18.64 -3.49 41.66
N SER D 242 -19.51 -4.49 41.57
CA SER D 242 -19.18 -5.79 42.11
C SER D 242 -17.95 -6.34 41.41
N PHE D 243 -17.12 -7.05 42.17
CA PHE D 243 -15.89 -7.62 41.63
C PHE D 243 -16.17 -8.49 40.41
N GLU D 244 -17.17 -9.38 40.54
CA GLU D 244 -17.47 -10.32 39.48
C GLU D 244 -17.89 -9.60 38.19
N ASP D 245 -18.64 -8.52 38.31
CA ASP D 245 -19.10 -7.84 37.09
C ASP D 245 -17.91 -7.29 36.30
N ALA D 246 -16.94 -6.68 36.99
CA ALA D 246 -15.77 -6.15 36.31
C ALA D 246 -14.93 -7.27 35.71
N ILE D 247 -14.75 -8.37 36.45
CA ILE D 247 -13.99 -9.49 35.93
C ILE D 247 -14.65 -10.03 34.66
N LYS D 248 -15.97 -10.16 34.69
CA LYS D 248 -16.70 -10.62 33.52
C LYS D 248 -16.52 -9.66 32.34
N ARG D 249 -16.55 -8.35 32.61
CA ARG D 249 -16.36 -7.38 31.53
C ARG D 249 -14.98 -7.50 30.89
N VAL D 250 -13.94 -7.65 31.71
CA VAL D 250 -12.60 -7.73 31.14
C VAL D 250 -12.41 -9.05 30.38
N SER D 251 -12.97 -10.14 30.90
CA SER D 251 -12.90 -11.41 30.19
C SER D 251 -13.60 -11.32 28.86
N LYS D 252 -14.74 -10.63 28.81
CA LYS D 252 -15.36 -10.33 27.53
C LYS D 252 -14.43 -9.52 26.64
N ILE D 253 -13.63 -8.63 27.24
CA ILE D 253 -12.75 -7.77 26.45
C ILE D 253 -11.66 -8.56 25.76
N PHE D 254 -11.10 -9.58 26.42
CA PHE D 254 -10.06 -10.40 25.77
C PHE D 254 -10.58 -11.10 24.51
N ILE D 255 -11.78 -11.67 24.57
CA ILE D 255 -12.32 -12.54 23.53
C ILE D 255 -11.42 -13.78 23.45
N ASN D 256 -10.83 -14.15 24.57
CA ASN D 256 -10.03 -15.37 24.64
C ASN D 256 -10.02 -15.87 26.07
N SER D 257 -10.02 -17.19 26.22
CA SER D 257 -10.07 -17.77 27.55
C SER D 257 -8.79 -17.46 28.32
N ILE D 258 -8.93 -17.34 29.63
CA ILE D 258 -7.81 -17.10 30.53
C ILE D 258 -7.55 -18.38 31.31
N ILE D 259 -6.29 -18.80 31.31
CA ILE D 259 -5.92 -20.02 32.00
C ILE D 259 -6.14 -19.88 33.51
N ASN D 260 -5.71 -18.76 34.08
CA ASN D 260 -5.85 -18.48 35.50
C ASN D 260 -6.93 -17.45 35.79
N PHE D 261 -8.01 -17.49 35.01
CA PHE D 261 -9.18 -16.67 35.29
C PHE D 261 -9.80 -17.01 36.64
N ASN D 262 -10.01 -18.31 36.87
CA ASN D 262 -10.64 -18.76 38.11
C ASN D 262 -9.76 -18.49 39.31
N ASP D 263 -8.45 -18.53 39.14
CA ASP D 263 -7.52 -18.33 40.24
C ASP D 263 -7.30 -16.86 40.56
N LEU D 264 -7.87 -15.94 39.77
CA LEU D 264 -7.74 -14.52 40.02
C LEU D 264 -8.94 -14.03 40.83
N ASP D 265 -8.66 -13.45 41.99
CA ASP D 265 -9.70 -13.06 42.94
C ASP D 265 -9.22 -11.85 43.72
N GLU D 266 -9.82 -11.62 44.89
CA GLU D 266 -9.63 -10.37 45.63
C GLU D 266 -8.17 -10.13 46.01
N ASN D 267 -7.46 -11.18 46.42
CA ASN D 267 -6.15 -10.98 47.04
C ASN D 267 -5.17 -10.27 46.11
N ASN D 268 -5.10 -10.70 44.85
CA ASN D 268 -4.10 -10.20 43.92
C ASN D 268 -4.83 -9.55 42.74
N PHE D 269 -4.51 -8.28 42.47
CA PHE D 269 -5.11 -7.53 41.37
C PHE D 269 -4.10 -7.11 40.31
N THR D 270 -3.04 -6.41 40.70
CA THR D 270 -2.13 -5.82 39.72
C THR D 270 -0.72 -6.38 39.77
N THR D 271 -0.37 -7.15 40.79
CA THR D 271 0.94 -7.81 40.83
C THR D 271 0.98 -9.06 39.96
N VAL D 272 -0.14 -9.45 39.37
CA VAL D 272 -0.22 -10.67 38.58
C VAL D 272 -0.53 -10.33 37.13
N PRO D 273 0.38 -10.58 36.20
CA PRO D 273 0.03 -10.48 34.78
C PRO D 273 -0.90 -11.61 34.37
N LEU D 274 -1.35 -11.54 33.12
CA LEU D 274 -2.35 -12.46 32.61
C LEU D 274 -1.80 -13.24 31.42
N VAL D 275 -1.99 -14.55 31.45
CA VAL D 275 -1.53 -15.46 30.40
C VAL D 275 -2.74 -15.93 29.60
N ILE D 276 -2.57 -16.03 28.28
CA ILE D 276 -3.65 -16.37 27.37
C ILE D 276 -3.16 -17.44 26.41
N ASP D 277 -4.01 -18.42 26.13
CA ASP D 277 -3.79 -19.39 25.06
C ASP D 277 -4.50 -18.88 23.82
N TYR D 278 -3.76 -18.16 22.98
CA TYR D 278 -4.37 -17.38 21.91
C TYR D 278 -4.91 -18.27 20.78
N VAL D 279 -5.96 -19.04 21.08
CA VAL D 279 -6.62 -19.85 20.06
C VAL D 279 -7.11 -19.00 18.90
N THR D 280 -7.17 -17.69 19.08
CA THR D 280 -7.53 -16.76 18.02
C THR D 280 -6.46 -15.66 17.97
N PRO D 281 -6.52 -14.72 17.02
CA PRO D 281 -5.65 -13.55 17.11
C PRO D 281 -5.95 -12.73 18.36
N CYS D 282 -4.92 -12.04 18.83
CA CYS D 282 -5.09 -11.14 19.96
C CYS D 282 -5.95 -9.95 19.53
N ALA D 283 -7.13 -9.82 20.16
CA ALA D 283 -8.02 -8.71 19.84
C ALA D 283 -7.43 -7.36 20.22
N LEU D 284 -6.35 -7.35 20.99
CA LEU D 284 -5.63 -6.11 21.27
C LEU D 284 -5.13 -5.47 19.99
N CYS D 285 -4.38 -6.23 19.18
CA CYS D 285 -3.70 -5.67 18.03
C CYS D 285 -3.74 -6.57 16.81
N LYS D 286 -4.46 -7.69 16.85
CA LYS D 286 -4.53 -8.65 15.75
C LYS D 286 -3.13 -9.20 15.41
N LYS D 287 -2.56 -9.93 16.36
CA LYS D 287 -1.29 -10.62 16.18
C LYS D 287 -1.48 -12.10 16.54
N ARG D 288 -0.46 -12.89 16.21
CA ARG D 288 -0.50 -14.32 16.50
C ARG D 288 -0.59 -14.57 18.00
N SER D 289 0.29 -13.94 18.77
CA SER D 289 0.40 -14.19 20.20
C SER D 289 1.33 -13.14 20.79
N HIS D 290 1.29 -13.01 22.10
CA HIS D 290 2.14 -12.09 22.84
C HIS D 290 3.25 -12.87 23.52
N LYS D 291 4.49 -12.47 23.27
CA LYS D 291 5.62 -13.08 23.97
C LYS D 291 5.51 -12.83 25.47
N HIS D 292 5.13 -11.63 25.86
CA HIS D 292 4.93 -11.16 27.21
C HIS D 292 3.45 -11.17 27.57
N PRO D 293 3.11 -11.30 28.85
CA PRO D 293 1.71 -11.31 29.26
C PRO D 293 1.10 -9.92 29.18
N HIS D 294 -0.19 -9.84 29.51
CA HIS D 294 -0.90 -8.58 29.67
C HIS D 294 -0.98 -8.23 31.16
N GLN D 295 -1.15 -6.94 31.43
CA GLN D 295 -1.34 -6.48 32.80
C GLN D 295 -2.43 -5.43 32.83
N LEU D 296 -2.97 -5.19 34.02
CA LEU D 296 -4.06 -4.25 34.22
C LEU D 296 -3.94 -3.59 35.59
N SER D 297 -4.23 -2.29 35.64
CA SER D 297 -3.99 -1.50 36.84
C SER D 297 -5.07 -0.45 36.97
N LEU D 298 -5.20 0.09 38.19
CA LEU D 298 -6.26 1.03 38.54
C LEU D 298 -5.77 2.46 38.35
N GLU D 299 -6.53 3.25 37.61
CA GLU D 299 -6.16 4.63 37.29
C GLU D 299 -7.40 5.50 37.35
N ASN D 300 -7.39 6.47 38.28
CA ASN D 300 -8.49 7.43 38.46
C ASN D 300 -9.86 6.78 38.30
N GLY D 301 -10.10 5.76 39.10
CA GLY D 301 -11.36 5.05 39.07
C GLY D 301 -11.64 4.36 37.75
N ALA D 302 -10.76 3.44 37.36
CA ALA D 302 -10.92 2.69 36.12
C ALA D 302 -9.95 1.51 36.14
N ILE D 303 -10.04 0.68 35.11
CA ILE D 303 -9.10 -0.40 34.85
C ILE D 303 -8.63 -0.30 33.41
N ARG D 304 -7.32 -0.33 33.20
CA ARG D 304 -6.72 -0.21 31.88
C ARG D 304 -6.10 -1.53 31.48
N ILE D 305 -5.88 -1.68 30.17
CA ILE D 305 -5.35 -2.91 29.60
C ILE D 305 -4.15 -2.58 28.72
N TYR D 306 -3.02 -3.20 29.00
CA TYR D 306 -1.82 -3.00 28.20
C TYR D 306 -0.98 -4.27 28.18
N LYS D 307 -0.13 -4.37 27.16
CA LYS D 307 0.75 -5.53 26.97
C LYS D 307 2.11 -5.24 27.59
N THR D 308 2.53 -6.09 28.51
CA THR D 308 3.74 -5.87 29.29
C THR D 308 4.97 -5.92 28.39
N GLY D 309 6.01 -5.22 28.81
CA GLY D 309 7.28 -5.23 28.08
C GLY D 309 7.42 -4.01 27.17
N ASN D 310 7.37 -4.24 25.87
CA ASN D 310 7.50 -3.19 24.87
C ASN D 310 6.12 -2.93 24.27
N PRO D 311 5.33 -2.01 24.84
CA PRO D 311 3.98 -1.72 24.32
C PRO D 311 4.00 -0.65 23.23
N HIS D 312 4.40 -1.09 22.03
CA HIS D 312 4.52 -0.17 20.89
C HIS D 312 3.54 -0.52 19.78
N SER D 313 3.59 -1.74 19.25
CA SER D 313 2.66 -2.16 18.20
C SER D 313 1.47 -2.88 18.79
N CYS D 314 0.82 -2.22 19.76
CA CYS D 314 -0.32 -2.79 20.46
C CYS D 314 -1.42 -1.76 20.61
N LYS D 315 -2.41 -2.05 21.46
CA LYS D 315 -3.47 -1.10 21.77
C LYS D 315 -3.68 -1.05 23.27
N VAL D 316 -4.25 0.05 23.73
CA VAL D 316 -4.58 0.26 25.14
C VAL D 316 -6.10 0.26 25.27
N LYS D 317 -6.60 -0.48 26.24
CA LYS D 317 -8.04 -0.57 26.48
C LYS D 317 -8.36 -0.07 27.87
N ILE D 318 -9.38 0.77 27.96
CA ILE D 318 -9.84 1.37 29.21
C ILE D 318 -11.28 0.95 29.44
N VAL D 319 -11.57 0.44 30.63
CA VAL D 319 -12.91 -0.01 31.01
C VAL D 319 -13.33 0.75 32.25
N PRO D 320 -14.55 1.28 32.31
CA PRO D 320 -14.97 2.04 33.48
C PRO D 320 -15.12 1.17 34.70
N LEU D 321 -15.39 1.80 35.84
CA LEU D 321 -15.55 1.08 37.09
C LEU D 321 -16.69 1.64 37.94
N ASP D 322 -17.54 2.48 37.38
CA ASP D 322 -18.70 2.98 38.11
C ASP D 322 -19.81 3.26 37.11
N GLY D 323 -21.02 2.81 37.44
CA GLY D 323 -21.41 2.40 38.78
C GLY D 323 -22.79 2.93 39.01
N ASN D 324 -23.41 3.38 37.92
CA ASN D 324 -24.76 3.92 37.94
C ASN D 324 -24.81 5.11 38.89
N LYS D 325 -24.19 6.20 38.43
CA LYS D 325 -24.03 7.40 39.23
C LYS D 325 -25.32 7.78 39.94
N LEU D 326 -26.44 7.73 39.24
CA LEU D 326 -27.69 8.20 39.81
C LEU D 326 -28.11 7.37 41.01
N PHE D 327 -27.69 6.10 41.08
CA PHE D 327 -28.05 5.34 42.27
C PHE D 327 -27.19 5.74 43.47
N ASN D 328 -25.92 6.07 43.26
CA ASN D 328 -25.13 6.58 44.37
C ASN D 328 -25.66 7.93 44.84
N ILE D 329 -26.08 8.78 43.90
CA ILE D 329 -26.81 9.99 44.24
C ILE D 329 -27.96 9.67 45.17
N ALA D 330 -28.91 8.86 44.67
CA ALA D 330 -30.13 8.57 45.41
C ALA D 330 -29.83 8.00 46.78
N GLN D 331 -28.82 7.15 46.89
CA GLN D 331 -28.48 6.62 48.20
C GLN D 331 -27.95 7.70 49.12
N ARG D 332 -27.21 8.67 48.60
CA ARG D 332 -26.76 9.77 49.46
C ARG D 332 -27.95 10.61 49.93
N ILE D 333 -28.89 10.89 49.03
CA ILE D 333 -30.08 11.64 49.43
C ILE D 333 -30.81 10.91 50.54
N LEU D 334 -30.96 9.59 50.43
CA LEU D 334 -31.57 8.82 51.51
C LEU D 334 -30.76 8.93 52.79
N ASP D 335 -29.44 8.86 52.70
CA ASP D 335 -28.62 8.95 53.89
C ASP D 335 -28.76 10.30 54.59
N THR D 336 -29.19 11.33 53.86
CA THR D 336 -29.38 12.65 54.47
C THR D 336 -30.55 12.66 55.46
N ASN D 337 -31.56 11.82 55.24
CA ASN D 337 -32.80 11.74 56.02
C ASN D 337 -33.73 12.89 55.70
N SER D 338 -33.78 13.30 54.44
CA SER D 338 -34.61 14.42 54.03
C SER D 338 -35.93 14.02 53.41
N VAL D 339 -36.10 12.78 52.96
CA VAL D 339 -37.38 12.30 52.48
C VAL D 339 -37.82 11.15 53.36
N LEU D 340 -39.08 11.19 53.79
CA LEU D 340 -39.71 10.09 54.50
C LEU D 340 -41.07 9.86 53.85
N LEU D 341 -41.76 8.79 54.22
CA LEU D 341 -43.11 8.61 53.73
C LEU D 341 -44.03 8.36 54.91
N THR D 342 -45.31 8.62 54.68
CA THR D 342 -46.30 8.63 55.75
C THR D 342 -47.40 7.62 55.46
N GLU D 343 -48.00 7.12 56.55
CA GLU D 343 -49.01 6.08 56.45
C GLU D 343 -50.19 6.50 55.60
N ARG D 344 -50.44 7.80 55.48
CA ARG D 344 -51.47 8.27 54.55
C ARG D 344 -51.08 8.03 53.10
N GLY D 345 -49.81 7.79 52.80
CA GLY D 345 -49.36 7.62 51.44
C GLY D 345 -48.70 8.84 50.82
N ASP D 346 -48.03 9.66 51.60
CA ASP D 346 -47.44 10.90 51.11
C ASP D 346 -46.02 11.02 51.61
N HIS D 347 -45.14 11.58 50.77
CA HIS D 347 -43.74 11.77 51.12
C HIS D 347 -43.54 13.19 51.62
N ILE D 348 -42.89 13.33 52.75
CA ILE D 348 -42.70 14.64 53.38
C ILE D 348 -41.26 15.09 53.24
N VAL D 349 -40.97 15.86 52.19
CA VAL D 349 -39.62 16.34 51.95
C VAL D 349 -39.31 17.47 52.92
N TRP D 350 -38.04 17.84 53.05
CA TRP D 350 -37.61 18.86 54.01
C TRP D 350 -36.84 19.94 53.26
N ILE D 351 -37.53 21.01 52.92
CA ILE D 351 -37.00 22.12 52.16
C ILE D 351 -37.17 23.37 53.00
N ASN D 352 -36.10 24.14 53.17
CA ASN D 352 -36.15 25.44 53.83
C ASN D 352 -36.72 25.33 55.25
N ASN D 353 -36.14 24.43 56.04
CA ASN D 353 -36.46 24.32 57.45
C ASN D 353 -37.96 24.09 57.71
N SER D 354 -38.57 23.17 56.95
CA SER D 354 -39.99 22.91 57.13
C SER D 354 -40.36 21.61 56.45
N TRP D 355 -41.00 20.71 57.19
CA TRP D 355 -41.43 19.44 56.60
C TRP D 355 -42.65 19.64 55.71
N LYS D 356 -42.44 20.13 54.50
CA LYS D 356 -43.55 20.28 53.58
C LYS D 356 -44.02 18.93 53.08
N PHE D 357 -45.17 18.92 52.43
CA PHE D 357 -45.57 17.80 51.59
C PHE D 357 -46.73 18.26 50.73
N ASN D 358 -46.99 17.48 49.69
CA ASN D 358 -48.08 17.77 48.77
C ASN D 358 -48.43 16.49 48.03
N SER D 359 -49.71 16.32 47.77
CA SER D 359 -50.19 15.15 47.04
C SER D 359 -50.58 15.46 45.60
N GLU D 360 -50.55 16.72 45.21
CA GLU D 360 -50.86 17.09 43.84
C GLU D 360 -49.59 17.11 42.98
N GLU D 361 -48.67 18.03 43.27
CA GLU D 361 -47.37 18.05 42.61
C GLU D 361 -46.31 17.64 43.63
N PRO D 362 -45.74 16.44 43.52
CA PRO D 362 -44.75 16.01 44.52
C PRO D 362 -43.53 16.92 44.53
N LEU D 363 -42.92 17.00 45.70
CA LEU D 363 -41.86 17.96 45.98
C LEU D 363 -40.52 17.28 46.06
N ILE D 364 -40.32 16.19 45.33
CA ILE D 364 -39.06 15.47 45.48
C ILE D 364 -38.01 15.95 44.49
N THR D 365 -38.41 16.33 43.29
CA THR D 365 -37.42 16.92 42.40
C THR D 365 -36.98 18.29 42.89
N LYS D 366 -37.85 19.01 43.60
CA LYS D 366 -37.43 20.25 44.25
C LYS D 366 -36.32 19.98 45.26
N LEU D 367 -36.48 18.94 46.07
CA LEU D 367 -35.42 18.61 47.02
C LEU D 367 -34.16 18.15 46.31
N ILE D 368 -34.31 17.37 45.24
CA ILE D 368 -33.15 16.92 44.49
C ILE D 368 -32.33 18.11 44.02
N LEU D 369 -32.99 19.07 43.38
CA LEU D 369 -32.28 20.25 42.88
C LEU D 369 -31.76 21.11 44.02
N SER D 370 -32.53 21.21 45.11
CA SER D 370 -32.13 22.03 46.24
C SER D 370 -30.85 21.52 46.86
N ILE D 371 -30.63 20.21 46.83
CA ILE D 371 -29.59 19.61 47.66
C ILE D 371 -28.28 19.40 46.92
N ARG D 372 -28.16 19.84 45.67
CA ARG D 372 -26.98 19.51 44.88
C ARG D 372 -25.71 20.08 45.48
N HIS D 373 -25.82 21.04 46.38
CA HIS D 373 -24.63 21.67 46.93
C HIS D 373 -24.06 20.91 48.13
N GLN D 374 -24.67 19.79 48.51
CA GLN D 374 -24.11 18.97 49.59
C GLN D 374 -23.37 17.75 49.08
N LEU D 375 -23.65 17.31 47.86
CA LEU D 375 -22.99 16.15 47.30
C LEU D 375 -21.65 16.54 46.70
N PRO D 376 -20.78 15.57 46.47
CA PRO D 376 -19.46 15.86 45.88
C PRO D 376 -19.59 16.57 44.54
N LYS D 377 -18.62 17.42 44.25
CA LYS D 377 -18.72 18.36 43.14
C LYS D 377 -18.76 17.68 41.78
N GLU D 378 -18.41 16.40 41.69
CA GLU D 378 -18.57 15.70 40.42
C GLU D 378 -20.03 15.34 40.17
N TYR D 379 -20.80 15.14 41.25
CA TYR D 379 -22.22 14.83 41.11
C TYR D 379 -23.03 16.05 40.70
N SER D 380 -22.74 17.20 41.32
CA SER D 380 -23.62 18.36 41.24
C SER D 380 -23.81 18.88 39.83
N SER D 381 -22.94 18.52 38.90
CA SER D 381 -23.15 18.95 37.52
C SER D 381 -24.24 18.14 36.83
N GLU D 382 -24.75 17.10 37.47
CA GLU D 382 -25.66 16.16 36.83
C GLU D 382 -27.09 16.25 37.33
N LEU D 383 -27.32 16.96 38.42
CA LEU D 383 -28.66 17.20 38.91
C LEU D 383 -29.21 18.47 38.29
N LEU D 384 -28.76 18.79 37.08
CA LEU D 384 -29.23 19.97 36.37
C LEU D 384 -29.97 19.61 35.09
N CYS D 385 -30.33 18.33 34.92
CA CYS D 385 -31.15 17.91 33.81
C CYS D 385 -32.48 17.40 34.36
N PRO D 386 -33.60 17.69 33.70
CA PRO D 386 -34.87 17.21 34.25
C PRO D 386 -34.98 15.69 34.32
N ARG D 387 -34.62 14.96 33.26
CA ARG D 387 -34.86 13.53 33.28
C ARG D 387 -33.93 12.81 34.24
N LYS D 388 -32.71 13.31 34.43
CA LYS D 388 -31.86 12.71 35.45
C LYS D 388 -32.39 12.97 36.85
N ARG D 389 -33.03 14.12 37.05
CA ARG D 389 -33.71 14.35 38.32
C ARG D 389 -34.87 13.40 38.51
N LYS D 390 -35.61 13.10 37.45
CA LYS D 390 -36.70 12.14 37.54
C LYS D 390 -36.20 10.74 37.81
N THR D 391 -35.07 10.36 37.22
CA THR D 391 -34.52 9.03 37.46
C THR D 391 -34.05 8.85 38.90
N VAL D 392 -33.24 9.77 39.39
CA VAL D 392 -32.87 9.67 40.80
C VAL D 392 -34.12 9.78 41.67
N GLU D 393 -35.16 10.45 41.19
CA GLU D 393 -36.44 10.49 41.89
C GLU D 393 -37.09 9.12 42.00
N ALA D 394 -37.08 8.36 40.91
CA ALA D 394 -37.67 7.01 40.93
C ALA D 394 -36.89 6.09 41.86
N ASN D 395 -35.57 6.18 41.87
CA ASN D 395 -34.80 5.42 42.86
C ASN D 395 -35.20 5.82 44.27
N ILE D 396 -35.33 7.13 44.52
CA ILE D 396 -35.68 7.59 45.87
C ILE D 396 -37.00 6.95 46.31
N ARG D 397 -37.98 6.93 45.41
CA ARG D 397 -39.25 6.32 45.75
C ARG D 397 -39.09 4.84 46.08
N ASP D 398 -38.44 4.09 45.19
CA ASP D 398 -38.33 2.64 45.36
C ASP D 398 -37.48 2.22 46.53
N MET D 399 -36.73 3.12 47.16
CA MET D 399 -35.93 2.74 48.31
C MET D 399 -36.61 3.01 49.64
N LEU D 400 -37.84 3.49 49.63
CA LEU D 400 -38.57 3.81 50.84
C LEU D 400 -39.72 2.81 50.99
N VAL D 401 -39.60 1.91 51.96
CA VAL D 401 -40.56 0.83 52.12
C VAL D 401 -41.36 0.94 53.41
N ASP D 402 -40.78 1.47 54.48
CA ASP D 402 -41.43 1.50 55.79
C ASP D 402 -41.91 2.91 56.11
N SER D 403 -43.20 3.05 56.37
CA SER D 403 -43.77 4.34 56.71
C SER D 403 -43.34 4.78 58.10
N VAL D 404 -43.50 6.07 58.37
CA VAL D 404 -43.19 6.67 59.66
C VAL D 404 -44.34 7.54 60.11
N GLU D 405 -44.34 7.85 61.40
CA GLU D 405 -45.38 8.63 62.03
C GLU D 405 -44.86 10.02 62.39
N THR D 406 -45.75 11.01 62.27
CA THR D 406 -45.36 12.40 62.39
C THR D 406 -46.17 13.07 63.50
N ASP D 407 -45.62 14.15 64.03
CA ASP D 407 -46.25 14.92 65.11
C ASP D 407 -46.40 14.08 66.36
N THR D 408 -45.31 13.46 66.78
CA THR D 408 -45.31 12.64 67.98
C THR D 408 -45.10 13.45 69.25
N TYR D 409 -44.56 14.67 69.15
CA TYR D 409 -44.24 15.45 70.32
C TYR D 409 -45.38 16.40 70.61
N PRO D 410 -45.99 16.33 71.78
CA PRO D 410 -47.13 17.20 72.07
C PRO D 410 -46.70 18.53 72.67
N ASP D 411 -45.47 18.60 73.19
CA ASP D 411 -45.00 19.75 73.93
C ASP D 411 -43.96 20.54 73.13
N LYS D 412 -44.21 20.70 71.84
CA LYS D 412 -43.43 21.58 70.99
C LYS D 412 -44.37 22.40 70.14
N LEU D 413 -43.87 23.53 69.66
CA LEU D 413 -44.66 24.44 68.85
C LEU D 413 -43.93 24.68 67.53
N PRO D 414 -44.54 24.43 66.41
CA PRO D 414 -43.85 24.61 65.13
C PRO D 414 -43.95 26.01 64.57
N PHE D 415 -42.81 26.69 64.46
CA PHE D 415 -42.73 27.98 63.80
C PHE D 415 -42.12 27.81 62.41
N LYS D 416 -42.23 28.87 61.62
CA LYS D 416 -41.70 28.82 60.26
C LYS D 416 -40.18 28.74 60.25
N ASN D 417 -39.51 29.34 61.24
CA ASN D 417 -38.06 29.34 61.30
C ASN D 417 -37.49 28.33 62.27
N GLY D 418 -38.30 27.40 62.75
CA GLY D 418 -37.84 26.39 63.67
C GLY D 418 -38.96 25.94 64.57
N VAL D 419 -38.59 25.19 65.61
CA VAL D 419 -39.54 24.61 66.54
C VAL D 419 -39.24 25.13 67.93
N LEU D 420 -40.23 25.72 68.58
CA LEU D 420 -40.04 26.35 69.87
C LEU D 420 -40.09 25.31 70.96
N ASP D 421 -38.99 25.17 71.71
CA ASP D 421 -38.96 24.27 72.84
C ASP D 421 -39.89 24.81 73.92
N LEU D 422 -41.07 24.21 74.01
CA LEU D 422 -42.11 24.73 74.90
C LEU D 422 -41.81 24.41 76.35
N VAL D 423 -41.34 23.19 76.64
CA VAL D 423 -41.07 22.81 78.02
C VAL D 423 -39.86 23.54 78.57
N ASP D 424 -38.82 23.72 77.75
CA ASP D 424 -37.59 24.36 78.20
C ASP D 424 -37.65 25.88 78.05
N GLY D 425 -37.96 26.34 76.85
CA GLY D 425 -38.00 27.77 76.57
C GLY D 425 -37.12 28.16 75.41
N MET D 426 -36.15 27.31 75.08
CA MET D 426 -35.22 27.60 74.01
C MET D 426 -35.91 27.52 72.66
N PHE D 427 -35.17 27.86 71.61
CA PHE D 427 -35.68 27.85 70.25
C PHE D 427 -34.70 27.11 69.36
N TYR D 428 -35.22 26.19 68.56
CA TYR D 428 -34.41 25.37 67.69
C TYR D 428 -34.62 25.75 66.22
N SER D 429 -33.57 25.57 65.42
CA SER D 429 -33.62 25.89 64.02
C SER D 429 -32.69 24.97 63.25
N GLY D 430 -32.89 24.91 61.94
CA GLY D 430 -32.04 24.08 61.11
C GLY D 430 -32.26 22.62 61.43
N ASP D 431 -31.15 21.92 61.71
CA ASP D 431 -31.23 20.49 61.98
C ASP D 431 -32.02 20.18 63.24
N ASP D 432 -31.93 21.05 64.26
CA ASP D 432 -32.64 20.79 65.50
C ASP D 432 -34.15 20.85 65.31
N ALA D 433 -34.63 21.43 64.22
CA ALA D 433 -36.03 21.34 63.87
C ALA D 433 -36.34 20.11 63.02
N LYS D 434 -35.33 19.39 62.56
CA LYS D 434 -35.57 18.22 61.74
C LYS D 434 -36.00 17.03 62.58
N LYS D 435 -35.49 16.92 63.81
CA LYS D 435 -35.80 15.79 64.68
C LYS D 435 -37.30 15.66 64.90
N TYR D 436 -37.90 16.65 65.56
CA TYR D 436 -39.31 16.59 65.88
C TYR D 436 -40.09 16.76 64.59
N THR D 437 -40.44 15.67 63.92
CA THR D 437 -40.99 15.84 62.59
C THR D 437 -42.39 16.44 62.69
N CYS D 438 -42.46 17.77 62.72
CA CYS D 438 -43.72 18.50 62.85
C CYS D 438 -44.10 19.02 61.48
N THR D 439 -45.30 18.67 61.03
CA THR D 439 -45.72 19.05 59.68
C THR D 439 -46.38 20.43 59.65
N VAL D 440 -47.43 20.65 60.45
CA VAL D 440 -48.11 21.93 60.49
C VAL D 440 -47.22 22.94 61.22
N SER D 441 -47.56 24.22 61.12
CA SER D 441 -46.80 25.27 61.79
C SER D 441 -47.69 26.49 61.95
N THR D 442 -47.25 27.40 62.84
CA THR D 442 -48.03 28.61 63.09
C THR D 442 -48.14 29.47 61.83
N GLY D 443 -47.10 29.51 61.02
CA GLY D 443 -47.11 30.24 59.77
C GLY D 443 -46.27 31.50 59.75
N PHE D 444 -45.81 31.97 60.91
CA PHE D 444 -45.01 33.18 60.98
C PHE D 444 -43.69 32.93 61.67
N LYS D 445 -42.67 33.69 61.26
CA LYS D 445 -41.33 33.57 61.81
C LYS D 445 -41.34 33.83 63.32
N PHE D 446 -40.27 33.39 63.97
CA PHE D 446 -40.06 33.63 65.39
C PHE D 446 -38.84 34.51 65.55
N ASP D 447 -39.01 35.64 66.21
CA ASP D 447 -37.93 36.59 66.48
C ASP D 447 -37.78 36.73 67.98
N ASP D 448 -36.62 36.33 68.51
CA ASP D 448 -36.38 36.45 69.94
C ASP D 448 -36.32 37.91 70.38
N THR D 449 -36.10 38.84 69.45
CA THR D 449 -36.11 40.25 69.80
C THR D 449 -37.50 40.70 70.26
N LYS D 450 -38.55 40.16 69.64
CA LYS D 450 -39.92 40.46 70.06
C LYS D 450 -40.40 39.53 71.16
N PHE D 451 -39.68 38.45 71.43
CA PHE D 451 -40.07 37.49 72.46
C PHE D 451 -39.48 37.95 73.80
N VAL D 452 -40.02 39.07 74.28
CA VAL D 452 -39.52 39.72 75.48
C VAL D 452 -40.66 39.98 76.44
N GLU D 453 -40.32 40.04 77.73
CA GLU D 453 -41.29 40.22 78.80
C GLU D 453 -41.72 41.66 78.99
N ASP D 454 -41.00 42.62 78.42
CA ASP D 454 -41.23 44.04 78.68
C ASP D 454 -41.41 44.78 77.37
N SER D 455 -42.51 45.53 77.26
CA SER D 455 -42.85 46.29 76.07
C SER D 455 -44.09 47.14 76.33
N PRO D 456 -44.37 48.13 75.49
CA PRO D 456 -45.69 48.78 75.59
C PRO D 456 -46.81 47.86 75.14
N GLU D 457 -46.56 47.08 74.08
CA GLU D 457 -47.58 46.22 73.51
C GLU D 457 -48.02 45.15 74.51
N MET D 458 -47.08 44.57 75.26
CA MET D 458 -47.45 43.56 76.24
C MET D 458 -48.32 44.18 77.33
N GLU D 459 -48.07 45.43 77.69
CA GLU D 459 -48.88 46.05 78.73
C GLU D 459 -50.27 46.39 78.20
N GLU D 460 -50.37 46.83 76.93
CA GLU D 460 -51.70 47.00 76.34
C GLU D 460 -52.46 45.69 76.34
N LEU D 461 -51.78 44.59 75.98
CA LEU D 461 -52.43 43.28 75.98
C LEU D 461 -52.86 42.88 77.39
N MET D 462 -52.02 43.15 78.39
CA MET D 462 -52.37 42.83 79.77
C MET D 462 -53.61 43.59 80.20
N ASN D 463 -53.67 44.89 79.87
CA ASN D 463 -54.84 45.69 80.23
C ASN D 463 -56.09 45.17 79.53
N ILE D 464 -55.99 44.85 78.24
CA ILE D 464 -57.14 44.41 77.48
C ILE D 464 -57.62 43.05 77.99
N ILE D 465 -56.70 42.17 78.37
CA ILE D 465 -57.10 40.85 78.84
C ILE D 465 -57.64 40.94 80.26
N ASN D 466 -57.19 41.93 81.04
CA ASN D 466 -57.85 42.20 82.31
C ASN D 466 -59.27 42.66 82.09
N ASP D 467 -59.49 43.51 81.08
CA ASP D 467 -60.85 43.94 80.77
C ASP D 467 -61.72 42.76 80.34
N ILE D 468 -61.19 41.89 79.48
CA ILE D 468 -61.98 40.76 78.98
C ILE D 468 -62.28 39.78 80.10
N GLN D 469 -61.28 39.46 80.91
CA GLN D 469 -61.44 38.56 82.05
C GLN D 469 -60.83 39.20 83.29
N PRO D 470 -61.63 39.89 84.11
CA PRO D 470 -61.08 40.58 85.28
C PRO D 470 -60.65 39.61 86.37
N LEU D 471 -59.82 40.12 87.28
CA LEU D 471 -59.29 39.34 88.39
C LEU D 471 -60.17 39.40 89.63
N THR D 472 -61.46 39.69 89.47
CA THR D 472 -62.37 39.73 90.60
C THR D 472 -62.55 38.33 91.19
N ASP D 473 -62.78 38.28 92.50
CA ASP D 473 -62.86 36.99 93.19
C ASP D 473 -64.05 36.16 92.73
N GLU D 474 -65.19 36.80 92.47
CA GLU D 474 -66.33 36.06 91.93
C GLU D 474 -66.01 35.45 90.58
N ASN D 475 -65.14 36.10 89.82
CA ASN D 475 -64.71 35.63 88.51
C ASN D 475 -63.36 34.94 88.58
N LYS D 476 -62.76 34.86 89.78
CA LYS D 476 -61.40 34.33 89.91
C LYS D 476 -61.33 32.84 89.61
N LYS D 477 -62.27 32.06 90.13
CA LYS D 477 -62.35 30.66 89.72
C LYS D 477 -62.60 30.58 88.22
N ASN D 478 -63.52 31.40 87.72
CA ASN D 478 -63.69 31.56 86.29
C ASN D 478 -62.45 32.10 85.61
N ARG D 479 -61.66 32.91 86.34
CA ARG D 479 -60.42 33.45 85.77
C ARG D 479 -59.41 32.34 85.51
N GLU D 480 -59.19 31.47 86.50
CA GLU D 480 -58.32 30.31 86.29
C GLU D 480 -58.90 29.35 85.25
N LEU D 481 -60.23 29.19 85.24
CA LEU D 481 -60.85 28.40 84.20
C LEU D 481 -60.47 28.91 82.82
N TYR D 482 -60.59 30.21 82.61
CA TYR D 482 -60.26 30.81 81.32
C TYR D 482 -58.78 30.69 81.02
N GLU D 483 -57.93 30.86 82.04
CA GLU D 483 -56.49 30.68 81.86
C GLU D 483 -56.18 29.29 81.34
N LYS D 484 -56.68 28.26 82.03
CA LYS D 484 -56.41 26.89 81.62
C LYS D 484 -56.98 26.60 80.24
N THR D 485 -58.19 27.08 79.98
CA THR D 485 -58.84 26.84 78.70
C THR D 485 -58.06 27.58 77.62
N LEU D 486 -57.18 28.49 78.03
CA LEU D 486 -56.18 29.05 77.13
C LEU D 486 -54.79 28.45 77.31
N SER D 487 -54.51 27.81 78.44
CA SER D 487 -53.23 27.12 78.58
C SER D 487 -53.22 25.81 77.80
N SER D 488 -54.33 25.08 77.82
CA SER D 488 -54.39 23.79 77.14
C SER D 488 -54.24 23.94 75.64
N CYS D 489 -54.65 25.07 75.10
CA CYS D 489 -54.68 25.29 73.66
C CYS D 489 -53.29 25.42 73.07
N LEU D 490 -52.28 25.10 73.86
CA LEU D 490 -50.88 25.19 73.46
C LEU D 490 -50.26 23.82 73.23
N CYS D 491 -50.44 22.88 74.15
CA CYS D 491 -49.84 21.56 74.02
C CYS D 491 -50.49 20.76 72.90
N GLY D 492 -49.72 19.83 72.34
CA GLY D 492 -50.12 19.08 71.17
C GLY D 492 -50.72 17.71 71.44
N ALA D 493 -51.09 17.40 72.68
CA ALA D 493 -51.72 16.15 73.01
C ALA D 493 -53.22 16.26 72.70
N THR D 494 -54.03 15.36 73.25
CA THR D 494 -55.47 15.42 73.09
C THR D 494 -56.10 16.08 74.31
N LYS D 495 -57.09 16.92 74.04
CA LYS D 495 -57.82 17.66 75.07
C LYS D 495 -59.15 16.97 75.33
N GLY D 496 -59.41 16.62 76.58
CA GLY D 496 -60.55 15.79 76.93
C GLY D 496 -61.77 16.49 77.50
N CYS D 497 -61.85 17.81 77.42
CA CYS D 497 -63.02 18.52 77.94
C CYS D 497 -63.46 19.59 76.97
N LEU D 498 -64.78 19.78 76.90
CA LEU D 498 -65.40 20.76 76.02
C LEU D 498 -65.86 21.94 76.84
N THR D 499 -65.36 23.13 76.52
CA THR D 499 -65.70 24.35 77.23
C THR D 499 -66.30 25.35 76.25
N PHE D 500 -67.38 26.01 76.66
CA PHE D 500 -68.09 26.94 75.80
C PHE D 500 -67.76 28.38 76.18
N PHE D 501 -67.83 29.28 75.21
CA PHE D 501 -67.60 30.70 75.45
C PHE D 501 -68.94 31.41 75.64
N PHE D 502 -69.54 31.17 76.80
CA PHE D 502 -70.81 31.82 77.10
C PHE D 502 -70.64 33.33 77.13
N GLY D 503 -71.61 34.04 76.56
CA GLY D 503 -71.55 35.48 76.53
C GLY D 503 -72.42 36.10 75.45
N GLU D 504 -72.99 37.26 75.75
CA GLU D 504 -73.84 37.98 74.81
C GLU D 504 -72.96 38.68 73.78
N THR D 505 -73.57 39.53 72.96
CA THR D 505 -72.84 40.18 71.88
C THR D 505 -71.79 41.14 72.42
N ALA D 506 -70.61 41.12 71.82
CA ALA D 506 -69.53 42.08 72.08
C ALA D 506 -69.19 42.13 73.57
N THR D 507 -68.66 41.01 74.06
CA THR D 507 -68.24 40.89 75.45
C THR D 507 -66.77 40.56 75.59
N GLY D 508 -65.98 40.68 74.52
CA GLY D 508 -64.60 40.28 74.52
C GLY D 508 -64.35 38.94 73.86
N LYS D 509 -65.40 38.20 73.50
CA LYS D 509 -65.22 36.93 72.81
C LYS D 509 -64.60 37.14 71.44
N SER D 510 -65.11 38.11 70.69
CA SER D 510 -64.53 38.40 69.38
C SER D 510 -63.10 38.89 69.51
N THR D 511 -62.83 39.74 70.51
CA THR D 511 -61.49 40.26 70.71
C THR D 511 -60.51 39.13 71.04
N THR D 512 -60.88 38.26 71.98
CA THR D 512 -60.00 37.15 72.34
C THR D 512 -59.81 36.20 71.16
N LYS D 513 -60.87 35.95 70.40
CA LYS D 513 -60.76 35.08 69.23
C LYS D 513 -59.77 35.65 68.22
N ARG D 514 -59.87 36.95 67.95
CA ARG D 514 -58.95 37.56 66.99
C ARG D 514 -57.52 37.60 67.52
N LEU D 515 -57.36 37.84 68.84
CA LEU D 515 -56.04 37.76 69.45
C LEU D 515 -55.42 36.38 69.25
N LEU D 516 -56.18 35.33 69.55
CA LEU D 516 -55.64 33.98 69.45
C LEU D 516 -55.33 33.63 68.01
N LYS D 517 -56.20 34.03 67.07
CA LYS D 517 -55.92 33.80 65.66
C LYS D 517 -54.64 34.50 65.25
N SER D 518 -54.42 35.71 65.74
CA SER D 518 -53.20 36.44 65.41
C SER D 518 -51.97 35.78 66.01
N ALA D 519 -52.12 35.22 67.23
CA ALA D 519 -50.97 34.75 67.99
C ALA D 519 -50.59 33.30 67.66
N ILE D 520 -51.50 32.36 67.87
CA ILE D 520 -51.13 30.96 67.72
C ILE D 520 -50.91 30.59 66.26
N GLY D 521 -51.43 31.38 65.32
CA GLY D 521 -51.15 31.16 63.92
C GLY D 521 -52.18 30.29 63.21
N ASP D 522 -51.74 29.59 62.15
CA ASP D 522 -52.64 28.76 61.37
C ASP D 522 -53.26 27.64 62.18
N LEU D 523 -52.66 27.29 63.31
CA LEU D 523 -53.19 26.23 64.15
C LEU D 523 -54.60 26.52 64.64
N PHE D 524 -54.97 27.80 64.74
CA PHE D 524 -56.36 28.19 64.96
C PHE D 524 -57.12 28.03 63.65
N VAL D 525 -58.28 27.37 63.71
CA VAL D 525 -59.11 27.20 62.53
C VAL D 525 -60.57 27.39 62.93
N GLU D 526 -61.36 27.89 61.99
CA GLU D 526 -62.75 28.24 62.21
C GLU D 526 -63.64 27.38 61.31
N THR D 527 -64.85 27.10 61.78
CA THR D 527 -65.76 26.22 61.06
C THR D 527 -67.18 26.70 61.27
N GLY D 528 -68.09 26.12 60.47
CA GLY D 528 -69.50 26.44 60.56
C GLY D 528 -70.23 25.51 61.52
N GLN D 529 -71.56 25.54 61.39
CA GLN D 529 -72.43 24.72 62.23
C GLN D 529 -72.88 23.44 61.56
N THR D 530 -72.22 23.05 60.46
CA THR D 530 -72.57 21.79 59.80
C THR D 530 -72.30 20.61 60.72
N ILE D 531 -71.19 20.64 61.46
CA ILE D 531 -70.87 19.57 62.40
C ILE D 531 -71.80 19.55 63.60
N LEU D 532 -72.70 20.51 63.72
CA LEU D 532 -73.69 20.54 64.80
C LEU D 532 -75.11 20.37 64.31
N THR D 533 -75.33 20.27 63.00
CA THR D 533 -76.66 20.20 62.43
C THR D 533 -76.98 18.85 61.82
N ASP D 534 -76.23 18.42 60.80
CA ASP D 534 -76.54 17.22 60.05
C ASP D 534 -75.55 16.10 60.40
N VAL D 535 -75.63 15.00 59.66
CA VAL D 535 -74.75 13.87 59.90
C VAL D 535 -73.31 14.25 59.61
N LEU D 536 -72.40 13.78 60.46
CA LEU D 536 -71.00 14.18 60.35
C LEU D 536 -70.34 13.59 59.11
N ASP D 537 -70.63 12.32 58.81
CA ASP D 537 -69.98 11.67 57.68
C ASP D 537 -70.66 12.00 56.36
N LYS D 538 -71.92 11.60 56.21
CA LYS D 538 -72.71 11.78 54.98
C LYS D 538 -71.89 11.20 53.82
N GLY D 539 -71.61 11.94 52.77
CA GLY D 539 -70.71 11.52 51.72
C GLY D 539 -69.38 12.22 51.87
N PRO D 540 -68.86 12.76 50.76
CA PRO D 540 -67.65 13.58 50.85
C PRO D 540 -67.96 14.94 51.46
N ASN D 541 -67.32 15.23 52.59
CA ASN D 541 -67.52 16.49 53.30
C ASN D 541 -66.16 17.13 53.57
N PRO D 542 -65.88 18.30 53.00
CA PRO D 542 -64.56 18.92 53.19
C PRO D 542 -64.40 19.66 54.50
N PHE D 543 -65.49 20.10 55.12
CA PHE D 543 -65.38 20.93 56.33
C PHE D 543 -64.69 20.18 57.46
N ILE D 544 -65.03 18.89 57.64
CA ILE D 544 -64.40 18.10 58.68
C ILE D 544 -62.98 17.70 58.27
N ALA D 545 -62.69 17.72 56.97
CA ALA D 545 -61.36 17.37 56.48
C ALA D 545 -60.32 18.43 56.81
N ASN D 546 -60.74 19.64 57.18
CA ASN D 546 -59.81 20.70 57.52
C ASN D 546 -59.59 20.85 59.01
N MET D 547 -60.16 19.96 59.82
CA MET D 547 -59.94 19.99 61.26
C MET D 547 -58.65 19.27 61.65
N HIS D 548 -58.03 18.56 60.71
CA HIS D 548 -56.89 17.69 61.00
C HIS D 548 -55.75 18.44 61.67
N LEU D 549 -55.31 17.92 62.81
CA LEU D 549 -54.09 18.36 63.49
C LEU D 549 -54.20 19.75 64.09
N LYS D 550 -55.29 20.46 63.82
CA LYS D 550 -55.45 21.81 64.32
C LYS D 550 -55.51 21.82 65.84
N ARG D 551 -54.94 22.88 66.42
CA ARG D 551 -54.86 23.00 67.88
C ARG D 551 -55.96 23.88 68.48
N SER D 552 -56.88 24.40 67.66
CA SER D 552 -57.92 25.30 68.19
C SER D 552 -59.06 25.38 67.19
N VAL D 553 -60.24 24.93 67.59
CA VAL D 553 -61.43 24.99 66.75
C VAL D 553 -62.53 25.73 67.49
N PHE D 554 -63.12 26.72 66.82
CA PHE D 554 -64.27 27.46 67.32
C PHE D 554 -65.38 27.38 66.29
N CYS D 555 -66.55 27.93 66.65
CA CYS D 555 -67.65 28.09 65.72
C CYS D 555 -68.56 29.18 66.25
N SER D 556 -69.02 30.05 65.37
CA SER D 556 -69.82 31.20 65.74
C SER D 556 -71.15 31.18 64.99
N GLU D 557 -72.00 32.17 65.29
CA GLU D 557 -73.32 32.31 64.69
C GLU D 557 -74.16 31.06 64.92
N LEU D 558 -74.40 30.77 66.20
CA LEU D 558 -75.18 29.60 66.54
C LEU D 558 -76.65 29.79 66.20
N PRO D 559 -77.35 28.73 65.79
CA PRO D 559 -78.77 28.87 65.43
C PRO D 559 -79.68 28.83 66.64
N ASP D 560 -79.89 29.99 67.26
CA ASP D 560 -80.67 30.10 68.49
C ASP D 560 -81.97 29.32 68.42
N PHE D 561 -82.24 28.54 69.47
CA PHE D 561 -83.34 27.58 69.46
C PHE D 561 -84.58 28.08 70.19
N ALA D 562 -84.55 29.30 70.73
CA ALA D 562 -85.76 29.85 71.37
C ALA D 562 -86.89 29.97 70.36
N CYS D 563 -86.58 30.43 69.15
CA CYS D 563 -87.51 30.39 68.04
C CYS D 563 -87.28 29.12 67.25
N SER D 564 -88.33 28.31 67.09
CA SER D 564 -88.19 27.04 66.39
C SER D 564 -87.82 27.27 64.93
N GLY D 565 -87.00 26.37 64.39
CA GLY D 565 -86.52 26.50 63.04
C GLY D 565 -85.05 26.17 62.90
N SER D 566 -84.44 25.70 63.99
CA SER D 566 -83.04 25.33 64.02
C SER D 566 -82.88 23.90 64.55
N LYS D 567 -81.97 23.14 63.95
CA LYS D 567 -81.70 21.79 64.40
C LYS D 567 -80.89 21.82 65.69
N LYS D 568 -81.39 21.15 66.72
CA LYS D 568 -80.79 21.22 68.05
C LYS D 568 -79.44 20.51 68.07
N ILE D 569 -78.68 20.79 69.13
CA ILE D 569 -77.31 20.29 69.24
C ILE D 569 -77.33 18.78 69.45
N ARG D 570 -76.70 18.04 68.54
CA ARG D 570 -76.66 16.60 68.64
C ARG D 570 -75.72 16.17 69.78
N SER D 571 -76.10 15.10 70.47
CA SER D 571 -75.16 14.43 71.36
C SER D 571 -74.06 13.74 70.57
N ASP D 572 -74.40 13.16 69.42
CA ASP D 572 -73.39 12.60 68.54
C ASP D 572 -72.39 13.64 68.05
N ASN D 573 -72.78 14.92 68.08
CA ASN D 573 -71.87 15.97 67.67
C ASN D 573 -70.82 16.25 68.75
N ILE D 574 -71.21 16.18 70.02
CA ILE D 574 -70.32 16.62 71.09
C ILE D 574 -69.48 15.47 71.64
N LYS D 575 -70.07 14.28 71.78
CA LYS D 575 -69.28 13.14 72.23
C LYS D 575 -68.18 12.82 71.24
N LYS D 576 -68.45 12.97 69.94
CA LYS D 576 -67.46 12.67 68.92
C LYS D 576 -66.29 13.64 68.94
N LEU D 577 -66.45 14.82 69.54
CA LEU D 577 -65.42 15.86 69.51
C LEU D 577 -64.42 15.73 70.66
N THR D 578 -64.23 14.52 71.19
CA THR D 578 -63.23 14.30 72.24
C THR D 578 -62.34 13.11 71.99
N GLU D 579 -62.80 12.09 71.26
CA GLU D 579 -61.96 10.92 71.03
C GLU D 579 -60.76 11.31 70.16
N PRO D 580 -59.60 10.68 70.38
CA PRO D 580 -58.41 11.04 69.60
C PRO D 580 -58.51 10.66 68.13
N CYS D 581 -59.67 10.16 67.70
CA CYS D 581 -59.92 9.86 66.31
C CYS D 581 -61.26 10.45 65.90
N VAL D 582 -61.34 10.95 64.67
CA VAL D 582 -62.52 11.58 64.13
C VAL D 582 -62.80 11.00 62.75
N ILE D 583 -64.07 10.65 62.50
CA ILE D 583 -64.49 10.07 61.23
C ILE D 583 -64.84 11.19 60.27
N GLY D 584 -64.29 11.12 59.06
CA GLY D 584 -64.57 12.12 58.04
C GLY D 584 -63.75 11.91 56.79
N ARG D 585 -64.35 12.14 55.63
CA ARG D 585 -63.58 11.87 54.42
C ARG D 585 -63.41 13.13 53.58
N PRO D 586 -62.26 13.30 52.94
CA PRO D 586 -62.07 14.44 52.05
C PRO D 586 -62.76 14.22 50.72
N CYS D 587 -62.92 15.32 49.99
CA CYS D 587 -63.47 15.24 48.64
C CYS D 587 -62.51 14.48 47.73
N PHE D 588 -63.06 13.56 46.95
CA PHE D 588 -62.30 12.77 45.97
C PHE D 588 -61.16 12.01 46.62
N SER D 589 -61.36 11.56 47.86
CA SER D 589 -60.35 10.82 48.61
C SER D 589 -61.04 9.74 49.42
N ASN D 590 -60.33 8.63 49.64
CA ASN D 590 -60.86 7.51 50.42
C ASN D 590 -60.47 7.55 51.89
N LYS D 591 -59.62 8.50 52.29
CA LYS D 591 -59.20 8.56 53.69
C LYS D 591 -60.38 8.89 54.58
N ILE D 592 -60.33 8.39 55.81
CA ILE D 592 -61.44 8.55 56.75
C ILE D 592 -60.93 9.13 58.07
N ASN D 593 -59.64 8.96 58.34
CA ASN D 593 -59.06 9.26 59.63
C ASN D 593 -58.56 10.70 59.71
N ASN D 594 -58.70 11.30 60.89
CA ASN D 594 -58.08 12.56 61.22
C ASN D 594 -57.57 12.50 62.66
N ARG D 595 -56.48 13.22 62.91
CA ARG D 595 -55.94 13.32 64.26
C ARG D 595 -56.41 14.61 64.89
N ASN D 596 -56.62 14.57 66.20
CA ASN D 596 -57.33 15.64 66.91
C ASN D 596 -56.55 16.08 68.14
N HIS D 597 -55.86 17.21 68.04
CA HIS D 597 -55.30 17.90 69.20
C HIS D 597 -56.06 19.18 69.51
N ALA D 598 -57.20 19.39 68.87
CA ALA D 598 -57.90 20.66 68.98
C ALA D 598 -58.52 20.82 70.36
N THR D 599 -58.64 22.08 70.79
CA THR D 599 -59.44 22.46 71.94
C THR D 599 -60.61 23.30 71.41
N ILE D 600 -61.83 22.86 71.71
CA ILE D 600 -63.03 23.39 71.07
C ILE D 600 -63.77 24.28 72.06
N ILE D 601 -64.10 25.50 71.62
CA ILE D 601 -64.89 26.44 72.40
C ILE D 601 -65.85 27.14 71.45
N ILE D 602 -67.11 27.25 71.86
CA ILE D 602 -68.15 27.85 71.04
C ILE D 602 -68.78 29.00 71.82
N ASP D 603 -69.05 30.11 71.13
CA ASP D 603 -69.62 31.30 71.74
C ASP D 603 -71.13 31.31 71.55
N THR D 604 -71.87 31.49 72.64
CA THR D 604 -73.32 31.48 72.62
C THR D 604 -73.88 32.66 73.39
N ASN D 605 -74.89 33.31 72.80
CA ASN D 605 -75.63 34.37 73.47
C ASN D 605 -76.80 33.85 74.28
N TYR D 606 -77.06 32.55 74.23
CA TYR D 606 -78.18 31.93 74.92
C TYR D 606 -77.71 30.62 75.52
N LYS D 607 -78.41 30.16 76.54
CA LYS D 607 -78.12 28.85 77.11
C LYS D 607 -78.61 27.78 76.14
N PRO D 608 -77.74 26.95 75.59
CA PRO D 608 -78.16 26.03 74.54
C PRO D 608 -79.11 24.95 75.07
N VAL D 609 -79.97 24.48 74.19
CA VAL D 609 -80.84 23.34 74.45
C VAL D 609 -80.25 22.13 73.75
N PHE D 610 -80.48 20.96 74.30
CA PHE D 610 -79.95 19.71 73.76
C PHE D 610 -81.10 18.77 73.42
N ASP D 611 -80.96 18.09 72.28
CA ASP D 611 -81.94 17.08 71.90
C ASP D 611 -81.88 15.89 72.85
N ARG D 612 -80.68 15.54 73.32
CA ARG D 612 -80.52 14.44 74.26
C ARG D 612 -79.56 14.87 75.38
N ILE D 613 -79.93 14.54 76.61
CA ILE D 613 -79.07 14.77 77.77
C ILE D 613 -79.09 13.52 78.63
N ASP D 614 -77.90 13.04 79.00
CA ASP D 614 -77.76 11.86 79.83
C ASP D 614 -76.50 12.01 80.67
N ASN D 615 -76.03 10.90 81.24
CA ASN D 615 -74.82 10.96 82.05
C ASN D 615 -73.56 10.97 81.21
N ALA D 616 -73.69 10.71 79.90
CA ALA D 616 -72.50 10.62 79.05
C ALA D 616 -71.90 12.00 78.80
N LEU D 617 -72.74 13.01 78.59
CA LEU D 617 -72.23 14.32 78.16
C LEU D 617 -71.69 15.13 79.32
N MET D 618 -71.96 14.73 80.57
CA MET D 618 -71.54 15.53 81.71
C MET D 618 -70.03 15.58 81.87
N ARG D 619 -69.31 14.63 81.27
CA ARG D 619 -67.86 14.64 81.30
C ARG D 619 -67.26 15.30 80.07
N ARG D 620 -68.09 15.77 79.15
CA ARG D 620 -67.67 16.44 77.92
C ARG D 620 -68.32 17.81 77.80
N ILE D 621 -68.40 18.55 78.91
CA ILE D 621 -69.12 19.81 78.94
C ILE D 621 -68.45 20.76 79.92
N ALA D 622 -68.38 22.04 79.54
CA ALA D 622 -67.91 23.13 80.40
C ALA D 622 -68.33 24.43 79.73
N VAL D 623 -67.91 25.54 80.33
CA VAL D 623 -68.27 26.85 79.80
C VAL D 623 -67.29 27.90 80.33
N VAL D 624 -67.03 28.90 79.50
CA VAL D 624 -66.33 30.12 79.89
C VAL D 624 -67.28 31.29 79.66
N ARG D 625 -67.48 32.09 80.69
CA ARG D 625 -68.47 33.16 80.67
C ARG D 625 -67.79 34.52 80.54
N PHE D 626 -68.32 35.35 79.66
CA PHE D 626 -67.84 36.72 79.46
C PHE D 626 -68.81 37.69 80.10
N ARG D 627 -68.28 38.64 80.87
CA ARG D 627 -69.09 39.67 81.52
C ARG D 627 -68.49 41.05 81.27
N THR D 628 -68.13 41.31 80.01
CA THR D 628 -67.55 42.58 79.60
C THR D 628 -68.43 43.20 78.52
N HIS D 629 -68.22 44.51 78.29
CA HIS D 629 -68.97 45.26 77.30
C HIS D 629 -68.06 46.28 76.64
N PHE D 630 -68.24 46.47 75.34
CA PHE D 630 -67.55 47.50 74.57
C PHE D 630 -68.59 48.15 73.67
N SER D 631 -69.08 49.32 74.08
CA SER D 631 -70.18 49.98 73.40
C SER D 631 -69.82 51.42 73.09
N GLN D 632 -70.49 51.97 72.08
CA GLN D 632 -70.28 53.36 71.71
C GLN D 632 -70.78 54.28 72.82
N PRO D 633 -70.15 55.45 73.00
CA PRO D 633 -70.65 56.40 74.01
C PRO D 633 -72.04 56.93 73.72
N SER D 634 -72.52 56.82 72.47
CA SER D 634 -73.83 57.36 72.12
C SER D 634 -74.94 56.62 72.85
N GLY D 635 -74.84 55.30 72.96
CA GLY D 635 -75.81 54.48 73.65
C GLY D 635 -75.41 54.03 75.04
N ARG D 636 -74.38 54.62 75.63
CA ARG D 636 -73.89 54.16 76.93
C ARG D 636 -74.92 54.43 78.03
N GLU D 637 -75.80 55.41 77.84
CA GLU D 637 -76.80 55.70 78.87
C GLU D 637 -77.74 54.53 79.11
N ALA D 638 -78.14 53.84 78.04
CA ALA D 638 -78.92 52.63 78.20
C ALA D 638 -78.04 51.41 78.42
N ALA D 639 -76.78 51.47 77.98
CA ALA D 639 -75.86 50.36 78.21
C ALA D 639 -75.60 50.14 79.69
N GLU D 640 -75.44 51.24 80.44
CA GLU D 640 -75.30 51.14 81.90
C GLU D 640 -76.58 50.72 82.59
N ASN D 641 -77.64 50.40 81.83
CA ASN D 641 -78.91 49.97 82.39
C ASN D 641 -79.21 48.51 82.10
N ASN D 642 -78.17 47.70 81.95
CA ASN D 642 -78.32 46.25 81.77
C ASN D 642 -77.66 45.53 82.93
N ASP D 643 -78.41 44.63 83.56
CA ASP D 643 -77.93 43.88 84.72
C ASP D 643 -77.04 42.71 84.34
N ALA D 644 -77.06 42.28 83.07
CA ALA D 644 -76.21 41.17 82.66
C ALA D 644 -74.74 41.59 82.55
N TYR D 645 -74.48 42.76 81.98
CA TYR D 645 -73.10 43.24 81.82
C TYR D 645 -72.56 43.68 83.16
N ASP D 646 -71.50 43.00 83.64
CA ASP D 646 -70.87 43.38 84.88
C ASP D 646 -69.90 44.54 84.71
N LYS D 647 -69.53 44.87 83.48
CA LYS D 647 -68.67 46.02 83.22
C LYS D 647 -68.93 46.51 81.81
N VAL D 648 -69.05 47.82 81.67
CA VAL D 648 -69.25 48.47 80.36
C VAL D 648 -68.22 49.58 80.24
N LYS D 649 -67.44 49.54 79.17
CA LYS D 649 -66.40 50.54 78.91
C LYS D 649 -66.58 51.10 77.51
N LEU D 650 -65.61 51.90 77.09
CA LEU D 650 -65.65 52.52 75.77
C LEU D 650 -64.97 51.63 74.75
N LEU D 651 -65.62 51.45 73.61
CA LEU D 651 -65.05 50.62 72.55
C LEU D 651 -63.78 51.24 71.99
N ASP D 652 -62.82 50.40 71.62
CA ASP D 652 -61.56 50.84 71.03
C ASP D 652 -61.60 50.53 69.54
N GLU D 653 -61.94 51.52 68.73
CA GLU D 653 -62.05 51.31 67.29
C GLU D 653 -60.71 51.03 66.63
N GLY D 654 -59.60 51.41 67.26
CA GLY D 654 -58.29 51.17 66.67
C GLY D 654 -57.68 49.85 67.11
N LEU D 655 -58.30 49.22 68.11
CA LEU D 655 -57.77 47.95 68.60
C LEU D 655 -57.91 46.85 67.56
N ASP D 656 -59.02 46.86 66.80
CA ASP D 656 -59.21 45.84 65.78
C ASP D 656 -58.11 45.90 64.73
N GLY D 657 -57.74 47.11 64.30
CA GLY D 657 -56.61 47.23 63.40
C GLY D 657 -55.30 46.78 64.03
N LYS D 658 -55.10 47.14 65.31
CA LYS D 658 -53.84 46.79 65.98
C LYS D 658 -53.66 45.28 66.09
N ILE D 659 -54.71 44.57 66.49
CA ILE D 659 -54.62 43.11 66.53
C ILE D 659 -54.51 42.55 65.12
N GLN D 660 -55.24 43.14 64.16
CA GLN D 660 -55.05 42.77 62.77
C GLN D 660 -53.64 43.11 62.30
N ASN D 661 -53.05 44.18 62.85
CA ASN D 661 -51.66 44.53 62.61
C ASN D 661 -50.71 43.74 63.49
N ASN D 662 -51.17 42.60 64.00
CA ASN D 662 -50.41 41.68 64.86
C ASN D 662 -49.55 42.44 65.87
N ARG D 663 -50.13 43.46 66.51
CA ARG D 663 -49.36 44.27 67.44
C ARG D 663 -48.91 43.46 68.64
N TYR D 664 -49.84 42.76 69.29
CA TYR D 664 -49.54 42.05 70.53
C TYR D 664 -49.22 40.58 70.29
N ARG D 665 -48.77 40.23 69.09
CA ARG D 665 -48.62 38.83 68.73
C ARG D 665 -47.63 38.13 69.63
N PHE D 666 -46.36 38.55 69.61
CA PHE D 666 -45.34 37.88 70.41
C PHE D 666 -45.56 38.10 71.90
N ALA D 667 -46.14 39.24 72.26
CA ALA D 667 -46.54 39.43 73.65
C ALA D 667 -47.55 38.38 74.08
N PHE D 668 -48.51 38.08 73.21
CA PHE D 668 -49.52 37.09 73.58
C PHE D 668 -48.94 35.68 73.55
N LEU D 669 -48.00 35.41 72.65
CA LEU D 669 -47.31 34.12 72.72
C LEU D 669 -46.58 33.96 74.04
N TYR D 670 -45.90 35.02 74.49
CA TYR D 670 -45.21 34.95 75.76
C TYR D 670 -46.21 34.77 76.91
N LEU D 671 -47.36 35.45 76.80
CA LEU D 671 -48.44 35.28 77.78
C LEU D 671 -48.88 33.83 77.87
N LEU D 672 -49.17 33.23 76.72
CA LEU D 672 -49.64 31.85 76.69
C LEU D 672 -48.56 30.91 77.22
N VAL D 673 -47.30 31.17 76.86
CA VAL D 673 -46.20 30.34 77.34
C VAL D 673 -46.12 30.40 78.86
N LYS D 674 -46.21 31.60 79.42
CA LYS D 674 -46.12 31.73 80.86
C LYS D 674 -47.29 31.05 81.56
N TRP D 675 -48.50 31.22 81.03
CA TRP D 675 -49.65 30.51 81.61
C TRP D 675 -49.49 29.00 81.52
N TYR D 676 -48.98 28.51 80.39
CA TYR D 676 -48.78 27.07 80.26
C TYR D 676 -47.77 26.58 81.28
N LYS D 677 -46.65 27.28 81.42
CA LYS D 677 -45.65 26.89 82.41
C LYS D 677 -46.19 27.03 83.82
N LYS D 678 -47.22 27.86 84.02
CA LYS D 678 -47.90 27.90 85.31
C LYS D 678 -48.56 26.56 85.64
N TYR D 679 -49.20 25.93 84.64
CA TYR D 679 -49.77 24.59 84.78
C TYR D 679 -49.28 23.75 83.61
N HIS D 680 -48.07 23.22 83.74
CA HIS D 680 -47.44 22.41 82.70
C HIS D 680 -47.14 21.01 83.20
N ILE D 681 -47.95 20.53 84.15
CA ILE D 681 -47.77 19.18 84.66
C ILE D 681 -47.95 18.19 83.52
N PRO D 682 -47.15 17.13 83.42
CA PRO D 682 -47.32 16.16 82.33
C PRO D 682 -48.73 15.59 82.21
N ILE D 683 -49.61 15.94 83.14
CA ILE D 683 -51.03 15.64 83.04
C ILE D 683 -51.71 16.82 82.38
N MET D 684 -51.77 16.82 81.04
CA MET D 684 -52.45 17.86 80.30
C MET D 684 -53.89 17.44 80.06
N LYS D 685 -54.66 17.42 81.15
CA LYS D 685 -56.05 16.99 81.13
C LYS D 685 -56.90 18.05 81.80
N LEU D 686 -58.12 18.23 81.29
CA LEU D 686 -59.03 19.25 81.77
C LEU D 686 -60.15 18.62 82.60
N TYR D 687 -60.98 19.48 83.18
CA TYR D 687 -62.04 19.05 84.08
C TYR D 687 -63.36 19.67 83.64
N PRO D 688 -64.40 18.87 83.44
CA PRO D 688 -65.68 19.42 82.99
C PRO D 688 -66.35 20.24 84.08
N THR D 689 -67.22 21.15 83.65
CA THR D 689 -68.00 21.99 84.55
C THR D 689 -69.48 21.92 84.17
N PRO D 690 -70.13 20.78 84.43
CA PRO D 690 -71.52 20.61 83.98
C PRO D 690 -72.53 21.45 84.74
N GLU D 691 -72.23 21.86 85.96
CA GLU D 691 -73.23 22.51 86.80
C GLU D 691 -73.66 23.87 86.29
N GLU D 692 -72.87 24.49 85.41
CA GLU D 692 -73.20 25.84 84.96
C GLU D 692 -74.40 25.86 84.01
N ILE D 693 -74.43 24.96 83.04
CA ILE D 693 -75.55 24.93 82.09
C ILE D 693 -76.82 24.48 82.82
N PRO D 694 -77.93 25.21 82.68
CA PRO D 694 -79.16 24.81 83.39
C PRO D 694 -79.71 23.48 82.93
N ASP D 695 -79.33 22.99 81.74
CA ASP D 695 -79.88 21.75 81.22
C ASP D 695 -79.62 20.58 82.18
N PHE D 696 -78.52 20.65 82.92
CA PHE D 696 -78.09 19.55 83.79
C PHE D 696 -78.56 19.71 85.21
N ALA D 697 -79.29 20.78 85.53
CA ALA D 697 -79.77 20.97 86.90
C ALA D 697 -80.75 19.87 87.29
N PHE D 698 -81.67 19.51 86.40
CA PHE D 698 -82.65 18.48 86.72
C PHE D 698 -82.01 17.10 86.81
N TYR D 699 -81.12 16.77 85.86
CA TYR D 699 -80.46 15.47 85.88
C TYR D 699 -79.60 15.33 87.13
N LEU D 700 -78.87 16.39 87.51
CA LEU D 700 -78.12 16.37 88.75
C LEU D 700 -79.03 16.43 89.97
N LYS D 701 -80.28 16.90 89.81
CA LYS D 701 -81.22 16.94 90.91
C LYS D 701 -81.90 15.59 91.12
N ILE D 702 -82.38 14.98 90.05
CA ILE D 702 -83.07 13.68 90.18
C ILE D 702 -82.11 12.62 90.68
N GLY D 703 -80.84 12.68 90.24
CA GLY D 703 -79.85 11.74 90.75
C GLY D 703 -79.54 11.97 92.21
N THR D 704 -79.37 13.23 92.61
CA THR D 704 -79.07 13.56 94.00
C THR D 704 -80.30 13.51 94.90
N LEU D 705 -81.49 13.33 94.32
CA LEU D 705 -82.71 13.20 95.10
C LEU D 705 -83.22 11.77 95.19
N LEU D 706 -82.93 10.93 94.20
CA LEU D 706 -83.38 9.55 94.16
C LEU D 706 -82.21 8.62 93.90
N VAL D 707 -82.20 7.49 94.58
CA VAL D 707 -81.22 6.44 94.38
C VAL D 707 -81.95 5.14 94.11
N SER D 708 -81.28 4.22 93.40
CA SER D 708 -81.89 2.95 93.08
C SER D 708 -82.11 2.12 94.35
N SER D 709 -83.28 1.49 94.43
CA SER D 709 -83.57 0.62 95.55
C SER D 709 -82.57 -0.54 95.56
N SER D 710 -82.05 -0.85 96.75
CA SER D 710 -80.99 -1.83 96.87
C SER D 710 -81.35 -2.84 97.95
N VAL D 711 -80.57 -3.93 98.00
CA VAL D 711 -80.72 -4.92 99.05
C VAL D 711 -80.16 -4.41 100.37
N LYS D 712 -79.29 -3.41 100.34
CA LYS D 712 -78.76 -2.81 101.56
C LYS D 712 -79.83 -2.03 102.31
N HIS D 713 -80.94 -1.69 101.66
CA HIS D 713 -82.04 -0.96 102.28
C HIS D 713 -83.21 -1.87 102.65
N ILE D 714 -83.03 -3.19 102.57
CA ILE D 714 -84.11 -4.11 102.96
C ILE D 714 -84.53 -3.95 104.42
N PRO D 715 -83.60 -3.89 105.41
CA PRO D 715 -84.06 -3.88 106.81
C PRO D 715 -84.64 -2.56 107.26
N LEU D 716 -85.55 -1.99 106.46
CA LEU D 716 -86.32 -0.82 106.85
C LEU D 716 -87.74 -0.89 106.30
N MET D 717 -88.15 -2.04 105.75
CA MET D 717 -89.43 -2.14 105.05
C MET D 717 -90.62 -1.84 105.96
N THR D 718 -90.45 -1.92 107.28
CA THR D 718 -91.52 -1.52 108.18
C THR D 718 -91.88 -0.05 107.98
N ASP D 719 -90.86 0.82 107.90
CA ASP D 719 -91.09 2.22 107.57
C ASP D 719 -91.51 2.38 106.12
N LEU D 720 -90.95 1.56 105.23
CA LEU D 720 -91.27 1.67 103.81
C LEU D 720 -92.75 1.39 103.55
N SER D 721 -93.37 0.56 104.38
CA SER D 721 -94.79 0.26 104.21
C SER D 721 -95.65 1.52 104.39
N LYS D 722 -95.32 2.32 105.41
CA LYS D 722 -96.05 3.57 105.62
C LYS D 722 -95.47 4.72 104.79
N LYS D 723 -94.35 4.52 104.12
CA LYS D 723 -93.85 5.50 103.15
C LYS D 723 -94.49 5.34 101.78
N GLY D 724 -95.39 4.37 101.61
CA GLY D 724 -96.01 4.11 100.33
C GLY D 724 -95.25 3.18 99.42
N TYR D 725 -94.10 2.66 99.86
CA TYR D 725 -93.29 1.77 99.04
C TYR D 725 -93.68 0.32 99.29
N ILE D 726 -93.76 -0.45 98.20
CA ILE D 726 -94.21 -1.84 98.23
C ILE D 726 -93.08 -2.72 97.72
N LEU D 727 -92.90 -3.86 98.39
CA LEU D 727 -91.79 -4.78 98.10
C LEU D 727 -92.26 -5.86 97.13
N TYR D 728 -91.59 -5.96 95.99
CA TYR D 728 -91.87 -6.98 94.99
C TYR D 728 -90.56 -7.65 94.59
N ASP D 729 -90.56 -8.98 94.59
CA ASP D 729 -89.37 -9.81 94.36
C ASP D 729 -88.13 -9.26 95.08
N ASN D 730 -88.33 -8.78 96.30
CA ASN D 730 -87.28 -8.18 97.13
C ASN D 730 -86.66 -6.97 96.43
N VAL D 731 -87.43 -6.31 95.57
CA VAL D 731 -87.06 -5.03 94.98
C VAL D 731 -88.16 -4.04 95.34
N VAL D 732 -87.79 -2.99 96.06
CA VAL D 732 -88.79 -2.05 96.56
C VAL D 732 -89.36 -1.27 95.39
N THR D 733 -90.69 -1.20 95.32
CA THR D 733 -91.40 -0.56 94.22
C THR D 733 -92.07 0.71 94.70
N LEU D 734 -92.72 1.40 93.76
CA LEU D 734 -93.49 2.60 94.04
C LEU D 734 -94.48 2.80 92.90
N PRO D 735 -95.78 2.90 93.20
CA PRO D 735 -96.76 3.15 92.14
C PRO D 735 -96.51 4.49 91.47
N LEU D 736 -96.82 4.55 90.18
CA LEU D 736 -96.51 5.73 89.39
C LEU D 736 -97.24 6.96 89.89
N THR D 737 -98.45 6.78 90.43
CA THR D 737 -99.18 7.93 90.98
C THR D 737 -98.46 8.49 92.21
N THR D 738 -98.01 7.61 93.11
CA THR D 738 -97.27 8.07 94.28
C THR D 738 -95.98 8.77 93.87
N PHE D 739 -95.32 8.25 92.82
CA PHE D 739 -94.10 8.88 92.32
C PHE D 739 -94.39 10.27 91.76
N GLN D 740 -95.47 10.41 90.98
CA GLN D 740 -95.72 11.68 90.30
C GLN D 740 -96.25 12.74 91.26
N GLN D 741 -97.02 12.36 92.27
CA GLN D 741 -97.47 13.34 93.25
C GLN D 741 -96.30 13.86 94.07
N LYS D 742 -95.35 13.00 94.41
CA LYS D 742 -94.21 13.40 95.24
C LYS D 742 -93.17 14.19 94.46
N ILE D 743 -92.96 13.87 93.19
CA ILE D 743 -91.89 14.50 92.42
C ILE D 743 -92.16 15.99 92.22
N SER D 744 -93.43 16.38 92.18
CA SER D 744 -93.79 17.77 91.89
C SER D 744 -93.66 18.69 93.09
N LYS D 745 -93.34 18.16 94.26
CA LYS D 745 -93.22 19.01 95.44
C LYS D 745 -92.00 19.92 95.37
N TYR D 746 -91.00 19.54 94.58
CA TYR D 746 -89.80 20.35 94.43
C TYR D 746 -89.81 21.13 93.11
N PHE D 747 -90.01 20.45 91.99
CA PHE D 747 -90.03 21.08 90.68
C PHE D 747 -91.41 20.97 90.08
N ASN D 748 -91.91 22.08 89.53
CA ASN D 748 -93.26 22.12 89.01
C ASN D 748 -93.38 21.27 87.75
N SER D 749 -94.59 20.75 87.53
CA SER D 749 -94.80 19.81 86.43
C SER D 749 -94.58 20.47 85.08
N ARG D 750 -95.00 21.73 84.91
CA ARG D 750 -94.97 22.35 83.60
C ARG D 750 -93.55 22.54 83.09
N LEU D 751 -92.60 22.85 83.98
CA LEU D 751 -91.23 23.10 83.54
C LEU D 751 -90.52 21.81 83.14
N PHE D 752 -90.68 20.74 83.92
CA PHE D 752 -89.92 19.51 83.71
C PHE D 752 -90.85 18.31 83.48
N GLY D 753 -92.03 18.55 82.91
CA GLY D 753 -92.93 17.44 82.63
C GLY D 753 -92.39 16.48 81.58
N HIS D 754 -91.85 17.03 80.49
CA HIS D 754 -91.30 16.18 79.43
C HIS D 754 -90.13 15.34 79.95
N ASP D 755 -89.24 15.97 80.72
CA ASP D 755 -88.13 15.23 81.31
C ASP D 755 -88.62 14.19 82.30
N ILE D 756 -89.65 14.54 83.08
CA ILE D 756 -90.19 13.61 84.07
C ILE D 756 -90.73 12.37 83.37
N GLU D 757 -91.53 12.55 82.32
CA GLU D 757 -92.08 11.38 81.63
C GLU D 757 -91.00 10.63 80.85
N SER D 758 -89.99 11.32 80.34
CA SER D 758 -88.89 10.65 79.68
C SER D 758 -88.18 9.71 80.65
N PHE D 759 -87.86 10.21 81.85
CA PHE D 759 -87.27 9.34 82.87
C PHE D 759 -88.22 8.23 83.30
N ILE D 760 -89.52 8.54 83.36
CA ILE D 760 -90.51 7.54 83.76
C ILE D 760 -90.46 6.35 82.82
N ASN D 761 -90.54 6.62 81.51
CA ASN D 761 -90.48 5.52 80.55
C ASN D 761 -89.08 4.95 80.43
N ARG D 762 -88.05 5.71 80.81
CA ARG D 762 -86.69 5.23 80.68
C ARG D 762 -86.36 4.18 81.73
N HIS D 763 -86.73 4.44 82.98
CA HIS D 763 -86.23 3.65 84.10
C HIS D 763 -87.28 2.90 84.89
N LYS D 764 -88.56 3.07 84.60
CA LYS D 764 -89.57 2.27 85.29
C LYS D 764 -89.42 0.81 84.91
N LYS D 765 -89.50 -0.06 85.91
CA LYS D 765 -89.33 -1.48 85.69
C LYS D 765 -90.69 -2.13 85.41
N PHE D 766 -90.65 -3.22 84.67
CA PHE D 766 -91.86 -3.98 84.35
C PHE D 766 -91.83 -5.28 85.14
N ALA D 767 -92.26 -5.20 86.40
CA ALA D 767 -92.63 -6.41 87.12
C ALA D 767 -93.93 -6.98 86.55
N ASN D 768 -94.88 -6.11 86.26
CA ASN D 768 -96.08 -6.45 85.51
C ASN D 768 -96.65 -5.17 84.91
N VAL D 769 -97.04 -5.22 83.64
CA VAL D 769 -97.56 -4.04 82.97
C VAL D 769 -98.88 -3.58 83.56
N SER D 770 -99.54 -4.43 84.34
CA SER D 770 -100.77 -4.02 85.00
C SER D 770 -100.50 -3.00 86.10
N ASP D 771 -99.36 -3.10 86.77
CA ASP D 771 -98.96 -2.16 87.83
C ASP D 771 -97.46 -1.91 87.67
N GLU D 772 -97.12 -0.89 86.90
CA GLU D 772 -95.72 -0.57 86.67
C GLU D 772 -95.08 -0.04 87.94
N TYR D 773 -93.74 -0.14 88.00
CA TYR D 773 -93.01 0.22 89.20
C TYR D 773 -91.64 0.74 88.83
N LEU D 774 -91.04 1.48 89.77
CA LEU D 774 -89.68 1.99 89.63
C LEU D 774 -88.83 1.48 90.76
N GLN D 775 -87.60 1.07 90.44
CA GLN D 775 -86.66 0.58 91.43
C GLN D 775 -85.96 1.75 92.11
N TYR D 776 -86.72 2.71 92.59
CA TYR D 776 -86.17 3.93 93.18
C TYR D 776 -86.94 4.30 94.43
N ILE D 777 -86.21 4.75 95.45
CA ILE D 777 -86.79 5.26 96.69
C ILE D 777 -86.18 6.61 96.99
N PHE D 778 -87.00 7.54 97.49
CA PHE D 778 -86.52 8.89 97.75
C PHE D 778 -85.46 8.90 98.84
N ILE D 779 -84.45 9.74 98.67
CA ILE D 779 -83.39 9.88 99.67
C ILE D 779 -83.96 10.47 100.96
N GLU D 780 -84.94 11.37 100.85
CA GLU D 780 -85.50 11.99 102.04
C GLU D 780 -86.08 10.96 103.00
N ASP D 781 -86.82 9.97 102.48
CA ASP D 781 -87.35 8.92 103.35
C ASP D 781 -86.30 7.89 103.73
N ILE D 782 -85.33 7.63 102.85
CA ILE D 782 -84.28 6.66 103.16
C ILE D 782 -83.46 7.13 104.36
N SER D 783 -83.08 8.41 104.37
CA SER D 783 -82.37 8.96 105.52
C SER D 783 -83.26 9.00 106.75
N SER D 784 -84.57 9.08 106.55
CA SER D 784 -85.49 9.14 107.68
C SER D 784 -85.48 7.81 108.43
N PRO D 785 -85.66 7.83 109.76
CA PRO D 785 -85.73 6.62 110.59
C PRO D 785 -86.89 5.71 110.21
N TRP E 236 -13.20 33.86 31.39
CA TRP E 236 -14.11 32.76 31.67
C TRP E 236 -15.37 33.26 32.38
N GLU E 237 -16.49 32.57 32.15
CA GLU E 237 -17.78 32.97 32.71
C GLU E 237 -18.13 32.10 33.91
N PRO E 238 -18.82 32.64 34.91
CA PRO E 238 -19.25 31.79 36.03
C PRO E 238 -20.51 31.02 35.70
N GLY E 239 -20.92 31.11 34.43
CA GLY E 239 -22.18 30.53 34.00
C GLY E 239 -22.09 29.11 33.49
N PHE E 240 -21.02 28.75 32.79
CA PHE E 240 -21.01 27.46 32.10
C PHE E 240 -20.80 26.26 33.03
N ILE E 241 -19.61 26.09 33.62
CA ILE E 241 -19.30 24.87 34.36
C ILE E 241 -18.39 25.20 35.53
N SER E 242 -18.47 24.36 36.56
CA SER E 242 -17.47 24.33 37.60
C SER E 242 -16.14 23.86 37.02
N PHE E 243 -15.09 23.93 37.83
CA PHE E 243 -13.75 23.60 37.36
C PHE E 243 -13.27 22.24 37.82
N GLU E 244 -13.81 21.71 38.92
CA GLU E 244 -13.44 20.37 39.34
C GLU E 244 -13.91 19.33 38.34
N ASP E 245 -15.11 19.49 37.81
CA ASP E 245 -15.54 18.65 36.70
C ASP E 245 -14.62 18.81 35.51
N ALA E 246 -14.14 20.03 35.26
CA ALA E 246 -13.25 20.25 34.13
C ALA E 246 -11.93 19.50 34.30
N ILE E 247 -11.33 19.59 35.48
CA ILE E 247 -10.04 18.91 35.70
C ILE E 247 -10.22 17.40 35.69
N LYS E 248 -11.33 16.90 36.25
CA LYS E 248 -11.57 15.47 36.17
C LYS E 248 -11.82 15.03 34.73
N ARG E 249 -12.43 15.91 33.92
CA ARG E 249 -12.67 15.56 32.52
C ARG E 249 -11.36 15.49 31.75
N VAL E 250 -10.46 16.46 31.97
CA VAL E 250 -9.18 16.42 31.27
C VAL E 250 -8.35 15.24 31.76
N SER E 251 -8.46 14.89 33.05
CA SER E 251 -7.77 13.70 33.53
C SER E 251 -8.33 12.44 32.89
N LYS E 252 -9.66 12.36 32.72
CA LYS E 252 -10.25 11.22 32.03
C LYS E 252 -9.73 11.11 30.61
N ILE E 253 -9.73 12.22 29.88
CA ILE E 253 -9.21 12.21 28.51
C ILE E 253 -7.70 12.10 28.48
N PHE E 254 -7.07 12.11 29.66
CA PHE E 254 -5.62 12.13 29.76
C PHE E 254 -5.04 10.72 29.69
N ILE E 255 -5.74 9.74 30.28
CA ILE E 255 -5.40 8.33 30.25
C ILE E 255 -4.04 8.10 30.89
N ASN E 256 -3.74 8.83 31.96
CA ASN E 256 -2.48 8.71 32.67
C ASN E 256 -2.65 9.40 34.03
N SER E 257 -1.67 9.19 34.90
CA SER E 257 -1.63 9.93 36.15
C SER E 257 -1.07 11.32 35.90
N ILE E 258 -1.03 12.14 36.94
CA ILE E 258 -0.49 13.50 36.85
C ILE E 258 0.21 13.85 38.14
N ILE E 259 1.50 14.21 38.04
CA ILE E 259 2.28 14.58 39.21
C ILE E 259 1.80 15.89 39.80
N ASN E 260 1.59 16.90 38.94
CA ASN E 260 1.20 18.24 39.37
C ASN E 260 -0.31 18.42 39.44
N PHE E 261 -1.04 17.34 39.72
CA PHE E 261 -2.49 17.39 39.84
C PHE E 261 -2.92 18.27 41.01
N ASN E 262 -2.25 18.14 42.15
CA ASN E 262 -2.49 19.07 43.25
C ASN E 262 -2.05 20.47 42.87
N ASP E 263 -0.91 20.59 42.19
CA ASP E 263 -0.45 21.90 41.71
C ASP E 263 -1.27 22.40 40.53
N LEU E 264 -2.13 21.56 39.95
CA LEU E 264 -3.01 22.01 38.88
C LEU E 264 -3.93 23.11 39.40
N ASP E 265 -4.06 24.17 38.62
CA ASP E 265 -4.61 25.41 39.13
C ASP E 265 -5.68 25.97 38.18
N GLU E 266 -6.47 26.88 38.72
CA GLU E 266 -7.53 27.55 37.97
C GLU E 266 -7.02 28.74 37.19
N ASN E 267 -5.80 29.22 37.47
CA ASN E 267 -5.31 30.41 36.79
C ASN E 267 -4.36 30.08 35.64
N ASN E 268 -3.32 29.29 35.91
CA ASN E 268 -2.32 28.97 34.89
C ASN E 268 -2.88 27.87 33.99
N PHE E 269 -3.35 28.27 32.80
CA PHE E 269 -3.98 27.33 31.88
C PHE E 269 -3.07 26.94 30.73
N THR E 270 -2.63 27.92 29.92
CA THR E 270 -1.81 27.62 28.75
C THR E 270 -0.32 27.81 28.99
N THR E 271 0.05 28.74 29.87
CA THR E 271 1.44 29.04 30.16
C THR E 271 2.07 28.03 31.12
N VAL E 272 1.29 27.10 31.66
CA VAL E 272 1.84 26.06 32.51
C VAL E 272 1.86 24.75 31.73
N PRO E 273 3.03 24.30 31.27
CA PRO E 273 3.08 23.07 30.47
C PRO E 273 2.58 21.88 31.28
N LEU E 274 1.95 20.95 30.57
CA LEU E 274 1.26 19.82 31.22
C LEU E 274 2.17 18.60 31.14
N VAL E 275 2.82 18.28 32.26
CA VAL E 275 3.75 17.16 32.35
C VAL E 275 3.13 16.06 33.21
N ILE E 276 3.27 14.82 32.77
CA ILE E 276 2.74 13.66 33.48
C ILE E 276 3.82 12.60 33.56
N ASP E 277 3.71 11.71 34.55
CA ASP E 277 4.69 10.65 34.76
C ASP E 277 4.35 9.50 33.81
N TYR E 278 4.98 9.49 32.64
CA TYR E 278 4.62 8.56 31.59
C TYR E 278 5.05 7.13 31.92
N VAL E 279 4.35 6.52 32.88
CA VAL E 279 4.56 5.10 33.16
C VAL E 279 4.08 4.25 32.00
N THR E 280 3.10 4.73 31.25
CA THR E 280 2.49 4.03 30.13
C THR E 280 2.47 4.97 28.94
N PRO E 281 2.22 4.46 27.73
CA PRO E 281 2.43 5.29 26.53
C PRO E 281 1.55 6.53 26.51
N CYS E 282 2.00 7.52 25.77
CA CYS E 282 1.24 8.76 25.61
C CYS E 282 -0.09 8.48 24.92
N ALA E 283 -1.14 9.07 25.48
CA ALA E 283 -2.50 8.88 24.97
C ALA E 283 -2.76 9.65 23.70
N LEU E 284 -1.84 10.51 23.27
CA LEU E 284 -2.03 11.35 22.10
C LEU E 284 -1.67 10.62 20.81
N CYS E 285 -0.43 10.12 20.72
CA CYS E 285 0.05 9.57 19.45
C CYS E 285 0.93 8.33 19.62
N LYS E 286 0.87 7.66 20.77
CA LYS E 286 1.68 6.47 21.05
C LYS E 286 3.18 6.77 20.99
N LYS E 287 3.59 7.75 21.80
CA LYS E 287 4.99 8.01 22.07
C LYS E 287 5.29 7.64 23.51
N ARG E 288 6.41 6.95 23.74
CA ARG E 288 6.75 6.52 25.09
C ARG E 288 6.92 7.69 26.04
N SER E 289 7.15 8.88 25.51
CA SER E 289 7.22 10.13 26.26
C SER E 289 7.08 11.25 25.25
N HIS E 290 7.17 12.49 25.70
CA HIS E 290 7.15 13.65 24.82
C HIS E 290 8.39 14.47 25.08
N LYS E 291 9.16 14.73 24.03
CA LYS E 291 10.35 15.58 24.16
C LYS E 291 9.98 16.95 24.68
N HIS E 292 8.79 17.43 24.35
CA HIS E 292 8.31 18.71 24.84
C HIS E 292 6.96 18.55 25.51
N PRO E 293 6.65 19.38 26.49
CA PRO E 293 5.41 19.21 27.26
C PRO E 293 4.21 19.69 26.45
N HIS E 294 3.05 19.67 27.11
CA HIS E 294 1.78 19.98 26.48
C HIS E 294 1.42 21.44 26.71
N GLN E 295 0.22 21.82 26.27
CA GLN E 295 -0.39 23.08 26.65
C GLN E 295 -1.88 22.94 26.40
N LEU E 296 -2.68 23.56 27.26
CA LEU E 296 -4.13 23.53 27.17
C LEU E 296 -4.65 24.95 27.02
N SER E 297 -5.29 25.23 25.89
CA SER E 297 -5.65 26.58 25.49
C SER E 297 -7.14 26.79 25.60
N LEU E 298 -7.55 27.99 26.00
CA LEU E 298 -8.95 28.36 26.19
C LEU E 298 -9.36 29.27 25.05
N GLU E 299 -10.05 28.70 24.06
CA GLU E 299 -10.51 29.45 22.89
C GLU E 299 -11.98 29.13 22.65
N ASN E 300 -12.79 30.17 22.49
CA ASN E 300 -14.21 30.04 22.15
C ASN E 300 -14.95 29.19 23.18
N GLY E 301 -14.77 29.56 24.44
CA GLY E 301 -15.48 28.92 25.53
C GLY E 301 -15.23 27.43 25.62
N ALA E 302 -13.97 27.02 25.57
CA ALA E 302 -13.62 25.62 25.60
C ALA E 302 -12.20 25.48 26.14
N ILE E 303 -11.74 24.23 26.24
CA ILE E 303 -10.36 23.91 26.57
C ILE E 303 -9.82 23.01 25.48
N ARG E 304 -8.83 23.49 24.74
CA ARG E 304 -8.15 22.70 23.72
C ARG E 304 -6.95 21.99 24.34
N ILE E 305 -6.58 20.87 23.73
CA ILE E 305 -5.41 20.11 24.16
C ILE E 305 -4.47 19.94 22.99
N TYR E 306 -3.23 20.39 23.15
CA TYR E 306 -2.23 20.28 22.11
C TYR E 306 -0.85 20.21 22.77
N LYS E 307 0.10 19.68 22.01
CA LYS E 307 1.47 19.47 22.47
C LYS E 307 2.39 20.42 21.72
N THR E 308 3.06 21.31 22.45
CA THR E 308 3.97 22.25 21.83
C THR E 308 5.24 21.52 21.37
N GLY E 309 5.79 21.99 20.25
CA GLY E 309 6.88 21.27 19.63
C GLY E 309 6.57 20.90 18.19
N ASN E 310 6.42 19.61 17.92
CA ASN E 310 6.16 19.12 16.57
C ASN E 310 4.69 18.75 16.43
N PRO E 311 3.83 19.69 16.04
CA PRO E 311 2.39 19.40 16.00
C PRO E 311 1.98 18.73 14.70
N HIS E 312 2.73 17.70 14.30
CA HIS E 312 2.47 16.97 13.07
C HIS E 312 2.04 15.54 13.34
N SER E 313 2.84 14.80 14.13
CA SER E 313 2.56 13.42 14.48
C SER E 313 1.79 13.34 15.80
N CYS E 314 0.68 14.07 15.88
CA CYS E 314 -0.13 14.12 17.10
C CYS E 314 -1.57 14.38 16.71
N LYS E 315 -2.41 14.64 17.71
CA LYS E 315 -3.80 15.01 17.50
C LYS E 315 -4.11 16.19 18.39
N VAL E 316 -5.32 16.74 18.25
CA VAL E 316 -5.78 17.86 19.05
C VAL E 316 -7.13 17.52 19.65
N LYS E 317 -7.28 17.73 20.96
CA LYS E 317 -8.47 17.35 21.70
C LYS E 317 -9.13 18.59 22.28
N ILE E 318 -10.46 18.68 22.12
CA ILE E 318 -11.22 19.88 22.41
C ILE E 318 -12.40 19.51 23.30
N VAL E 319 -12.55 20.22 24.41
CA VAL E 319 -13.65 19.97 25.33
C VAL E 319 -14.50 21.24 25.50
N PRO E 320 -15.68 21.30 24.91
CA PRO E 320 -16.57 22.43 25.16
C PRO E 320 -16.97 22.50 26.63
N LEU E 321 -17.00 23.72 27.15
CA LEU E 321 -17.43 24.01 28.52
C LEU E 321 -18.74 24.79 28.41
N ASP E 322 -19.84 24.06 28.33
CA ASP E 322 -21.15 24.54 27.89
C ASP E 322 -22.24 24.05 28.85
N GLY E 323 -22.06 24.32 30.13
CA GLY E 323 -22.66 23.52 31.18
C GLY E 323 -24.17 23.58 31.33
N ASN E 324 -24.86 22.92 30.41
CA ASN E 324 -26.31 22.86 30.40
C ASN E 324 -26.88 24.27 30.21
N LYS E 325 -26.69 24.75 28.98
CA LYS E 325 -27.32 25.96 28.51
C LYS E 325 -28.73 26.15 29.03
N LEU E 326 -29.57 25.10 28.97
CA LEU E 326 -30.97 25.25 29.30
C LEU E 326 -31.20 25.53 30.78
N PHE E 327 -30.33 25.04 31.65
CA PHE E 327 -30.44 25.46 33.04
C PHE E 327 -30.08 26.93 33.21
N ASN E 328 -29.16 27.45 32.40
CA ASN E 328 -28.82 28.87 32.51
C ASN E 328 -29.92 29.75 31.92
N ILE E 329 -30.57 29.33 30.84
CA ILE E 329 -31.73 30.07 30.38
C ILE E 329 -32.81 30.10 31.46
N ALA E 330 -33.08 28.94 32.06
CA ALA E 330 -34.08 28.86 33.10
C ALA E 330 -33.65 29.55 34.39
N GLN E 331 -32.38 29.85 34.54
CA GLN E 331 -31.92 30.62 35.69
C GLN E 331 -31.93 32.11 35.43
N ARG E 332 -31.79 32.52 34.17
CA ARG E 332 -31.97 33.92 33.82
C ARG E 332 -33.44 34.33 33.91
N ILE E 333 -34.33 33.47 33.41
CA ILE E 333 -35.74 33.82 33.39
C ILE E 333 -36.33 33.98 34.78
N LEU E 334 -35.78 33.32 35.79
CA LEU E 334 -36.26 33.55 37.15
C LEU E 334 -35.85 34.89 37.71
N ASP E 335 -34.67 35.39 37.34
CA ASP E 335 -34.21 36.65 37.91
C ASP E 335 -35.09 37.82 37.48
N THR E 336 -35.75 37.72 36.34
CA THR E 336 -36.66 38.77 35.94
C THR E 336 -37.94 38.78 36.77
N ASN E 337 -38.12 37.80 37.65
CA ASN E 337 -39.30 37.71 38.52
C ASN E 337 -40.58 37.72 37.71
N SER E 338 -40.60 37.01 36.58
CA SER E 338 -41.79 36.97 35.76
C SER E 338 -42.75 35.87 36.17
N VAL E 339 -42.28 34.83 36.84
CA VAL E 339 -43.11 33.70 37.24
C VAL E 339 -43.13 33.65 38.76
N LEU E 340 -44.31 33.37 39.33
CA LEU E 340 -44.44 33.30 40.77
C LEU E 340 -45.39 32.18 41.17
N LEU E 341 -45.14 31.61 42.33
CA LEU E 341 -45.96 30.56 42.92
C LEU E 341 -46.83 31.17 44.02
N THR E 342 -48.13 30.96 43.93
CA THR E 342 -49.06 31.53 44.89
C THR E 342 -49.47 30.50 45.93
N GLU E 343 -50.11 31.00 47.00
CA GLU E 343 -50.50 30.15 48.11
C GLU E 343 -51.41 29.03 47.66
N ARG E 344 -52.38 29.32 46.79
CA ARG E 344 -53.24 28.30 46.23
C ARG E 344 -52.48 27.28 45.40
N GLY E 345 -51.28 27.60 44.95
CA GLY E 345 -50.47 26.68 44.17
C GLY E 345 -50.43 26.95 42.69
N ASP E 346 -51.01 28.04 42.21
CA ASP E 346 -50.93 28.36 40.80
C ASP E 346 -49.67 29.14 40.48
N HIS E 347 -49.33 29.15 39.20
CA HIS E 347 -48.19 29.89 38.67
C HIS E 347 -48.74 31.05 37.86
N ILE E 348 -48.49 32.27 38.32
CA ILE E 348 -48.95 33.48 37.65
C ILE E 348 -47.78 34.02 36.82
N VAL E 349 -48.07 34.43 35.59
CA VAL E 349 -47.02 34.89 34.69
C VAL E 349 -47.32 36.30 34.23
N TRP E 350 -46.27 37.04 33.95
CA TRP E 350 -46.33 38.45 33.58
C TRP E 350 -46.15 38.58 32.08
N ILE E 351 -47.24 38.42 31.33
CA ILE E 351 -47.20 38.56 29.88
C ILE E 351 -47.88 39.87 29.53
N ASN E 352 -47.24 40.65 28.66
CA ASN E 352 -47.68 41.96 28.19
C ASN E 352 -48.41 42.77 29.25
N ASN E 353 -47.73 43.02 30.37
CA ASN E 353 -48.17 43.95 31.40
C ASN E 353 -49.49 43.52 32.03
N SER E 354 -49.45 42.37 32.69
CA SER E 354 -50.55 41.85 33.51
C SER E 354 -50.13 40.52 34.11
N TRP E 355 -50.72 40.13 35.24
CA TRP E 355 -50.38 38.86 35.88
C TRP E 355 -51.44 37.81 35.54
N LYS E 356 -51.38 37.31 34.32
CA LYS E 356 -52.28 36.25 33.90
C LYS E 356 -51.97 34.96 34.65
N PHE E 357 -53.01 34.21 35.01
CA PHE E 357 -52.77 32.85 35.45
C PHE E 357 -53.94 31.98 35.02
N ASN E 358 -53.64 30.81 34.48
CA ASN E 358 -54.63 29.89 33.97
C ASN E 358 -54.28 28.50 34.47
N SER E 359 -55.30 27.66 34.60
CA SER E 359 -55.11 26.33 35.17
C SER E 359 -55.02 25.25 34.09
N GLU E 360 -55.92 25.27 33.11
CA GLU E 360 -55.88 24.24 32.08
C GLU E 360 -54.68 24.41 31.15
N GLU E 361 -54.27 25.64 30.86
CA GLU E 361 -53.07 25.93 30.08
C GLU E 361 -52.19 26.83 30.94
N PRO E 362 -51.31 26.27 31.76
CA PRO E 362 -50.27 27.10 32.37
C PRO E 362 -49.47 27.78 31.27
N LEU E 363 -49.14 29.04 31.50
CA LEU E 363 -48.64 29.87 30.44
C LEU E 363 -47.12 29.99 30.45
N ILE E 364 -46.43 29.20 31.28
CA ILE E 364 -44.99 29.37 31.41
C ILE E 364 -44.28 29.15 30.09
N THR E 365 -44.83 28.32 29.22
CA THR E 365 -44.27 28.19 27.88
C THR E 365 -44.59 29.40 27.01
N LYS E 366 -45.77 29.99 27.18
CA LYS E 366 -46.05 31.26 26.52
C LYS E 366 -45.08 32.33 26.97
N LEU E 367 -44.81 32.39 28.27
CA LEU E 367 -43.83 33.35 28.76
C LEU E 367 -42.47 33.10 28.17
N ILE E 368 -42.03 31.84 28.14
CA ILE E 368 -40.69 31.54 27.64
C ILE E 368 -40.56 31.94 26.19
N LEU E 369 -41.58 31.68 25.38
CA LEU E 369 -41.51 32.15 24.00
C LEU E 369 -41.64 33.65 23.89
N SER E 370 -42.19 34.32 24.90
CA SER E 370 -42.37 35.76 24.81
C SER E 370 -41.24 36.56 25.44
N ILE E 371 -40.24 35.90 26.02
CA ILE E 371 -39.16 36.58 26.70
C ILE E 371 -37.84 36.38 25.97
N ARG E 372 -37.86 35.75 24.80
CA ARG E 372 -36.62 35.36 24.17
C ARG E 372 -35.86 36.54 23.60
N HIS E 373 -36.52 37.66 23.34
CA HIS E 373 -35.85 38.85 22.87
C HIS E 373 -35.08 39.55 23.97
N GLN E 374 -35.20 39.08 25.20
CA GLN E 374 -34.67 39.73 26.39
C GLN E 374 -33.41 39.06 26.91
N LEU E 375 -32.92 38.04 26.22
CA LEU E 375 -31.76 37.25 26.60
C LEU E 375 -30.64 37.43 25.58
N PRO E 376 -29.42 37.03 25.94
CA PRO E 376 -28.31 37.08 24.97
C PRO E 376 -28.69 36.45 23.64
N LYS E 377 -28.12 37.01 22.57
CA LYS E 377 -28.55 36.65 21.23
C LYS E 377 -28.26 35.20 20.87
N GLU E 378 -27.32 34.55 21.57
CA GLU E 378 -27.09 33.14 21.29
C GLU E 378 -28.17 32.27 21.91
N TYR E 379 -28.66 32.65 23.09
CA TYR E 379 -29.73 31.90 23.73
C TYR E 379 -31.02 31.94 22.93
N SER E 380 -31.32 33.07 22.33
CA SER E 380 -32.62 33.36 21.73
C SER E 380 -32.96 32.46 20.57
N SER E 381 -32.22 31.42 20.22
CA SER E 381 -32.67 30.48 19.21
C SER E 381 -32.92 29.08 19.75
N GLU E 382 -32.51 28.78 20.99
CA GLU E 382 -32.96 27.56 21.63
C GLU E 382 -34.47 27.55 21.77
N LEU E 383 -35.03 28.69 22.15
CA LEU E 383 -36.43 28.75 22.56
C LEU E 383 -37.36 28.80 21.37
N LEU E 384 -36.94 28.24 20.24
CA LEU E 384 -37.85 28.03 19.14
C LEU E 384 -38.29 26.59 18.99
N CYS E 385 -37.78 25.68 19.83
CA CYS E 385 -38.16 24.27 19.76
C CYS E 385 -39.02 23.93 20.97
N PRO E 386 -40.23 23.40 20.79
CA PRO E 386 -41.10 23.16 21.94
C PRO E 386 -40.49 22.24 22.99
N ARG E 387 -39.69 21.26 22.59
CA ARG E 387 -39.10 20.35 23.56
C ARG E 387 -38.18 21.10 24.51
N LYS E 388 -37.43 22.05 24.00
CA LYS E 388 -36.53 22.83 24.86
C LYS E 388 -37.29 23.78 25.76
N ARG E 389 -38.41 24.31 25.30
CA ARG E 389 -39.24 25.13 26.18
C ARG E 389 -39.85 24.29 27.30
N LYS E 390 -40.23 23.05 27.01
CA LYS E 390 -40.67 22.17 28.08
C LYS E 390 -39.56 21.90 29.07
N THR E 391 -38.34 21.70 28.59
CA THR E 391 -37.22 21.51 29.51
C THR E 391 -36.99 22.75 30.38
N VAL E 392 -37.03 23.93 29.78
CA VAL E 392 -36.85 25.17 30.54
C VAL E 392 -37.95 25.33 31.57
N GLU E 393 -39.18 25.00 31.20
CA GLU E 393 -40.29 25.10 32.13
C GLU E 393 -40.15 24.13 33.29
N ALA E 394 -39.69 22.91 33.02
CA ALA E 394 -39.47 21.95 34.10
C ALA E 394 -38.42 22.45 35.07
N ASN E 395 -37.33 23.02 34.54
CA ASN E 395 -36.34 23.63 35.42
C ASN E 395 -36.96 24.73 36.26
N ILE E 396 -37.68 25.65 35.62
CA ILE E 396 -38.28 26.78 36.35
C ILE E 396 -39.16 26.26 37.46
N ARG E 397 -40.05 25.33 37.14
CA ARG E 397 -41.00 24.82 38.11
C ARG E 397 -40.32 24.16 39.28
N ASP E 398 -39.24 23.40 39.04
CA ASP E 398 -38.49 22.85 40.15
C ASP E 398 -37.66 23.89 40.88
N MET E 399 -37.50 25.09 40.32
CA MET E 399 -36.57 26.05 40.88
C MET E 399 -37.20 26.91 41.97
N LEU E 400 -38.46 27.25 41.86
CA LEU E 400 -39.07 28.19 42.80
C LEU E 400 -39.89 27.45 43.85
N VAL E 401 -39.43 27.56 45.08
CA VAL E 401 -40.01 26.82 46.20
C VAL E 401 -40.99 27.68 47.00
N ASP E 402 -40.58 28.90 47.37
CA ASP E 402 -41.39 29.76 48.21
C ASP E 402 -42.56 30.36 47.44
N SER E 403 -43.69 30.50 48.12
CA SER E 403 -44.89 31.12 47.58
C SER E 403 -45.01 32.55 48.09
N VAL E 404 -45.82 33.34 47.37
CA VAL E 404 -46.01 34.75 47.69
C VAL E 404 -47.47 35.03 47.98
N GLU E 405 -47.78 36.28 48.34
CA GLU E 405 -49.15 36.73 48.57
C GLU E 405 -49.53 37.72 47.48
N THR E 406 -50.69 37.52 46.87
CA THR E 406 -51.14 38.29 45.73
C THR E 406 -52.31 39.19 46.12
N ASP E 407 -52.43 40.32 45.42
CA ASP E 407 -53.50 41.29 45.67
C ASP E 407 -53.48 41.78 47.11
N THR E 408 -52.29 42.07 47.61
CA THR E 408 -52.12 42.45 49.01
C THR E 408 -52.33 43.93 49.26
N TYR E 409 -52.48 44.73 48.21
CA TYR E 409 -52.70 46.16 48.36
C TYR E 409 -54.15 46.47 48.05
N PRO E 410 -54.93 46.95 49.03
CA PRO E 410 -56.37 47.09 48.84
C PRO E 410 -56.82 48.35 48.09
N ASP E 411 -55.90 49.13 47.54
CA ASP E 411 -56.26 50.44 47.02
C ASP E 411 -55.58 50.71 45.68
N LYS E 412 -55.60 49.73 44.77
CA LYS E 412 -55.10 49.92 43.43
C LYS E 412 -56.01 49.20 42.44
N LEU E 413 -56.37 49.86 41.35
CA LEU E 413 -57.22 49.25 40.35
C LEU E 413 -56.38 48.63 39.25
N PRO E 414 -56.52 47.36 38.98
CA PRO E 414 -55.77 46.77 37.87
C PRO E 414 -56.51 46.84 36.54
N PHE E 415 -55.85 47.37 35.53
CA PHE E 415 -56.36 47.40 34.16
C PHE E 415 -55.52 46.48 33.29
N LYS E 416 -55.94 46.33 32.03
CA LYS E 416 -55.22 45.41 31.17
C LYS E 416 -53.81 45.91 30.87
N ASN E 417 -53.63 47.23 30.77
CA ASN E 417 -52.35 47.78 30.38
C ASN E 417 -51.55 48.36 31.53
N GLY E 418 -52.11 48.48 32.72
CA GLY E 418 -51.37 48.99 33.84
C GLY E 418 -52.25 49.26 35.03
N VAL E 419 -51.60 49.41 36.18
CA VAL E 419 -52.28 49.63 37.44
C VAL E 419 -52.49 51.12 37.62
N LEU E 420 -53.72 51.51 37.94
CA LEU E 420 -54.06 52.90 38.21
C LEU E 420 -54.07 53.12 39.72
N ASP E 421 -53.14 53.93 40.21
CA ASP E 421 -53.13 54.26 41.63
C ASP E 421 -54.37 55.07 41.99
N LEU E 422 -54.92 54.80 43.16
CA LEU E 422 -56.12 55.47 43.61
C LEU E 422 -55.80 56.76 44.37
N VAL E 423 -54.83 56.72 45.27
CA VAL E 423 -54.51 57.89 46.07
C VAL E 423 -53.88 58.99 45.21
N ASP E 424 -52.69 58.72 44.68
CA ASP E 424 -52.00 59.75 43.89
C ASP E 424 -52.69 59.99 42.56
N GLY E 425 -52.80 58.95 41.74
CA GLY E 425 -53.47 59.07 40.46
C GLY E 425 -52.55 58.81 39.28
N MET E 426 -51.31 58.40 39.57
CA MET E 426 -50.34 58.15 38.52
C MET E 426 -50.55 56.73 37.99
N PHE E 427 -51.22 56.63 36.84
CA PHE E 427 -51.39 55.34 36.17
C PHE E 427 -50.03 54.74 35.87
N TYR E 428 -49.70 53.66 36.56
CA TYR E 428 -48.42 52.99 36.37
C TYR E 428 -48.53 51.96 35.26
N SER E 429 -47.52 51.92 34.39
CA SER E 429 -47.48 51.00 33.28
C SER E 429 -46.14 50.29 33.24
N GLY E 430 -46.12 49.12 32.62
CA GLY E 430 -44.86 48.42 32.48
C GLY E 430 -44.33 47.92 33.81
N ASP E 431 -43.00 47.92 33.92
CA ASP E 431 -42.34 47.34 35.08
C ASP E 431 -42.85 47.93 36.39
N ASP E 432 -43.24 49.20 36.38
CA ASP E 432 -43.71 49.81 37.62
C ASP E 432 -45.05 49.22 38.07
N ALA E 433 -45.77 48.54 37.18
CA ALA E 433 -46.95 47.82 37.61
C ALA E 433 -46.63 46.42 38.08
N LYS E 434 -45.47 45.88 37.70
CA LYS E 434 -45.07 44.56 38.14
C LYS E 434 -45.00 44.48 39.66
N LYS E 435 -44.61 45.57 40.33
CA LYS E 435 -44.43 45.52 41.78
C LYS E 435 -45.72 45.11 42.48
N TYR E 436 -46.85 45.60 42.00
CA TYR E 436 -48.14 45.28 42.57
C TYR E 436 -48.68 44.05 41.85
N THR E 437 -48.65 42.91 42.52
CA THR E 437 -49.15 41.68 41.89
C THR E 437 -50.67 41.69 42.01
N CYS E 438 -51.31 42.32 41.04
CA CYS E 438 -52.77 42.43 41.00
C CYS E 438 -53.29 41.46 39.93
N THR E 439 -53.78 40.31 40.37
CA THR E 439 -54.15 39.25 39.42
C THR E 439 -55.35 39.64 38.58
N VAL E 440 -56.42 40.11 39.21
CA VAL E 440 -57.64 40.45 38.49
C VAL E 440 -57.38 41.66 37.61
N SER E 441 -58.34 41.99 36.76
CA SER E 441 -58.26 43.20 35.95
C SER E 441 -59.66 43.55 35.49
N THR E 442 -59.78 44.74 34.89
CA THR E 442 -61.02 45.07 34.22
C THR E 442 -61.08 44.51 32.79
N GLY E 443 -59.96 44.00 32.28
CA GLY E 443 -59.95 43.24 31.05
C GLY E 443 -59.86 44.01 29.76
N PHE E 444 -59.77 45.34 29.81
CA PHE E 444 -59.76 46.15 28.60
C PHE E 444 -58.64 47.18 28.67
N LYS E 445 -58.32 47.75 27.51
CA LYS E 445 -57.31 48.80 27.44
C LYS E 445 -57.78 50.05 28.17
N PHE E 446 -56.82 50.77 28.73
CA PHE E 446 -57.05 52.03 29.41
C PHE E 446 -56.40 53.14 28.60
N ASP E 447 -57.17 54.16 28.24
CA ASP E 447 -56.65 55.28 27.47
C ASP E 447 -57.05 56.59 28.14
N ASP E 448 -56.12 57.54 28.17
CA ASP E 448 -56.34 58.82 28.83
C ASP E 448 -57.13 59.80 27.98
N THR E 449 -57.30 59.53 26.69
CA THR E 449 -58.01 60.47 25.84
C THR E 449 -59.46 60.64 26.29
N LYS E 450 -60.14 59.53 26.57
CA LYS E 450 -61.50 59.62 27.09
C LYS E 450 -61.53 59.91 28.58
N PHE E 451 -60.43 59.68 29.29
CA PHE E 451 -60.38 59.89 30.74
C PHE E 451 -60.22 61.38 31.00
N VAL E 452 -61.32 62.11 30.81
CA VAL E 452 -61.33 63.56 30.88
C VAL E 452 -62.51 64.03 31.72
N GLU E 453 -62.41 65.28 32.19
CA GLU E 453 -63.52 65.90 32.91
C GLU E 453 -64.62 66.37 31.96
N ASP E 454 -64.25 66.93 30.81
CA ASP E 454 -65.20 67.53 29.89
C ASP E 454 -65.05 66.91 28.51
N SER E 455 -66.18 66.62 27.88
CA SER E 455 -66.28 66.23 26.48
C SER E 455 -67.75 66.21 26.12
N PRO E 456 -68.13 66.36 24.85
CA PRO E 456 -69.56 66.24 24.50
C PRO E 456 -70.17 64.94 24.97
N GLU E 457 -69.45 63.83 24.84
CA GLU E 457 -69.90 62.58 25.44
C GLU E 457 -69.95 62.69 26.96
N MET E 458 -68.91 63.28 27.55
CA MET E 458 -68.93 63.49 29.00
C MET E 458 -70.08 64.41 29.39
N GLU E 459 -70.33 65.46 28.59
CA GLU E 459 -71.38 66.40 28.94
C GLU E 459 -72.76 65.74 28.89
N GLU E 460 -73.02 64.93 27.86
CA GLU E 460 -74.29 64.22 27.84
C GLU E 460 -74.32 63.12 28.91
N LEU E 461 -73.16 62.67 29.38
CA LEU E 461 -73.16 61.76 30.53
C LEU E 461 -73.54 62.47 31.82
N MET E 462 -73.03 63.69 32.02
CA MET E 462 -73.52 64.49 33.14
C MET E 462 -75.01 64.76 33.03
N ASN E 463 -75.48 65.02 31.80
CA ASN E 463 -76.92 65.21 31.62
C ASN E 463 -77.68 63.94 32.02
N ILE E 464 -77.18 62.77 31.59
CA ILE E 464 -77.84 61.50 31.90
C ILE E 464 -77.88 61.27 33.41
N ILE E 465 -76.75 61.48 34.08
CA ILE E 465 -76.69 61.19 35.51
C ILE E 465 -77.55 62.17 36.29
N ASN E 466 -77.58 63.44 35.88
CA ASN E 466 -78.40 64.42 36.57
C ASN E 466 -79.88 64.13 36.37
N ASP E 467 -80.27 63.70 35.17
CA ASP E 467 -81.67 63.38 34.92
C ASP E 467 -82.10 62.13 35.69
N ILE E 468 -81.30 61.06 35.57
CA ILE E 468 -81.65 59.80 36.24
C ILE E 468 -81.60 59.96 37.75
N GLN E 469 -80.56 60.62 38.25
CA GLN E 469 -80.38 60.84 39.69
C GLN E 469 -80.34 62.33 39.96
N PRO E 470 -81.42 62.92 40.47
CA PRO E 470 -81.42 64.37 40.74
C PRO E 470 -80.56 64.72 41.93
N LEU E 471 -80.13 65.98 41.95
CA LEU E 471 -79.34 66.56 43.03
C LEU E 471 -80.20 67.09 44.16
N THR E 472 -81.50 66.88 44.11
CA THR E 472 -82.45 67.59 44.96
C THR E 472 -82.21 67.28 46.44
N ASP E 473 -82.65 68.22 47.29
CA ASP E 473 -82.39 68.14 48.72
C ASP E 473 -83.06 66.92 49.34
N GLU E 474 -84.30 66.62 48.94
CA GLU E 474 -85.00 65.47 49.49
C GLU E 474 -84.29 64.17 49.12
N ASN E 475 -83.49 64.19 48.06
CA ASN E 475 -82.68 63.05 47.65
C ASN E 475 -81.19 63.29 47.81
N LYS E 476 -80.80 64.44 48.37
CA LYS E 476 -79.39 64.81 48.42
C LYS E 476 -78.58 63.83 49.26
N LYS E 477 -79.02 63.60 50.50
CA LYS E 477 -78.31 62.65 51.36
C LYS E 477 -78.40 61.23 50.79
N ASN E 478 -79.56 60.89 50.24
CA ASN E 478 -79.70 59.61 49.55
C ASN E 478 -78.76 59.51 48.36
N ARG E 479 -78.62 60.60 47.60
CA ARG E 479 -77.70 60.60 46.47
C ARG E 479 -76.26 60.40 46.92
N GLU E 480 -75.87 61.07 48.01
CA GLU E 480 -74.52 60.90 48.54
C GLU E 480 -74.28 59.47 49.00
N LEU E 481 -75.27 58.87 49.64
CA LEU E 481 -75.16 57.46 50.01
C LEU E 481 -75.03 56.57 48.78
N TYR E 482 -75.76 56.90 47.71
CA TYR E 482 -75.64 56.14 46.47
C TYR E 482 -74.22 56.25 45.91
N GLU E 483 -73.65 57.46 45.93
CA GLU E 483 -72.28 57.64 45.45
C GLU E 483 -71.30 56.81 46.29
N LYS E 484 -71.46 56.84 47.61
CA LYS E 484 -70.57 56.07 48.47
C LYS E 484 -70.72 54.57 48.23
N THR E 485 -71.93 54.12 47.91
CA THR E 485 -72.12 52.74 47.49
C THR E 485 -71.35 52.44 46.21
N LEU E 486 -71.39 53.36 45.24
CA LEU E 486 -70.56 53.20 44.06
C LEU E 486 -69.08 53.41 44.35
N SER E 487 -68.74 54.03 45.48
CA SER E 487 -67.33 54.25 45.78
C SER E 487 -66.66 52.96 46.23
N SER E 488 -67.16 52.32 47.28
CA SER E 488 -66.53 51.13 47.81
C SER E 488 -66.59 49.95 46.86
N CYS E 489 -67.22 50.09 45.71
CA CYS E 489 -67.18 48.99 44.75
C CYS E 489 -65.87 48.94 43.99
N LEU E 490 -64.89 49.74 44.39
CA LEU E 490 -63.57 49.72 43.78
C LEU E 490 -62.47 49.25 44.71
N CYS E 491 -62.73 49.11 46.01
CA CYS E 491 -61.71 48.73 46.96
C CYS E 491 -61.44 47.23 46.89
N GLY E 492 -60.18 46.88 47.12
CA GLY E 492 -59.78 45.47 47.20
C GLY E 492 -59.64 44.93 48.61
N ALA E 493 -60.70 45.00 49.40
CA ALA E 493 -60.72 44.45 50.75
C ALA E 493 -62.08 43.81 50.97
N THR E 494 -62.37 43.44 52.22
CA THR E 494 -63.64 42.81 52.55
C THR E 494 -64.63 43.86 53.04
N LYS E 495 -65.79 43.90 52.37
CA LYS E 495 -66.82 44.91 52.62
C LYS E 495 -67.89 44.32 53.54
N GLY E 496 -68.24 45.04 54.59
CA GLY E 496 -69.12 44.51 55.60
C GLY E 496 -70.57 44.98 55.60
N CYS E 497 -71.05 45.55 54.50
CA CYS E 497 -72.43 46.01 54.43
C CYS E 497 -72.96 45.82 53.02
N LEU E 498 -74.22 45.37 52.93
CA LEU E 498 -74.90 45.19 51.66
C LEU E 498 -75.77 46.39 51.38
N THR E 499 -75.97 46.68 50.10
CA THR E 499 -76.72 47.86 49.66
C THR E 499 -77.95 47.44 48.88
N PHE E 500 -79.05 48.17 49.09
CA PHE E 500 -80.30 47.93 48.38
C PHE E 500 -80.69 49.14 47.56
N PHE E 501 -80.98 48.91 46.27
CA PHE E 501 -81.45 49.94 45.35
C PHE E 501 -82.97 49.85 45.22
N PHE E 502 -83.66 50.35 46.24
CA PHE E 502 -85.11 50.38 46.20
C PHE E 502 -85.57 51.34 45.12
N GLY E 503 -86.46 50.86 44.24
CA GLY E 503 -86.91 51.67 43.13
C GLY E 503 -87.73 50.90 42.11
N GLU E 504 -88.73 51.56 41.54
CA GLU E 504 -89.63 50.91 40.61
C GLU E 504 -88.92 50.64 39.28
N THR E 505 -89.64 49.99 38.37
CA THR E 505 -89.11 49.64 37.07
C THR E 505 -88.83 50.89 36.24
N ALA E 506 -87.72 50.88 35.51
CA ALA E 506 -87.38 51.91 34.53
C ALA E 506 -87.09 53.26 35.19
N THR E 507 -86.43 53.23 36.35
CA THR E 507 -85.88 54.44 36.96
C THR E 507 -84.42 54.65 36.59
N GLY E 508 -83.83 53.72 35.83
CA GLY E 508 -82.41 53.75 35.56
C GLY E 508 -81.60 52.69 36.26
N LYS E 509 -82.25 51.70 36.88
CA LYS E 509 -81.49 50.60 37.48
C LYS E 509 -80.79 49.77 36.40
N SER E 510 -81.49 49.46 35.31
CA SER E 510 -80.89 48.68 34.24
C SER E 510 -79.71 49.43 33.61
N THR E 511 -79.90 50.73 33.37
CA THR E 511 -78.80 51.54 32.86
C THR E 511 -77.64 51.57 33.84
N THR E 512 -77.94 51.71 35.14
CA THR E 512 -76.88 51.74 36.15
C THR E 512 -76.08 50.45 36.14
N LYS E 513 -76.77 49.31 36.08
CA LYS E 513 -76.09 48.02 36.18
C LYS E 513 -75.28 47.73 34.92
N ARG E 514 -75.86 47.96 33.75
CA ARG E 514 -75.12 47.75 32.51
C ARG E 514 -73.92 48.70 32.43
N LEU E 515 -74.08 49.94 32.89
CA LEU E 515 -72.98 50.89 32.87
C LEU E 515 -71.88 50.47 33.81
N LEU E 516 -72.23 49.97 35.00
CA LEU E 516 -71.20 49.46 35.91
C LEU E 516 -70.47 48.28 35.30
N LYS E 517 -71.21 47.38 34.65
CA LYS E 517 -70.59 46.21 34.05
C LYS E 517 -69.63 46.61 32.93
N SER E 518 -70.01 47.59 32.12
CA SER E 518 -69.12 48.06 31.06
C SER E 518 -67.99 48.93 31.60
N ALA E 519 -68.15 49.46 32.82
CA ALA E 519 -67.10 50.30 33.41
C ALA E 519 -66.00 49.45 34.03
N ILE E 520 -66.34 48.68 35.07
CA ILE E 520 -65.33 47.85 35.72
C ILE E 520 -65.09 46.55 34.97
N GLY E 521 -65.76 46.35 33.83
CA GLY E 521 -65.38 45.28 32.92
C GLY E 521 -65.51 43.91 33.54
N ASP E 522 -64.44 43.13 33.40
CA ASP E 522 -64.46 41.74 33.83
C ASP E 522 -64.70 41.58 35.32
N LEU E 523 -64.48 42.64 36.09
CA LEU E 523 -64.59 42.54 37.55
C LEU E 523 -66.02 42.20 37.98
N PHE E 524 -67.02 42.76 37.32
CA PHE E 524 -68.40 42.53 37.71
C PHE E 524 -68.82 41.09 37.42
N VAL E 525 -69.74 40.59 38.23
CA VAL E 525 -70.26 39.23 38.09
C VAL E 525 -71.78 39.30 37.98
N GLU E 526 -72.37 38.29 37.36
CA GLU E 526 -73.81 38.22 37.17
C GLU E 526 -74.37 37.04 37.96
N THR E 527 -75.36 37.31 38.81
CA THR E 527 -76.10 36.27 39.51
C THR E 527 -77.49 36.79 39.83
N GLY E 528 -78.40 35.86 40.09
CA GLY E 528 -79.77 36.19 40.41
C GLY E 528 -79.97 36.33 41.90
N GLN E 529 -81.18 35.95 42.33
CA GLN E 529 -81.56 36.02 43.74
C GLN E 529 -81.44 34.69 44.44
N THR E 530 -80.85 33.68 43.78
CA THR E 530 -80.66 32.40 44.44
C THR E 530 -79.81 32.54 45.69
N ILE E 531 -78.75 33.35 45.62
CA ILE E 531 -77.92 33.62 46.79
C ILE E 531 -78.75 34.13 47.95
N LEU E 532 -79.82 34.86 47.66
CA LEU E 532 -80.75 35.33 48.69
C LEU E 532 -81.96 34.42 48.85
N THR E 533 -81.99 33.27 48.15
CA THR E 533 -83.13 32.36 48.25
C THR E 533 -82.66 30.91 48.30
N ASP E 534 -81.50 30.65 48.91
CA ASP E 534 -81.06 29.27 49.13
C ASP E 534 -79.97 29.25 50.20
N VAL E 535 -79.56 28.04 50.54
CA VAL E 535 -78.40 27.84 51.40
C VAL E 535 -77.14 27.98 50.56
N LEU E 536 -76.20 28.81 51.02
CA LEU E 536 -75.03 29.12 50.20
C LEU E 536 -74.01 27.99 50.19
N ASP E 537 -73.93 27.20 51.26
CA ASP E 537 -73.00 26.07 51.26
C ASP E 537 -73.52 24.96 50.36
N LYS E 538 -74.70 24.42 50.68
CA LYS E 538 -75.30 23.33 49.91
C LYS E 538 -74.30 22.20 49.68
N GLY E 539 -74.01 21.92 48.41
CA GLY E 539 -72.92 21.05 48.05
C GLY E 539 -71.92 21.78 47.20
N PRO E 540 -71.66 21.26 46.00
CA PRO E 540 -70.86 22.04 45.02
C PRO E 540 -71.66 23.27 44.58
N ASN E 541 -71.10 24.45 44.81
CA ASN E 541 -71.80 25.71 44.58
C ASN E 541 -70.94 26.63 43.72
N PRO E 542 -70.84 26.36 42.41
CA PRO E 542 -70.03 27.22 41.55
C PRO E 542 -70.60 28.62 41.39
N PHE E 543 -71.89 28.82 41.67
CA PHE E 543 -72.50 30.13 41.42
C PHE E 543 -72.08 31.16 42.46
N ILE E 544 -71.75 30.70 43.67
CA ILE E 544 -71.18 31.59 44.69
C ILE E 544 -69.68 31.38 44.85
N ALA E 545 -69.15 30.22 44.49
CA ALA E 545 -67.70 30.04 44.50
C ALA E 545 -67.00 30.80 43.38
N ASN E 546 -67.75 31.39 42.46
CA ASN E 546 -67.17 32.11 41.33
C ASN E 546 -66.78 33.54 41.67
N MET E 547 -67.33 34.13 42.74
CA MET E 547 -67.01 35.52 43.07
C MET E 547 -65.69 35.67 43.80
N HIS E 548 -64.83 34.66 43.74
CA HIS E 548 -63.52 34.71 44.36
C HIS E 548 -62.71 35.87 43.80
N LEU E 549 -62.41 36.85 44.66
CA LEU E 549 -61.65 38.07 44.41
C LEU E 549 -62.43 39.15 43.66
N LYS E 550 -63.65 38.89 43.21
CA LYS E 550 -64.39 39.92 42.50
C LYS E 550 -64.88 40.99 43.47
N ARG E 551 -65.35 42.11 42.91
CA ARG E 551 -65.86 43.20 43.72
C ARG E 551 -67.23 43.71 43.28
N SER E 552 -67.94 42.99 42.40
CA SER E 552 -69.26 43.45 41.95
C SER E 552 -70.05 42.25 41.45
N VAL E 553 -71.12 41.92 42.16
CA VAL E 553 -72.11 40.95 41.72
C VAL E 553 -73.48 41.46 42.13
N PHE E 554 -74.48 41.29 41.28
CA PHE E 554 -75.73 42.02 41.39
C PHE E 554 -76.88 41.13 41.86
N CYS E 555 -77.96 41.79 42.26
CA CYS E 555 -79.19 41.12 42.69
C CYS E 555 -80.37 42.00 42.28
N SER E 556 -80.90 41.76 41.08
CA SER E 556 -81.94 42.58 40.49
C SER E 556 -83.16 41.73 40.15
N GLU E 557 -84.33 42.37 40.17
CA GLU E 557 -85.61 41.69 39.96
C GLU E 557 -85.83 40.59 40.99
N LEU E 558 -85.94 41.01 42.25
CA LEU E 558 -86.03 40.08 43.37
C LEU E 558 -87.34 39.27 43.30
N PRO E 559 -87.36 38.06 43.86
CA PRO E 559 -88.55 37.20 43.74
C PRO E 559 -89.63 37.56 44.74
N ASP E 560 -90.53 38.46 44.34
CA ASP E 560 -91.55 39.07 45.19
C ASP E 560 -92.13 38.10 46.20
N PHE E 561 -92.17 38.53 47.46
CA PHE E 561 -92.68 37.73 48.56
C PHE E 561 -94.13 38.06 48.91
N ALA E 562 -94.79 38.89 48.10
CA ALA E 562 -96.15 39.32 48.41
C ALA E 562 -97.14 38.16 48.44
N CYS E 563 -96.89 37.11 47.68
CA CYS E 563 -97.77 35.95 47.67
C CYS E 563 -97.22 34.86 48.60
N SER E 564 -98.12 33.99 49.04
CA SER E 564 -97.75 32.84 49.86
C SER E 564 -97.30 31.73 48.93
N GLY E 565 -96.01 31.40 48.97
CA GLY E 565 -95.44 30.44 48.06
C GLY E 565 -94.05 30.86 47.63
N SER E 566 -93.62 32.02 48.10
CA SER E 566 -92.29 32.54 47.83
C SER E 566 -91.48 32.57 49.11
N LYS E 567 -90.29 31.98 49.07
CA LYS E 567 -89.43 31.94 50.25
C LYS E 567 -88.94 33.33 50.61
N LYS E 568 -88.90 33.62 51.91
CA LYS E 568 -88.40 34.89 52.40
C LYS E 568 -86.86 34.86 52.45
N ILE E 569 -86.28 36.06 52.52
CA ILE E 569 -84.83 36.19 52.63
C ILE E 569 -84.42 35.92 54.07
N ARG E 570 -83.43 35.04 54.24
CA ARG E 570 -83.01 34.57 55.55
C ARG E 570 -82.14 35.61 56.25
N SER E 571 -81.57 35.21 57.38
CA SER E 571 -80.64 36.05 58.13
C SER E 571 -79.30 35.38 58.40
N ASP E 572 -79.11 34.14 57.93
CA ASP E 572 -77.83 33.47 58.09
C ASP E 572 -76.87 33.79 56.95
N ASN E 573 -77.37 33.76 55.71
CA ASN E 573 -76.54 34.11 54.57
C ASN E 573 -76.07 35.55 54.64
N ILE E 574 -76.94 36.46 55.06
CA ILE E 574 -76.53 37.84 55.27
C ILE E 574 -75.45 37.92 56.34
N LYS E 575 -75.55 37.10 57.37
CA LYS E 575 -74.49 37.04 58.38
C LYS E 575 -73.21 36.43 57.81
N LYS E 576 -73.34 35.52 56.85
CA LYS E 576 -72.16 34.88 56.28
C LYS E 576 -71.41 35.83 55.34
N LEU E 577 -72.15 36.63 54.57
CA LEU E 577 -71.59 37.38 53.46
C LEU E 577 -70.88 38.67 53.90
N THR E 578 -70.47 38.76 55.16
CA THR E 578 -69.73 39.91 55.64
C THR E 578 -68.38 39.55 56.28
N GLU E 579 -67.85 38.37 56.01
CA GLU E 579 -66.59 37.97 56.64
C GLU E 579 -65.48 37.87 55.60
N PRO E 580 -64.22 37.99 56.04
CA PRO E 580 -63.11 37.88 55.09
C PRO E 580 -63.01 36.53 54.41
N CYS E 581 -63.68 35.50 54.94
CA CYS E 581 -63.66 34.17 54.35
C CYS E 581 -65.09 33.74 54.04
N VAL E 582 -65.27 33.11 52.88
CA VAL E 582 -66.55 32.54 52.48
C VAL E 582 -66.34 31.05 52.24
N ILE E 583 -67.28 30.25 52.72
CA ILE E 583 -67.16 28.79 52.68
C ILE E 583 -67.93 28.27 51.47
N GLY E 584 -67.24 27.59 50.57
CA GLY E 584 -67.88 27.03 49.40
C GLY E 584 -66.92 26.64 48.30
N ARG E 585 -67.18 25.50 47.66
CA ARG E 585 -66.32 24.97 46.62
C ARG E 585 -67.01 25.04 45.26
N PRO E 586 -66.24 25.17 44.18
CA PRO E 586 -66.85 25.17 42.84
C PRO E 586 -66.97 23.77 42.26
N CYS E 587 -67.43 23.68 41.02
CA CYS E 587 -67.42 22.41 40.31
C CYS E 587 -66.03 22.15 39.71
N PHE E 588 -65.68 20.88 39.59
CA PHE E 588 -64.37 20.45 39.11
C PHE E 588 -63.23 21.04 39.93
N SER E 589 -63.47 21.29 41.21
CA SER E 589 -62.48 21.89 42.10
C SER E 589 -62.79 21.46 43.54
N ASN E 590 -61.82 21.67 44.43
CA ASN E 590 -61.97 21.28 45.82
C ASN E 590 -61.82 22.42 46.82
N LYS E 591 -61.10 23.48 46.47
CA LYS E 591 -60.86 24.55 47.43
C LYS E 591 -62.17 25.24 47.81
N ILE E 592 -62.29 25.57 49.10
CA ILE E 592 -63.54 26.08 49.66
C ILE E 592 -63.43 27.53 50.13
N ASN E 593 -62.23 28.07 50.30
CA ASN E 593 -62.04 29.41 50.83
C ASN E 593 -61.77 30.37 49.68
N ASN E 594 -62.67 31.34 49.52
CA ASN E 594 -62.48 32.44 48.58
C ASN E 594 -62.38 33.74 49.35
N ARG E 595 -61.60 34.68 48.81
CA ARG E 595 -61.37 35.95 49.46
C ARG E 595 -62.46 36.93 49.05
N ASN E 596 -63.11 37.52 50.06
CA ASN E 596 -64.25 38.41 49.82
C ASN E 596 -63.74 39.80 49.52
N HIS E 597 -63.74 40.18 48.25
CA HIS E 597 -63.57 41.56 47.86
C HIS E 597 -64.86 42.12 47.28
N ALA E 598 -65.98 41.45 47.50
CA ALA E 598 -67.19 41.68 46.74
C ALA E 598 -68.06 42.77 47.34
N THR E 599 -68.69 43.54 46.46
CA THR E 599 -69.79 44.43 46.80
C THR E 599 -71.02 43.98 46.03
N ILE E 600 -72.16 43.95 46.71
CA ILE E 600 -73.42 43.50 46.12
C ILE E 600 -74.45 44.59 46.30
N ILE E 601 -75.19 44.88 45.25
CA ILE E 601 -76.31 45.81 45.30
C ILE E 601 -77.58 45.05 44.95
N ILE E 602 -78.60 45.16 45.79
CA ILE E 602 -79.88 44.52 45.56
C ILE E 602 -80.87 45.61 45.14
N ASP E 603 -81.80 45.24 44.25
CA ASP E 603 -82.79 46.19 43.78
C ASP E 603 -84.08 45.46 43.43
N THR E 604 -85.20 46.03 43.86
CA THR E 604 -86.50 45.58 43.42
C THR E 604 -87.51 46.69 43.67
N ASN E 605 -88.63 46.62 42.95
CA ASN E 605 -89.63 47.68 42.99
C ASN E 605 -90.35 47.77 44.33
N TYR E 606 -90.22 46.77 45.19
CA TYR E 606 -90.92 46.73 46.47
C TYR E 606 -89.91 46.79 47.60
N LYS E 607 -90.44 46.72 48.84
CA LYS E 607 -89.60 46.61 50.02
C LYS E 607 -89.56 45.16 50.44
N PRO E 608 -88.42 44.48 50.30
CA PRO E 608 -88.37 43.05 50.64
C PRO E 608 -88.63 42.81 52.12
N VAL E 609 -89.17 41.62 52.40
CA VAL E 609 -89.46 41.17 53.75
C VAL E 609 -88.46 40.08 54.12
N PHE E 610 -88.19 39.95 55.41
CA PHE E 610 -87.22 38.99 55.92
C PHE E 610 -87.88 38.10 56.97
N ASP E 611 -87.54 36.81 56.93
CA ASP E 611 -88.13 35.86 57.86
C ASP E 611 -87.70 36.15 59.30
N ARG E 612 -86.44 36.52 59.49
CA ARG E 612 -85.88 36.72 60.82
C ARG E 612 -85.15 38.05 60.88
N ILE E 613 -85.41 38.81 61.94
CA ILE E 613 -84.75 40.09 62.18
C ILE E 613 -84.31 40.15 63.64
N ASP E 614 -83.05 40.50 63.85
CA ASP E 614 -82.48 40.69 65.19
C ASP E 614 -81.42 41.80 65.11
N ASN E 615 -80.57 41.87 66.14
CA ASN E 615 -79.51 42.88 66.17
C ASN E 615 -78.49 42.65 65.06
N ALA E 616 -78.17 41.39 64.78
CA ALA E 616 -77.12 41.11 63.80
C ALA E 616 -77.51 41.61 62.41
N LEU E 617 -78.76 41.43 62.01
CA LEU E 617 -79.19 41.83 60.68
C LEU E 617 -79.23 43.35 60.52
N MET E 618 -79.14 44.12 61.61
CA MET E 618 -79.28 45.56 61.50
C MET E 618 -78.14 46.19 60.71
N ARG E 619 -76.91 45.68 60.87
CA ARG E 619 -75.74 46.33 60.31
C ARG E 619 -75.47 45.92 58.87
N ARG E 620 -76.37 45.22 58.20
CA ARG E 620 -76.09 44.62 56.89
C ARG E 620 -77.18 44.95 55.89
N ILE E 621 -77.57 46.22 55.80
CA ILE E 621 -78.48 46.66 54.74
C ILE E 621 -78.40 48.18 54.62
N ALA E 622 -78.40 48.66 53.38
CA ALA E 622 -78.53 50.07 53.08
C ALA E 622 -79.47 50.20 51.89
N VAL E 623 -80.30 51.23 51.89
CA VAL E 623 -81.36 51.39 50.90
C VAL E 623 -81.36 52.81 50.36
N VAL E 624 -81.51 52.94 49.05
CA VAL E 624 -81.66 54.23 48.39
C VAL E 624 -82.87 54.16 47.46
N ARG E 625 -83.60 55.27 47.37
CA ARG E 625 -84.80 55.34 46.54
C ARG E 625 -84.60 56.33 45.39
N PHE E 626 -85.13 55.98 44.23
CA PHE E 626 -85.26 56.89 43.09
C PHE E 626 -86.71 56.92 42.65
N ARG E 627 -87.14 58.09 42.18
CA ARG E 627 -88.52 58.31 41.75
C ARG E 627 -88.55 59.01 40.40
N THR E 628 -87.62 58.66 39.52
CA THR E 628 -87.47 59.32 38.23
C THR E 628 -88.12 58.49 37.13
N HIS E 629 -88.62 59.19 36.12
CA HIS E 629 -89.52 58.62 35.13
C HIS E 629 -89.01 58.87 33.71
N PHE E 630 -89.22 57.89 32.85
CA PHE E 630 -89.14 58.08 31.42
C PHE E 630 -89.99 57.03 30.74
N SER E 631 -90.72 57.44 29.70
CA SER E 631 -91.60 56.54 28.99
C SER E 631 -91.86 57.09 27.60
N GLN E 632 -92.41 56.23 26.74
CA GLN E 632 -92.68 56.62 25.37
C GLN E 632 -93.80 57.65 25.32
N PRO E 633 -93.84 58.47 24.26
CA PRO E 633 -94.86 59.53 24.20
C PRO E 633 -96.29 59.01 24.21
N SER E 634 -96.52 57.75 23.85
CA SER E 634 -97.89 57.24 23.87
C SER E 634 -98.37 56.96 25.29
N GLY E 635 -97.45 56.87 26.25
CA GLY E 635 -97.83 56.60 27.62
C GLY E 635 -97.70 57.80 28.55
N ARG E 636 -97.57 59.00 27.98
CA ARG E 636 -97.32 60.19 28.81
C ARG E 636 -98.53 60.56 29.65
N GLU E 637 -99.73 60.42 29.08
CA GLU E 637 -100.94 60.76 29.82
C GLU E 637 -101.10 59.90 31.07
N ALA E 638 -100.84 58.60 30.94
CA ALA E 638 -100.82 57.72 32.10
C ALA E 638 -99.55 57.91 32.93
N ALA E 639 -98.51 58.50 32.35
CA ALA E 639 -97.28 58.74 33.10
C ALA E 639 -97.43 59.88 34.09
N GLU E 640 -98.14 60.94 33.70
CA GLU E 640 -98.21 62.15 34.52
C GLU E 640 -99.25 62.07 35.63
N ASN E 641 -100.00 60.98 35.73
CA ASN E 641 -101.05 60.83 36.73
C ASN E 641 -100.80 59.65 37.66
N ASN E 642 -99.56 59.49 38.13
CA ASN E 642 -99.22 58.42 39.05
C ASN E 642 -98.25 58.95 40.10
N ASP E 643 -98.30 58.35 41.29
CA ASP E 643 -97.49 58.78 42.42
C ASP E 643 -96.28 57.90 42.66
N ALA E 644 -95.93 57.02 41.71
CA ALA E 644 -94.73 56.20 41.83
C ALA E 644 -93.47 56.92 41.37
N TYR E 645 -93.59 58.07 40.72
CA TYR E 645 -92.45 58.81 40.20
C TYR E 645 -92.54 60.27 40.67
N ASP E 646 -91.39 60.94 40.68
CA ASP E 646 -91.33 62.31 41.16
C ASP E 646 -91.14 63.36 40.07
N LYS E 647 -90.58 63.00 38.92
CA LYS E 647 -90.34 63.95 37.84
C LYS E 647 -90.81 63.36 36.53
N VAL E 648 -91.18 64.24 35.59
CA VAL E 648 -91.75 63.84 34.30
C VAL E 648 -90.69 64.10 33.24
N LYS E 649 -90.18 63.03 32.63
CA LYS E 649 -89.23 63.12 31.54
C LYS E 649 -89.55 62.06 30.50
N LEU E 650 -89.08 62.27 29.28
CA LEU E 650 -89.34 61.35 28.19
C LEU E 650 -88.27 60.26 28.12
N LEU E 651 -88.63 59.18 27.44
CA LEU E 651 -87.73 58.04 27.28
C LEU E 651 -86.73 58.29 26.16
N ASP E 652 -85.51 57.80 26.35
CA ASP E 652 -84.46 57.88 25.34
C ASP E 652 -84.19 56.47 24.81
N GLU E 653 -84.45 56.28 23.52
CA GLU E 653 -84.28 54.97 22.88
C GLU E 653 -82.88 54.72 22.37
N GLY E 654 -81.96 55.68 22.55
CA GLY E 654 -80.62 55.51 22.06
C GLY E 654 -79.61 55.14 23.14
N LEU E 655 -79.93 55.46 24.39
CA LEU E 655 -79.00 55.19 25.48
C LEU E 655 -78.78 53.69 25.67
N ASP E 656 -79.80 52.88 25.41
CA ASP E 656 -79.65 51.44 25.59
C ASP E 656 -78.57 50.87 24.65
N GLY E 657 -78.66 51.19 23.36
CA GLY E 657 -77.65 50.72 22.43
C GLY E 657 -76.31 51.39 22.62
N LYS E 658 -76.30 52.62 23.15
CA LYS E 658 -75.04 53.30 23.41
C LYS E 658 -74.27 52.62 24.54
N ILE E 659 -74.94 52.34 25.66
CA ILE E 659 -74.30 51.59 26.73
C ILE E 659 -74.10 50.14 26.34
N GLN E 660 -74.80 49.66 25.30
CA GLN E 660 -74.54 48.33 24.78
C GLN E 660 -73.16 48.25 24.13
N ASN E 661 -72.67 49.37 23.61
CA ASN E 661 -71.38 49.44 22.92
C ASN E 661 -70.28 50.05 23.77
N ASN E 662 -70.48 50.14 25.08
CA ASN E 662 -69.51 50.72 26.01
C ASN E 662 -69.24 52.20 25.70
N ARG E 663 -70.27 52.92 25.24
CA ARG E 663 -70.09 54.34 24.94
C ARG E 663 -69.83 55.16 26.19
N TYR E 664 -70.12 54.59 27.36
CA TYR E 664 -69.91 55.27 28.63
C TYR E 664 -69.00 54.49 29.57
N ARG E 665 -67.96 53.84 29.04
CA ARG E 665 -67.10 53.02 29.88
C ARG E 665 -66.00 53.86 30.53
N PHE E 666 -65.14 54.47 29.72
CA PHE E 666 -64.06 55.28 30.26
C PHE E 666 -64.59 56.51 30.98
N ALA E 667 -65.66 57.10 30.46
CA ALA E 667 -66.22 58.29 31.09
C ALA E 667 -66.82 57.98 32.45
N PHE E 668 -67.65 56.93 32.53
CA PHE E 668 -68.20 56.54 33.82
C PHE E 668 -67.10 56.08 34.77
N LEU E 669 -66.03 55.51 34.23
CA LEU E 669 -64.88 55.17 35.05
C LEU E 669 -64.21 56.42 35.61
N TYR E 670 -64.10 57.46 34.80
CA TYR E 670 -63.60 58.75 35.27
C TYR E 670 -64.48 59.28 36.40
N LEU E 671 -65.79 59.22 36.21
CA LEU E 671 -66.72 59.67 37.25
C LEU E 671 -66.54 58.87 38.52
N LEU E 672 -66.39 57.55 38.39
CA LEU E 672 -66.16 56.69 39.54
C LEU E 672 -64.88 57.07 40.26
N VAL E 673 -63.83 57.40 39.50
CA VAL E 673 -62.58 57.83 40.12
C VAL E 673 -62.80 59.11 40.90
N LYS E 674 -63.55 60.06 40.32
CA LYS E 674 -63.80 61.31 41.03
C LYS E 674 -64.58 61.07 42.32
N TRP E 675 -65.54 60.14 42.26
CA TRP E 675 -66.34 59.82 43.45
C TRP E 675 -65.51 59.07 44.49
N TYR E 676 -64.56 58.25 44.06
CA TYR E 676 -63.64 57.66 45.01
C TYR E 676 -62.80 58.74 45.65
N LYS E 677 -62.44 59.76 44.87
CA LYS E 677 -61.69 60.89 45.41
C LYS E 677 -62.50 61.62 46.46
N LYS E 678 -63.79 61.84 46.21
CA LYS E 678 -64.60 62.66 47.12
C LYS E 678 -64.70 62.01 48.49
N TYR E 679 -64.59 60.68 48.56
CA TYR E 679 -64.44 59.96 49.83
C TYR E 679 -63.21 59.05 49.67
N HIS E 680 -62.03 59.62 49.88
CA HIS E 680 -60.77 58.90 49.78
C HIS E 680 -60.11 58.80 51.15
N ILE E 681 -60.93 58.56 52.17
CA ILE E 681 -60.46 58.53 53.55
C ILE E 681 -59.44 57.42 53.70
N PRO E 682 -58.41 57.58 54.53
CA PRO E 682 -57.47 56.48 54.76
C PRO E 682 -58.13 55.23 55.30
N ILE E 683 -59.29 55.35 55.94
CA ILE E 683 -60.08 54.22 56.39
C ILE E 683 -61.43 54.27 55.69
N MET E 684 -61.87 53.14 55.14
CA MET E 684 -63.15 53.03 54.47
C MET E 684 -63.95 51.91 55.12
N LYS E 685 -65.18 52.24 55.55
CA LYS E 685 -66.06 51.27 56.19
C LYS E 685 -67.48 51.52 55.69
N LEU E 686 -68.07 50.53 55.02
CA LEU E 686 -69.46 50.64 54.63
C LEU E 686 -70.36 50.58 55.87
N TYR E 687 -71.49 51.28 55.80
CA TYR E 687 -72.41 51.44 56.90
C TYR E 687 -73.83 51.07 56.47
N PRO E 688 -74.68 50.70 57.43
CA PRO E 688 -76.09 50.45 57.11
C PRO E 688 -76.96 51.68 57.32
N THR E 689 -78.14 51.66 56.71
CA THR E 689 -79.14 52.72 56.85
C THR E 689 -80.50 52.09 57.15
N PRO E 690 -80.77 51.76 58.42
CA PRO E 690 -82.02 51.06 58.74
C PRO E 690 -83.26 51.93 58.76
N GLU E 691 -83.11 53.26 58.72
CA GLU E 691 -84.27 54.15 58.84
C GLU E 691 -85.16 54.12 57.60
N GLU E 692 -84.61 53.72 56.45
CA GLU E 692 -85.42 53.65 55.23
C GLU E 692 -86.32 52.43 55.21
N ILE E 693 -85.86 51.30 55.75
CA ILE E 693 -86.58 50.04 55.70
C ILE E 693 -87.82 50.06 56.58
N PRO E 694 -88.97 49.58 56.08
CA PRO E 694 -90.17 49.52 56.93
C PRO E 694 -90.21 48.29 57.83
N ASP E 695 -89.42 47.26 57.55
CA ASP E 695 -89.34 46.11 58.45
C ASP E 695 -88.74 46.50 59.80
N PHE E 696 -87.81 47.44 59.81
CA PHE E 696 -87.16 47.88 61.04
C PHE E 696 -87.97 48.91 61.80
N ALA E 697 -89.15 49.29 61.31
CA ALA E 697 -89.93 50.34 61.94
C ALA E 697 -90.24 49.99 63.40
N PHE E 698 -90.74 48.78 63.63
CA PHE E 698 -91.07 48.39 65.01
C PHE E 698 -89.81 48.08 65.82
N TYR E 699 -88.84 47.41 65.20
CA TYR E 699 -87.64 47.02 65.94
C TYR E 699 -86.76 48.21 66.27
N LEU E 700 -86.80 49.26 65.45
CA LEU E 700 -86.15 50.50 65.85
C LEU E 700 -86.99 51.26 66.87
N LYS E 701 -88.31 51.05 66.86
CA LYS E 701 -89.19 51.80 67.76
C LYS E 701 -89.10 51.27 69.19
N ILE E 702 -88.88 49.96 69.34
CA ILE E 702 -88.76 49.42 70.69
C ILE E 702 -87.52 49.97 71.40
N GLY E 703 -86.53 50.45 70.65
CA GLY E 703 -85.39 51.07 71.28
C GLY E 703 -85.75 52.33 72.05
N THR E 704 -86.68 53.12 71.51
CA THR E 704 -87.12 54.35 72.15
C THR E 704 -88.42 54.20 72.92
N LEU E 705 -89.03 53.01 72.92
CA LEU E 705 -90.20 52.77 73.76
C LEU E 705 -89.93 51.90 74.98
N LEU E 706 -88.96 51.00 74.92
CA LEU E 706 -88.71 50.06 76.01
C LEU E 706 -87.23 50.05 76.35
N VAL E 707 -86.93 50.18 77.63
CA VAL E 707 -85.57 50.08 78.15
C VAL E 707 -85.56 48.99 79.21
N SER E 708 -84.56 48.12 79.16
CA SER E 708 -84.50 46.97 80.05
C SER E 708 -84.40 47.42 81.51
N SER E 709 -84.98 46.60 82.40
CA SER E 709 -84.92 46.87 83.82
C SER E 709 -83.47 46.88 84.31
N SER E 710 -83.18 47.75 85.27
CA SER E 710 -81.81 47.98 85.71
C SER E 710 -81.78 48.23 87.21
N VAL E 711 -80.57 48.45 87.72
CA VAL E 711 -80.41 48.84 89.13
C VAL E 711 -80.91 50.27 89.34
N LYS E 712 -80.64 51.16 88.38
CA LYS E 712 -81.06 52.55 88.53
C LYS E 712 -82.57 52.68 88.57
N HIS E 713 -83.29 51.72 88.00
CA HIS E 713 -84.75 51.75 88.00
C HIS E 713 -85.35 51.31 89.33
N ILE E 714 -84.55 50.75 90.24
CA ILE E 714 -85.10 50.28 91.52
C ILE E 714 -85.67 51.44 92.34
N PRO E 715 -84.95 52.57 92.57
CA PRO E 715 -85.55 53.64 93.37
C PRO E 715 -86.44 54.57 92.55
N LEU E 716 -87.28 53.99 91.69
CA LEU E 716 -88.32 54.75 91.00
C LEU E 716 -89.62 53.97 90.92
N MET E 717 -89.78 52.92 91.72
CA MET E 717 -90.94 52.05 91.66
C MET E 717 -92.04 52.45 92.64
N THR E 718 -91.83 53.48 93.45
CA THR E 718 -92.85 53.90 94.41
C THR E 718 -94.11 54.38 93.70
N ASP E 719 -93.94 55.18 92.65
CA ASP E 719 -95.06 55.63 91.83
C ASP E 719 -95.39 54.68 90.69
N LEU E 720 -94.57 53.64 90.49
CA LEU E 720 -94.85 52.65 89.47
C LEU E 720 -95.86 51.61 89.93
N SER E 721 -96.13 51.53 91.24
CA SER E 721 -97.11 50.56 91.74
C SER E 721 -98.49 50.87 91.19
N LYS E 722 -98.88 52.14 91.18
CA LYS E 722 -100.15 52.54 90.60
C LYS E 722 -100.15 52.48 89.08
N LYS E 723 -98.98 52.30 88.45
CA LYS E 723 -98.89 52.13 87.01
C LYS E 723 -99.06 50.69 86.56
N GLY E 724 -99.25 49.75 87.48
CA GLY E 724 -99.46 48.37 87.14
C GLY E 724 -98.19 47.55 86.99
N TYR E 725 -97.08 48.00 87.55
CA TYR E 725 -95.80 47.31 87.41
C TYR E 725 -95.41 46.65 88.72
N ILE E 726 -95.06 45.36 88.65
CA ILE E 726 -94.68 44.60 89.82
C ILE E 726 -93.17 44.46 89.86
N LEU E 727 -92.65 44.17 91.06
CA LEU E 727 -91.22 44.08 91.30
C LEU E 727 -90.85 42.65 91.67
N TYR E 728 -89.62 42.28 91.36
CA TYR E 728 -89.11 40.94 91.65
C TYR E 728 -87.59 40.99 91.71
N ASP E 729 -87.03 40.48 92.81
CA ASP E 729 -85.60 40.56 93.12
C ASP E 729 -85.02 41.93 92.80
N ASN E 730 -85.78 42.97 93.16
CA ASN E 730 -85.44 44.36 92.87
C ASN E 730 -85.29 44.60 91.37
N VAL E 731 -86.13 43.96 90.57
CA VAL E 731 -86.19 44.17 89.13
C VAL E 731 -87.65 44.33 88.73
N VAL E 732 -87.96 45.41 88.02
CA VAL E 732 -89.34 45.70 87.66
C VAL E 732 -89.78 44.76 86.56
N THR E 733 -90.87 44.03 86.80
CA THR E 733 -91.40 43.07 85.85
C THR E 733 -92.84 43.46 85.47
N LEU E 734 -93.23 43.12 84.25
CA LEU E 734 -94.56 43.42 83.74
C LEU E 734 -95.18 42.14 83.21
N PRO E 735 -96.37 41.76 83.66
CA PRO E 735 -97.03 40.57 83.12
C PRO E 735 -97.34 40.75 81.63
N LEU E 736 -97.55 39.61 80.96
CA LEU E 736 -97.75 39.62 79.52
C LEU E 736 -99.00 40.39 79.13
N THR E 737 -100.10 40.19 79.87
CA THR E 737 -101.36 40.82 79.50
C THR E 737 -101.33 42.32 79.73
N THR E 738 -100.84 42.75 80.90
CA THR E 738 -100.77 44.17 81.20
C THR E 738 -99.88 44.90 80.22
N PHE E 739 -98.76 44.27 79.83
CA PHE E 739 -97.94 44.79 78.74
C PHE E 739 -98.73 44.84 77.44
N GLN E 740 -99.57 43.83 77.20
CA GLN E 740 -100.32 43.78 75.95
C GLN E 740 -101.30 44.93 75.82
N GLN E 741 -101.97 45.29 76.92
CA GLN E 741 -102.90 46.42 76.84
C GLN E 741 -102.16 47.73 76.56
N LYS E 742 -101.01 47.93 77.19
CA LYS E 742 -100.27 49.18 77.02
C LYS E 742 -99.75 49.33 75.60
N ILE E 743 -99.28 48.25 74.99
CA ILE E 743 -98.65 48.32 73.68
C ILE E 743 -99.62 48.62 72.56
N SER E 744 -100.93 48.53 72.83
CA SER E 744 -101.93 48.71 71.78
C SER E 744 -102.10 50.17 71.36
N LYS E 745 -101.51 51.12 72.08
CA LYS E 745 -101.67 52.54 71.77
C LYS E 745 -100.54 53.10 70.94
N TYR E 746 -99.62 52.26 70.48
CA TYR E 746 -98.53 52.69 69.61
C TYR E 746 -98.67 52.19 68.18
N PHE E 747 -99.18 50.97 67.99
CA PHE E 747 -99.33 50.41 66.65
C PHE E 747 -100.49 49.42 66.67
N ASN E 748 -101.00 49.14 65.48
CA ASN E 748 -102.10 48.20 65.33
C ASN E 748 -101.62 46.78 65.64
N SER E 749 -102.44 46.03 66.38
CA SER E 749 -102.13 44.65 66.67
C SER E 749 -102.66 43.68 65.62
N ARG E 750 -103.59 44.13 64.76
CA ARG E 750 -104.11 43.26 63.71
C ARG E 750 -103.05 42.95 62.67
N LEU E 751 -102.36 43.98 62.17
CA LEU E 751 -101.33 43.79 61.17
C LEU E 751 -99.96 43.51 61.77
N PHE E 752 -99.78 43.79 63.06
CA PHE E 752 -98.50 43.58 63.73
C PHE E 752 -98.60 42.56 64.86
N GLY E 753 -99.49 41.58 64.72
CA GLY E 753 -99.63 40.57 65.74
C GLY E 753 -98.41 39.69 65.86
N HIS E 754 -97.78 39.35 64.73
CA HIS E 754 -96.60 38.50 64.77
C HIS E 754 -95.45 39.18 65.48
N ASP E 755 -95.28 40.49 65.28
CA ASP E 755 -94.23 41.23 65.97
C ASP E 755 -94.43 41.15 67.48
N ILE E 756 -95.66 41.38 67.93
CA ILE E 756 -95.94 41.33 69.37
C ILE E 756 -95.68 39.93 69.91
N GLU E 757 -96.14 38.91 69.18
CA GLU E 757 -95.95 37.53 69.65
C GLU E 757 -94.47 37.19 69.76
N SER E 758 -93.69 37.51 68.72
CA SER E 758 -92.27 37.18 68.73
C SER E 758 -91.53 37.93 69.83
N PHE E 759 -91.81 39.23 69.98
CA PHE E 759 -91.13 40.00 71.02
C PHE E 759 -91.50 39.49 72.40
N ILE E 760 -92.76 39.16 72.62
CA ILE E 760 -93.20 38.63 73.91
C ILE E 760 -92.51 37.30 74.19
N ASN E 761 -92.49 36.40 73.21
CA ASN E 761 -91.87 35.10 73.40
C ASN E 761 -90.37 35.22 73.65
N ARG E 762 -89.72 36.21 73.05
CA ARG E 762 -88.28 36.35 73.18
C ARG E 762 -87.86 37.05 74.47
N HIS E 763 -88.39 38.25 74.72
CA HIS E 763 -87.89 39.10 75.80
C HIS E 763 -88.50 38.77 77.16
N LYS E 764 -89.51 37.92 77.23
CA LYS E 764 -90.13 37.58 78.50
C LYS E 764 -89.24 36.65 79.32
N LYS E 765 -89.46 36.67 80.63
CA LYS E 765 -88.81 35.76 81.55
C LYS E 765 -89.87 35.09 82.42
N PHE E 766 -89.54 33.92 82.93
CA PHE E 766 -90.47 33.11 83.70
C PHE E 766 -90.13 33.19 85.18
N ALA E 767 -91.12 33.56 85.99
CA ALA E 767 -90.93 33.50 87.44
C ALA E 767 -91.12 32.08 87.97
N ASN E 768 -92.08 31.36 87.41
CA ASN E 768 -92.31 29.96 87.74
C ASN E 768 -93.10 29.33 86.59
N VAL E 769 -93.71 28.18 86.84
CA VAL E 769 -94.50 27.51 85.81
C VAL E 769 -95.73 28.33 85.44
N SER E 770 -96.19 29.21 86.32
CA SER E 770 -97.46 29.89 86.12
C SER E 770 -97.33 31.37 85.75
N ASP E 771 -96.32 32.07 86.26
CA ASP E 771 -96.22 33.51 86.09
C ASP E 771 -95.26 33.85 84.95
N GLU E 772 -95.70 34.76 84.07
CA GLU E 772 -94.89 35.25 82.97
C GLU E 772 -94.72 36.75 83.11
N TYR E 773 -93.48 37.22 82.91
CA TYR E 773 -93.17 38.63 83.10
C TYR E 773 -92.06 39.03 82.15
N LEU E 774 -91.98 40.34 81.91
CA LEU E 774 -90.97 40.93 81.04
C LEU E 774 -90.09 41.86 81.85
N GLN E 775 -88.78 41.74 81.70
CA GLN E 775 -87.82 42.55 82.44
C GLN E 775 -87.53 43.86 81.70
N TYR E 776 -88.60 44.63 81.50
CA TYR E 776 -88.51 45.93 80.84
C TYR E 776 -89.57 46.85 81.42
N ILE E 777 -89.32 48.14 81.28
CA ILE E 777 -90.23 49.17 81.77
C ILE E 777 -90.52 50.15 80.64
N PHE E 778 -91.77 50.62 80.57
CA PHE E 778 -92.12 51.63 79.58
C PHE E 778 -91.40 52.93 79.88
N ILE E 779 -90.92 53.59 78.81
CA ILE E 779 -90.20 54.85 78.99
C ILE E 779 -91.14 55.98 79.38
N GLU E 780 -92.42 55.88 79.00
CA GLU E 780 -93.37 56.94 79.31
C GLU E 780 -93.53 57.10 80.83
N ASP E 781 -93.60 55.98 81.56
CA ASP E 781 -93.66 56.06 83.01
C ASP E 781 -92.31 56.44 83.60
N ILE E 782 -91.22 56.00 82.97
CA ILE E 782 -89.88 56.31 83.47
C ILE E 782 -89.64 57.82 83.47
N SER E 783 -90.02 58.49 82.38
CA SER E 783 -89.87 59.94 82.30
C SER E 783 -90.75 60.64 83.34
N SER E 784 -91.94 60.11 83.57
CA SER E 784 -92.88 60.74 84.51
C SER E 784 -92.31 60.69 85.92
N PRO E 785 -92.31 61.81 86.66
CA PRO E 785 -91.79 61.87 88.03
C PRO E 785 -92.65 61.09 89.01
N TRP F 236 -26.09 -27.11 27.15
CA TRP F 236 -25.41 -26.09 27.95
C TRP F 236 -26.08 -25.98 29.31
N GLU F 237 -26.24 -24.75 29.78
CA GLU F 237 -27.14 -24.49 30.88
C GLU F 237 -28.52 -24.19 30.30
N PRO F 238 -29.57 -24.92 30.71
CA PRO F 238 -30.85 -24.83 30.00
C PRO F 238 -31.54 -23.48 30.07
N GLY F 239 -31.12 -22.60 30.97
CA GLY F 239 -31.77 -21.31 31.08
C GLY F 239 -31.20 -20.21 30.22
N PHE F 240 -30.20 -20.48 29.39
CA PHE F 240 -29.59 -19.38 28.64
C PHE F 240 -30.20 -19.24 27.26
N ILE F 241 -30.02 -20.25 26.40
CA ILE F 241 -30.76 -20.42 25.15
C ILE F 241 -30.73 -21.90 24.84
N SER F 242 -31.78 -22.40 24.19
CA SER F 242 -31.78 -23.79 23.73
C SER F 242 -30.96 -23.90 22.44
N PHE F 243 -31.01 -25.06 21.80
CA PHE F 243 -30.04 -25.39 20.76
C PHE F 243 -30.45 -24.85 19.39
N GLU F 244 -31.74 -24.99 19.06
CA GLU F 244 -32.18 -24.72 17.69
C GLU F 244 -31.93 -23.28 17.28
N ASP F 245 -32.16 -22.33 18.21
CA ASP F 245 -31.99 -20.93 17.87
C ASP F 245 -30.53 -20.60 17.58
N ALA F 246 -29.61 -21.13 18.38
CA ALA F 246 -28.19 -20.92 18.12
C ALA F 246 -27.79 -21.52 16.79
N ILE F 247 -28.28 -22.72 16.49
CA ILE F 247 -27.93 -23.36 15.22
C ILE F 247 -28.44 -22.53 14.05
N LYS F 248 -29.67 -22.04 14.14
CA LYS F 248 -30.20 -21.20 13.08
C LYS F 248 -29.42 -19.89 12.97
N ARG F 249 -28.97 -19.35 14.10
CA ARG F 249 -28.22 -18.10 14.05
C ARG F 249 -26.89 -18.28 13.34
N VAL F 250 -26.17 -19.35 13.64
CA VAL F 250 -24.90 -19.55 12.95
C VAL F 250 -25.15 -19.85 11.48
N SER F 251 -26.21 -20.61 11.17
CA SER F 251 -26.51 -20.93 9.78
C SER F 251 -26.84 -19.67 8.97
N LYS F 252 -27.56 -18.72 9.58
CA LYS F 252 -27.85 -17.48 8.86
C LYS F 252 -26.65 -16.55 8.81
N ILE F 253 -25.78 -16.56 9.84
CA ILE F 253 -24.55 -15.78 9.80
C ILE F 253 -23.50 -16.47 8.96
N PHE F 254 -23.85 -17.60 8.33
CA PHE F 254 -22.91 -18.40 7.56
C PHE F 254 -22.87 -17.96 6.09
N ILE F 255 -24.00 -17.46 5.58
CA ILE F 255 -24.21 -16.95 4.22
C ILE F 255 -23.94 -18.07 3.22
N ASN F 256 -24.05 -19.33 3.67
CA ASN F 256 -23.80 -20.45 2.78
C ASN F 256 -24.47 -21.68 3.36
N SER F 257 -24.62 -22.71 2.53
CA SER F 257 -25.26 -23.91 2.99
C SER F 257 -24.35 -24.66 3.96
N ILE F 258 -24.97 -25.54 4.75
CA ILE F 258 -24.26 -26.42 5.67
C ILE F 258 -24.49 -27.85 5.23
N ILE F 259 -23.45 -28.67 5.34
CA ILE F 259 -23.49 -30.04 4.83
C ILE F 259 -23.88 -31.03 5.91
N ASN F 260 -23.27 -30.94 7.09
CA ASN F 260 -23.49 -31.90 8.17
C ASN F 260 -24.38 -31.32 9.27
N PHE F 261 -25.39 -30.53 8.90
CA PHE F 261 -26.28 -29.98 9.91
C PHE F 261 -27.06 -31.08 10.61
N ASN F 262 -27.53 -32.08 9.86
CA ASN F 262 -28.14 -33.25 10.49
C ASN F 262 -27.13 -34.01 11.33
N ASP F 263 -25.88 -34.11 10.85
CA ASP F 263 -24.84 -34.74 11.66
C ASP F 263 -24.54 -33.97 12.92
N LEU F 264 -24.82 -32.66 12.94
CA LEU F 264 -24.59 -31.88 14.14
C LEU F 264 -25.50 -32.36 15.26
N ASP F 265 -24.95 -32.40 16.48
CA ASP F 265 -25.61 -33.08 17.58
C ASP F 265 -25.54 -32.25 18.86
N GLU F 266 -25.88 -32.86 19.99
CA GLU F 266 -25.85 -32.15 21.27
C GLU F 266 -24.47 -32.13 21.88
N ASN F 267 -23.63 -33.12 21.55
CA ASN F 267 -22.32 -33.26 22.16
C ASN F 267 -21.19 -32.72 21.28
N ASN F 268 -21.34 -32.81 19.95
CA ASN F 268 -20.25 -32.47 19.06
C ASN F 268 -20.06 -30.95 19.03
N PHE F 269 -19.57 -30.42 20.13
CA PHE F 269 -19.50 -28.97 20.31
C PHE F 269 -18.23 -28.38 19.71
N THR F 270 -17.07 -28.75 20.26
CA THR F 270 -15.79 -28.20 19.83
C THR F 270 -14.97 -29.15 18.99
N THR F 271 -14.96 -30.44 19.31
CA THR F 271 -14.13 -31.39 18.58
C THR F 271 -14.59 -31.53 17.13
N VAL F 272 -15.90 -31.57 16.90
CA VAL F 272 -16.39 -31.76 15.54
C VAL F 272 -16.00 -30.57 14.68
N PRO F 273 -15.55 -30.78 13.45
CA PRO F 273 -15.23 -29.64 12.58
C PRO F 273 -16.42 -29.24 11.73
N LEU F 274 -16.53 -27.93 11.51
CA LEU F 274 -17.62 -27.37 10.74
C LEU F 274 -17.22 -27.30 9.28
N VAL F 275 -17.97 -27.97 8.42
CA VAL F 275 -17.66 -28.05 6.99
C VAL F 275 -18.44 -26.99 6.25
N ILE F 276 -17.92 -26.57 5.10
CA ILE F 276 -18.47 -25.46 4.35
C ILE F 276 -18.52 -25.87 2.88
N ASP F 277 -19.41 -25.24 2.11
CA ASP F 277 -19.29 -25.21 0.66
C ASP F 277 -19.48 -23.77 0.21
N TYR F 278 -18.56 -23.26 -0.60
CA TYR F 278 -18.50 -21.84 -0.94
C TYR F 278 -19.05 -21.63 -2.35
N VAL F 279 -20.38 -21.51 -2.43
CA VAL F 279 -21.02 -21.06 -3.66
C VAL F 279 -20.66 -19.62 -3.99
N THR F 280 -20.35 -18.83 -2.96
CA THR F 280 -19.89 -17.46 -3.08
C THR F 280 -18.60 -17.34 -2.28
N PRO F 281 -17.94 -16.18 -2.27
CA PRO F 281 -16.84 -15.98 -1.32
C PRO F 281 -17.30 -16.14 0.12
N CYS F 282 -16.38 -16.61 0.97
CA CYS F 282 -16.65 -16.75 2.40
C CYS F 282 -16.97 -15.40 3.03
N ALA F 283 -18.21 -15.22 3.46
CA ALA F 283 -18.65 -13.92 3.95
C ALA F 283 -17.92 -13.47 5.22
N LEU F 284 -17.43 -14.41 6.02
CA LEU F 284 -16.69 -14.03 7.22
C LEU F 284 -15.40 -13.32 6.86
N CYS F 285 -14.69 -13.82 5.84
CA CYS F 285 -13.34 -13.35 5.58
C CYS F 285 -13.03 -13.18 4.10
N LYS F 286 -14.05 -13.14 3.24
CA LYS F 286 -13.95 -12.81 1.81
C LYS F 286 -12.87 -13.62 1.09
N LYS F 287 -12.50 -14.77 1.62
CA LYS F 287 -11.61 -15.67 0.90
C LYS F 287 -12.39 -16.47 -0.13
N ARG F 288 -11.66 -17.02 -1.10
CA ARG F 288 -12.30 -17.84 -2.12
C ARG F 288 -12.70 -19.21 -1.58
N SER F 289 -11.84 -19.84 -0.80
CA SER F 289 -12.15 -21.08 -0.10
C SER F 289 -11.30 -21.14 1.16
N HIS F 290 -11.21 -22.32 1.76
CA HIS F 290 -10.48 -22.48 3.00
C HIS F 290 -9.84 -23.85 3.05
N LYS F 291 -8.52 -23.88 3.20
CA LYS F 291 -7.80 -25.13 3.35
C LYS F 291 -8.11 -25.82 4.66
N HIS F 292 -8.79 -25.15 5.57
CA HIS F 292 -9.17 -25.69 6.85
C HIS F 292 -10.66 -25.46 7.08
N PRO F 293 -11.30 -26.29 7.89
CA PRO F 293 -12.72 -26.06 8.20
C PRO F 293 -12.88 -24.95 9.22
N HIS F 294 -14.10 -24.75 9.71
CA HIS F 294 -14.34 -23.86 10.84
C HIS F 294 -14.56 -24.70 12.10
N GLN F 295 -14.28 -24.08 13.24
CA GLN F 295 -14.45 -24.76 14.52
C GLN F 295 -15.20 -23.84 15.48
N LEU F 296 -15.96 -24.42 16.40
CA LEU F 296 -16.79 -23.69 17.33
C LEU F 296 -16.32 -23.91 18.75
N SER F 297 -16.43 -22.88 19.58
CA SER F 297 -16.10 -22.98 21.00
C SER F 297 -16.97 -22.00 21.78
N LEU F 298 -17.22 -22.33 23.04
CA LEU F 298 -17.97 -21.46 23.95
C LEU F 298 -17.05 -21.05 25.09
N GLU F 299 -16.65 -19.79 25.10
CA GLU F 299 -15.91 -19.19 26.20
C GLU F 299 -16.78 -18.11 26.82
N ASN F 300 -16.88 -18.12 28.15
CA ASN F 300 -17.70 -17.18 28.91
C ASN F 300 -19.07 -16.94 28.28
N GLY F 301 -19.75 -18.05 27.99
CA GLY F 301 -21.13 -17.99 27.52
C GLY F 301 -21.33 -17.32 26.18
N ALA F 302 -20.49 -17.63 25.20
CA ALA F 302 -20.66 -17.08 23.86
C ALA F 302 -19.98 -18.00 22.85
N ILE F 303 -20.64 -18.16 21.70
CA ILE F 303 -20.10 -18.98 20.62
C ILE F 303 -19.08 -18.18 19.83
N ARG F 304 -17.89 -18.74 19.64
CA ARG F 304 -16.83 -18.12 18.87
C ARG F 304 -16.56 -19.00 17.65
N ILE F 305 -16.71 -18.42 16.45
CA ILE F 305 -16.50 -19.14 15.21
C ILE F 305 -15.22 -18.62 14.55
N TYR F 306 -14.41 -19.54 14.03
CA TYR F 306 -13.13 -19.19 13.43
C TYR F 306 -12.70 -20.30 12.49
N LYS F 307 -11.70 -19.99 11.68
CA LYS F 307 -11.12 -20.93 10.72
C LYS F 307 -9.81 -21.49 11.27
N THR F 308 -9.71 -22.82 11.34
CA THR F 308 -8.58 -23.47 11.96
C THR F 308 -7.32 -23.29 11.10
N GLY F 309 -6.16 -23.47 11.72
CA GLY F 309 -4.91 -23.36 11.00
C GLY F 309 -4.27 -22.00 11.13
N ASN F 310 -4.46 -21.14 10.12
CA ASN F 310 -3.91 -19.79 10.11
C ASN F 310 -5.06 -18.81 10.31
N PRO F 311 -5.45 -18.54 11.56
CA PRO F 311 -6.65 -17.73 11.79
C PRO F 311 -6.38 -16.25 11.63
N HIS F 312 -5.58 -15.90 10.62
CA HIS F 312 -5.21 -14.51 10.39
C HIS F 312 -5.79 -13.96 9.10
N SER F 313 -6.14 -14.82 8.15
CA SER F 313 -6.98 -14.40 7.02
C SER F 313 -8.45 -14.64 7.33
N CYS F 314 -8.83 -14.26 8.55
CA CYS F 314 -10.16 -14.50 9.10
C CYS F 314 -10.34 -13.59 10.30
N LYS F 315 -11.60 -13.36 10.65
CA LYS F 315 -11.95 -12.50 11.77
C LYS F 315 -12.72 -13.31 12.79
N VAL F 316 -12.37 -13.13 14.06
CA VAL F 316 -13.12 -13.77 15.13
C VAL F 316 -14.54 -13.22 15.14
N LYS F 317 -15.52 -14.12 15.20
CA LYS F 317 -16.93 -13.74 15.28
C LYS F 317 -17.50 -14.36 16.54
N ILE F 318 -18.30 -13.58 17.27
CA ILE F 318 -18.82 -13.98 18.58
C ILE F 318 -20.34 -13.99 18.51
N VAL F 319 -20.95 -15.03 19.06
CA VAL F 319 -22.39 -15.14 19.14
C VAL F 319 -22.77 -15.39 20.60
N PRO F 320 -23.35 -14.42 21.29
CA PRO F 320 -23.70 -14.62 22.70
C PRO F 320 -24.90 -15.55 22.87
N LEU F 321 -24.95 -16.20 24.03
CA LEU F 321 -25.97 -17.20 24.33
C LEU F 321 -26.78 -16.81 25.55
N ASP F 322 -26.90 -15.51 25.81
CA ASP F 322 -27.68 -15.01 26.94
C ASP F 322 -29.03 -14.55 26.43
N GLY F 323 -30.07 -15.34 26.67
CA GLY F 323 -31.39 -15.06 26.15
C GLY F 323 -32.29 -14.29 27.08
N ASN F 324 -32.32 -12.97 26.93
CA ASN F 324 -33.17 -12.10 27.73
C ASN F 324 -32.89 -12.30 29.21
N LYS F 325 -31.73 -11.80 29.61
CA LYS F 325 -31.33 -11.71 31.00
C LYS F 325 -32.43 -11.22 31.92
N LEU F 326 -33.25 -10.27 31.44
CA LEU F 326 -34.32 -9.74 32.26
C LEU F 326 -35.44 -10.75 32.46
N PHE F 327 -35.72 -11.59 31.46
CA PHE F 327 -36.66 -12.67 31.68
C PHE F 327 -36.13 -13.69 32.67
N ASN F 328 -34.83 -13.98 32.63
CA ASN F 328 -34.27 -14.88 33.62
C ASN F 328 -34.39 -14.31 35.01
N ILE F 329 -34.16 -13.00 35.16
CA ILE F 329 -34.31 -12.38 36.48
C ILE F 329 -35.77 -12.45 36.92
N ALA F 330 -36.71 -12.21 36.01
CA ALA F 330 -38.11 -12.32 36.37
C ALA F 330 -38.44 -13.71 36.87
N GLN F 331 -37.94 -14.73 36.18
CA GLN F 331 -38.18 -16.11 36.60
C GLN F 331 -37.57 -16.38 37.97
N ARG F 332 -36.37 -15.86 38.22
CA ARG F 332 -35.76 -16.03 39.53
C ARG F 332 -36.59 -15.40 40.62
N ILE F 333 -37.10 -14.18 40.38
CA ILE F 333 -37.94 -13.53 41.38
C ILE F 333 -39.21 -14.34 41.60
N LEU F 334 -39.81 -14.81 40.51
CA LEU F 334 -41.10 -15.46 40.58
C LEU F 334 -41.02 -16.79 41.32
N ASP F 335 -39.93 -17.53 41.13
CA ASP F 335 -39.80 -18.82 41.79
C ASP F 335 -39.62 -18.70 43.29
N THR F 336 -39.39 -17.50 43.81
CA THR F 336 -39.26 -17.31 45.24
C THR F 336 -40.61 -17.18 45.94
N ASN F 337 -41.68 -17.01 45.18
CA ASN F 337 -43.04 -16.87 45.71
C ASN F 337 -43.15 -15.67 46.65
N SER F 338 -42.74 -14.50 46.16
CA SER F 338 -42.82 -13.27 46.94
C SER F 338 -43.87 -12.30 46.43
N VAL F 339 -44.30 -12.40 45.18
CA VAL F 339 -45.48 -11.72 44.70
C VAL F 339 -46.54 -12.77 44.41
N LEU F 340 -47.77 -12.50 44.81
CA LEU F 340 -48.89 -13.38 44.57
C LEU F 340 -50.00 -12.56 43.98
N LEU F 341 -50.92 -13.23 43.31
CA LEU F 341 -52.12 -12.59 42.79
C LEU F 341 -53.31 -13.07 43.60
N THR F 342 -54.17 -12.14 44.01
CA THR F 342 -55.33 -12.47 44.81
C THR F 342 -56.60 -12.29 43.99
N GLU F 343 -57.68 -12.91 44.48
CA GLU F 343 -58.91 -12.98 43.70
C GLU F 343 -59.49 -11.60 43.42
N ARG F 344 -59.10 -10.58 44.17
CA ARG F 344 -59.50 -9.23 43.88
C ARG F 344 -58.55 -8.53 42.92
N GLY F 345 -57.45 -9.17 42.57
CA GLY F 345 -56.55 -8.62 41.57
C GLY F 345 -55.45 -7.73 42.09
N ASP F 346 -55.16 -7.76 43.38
CA ASP F 346 -54.13 -6.92 43.98
C ASP F 346 -52.90 -7.76 44.23
N HIS F 347 -51.81 -7.46 43.55
CA HIS F 347 -50.61 -8.25 43.74
C HIS F 347 -50.04 -8.01 45.13
N ILE F 348 -50.46 -8.79 46.11
CA ILE F 348 -49.86 -8.66 47.42
C ILE F 348 -48.42 -9.15 47.36
N VAL F 349 -47.53 -8.48 48.08
CA VAL F 349 -46.11 -8.69 47.96
C VAL F 349 -45.50 -8.77 49.34
N TRP F 350 -44.41 -9.52 49.48
CA TRP F 350 -43.79 -9.78 50.77
C TRP F 350 -42.50 -8.99 50.86
N ILE F 351 -42.51 -7.94 51.67
CA ILE F 351 -41.35 -7.09 51.85
C ILE F 351 -41.11 -6.95 53.35
N ASN F 352 -39.89 -7.22 53.78
CA ASN F 352 -39.46 -6.93 55.15
C ASN F 352 -40.38 -7.58 56.18
N ASN F 353 -40.72 -8.85 55.95
CA ASN F 353 -41.47 -9.67 56.91
C ASN F 353 -42.90 -9.16 57.11
N SER F 354 -43.63 -8.97 56.02
CA SER F 354 -45.04 -8.62 56.08
C SER F 354 -45.63 -8.71 54.69
N TRP F 355 -46.90 -9.10 54.60
CA TRP F 355 -47.57 -9.23 53.31
C TRP F 355 -48.33 -7.94 53.04
N LYS F 356 -47.65 -6.99 52.43
CA LYS F 356 -48.22 -5.69 52.10
C LYS F 356 -48.77 -5.69 50.70
N PHE F 357 -49.64 -4.73 50.43
CA PHE F 357 -50.10 -4.49 49.08
C PHE F 357 -50.56 -3.05 48.98
N ASN F 358 -50.99 -2.65 47.80
CA ASN F 358 -51.44 -1.29 47.56
C ASN F 358 -52.20 -1.26 46.26
N SER F 359 -53.31 -0.54 46.23
CA SER F 359 -54.14 -0.52 45.02
C SER F 359 -53.74 0.61 44.08
N GLU F 360 -53.39 1.77 44.62
CA GLU F 360 -53.03 2.92 43.80
C GLU F 360 -51.63 2.83 43.20
N GLU F 361 -50.62 2.64 44.03
CA GLU F 361 -49.24 2.43 43.56
C GLU F 361 -48.79 1.04 43.97
N PRO F 362 -48.58 0.14 43.04
CA PRO F 362 -48.12 -1.21 43.40
C PRO F 362 -46.69 -1.19 43.92
N LEU F 363 -46.34 -2.23 44.68
CA LEU F 363 -45.08 -2.33 45.37
C LEU F 363 -44.08 -3.25 44.70
N ILE F 364 -44.32 -3.65 43.46
CA ILE F 364 -43.49 -4.72 42.89
C ILE F 364 -42.04 -4.27 42.78
N THR F 365 -41.81 -3.06 42.28
CA THR F 365 -40.43 -2.64 42.07
C THR F 365 -39.68 -2.43 43.37
N LYS F 366 -40.38 -2.08 44.44
CA LYS F 366 -39.76 -2.12 45.76
C LYS F 366 -39.13 -3.48 46.00
N LEU F 367 -39.87 -4.54 45.68
CA LEU F 367 -39.37 -5.90 45.86
C LEU F 367 -38.20 -6.19 44.94
N ILE F 368 -38.37 -5.92 43.64
CA ILE F 368 -37.34 -6.17 42.65
C ILE F 368 -36.03 -5.52 43.05
N LEU F 369 -36.10 -4.38 43.73
CA LEU F 369 -34.87 -3.73 44.16
C LEU F 369 -34.37 -4.24 45.51
N SER F 370 -35.27 -4.57 46.43
CA SER F 370 -34.83 -5.02 47.74
C SER F 370 -34.27 -6.42 47.73
N ILE F 371 -34.57 -7.19 46.69
CA ILE F 371 -34.22 -8.60 46.66
C ILE F 371 -32.93 -8.88 45.90
N ARG F 372 -32.43 -7.93 45.11
CA ARG F 372 -31.32 -8.14 44.21
C ARG F 372 -30.10 -8.70 44.92
N HIS F 373 -30.15 -8.77 46.26
CA HIS F 373 -29.06 -9.40 46.99
C HIS F 373 -29.12 -10.93 46.89
N GLN F 374 -30.32 -11.51 46.79
CA GLN F 374 -30.44 -12.95 46.65
C GLN F 374 -29.89 -13.45 45.32
N LEU F 375 -29.91 -12.62 44.28
CA LEU F 375 -29.59 -13.05 42.94
C LEU F 375 -28.10 -13.27 42.77
N PRO F 376 -27.69 -13.90 41.66
CA PRO F 376 -26.26 -14.01 41.37
C PRO F 376 -25.59 -12.66 41.29
N LYS F 377 -24.31 -12.61 41.68
CA LYS F 377 -23.62 -11.34 41.79
C LYS F 377 -23.50 -10.60 40.46
N GLU F 378 -23.71 -11.26 39.34
CA GLU F 378 -23.63 -10.54 38.07
C GLU F 378 -24.99 -10.02 37.61
N TYR F 379 -26.09 -10.50 38.18
CA TYR F 379 -27.40 -9.92 37.91
C TYR F 379 -27.70 -8.70 38.75
N SER F 380 -26.94 -8.47 39.82
CA SER F 380 -27.31 -7.44 40.80
C SER F 380 -27.38 -6.07 40.16
N SER F 381 -26.40 -5.72 39.34
CA SER F 381 -26.30 -4.36 38.83
C SER F 381 -27.23 -4.11 37.64
N GLU F 382 -28.06 -5.07 37.25
CA GLU F 382 -29.09 -4.78 36.26
C GLU F 382 -30.35 -4.24 36.91
N LEU F 383 -30.46 -4.35 38.22
CA LEU F 383 -31.64 -3.91 38.95
C LEU F 383 -31.38 -2.60 39.66
N LEU F 384 -30.59 -1.73 39.04
CA LEU F 384 -30.39 -0.38 39.54
C LEU F 384 -30.80 0.67 38.52
N CYS F 385 -31.41 0.28 37.41
CA CYS F 385 -31.92 1.23 36.45
C CYS F 385 -33.42 1.10 36.38
N PRO F 386 -34.20 2.15 36.67
CA PRO F 386 -35.65 1.98 36.76
C PRO F 386 -36.33 1.46 35.52
N ARG F 387 -35.79 1.69 34.33
CA ARG F 387 -36.38 1.08 33.14
C ARG F 387 -36.29 -0.44 33.22
N LYS F 388 -35.15 -0.96 33.68
CA LYS F 388 -34.99 -2.40 33.79
C LYS F 388 -35.91 -2.98 34.85
N ARG F 389 -36.07 -2.31 35.99
CA ARG F 389 -37.01 -2.79 36.99
C ARG F 389 -38.44 -2.76 36.46
N LYS F 390 -38.80 -1.75 35.68
CA LYS F 390 -40.13 -1.75 35.08
C LYS F 390 -40.30 -2.92 34.11
N THR F 391 -39.24 -3.28 33.40
CA THR F 391 -39.33 -4.40 32.47
C THR F 391 -39.50 -5.73 33.20
N VAL F 392 -38.69 -5.98 34.22
CA VAL F 392 -38.88 -7.23 34.94
C VAL F 392 -40.21 -7.22 35.68
N GLU F 393 -40.74 -6.04 36.01
CA GLU F 393 -42.06 -5.98 36.62
C GLU F 393 -43.15 -6.35 35.62
N ALA F 394 -42.99 -5.95 34.35
CA ALA F 394 -43.93 -6.38 33.33
C ALA F 394 -43.90 -7.89 33.16
N ASN F 395 -42.70 -8.48 33.18
CA ASN F 395 -42.59 -9.92 33.07
C ASN F 395 -43.24 -10.63 34.25
N ILE F 396 -42.95 -10.20 35.47
CA ILE F 396 -43.54 -10.83 36.65
C ILE F 396 -45.05 -10.68 36.65
N ARG F 397 -45.54 -9.53 36.19
CA ARG F 397 -46.97 -9.30 36.17
C ARG F 397 -47.66 -10.09 35.06
N ASP F 398 -46.91 -10.55 34.05
CA ASP F 398 -47.49 -11.47 33.06
C ASP F 398 -47.27 -12.93 33.38
N MET F 399 -46.38 -13.27 34.32
CA MET F 399 -46.28 -14.65 34.75
C MET F 399 -47.51 -15.09 35.52
N LEU F 400 -47.96 -14.27 36.46
CA LEU F 400 -48.97 -14.67 37.43
C LEU F 400 -50.32 -14.78 36.73
N VAL F 401 -50.78 -16.02 36.56
CA VAL F 401 -52.06 -16.30 35.92
C VAL F 401 -53.09 -16.79 36.94
N ASP F 402 -52.67 -17.60 37.90
CA ASP F 402 -53.57 -18.14 38.91
C ASP F 402 -53.63 -17.23 40.12
N SER F 403 -54.77 -17.25 40.80
CA SER F 403 -55.01 -16.41 41.96
C SER F 403 -55.03 -17.25 43.22
N VAL F 404 -54.30 -16.82 44.24
CA VAL F 404 -54.22 -17.53 45.50
C VAL F 404 -55.14 -16.87 46.51
N GLU F 405 -55.41 -17.58 47.60
CA GLU F 405 -56.34 -17.14 48.61
C GLU F 405 -55.62 -16.62 49.84
N THR F 406 -56.18 -15.60 50.47
CA THR F 406 -55.57 -14.90 51.58
C THR F 406 -56.31 -15.20 52.87
N ASP F 407 -55.57 -15.40 53.95
CA ASP F 407 -56.13 -15.59 55.29
C ASP F 407 -57.03 -16.83 55.34
N THR F 408 -56.39 -17.99 55.23
CA THR F 408 -57.08 -19.26 55.36
C THR F 408 -56.61 -20.05 56.59
N TYR F 409 -56.07 -19.35 57.58
CA TYR F 409 -55.60 -19.98 58.82
C TYR F 409 -56.18 -19.23 60.01
N PRO F 410 -57.45 -19.49 60.34
CA PRO F 410 -58.09 -18.78 61.45
C PRO F 410 -57.54 -19.14 62.81
N ASP F 411 -56.46 -19.91 62.88
CA ASP F 411 -55.80 -20.27 64.11
C ASP F 411 -54.53 -19.46 64.36
N LYS F 412 -54.34 -18.35 63.64
CA LYS F 412 -53.08 -17.63 63.66
C LYS F 412 -53.31 -16.16 63.98
N LEU F 413 -52.29 -15.54 64.57
CA LEU F 413 -52.34 -14.13 64.94
C LEU F 413 -51.08 -13.45 64.41
N PRO F 414 -51.19 -12.54 63.47
CA PRO F 414 -49.99 -11.97 62.85
C PRO F 414 -49.47 -10.72 63.54
N PHE F 415 -48.23 -10.77 63.99
CA PHE F 415 -47.53 -9.61 64.53
C PHE F 415 -46.77 -8.91 63.42
N LYS F 416 -46.14 -7.78 63.75
CA LYS F 416 -45.39 -7.04 62.75
C LYS F 416 -44.08 -7.71 62.40
N ASN F 417 -43.52 -8.50 63.32
CA ASN F 417 -42.25 -9.17 63.10
C ASN F 417 -42.40 -10.64 62.76
N GLY F 418 -43.62 -11.17 62.75
CA GLY F 418 -43.82 -12.58 62.46
C GLY F 418 -45.24 -12.99 62.76
N VAL F 419 -45.43 -14.30 62.94
CA VAL F 419 -46.73 -14.87 63.30
C VAL F 419 -46.51 -15.93 64.36
N LEU F 420 -47.29 -15.90 65.44
CA LEU F 420 -47.25 -16.96 66.43
C LEU F 420 -48.42 -17.90 66.19
N ASP F 421 -48.24 -19.15 66.62
CA ASP F 421 -49.26 -20.17 66.47
C ASP F 421 -50.07 -20.26 67.77
N LEU F 422 -51.39 -20.13 67.66
CA LEU F 422 -52.23 -20.28 68.84
C LEU F 422 -52.35 -21.75 69.24
N VAL F 423 -52.33 -22.65 68.25
CA VAL F 423 -52.51 -24.07 68.53
C VAL F 423 -51.38 -24.59 69.41
N ASP F 424 -50.15 -24.20 69.11
CA ASP F 424 -49.01 -24.59 69.93
C ASP F 424 -48.68 -23.53 70.97
N GLY F 425 -48.31 -22.34 70.52
CA GLY F 425 -47.84 -21.30 71.42
C GLY F 425 -46.42 -20.86 71.10
N MET F 426 -46.02 -21.01 69.85
CA MET F 426 -44.68 -20.66 69.41
C MET F 426 -44.75 -19.56 68.36
N PHE F 427 -43.69 -18.74 68.31
CA PHE F 427 -43.62 -17.59 67.42
C PHE F 427 -42.69 -17.88 66.25
N TYR F 428 -43.09 -17.43 65.07
CA TYR F 428 -42.31 -17.60 63.84
C TYR F 428 -41.77 -16.25 63.38
N SER F 429 -40.95 -16.28 62.34
CA SER F 429 -40.39 -15.06 61.75
C SER F 429 -39.85 -15.40 60.38
N GLY F 430 -39.58 -14.35 59.60
CA GLY F 430 -38.95 -14.54 58.30
C GLY F 430 -39.77 -15.43 57.40
N ASP F 431 -39.10 -16.41 56.80
CA ASP F 431 -39.80 -17.39 55.98
C ASP F 431 -40.73 -18.27 56.81
N ASP F 432 -40.43 -18.48 58.09
CA ASP F 432 -41.23 -19.38 58.90
C ASP F 432 -42.70 -18.96 58.94
N ALA F 433 -42.96 -17.66 58.88
CA ALA F 433 -44.32 -17.15 58.83
C ALA F 433 -44.75 -16.76 57.43
N LYS F 434 -43.91 -17.01 56.42
CA LYS F 434 -44.21 -16.57 55.07
C LYS F 434 -45.32 -17.39 54.43
N LYS F 435 -45.37 -18.69 54.73
CA LYS F 435 -46.36 -19.56 54.10
C LYS F 435 -47.78 -19.16 54.48
N TYR F 436 -47.97 -18.68 55.70
CA TYR F 436 -49.29 -18.24 56.14
C TYR F 436 -49.56 -16.90 55.48
N THR F 437 -50.44 -16.86 54.49
CA THR F 437 -50.71 -15.59 53.83
C THR F 437 -51.57 -14.75 54.77
N CYS F 438 -50.91 -14.13 55.74
CA CYS F 438 -51.55 -13.25 56.71
C CYS F 438 -51.45 -11.82 56.18
N THR F 439 -52.56 -11.28 55.70
CA THR F 439 -52.54 -9.97 55.07
C THR F 439 -53.09 -8.85 55.94
N VAL F 440 -53.30 -9.07 57.23
CA VAL F 440 -53.69 -8.02 58.17
C VAL F 440 -52.99 -8.30 59.49
N SER F 441 -51.96 -7.52 59.80
CA SER F 441 -51.17 -7.73 61.00
C SER F 441 -51.90 -7.19 62.22
N THR F 442 -51.18 -7.08 63.35
CA THR F 442 -51.76 -6.54 64.57
C THR F 442 -51.30 -5.13 64.88
N GLY F 443 -50.20 -4.67 64.28
CA GLY F 443 -49.74 -3.30 64.41
C GLY F 443 -48.54 -3.10 65.32
N PHE F 444 -48.14 -4.09 66.10
CA PHE F 444 -46.99 -3.91 66.97
C PHE F 444 -46.19 -5.20 67.01
N LYS F 445 -44.92 -5.06 67.39
CA LYS F 445 -44.00 -6.19 67.38
C LYS F 445 -44.15 -7.04 68.63
N PHE F 446 -44.06 -8.35 68.47
CA PHE F 446 -44.01 -9.24 69.60
C PHE F 446 -42.59 -9.35 70.13
N ASP F 447 -42.46 -9.63 71.41
CA ASP F 447 -41.16 -9.77 72.06
C ASP F 447 -41.24 -10.90 73.08
N ASP F 448 -40.33 -11.86 72.96
CA ASP F 448 -40.42 -13.11 73.72
C ASP F 448 -40.23 -12.90 75.21
N THR F 449 -39.44 -11.90 75.62
CA THR F 449 -39.14 -11.75 77.04
C THR F 449 -40.38 -11.37 77.85
N LYS F 450 -41.27 -10.58 77.27
CA LYS F 450 -42.47 -10.12 77.98
C LYS F 450 -43.61 -11.13 77.91
N PHE F 451 -43.42 -12.24 77.21
CA PHE F 451 -44.43 -13.29 77.15
C PHE F 451 -44.10 -14.40 78.15
N VAL F 452 -44.18 -14.05 79.43
CA VAL F 452 -43.92 -14.98 80.52
C VAL F 452 -45.14 -15.07 81.41
N GLU F 453 -45.03 -15.84 82.50
CA GLU F 453 -46.14 -16.04 83.42
C GLU F 453 -45.94 -15.37 84.77
N ASP F 454 -44.78 -14.74 84.99
CA ASP F 454 -44.48 -14.11 86.27
C ASP F 454 -43.89 -12.72 86.02
N SER F 455 -44.68 -11.68 86.28
CA SER F 455 -44.20 -10.31 86.22
C SER F 455 -45.20 -9.43 86.96
N PRO F 456 -44.83 -8.20 87.32
CA PRO F 456 -45.80 -7.30 87.98
C PRO F 456 -47.04 -7.08 87.12
N GLU F 457 -46.88 -7.03 85.79
CA GLU F 457 -48.02 -6.90 84.90
C GLU F 457 -48.97 -8.08 85.08
N MET F 458 -48.42 -9.29 85.18
CA MET F 458 -49.26 -10.48 85.32
C MET F 458 -50.10 -10.42 86.59
N GLU F 459 -49.45 -10.16 87.73
CA GLU F 459 -50.17 -10.11 89.00
C GLU F 459 -51.18 -8.98 89.01
N GLU F 460 -50.78 -7.80 88.54
CA GLU F 460 -51.69 -6.67 88.54
C GLU F 460 -52.90 -6.93 87.67
N LEU F 461 -52.70 -7.50 86.48
CA LEU F 461 -53.82 -7.74 85.59
C LEU F 461 -54.71 -8.88 86.07
N MET F 462 -54.14 -9.91 86.71
CA MET F 462 -54.98 -10.95 87.26
C MET F 462 -55.83 -10.41 88.41
N ASN F 463 -55.26 -9.54 89.24
CA ASN F 463 -56.06 -8.88 90.26
C ASN F 463 -57.16 -8.02 89.65
N ILE F 464 -56.82 -7.30 88.57
CA ILE F 464 -57.80 -6.43 87.91
C ILE F 464 -58.96 -7.25 87.36
N ILE F 465 -58.67 -8.37 86.70
CA ILE F 465 -59.73 -9.17 86.11
C ILE F 465 -60.55 -9.87 87.19
N ASN F 466 -59.91 -10.27 88.29
CA ASN F 466 -60.66 -10.80 89.41
C ASN F 466 -61.60 -9.76 89.98
N ASP F 467 -61.15 -8.50 90.05
CA ASP F 467 -62.01 -7.42 90.51
C ASP F 467 -63.19 -7.20 89.57
N ILE F 468 -62.91 -7.04 88.27
CA ILE F 468 -63.97 -6.69 87.32
C ILE F 468 -64.99 -7.82 87.22
N GLN F 469 -64.51 -9.06 87.14
CA GLN F 469 -65.40 -10.21 87.02
C GLN F 469 -65.18 -11.12 88.22
N PRO F 470 -66.20 -11.36 89.05
CA PRO F 470 -66.01 -12.21 90.23
C PRO F 470 -65.73 -13.65 89.85
N LEU F 471 -64.94 -14.31 90.69
CA LEU F 471 -64.63 -15.72 90.53
C LEU F 471 -65.51 -16.60 91.42
N THR F 472 -66.57 -16.04 91.98
CA THR F 472 -67.44 -16.77 92.90
C THR F 472 -68.24 -17.83 92.16
N ASP F 473 -68.87 -18.72 92.94
CA ASP F 473 -69.66 -19.80 92.37
C ASP F 473 -70.90 -19.26 91.66
N GLU F 474 -71.48 -18.18 92.19
CA GLU F 474 -72.69 -17.62 91.58
C GLU F 474 -72.41 -17.12 90.17
N ASN F 475 -71.27 -16.47 89.95
CA ASN F 475 -70.88 -15.98 88.64
C ASN F 475 -70.02 -16.99 87.88
N LYS F 476 -69.83 -18.19 88.42
CA LYS F 476 -68.91 -19.14 87.82
C LYS F 476 -69.32 -19.48 86.39
N LYS F 477 -70.61 -19.76 86.18
CA LYS F 477 -71.09 -19.96 84.81
C LYS F 477 -70.90 -18.70 83.98
N ASN F 478 -71.24 -17.54 84.55
CA ASN F 478 -71.04 -16.28 83.83
C ASN F 478 -69.56 -16.01 83.62
N ARG F 479 -68.73 -16.36 84.60
CA ARG F 479 -67.29 -16.18 84.44
C ARG F 479 -66.75 -17.04 83.30
N GLU F 480 -67.20 -18.30 83.21
CA GLU F 480 -66.74 -19.17 82.14
C GLU F 480 -67.27 -18.71 80.78
N LEU F 481 -68.50 -18.24 80.73
CA LEU F 481 -69.02 -17.66 79.49
C LEU F 481 -68.21 -16.45 79.05
N TYR F 482 -67.87 -15.59 80.01
CA TYR F 482 -67.02 -14.44 79.73
C TYR F 482 -65.66 -14.88 79.22
N GLU F 483 -65.08 -15.90 79.85
CA GLU F 483 -63.80 -16.45 79.43
C GLU F 483 -63.84 -16.94 77.99
N LYS F 484 -64.81 -17.79 77.67
CA LYS F 484 -64.90 -18.34 76.34
C LYS F 484 -65.19 -17.27 75.30
N THR F 485 -65.98 -16.27 75.67
CA THR F 485 -66.29 -15.17 74.76
C THR F 485 -65.04 -14.34 74.44
N LEU F 486 -64.21 -14.09 75.45
CA LEU F 486 -63.03 -13.26 75.19
C LEU F 486 -62.05 -13.93 74.24
N SER F 487 -61.87 -15.25 74.37
CA SER F 487 -60.98 -15.94 73.44
C SER F 487 -61.49 -15.83 72.01
N SER F 488 -62.81 -15.72 71.84
CA SER F 488 -63.38 -15.61 70.50
C SER F 488 -62.89 -14.38 69.76
N CYS F 489 -62.48 -13.33 70.48
CA CYS F 489 -61.92 -12.16 69.81
C CYS F 489 -60.59 -12.48 69.14
N LEU F 490 -59.99 -13.62 69.46
CA LEU F 490 -58.69 -14.00 68.93
C LEU F 490 -58.77 -14.90 67.71
N CYS F 491 -59.57 -15.96 67.76
CA CYS F 491 -59.65 -16.89 66.64
C CYS F 491 -60.25 -16.20 65.43
N GLY F 492 -59.50 -16.15 64.34
CA GLY F 492 -59.90 -15.38 63.19
C GLY F 492 -60.80 -16.11 62.21
N ALA F 493 -61.88 -16.70 62.69
CA ALA F 493 -62.86 -17.36 61.85
C ALA F 493 -64.20 -16.65 62.00
N THR F 494 -65.21 -17.18 61.33
CA THR F 494 -66.56 -16.65 61.47
C THR F 494 -67.14 -17.11 62.80
N LYS F 495 -67.80 -16.19 63.50
CA LYS F 495 -68.32 -16.46 64.84
C LYS F 495 -69.78 -16.86 64.76
N GLY F 496 -70.14 -17.86 65.56
CA GLY F 496 -71.47 -18.43 65.57
C GLY F 496 -72.46 -17.84 66.55
N CYS F 497 -72.13 -16.74 67.22
CA CYS F 497 -73.03 -16.14 68.18
C CYS F 497 -72.73 -14.66 68.33
N LEU F 498 -73.55 -14.00 69.13
CA LEU F 498 -73.40 -12.59 69.45
C LEU F 498 -73.48 -12.41 70.96
N THR F 499 -72.63 -11.55 71.50
CA THR F 499 -72.55 -11.33 72.94
C THR F 499 -72.99 -9.92 73.29
N PHE F 500 -73.68 -9.77 74.42
CA PHE F 500 -74.14 -8.49 74.91
C PHE F 500 -73.54 -8.23 76.28
N PHE F 501 -72.77 -7.14 76.40
CA PHE F 501 -72.23 -6.73 77.70
C PHE F 501 -73.27 -5.87 78.42
N PHE F 502 -74.24 -6.56 79.01
CA PHE F 502 -75.23 -5.88 79.83
C PHE F 502 -74.58 -5.38 81.11
N GLY F 503 -75.00 -4.20 81.56
CA GLY F 503 -74.45 -3.61 82.76
C GLY F 503 -74.53 -2.10 82.73
N GLU F 504 -74.93 -1.51 83.84
CA GLU F 504 -75.18 -0.08 83.93
C GLU F 504 -73.86 0.69 83.80
N THR F 505 -73.94 2.01 83.96
CA THR F 505 -72.74 2.83 83.90
C THR F 505 -71.79 2.49 85.05
N ALA F 506 -70.49 2.60 84.76
CA ALA F 506 -69.43 2.35 85.73
C ALA F 506 -69.43 0.89 86.21
N THR F 507 -69.48 -0.02 85.24
CA THR F 507 -69.33 -1.45 85.50
C THR F 507 -67.93 -1.94 85.15
N GLY F 508 -67.07 -1.09 84.62
CA GLY F 508 -65.74 -1.50 84.20
C GLY F 508 -65.68 -2.12 82.82
N LYS F 509 -66.76 -2.05 82.05
CA LYS F 509 -66.74 -2.60 80.70
C LYS F 509 -65.71 -1.87 79.83
N SER F 510 -65.66 -0.55 79.94
CA SER F 510 -64.70 0.22 79.15
C SER F 510 -63.27 -0.13 79.50
N THR F 511 -63.01 -0.53 80.75
CA THR F 511 -61.67 -0.90 81.15
C THR F 511 -61.16 -2.08 80.34
N THR F 512 -61.93 -3.18 80.32
CA THR F 512 -61.54 -4.33 79.52
C THR F 512 -61.60 -4.03 78.04
N LYS F 513 -62.52 -3.16 77.62
CA LYS F 513 -62.59 -2.78 76.21
C LYS F 513 -61.30 -2.15 75.74
N ARG F 514 -60.81 -1.15 76.47
CA ARG F 514 -59.57 -0.51 76.09
C ARG F 514 -58.36 -1.40 76.35
N LEU F 515 -58.44 -2.30 77.34
CA LEU F 515 -57.38 -3.30 77.50
C LEU F 515 -57.25 -4.17 76.26
N LEU F 516 -58.38 -4.67 75.75
CA LEU F 516 -58.36 -5.47 74.53
C LEU F 516 -57.85 -4.66 73.36
N LYS F 517 -58.30 -3.41 73.24
CA LYS F 517 -57.81 -2.55 72.17
C LYS F 517 -56.30 -2.41 72.23
N SER F 518 -55.76 -2.28 73.44
CA SER F 518 -54.31 -2.26 73.59
C SER F 518 -53.70 -3.60 73.19
N ALA F 519 -54.38 -4.70 73.52
CA ALA F 519 -53.77 -6.01 73.41
C ALA F 519 -53.67 -6.48 71.96
N ILE F 520 -54.67 -6.20 71.13
CA ILE F 520 -54.65 -6.72 69.77
C ILE F 520 -54.37 -5.65 68.72
N GLY F 521 -54.55 -4.37 69.04
CA GLY F 521 -54.28 -3.35 68.06
C GLY F 521 -55.36 -3.21 67.00
N ASP F 522 -54.94 -2.94 65.77
CA ASP F 522 -55.86 -2.56 64.70
C ASP F 522 -56.80 -3.68 64.28
N LEU F 523 -56.69 -4.87 64.84
CA LEU F 523 -57.66 -5.92 64.59
C LEU F 523 -59.00 -5.63 65.23
N PHE F 524 -59.06 -4.69 66.17
CA PHE F 524 -60.29 -4.29 66.84
C PHE F 524 -60.80 -2.99 66.23
N VAL F 525 -62.13 -2.91 66.05
CA VAL F 525 -62.76 -1.72 65.52
C VAL F 525 -63.96 -1.36 66.38
N GLU F 526 -64.42 -0.13 66.20
CA GLU F 526 -65.67 0.33 66.81
C GLU F 526 -66.56 0.90 65.71
N THR F 527 -67.85 0.56 65.77
CA THR F 527 -68.81 0.98 64.76
C THR F 527 -70.05 1.52 65.46
N GLY F 528 -70.72 2.47 64.81
CA GLY F 528 -71.89 3.10 65.38
C GLY F 528 -73.08 2.16 65.44
N GLN F 529 -74.13 2.65 66.10
CA GLN F 529 -75.36 1.88 66.25
C GLN F 529 -76.17 1.82 64.96
N THR F 530 -75.80 2.58 63.94
CA THR F 530 -76.50 2.52 62.66
C THR F 530 -76.42 1.13 62.04
N ILE F 531 -75.36 0.38 62.35
CA ILE F 531 -75.25 -0.98 61.84
C ILE F 531 -76.41 -1.83 62.37
N LEU F 532 -76.82 -1.59 63.61
CA LEU F 532 -77.96 -2.28 64.19
C LEU F 532 -79.29 -1.58 63.92
N THR F 533 -79.27 -0.37 63.33
CA THR F 533 -80.48 0.43 63.28
C THR F 533 -80.72 1.13 61.95
N ASP F 534 -80.39 0.52 60.81
CA ASP F 534 -80.76 1.07 59.52
C ASP F 534 -80.85 -0.06 58.49
N VAL F 535 -80.95 0.33 57.22
CA VAL F 535 -80.85 -0.64 56.13
C VAL F 535 -79.39 -0.98 55.89
N LEU F 536 -79.10 -2.27 55.79
CA LEU F 536 -77.72 -2.71 55.64
C LEU F 536 -77.18 -2.39 54.24
N ASP F 537 -77.97 -2.63 53.20
CA ASP F 537 -77.49 -2.46 51.84
C ASP F 537 -77.27 -0.99 51.50
N LYS F 538 -78.34 -0.20 51.50
CA LYS F 538 -78.28 1.24 51.22
C LYS F 538 -77.39 1.54 50.03
N GLY F 539 -76.52 2.53 50.18
CA GLY F 539 -75.50 2.82 49.21
C GLY F 539 -74.11 2.61 49.79
N PRO F 540 -73.33 3.69 49.89
CA PRO F 540 -72.02 3.60 50.56
C PRO F 540 -72.19 3.25 52.02
N ASN F 541 -71.55 2.17 52.45
CA ASN F 541 -71.61 1.70 53.84
C ASN F 541 -70.20 1.42 54.36
N PRO F 542 -69.41 2.47 54.59
CA PRO F 542 -68.07 2.25 55.14
C PRO F 542 -68.08 1.72 56.56
N PHE F 543 -69.20 1.82 57.26
CA PHE F 543 -69.27 1.31 58.63
C PHE F 543 -69.39 -0.21 58.69
N ILE F 544 -69.80 -0.85 57.59
CA ILE F 544 -69.80 -2.30 57.52
C ILE F 544 -68.74 -2.79 56.52
N ALA F 545 -67.92 -1.87 56.00
CA ALA F 545 -66.81 -2.23 55.13
C ALA F 545 -65.46 -2.09 55.81
N ASN F 546 -65.35 -1.21 56.81
CA ASN F 546 -64.12 -1.09 57.59
C ASN F 546 -63.87 -2.31 58.48
N MET F 547 -64.89 -3.15 58.66
CA MET F 547 -64.76 -4.30 59.55
C MET F 547 -64.09 -5.49 58.89
N HIS F 548 -63.69 -5.38 57.63
CA HIS F 548 -63.11 -6.50 56.90
C HIS F 548 -61.86 -7.02 57.60
N LEU F 549 -61.87 -8.32 57.91
CA LEU F 549 -60.75 -8.99 58.55
C LEU F 549 -60.43 -8.41 59.93
N LYS F 550 -61.44 -7.88 60.61
CA LYS F 550 -61.28 -7.40 61.97
C LYS F 550 -61.80 -8.47 62.92
N ARG F 551 -61.00 -8.79 63.94
CA ARG F 551 -61.26 -9.97 64.76
C ARG F 551 -62.14 -9.67 65.97
N SER F 552 -62.61 -8.44 66.14
CA SER F 552 -63.59 -8.12 67.17
C SER F 552 -64.19 -6.75 66.91
N VAL F 553 -65.51 -6.65 66.94
CA VAL F 553 -66.21 -5.39 66.71
C VAL F 553 -66.99 -5.02 67.96
N PHE F 554 -66.99 -3.74 68.29
CA PHE F 554 -67.69 -3.22 69.45
C PHE F 554 -68.51 -2.00 69.04
N CYS F 555 -69.73 -1.91 69.56
CA CYS F 555 -70.58 -0.75 69.36
C CYS F 555 -70.88 -0.14 70.73
N SER F 556 -70.72 1.17 70.84
CA SER F 556 -70.78 1.86 72.12
C SER F 556 -71.94 2.84 72.15
N GLU F 557 -72.40 3.15 73.36
CA GLU F 557 -73.39 4.20 73.61
C GLU F 557 -74.69 3.92 72.85
N LEU F 558 -75.34 2.84 73.25
CA LEU F 558 -76.61 2.47 72.65
C LEU F 558 -77.66 3.54 72.95
N PRO F 559 -78.37 4.05 71.95
CA PRO F 559 -79.48 4.98 72.21
C PRO F 559 -80.67 4.24 72.79
N ASP F 560 -80.67 4.05 74.11
CA ASP F 560 -81.63 3.18 74.79
C ASP F 560 -83.04 3.37 74.26
N PHE F 561 -83.63 2.28 73.76
CA PHE F 561 -84.98 2.30 73.23
C PHE F 561 -86.04 2.38 74.32
N ALA F 562 -85.63 2.60 75.58
CA ALA F 562 -86.59 2.81 76.65
C ALA F 562 -87.35 4.11 76.48
N CYS F 563 -86.88 5.00 75.60
CA CYS F 563 -87.57 6.23 75.25
C CYS F 563 -88.03 6.16 73.80
N SER F 564 -89.18 6.78 73.53
CA SER F 564 -89.73 6.78 72.18
C SER F 564 -88.93 7.72 71.29
N GLY F 565 -88.57 7.24 70.10
CA GLY F 565 -87.83 8.05 69.15
C GLY F 565 -86.58 7.39 68.61
N SER F 566 -86.21 6.25 69.18
CA SER F 566 -85.03 5.50 68.75
C SER F 566 -85.48 4.26 68.00
N LYS F 567 -84.96 4.09 66.78
CA LYS F 567 -85.34 2.95 65.96
C LYS F 567 -84.90 1.64 66.61
N LYS F 568 -85.82 0.68 66.67
CA LYS F 568 -85.51 -0.61 67.27
C LYS F 568 -84.42 -1.32 66.47
N ILE F 569 -83.62 -2.11 67.17
CA ILE F 569 -82.58 -2.91 66.51
C ILE F 569 -83.27 -3.91 65.59
N ARG F 570 -82.96 -3.83 64.30
CA ARG F 570 -83.64 -4.67 63.32
C ARG F 570 -83.42 -6.14 63.62
N SER F 571 -84.51 -6.91 63.54
CA SER F 571 -84.39 -8.36 63.76
C SER F 571 -83.51 -9.00 62.70
N ASP F 572 -83.66 -8.56 61.45
CA ASP F 572 -82.85 -9.13 60.38
C ASP F 572 -81.37 -8.77 60.52
N ASN F 573 -81.09 -7.55 61.00
CA ASN F 573 -79.71 -7.07 61.04
C ASN F 573 -78.84 -7.95 61.92
N ILE F 574 -79.34 -8.33 63.10
CA ILE F 574 -78.56 -9.21 63.97
C ILE F 574 -78.34 -10.56 63.31
N LYS F 575 -79.38 -11.11 62.71
CA LYS F 575 -79.24 -12.38 61.99
C LYS F 575 -78.34 -12.23 60.78
N LYS F 576 -78.41 -11.10 60.09
CA LYS F 576 -77.59 -10.91 58.89
C LYS F 576 -76.11 -10.82 59.23
N LEU F 577 -75.78 -10.25 60.39
CA LEU F 577 -74.39 -10.05 60.78
C LEU F 577 -73.75 -11.29 61.37
N THR F 578 -74.32 -12.47 61.17
CA THR F 578 -73.74 -13.72 61.67
C THR F 578 -73.06 -14.54 60.58
N GLU F 579 -73.57 -14.50 59.36
CA GLU F 579 -73.01 -15.28 58.27
C GLU F 579 -71.66 -14.72 57.84
N PRO F 580 -70.78 -15.55 57.25
CA PRO F 580 -69.47 -15.04 56.83
C PRO F 580 -69.55 -13.96 55.77
N CYS F 581 -70.52 -14.02 54.87
CA CYS F 581 -70.62 -13.07 53.77
C CYS F 581 -71.56 -11.93 54.17
N VAL F 582 -71.14 -10.71 53.87
CA VAL F 582 -71.94 -9.52 54.11
C VAL F 582 -72.14 -8.81 52.78
N ILE F 583 -73.40 -8.54 52.44
CA ILE F 583 -73.72 -7.87 51.18
C ILE F 583 -73.64 -6.37 51.46
N GLY F 584 -72.41 -5.85 51.39
CA GLY F 584 -72.18 -4.44 51.62
C GLY F 584 -71.04 -3.95 50.75
N ARG F 585 -71.06 -2.66 50.46
CA ARG F 585 -70.06 -2.08 49.57
C ARG F 585 -69.46 -0.82 50.19
N PRO F 586 -68.18 -0.57 49.94
CA PRO F 586 -67.55 0.64 50.47
C PRO F 586 -67.81 1.84 49.57
N CYS F 587 -67.21 2.99 49.90
CA CYS F 587 -67.39 4.18 49.10
C CYS F 587 -66.66 4.02 47.77
N PHE F 588 -67.38 4.26 46.66
CA PHE F 588 -66.83 4.23 45.31
C PHE F 588 -66.14 2.90 45.00
N SER F 589 -66.91 1.82 45.13
CA SER F 589 -66.40 0.49 44.84
C SER F 589 -67.52 -0.34 44.22
N ASN F 590 -67.12 -1.38 43.46
CA ASN F 590 -68.08 -2.27 42.84
C ASN F 590 -68.25 -3.59 43.59
N LYS F 591 -67.30 -3.94 44.46
CA LYS F 591 -67.38 -5.19 45.22
C LYS F 591 -68.57 -5.18 46.17
N ILE F 592 -69.10 -6.37 46.44
CA ILE F 592 -70.25 -6.52 47.32
C ILE F 592 -70.06 -7.60 48.37
N ASN F 593 -68.87 -8.19 48.48
CA ASN F 593 -68.63 -9.27 49.42
C ASN F 593 -67.45 -8.96 50.32
N ASN F 594 -67.57 -9.30 51.61
CA ASN F 594 -66.52 -9.12 52.58
C ASN F 594 -66.44 -10.33 53.49
N ARG F 595 -65.32 -10.46 54.20
CA ARG F 595 -65.08 -11.58 55.09
C ARG F 595 -65.30 -11.13 56.53
N ASN F 596 -66.16 -11.86 57.23
CA ASN F 596 -66.52 -11.55 58.61
C ASN F 596 -65.77 -12.50 59.54
N HIS F 597 -64.79 -11.98 60.27
CA HIS F 597 -64.08 -12.74 61.28
C HIS F 597 -64.23 -12.11 62.65
N ALA F 598 -65.28 -11.33 62.87
CA ALA F 598 -65.42 -10.53 64.07
C ALA F 598 -66.37 -11.19 65.06
N THR F 599 -66.02 -11.09 66.35
CA THR F 599 -66.96 -11.41 67.42
C THR F 599 -67.74 -10.14 67.74
N ILE F 600 -69.04 -10.16 67.48
CA ILE F 600 -69.87 -8.97 67.68
C ILE F 600 -70.29 -8.94 69.15
N ILE F 601 -69.72 -8.00 69.90
CA ILE F 601 -70.06 -7.77 71.29
C ILE F 601 -70.52 -6.34 71.44
N ILE F 602 -71.71 -6.15 72.03
CA ILE F 602 -72.29 -4.82 72.23
C ILE F 602 -72.39 -4.57 73.73
N ASP F 603 -71.92 -3.41 74.16
CA ASP F 603 -71.97 -3.00 75.56
C ASP F 603 -73.09 -2.02 75.76
N THR F 604 -73.91 -2.24 76.80
CA THR F 604 -75.08 -1.42 77.03
C THR F 604 -75.45 -1.46 78.50
N ASN F 605 -76.33 -0.52 78.89
CA ASN F 605 -76.76 -0.36 80.27
C ASN F 605 -78.23 -0.71 80.47
N TYR F 606 -78.85 -1.38 79.51
CA TYR F 606 -80.27 -1.72 79.62
C TYR F 606 -80.51 -3.03 78.91
N LYS F 607 -81.59 -3.69 79.30
CA LYS F 607 -81.97 -4.93 78.64
C LYS F 607 -82.55 -4.61 77.26
N PRO F 608 -82.08 -5.27 76.20
CA PRO F 608 -82.44 -4.83 74.85
C PRO F 608 -83.87 -5.20 74.50
N VAL F 609 -84.45 -4.38 73.62
CA VAL F 609 -85.78 -4.61 73.08
C VAL F 609 -85.68 -4.53 71.56
N PHE F 610 -86.37 -5.43 70.87
CA PHE F 610 -86.28 -5.55 69.43
C PHE F 610 -87.68 -5.47 68.83
N ASP F 611 -87.75 -5.07 67.56
CA ASP F 611 -89.04 -4.92 66.90
C ASP F 611 -89.79 -6.25 66.83
N ARG F 612 -89.08 -7.32 66.48
CA ARG F 612 -89.66 -8.65 66.39
C ARG F 612 -88.74 -9.65 67.06
N ILE F 613 -89.34 -10.69 67.64
CA ILE F 613 -88.62 -11.75 68.32
C ILE F 613 -89.28 -13.08 67.96
N ASP F 614 -88.47 -14.09 67.61
CA ASP F 614 -88.98 -15.43 67.37
C ASP F 614 -87.92 -16.43 67.85
N ASN F 615 -88.12 -17.70 67.49
CA ASN F 615 -87.18 -18.73 67.91
C ASN F 615 -85.84 -18.60 67.21
N ALA F 616 -85.83 -18.13 65.95
CA ALA F 616 -84.57 -18.02 65.22
C ALA F 616 -83.62 -17.04 65.87
N LEU F 617 -84.14 -15.89 66.33
CA LEU F 617 -83.28 -14.85 66.90
C LEU F 617 -82.57 -15.34 68.16
N MET F 618 -83.28 -16.09 69.01
CA MET F 618 -82.71 -16.51 70.28
C MET F 618 -81.48 -17.40 70.10
N ARG F 619 -81.34 -18.04 68.94
CA ARG F 619 -80.19 -18.90 68.70
C ARG F 619 -78.90 -18.11 68.52
N ARG F 620 -78.96 -16.78 68.40
CA ARG F 620 -77.80 -15.95 68.15
C ARG F 620 -77.69 -14.80 69.16
N ILE F 621 -78.19 -15.01 70.38
CA ILE F 621 -78.14 -13.99 71.42
C ILE F 621 -77.45 -14.56 72.65
N ALA F 622 -76.45 -13.83 73.15
CA ALA F 622 -75.79 -14.17 74.40
C ALA F 622 -75.46 -12.88 75.13
N VAL F 623 -75.39 -12.96 76.45
CA VAL F 623 -75.20 -11.78 77.28
C VAL F 623 -74.12 -12.04 78.31
N VAL F 624 -73.48 -10.97 78.77
CA VAL F 624 -72.51 -11.01 79.85
C VAL F 624 -72.80 -9.84 80.78
N ARG F 625 -72.95 -10.12 82.08
CA ARG F 625 -73.30 -9.09 83.05
C ARG F 625 -72.08 -8.67 83.86
N PHE F 626 -72.16 -7.49 84.45
CA PHE F 626 -71.08 -6.92 85.25
C PHE F 626 -71.67 -6.16 86.42
N ARG F 627 -71.19 -6.44 87.63
CA ARG F 627 -71.71 -5.86 88.86
C ARG F 627 -70.56 -5.43 89.76
N THR F 628 -69.55 -4.78 89.19
CA THR F 628 -68.41 -4.29 89.95
C THR F 628 -68.24 -2.80 89.69
N HIS F 629 -67.95 -2.07 90.77
CA HIS F 629 -67.92 -0.61 90.75
C HIS F 629 -66.49 -0.10 90.83
N PHE F 630 -66.20 0.95 90.07
CA PHE F 630 -64.95 1.69 90.17
C PHE F 630 -65.27 3.17 90.14
N SER F 631 -64.93 3.89 91.21
CA SER F 631 -65.22 5.31 91.29
C SER F 631 -64.30 5.94 92.33
N GLN F 632 -64.30 7.26 92.36
CA GLN F 632 -63.47 8.02 93.29
C GLN F 632 -64.04 7.94 94.70
N PRO F 633 -63.19 8.16 95.72
CA PRO F 633 -63.68 8.04 97.11
C PRO F 633 -64.72 9.08 97.49
N SER F 634 -64.85 10.16 96.73
CA SER F 634 -65.80 11.21 97.10
C SER F 634 -67.23 10.67 97.12
N GLY F 635 -67.60 9.86 96.14
CA GLY F 635 -68.91 9.27 96.09
C GLY F 635 -68.93 7.82 96.55
N ARG F 636 -68.07 7.48 97.51
CA ARG F 636 -68.00 6.11 98.02
C ARG F 636 -69.32 5.70 98.65
N GLU F 637 -69.92 6.57 99.46
CA GLU F 637 -71.19 6.25 100.11
C GLU F 637 -72.31 6.10 99.07
N ALA F 638 -72.30 6.97 98.05
CA ALA F 638 -73.33 6.89 97.01
C ALA F 638 -73.19 5.61 96.20
N ALA F 639 -71.96 5.22 95.89
CA ALA F 639 -71.73 3.97 95.15
C ALA F 639 -72.10 2.75 95.98
N GLU F 640 -71.81 2.78 97.29
CA GLU F 640 -72.06 1.62 98.13
C GLU F 640 -73.54 1.29 98.22
N ASN F 641 -74.39 2.30 98.36
CA ASN F 641 -75.82 2.08 98.54
C ASN F 641 -76.51 1.94 97.18
N ASN F 642 -76.24 0.81 96.54
CA ASN F 642 -76.91 0.44 95.30
C ASN F 642 -76.73 -1.06 95.08
N ASP F 643 -77.78 -1.71 94.60
CA ASP F 643 -77.77 -3.14 94.34
C ASP F 643 -77.17 -3.51 92.99
N ALA F 644 -76.82 -2.51 92.17
CA ALA F 644 -76.27 -2.79 90.86
C ALA F 644 -74.81 -3.22 90.92
N TYR F 645 -74.21 -3.26 92.11
CA TYR F 645 -72.81 -3.60 92.28
C TYR F 645 -72.63 -4.42 93.55
N ASP F 646 -72.40 -5.72 93.40
CA ASP F 646 -72.10 -6.56 94.54
C ASP F 646 -70.72 -6.30 95.12
N LYS F 647 -69.81 -5.74 94.31
CA LYS F 647 -68.47 -5.38 94.76
C LYS F 647 -68.19 -3.94 94.32
N VAL F 648 -67.57 -3.18 95.22
CA VAL F 648 -67.21 -1.79 94.97
C VAL F 648 -65.70 -1.65 95.14
N LYS F 649 -65.04 -1.10 94.14
CA LYS F 649 -63.60 -0.93 94.14
C LYS F 649 -63.24 0.53 93.91
N LEU F 650 -62.11 0.93 94.45
CA LEU F 650 -61.63 2.30 94.31
C LEU F 650 -60.98 2.48 92.94
N LEU F 651 -61.40 3.51 92.23
CA LEU F 651 -60.89 3.75 90.88
C LEU F 651 -59.43 4.18 90.91
N ASP F 652 -58.68 3.76 89.90
CA ASP F 652 -57.29 4.15 89.72
C ASP F 652 -57.18 4.98 88.45
N GLU F 653 -56.85 6.27 88.60
CA GLU F 653 -56.57 7.08 87.43
C GLU F 653 -55.24 6.71 86.80
N GLY F 654 -54.34 6.09 87.58
CA GLY F 654 -53.12 5.54 87.00
C GLY F 654 -53.34 4.25 86.24
N LEU F 655 -54.43 3.54 86.51
CA LEU F 655 -54.77 2.36 85.73
C LEU F 655 -55.02 2.73 84.27
N ASP F 656 -55.81 3.79 84.03
CA ASP F 656 -56.04 4.23 82.67
C ASP F 656 -54.75 4.67 82.00
N GLY F 657 -53.89 5.38 82.75
CA GLY F 657 -52.62 5.81 82.17
C GLY F 657 -51.74 4.65 81.76
N LYS F 658 -51.65 3.63 82.62
CA LYS F 658 -50.77 2.51 82.33
C LYS F 658 -51.31 1.65 81.19
N ILE F 659 -52.63 1.56 81.05
CA ILE F 659 -53.20 0.75 79.96
C ILE F 659 -53.30 1.55 78.66
N GLN F 660 -53.22 2.87 78.72
CA GLN F 660 -53.00 3.66 77.52
C GLN F 660 -51.55 3.64 77.09
N ASN F 661 -50.66 3.12 77.93
CA ASN F 661 -49.26 2.92 77.60
C ASN F 661 -48.98 1.50 77.13
N ASN F 662 -50.01 0.66 77.01
CA ASN F 662 -49.86 -0.75 76.64
C ASN F 662 -48.99 -1.51 77.63
N ARG F 663 -49.07 -1.13 78.91
CA ARG F 663 -48.22 -1.75 79.92
C ARG F 663 -48.55 -3.22 80.10
N TYR F 664 -49.84 -3.57 80.06
CA TYR F 664 -50.29 -4.93 80.31
C TYR F 664 -50.70 -5.65 79.02
N ARG F 665 -50.24 -5.15 77.87
CA ARG F 665 -50.60 -5.74 76.58
C ARG F 665 -50.24 -7.22 76.52
N PHE F 666 -48.98 -7.54 76.84
CA PHE F 666 -48.54 -8.92 76.77
C PHE F 666 -49.21 -9.78 77.83
N ALA F 667 -49.54 -9.22 79.00
CA ALA F 667 -50.28 -9.97 79.99
C ALA F 667 -51.68 -10.32 79.49
N PHE F 668 -52.36 -9.36 78.87
CA PHE F 668 -53.68 -9.61 78.31
C PHE F 668 -53.59 -10.70 77.23
N LEU F 669 -52.58 -10.61 76.37
CA LEU F 669 -52.38 -11.63 75.36
C LEU F 669 -52.13 -13.00 75.98
N TYR F 670 -51.31 -13.05 77.04
CA TYR F 670 -50.98 -14.32 77.67
C TYR F 670 -52.22 -14.96 78.27
N LEU F 671 -53.07 -14.17 78.90
CA LEU F 671 -54.26 -14.76 79.52
C LEU F 671 -55.28 -15.20 78.48
N LEU F 672 -55.40 -14.44 77.37
CA LEU F 672 -56.21 -14.91 76.25
C LEU F 672 -55.66 -16.22 75.68
N VAL F 673 -54.33 -16.33 75.59
CA VAL F 673 -53.73 -17.56 75.08
C VAL F 673 -54.04 -18.72 76.01
N LYS F 674 -53.94 -18.50 77.32
CA LYS F 674 -54.27 -19.56 78.27
C LYS F 674 -55.72 -20.00 78.11
N TRP F 675 -56.64 -19.03 78.01
CA TRP F 675 -58.04 -19.39 77.86
C TRP F 675 -58.32 -20.07 76.52
N TYR F 676 -57.60 -19.68 75.48
CA TYR F 676 -57.78 -20.31 74.17
C TYR F 676 -57.25 -21.74 74.20
N LYS F 677 -56.15 -21.98 74.90
CA LYS F 677 -55.70 -23.34 75.14
C LYS F 677 -56.70 -24.12 75.98
N LYS F 678 -57.46 -23.43 76.83
CA LYS F 678 -58.55 -24.11 77.53
C LYS F 678 -59.63 -24.54 76.57
N TYR F 679 -59.93 -23.73 75.55
CA TYR F 679 -60.96 -24.05 74.56
C TYR F 679 -60.34 -23.88 73.17
N HIS F 680 -59.63 -24.91 72.72
CA HIS F 680 -59.01 -24.93 71.40
C HIS F 680 -59.49 -26.14 70.61
N ILE F 681 -60.73 -26.55 70.86
CA ILE F 681 -61.32 -27.72 70.23
C ILE F 681 -61.54 -27.42 68.75
N PRO F 682 -61.56 -28.45 67.89
CA PRO F 682 -61.65 -28.18 66.44
C PRO F 682 -62.91 -27.43 66.02
N ILE F 683 -63.97 -27.43 66.83
CA ILE F 683 -65.16 -26.64 66.57
C ILE F 683 -65.16 -25.46 67.53
N MET F 684 -65.14 -24.24 66.98
CA MET F 684 -65.07 -23.02 67.77
C MET F 684 -66.28 -22.15 67.44
N LYS F 685 -67.39 -22.39 68.12
CA LYS F 685 -68.59 -21.58 67.98
C LYS F 685 -69.05 -21.14 69.36
N LEU F 686 -69.46 -19.89 69.48
CA LEU F 686 -69.93 -19.36 70.75
C LEU F 686 -71.37 -19.82 71.01
N TYR F 687 -71.68 -20.11 72.27
CA TYR F 687 -72.99 -20.65 72.63
C TYR F 687 -73.93 -19.54 73.06
N PRO F 688 -75.10 -19.40 72.44
CA PRO F 688 -76.05 -18.37 72.88
C PRO F 688 -76.60 -18.69 74.25
N THR F 689 -76.97 -17.63 74.97
CA THR F 689 -77.54 -17.74 76.32
C THR F 689 -78.82 -16.93 76.39
N PRO F 690 -79.93 -17.49 75.89
CA PRO F 690 -81.19 -16.73 75.84
C PRO F 690 -82.00 -16.76 77.13
N GLU F 691 -81.50 -17.36 78.21
CA GLU F 691 -82.28 -17.41 79.44
C GLU F 691 -82.28 -16.09 80.18
N GLU F 692 -81.19 -15.32 80.11
CA GLU F 692 -81.11 -14.05 80.80
C GLU F 692 -81.99 -12.98 80.17
N ILE F 693 -82.33 -13.12 78.90
CA ILE F 693 -83.11 -12.11 78.18
C ILE F 693 -84.50 -12.03 78.79
N PRO F 694 -84.89 -10.88 79.34
CA PRO F 694 -86.27 -10.75 79.85
C PRO F 694 -87.31 -10.86 78.75
N ASP F 695 -86.98 -10.41 77.54
CA ASP F 695 -87.94 -10.45 76.44
C ASP F 695 -88.25 -11.86 75.97
N PHE F 696 -87.40 -12.82 76.32
CA PHE F 696 -87.62 -14.22 75.95
C PHE F 696 -88.46 -14.99 76.96
N ALA F 697 -88.83 -14.36 78.08
CA ALA F 697 -89.59 -15.06 79.11
C ALA F 697 -90.95 -15.50 78.59
N PHE F 698 -91.65 -14.62 77.88
CA PHE F 698 -92.97 -14.97 77.35
C PHE F 698 -92.85 -16.10 76.33
N TYR F 699 -91.82 -16.05 75.48
CA TYR F 699 -91.70 -17.06 74.42
C TYR F 699 -91.23 -18.39 74.97
N LEU F 700 -90.46 -18.41 76.06
CA LEU F 700 -90.12 -19.68 76.68
C LEU F 700 -91.29 -20.24 77.47
N LYS F 701 -92.11 -19.37 78.08
CA LYS F 701 -93.32 -19.83 78.72
C LYS F 701 -94.35 -20.28 77.70
N ILE F 702 -94.34 -19.67 76.50
CA ILE F 702 -95.30 -20.02 75.47
C ILE F 702 -95.05 -21.44 74.96
N GLY F 703 -93.79 -21.79 74.74
CA GLY F 703 -93.49 -23.12 74.23
C GLY F 703 -93.61 -24.22 75.26
N THR F 704 -93.61 -23.87 76.55
CA THR F 704 -93.65 -24.85 77.63
C THR F 704 -95.00 -24.86 78.35
N LEU F 705 -96.01 -24.19 77.81
CA LEU F 705 -97.33 -24.23 78.42
C LEU F 705 -98.41 -24.53 77.39
N LEU F 706 -98.15 -24.22 76.12
CA LEU F 706 -99.07 -24.48 75.03
C LEU F 706 -98.45 -25.48 74.07
N VAL F 707 -99.20 -26.52 73.72
CA VAL F 707 -98.76 -27.54 72.80
C VAL F 707 -99.79 -27.69 71.69
N SER F 708 -99.31 -27.86 70.47
CA SER F 708 -100.20 -28.00 69.32
C SER F 708 -100.98 -29.31 69.39
N SER F 709 -102.17 -29.30 68.80
CA SER F 709 -102.97 -30.50 68.71
C SER F 709 -102.35 -31.47 67.72
N SER F 710 -102.64 -32.76 67.90
CA SER F 710 -102.10 -33.79 67.03
C SER F 710 -103.09 -34.95 66.98
N VAL F 711 -102.63 -36.08 66.46
CA VAL F 711 -103.46 -37.28 66.41
C VAL F 711 -103.37 -38.08 67.70
N LYS F 712 -102.22 -38.03 68.40
CA LYS F 712 -102.11 -38.70 69.69
C LYS F 712 -102.97 -38.05 70.76
N HIS F 713 -103.38 -36.80 70.54
CA HIS F 713 -104.31 -36.13 71.46
C HIS F 713 -105.75 -36.58 71.26
N ILE F 714 -106.03 -37.37 70.22
CA ILE F 714 -107.40 -37.84 70.00
C ILE F 714 -107.90 -38.71 71.16
N PRO F 715 -107.14 -39.70 71.65
CA PRO F 715 -107.63 -40.46 72.80
C PRO F 715 -107.34 -39.79 74.13
N LEU F 716 -107.49 -38.46 74.19
CA LEU F 716 -107.52 -37.76 75.47
C LEU F 716 -108.54 -36.62 75.44
N MET F 717 -109.40 -36.57 74.43
CA MET F 717 -110.46 -35.58 74.36
C MET F 717 -111.72 -36.01 75.10
N THR F 718 -111.74 -37.23 75.67
CA THR F 718 -112.91 -37.69 76.39
C THR F 718 -113.18 -36.83 77.62
N ASP F 719 -112.13 -36.45 78.35
CA ASP F 719 -112.24 -35.56 79.49
C ASP F 719 -112.10 -34.10 79.13
N LEU F 720 -111.87 -33.78 77.85
CA LEU F 720 -111.74 -32.40 77.41
C LEU F 720 -113.09 -31.76 77.11
N SER F 721 -114.19 -32.49 77.27
CA SER F 721 -115.52 -31.89 77.13
C SER F 721 -115.74 -30.83 78.20
N LYS F 722 -115.32 -31.10 79.43
CA LYS F 722 -115.44 -30.16 80.53
C LYS F 722 -114.31 -29.13 80.55
N LYS F 723 -113.27 -29.32 79.73
CA LYS F 723 -112.13 -28.42 79.71
C LYS F 723 -112.31 -27.28 78.71
N GLY F 724 -113.46 -27.18 78.06
CA GLY F 724 -113.72 -26.11 77.12
C GLY F 724 -113.22 -26.36 75.71
N TYR F 725 -112.52 -27.47 75.48
CA TYR F 725 -112.01 -27.79 74.16
C TYR F 725 -113.10 -28.41 73.30
N ILE F 726 -112.98 -28.21 71.98
CA ILE F 726 -113.91 -28.78 71.03
C ILE F 726 -113.12 -29.50 69.94
N LEU F 727 -113.73 -30.53 69.37
CA LEU F 727 -113.09 -31.37 68.37
C LEU F 727 -113.61 -31.02 66.99
N TYR F 728 -112.68 -30.69 66.08
CA TYR F 728 -113.02 -30.32 64.71
C TYR F 728 -112.03 -31.01 63.78
N ASP F 729 -112.56 -31.80 62.84
CA ASP F 729 -111.77 -32.65 61.93
C ASP F 729 -110.57 -33.28 62.65
N ASN F 730 -110.85 -33.86 63.81
CA ASN F 730 -109.84 -34.51 64.65
C ASN F 730 -108.73 -33.54 65.07
N VAL F 731 -109.10 -32.28 65.31
CA VAL F 731 -108.20 -31.29 65.87
C VAL F 731 -108.85 -30.70 67.11
N VAL F 732 -108.14 -30.72 68.22
CA VAL F 732 -108.67 -30.26 69.50
C VAL F 732 -108.33 -28.77 69.64
N THR F 733 -109.37 -27.93 69.61
CA THR F 733 -109.23 -26.48 69.62
C THR F 733 -109.87 -25.90 70.88
N LEU F 734 -109.91 -24.57 70.93
CA LEU F 734 -110.43 -23.86 72.09
C LEU F 734 -110.96 -22.50 71.65
N PRO F 735 -112.01 -22.00 72.28
CA PRO F 735 -112.54 -20.68 71.90
C PRO F 735 -111.59 -19.55 72.26
N LEU F 736 -111.71 -18.44 71.53
CA LEU F 736 -110.86 -17.28 71.76
C LEU F 736 -111.06 -16.71 73.16
N THR F 737 -112.31 -16.61 73.60
CA THR F 737 -112.58 -16.16 74.97
C THR F 737 -111.97 -17.13 75.97
N THR F 738 -112.07 -18.43 75.70
CA THR F 738 -111.47 -19.43 76.59
C THR F 738 -109.95 -19.30 76.59
N PHE F 739 -109.35 -19.06 75.43
CA PHE F 739 -107.91 -18.79 75.40
C PHE F 739 -107.55 -17.58 76.26
N GLN F 740 -108.28 -16.48 76.08
CA GLN F 740 -107.95 -15.25 76.81
C GLN F 740 -108.08 -15.45 78.31
N GLN F 741 -109.15 -16.11 78.76
CA GLN F 741 -109.35 -16.28 80.20
C GLN F 741 -108.39 -17.31 80.77
N LYS F 742 -108.08 -18.36 80.01
CA LYS F 742 -107.20 -19.40 80.54
C LYS F 742 -105.75 -18.95 80.57
N ILE F 743 -105.29 -18.27 79.51
CA ILE F 743 -103.89 -17.85 79.45
C ILE F 743 -103.57 -16.78 80.47
N SER F 744 -104.57 -16.05 80.96
CA SER F 744 -104.34 -14.99 81.94
C SER F 744 -104.05 -15.52 83.33
N LYS F 745 -104.18 -16.82 83.56
CA LYS F 745 -103.97 -17.39 84.89
C LYS F 745 -102.52 -17.28 85.35
N TYR F 746 -101.57 -17.14 84.42
CA TYR F 746 -100.17 -16.99 84.78
C TYR F 746 -99.73 -15.53 84.77
N PHE F 747 -99.89 -14.86 83.63
CA PHE F 747 -99.65 -13.43 83.53
C PHE F 747 -100.93 -12.75 83.06
N ASN F 748 -101.18 -11.55 83.60
CA ASN F 748 -102.38 -10.81 83.30
C ASN F 748 -102.40 -10.41 81.82
N SER F 749 -103.60 -10.05 81.34
CA SER F 749 -103.77 -9.73 79.93
C SER F 749 -102.93 -8.54 79.50
N ARG F 750 -102.93 -7.48 80.32
CA ARG F 750 -102.19 -6.28 79.97
C ARG F 750 -100.68 -6.45 80.07
N LEU F 751 -100.20 -7.52 80.70
CA LEU F 751 -98.76 -7.70 80.85
C LEU F 751 -98.09 -7.91 79.50
N PHE F 752 -98.70 -8.74 78.65
CA PHE F 752 -98.17 -9.05 77.33
C PHE F 752 -99.24 -8.84 76.27
N GLY F 753 -100.01 -7.75 76.40
CA GLY F 753 -101.14 -7.55 75.52
C GLY F 753 -100.76 -7.52 74.06
N HIS F 754 -99.73 -6.75 73.71
CA HIS F 754 -99.23 -6.76 72.35
C HIS F 754 -98.64 -8.12 71.99
N ASP F 755 -97.89 -8.72 72.93
CA ASP F 755 -97.32 -10.03 72.68
C ASP F 755 -98.40 -11.08 72.47
N ILE F 756 -99.44 -11.05 73.31
CA ILE F 756 -100.52 -12.01 73.17
C ILE F 756 -101.28 -11.79 71.87
N GLU F 757 -101.53 -10.52 71.51
CA GLU F 757 -102.24 -10.27 70.26
C GLU F 757 -101.43 -10.72 69.06
N SER F 758 -100.10 -10.51 69.08
CA SER F 758 -99.26 -11.02 68.02
C SER F 758 -99.31 -12.53 67.95
N PHE F 759 -99.24 -13.19 69.11
CA PHE F 759 -99.29 -14.65 69.14
C PHE F 759 -100.59 -15.18 68.56
N ILE F 760 -101.72 -14.57 68.94
CA ILE F 760 -103.01 -15.08 68.49
C ILE F 760 -103.21 -14.80 67.00
N ASN F 761 -102.77 -13.63 66.53
CA ASN F 761 -102.96 -13.35 65.11
C ASN F 761 -101.92 -14.04 64.23
N ARG F 762 -100.87 -14.62 64.81
CA ARG F 762 -99.89 -15.35 64.02
C ARG F 762 -100.08 -16.87 64.07
N HIS F 763 -100.64 -17.40 65.15
CA HIS F 763 -100.74 -18.84 65.34
C HIS F 763 -102.17 -19.36 65.24
N LYS F 764 -103.13 -18.52 64.91
CA LYS F 764 -104.52 -18.96 64.84
C LYS F 764 -104.77 -19.78 63.57
N LYS F 765 -105.90 -20.48 63.56
CA LYS F 765 -106.34 -21.23 62.40
C LYS F 765 -107.55 -20.55 61.76
N PHE F 766 -107.86 -20.97 60.53
CA PHE F 766 -109.03 -20.51 59.80
C PHE F 766 -109.83 -21.74 59.37
N ALA F 767 -110.99 -21.93 60.00
CA ALA F 767 -111.87 -23.06 59.69
C ALA F 767 -113.09 -22.66 58.87
N ASN F 768 -113.69 -21.52 59.18
CA ASN F 768 -114.87 -21.05 58.48
C ASN F 768 -114.94 -19.54 58.58
N VAL F 769 -115.79 -18.93 57.74
CA VAL F 769 -115.87 -17.48 57.66
C VAL F 769 -116.36 -16.89 58.98
N SER F 770 -117.37 -17.50 59.59
CA SER F 770 -117.98 -16.92 60.79
C SER F 770 -117.07 -17.04 62.00
N ASP F 771 -116.48 -18.21 62.22
CA ASP F 771 -115.81 -18.53 63.47
C ASP F 771 -114.32 -18.74 63.25
N GLU F 772 -113.55 -18.53 64.31
CA GLU F 772 -112.12 -18.78 64.31
C GLU F 772 -111.71 -19.40 65.63
N TYR F 773 -110.58 -20.11 65.62
CA TYR F 773 -110.03 -20.73 66.82
C TYR F 773 -108.54 -20.95 66.62
N LEU F 774 -107.92 -21.67 67.55
CA LEU F 774 -106.49 -21.98 67.48
C LEU F 774 -106.28 -23.46 67.77
N GLN F 775 -105.20 -23.99 67.20
CA GLN F 775 -104.81 -25.39 67.42
C GLN F 775 -103.76 -25.47 68.52
N TYR F 776 -104.10 -24.93 69.69
CA TYR F 776 -103.23 -24.91 70.84
C TYR F 776 -103.95 -25.51 72.04
N ILE F 777 -103.24 -26.35 72.79
CA ILE F 777 -103.80 -27.10 73.91
C ILE F 777 -102.96 -26.83 75.14
N PHE F 778 -103.62 -26.54 76.27
CA PHE F 778 -102.91 -26.36 77.53
C PHE F 778 -102.38 -27.71 78.03
N ILE F 779 -101.14 -27.70 78.54
CA ILE F 779 -100.56 -28.92 79.08
C ILE F 779 -101.15 -29.28 80.43
N GLU F 780 -101.80 -28.33 81.09
CA GLU F 780 -102.39 -28.61 82.40
C GLU F 780 -103.50 -29.65 82.30
N ASP F 781 -104.36 -29.54 81.29
CA ASP F 781 -105.41 -30.53 81.11
C ASP F 781 -104.86 -31.85 80.58
N ILE F 782 -103.83 -31.79 79.74
CA ILE F 782 -103.21 -33.01 79.22
C ILE F 782 -102.59 -33.81 80.36
N SER F 783 -101.97 -33.11 81.33
CA SER F 783 -101.40 -33.78 82.48
C SER F 783 -102.48 -34.48 83.30
N SER F 784 -103.62 -33.84 83.47
CA SER F 784 -104.72 -34.44 84.24
C SER F 784 -105.30 -35.62 83.48
N PRO F 785 -105.33 -36.82 84.07
CA PRO F 785 -105.91 -38.02 83.45
C PRO F 785 -107.42 -37.93 83.27
N TRP G 236 14.40 11.90 -44.66
CA TRP G 236 15.12 11.32 -43.53
C TRP G 236 16.63 11.48 -43.70
N GLU G 237 17.32 11.64 -42.58
CA GLU G 237 18.77 11.81 -42.62
C GLU G 237 19.44 10.46 -42.84
N PRO G 238 20.27 10.33 -43.87
CA PRO G 238 20.93 9.04 -44.15
C PRO G 238 22.14 8.74 -43.28
N GLY G 239 22.36 9.48 -42.21
CA GLY G 239 23.49 9.22 -41.34
C GLY G 239 23.10 8.70 -39.97
N PHE G 240 21.80 8.76 -39.65
CA PHE G 240 21.33 8.33 -38.34
C PHE G 240 21.14 6.82 -38.28
N ILE G 241 20.22 6.29 -39.09
CA ILE G 241 19.95 4.86 -39.14
C ILE G 241 19.12 4.56 -40.39
N SER G 242 19.20 3.33 -40.87
CA SER G 242 18.43 2.94 -42.05
C SER G 242 16.97 2.72 -41.68
N PHE G 243 16.11 2.67 -42.71
CA PHE G 243 14.69 2.47 -42.47
C PHE G 243 14.40 1.11 -41.86
N GLU G 244 14.98 0.05 -42.44
CA GLU G 244 14.71 -1.31 -41.96
C GLU G 244 15.21 -1.50 -40.53
N ASP G 245 16.37 -0.93 -40.21
CA ASP G 245 16.93 -1.10 -38.89
C ASP G 245 16.02 -0.49 -37.82
N ALA G 246 15.53 0.72 -38.08
CA ALA G 246 14.59 1.35 -37.16
C ALA G 246 13.26 0.62 -37.12
N ILE G 247 12.83 0.07 -38.25
CA ILE G 247 11.59 -0.71 -38.28
C ILE G 247 11.71 -1.93 -37.37
N LYS G 248 12.83 -2.65 -37.46
CA LYS G 248 13.03 -3.81 -36.61
C LYS G 248 13.22 -3.42 -35.16
N ARG G 249 13.85 -2.27 -34.90
CA ARG G 249 13.96 -1.78 -33.53
C ARG G 249 12.58 -1.50 -32.94
N VAL G 250 11.71 -0.87 -33.73
CA VAL G 250 10.35 -0.59 -33.26
C VAL G 250 9.59 -1.88 -33.04
N SER G 251 9.76 -2.86 -33.94
CA SER G 251 9.08 -4.14 -33.78
C SER G 251 9.52 -4.84 -32.51
N LYS G 252 10.82 -4.81 -32.21
CA LYS G 252 11.30 -5.38 -30.95
C LYS G 252 10.78 -4.58 -29.76
N ILE G 253 10.66 -3.26 -29.91
CA ILE G 253 10.18 -2.42 -28.82
C ILE G 253 8.73 -2.71 -28.47
N PHE G 254 7.88 -2.95 -29.48
CA PHE G 254 6.47 -3.22 -29.23
C PHE G 254 6.22 -4.58 -28.57
N ILE G 255 7.23 -5.46 -28.55
CA ILE G 255 7.19 -6.80 -27.97
C ILE G 255 5.90 -7.54 -28.28
N ASN G 256 5.26 -7.19 -29.39
CA ASN G 256 4.05 -7.88 -29.83
C ASN G 256 3.99 -7.87 -31.35
N SER G 257 3.29 -8.86 -31.89
CA SER G 257 3.12 -8.97 -33.32
C SER G 257 2.30 -7.80 -33.86
N ILE G 258 2.57 -7.44 -35.11
CA ILE G 258 1.88 -6.33 -35.76
C ILE G 258 1.20 -6.88 -37.01
N ILE G 259 -0.12 -6.68 -37.09
CA ILE G 259 -0.88 -7.19 -38.24
C ILE G 259 -0.55 -6.37 -39.49
N ASN G 260 -0.40 -5.05 -39.34
CA ASN G 260 -0.14 -4.16 -40.46
C ASN G 260 1.35 -3.84 -40.60
N PHE G 261 2.20 -4.83 -40.36
CA PHE G 261 3.65 -4.62 -40.47
C PHE G 261 4.06 -4.27 -41.90
N ASN G 262 3.42 -4.90 -42.89
CA ASN G 262 3.79 -4.63 -44.28
C ASN G 262 3.42 -3.20 -44.69
N ASP G 263 2.42 -2.60 -44.04
CA ASP G 263 1.95 -1.29 -44.47
C ASP G 263 2.94 -0.18 -44.14
N LEU G 264 3.85 -0.42 -43.19
CA LEU G 264 4.78 0.62 -42.78
C LEU G 264 5.65 1.08 -43.94
N ASP G 265 5.87 2.39 -44.01
CA ASP G 265 6.64 3.01 -45.07
C ASP G 265 7.46 4.15 -44.48
N GLU G 266 8.20 4.85 -45.34
CA GLU G 266 9.10 5.91 -44.90
C GLU G 266 8.39 7.26 -44.78
N ASN G 267 7.61 7.64 -45.79
CA ASN G 267 7.01 8.98 -45.82
C ASN G 267 6.02 9.16 -44.67
N ASN G 268 5.18 8.17 -44.41
CA ASN G 268 4.16 8.25 -43.36
C ASN G 268 4.82 7.95 -42.02
N PHE G 269 5.54 8.95 -41.50
CA PHE G 269 6.23 8.79 -40.23
C PHE G 269 5.24 8.70 -39.07
N THR G 270 4.50 9.77 -38.83
CA THR G 270 3.75 9.96 -37.59
C THR G 270 2.25 10.16 -37.82
N THR G 271 1.69 9.55 -38.86
CA THR G 271 0.27 9.74 -39.15
C THR G 271 -0.44 8.42 -39.37
N VAL G 272 0.11 7.32 -38.87
CA VAL G 272 -0.53 6.01 -39.04
C VAL G 272 -0.85 5.41 -37.68
N PRO G 273 -2.13 5.17 -37.37
CA PRO G 273 -2.48 4.52 -36.11
C PRO G 273 -1.95 3.10 -36.04
N LEU G 274 -1.34 2.75 -34.90
CA LEU G 274 -0.80 1.42 -34.73
C LEU G 274 -1.88 0.46 -34.22
N VAL G 275 -2.24 -0.52 -35.04
CA VAL G 275 -3.22 -1.53 -34.66
C VAL G 275 -2.48 -2.78 -34.22
N ILE G 276 -2.86 -3.31 -33.05
CA ILE G 276 -2.16 -4.41 -32.42
C ILE G 276 -3.17 -5.44 -31.94
N ASP G 277 -2.77 -6.71 -31.98
CA ASP G 277 -3.52 -7.80 -31.35
C ASP G 277 -2.83 -8.11 -30.03
N TYR G 278 -3.42 -7.63 -28.94
CA TYR G 278 -2.79 -7.76 -27.63
C TYR G 278 -2.92 -9.16 -27.07
N VAL G 279 -2.28 -10.14 -27.72
CA VAL G 279 -2.24 -11.50 -27.17
C VAL G 279 -1.42 -11.57 -25.89
N THR G 280 -0.68 -10.51 -25.59
CA THR G 280 0.10 -10.38 -24.36
C THR G 280 -0.33 -9.10 -23.68
N PRO G 281 0.04 -8.91 -22.40
CA PRO G 281 -0.21 -7.63 -21.74
C PRO G 281 0.29 -6.43 -22.53
N CYS G 282 -0.17 -5.23 -22.15
CA CYS G 282 0.20 -4.03 -22.87
C CYS G 282 1.71 -3.80 -22.81
N ALA G 283 2.26 -3.32 -23.93
CA ALA G 283 3.68 -2.97 -23.99
C ALA G 283 3.94 -1.53 -23.56
N LEU G 284 2.89 -0.75 -23.30
CA LEU G 284 3.03 0.65 -22.92
C LEU G 284 2.74 0.90 -21.45
N CYS G 285 1.79 0.17 -20.86
CA CYS G 285 1.48 0.33 -19.45
C CYS G 285 1.15 -1.00 -18.76
N LYS G 286 1.36 -2.14 -19.43
CA LYS G 286 1.21 -3.47 -18.83
C LYS G 286 -0.22 -3.74 -18.37
N LYS G 287 -1.16 -3.64 -19.32
CA LYS G 287 -2.55 -3.96 -19.09
C LYS G 287 -3.06 -4.82 -20.26
N ARG G 288 -4.38 -5.08 -20.26
CA ARG G 288 -4.96 -6.02 -21.22
C ARG G 288 -4.88 -5.51 -22.65
N SER G 289 -5.31 -4.27 -22.89
CA SER G 289 -5.37 -3.71 -24.23
C SER G 289 -5.57 -2.20 -24.10
N HIS G 290 -5.47 -1.51 -25.24
CA HIS G 290 -5.65 -0.07 -25.29
C HIS G 290 -6.87 0.28 -26.12
N LYS G 291 -7.71 1.18 -25.58
CA LYS G 291 -8.86 1.69 -26.30
C LYS G 291 -8.47 2.51 -27.52
N HIS G 292 -7.26 3.03 -27.55
CA HIS G 292 -6.76 3.90 -28.60
C HIS G 292 -5.43 3.39 -29.12
N PRO G 293 -5.08 3.72 -30.36
CA PRO G 293 -3.76 3.33 -30.87
C PRO G 293 -2.64 4.16 -30.25
N HIS G 294 -1.41 3.91 -30.66
CA HIS G 294 -0.25 4.64 -30.17
C HIS G 294 0.44 5.35 -31.33
N GLN G 295 0.82 6.59 -31.10
CA GLN G 295 1.45 7.42 -32.12
C GLN G 295 2.94 7.53 -31.84
N LEU G 296 3.75 7.26 -32.85
CA LEU G 296 5.19 7.41 -32.78
C LEU G 296 5.60 8.69 -33.49
N SER G 297 6.61 9.37 -32.93
CA SER G 297 7.08 10.63 -33.50
C SER G 297 8.59 10.61 -33.55
N LEU G 298 9.14 11.38 -34.51
CA LEU G 298 10.58 11.52 -34.68
C LEU G 298 11.01 12.86 -34.08
N GLU G 299 11.64 12.81 -32.92
CA GLU G 299 12.12 14.00 -32.22
C GLU G 299 13.64 13.95 -32.12
N ASN G 300 14.28 15.10 -32.39
CA ASN G 300 15.71 15.33 -32.26
C ASN G 300 16.56 14.12 -32.62
N GLY G 301 16.27 13.49 -33.75
CA GLY G 301 17.04 12.34 -34.18
C GLY G 301 16.68 11.04 -33.47
N ALA G 302 15.54 10.98 -32.79
CA ALA G 302 15.13 9.79 -32.08
C ALA G 302 13.64 9.55 -32.32
N ILE G 303 13.23 8.30 -32.16
CA ILE G 303 11.83 7.91 -32.31
C ILE G 303 11.24 7.65 -30.94
N ARG G 304 10.14 8.34 -30.63
CA ARG G 304 9.45 8.19 -29.36
C ARG G 304 8.03 7.70 -29.62
N ILE G 305 7.48 6.96 -28.66
CA ILE G 305 6.17 6.35 -28.79
C ILE G 305 5.31 6.75 -27.59
N TYR G 306 4.05 7.07 -27.86
CA TYR G 306 3.12 7.41 -26.81
C TYR G 306 1.71 7.07 -27.26
N LYS G 307 0.87 6.72 -26.29
CA LYS G 307 -0.50 6.30 -26.57
C LYS G 307 -1.36 7.51 -26.90
N THR G 308 -2.13 7.41 -27.99
CA THR G 308 -3.05 8.48 -28.35
C THR G 308 -4.24 8.51 -27.40
N GLY G 309 -4.86 9.68 -27.29
CA GLY G 309 -6.00 9.84 -26.42
C GLY G 309 -5.62 10.42 -25.07
N ASN G 310 -5.64 9.59 -24.03
CA ASN G 310 -5.33 10.01 -22.67
C ASN G 310 -4.20 9.14 -22.14
N PRO G 311 -2.94 9.57 -22.30
CA PRO G 311 -1.80 8.83 -21.77
C PRO G 311 -1.44 9.22 -20.32
N HIS G 312 -2.45 9.22 -19.45
CA HIS G 312 -2.20 9.51 -18.04
C HIS G 312 -1.38 8.40 -17.38
N SER G 313 -1.92 7.19 -17.37
CA SER G 313 -1.23 6.03 -16.79
C SER G 313 -0.43 5.28 -17.84
N CYS G 314 0.48 5.96 -18.51
CA CYS G 314 1.28 5.39 -19.57
C CYS G 314 2.76 5.61 -19.27
N LYS G 315 3.61 4.85 -19.96
CA LYS G 315 5.05 5.06 -19.94
C LYS G 315 5.54 5.15 -21.38
N VAL G 316 6.65 5.84 -21.57
CA VAL G 316 7.14 6.19 -22.89
C VAL G 316 8.52 5.58 -23.09
N LYS G 317 8.73 4.93 -24.23
CA LYS G 317 10.01 4.37 -24.62
C LYS G 317 10.65 5.27 -25.67
N ILE G 318 11.97 5.43 -25.58
CA ILE G 318 12.73 6.28 -26.50
C ILE G 318 13.77 5.43 -27.22
N VAL G 319 13.81 5.56 -28.54
CA VAL G 319 14.77 4.82 -29.36
C VAL G 319 15.64 5.83 -30.12
N PRO G 320 16.83 6.13 -29.64
CA PRO G 320 17.71 7.05 -30.37
C PRO G 320 18.28 6.42 -31.63
N LEU G 321 18.65 7.30 -32.58
CA LEU G 321 19.19 6.89 -33.88
C LEU G 321 20.55 7.56 -34.04
N ASP G 322 21.61 6.88 -33.56
CA ASP G 322 22.99 7.36 -33.68
C ASP G 322 23.86 6.17 -34.04
N GLY G 323 23.97 5.90 -35.34
CA GLY G 323 24.65 4.70 -35.80
C GLY G 323 26.14 4.86 -36.04
N ASN G 324 26.95 4.44 -35.05
CA ASN G 324 28.39 4.47 -35.16
C ASN G 324 28.90 5.85 -35.55
N LYS G 325 28.75 6.82 -34.64
CA LYS G 325 29.17 8.19 -34.90
C LYS G 325 30.61 8.26 -35.39
N LEU G 326 31.47 7.38 -34.88
CA LEU G 326 32.85 7.34 -35.33
C LEU G 326 32.95 6.96 -36.80
N PHE G 327 32.06 6.07 -37.26
CA PHE G 327 32.04 5.73 -38.69
C PHE G 327 31.67 6.95 -39.53
N ASN G 328 30.70 7.74 -39.07
CA ASN G 328 30.35 8.96 -39.78
C ASN G 328 31.52 9.94 -39.79
N ILE G 329 32.25 10.02 -38.67
CA ILE G 329 33.43 10.87 -38.63
C ILE G 329 34.44 10.43 -39.68
N ALA G 330 34.65 9.11 -39.79
CA ALA G 330 35.58 8.60 -40.80
C ALA G 330 35.11 8.95 -42.20
N GLN G 331 33.81 8.81 -42.45
CA GLN G 331 33.28 9.13 -43.78
C GLN G 331 33.51 10.60 -44.11
N ARG G 332 33.25 11.49 -43.15
CA ARG G 332 33.46 12.91 -43.39
C ARG G 332 34.94 13.22 -43.61
N ILE G 333 35.82 12.56 -42.87
CA ILE G 333 37.25 12.84 -43.01
C ILE G 333 37.76 12.34 -44.35
N LEU G 334 37.38 11.12 -44.76
CA LEU G 334 37.77 10.65 -46.08
C LEU G 334 37.14 11.48 -47.19
N ASP G 335 36.01 12.13 -46.92
CA ASP G 335 35.46 13.07 -47.88
C ASP G 335 36.35 14.28 -48.10
N THR G 336 37.24 14.58 -47.14
CA THR G 336 38.15 15.71 -47.27
C THR G 336 39.42 15.36 -48.05
N ASN G 337 39.68 14.08 -48.28
CA ASN G 337 40.83 13.62 -49.08
C ASN G 337 42.17 14.08 -48.49
N SER G 338 42.25 14.21 -47.17
CA SER G 338 43.50 14.57 -46.53
C SER G 338 44.42 13.37 -46.32
N VAL G 339 43.95 12.16 -46.59
CA VAL G 339 44.74 10.93 -46.46
C VAL G 339 44.65 10.16 -47.77
N LEU G 340 45.77 9.61 -48.22
CA LEU G 340 45.83 8.88 -49.47
C LEU G 340 46.73 7.66 -49.30
N LEU G 341 46.53 6.67 -50.17
CA LEU G 341 47.30 5.44 -50.14
C LEU G 341 48.29 5.42 -51.29
N THR G 342 49.55 5.15 -50.97
CA THR G 342 50.61 5.09 -51.97
C THR G 342 50.77 3.68 -52.51
N GLU G 343 51.37 3.58 -53.71
CA GLU G 343 51.71 2.28 -54.26
C GLU G 343 52.81 1.60 -53.46
N ARG G 344 53.59 2.36 -52.70
CA ARG G 344 54.53 1.78 -51.75
C ARG G 344 53.82 0.89 -50.73
N GLY G 345 52.60 1.26 -50.35
CA GLY G 345 51.89 0.60 -49.28
C GLY G 345 51.73 1.44 -48.04
N ASP G 346 52.23 2.67 -48.05
CA ASP G 346 52.08 3.60 -46.94
C ASP G 346 50.97 4.59 -47.24
N HIS G 347 50.80 5.54 -46.32
CA HIS G 347 49.78 6.56 -46.43
C HIS G 347 50.38 7.91 -46.09
N ILE G 348 49.84 8.96 -46.68
CA ILE G 348 50.35 10.32 -46.51
C ILE G 348 49.31 11.13 -45.74
N VAL G 349 49.79 11.94 -44.80
CA VAL G 349 48.94 12.78 -43.97
C VAL G 349 49.25 14.23 -44.30
N TRP G 350 48.21 14.98 -44.66
CA TRP G 350 48.37 16.39 -45.03
C TRP G 350 48.15 17.24 -43.79
N ILE G 351 49.25 17.67 -43.17
CA ILE G 351 49.22 18.60 -42.05
C ILE G 351 50.03 19.83 -42.43
N ASN G 352 49.71 20.95 -41.78
CA ASN G 352 50.40 22.23 -41.94
C ASN G 352 50.83 22.48 -43.39
N ASN G 353 49.88 22.27 -44.30
CA ASN G 353 50.07 22.52 -45.73
C ASN G 353 51.25 21.73 -46.29
N SER G 354 51.25 20.42 -46.03
CA SER G 354 52.33 19.58 -46.53
C SER G 354 51.89 18.13 -46.50
N TRP G 355 52.19 17.41 -47.58
CA TRP G 355 51.92 15.97 -47.65
C TRP G 355 53.02 15.25 -46.87
N LYS G 356 52.74 14.91 -45.63
CA LYS G 356 53.70 14.21 -44.78
C LYS G 356 53.31 12.74 -44.64
N PHE G 357 54.32 11.88 -44.53
CA PHE G 357 54.12 10.47 -44.31
C PHE G 357 55.27 9.94 -43.46
N ASN G 358 54.95 9.02 -42.55
CA ASN G 358 55.95 8.49 -41.64
C ASN G 358 55.61 7.03 -41.39
N SER G 359 56.30 6.14 -42.10
CA SER G 359 56.02 4.71 -41.98
C SER G 359 56.33 4.20 -40.58
N GLU G 360 57.46 4.63 -40.01
CA GLU G 360 57.86 4.13 -38.70
C GLU G 360 56.94 4.59 -37.59
N GLU G 361 56.16 5.64 -37.81
CA GLU G 361 55.20 6.13 -36.82
C GLU G 361 54.10 6.85 -37.57
N PRO G 362 52.95 6.21 -37.77
CA PRO G 362 51.86 6.87 -38.52
C PRO G 362 51.40 8.14 -37.80
N LEU G 363 51.05 9.14 -38.60
CA LEU G 363 50.61 10.43 -38.09
C LEU G 363 49.09 10.59 -38.18
N ILE G 364 48.35 9.50 -38.39
CA ILE G 364 46.91 9.61 -38.57
C ILE G 364 46.24 10.10 -37.29
N THR G 365 46.74 9.71 -36.12
CA THR G 365 46.19 10.23 -34.88
C THR G 365 46.33 11.75 -34.80
N LYS G 366 47.52 12.27 -35.11
CA LYS G 366 47.70 13.71 -35.14
C LYS G 366 46.81 14.35 -36.18
N LEU G 367 46.69 13.73 -37.35
CA LEU G 367 45.86 14.27 -38.40
C LEU G 367 44.42 14.45 -37.93
N ILE G 368 43.83 13.39 -37.38
CA ILE G 368 42.42 13.46 -36.99
C ILE G 368 42.24 14.38 -35.80
N LEU G 369 43.18 14.36 -34.84
CA LEU G 369 43.06 15.25 -33.69
C LEU G 369 43.10 16.71 -34.08
N SER G 370 44.02 17.08 -34.97
CA SER G 370 44.17 18.48 -35.33
C SER G 370 42.98 18.99 -36.13
N ILE G 371 42.41 18.15 -36.99
CA ILE G 371 41.35 18.57 -37.90
C ILE G 371 40.00 18.49 -37.21
N ARG G 372 40.01 18.31 -35.88
CA ARG G 372 38.78 18.24 -35.11
C ARG G 372 37.93 19.50 -35.25
N HIS G 373 38.54 20.63 -35.61
CA HIS G 373 37.79 21.88 -35.72
C HIS G 373 36.94 21.93 -36.99
N GLN G 374 37.34 21.24 -38.05
CA GLN G 374 36.52 21.18 -39.26
C GLN G 374 35.21 20.42 -39.02
N LEU G 375 35.14 19.63 -37.96
CA LEU G 375 33.92 18.93 -37.59
C LEU G 375 32.94 19.89 -36.92
N PRO G 376 31.66 19.53 -36.89
CA PRO G 376 30.67 20.36 -36.17
C PRO G 376 30.91 20.38 -34.67
N LYS G 377 30.06 21.12 -33.94
CA LYS G 377 30.23 21.26 -32.50
C LYS G 377 30.09 19.92 -31.77
N GLU G 378 29.11 19.10 -32.17
CA GLU G 378 28.87 17.87 -31.43
C GLU G 378 29.98 16.85 -31.64
N TYR G 379 30.57 16.81 -32.84
CA TYR G 379 31.63 15.85 -33.11
C TYR G 379 32.98 16.27 -32.54
N SER G 380 33.26 17.56 -32.53
CA SER G 380 34.57 18.04 -32.11
C SER G 380 34.87 17.76 -30.64
N SER G 381 33.86 17.40 -29.86
CA SER G 381 34.06 17.05 -28.46
C SER G 381 34.36 15.59 -28.23
N GLU G 382 33.90 14.70 -29.12
CA GLU G 382 34.10 13.27 -28.92
C GLU G 382 35.48 12.79 -29.38
N LEU G 383 36.19 13.59 -30.17
CA LEU G 383 37.51 13.20 -30.65
C LEU G 383 38.63 13.64 -29.73
N LEU G 384 38.36 13.72 -28.43
CA LEU G 384 39.38 14.02 -27.44
C LEU G 384 39.72 12.81 -26.58
N CYS G 385 39.48 11.60 -27.09
CA CYS G 385 39.86 10.38 -26.39
C CYS G 385 40.61 9.49 -27.37
N PRO G 386 41.80 9.01 -27.02
CA PRO G 386 42.62 8.28 -28.00
C PRO G 386 41.95 7.03 -28.52
N ARG G 387 41.07 6.42 -27.74
CA ARG G 387 40.39 5.22 -28.20
C ARG G 387 39.47 5.51 -29.37
N LYS G 388 38.73 6.62 -29.33
CA LYS G 388 37.87 6.95 -30.46
C LYS G 388 38.70 7.35 -31.68
N ARG G 389 39.83 8.02 -31.47
CA ARG G 389 40.70 8.33 -32.59
C ARG G 389 41.27 7.07 -33.22
N LYS G 390 41.65 6.08 -32.41
CA LYS G 390 42.15 4.83 -32.95
C LYS G 390 41.04 4.04 -33.63
N THR G 391 39.82 4.16 -33.12
CA THR G 391 38.68 3.49 -33.76
C THR G 391 38.41 4.07 -35.14
N VAL G 392 38.38 5.39 -35.25
CA VAL G 392 38.17 6.01 -36.56
C VAL G 392 39.37 5.76 -37.46
N GLU G 393 40.57 5.66 -36.88
CA GLU G 393 41.74 5.24 -37.65
C GLU G 393 41.52 3.87 -38.27
N ALA G 394 41.07 2.91 -37.47
CA ALA G 394 40.82 1.57 -37.98
C ALA G 394 39.77 1.62 -39.08
N ASN G 395 38.74 2.43 -38.89
CA ASN G 395 37.68 2.53 -39.90
C ASN G 395 38.24 3.04 -41.22
N ILE G 396 39.03 4.11 -41.18
CA ILE G 396 39.54 4.66 -42.44
C ILE G 396 40.56 3.71 -43.06
N ARG G 397 41.39 3.07 -42.23
CA ARG G 397 42.36 2.12 -42.76
C ARG G 397 41.65 0.96 -43.46
N ASP G 398 40.53 0.51 -42.90
CA ASP G 398 39.69 -0.43 -43.61
C ASP G 398 39.13 0.18 -44.88
N MET G 399 38.82 1.47 -44.85
CA MET G 399 38.27 2.15 -46.01
C MET G 399 39.33 2.41 -47.08
N LEU G 400 40.61 2.35 -46.71
CA LEU G 400 41.69 2.54 -47.67
C LEU G 400 41.76 1.35 -48.61
N VAL G 401 41.28 1.52 -49.83
CA VAL G 401 41.21 0.42 -50.79
C VAL G 401 42.15 0.70 -51.95
N ASP G 402 41.91 1.77 -52.68
CA ASP G 402 42.66 2.07 -53.89
C ASP G 402 43.93 2.86 -53.55
N SER G 403 44.96 2.65 -54.37
CA SER G 403 46.24 3.31 -54.20
C SER G 403 46.41 4.40 -55.26
N VAL G 404 47.16 5.45 -54.91
CA VAL G 404 47.38 6.58 -55.79
C VAL G 404 48.87 6.85 -55.90
N GLU G 405 49.25 7.51 -56.99
CA GLU G 405 50.65 7.83 -57.28
C GLU G 405 51.05 9.16 -56.65
N THR G 406 52.35 9.34 -56.49
CA THR G 406 52.93 10.52 -55.85
C THR G 406 53.82 11.27 -56.83
N ASP G 407 53.68 12.59 -56.86
CA ASP G 407 54.52 13.47 -57.68
C ASP G 407 54.42 13.11 -59.17
N THR G 408 53.21 13.27 -59.70
CA THR G 408 52.97 13.04 -61.13
C THR G 408 53.33 14.24 -62.00
N TYR G 409 53.54 15.41 -61.41
CA TYR G 409 53.85 16.61 -62.17
C TYR G 409 55.31 17.00 -61.97
N PRO G 410 56.16 16.86 -62.98
CA PRO G 410 57.60 17.08 -62.76
C PRO G 410 58.05 18.53 -62.88
N ASP G 411 57.23 19.42 -63.44
CA ASP G 411 57.62 20.79 -63.74
C ASP G 411 57.16 21.76 -62.67
N LYS G 412 57.20 21.34 -61.40
CA LYS G 412 56.60 22.08 -60.30
C LYS G 412 57.62 22.31 -59.19
N LEU G 413 57.61 23.50 -58.60
CA LEU G 413 58.58 23.89 -57.58
C LEU G 413 57.91 24.00 -56.22
N PRO G 414 58.16 23.07 -55.29
CA PRO G 414 57.48 23.10 -54.00
C PRO G 414 58.26 23.81 -52.90
N PHE G 415 57.50 24.45 -52.00
CA PHE G 415 58.03 25.12 -50.81
C PHE G 415 57.25 24.65 -49.58
N LYS G 416 57.49 25.32 -48.45
CA LYS G 416 56.85 24.92 -47.21
C LYS G 416 55.41 25.45 -47.12
N ASN G 417 55.22 26.76 -47.27
CA ASN G 417 53.88 27.32 -47.22
C ASN G 417 53.02 26.90 -48.40
N GLY G 418 53.63 26.43 -49.48
CA GLY G 418 52.89 26.09 -50.68
C GLY G 418 53.85 25.64 -51.76
N VAL G 419 53.34 25.59 -52.99
CA VAL G 419 54.10 25.09 -54.12
C VAL G 419 54.05 26.13 -55.25
N LEU G 420 55.21 26.44 -55.81
CA LEU G 420 55.34 27.46 -56.85
C LEU G 420 55.40 26.81 -58.22
N ASP G 421 54.71 27.41 -59.19
CA ASP G 421 54.68 26.88 -60.53
C ASP G 421 55.86 27.42 -61.35
N LEU G 422 56.21 26.69 -62.41
CA LEU G 422 57.34 27.05 -63.27
C LEU G 422 56.89 27.75 -64.55
N VAL G 423 56.08 27.07 -65.36
CA VAL G 423 55.65 27.66 -66.63
C VAL G 423 54.70 28.83 -66.38
N ASP G 424 53.72 28.65 -65.48
CA ASP G 424 52.79 29.72 -65.18
C ASP G 424 53.46 30.81 -64.35
N GLY G 425 54.24 30.42 -63.34
CA GLY G 425 54.94 31.35 -62.49
C GLY G 425 54.12 31.90 -61.34
N MET G 426 52.86 31.50 -61.21
CA MET G 426 52.02 31.96 -60.11
C MET G 426 52.10 30.97 -58.96
N PHE G 427 52.37 31.50 -57.76
CA PHE G 427 52.52 30.65 -56.58
C PHE G 427 51.16 30.12 -56.14
N TYR G 428 51.13 28.85 -55.74
CA TYR G 428 49.93 28.19 -55.27
C TYR G 428 50.16 27.65 -53.86
N SER G 429 49.26 27.98 -52.94
CA SER G 429 49.37 27.52 -51.57
C SER G 429 48.00 27.08 -51.07
N GLY G 430 47.99 26.16 -50.13
CA GLY G 430 46.73 25.66 -49.59
C GLY G 430 46.14 24.60 -50.50
N ASP G 431 44.87 24.78 -50.84
CA ASP G 431 44.18 23.78 -51.66
C ASP G 431 44.78 23.70 -53.06
N ASP G 432 45.16 24.84 -53.63
CA ASP G 432 45.76 24.83 -54.97
C ASP G 432 47.04 24.03 -55.01
N ALA G 433 47.74 23.93 -53.88
CA ALA G 433 48.92 23.09 -53.77
C ALA G 433 48.59 21.67 -53.34
N LYS G 434 47.37 21.42 -52.84
CA LYS G 434 47.02 20.08 -52.40
C LYS G 434 46.68 19.16 -53.58
N LYS G 435 46.12 19.71 -54.66
CA LYS G 435 45.82 18.88 -55.83
C LYS G 435 47.08 18.31 -56.45
N TYR G 436 48.22 18.95 -56.23
CA TYR G 436 49.51 18.47 -56.72
C TYR G 436 50.18 17.72 -55.57
N THR G 437 50.33 16.41 -55.72
CA THR G 437 50.86 15.56 -54.66
C THR G 437 52.36 15.77 -54.57
N CYS G 438 52.76 16.80 -53.83
CA CYS G 438 54.17 17.20 -53.69
C CYS G 438 54.65 16.75 -52.32
N THR G 439 55.45 15.68 -52.31
CA THR G 439 55.98 15.15 -51.05
C THR G 439 57.36 15.73 -50.73
N VAL G 440 58.23 15.82 -51.73
CA VAL G 440 59.56 16.39 -51.57
C VAL G 440 59.49 17.86 -51.91
N SER G 441 60.01 18.70 -51.02
CA SER G 441 59.94 20.15 -51.17
C SER G 441 61.32 20.76 -51.01
N THR G 442 61.42 22.06 -51.27
CA THR G 442 62.67 22.78 -51.04
C THR G 442 63.04 22.81 -49.57
N GLY G 443 62.04 22.92 -48.70
CA GLY G 443 62.26 22.95 -47.27
C GLY G 443 62.28 24.34 -46.66
N PHE G 444 61.96 25.37 -47.44
CA PHE G 444 61.95 26.74 -46.94
C PHE G 444 60.71 27.45 -47.45
N LYS G 445 60.31 28.49 -46.71
CA LYS G 445 59.09 29.21 -47.01
C LYS G 445 59.25 30.06 -48.27
N PHE G 446 58.12 30.37 -48.90
CA PHE G 446 58.08 31.18 -50.11
C PHE G 446 57.72 32.61 -49.73
N ASP G 447 58.63 33.54 -50.00
CA ASP G 447 58.46 34.94 -49.66
C ASP G 447 58.41 35.76 -50.95
N ASP G 448 57.33 36.52 -51.11
CA ASP G 448 57.16 37.35 -52.31
C ASP G 448 57.80 38.73 -52.18
N THR G 449 58.27 39.09 -50.99
CA THR G 449 58.92 40.39 -50.82
C THR G 449 60.20 40.48 -51.64
N LYS G 450 61.00 39.41 -51.64
CA LYS G 450 62.22 39.35 -52.43
C LYS G 450 61.96 38.93 -53.87
N PHE G 451 60.71 38.66 -54.23
CA PHE G 451 60.35 38.27 -55.59
C PHE G 451 60.26 39.50 -56.49
N VAL G 452 61.33 40.30 -56.54
CA VAL G 452 61.35 41.55 -57.27
C VAL G 452 62.53 41.52 -58.24
N GLU G 453 62.28 41.95 -59.49
CA GLU G 453 63.31 41.88 -60.51
C GLU G 453 64.43 42.88 -60.25
N ASP G 454 64.15 43.97 -59.54
CA ASP G 454 65.15 44.97 -59.21
C ASP G 454 65.60 44.79 -57.76
N SER G 455 66.88 44.49 -57.57
CA SER G 455 67.46 44.30 -56.25
C SER G 455 68.98 44.32 -56.34
N PRO G 456 69.67 44.89 -55.35
CA PRO G 456 71.14 44.85 -55.37
C PRO G 456 71.69 43.43 -55.35
N GLU G 457 71.00 42.50 -54.68
CA GLU G 457 71.41 41.10 -54.74
C GLU G 457 71.34 40.57 -56.17
N MET G 458 70.32 41.00 -56.93
CA MET G 458 70.20 40.60 -58.32
C MET G 458 71.40 41.11 -59.12
N GLU G 459 71.79 42.35 -58.90
CA GLU G 459 72.94 42.92 -59.62
C GLU G 459 74.23 42.19 -59.27
N GLU G 460 74.45 41.94 -57.97
CA GLU G 460 75.66 41.23 -57.57
C GLU G 460 75.70 39.82 -58.13
N LEU G 461 74.57 39.12 -58.10
CA LEU G 461 74.53 37.76 -58.64
C LEU G 461 74.73 37.76 -60.15
N MET G 462 74.14 38.73 -60.85
CA MET G 462 74.35 38.83 -62.29
C MET G 462 75.82 39.07 -62.61
N ASN G 463 76.47 39.96 -61.86
CA ASN G 463 77.88 40.24 -62.10
C ASN G 463 78.73 39.00 -61.80
N ILE G 464 78.41 38.28 -60.72
CA ILE G 464 79.17 37.09 -60.37
C ILE G 464 78.99 36.00 -61.43
N ILE G 465 77.77 35.87 -61.96
CA ILE G 465 77.53 34.90 -63.04
C ILE G 465 78.32 35.29 -64.29
N ASN G 466 78.29 36.58 -64.65
CA ASN G 466 79.05 37.03 -65.80
C ASN G 466 80.54 36.80 -65.61
N ASP G 467 81.02 36.89 -64.36
CA ASP G 467 82.39 36.50 -64.06
C ASP G 467 82.59 35.01 -64.33
N ILE G 468 81.70 34.18 -63.78
CA ILE G 468 81.81 32.72 -63.98
C ILE G 468 81.53 32.37 -65.44
N GLN G 469 80.52 33.00 -66.05
CA GLN G 469 80.13 32.72 -67.42
C GLN G 469 80.27 34.01 -68.24
N PRO G 470 81.43 34.23 -68.86
CA PRO G 470 81.57 35.41 -69.73
C PRO G 470 80.62 35.33 -70.91
N LEU G 471 80.21 36.51 -71.40
CA LEU G 471 79.29 36.61 -72.52
C LEU G 471 80.01 36.89 -73.83
N THR G 472 81.17 36.27 -74.04
CA THR G 472 81.93 36.46 -75.27
C THR G 472 81.25 35.73 -76.44
N ASP G 473 81.70 36.08 -77.65
CA ASP G 473 81.15 35.46 -78.84
C ASP G 473 81.45 33.97 -78.92
N GLU G 474 82.67 33.56 -78.58
CA GLU G 474 83.01 32.15 -78.59
C GLU G 474 82.36 31.40 -77.43
N ASN G 475 81.82 32.12 -76.44
CA ASN G 475 81.18 31.52 -75.28
C ASN G 475 79.67 31.39 -75.48
N LYS G 476 79.14 31.82 -76.62
CA LYS G 476 77.69 31.84 -76.82
C LYS G 476 77.10 30.43 -76.73
N LYS G 477 77.68 29.47 -77.45
CA LYS G 477 77.19 28.10 -77.37
C LYS G 477 77.40 27.52 -75.97
N ASN G 478 78.56 27.77 -75.38
CA ASN G 478 78.82 27.29 -74.02
C ASN G 478 77.89 27.95 -73.01
N ARG G 479 77.64 29.25 -73.17
CA ARG G 479 76.72 29.94 -72.26
C ARG G 479 75.30 29.40 -72.40
N GLU G 480 74.86 29.14 -73.63
CA GLU G 480 73.53 28.58 -73.84
C GLU G 480 73.42 27.19 -73.23
N LEU G 481 74.46 26.37 -73.40
CA LEU G 481 74.47 25.04 -72.81
C LEU G 481 74.41 25.12 -71.29
N TYR G 482 75.18 26.04 -70.70
CA TYR G 482 75.15 26.21 -69.25
C TYR G 482 73.78 26.68 -68.77
N GLU G 483 73.17 27.61 -69.51
CA GLU G 483 71.84 28.10 -69.14
C GLU G 483 70.81 26.99 -69.19
N LYS G 484 70.84 26.17 -70.24
CA LYS G 484 69.90 25.06 -70.32
C LYS G 484 70.17 24.02 -69.22
N THR G 485 71.44 23.78 -68.91
CA THR G 485 71.80 22.82 -67.87
C THR G 485 71.30 23.28 -66.51
N LEU G 486 71.47 24.58 -66.20
CA LEU G 486 70.97 25.08 -64.93
C LEU G 486 69.45 24.97 -64.83
N SER G 487 68.75 25.32 -65.91
CA SER G 487 67.30 25.17 -65.92
C SER G 487 66.88 23.71 -66.00
N SER G 488 67.80 22.80 -66.30
CA SER G 488 67.49 21.39 -66.32
C SER G 488 67.45 20.78 -64.93
N CYS G 489 67.87 21.51 -63.90
CA CYS G 489 67.82 21.03 -62.53
C CYS G 489 66.50 21.33 -61.84
N LEU G 490 65.59 22.05 -62.51
CA LEU G 490 64.32 22.44 -61.90
C LEU G 490 63.22 21.41 -62.17
N CYS G 491 63.18 20.84 -63.36
CA CYS G 491 62.16 19.84 -63.68
C CYS G 491 62.41 18.56 -62.91
N GLY G 492 61.33 17.99 -62.37
CA GLY G 492 61.43 16.77 -61.60
C GLY G 492 61.15 15.52 -62.40
N ALA G 493 61.59 15.50 -63.66
CA ALA G 493 61.45 14.36 -64.54
C ALA G 493 62.82 13.71 -64.74
N THR G 494 62.84 12.62 -65.50
CA THR G 494 64.06 11.86 -65.73
C THR G 494 64.89 12.53 -66.83
N LYS G 495 66.18 12.73 -66.56
CA LYS G 495 67.11 13.27 -67.53
C LYS G 495 68.02 12.15 -68.02
N GLY G 496 68.16 12.04 -69.34
CA GLY G 496 68.92 10.96 -69.92
C GLY G 496 70.24 11.38 -70.55
N CYS G 497 70.97 12.27 -69.90
CA CYS G 497 72.25 12.73 -70.42
C CYS G 497 73.20 12.98 -69.27
N LEU G 498 74.50 12.91 -69.59
CA LEU G 498 75.58 13.14 -68.63
C LEU G 498 76.22 14.48 -68.92
N THR G 499 75.91 15.49 -68.11
CA THR G 499 76.47 16.82 -68.24
C THR G 499 77.64 16.95 -67.28
N PHE G 500 78.74 17.53 -67.77
CA PHE G 500 79.98 17.62 -67.00
C PHE G 500 80.37 19.08 -66.84
N PHE G 501 80.69 19.48 -65.62
CA PHE G 501 81.16 20.84 -65.34
C PHE G 501 82.69 20.87 -65.33
N PHE G 502 83.27 20.49 -66.48
CA PHE G 502 84.71 20.42 -66.62
C PHE G 502 85.33 21.80 -66.47
N GLY G 503 86.35 21.90 -65.62
CA GLY G 503 87.02 23.16 -65.40
C GLY G 503 88.22 23.04 -64.48
N GLU G 504 89.13 24.01 -64.55
CA GLU G 504 90.35 23.97 -63.76
C GLU G 504 90.05 24.40 -62.33
N THR G 505 91.08 24.54 -61.51
CA THR G 505 90.91 24.97 -60.13
C THR G 505 90.44 26.42 -60.08
N ALA G 506 89.46 26.67 -59.20
CA ALA G 506 88.89 28.00 -58.98
C ALA G 506 88.33 28.58 -60.29
N THR G 507 87.37 27.87 -60.86
CA THR G 507 86.70 28.31 -62.09
C THR G 507 85.24 28.64 -61.86
N GLY G 508 84.81 28.79 -60.61
CA GLY G 508 83.43 29.09 -60.30
C GLY G 508 82.52 27.88 -60.18
N LYS G 509 83.05 26.66 -60.41
CA LYS G 509 82.23 25.46 -60.28
C LYS G 509 81.74 25.27 -58.85
N SER G 510 82.63 25.50 -57.87
CA SER G 510 82.24 25.41 -56.47
C SER G 510 81.16 26.45 -56.15
N THR G 511 81.35 27.68 -56.62
CA THR G 511 80.33 28.71 -56.40
C THR G 511 79.02 28.33 -57.09
N THR G 512 79.10 27.79 -58.30
CA THR G 512 77.88 27.40 -59.01
C THR G 512 77.11 26.32 -58.27
N LYS G 513 77.80 25.28 -57.82
CA LYS G 513 77.12 24.21 -57.11
C LYS G 513 76.58 24.67 -55.76
N ARG G 514 77.34 25.54 -55.07
CA ARG G 514 76.83 26.08 -53.80
C ARG G 514 75.59 26.93 -54.01
N LEU G 515 75.58 27.77 -55.05
CA LEU G 515 74.42 28.57 -55.36
C LEU G 515 73.22 27.68 -55.70
N LEU G 516 73.45 26.64 -56.50
CA LEU G 516 72.36 25.75 -56.89
C LEU G 516 71.80 25.00 -55.68
N LYS G 517 72.67 24.51 -54.80
CA LYS G 517 72.22 23.77 -53.63
C LYS G 517 71.55 24.67 -52.60
N SER G 518 71.93 25.95 -52.54
CA SER G 518 71.23 26.89 -51.68
C SER G 518 69.88 27.31 -52.27
N ALA G 519 69.80 27.38 -53.60
CA ALA G 519 68.54 27.76 -54.24
C ALA G 519 67.51 26.64 -54.14
N ILE G 520 67.91 25.40 -54.43
CA ILE G 520 66.95 24.30 -54.45
C ILE G 520 66.85 23.58 -53.12
N GLY G 521 67.77 23.81 -52.19
CA GLY G 521 67.63 23.26 -50.85
C GLY G 521 67.69 21.74 -50.84
N ASP G 522 66.64 21.12 -50.29
CA ASP G 522 66.58 19.67 -50.16
C ASP G 522 66.42 18.95 -51.50
N LEU G 523 66.17 19.69 -52.59
CA LEU G 523 66.07 19.07 -53.91
C LEU G 523 67.40 18.57 -54.42
N PHE G 524 68.50 18.88 -53.73
CA PHE G 524 69.83 18.46 -54.15
C PHE G 524 70.26 17.19 -53.43
N VAL G 525 71.06 16.38 -54.11
CA VAL G 525 71.66 15.18 -53.55
C VAL G 525 73.15 15.20 -53.88
N GLU G 526 73.98 14.90 -52.88
CA GLU G 526 75.43 14.85 -53.06
C GLU G 526 75.89 13.40 -52.96
N THR G 527 76.53 12.91 -54.03
CA THR G 527 77.04 11.55 -54.09
C THR G 527 78.51 11.57 -54.48
N GLY G 528 79.23 10.55 -54.04
CA GLY G 528 80.65 10.44 -54.32
C GLY G 528 80.91 9.82 -55.68
N GLN G 529 82.19 9.51 -55.91
CA GLN G 529 82.62 8.89 -57.16
C GLN G 529 82.45 7.38 -57.15
N THR G 530 81.96 6.81 -56.04
CA THR G 530 81.88 5.35 -55.94
C THR G 530 80.95 4.76 -56.99
N ILE G 531 79.83 5.43 -57.27
CA ILE G 531 78.85 4.90 -58.21
C ILE G 531 79.43 4.78 -59.61
N LEU G 532 80.43 5.59 -59.95
CA LEU G 532 81.02 5.56 -61.29
C LEU G 532 82.07 4.47 -61.43
N THR G 533 82.39 3.74 -60.37
CA THR G 533 83.46 2.74 -60.40
C THR G 533 83.00 1.36 -59.98
N ASP G 534 81.73 1.19 -59.61
CA ASP G 534 81.23 -0.08 -59.10
C ASP G 534 79.92 -0.45 -59.79
N VAL G 535 79.56 -1.73 -59.68
CA VAL G 535 78.27 -2.16 -60.18
C VAL G 535 77.16 -1.55 -59.33
N LEU G 536 76.13 -1.05 -60.00
CA LEU G 536 75.04 -0.38 -59.28
C LEU G 536 74.18 -1.37 -58.49
N ASP G 537 73.99 -2.58 -59.02
CA ASP G 537 73.14 -3.57 -58.35
C ASP G 537 73.70 -3.97 -56.99
N LYS G 538 74.87 -4.63 -57.00
CA LYS G 538 75.55 -5.10 -55.80
C LYS G 538 74.59 -5.64 -54.74
N GLY G 539 74.64 -5.07 -53.54
CA GLY G 539 73.69 -5.37 -52.50
C GLY G 539 72.97 -4.13 -52.03
N PRO G 540 73.03 -3.83 -50.73
CA PRO G 540 72.47 -2.57 -50.22
C PRO G 540 73.37 -1.39 -50.60
N ASN G 541 72.84 -0.48 -51.41
CA ASN G 541 73.59 0.64 -51.94
C ASN G 541 72.85 1.93 -51.61
N PRO G 542 73.09 2.51 -50.43
CA PRO G 542 72.38 3.74 -50.05
C PRO G 542 72.67 4.92 -50.95
N PHE G 543 73.76 4.90 -51.72
CA PHE G 543 74.05 6.00 -52.64
C PHE G 543 72.98 6.12 -53.70
N ILE G 544 72.48 5.00 -54.21
CA ILE G 544 71.44 4.99 -55.23
C ILE G 544 70.04 4.87 -54.61
N ALA G 545 69.93 5.11 -53.31
CA ALA G 545 68.65 5.06 -52.60
C ALA G 545 68.10 6.44 -52.27
N ASN G 546 68.92 7.32 -51.69
CA ASN G 546 68.49 8.67 -51.36
C ASN G 546 68.23 9.52 -52.58
N MET G 547 68.65 9.08 -53.76
CA MET G 547 68.46 9.84 -54.99
C MET G 547 67.01 9.85 -55.46
N HIS G 548 66.12 9.11 -54.79
CA HIS G 548 64.73 9.04 -55.19
C HIS G 548 64.09 10.42 -55.18
N LEU G 549 63.40 10.76 -56.27
CA LEU G 549 62.65 12.01 -56.43
C LEU G 549 63.55 13.23 -56.36
N LYS G 550 64.87 13.02 -56.34
CA LYS G 550 65.80 14.15 -56.28
C LYS G 550 65.69 14.99 -57.54
N ARG G 551 65.86 16.30 -57.38
CA ARG G 551 65.84 17.22 -58.51
C ARG G 551 67.22 17.52 -59.06
N SER G 552 68.28 17.25 -58.30
CA SER G 552 69.64 17.48 -58.76
C SER G 552 70.59 16.61 -57.95
N VAL G 553 71.57 16.04 -58.64
CA VAL G 553 72.57 15.16 -58.03
C VAL G 553 73.93 15.49 -58.62
N PHE G 554 74.96 15.46 -57.77
CA PHE G 554 76.28 15.94 -58.15
C PHE G 554 77.36 15.02 -57.60
N CYS G 555 78.47 14.95 -58.33
CA CYS G 555 79.67 14.23 -57.91
C CYS G 555 80.88 15.11 -58.14
N SER G 556 81.88 14.96 -57.26
CA SER G 556 83.06 15.82 -57.33
C SER G 556 84.27 15.07 -56.80
N GLU G 557 85.45 15.66 -57.02
CA GLU G 557 86.73 15.16 -56.51
C GLU G 557 87.00 13.74 -57.00
N LEU G 558 87.13 13.61 -58.31
CA LEU G 558 87.41 12.33 -58.92
C LEU G 558 88.83 11.88 -58.60
N PRO G 559 89.06 10.56 -58.46
CA PRO G 559 90.42 10.05 -58.29
C PRO G 559 91.15 9.95 -59.62
N ASP G 560 91.84 11.04 -59.99
CA ASP G 560 92.44 11.21 -61.31
C ASP G 560 93.04 9.91 -61.85
N PHE G 561 92.68 9.60 -63.10
CA PHE G 561 93.05 8.35 -63.75
C PHE G 561 94.44 8.40 -64.38
N ALA G 562 95.13 9.53 -64.30
CA ALA G 562 96.47 9.62 -64.89
C ALA G 562 97.43 8.63 -64.22
N CYS G 563 97.30 8.43 -62.91
CA CYS G 563 98.11 7.47 -62.19
C CYS G 563 97.33 6.16 -62.05
N SER G 564 98.01 5.04 -62.34
CA SER G 564 97.37 3.74 -62.29
C SER G 564 96.97 3.40 -60.86
N GLY G 565 95.77 2.84 -60.71
CA GLY G 565 95.26 2.46 -59.41
C GLY G 565 93.82 2.88 -59.20
N SER G 566 93.28 3.65 -60.15
CA SER G 566 91.91 4.14 -60.09
C SER G 566 91.08 3.50 -61.19
N LYS G 567 89.83 3.18 -60.87
CA LYS G 567 88.93 2.57 -61.83
C LYS G 567 88.41 3.61 -62.82
N LYS G 568 88.35 3.23 -64.09
CA LYS G 568 87.78 4.10 -65.10
C LYS G 568 86.27 4.22 -64.93
N ILE G 569 85.68 5.18 -65.64
CA ILE G 569 84.24 5.39 -65.57
C ILE G 569 83.54 4.29 -66.35
N ARG G 570 82.81 3.43 -65.64
CA ARG G 570 82.12 2.32 -66.28
C ARG G 570 81.00 2.82 -67.17
N SER G 571 80.86 2.19 -68.34
CA SER G 571 79.81 2.57 -69.28
C SER G 571 78.45 2.03 -68.87
N ASP G 572 78.42 0.88 -68.20
CA ASP G 572 77.14 0.33 -67.75
C ASP G 572 76.48 1.26 -66.74
N ASN G 573 77.26 1.89 -65.86
CA ASN G 573 76.70 2.86 -64.93
C ASN G 573 76.09 4.04 -65.69
N ILE G 574 76.79 4.53 -66.72
CA ILE G 574 76.28 5.65 -67.51
C ILE G 574 74.97 5.27 -68.19
N LYS G 575 74.92 4.07 -68.79
CA LYS G 575 73.71 3.63 -69.46
C LYS G 575 72.56 3.50 -68.47
N LYS G 576 72.81 2.91 -67.30
CA LYS G 576 71.75 2.67 -66.34
C LYS G 576 71.26 3.96 -65.67
N LEU G 577 72.08 4.99 -65.61
CA LEU G 577 71.69 6.26 -65.00
C LEU G 577 70.90 7.14 -65.97
N THR G 578 70.30 6.55 -67.00
CA THR G 578 69.49 7.26 -67.97
C THR G 578 68.01 6.94 -67.86
N GLU G 579 67.66 5.67 -67.72
CA GLU G 579 66.27 5.27 -67.69
C GLU G 579 65.57 5.77 -66.42
N PRO G 580 64.27 6.07 -66.49
CA PRO G 580 63.55 6.54 -65.30
C PRO G 580 63.54 5.53 -64.16
N CYS G 581 63.53 4.24 -64.47
CA CYS G 581 63.55 3.21 -63.44
C CYS G 581 64.97 3.04 -62.91
N VAL G 582 65.10 3.05 -61.58
CA VAL G 582 66.37 2.83 -60.91
C VAL G 582 66.26 1.58 -60.05
N ILE G 583 67.19 0.65 -60.25
CA ILE G 583 67.21 -0.62 -59.53
C ILE G 583 68.21 -0.51 -58.39
N GLY G 584 67.74 -0.80 -57.18
CA GLY G 584 68.59 -0.72 -56.00
C GLY G 584 67.82 -0.44 -54.73
N ARG G 585 68.16 -1.14 -53.66
CA ARG G 585 67.42 -1.03 -52.41
C ARG G 585 68.25 -0.32 -51.34
N PRO G 586 67.61 0.45 -50.48
CA PRO G 586 68.34 1.13 -49.39
C PRO G 586 68.82 0.17 -48.33
N CYS G 587 69.52 0.69 -47.32
CA CYS G 587 69.98 -0.15 -46.22
C CYS G 587 68.79 -0.65 -45.41
N PHE G 588 68.76 -1.96 -45.16
CA PHE G 588 67.70 -2.60 -44.39
C PHE G 588 66.32 -2.35 -45.00
N SER G 589 66.27 -2.19 -46.32
CA SER G 589 65.00 -1.97 -47.02
C SER G 589 64.97 -2.83 -48.27
N ASN G 590 63.79 -3.37 -48.57
CA ASN G 590 63.59 -4.22 -49.73
C ASN G 590 63.13 -3.45 -50.97
N LYS G 591 62.99 -2.14 -50.87
CA LYS G 591 62.50 -1.35 -52.00
C LYS G 591 63.58 -1.19 -53.05
N ILE G 592 63.67 -2.19 -53.96
CA ILE G 592 64.69 -2.18 -54.99
C ILE G 592 64.45 -1.16 -56.08
N ASN G 593 63.24 -0.60 -56.17
CA ASN G 593 62.87 0.29 -57.27
C ASN G 593 62.85 1.73 -56.78
N ASN G 594 63.61 2.59 -57.46
CA ASN G 594 63.64 4.02 -57.21
C ASN G 594 63.38 4.74 -58.52
N ARG G 595 62.96 6.00 -58.42
CA ARG G 595 62.63 6.81 -59.59
C ARG G 595 63.72 7.85 -59.81
N ASN G 596 64.22 7.90 -61.04
CA ASN G 596 65.26 8.85 -61.43
C ASN G 596 64.63 10.14 -61.92
N HIS G 597 64.89 11.24 -61.21
CA HIS G 597 64.34 12.52 -61.61
C HIS G 597 65.34 13.66 -61.41
N ALA G 598 66.62 13.35 -61.27
CA ALA G 598 67.64 14.33 -60.98
C ALA G 598 68.55 14.53 -62.18
N THR G 599 69.26 15.66 -62.19
CA THR G 599 70.24 15.97 -63.22
C THR G 599 71.62 15.64 -62.69
N ILE G 600 72.29 14.68 -63.33
CA ILE G 600 73.61 14.24 -62.90
C ILE G 600 74.67 15.10 -63.57
N ILE G 601 75.47 15.77 -62.74
CA ILE G 601 76.57 16.61 -63.21
C ILE G 601 77.77 16.35 -62.32
N ILE G 602 78.91 16.06 -62.94
CA ILE G 602 80.16 15.83 -62.22
C ILE G 602 81.21 16.77 -62.80
N ASP G 603 81.88 17.52 -61.92
CA ASP G 603 82.91 18.45 -62.34
C ASP G 603 84.27 17.76 -62.33
N THR G 604 85.10 18.10 -63.30
CA THR G 604 86.41 17.49 -63.46
C THR G 604 87.41 18.57 -63.88
N ASN G 605 88.67 18.38 -63.49
CA ASN G 605 89.75 19.28 -63.88
C ASN G 605 90.48 18.82 -65.13
N TYR G 606 90.01 17.75 -65.76
CA TYR G 606 90.74 17.11 -66.85
C TYR G 606 89.76 16.39 -67.77
N LYS G 607 90.25 16.01 -68.93
CA LYS G 607 89.41 15.31 -69.91
C LYS G 607 89.08 13.91 -69.40
N PRO G 608 87.81 13.55 -69.35
CA PRO G 608 87.44 12.24 -68.82
C PRO G 608 87.60 11.13 -69.85
N VAL G 609 87.76 9.91 -69.33
CA VAL G 609 87.96 8.72 -70.14
C VAL G 609 86.96 7.66 -69.69
N PHE G 610 86.58 6.79 -70.62
CA PHE G 610 85.61 5.75 -70.37
C PHE G 610 86.18 4.41 -70.83
N ASP G 611 85.92 3.36 -70.05
CA ASP G 611 86.44 2.04 -70.42
C ASP G 611 85.82 1.56 -71.73
N ARG G 612 84.52 1.75 -71.90
CA ARG G 612 83.82 1.34 -73.11
C ARG G 612 83.06 2.53 -73.68
N ILE G 613 83.16 2.72 -74.99
CA ILE G 613 82.45 3.79 -75.67
C ILE G 613 81.84 3.23 -76.95
N ASP G 614 80.56 3.50 -77.17
CA ASP G 614 79.86 2.97 -78.34
C ASP G 614 78.84 4.01 -78.79
N ASN G 615 77.89 3.58 -79.62
CA ASN G 615 76.86 4.48 -80.15
C ASN G 615 75.84 4.91 -79.10
N ALA G 616 75.87 4.32 -77.90
CA ALA G 616 74.94 4.68 -76.85
C ALA G 616 75.49 5.71 -75.87
N LEU G 617 76.75 5.54 -75.44
CA LEU G 617 77.32 6.44 -74.44
C LEU G 617 77.43 7.86 -74.97
N MET G 618 77.87 8.02 -76.21
CA MET G 618 78.14 9.35 -76.75
C MET G 618 76.86 10.16 -76.96
N ARG G 619 75.73 9.50 -77.20
CA ARG G 619 74.47 10.21 -77.40
C ARG G 619 73.89 10.76 -76.10
N ARG G 620 74.53 10.49 -74.96
CA ARG G 620 74.03 10.90 -73.66
C ARG G 620 75.14 11.57 -72.84
N ILE G 621 75.90 12.45 -73.48
CA ILE G 621 77.05 13.08 -72.84
C ILE G 621 76.98 14.59 -73.06
N ALA G 622 77.65 15.33 -72.18
CA ALA G 622 77.71 16.78 -72.27
C ALA G 622 78.82 17.28 -71.36
N VAL G 623 79.52 18.34 -71.79
CA VAL G 623 80.59 18.95 -71.02
C VAL G 623 80.42 20.46 -71.06
N VAL G 624 80.46 21.09 -69.89
CA VAL G 624 80.41 22.55 -69.77
C VAL G 624 81.77 23.01 -69.24
N ARG G 625 82.41 23.91 -69.97
CA ARG G 625 83.74 24.38 -69.63
C ARG G 625 83.69 25.77 -69.00
N PHE G 626 84.60 26.01 -68.08
CA PHE G 626 84.71 27.29 -67.38
C PHE G 626 86.13 27.82 -67.52
N ARG G 627 86.25 29.14 -67.67
CA ARG G 627 87.55 29.75 -67.91
C ARG G 627 87.78 30.98 -67.03
N THR G 628 87.10 31.06 -65.89
CA THR G 628 87.30 32.12 -64.92
C THR G 628 88.24 31.64 -63.83
N HIS G 629 88.94 32.57 -63.18
CA HIS G 629 89.84 32.25 -62.09
C HIS G 629 89.50 33.10 -60.89
N PHE G 630 89.38 32.45 -59.73
CA PHE G 630 89.16 33.11 -58.44
C PHE G 630 90.38 32.85 -57.57
N SER G 631 91.32 33.79 -57.55
CA SER G 631 92.56 33.62 -56.81
C SER G 631 92.90 34.91 -56.06
N GLN G 632 93.72 34.77 -55.03
CA GLN G 632 94.16 35.91 -54.25
C GLN G 632 95.10 36.80 -55.06
N PRO G 633 95.15 38.09 -54.75
CA PRO G 633 96.08 38.98 -55.46
C PRO G 633 97.54 38.63 -55.26
N SER G 634 97.87 37.85 -54.22
CA SER G 634 99.26 37.46 -54.00
C SER G 634 99.81 36.65 -55.15
N GLY G 635 99.01 35.75 -55.70
CA GLY G 635 99.42 34.94 -56.84
C GLY G 635 98.90 35.48 -58.15
N ARG G 636 98.59 36.78 -58.19
CA ARG G 636 98.02 37.37 -59.40
C ARG G 636 98.99 37.28 -60.57
N GLU G 637 100.29 37.37 -60.29
CA GLU G 637 101.28 37.25 -61.37
C GLU G 637 101.25 35.87 -62.01
N ALA G 638 101.10 34.81 -61.19
CA ALA G 638 100.98 33.46 -61.72
C ALA G 638 99.58 33.19 -62.27
N ALA G 639 98.55 33.79 -61.68
CA ALA G 639 97.18 33.56 -62.13
C ALA G 639 96.95 34.13 -63.52
N GLU G 640 97.48 35.33 -63.79
CA GLU G 640 97.33 35.94 -65.11
C GLU G 640 98.07 35.15 -66.19
N ASN G 641 99.11 34.41 -65.82
CA ASN G 641 99.98 33.72 -66.77
C ASN G 641 99.58 32.26 -66.93
N ASN G 642 98.29 31.97 -66.86
CA ASN G 642 97.77 30.62 -67.06
C ASN G 642 96.99 30.59 -68.37
N ASP G 643 97.35 29.65 -69.26
CA ASP G 643 96.68 29.55 -70.54
C ASP G 643 95.22 29.13 -70.37
N ALA G 644 94.94 28.21 -69.45
CA ALA G 644 93.60 27.69 -69.25
C ALA G 644 92.69 28.65 -68.49
N TYR G 645 93.24 29.73 -67.93
CA TYR G 645 92.46 30.71 -67.18
C TYR G 645 92.34 31.97 -68.02
N ASP G 646 91.17 32.17 -68.63
CA ASP G 646 90.95 33.32 -69.50
C ASP G 646 90.38 34.52 -68.77
N LYS G 647 90.12 34.42 -67.47
CA LYS G 647 89.63 35.55 -66.68
C LYS G 647 89.98 35.31 -65.23
N VAL G 648 90.67 36.26 -64.60
CA VAL G 648 91.10 36.15 -63.23
C VAL G 648 90.51 37.32 -62.44
N LYS G 649 89.84 37.00 -61.34
CA LYS G 649 89.31 38.01 -60.43
C LYS G 649 89.63 37.62 -59.00
N LEU G 650 89.70 38.63 -58.12
CA LEU G 650 90.07 38.39 -56.74
C LEU G 650 89.00 37.59 -56.01
N LEU G 651 89.43 36.86 -54.99
CA LEU G 651 88.49 36.11 -54.16
C LEU G 651 87.68 37.06 -53.29
N ASP G 652 86.36 36.86 -53.30
CA ASP G 652 85.43 37.64 -52.49
C ASP G 652 84.95 36.76 -51.34
N GLU G 653 85.43 37.06 -50.13
CA GLU G 653 85.18 36.17 -48.99
C GLU G 653 83.71 36.23 -48.54
N GLY G 654 83.08 37.40 -48.64
CA GLY G 654 81.70 37.53 -48.17
C GLY G 654 80.70 36.71 -48.93
N LEU G 655 81.05 36.27 -50.15
CA LEU G 655 80.14 35.46 -50.94
C LEU G 655 79.83 34.14 -50.24
N ASP G 656 80.86 33.53 -49.61
CA ASP G 656 80.65 32.26 -48.93
C ASP G 656 79.65 32.41 -47.78
N GLY G 657 79.79 33.47 -46.99
CA GLY G 657 78.83 33.70 -45.92
C GLY G 657 77.45 34.03 -46.44
N LYS G 658 77.37 34.82 -47.51
CA LYS G 658 76.07 35.22 -48.05
C LYS G 658 75.31 34.02 -48.61
N ILE G 659 75.98 33.15 -49.35
CA ILE G 659 75.33 31.92 -49.80
C ILE G 659 75.04 31.01 -48.61
N GLN G 660 75.92 31.03 -47.59
CA GLN G 660 75.62 30.34 -46.35
C GLN G 660 74.41 30.95 -45.67
N ASN G 661 74.20 32.26 -45.83
CA ASN G 661 72.98 32.91 -45.40
C ASN G 661 71.88 32.82 -46.44
N ASN G 662 72.15 32.19 -47.58
CA ASN G 662 71.16 31.98 -48.65
C ASN G 662 70.64 33.30 -49.20
N ARG G 663 71.43 34.36 -49.07
CA ARG G 663 71.02 35.65 -49.62
C ARG G 663 70.86 35.58 -51.13
N TYR G 664 71.84 35.02 -51.82
CA TYR G 664 71.81 34.89 -53.27
C TYR G 664 71.00 33.68 -53.73
N ARG G 665 70.52 32.86 -52.80
CA ARG G 665 69.76 31.67 -53.17
C ARG G 665 68.46 32.03 -53.89
N PHE G 666 67.74 33.05 -53.37
CA PHE G 666 66.46 33.39 -53.96
C PHE G 666 66.62 34.07 -55.31
N ALA G 667 67.63 34.92 -55.45
CA ALA G 667 67.91 35.54 -56.74
C ALA G 667 68.27 34.47 -57.77
N PHE G 668 69.08 33.49 -57.37
CA PHE G 668 69.42 32.39 -58.26
C PHE G 668 68.17 31.58 -58.61
N LEU G 669 67.25 31.42 -57.66
CA LEU G 669 65.99 30.75 -57.94
C LEU G 669 65.20 31.50 -59.01
N TYR G 670 65.09 32.83 -58.87
CA TYR G 670 64.34 33.60 -59.85
C TYR G 670 65.01 33.56 -61.21
N LEU G 671 66.34 33.60 -61.25
CA LEU G 671 67.05 33.49 -62.52
C LEU G 671 66.84 32.12 -63.15
N LEU G 672 66.83 31.06 -62.34
CA LEU G 672 66.53 29.74 -62.86
C LEU G 672 65.12 29.68 -63.42
N VAL G 673 64.17 30.30 -62.73
CA VAL G 673 62.80 30.36 -63.24
C VAL G 673 62.75 31.07 -64.58
N LYS G 674 63.48 32.18 -64.70
CA LYS G 674 63.54 32.90 -65.97
C LYS G 674 64.14 32.04 -67.07
N TRP G 675 65.25 31.37 -66.78
CA TRP G 675 65.90 30.55 -67.80
C TRP G 675 65.03 29.35 -68.19
N TYR G 676 64.22 28.85 -67.26
CA TYR G 676 63.24 27.83 -67.61
C TYR G 676 62.12 28.42 -68.46
N LYS G 677 61.78 29.70 -68.23
CA LYS G 677 60.83 30.36 -69.11
C LYS G 677 61.37 30.50 -70.51
N LYS G 678 62.68 30.73 -70.65
CA LYS G 678 63.28 30.75 -71.99
C LYS G 678 63.18 29.39 -72.65
N TYR G 679 63.40 28.31 -71.90
CA TYR G 679 63.33 26.95 -72.41
C TYR G 679 62.22 26.22 -71.66
N HIS G 680 60.98 26.41 -72.11
CA HIS G 680 59.82 25.74 -71.52
C HIS G 680 59.03 25.02 -72.60
N ILE G 681 59.71 24.59 -73.66
CA ILE G 681 59.06 23.87 -74.76
C ILE G 681 58.43 22.60 -74.21
N PRO G 682 57.26 22.18 -74.72
CA PRO G 682 56.68 20.91 -74.23
C PRO G 682 57.63 19.74 -74.33
N ILE G 683 58.47 19.69 -75.36
CA ILE G 683 59.50 18.65 -75.47
C ILE G 683 60.73 19.20 -74.76
N MET G 684 60.75 19.03 -73.44
CA MET G 684 61.90 19.39 -72.63
C MET G 684 62.82 18.17 -72.53
N LYS G 685 63.87 18.15 -73.35
CA LYS G 685 64.74 16.99 -73.45
C LYS G 685 66.19 17.45 -73.45
N LEU G 686 67.07 16.57 -72.99
CA LEU G 686 68.49 16.85 -73.05
C LEU G 686 69.06 16.46 -74.42
N TYR G 687 70.14 17.14 -74.79
CA TYR G 687 70.74 16.91 -76.10
C TYR G 687 72.25 16.68 -75.95
N PRO G 688 72.78 15.67 -76.61
CA PRO G 688 74.21 15.36 -76.45
C PRO G 688 75.10 16.40 -77.10
N THR G 689 76.31 16.53 -76.55
CA THR G 689 77.36 17.37 -77.12
C THR G 689 78.65 16.55 -77.18
N PRO G 690 78.72 15.56 -78.07
CA PRO G 690 79.91 14.71 -78.15
C PRO G 690 81.09 15.35 -78.86
N GLU G 691 80.97 16.61 -79.29
CA GLU G 691 82.08 17.26 -79.98
C GLU G 691 83.21 17.62 -79.03
N GLU G 692 82.89 17.92 -77.76
CA GLU G 692 83.88 18.40 -76.82
C GLU G 692 84.81 17.29 -76.33
N ILE G 693 84.28 16.09 -76.15
CA ILE G 693 85.03 14.99 -75.54
C ILE G 693 86.10 14.51 -76.51
N PRO G 694 87.37 14.50 -76.11
CA PRO G 694 88.44 14.03 -77.02
C PRO G 694 88.34 12.56 -77.37
N ASP G 695 87.66 11.76 -76.55
CA ASP G 695 87.57 10.32 -76.82
C ASP G 695 86.80 10.05 -78.10
N PHE G 696 85.73 10.82 -78.35
CA PHE G 696 84.88 10.59 -79.51
C PHE G 696 85.53 11.00 -80.82
N ALA G 697 86.69 11.63 -80.78
CA ALA G 697 87.33 12.10 -82.01
C ALA G 697 87.62 10.95 -82.95
N PHE G 698 88.13 9.84 -82.43
CA PHE G 698 88.39 8.67 -83.27
C PHE G 698 87.10 8.09 -83.83
N TYR G 699 86.06 7.99 -82.99
CA TYR G 699 84.81 7.39 -83.43
C TYR G 699 84.10 8.28 -84.45
N LEU G 700 84.17 9.59 -84.27
CA LEU G 700 83.56 10.49 -85.25
C LEU G 700 84.34 10.53 -86.55
N LYS G 701 85.66 10.29 -86.48
CA LYS G 701 86.48 10.31 -87.68
C LYS G 701 86.27 9.06 -88.54
N ILE G 702 86.20 7.88 -87.91
CA ILE G 702 86.07 6.64 -88.67
C ILE G 702 84.73 6.57 -89.38
N GLY G 703 83.67 7.12 -88.75
CA GLY G 703 82.37 7.10 -89.38
C GLY G 703 82.28 7.94 -90.63
N THR G 704 82.94 9.08 -90.65
CA THR G 704 82.90 10.01 -91.78
C THR G 704 84.07 9.81 -92.75
N LEU G 705 84.97 8.87 -92.47
CA LEU G 705 86.07 8.55 -93.37
C LEU G 705 86.03 7.13 -93.91
N LEU G 706 85.27 6.24 -93.27
CA LEU G 706 85.16 4.85 -93.70
C LEU G 706 83.69 4.48 -93.77
N VAL G 707 83.27 3.92 -94.90
CA VAL G 707 81.89 3.49 -95.10
C VAL G 707 81.91 2.02 -95.49
N SER G 708 80.84 1.32 -95.13
CA SER G 708 80.72 -0.08 -95.49
C SER G 708 80.47 -0.23 -96.99
N SER G 709 80.84 -1.39 -97.52
CA SER G 709 80.54 -1.70 -98.91
C SER G 709 79.05 -2.01 -99.06
N SER G 710 78.49 -1.57 -100.19
CA SER G 710 77.07 -1.74 -100.45
C SER G 710 76.86 -1.95 -101.95
N VAL G 711 75.60 -1.95 -102.36
CA VAL G 711 75.28 -2.13 -103.77
C VAL G 711 75.76 -0.95 -104.60
N LYS G 712 75.67 0.26 -104.03
CA LYS G 712 76.12 1.45 -104.74
C LYS G 712 77.61 1.43 -105.03
N HIS G 713 78.40 0.69 -104.24
CA HIS G 713 79.83 0.57 -104.46
C HIS G 713 80.20 -0.63 -105.32
N ILE G 714 79.22 -1.46 -105.69
CA ILE G 714 79.52 -2.61 -106.55
C ILE G 714 79.99 -2.18 -107.94
N PRO G 715 79.31 -1.26 -108.66
CA PRO G 715 79.76 -0.93 -110.02
C PRO G 715 80.90 0.07 -110.05
N LEU G 716 81.86 -0.05 -109.14
CA LEU G 716 83.06 0.76 -109.18
C LEU G 716 84.31 -0.04 -108.83
N MET G 717 84.23 -1.37 -108.79
CA MET G 717 85.38 -2.20 -108.44
C MET G 717 86.48 -2.13 -109.49
N THR G 718 86.15 -1.75 -110.73
CA THR G 718 87.17 -1.58 -111.75
C THR G 718 88.15 -0.47 -111.36
N ASP G 719 87.64 0.64 -110.84
CA ASP G 719 88.50 1.71 -110.36
C ASP G 719 89.26 1.27 -109.11
N LEU G 720 88.62 0.50 -108.23
CA LEU G 720 89.27 0.06 -107.01
C LEU G 720 90.31 -1.02 -107.25
N SER G 721 90.32 -1.63 -108.44
CA SER G 721 91.29 -2.69 -108.73
C SER G 721 92.72 -2.16 -108.65
N LYS G 722 92.96 -0.96 -109.17
CA LYS G 722 94.28 -0.35 -109.10
C LYS G 722 94.59 0.24 -107.72
N LYS G 723 93.58 0.39 -106.86
CA LYS G 723 93.78 0.96 -105.53
C LYS G 723 94.08 -0.07 -104.46
N GLY G 724 93.98 -1.36 -104.77
CA GLY G 724 94.24 -2.41 -103.80
C GLY G 724 93.03 -2.98 -103.12
N TYR G 725 91.82 -2.66 -103.58
CA TYR G 725 90.59 -3.18 -102.98
C TYR G 725 90.18 -4.47 -103.68
N ILE G 726 89.82 -5.47 -102.89
CA ILE G 726 89.42 -6.78 -103.39
C ILE G 726 87.94 -6.97 -103.14
N LEU G 727 87.22 -7.35 -104.19
CA LEU G 727 85.79 -7.58 -104.12
C LEU G 727 85.52 -9.07 -103.89
N TYR G 728 84.70 -9.37 -102.88
CA TYR G 728 84.36 -10.74 -102.53
C TYR G 728 82.88 -10.79 -102.16
N ASP G 729 82.16 -11.72 -102.79
CA ASP G 729 80.70 -11.88 -102.63
C ASP G 729 79.99 -10.53 -102.60
N ASN G 730 80.31 -9.70 -103.59
CA ASN G 730 79.74 -8.36 -103.75
C ASN G 730 80.04 -7.45 -102.57
N VAL G 731 81.04 -7.80 -101.76
CA VAL G 731 81.47 -6.98 -100.64
C VAL G 731 82.94 -6.64 -100.82
N VAL G 732 83.24 -5.36 -100.89
CA VAL G 732 84.61 -4.90 -101.11
C VAL G 732 85.42 -5.13 -99.84
N THR G 733 86.58 -5.73 -100.00
CA THR G 733 87.46 -6.09 -98.89
C THR G 733 88.76 -5.30 -98.98
N LEU G 734 89.50 -5.29 -97.87
CA LEU G 734 90.77 -4.58 -97.78
C LEU G 734 91.68 -5.33 -96.82
N PRO G 735 92.91 -5.63 -97.23
CA PRO G 735 93.81 -6.39 -96.35
C PRO G 735 94.11 -5.65 -95.05
N LEU G 736 94.36 -6.43 -94.01
CA LEU G 736 94.62 -5.85 -92.69
C LEU G 736 95.87 -4.98 -92.70
N THR G 737 96.95 -5.48 -93.31
CA THR G 737 98.16 -4.68 -93.42
C THR G 737 97.95 -3.45 -94.28
N THR G 738 97.23 -3.62 -95.40
CA THR G 738 96.93 -2.48 -96.27
C THR G 738 96.10 -1.43 -95.55
N PHE G 739 95.07 -1.87 -94.82
CA PHE G 739 94.25 -0.93 -94.06
C PHE G 739 95.06 -0.24 -92.98
N GLN G 740 95.97 -0.98 -92.33
CA GLN G 740 96.84 -0.36 -91.34
C GLN G 740 97.72 0.72 -91.97
N GLN G 741 98.26 0.45 -93.17
CA GLN G 741 99.11 1.43 -93.83
C GLN G 741 98.31 2.63 -94.31
N LYS G 742 97.06 2.42 -94.73
CA LYS G 742 96.26 3.53 -95.25
C LYS G 742 95.82 4.47 -94.14
N ILE G 743 95.45 3.94 -92.97
CA ILE G 743 95.00 4.78 -91.88
C ILE G 743 96.15 5.53 -91.21
N SER G 744 97.39 5.13 -91.49
CA SER G 744 98.54 5.77 -90.84
C SER G 744 98.71 7.22 -91.28
N LYS G 745 98.13 7.62 -92.41
CA LYS G 745 98.25 8.98 -92.89
C LYS G 745 97.29 9.95 -92.21
N TYR G 746 96.32 9.43 -91.44
CA TYR G 746 95.35 10.27 -90.75
C TYR G 746 95.73 10.55 -89.30
N PHE G 747 96.08 9.50 -88.55
CA PHE G 747 96.48 9.64 -87.15
C PHE G 747 97.63 8.69 -86.85
N ASN G 748 98.35 9.00 -85.77
CA ASN G 748 99.54 8.23 -85.43
C ASN G 748 99.18 6.79 -85.08
N SER G 749 100.08 5.87 -85.45
CA SER G 749 99.84 4.45 -85.23
C SER G 749 99.82 4.12 -83.74
N ARG G 750 100.75 4.67 -82.97
CA ARG G 750 100.87 4.30 -81.56
C ARG G 750 99.98 5.12 -80.64
N LEU G 751 99.40 6.22 -81.13
CA LEU G 751 98.45 6.98 -80.30
C LEU G 751 97.24 6.13 -79.95
N PHE G 752 96.47 5.72 -80.96
CA PHE G 752 95.29 4.89 -80.77
C PHE G 752 95.53 3.44 -81.18
N GLY G 753 96.76 2.95 -81.00
CA GLY G 753 97.07 1.59 -81.40
C GLY G 753 96.19 0.56 -80.72
N HIS G 754 95.91 0.75 -79.43
CA HIS G 754 94.94 -0.09 -78.74
C HIS G 754 93.55 0.07 -79.35
N ASP G 755 93.14 1.32 -79.60
CA ASP G 755 91.88 1.55 -80.30
C ASP G 755 91.93 0.99 -81.72
N ILE G 756 93.08 1.11 -82.38
CA ILE G 756 93.22 0.58 -83.74
C ILE G 756 92.96 -0.93 -83.75
N GLU G 757 93.62 -1.66 -82.84
CA GLU G 757 93.46 -3.11 -82.83
C GLU G 757 92.07 -3.52 -82.34
N SER G 758 91.50 -2.78 -81.40
CA SER G 758 90.13 -3.08 -80.96
C SER G 758 89.14 -2.90 -82.10
N PHE G 759 89.23 -1.78 -82.82
CA PHE G 759 88.32 -1.56 -83.95
C PHE G 759 88.56 -2.57 -85.06
N ILE G 760 89.82 -2.97 -85.27
CA ILE G 760 90.14 -3.98 -86.27
C ILE G 760 89.49 -5.32 -85.91
N ASN G 761 89.67 -5.77 -84.68
CA ASN G 761 89.14 -7.07 -84.30
C ASN G 761 87.64 -7.04 -84.00
N ARG G 762 87.03 -5.85 -83.92
CA ARG G 762 85.59 -5.75 -83.74
C ARG G 762 84.84 -5.61 -85.05
N HIS G 763 85.39 -4.88 -86.03
CA HIS G 763 84.69 -4.63 -87.29
C HIS G 763 85.38 -5.26 -88.48
N LYS G 764 85.80 -6.53 -88.36
CA LYS G 764 86.40 -7.26 -89.46
C LYS G 764 85.61 -8.52 -89.76
N LYS G 765 85.48 -8.85 -91.04
CA LYS G 765 84.88 -10.10 -91.47
C LYS G 765 85.96 -11.07 -91.91
N PHE G 766 85.72 -12.36 -91.66
CA PHE G 766 86.70 -13.41 -91.94
C PHE G 766 86.12 -14.37 -92.96
N ALA G 767 86.76 -14.46 -94.13
CA ALA G 767 86.37 -15.46 -95.12
C ALA G 767 86.80 -16.85 -94.66
N ASN G 768 87.99 -16.95 -94.07
CA ASN G 768 88.52 -18.19 -93.52
C ASN G 768 89.64 -17.83 -92.55
N VAL G 769 90.38 -18.85 -92.10
CA VAL G 769 91.47 -18.61 -91.17
C VAL G 769 92.57 -17.79 -91.85
N SER G 770 92.90 -18.11 -93.10
CA SER G 770 94.02 -17.46 -93.76
C SER G 770 93.72 -16.00 -94.10
N ASP G 771 92.52 -15.72 -94.62
CA ASP G 771 92.18 -14.40 -95.10
C ASP G 771 91.35 -13.65 -94.07
N GLU G 772 91.73 -12.41 -93.80
CA GLU G 772 91.00 -11.53 -92.90
C GLU G 772 91.05 -10.12 -93.49
N TYR G 773 89.89 -9.58 -93.86
CA TYR G 773 89.82 -8.28 -94.49
C TYR G 773 88.61 -7.52 -93.97
N LEU G 774 88.68 -6.20 -94.06
CA LEU G 774 87.62 -5.31 -93.58
C LEU G 774 86.61 -5.07 -94.68
N GLN G 775 85.33 -5.08 -94.32
CA GLN G 775 84.25 -4.76 -95.25
C GLN G 775 83.93 -3.27 -95.23
N TYR G 776 84.96 -2.45 -95.42
CA TYR G 776 84.83 -1.00 -95.43
C TYR G 776 85.63 -0.42 -96.58
N ILE G 777 85.16 0.72 -97.10
CA ILE G 777 85.80 1.41 -98.22
C ILE G 777 86.05 2.85 -97.83
N PHE G 778 87.25 3.33 -98.09
CA PHE G 778 87.56 4.74 -97.86
C PHE G 778 86.68 5.63 -98.74
N ILE G 779 86.26 6.78 -98.19
CA ILE G 779 85.41 7.67 -98.95
C ILE G 779 86.16 8.35 -100.10
N GLU G 780 87.49 8.44 -100.00
CA GLU G 780 88.27 9.13 -101.03
C GLU G 780 88.12 8.45 -102.39
N ASP G 781 88.18 7.12 -102.41
CA ASP G 781 88.12 6.40 -103.68
C ASP G 781 86.70 6.40 -104.25
N ILE G 782 85.69 6.29 -103.38
CA ILE G 782 84.31 6.32 -103.84
C ILE G 782 83.98 7.69 -104.43
N SER G 783 84.40 8.76 -103.77
CA SER G 783 84.20 10.09 -104.32
C SER G 783 84.95 10.26 -105.64
N SER G 784 86.17 9.75 -105.72
CA SER G 784 86.94 9.82 -106.95
C SER G 784 86.33 8.94 -108.02
N PRO G 785 86.51 9.28 -109.31
CA PRO G 785 85.99 8.47 -110.41
C PRO G 785 86.62 7.08 -110.47
N TRP H 236 45.58 16.94 9.45
CA TRP H 236 45.52 15.86 8.46
C TRP H 236 46.90 15.37 8.08
N GLU H 237 46.99 14.08 7.76
CA GLU H 237 48.21 13.53 7.19
C GLU H 237 48.12 13.63 5.68
N PRO H 238 48.97 14.43 5.02
CA PRO H 238 48.73 14.74 3.60
C PRO H 238 48.79 13.53 2.67
N GLY H 239 49.44 12.45 3.09
CA GLY H 239 49.52 11.28 2.23
C GLY H 239 48.19 10.58 2.00
N PHE H 240 47.17 10.92 2.79
CA PHE H 240 45.86 10.31 2.63
C PHE H 240 45.07 10.98 1.50
N ILE H 241 44.81 12.29 1.65
CA ILE H 241 44.06 13.05 0.66
C ILE H 241 44.34 14.51 0.90
N SER H 242 44.33 15.30 -0.17
CA SER H 242 44.61 16.72 -0.04
C SER H 242 43.40 17.48 0.50
N PHE H 243 43.67 18.68 1.00
CA PHE H 243 42.62 19.55 1.53
C PHE H 243 41.69 20.02 0.42
N GLU H 244 42.26 20.58 -0.65
CA GLU H 244 41.46 21.24 -1.67
C GLU H 244 40.65 20.25 -2.50
N ASP H 245 41.26 19.11 -2.86
CA ASP H 245 40.53 18.11 -3.64
C ASP H 245 39.38 17.53 -2.83
N ALA H 246 39.60 17.30 -1.53
CA ALA H 246 38.52 16.83 -0.67
C ALA H 246 37.41 17.87 -0.59
N ILE H 247 37.76 19.15 -0.51
CA ILE H 247 36.74 20.19 -0.47
C ILE H 247 35.93 20.20 -1.77
N LYS H 248 36.62 20.07 -2.90
CA LYS H 248 35.91 20.01 -4.19
C LYS H 248 34.97 18.81 -4.23
N ARG H 249 35.43 17.65 -3.75
CA ARG H 249 34.60 16.46 -3.79
C ARG H 249 33.37 16.61 -2.90
N VAL H 250 33.55 17.15 -1.69
CA VAL H 250 32.40 17.29 -0.78
C VAL H 250 31.45 18.36 -1.31
N SER H 251 31.97 19.40 -1.96
CA SER H 251 31.10 20.39 -2.57
C SER H 251 30.28 19.79 -3.70
N LYS H 252 30.92 18.95 -4.53
CA LYS H 252 30.18 18.27 -5.59
C LYS H 252 29.11 17.34 -5.01
N ILE H 253 29.45 16.59 -3.96
CA ILE H 253 28.50 15.66 -3.38
C ILE H 253 27.44 16.38 -2.57
N PHE H 254 27.61 17.68 -2.30
CA PHE H 254 26.64 18.44 -1.52
C PHE H 254 25.36 18.71 -2.29
N ILE H 255 25.38 18.57 -3.61
CA ILE H 255 24.21 18.70 -4.49
C ILE H 255 23.57 20.07 -4.31
N ASN H 256 24.33 21.03 -3.78
CA ASN H 256 23.82 22.38 -3.57
C ASN H 256 25.00 23.32 -3.41
N SER H 257 24.73 24.61 -3.59
CA SER H 257 25.78 25.61 -3.44
C SER H 257 26.21 25.72 -1.98
N ILE H 258 27.43 26.18 -1.78
CA ILE H 258 28.01 26.31 -0.45
C ILE H 258 28.11 27.80 -0.11
N ILE H 259 27.40 28.21 0.93
CA ILE H 259 27.38 29.62 1.32
C ILE H 259 28.73 30.04 1.91
N ASN H 260 29.32 29.17 2.73
CA ASN H 260 30.57 29.45 3.42
C ASN H 260 31.77 28.84 2.71
N PHE H 261 31.76 28.86 1.38
CA PHE H 261 32.84 28.27 0.60
C PHE H 261 34.17 28.95 0.89
N ASN H 262 34.18 30.27 1.01
CA ASN H 262 35.40 31.02 1.18
C ASN H 262 35.85 31.11 2.64
N ASP H 263 35.08 30.54 3.57
CA ASP H 263 35.33 30.68 5.00
C ASP H 263 36.04 29.48 5.60
N LEU H 264 35.73 28.27 5.16
CA LEU H 264 36.31 27.07 5.74
C LEU H 264 37.80 27.00 5.49
N ASP H 265 38.53 26.44 6.45
CA ASP H 265 40.00 26.38 6.36
C ASP H 265 40.47 25.14 7.12
N GLU H 266 41.77 25.11 7.44
CA GLU H 266 42.38 23.92 8.03
C GLU H 266 41.97 23.75 9.49
N ASN H 267 41.93 24.83 10.26
CA ASN H 267 41.68 24.68 11.69
C ASN H 267 40.23 24.26 11.96
N ASN H 268 39.29 24.78 11.19
CA ASN H 268 37.87 24.45 11.38
C ASN H 268 37.48 23.22 10.56
N PHE H 269 38.03 22.08 10.97
CA PHE H 269 37.69 20.81 10.33
C PHE H 269 36.30 20.32 10.74
N THR H 270 36.11 20.04 12.02
CA THR H 270 34.86 19.43 12.50
C THR H 270 34.18 20.29 13.56
N THR H 271 34.45 21.59 13.58
CA THR H 271 33.90 22.48 14.59
C THR H 271 33.33 23.75 13.97
N VAL H 272 32.61 23.61 12.87
CA VAL H 272 31.98 24.76 12.22
C VAL H 272 30.67 24.34 11.57
N PRO H 273 29.56 25.01 11.89
CA PRO H 273 28.29 24.69 11.22
C PRO H 273 28.37 24.92 9.72
N LEU H 274 27.64 24.09 8.98
CA LEU H 274 27.65 24.17 7.52
C LEU H 274 26.46 24.99 7.05
N VAL H 275 26.73 26.16 6.47
CA VAL H 275 25.68 27.01 5.96
C VAL H 275 25.08 26.37 4.70
N ILE H 276 23.75 26.25 4.67
CA ILE H 276 23.03 25.54 3.62
C ILE H 276 22.01 26.49 3.01
N ASP H 277 21.93 26.50 1.68
CA ASP H 277 20.86 27.14 0.94
C ASP H 277 20.17 26.11 0.06
N TYR H 278 18.86 25.95 0.26
CA TYR H 278 18.09 25.00 -0.53
C TYR H 278 17.34 25.70 -1.66
N VAL H 279 18.10 26.30 -2.58
CA VAL H 279 17.50 26.82 -3.80
C VAL H 279 16.85 25.69 -4.58
N THR H 280 17.48 24.53 -4.56
CA THR H 280 16.97 23.27 -5.06
C THR H 280 16.52 22.39 -3.90
N PRO H 281 15.81 21.30 -4.17
CA PRO H 281 15.38 20.40 -3.07
C PRO H 281 16.55 19.85 -2.29
N CYS H 282 16.24 19.33 -1.11
CA CYS H 282 17.24 18.76 -0.23
C CYS H 282 17.80 17.46 -0.80
N ALA H 283 19.02 17.14 -0.40
CA ALA H 283 19.68 15.90 -0.78
C ALA H 283 19.85 14.92 0.37
N LEU H 284 19.80 15.39 1.62
CA LEU H 284 19.94 14.48 2.74
C LEU H 284 18.73 13.57 2.88
N CYS H 285 17.53 14.14 2.83
CA CYS H 285 16.33 13.32 2.86
C CYS H 285 15.27 13.80 1.88
N LYS H 286 15.64 14.69 0.95
CA LYS H 286 14.73 15.21 -0.08
C LYS H 286 13.52 15.90 0.56
N LYS H 287 13.81 16.93 1.34
CA LYS H 287 12.83 17.76 2.01
C LYS H 287 12.95 19.20 1.49
N ARG H 288 12.28 20.13 2.16
CA ARG H 288 12.41 21.53 1.79
C ARG H 288 13.70 22.11 2.34
N SER H 289 13.82 22.20 3.66
CA SER H 289 14.99 22.79 4.29
C SER H 289 15.16 22.18 5.67
N HIS H 290 16.41 21.84 5.98
CA HIS H 290 16.74 21.20 7.24
C HIS H 290 16.86 22.25 8.33
N LYS H 291 16.16 22.02 9.45
CA LYS H 291 16.22 22.94 10.57
C LYS H 291 17.61 23.00 11.19
N HIS H 292 18.47 22.03 10.90
CA HIS H 292 19.81 21.97 11.44
C HIS H 292 20.81 21.84 10.30
N PRO H 293 22.02 22.36 10.49
CA PRO H 293 23.08 22.21 9.48
C PRO H 293 23.70 20.81 9.58
N HIS H 294 24.55 20.51 8.62
CA HIS H 294 25.29 19.26 8.60
C HIS H 294 26.67 19.47 9.25
N GLN H 295 27.36 18.34 9.47
CA GLN H 295 28.72 18.36 9.97
C GLN H 295 29.46 17.18 9.35
N LEU H 296 30.78 17.23 9.42
CA LEU H 296 31.61 16.13 8.96
C LEU H 296 32.45 15.59 10.11
N SER H 297 32.72 14.29 10.06
CA SER H 297 33.42 13.59 11.13
C SER H 297 34.57 12.79 10.54
N LEU H 298 35.65 12.69 11.30
CA LEU H 298 36.84 11.93 10.91
C LEU H 298 36.89 10.66 11.73
N GLU H 299 36.75 9.51 11.05
CA GLU H 299 36.82 8.22 11.72
C GLU H 299 37.22 7.16 10.72
N ASN H 300 38.32 6.46 11.01
CA ASN H 300 38.81 5.36 10.18
C ASN H 300 39.07 5.82 8.75
N GLY H 301 39.50 7.08 8.61
CA GLY H 301 39.90 7.60 7.32
C GLY H 301 38.78 7.90 6.37
N ALA H 302 37.54 7.83 6.81
CA ALA H 302 36.37 8.12 5.96
C ALA H 302 35.59 9.25 6.58
N ILE H 303 35.42 10.33 5.83
CA ILE H 303 34.74 11.52 6.34
C ILE H 303 33.24 11.34 6.16
N ARG H 304 32.52 11.28 7.29
CA ARG H 304 31.09 11.02 7.29
C ARG H 304 30.33 12.32 7.39
N ILE H 305 29.31 12.49 6.54
CA ILE H 305 28.50 13.69 6.48
C ILE H 305 27.18 13.40 7.17
N TYR H 306 26.91 14.09 8.27
CA TYR H 306 25.70 13.90 9.06
C TYR H 306 25.15 15.26 9.46
N LYS H 307 23.95 15.25 10.05
CA LYS H 307 23.23 16.46 10.42
C LYS H 307 22.89 16.40 11.90
N THR H 308 23.03 17.54 12.58
CA THR H 308 22.74 17.60 14.00
C THR H 308 21.24 17.75 14.24
N GLY H 309 20.87 17.89 15.51
CA GLY H 309 19.48 18.01 15.89
C GLY H 309 18.82 16.68 16.15
N ASN H 310 17.94 16.26 15.26
CA ASN H 310 17.24 14.98 15.36
C ASN H 310 17.46 14.22 14.05
N PRO H 311 18.62 13.57 13.89
CA PRO H 311 18.96 12.88 12.65
C PRO H 311 18.33 11.48 12.53
N HIS H 312 17.01 11.42 12.71
CA HIS H 312 16.26 10.17 12.62
C HIS H 312 15.66 9.96 11.24
N SER H 313 14.98 10.96 10.69
CA SER H 313 14.47 10.91 9.32
C SER H 313 15.49 11.46 8.33
N CYS H 314 16.69 10.91 8.37
CA CYS H 314 17.81 11.41 7.57
C CYS H 314 18.67 10.21 7.16
N LYS H 315 19.84 10.51 6.61
CA LYS H 315 20.86 9.51 6.32
C LYS H 315 22.22 10.06 6.72
N VAL H 316 23.17 9.16 6.97
CA VAL H 316 24.54 9.54 7.31
C VAL H 316 25.40 9.25 6.09
N LYS H 317 25.84 10.33 5.42
CA LYS H 317 26.66 10.19 4.23
C LYS H 317 28.11 9.88 4.60
N ILE H 318 28.92 9.65 3.58
CA ILE H 318 30.31 9.26 3.76
C ILE H 318 31.07 9.55 2.47
N VAL H 319 32.30 10.03 2.62
CA VAL H 319 33.22 10.18 1.50
C VAL H 319 34.54 9.54 1.90
N PRO H 320 35.11 8.67 1.08
CA PRO H 320 36.36 7.98 1.47
C PRO H 320 37.58 8.82 1.15
N LEU H 321 38.70 8.39 1.72
CA LEU H 321 40.01 9.02 1.52
C LEU H 321 40.97 7.92 1.07
N ASP H 322 41.01 7.67 -0.24
CA ASP H 322 41.84 6.62 -0.84
C ASP H 322 42.76 7.26 -1.86
N GLY H 323 43.91 7.73 -1.39
CA GLY H 323 44.87 8.35 -2.28
C GLY H 323 45.70 7.35 -3.06
N ASN H 324 45.05 6.44 -3.77
CA ASN H 324 45.71 5.46 -4.63
C ASN H 324 46.78 4.69 -3.85
N LYS H 325 46.30 3.86 -2.92
CA LYS H 325 47.16 3.03 -2.09
C LYS H 325 48.35 2.46 -2.86
N LEU H 326 48.16 2.15 -4.14
CA LEU H 326 49.29 1.71 -4.97
C LEU H 326 50.40 2.73 -4.99
N PHE H 327 50.04 4.02 -5.13
CA PHE H 327 51.03 5.08 -5.11
C PHE H 327 51.78 5.13 -3.78
N ASN H 328 51.05 4.96 -2.68
CA ASN H 328 51.68 4.98 -1.36
C ASN H 328 52.65 3.82 -1.19
N ILE H 329 52.25 2.62 -1.63
CA ILE H 329 53.14 1.47 -1.55
C ILE H 329 54.37 1.70 -2.40
N ALA H 330 54.19 2.25 -3.60
CA ALA H 330 55.34 2.58 -4.44
C ALA H 330 56.28 3.54 -3.73
N GLN H 331 55.74 4.61 -3.16
CA GLN H 331 56.56 5.60 -2.47
C GLN H 331 57.32 4.98 -1.31
N ARG H 332 56.67 4.07 -0.58
CA ARG H 332 57.36 3.36 0.48
C ARG H 332 58.51 2.52 -0.08
N ILE H 333 58.26 1.87 -1.22
CA ILE H 333 59.32 1.09 -1.86
C ILE H 333 60.46 2.01 -2.32
N LEU H 334 60.11 3.22 -2.74
CA LEU H 334 61.13 4.19 -3.13
C LEU H 334 62.08 4.48 -1.97
N ASP H 335 61.53 4.72 -0.78
CA ASP H 335 62.36 5.04 0.37
C ASP H 335 63.24 3.87 0.80
N THR H 336 62.88 2.63 0.42
CA THR H 336 63.70 1.47 0.76
C THR H 336 65.02 1.44 0.01
N ASN H 337 65.15 2.23 -1.06
CA ASN H 337 66.37 2.24 -1.89
C ASN H 337 66.71 0.82 -2.35
N SER H 338 65.68 0.10 -2.78
CA SER H 338 65.83 -1.29 -3.19
C SER H 338 65.82 -1.50 -4.69
N VAL H 339 65.36 -0.52 -5.47
CA VAL H 339 65.34 -0.60 -6.92
C VAL H 339 66.14 0.58 -7.46
N LEU H 340 67.24 0.28 -8.13
CA LEU H 340 68.14 1.30 -8.67
C LEU H 340 68.36 1.05 -10.15
N LEU H 341 68.40 2.13 -10.93
CA LEU H 341 68.63 2.06 -12.36
C LEU H 341 70.06 2.43 -12.67
N THR H 342 70.74 1.62 -13.47
CA THR H 342 72.12 1.88 -13.83
C THR H 342 72.19 2.70 -15.12
N GLU H 343 73.41 3.14 -15.45
CA GLU H 343 73.61 3.90 -16.68
C GLU H 343 73.37 3.02 -17.91
N ARG H 344 73.53 1.70 -17.77
CA ARG H 344 73.30 0.76 -18.86
C ARG H 344 71.83 0.48 -19.10
N GLY H 345 70.93 1.33 -18.59
CA GLY H 345 69.52 1.14 -18.81
C GLY H 345 68.96 -0.10 -18.15
N ASP H 346 69.56 -0.55 -17.05
CA ASP H 346 69.13 -1.77 -16.37
C ASP H 346 68.92 -1.47 -14.90
N HIS H 347 68.14 -2.34 -14.25
CA HIS H 347 67.70 -2.12 -12.87
C HIS H 347 68.22 -3.25 -11.99
N ILE H 348 68.66 -2.89 -10.79
CA ILE H 348 69.21 -3.83 -9.81
C ILE H 348 68.29 -3.84 -8.59
N VAL H 349 68.02 -5.04 -8.07
CA VAL H 349 67.19 -5.20 -6.89
C VAL H 349 68.00 -5.87 -5.79
N TRP H 350 67.70 -5.49 -4.56
CA TRP H 350 68.44 -5.95 -3.38
C TRP H 350 67.65 -7.07 -2.72
N ILE H 351 67.91 -8.30 -3.14
CA ILE H 351 67.26 -9.48 -2.59
C ILE H 351 68.34 -10.48 -2.19
N ASN H 352 68.05 -11.24 -1.13
CA ASN H 352 68.96 -12.27 -0.62
C ASN H 352 70.33 -11.68 -0.29
N ASN H 353 70.33 -10.47 0.24
CA ASN H 353 71.56 -9.74 0.55
C ASN H 353 72.47 -9.64 -0.66
N SER H 354 71.86 -9.39 -1.82
CA SER H 354 72.59 -9.27 -3.07
C SER H 354 71.85 -8.30 -3.98
N TRP H 355 72.60 -7.40 -4.62
CA TRP H 355 72.04 -6.43 -5.56
C TRP H 355 71.80 -7.14 -6.89
N LYS H 356 70.94 -8.15 -6.85
CA LYS H 356 70.69 -9.00 -8.01
C LYS H 356 69.91 -8.25 -9.06
N PHE H 357 70.00 -8.74 -10.30
CA PHE H 357 69.36 -8.10 -11.43
C PHE H 357 69.22 -9.12 -12.55
N ASN H 358 68.41 -8.76 -13.55
CA ASN H 358 68.22 -9.63 -14.70
C ASN H 358 67.70 -8.79 -15.85
N SER H 359 68.45 -8.78 -16.96
CA SER H 359 68.08 -7.92 -18.08
C SER H 359 66.86 -8.47 -18.83
N GLU H 360 66.84 -9.77 -19.10
CA GLU H 360 65.77 -10.33 -19.92
C GLU H 360 64.45 -10.42 -19.16
N GLU H 361 64.51 -10.56 -17.85
CA GLU H 361 63.31 -10.64 -17.01
C GLU H 361 63.50 -9.75 -15.79
N PRO H 362 62.88 -8.57 -15.76
CA PRO H 362 63.00 -7.71 -14.57
C PRO H 362 62.46 -8.42 -13.33
N LEU H 363 63.16 -8.21 -12.21
CA LEU H 363 62.87 -8.94 -10.98
C LEU H 363 62.17 -8.07 -9.94
N ILE H 364 61.53 -6.97 -10.39
CA ILE H 364 60.85 -6.10 -9.44
C ILE H 364 59.66 -6.79 -8.81
N THR H 365 58.96 -7.65 -9.58
CA THR H 365 57.79 -8.34 -9.03
C THR H 365 58.18 -9.24 -7.87
N LYS H 366 59.30 -9.95 -7.99
CA LYS H 366 59.75 -10.80 -6.89
C LYS H 366 60.07 -9.99 -5.65
N LEU H 367 60.70 -8.82 -5.83
CA LEU H 367 60.97 -7.95 -4.68
C LEU H 367 59.67 -7.43 -4.08
N ILE H 368 58.70 -7.08 -4.92
CA ILE H 368 57.41 -6.61 -4.42
C ILE H 368 56.76 -7.68 -3.56
N LEU H 369 56.77 -8.92 -4.05
CA LEU H 369 56.15 -10.02 -3.32
C LEU H 369 56.91 -10.31 -2.02
N SER H 370 58.25 -10.26 -2.06
CA SER H 370 59.04 -10.59 -0.89
C SER H 370 59.06 -9.45 0.14
N ILE H 371 59.05 -8.21 -0.33
CA ILE H 371 59.22 -7.06 0.57
C ILE H 371 57.88 -6.64 1.13
N ARG H 372 56.82 -7.39 0.84
CA ARG H 372 55.50 -7.04 1.36
C ARG H 372 55.44 -7.15 2.88
N HIS H 373 56.27 -8.01 3.47
CA HIS H 373 56.26 -8.17 4.91
C HIS H 373 56.82 -6.95 5.64
N GLN H 374 57.85 -6.32 5.10
CA GLN H 374 58.42 -5.12 5.71
C GLN H 374 57.57 -3.88 5.46
N LEU H 375 56.70 -3.91 4.46
CA LEU H 375 55.72 -2.87 4.27
C LEU H 375 54.62 -3.02 5.33
N PRO H 376 53.81 -1.98 5.53
CA PRO H 376 52.74 -2.05 6.54
C PRO H 376 51.86 -3.28 6.33
N LYS H 377 51.42 -3.87 7.44
CA LYS H 377 50.74 -5.17 7.41
C LYS H 377 49.50 -5.14 6.53
N GLU H 378 48.81 -4.00 6.45
CA GLU H 378 47.65 -3.90 5.57
C GLU H 378 48.03 -4.07 4.10
N TYR H 379 49.26 -3.73 3.74
CA TYR H 379 49.71 -3.82 2.36
C TYR H 379 50.15 -5.23 1.96
N SER H 380 50.33 -6.13 2.92
CA SER H 380 50.82 -7.46 2.60
C SER H 380 49.85 -8.23 1.70
N SER H 381 48.56 -8.15 2.00
CA SER H 381 47.57 -8.83 1.19
C SER H 381 47.30 -8.11 -0.12
N GLU H 382 47.50 -6.79 -0.14
CA GLU H 382 47.21 -6.01 -1.35
C GLU H 382 48.10 -6.44 -2.51
N LEU H 383 49.37 -6.68 -2.24
CA LEU H 383 50.36 -6.95 -3.27
C LEU H 383 50.33 -8.40 -3.76
N LEU H 384 49.27 -9.14 -3.47
CA LEU H 384 49.20 -10.54 -3.87
C LEU H 384 48.58 -10.73 -5.25
N CYS H 385 47.53 -10.00 -5.57
CA CYS H 385 46.91 -10.12 -6.89
C CYS H 385 47.88 -9.58 -7.95
N PRO H 386 47.97 -10.25 -9.10
CA PRO H 386 49.02 -9.87 -10.07
C PRO H 386 48.85 -8.49 -10.68
N ARG H 387 47.62 -8.09 -11.01
CA ARG H 387 47.42 -6.81 -11.68
C ARG H 387 47.84 -5.64 -10.79
N LYS H 388 47.54 -5.73 -9.50
CA LYS H 388 48.02 -4.70 -8.58
C LYS H 388 49.54 -4.66 -8.58
N ARG H 389 50.18 -5.83 -8.62
CA ARG H 389 51.64 -5.87 -8.63
C ARG H 389 52.21 -5.21 -9.88
N LYS H 390 51.62 -5.48 -11.05
CA LYS H 390 52.15 -4.87 -12.26
C LYS H 390 51.92 -3.37 -12.27
N THR H 391 50.79 -2.91 -11.73
CA THR H 391 50.56 -1.47 -11.65
C THR H 391 51.57 -0.81 -10.72
N VAL H 392 51.86 -1.44 -9.58
CA VAL H 392 52.85 -0.91 -8.65
C VAL H 392 54.23 -0.88 -9.30
N GLU H 393 54.56 -1.91 -10.08
CA GLU H 393 55.84 -1.92 -10.78
C GLU H 393 55.91 -0.78 -11.80
N ALA H 394 54.80 -0.50 -12.48
CA ALA H 394 54.78 0.63 -13.40
C ALA H 394 55.03 1.94 -12.67
N ASN H 395 54.40 2.10 -11.50
CA ASN H 395 54.66 3.31 -10.71
C ASN H 395 56.12 3.39 -10.31
N ILE H 396 56.72 2.27 -9.90
CA ILE H 396 58.12 2.27 -9.49
C ILE H 396 59.02 2.65 -10.65
N ARG H 397 58.76 2.10 -11.84
CA ARG H 397 59.62 2.41 -12.97
C ARG H 397 59.46 3.85 -13.43
N ASP H 398 58.27 4.44 -13.29
CA ASP H 398 58.16 5.86 -13.54
C ASP H 398 58.89 6.67 -12.48
N MET H 399 58.92 6.20 -11.24
CA MET H 399 59.60 6.93 -10.18
C MET H 399 61.10 7.00 -10.44
N LEU H 400 61.70 5.91 -10.91
CA LEU H 400 63.12 5.89 -11.20
C LEU H 400 63.41 6.83 -12.37
N VAL H 401 64.08 7.95 -12.09
CA VAL H 401 64.42 8.92 -13.12
C VAL H 401 65.90 9.25 -13.15
N ASP H 402 66.71 8.70 -12.26
CA ASP H 402 68.14 8.96 -12.20
C ASP H 402 68.90 7.65 -12.25
N SER H 403 70.10 7.68 -12.82
CA SER H 403 70.97 6.52 -12.87
C SER H 403 71.80 6.41 -11.60
N VAL H 404 72.40 5.23 -11.40
CA VAL H 404 73.28 4.98 -10.29
C VAL H 404 74.50 4.25 -10.81
N GLU H 405 75.58 4.28 -10.02
CA GLU H 405 76.81 3.59 -10.36
C GLU H 405 77.03 2.40 -9.44
N THR H 406 77.64 1.35 -9.98
CA THR H 406 77.99 0.15 -9.24
C THR H 406 79.46 -0.16 -9.43
N ASP H 407 80.04 -0.82 -8.43
CA ASP H 407 81.45 -1.25 -8.46
C ASP H 407 82.39 -0.05 -8.61
N THR H 408 82.33 0.84 -7.63
CA THR H 408 83.28 1.94 -7.52
C THR H 408 84.36 1.68 -6.50
N TYR H 409 84.44 0.46 -5.96
CA TYR H 409 85.38 0.11 -4.91
C TYR H 409 86.32 -0.98 -5.42
N PRO H 410 87.64 -0.78 -5.38
CA PRO H 410 88.58 -1.83 -5.82
C PRO H 410 89.01 -2.79 -4.73
N ASP H 411 88.50 -2.63 -3.50
CA ASP H 411 88.94 -3.42 -2.36
C ASP H 411 87.79 -4.15 -1.68
N LYS H 412 86.67 -4.31 -2.36
CA LYS H 412 85.52 -5.03 -1.82
C LYS H 412 85.33 -6.33 -2.59
N LEU H 413 85.22 -7.44 -1.87
CA LEU H 413 85.00 -8.74 -2.49
C LEU H 413 83.51 -9.03 -2.51
N PRO H 414 82.89 -9.13 -3.69
CA PRO H 414 81.45 -9.40 -3.77
C PRO H 414 81.14 -10.87 -3.53
N PHE H 415 80.49 -11.16 -2.41
CA PHE H 415 80.10 -12.51 -2.05
C PHE H 415 78.58 -12.66 -2.15
N LYS H 416 78.14 -13.92 -2.15
CA LYS H 416 76.70 -14.21 -2.23
C LYS H 416 75.96 -13.66 -1.02
N ASN H 417 76.53 -13.84 0.18
CA ASN H 417 75.88 -13.43 1.41
C ASN H 417 76.18 -11.99 1.79
N GLY H 418 77.11 -11.34 1.12
CA GLY H 418 77.46 -9.97 1.48
C GLY H 418 78.72 -9.54 0.76
N VAL H 419 79.45 -8.62 1.39
CA VAL H 419 80.68 -8.06 0.84
C VAL H 419 81.81 -8.29 1.85
N LEU H 420 82.91 -8.86 1.37
CA LEU H 420 84.11 -9.04 2.16
C LEU H 420 85.11 -7.94 1.82
N ASP H 421 85.56 -7.21 2.83
CA ASP H 421 86.54 -6.16 2.62
C ASP H 421 87.93 -6.78 2.47
N LEU H 422 88.71 -6.24 1.54
CA LEU H 422 90.05 -6.74 1.30
C LEU H 422 91.12 -5.94 2.03
N VAL H 423 90.93 -4.62 2.14
CA VAL H 423 91.85 -3.81 2.95
C VAL H 423 91.65 -4.11 4.43
N ASP H 424 90.40 -4.33 4.85
CA ASP H 424 90.10 -4.59 6.26
C ASP H 424 90.24 -6.07 6.61
N GLY H 425 89.63 -6.94 5.80
CA GLY H 425 89.64 -8.36 6.03
C GLY H 425 88.38 -8.91 6.66
N MET H 426 87.57 -8.05 7.28
CA MET H 426 86.30 -8.48 7.86
C MET H 426 85.23 -8.53 6.78
N PHE H 427 84.10 -9.13 7.14
CA PHE H 427 83.00 -9.36 6.22
C PHE H 427 81.81 -8.46 6.56
N TYR H 428 81.12 -7.99 5.53
CA TYR H 428 79.89 -7.23 5.66
C TYR H 428 78.73 -8.05 5.14
N SER H 429 77.63 -8.09 5.90
CA SER H 429 76.47 -8.88 5.55
C SER H 429 75.21 -8.01 5.65
N GLY H 430 74.19 -8.40 4.89
CA GLY H 430 72.94 -7.67 4.90
C GLY H 430 73.10 -6.26 4.36
N ASP H 431 72.47 -5.30 5.04
CA ASP H 431 72.54 -3.91 4.61
C ASP H 431 73.96 -3.37 4.64
N ASP H 432 74.88 -4.01 5.37
CA ASP H 432 76.27 -3.59 5.36
C ASP H 432 76.89 -3.79 3.98
N ALA H 433 76.34 -4.68 3.17
CA ALA H 433 76.80 -4.89 1.81
C ALA H 433 76.11 -4.01 0.79
N LYS H 434 75.05 -3.30 1.18
CA LYS H 434 74.29 -2.50 0.22
C LYS H 434 75.03 -1.22 -0.15
N LYS H 435 75.84 -0.67 0.76
CA LYS H 435 76.57 0.55 0.47
C LYS H 435 77.52 0.36 -0.69
N TYR H 436 78.25 -0.76 -0.71
CA TYR H 436 79.09 -1.13 -1.85
C TYR H 436 78.22 -1.95 -2.80
N THR H 437 77.63 -1.27 -3.78
CA THR H 437 76.66 -1.90 -4.68
C THR H 437 77.40 -2.79 -5.66
N CYS H 438 77.85 -3.94 -5.16
CA CYS H 438 78.55 -4.94 -5.97
C CYS H 438 77.50 -5.78 -6.69
N THR H 439 77.36 -5.55 -7.99
CA THR H 439 76.33 -6.23 -8.76
C THR H 439 76.59 -7.73 -8.85
N VAL H 440 77.81 -8.11 -9.22
CA VAL H 440 78.17 -9.52 -9.39
C VAL H 440 78.50 -10.12 -8.03
N SER H 441 78.65 -11.45 -7.98
CA SER H 441 79.08 -12.13 -6.77
C SER H 441 79.89 -13.36 -7.18
N THR H 442 80.67 -13.86 -6.22
CA THR H 442 81.50 -15.03 -6.47
C THR H 442 80.65 -16.27 -6.78
N GLY H 443 79.42 -16.31 -6.29
CA GLY H 443 78.53 -17.43 -6.49
C GLY H 443 78.38 -18.34 -5.29
N PHE H 444 79.18 -18.16 -4.24
CA PHE H 444 79.09 -18.98 -3.05
C PHE H 444 79.14 -18.10 -1.81
N LYS H 445 78.57 -18.62 -0.72
CA LYS H 445 78.52 -17.90 0.55
C LYS H 445 79.91 -17.85 1.19
N PHE H 446 80.08 -16.89 2.09
CA PHE H 446 81.28 -16.78 2.92
C PHE H 446 81.03 -17.45 4.27
N ASP H 447 81.91 -18.35 4.65
CA ASP H 447 81.78 -19.12 5.89
C ASP H 447 82.91 -18.76 6.83
N ASP H 448 82.56 -18.37 8.06
CA ASP H 448 83.57 -17.97 9.03
C ASP H 448 84.31 -19.17 9.63
N THR H 449 83.64 -20.32 9.75
CA THR H 449 84.29 -21.49 10.30
C THR H 449 85.45 -21.95 9.43
N LYS H 450 85.27 -21.91 8.11
CA LYS H 450 86.36 -22.19 7.18
C LYS H 450 87.22 -20.98 6.91
N PHE H 451 86.89 -19.83 7.50
CA PHE H 451 87.77 -18.66 7.48
C PHE H 451 88.72 -18.69 8.68
N VAL H 452 89.56 -19.72 8.69
CA VAL H 452 90.53 -19.93 9.76
C VAL H 452 91.87 -20.30 9.15
N GLU H 453 92.92 -20.15 9.95
CA GLU H 453 94.28 -20.45 9.52
C GLU H 453 94.68 -21.88 9.87
N ASP H 454 94.53 -22.25 11.13
CA ASP H 454 94.93 -23.58 11.61
C ASP H 454 93.90 -24.61 11.14
N SER H 455 94.16 -25.23 9.99
CA SER H 455 93.29 -26.26 9.45
C SER H 455 94.11 -27.17 8.57
N PRO H 456 93.80 -28.47 8.50
CA PRO H 456 94.54 -29.36 7.60
C PRO H 456 94.46 -28.94 6.14
N GLU H 457 93.32 -28.37 5.72
CA GLU H 457 93.17 -27.94 4.34
C GLU H 457 94.15 -26.83 3.99
N MET H 458 94.33 -25.85 4.89
CA MET H 458 95.30 -24.80 4.65
C MET H 458 96.72 -25.34 4.60
N GLU H 459 97.04 -26.29 5.49
CA GLU H 459 98.37 -26.87 5.50
C GLU H 459 98.67 -27.62 4.20
N GLU H 460 97.71 -28.42 3.72
CA GLU H 460 97.95 -29.17 2.50
C GLU H 460 97.97 -28.25 1.28
N LEU H 461 97.16 -27.18 1.28
CA LEU H 461 97.25 -26.22 0.20
C LEU H 461 98.61 -25.53 0.18
N MET H 462 99.13 -25.18 1.36
CA MET H 462 100.46 -24.58 1.44
C MET H 462 101.53 -25.54 0.96
N ASN H 463 101.42 -26.83 1.32
CA ASN H 463 102.38 -27.81 0.85
C ASN H 463 102.33 -27.95 -0.66
N ILE H 464 101.11 -27.97 -1.23
CA ILE H 464 100.97 -28.06 -2.68
C ILE H 464 101.58 -26.84 -3.36
N ILE H 465 101.35 -25.65 -2.80
CA ILE H 465 101.91 -24.43 -3.38
C ILE H 465 103.43 -24.45 -3.31
N ASN H 466 103.98 -24.87 -2.17
CA ASN H 466 105.43 -24.94 -2.03
C ASN H 466 106.03 -25.93 -3.03
N ASP H 467 105.38 -27.07 -3.22
CA ASP H 467 105.85 -28.03 -4.23
C ASP H 467 105.78 -27.42 -5.62
N ILE H 468 104.68 -26.75 -5.95
CA ILE H 468 104.51 -26.16 -7.27
C ILE H 468 105.44 -24.97 -7.46
N GLN H 469 105.55 -24.12 -6.44
CA GLN H 469 106.45 -22.97 -6.48
C GLN H 469 107.50 -23.10 -5.39
N PRO H 470 108.70 -23.60 -5.70
CA PRO H 470 109.74 -23.72 -4.68
C PRO H 470 110.13 -22.36 -4.12
N LEU H 471 110.39 -22.31 -2.81
CA LEU H 471 110.79 -21.09 -2.12
C LEU H 471 112.30 -20.93 -2.05
N THR H 472 113.03 -21.49 -3.01
CA THR H 472 114.49 -21.41 -3.01
C THR H 472 114.94 -19.99 -3.34
N ASP H 473 116.25 -19.75 -3.14
CA ASP H 473 116.80 -18.42 -3.36
C ASP H 473 116.65 -17.97 -4.80
N GLU H 474 116.94 -18.86 -5.76
CA GLU H 474 116.87 -18.48 -7.16
C GLU H 474 115.43 -18.23 -7.60
N ASN H 475 114.48 -18.96 -7.02
CA ASN H 475 113.08 -18.81 -7.34
C ASN H 475 112.36 -17.82 -6.42
N LYS H 476 113.08 -17.21 -5.47
CA LYS H 476 112.45 -16.29 -4.54
C LYS H 476 111.90 -15.07 -5.25
N LYS H 477 112.66 -14.50 -6.18
CA LYS H 477 112.16 -13.35 -6.93
C LYS H 477 110.96 -13.73 -7.80
N ASN H 478 111.05 -14.87 -8.50
CA ASN H 478 109.94 -15.33 -9.30
C ASN H 478 108.74 -15.68 -8.44
N ARG H 479 108.98 -16.27 -7.26
CA ARG H 479 107.87 -16.57 -6.35
C ARG H 479 107.19 -15.29 -5.86
N GLU H 480 107.99 -14.26 -5.57
CA GLU H 480 107.41 -12.99 -5.12
C GLU H 480 106.60 -12.35 -6.24
N LEU H 481 107.11 -12.39 -7.47
CA LEU H 481 106.35 -11.87 -8.60
C LEU H 481 105.06 -12.65 -8.80
N TYR H 482 105.12 -13.97 -8.64
CA TYR H 482 103.92 -14.81 -8.76
C TYR H 482 102.89 -14.44 -7.69
N GLU H 483 103.35 -14.24 -6.45
CA GLU H 483 102.45 -13.85 -5.38
C GLU H 483 101.82 -12.50 -5.64
N LYS H 484 102.61 -11.53 -6.12
CA LYS H 484 102.05 -10.21 -6.44
C LYS H 484 101.05 -10.31 -7.58
N THR H 485 101.34 -11.11 -8.60
CA THR H 485 100.41 -11.27 -9.71
C THR H 485 99.10 -11.90 -9.24
N LEU H 486 99.20 -12.92 -8.38
CA LEU H 486 97.99 -13.54 -7.85
C LEU H 486 97.29 -12.66 -6.82
N SER H 487 98.02 -11.75 -6.18
CA SER H 487 97.38 -10.79 -5.26
C SER H 487 96.53 -9.78 -6.02
N SER H 488 96.90 -9.48 -7.26
CA SER H 488 96.10 -8.58 -8.09
C SER H 488 94.74 -9.18 -8.43
N CYS H 489 94.61 -10.51 -8.38
CA CYS H 489 93.34 -11.16 -8.66
C CYS H 489 92.27 -10.83 -7.64
N LEU H 490 92.64 -10.29 -6.47
CA LEU H 490 91.68 -9.82 -5.49
C LEU H 490 91.31 -8.36 -5.73
N CYS H 491 92.27 -7.54 -6.16
CA CYS H 491 92.00 -6.13 -6.40
C CYS H 491 90.93 -5.95 -7.46
N GLY H 492 89.92 -5.16 -7.13
CA GLY H 492 88.83 -4.90 -8.06
C GLY H 492 89.05 -3.64 -8.87
N ALA H 493 90.20 -3.53 -9.52
CA ALA H 493 90.54 -2.37 -10.34
C ALA H 493 91.11 -2.85 -11.67
N THR H 494 91.26 -1.90 -12.60
CA THR H 494 91.81 -2.20 -13.91
C THR H 494 93.31 -2.46 -13.81
N LYS H 495 93.78 -3.45 -14.56
CA LYS H 495 95.21 -3.79 -14.60
C LYS H 495 95.81 -3.30 -15.91
N GLY H 496 96.89 -2.55 -15.81
CA GLY H 496 97.58 -2.00 -16.96
C GLY H 496 98.76 -2.79 -17.47
N CYS H 497 99.03 -3.97 -16.91
CA CYS H 497 100.14 -4.80 -17.37
C CYS H 497 99.67 -6.23 -17.52
N LEU H 498 100.34 -6.97 -18.39
CA LEU H 498 100.03 -8.36 -18.67
C LEU H 498 101.17 -9.23 -18.20
N THR H 499 100.84 -10.24 -17.38
CA THR H 499 101.82 -11.16 -16.81
C THR H 499 101.65 -12.52 -17.45
N PHE H 500 102.76 -13.12 -17.90
CA PHE H 500 102.75 -14.42 -18.55
C PHE H 500 103.21 -15.48 -17.56
N PHE H 501 102.40 -16.52 -17.39
CA PHE H 501 102.74 -17.62 -16.48
C PHE H 501 103.37 -18.75 -17.29
N PHE H 502 104.62 -18.52 -17.68
CA PHE H 502 105.35 -19.48 -18.50
C PHE H 502 105.51 -20.80 -17.76
N GLY H 503 105.46 -21.91 -18.51
CA GLY H 503 105.60 -23.23 -17.96
C GLY H 503 105.22 -24.31 -18.94
N GLU H 504 106.01 -25.39 -18.98
CA GLU H 504 105.77 -26.46 -19.93
C GLU H 504 104.66 -27.37 -19.42
N THR H 505 104.53 -28.54 -20.05
CA THR H 505 103.47 -29.49 -19.69
C THR H 505 103.67 -30.01 -18.27
N ALA H 506 102.55 -30.17 -17.57
CA ALA H 506 102.52 -30.74 -16.22
C ALA H 506 103.34 -29.90 -15.23
N THR H 507 103.16 -28.58 -15.30
CA THR H 507 103.81 -27.67 -14.36
C THR H 507 102.83 -27.08 -13.35
N GLY H 508 101.64 -27.65 -13.23
CA GLY H 508 100.66 -27.16 -12.28
C GLY H 508 99.87 -25.96 -12.72
N LYS H 509 100.02 -25.53 -13.98
CA LYS H 509 99.27 -24.37 -14.46
C LYS H 509 97.76 -24.64 -14.41
N SER H 510 97.35 -25.82 -14.89
CA SER H 510 95.93 -26.16 -14.90
C SER H 510 95.37 -26.22 -13.49
N THR H 511 96.13 -26.80 -12.56
CA THR H 511 95.70 -26.82 -11.16
C THR H 511 95.61 -25.42 -10.60
N THR H 512 96.52 -24.53 -10.99
CA THR H 512 96.45 -23.15 -10.54
C THR H 512 95.16 -22.47 -11.03
N LYS H 513 94.82 -22.68 -12.30
CA LYS H 513 93.58 -22.09 -12.83
C LYS H 513 92.37 -22.65 -12.11
N ARG H 514 92.34 -23.96 -11.88
CA ARG H 514 91.21 -24.58 -11.19
C ARG H 514 91.10 -24.08 -9.75
N LEU H 515 92.24 -23.94 -9.06
CA LEU H 515 92.23 -23.46 -7.69
C LEU H 515 91.73 -22.02 -7.62
N LEU H 516 92.16 -21.17 -8.56
CA LEU H 516 91.67 -19.80 -8.58
C LEU H 516 90.18 -19.76 -8.89
N LYS H 517 89.72 -20.64 -9.79
CA LYS H 517 88.29 -20.74 -10.07
C LYS H 517 87.51 -21.09 -8.82
N SER H 518 88.01 -22.07 -8.06
CA SER H 518 87.35 -22.44 -6.81
C SER H 518 87.37 -21.29 -5.81
N ALA H 519 88.49 -20.58 -5.73
CA ALA H 519 88.64 -19.53 -4.72
C ALA H 519 87.73 -18.34 -5.00
N ILE H 520 87.73 -17.84 -6.25
CA ILE H 520 86.93 -16.67 -6.59
C ILE H 520 85.59 -17.03 -7.20
N GLY H 521 85.30 -18.33 -7.36
CA GLY H 521 83.98 -18.73 -7.84
C GLY H 521 83.72 -18.25 -9.25
N ASP H 522 82.59 -17.60 -9.44
CA ASP H 522 82.16 -17.13 -10.75
C ASP H 522 83.00 -15.98 -11.28
N LEU H 523 83.89 -15.41 -10.46
CA LEU H 523 84.69 -14.27 -10.86
C LEU H 523 85.75 -14.62 -11.89
N PHE H 524 85.97 -15.91 -12.17
CA PHE H 524 86.97 -16.34 -13.13
C PHE H 524 86.31 -16.57 -14.49
N VAL H 525 86.95 -16.07 -15.54
CA VAL H 525 86.49 -16.23 -16.91
C VAL H 525 87.65 -16.76 -17.75
N GLU H 526 87.33 -17.66 -18.67
CA GLU H 526 88.31 -18.32 -19.52
C GLU H 526 88.04 -18.01 -20.98
N THR H 527 89.09 -17.72 -21.74
CA THR H 527 88.98 -17.44 -23.16
C THR H 527 90.15 -18.08 -23.88
N GLY H 528 90.01 -18.25 -25.19
CA GLY H 528 91.04 -18.83 -26.02
C GLY H 528 92.00 -17.78 -26.57
N GLN H 529 92.79 -18.21 -27.53
CA GLN H 529 93.72 -17.34 -28.24
C GLN H 529 93.09 -16.66 -29.44
N THR H 530 91.80 -16.91 -29.72
CA THR H 530 91.14 -16.25 -30.84
C THR H 530 91.13 -14.74 -30.67
N ILE H 531 90.82 -14.26 -29.46
CA ILE H 531 90.76 -12.83 -29.22
C ILE H 531 92.15 -12.20 -29.30
N LEU H 532 93.17 -12.91 -28.79
CA LEU H 532 94.51 -12.36 -28.76
C LEU H 532 95.11 -12.18 -30.15
N THR H 533 94.50 -12.75 -31.20
CA THR H 533 95.05 -12.69 -32.54
C THR H 533 94.14 -12.03 -33.56
N ASP H 534 92.82 -12.10 -33.39
CA ASP H 534 91.88 -11.53 -34.35
C ASP H 534 91.63 -10.06 -34.03
N VAL H 535 90.66 -9.48 -34.71
CA VAL H 535 90.29 -8.09 -34.49
C VAL H 535 89.25 -8.02 -33.38
N LEU H 536 89.47 -7.08 -32.44
CA LEU H 536 88.55 -6.96 -31.31
C LEU H 536 87.24 -6.33 -31.73
N ASP H 537 87.28 -5.36 -32.64
CA ASP H 537 86.08 -4.66 -33.08
C ASP H 537 85.10 -5.62 -33.74
N LYS H 538 85.49 -6.20 -34.87
CA LYS H 538 84.69 -7.17 -35.61
C LYS H 538 83.22 -6.80 -35.64
N GLY H 539 82.36 -7.73 -35.21
CA GLY H 539 80.97 -7.45 -34.98
C GLY H 539 80.62 -7.66 -33.52
N PRO H 540 79.70 -8.60 -33.26
CA PRO H 540 79.49 -9.03 -31.88
C PRO H 540 80.62 -9.95 -31.43
N ASN H 541 81.22 -9.62 -30.28
CA ASN H 541 82.32 -10.41 -29.72
C ASN H 541 81.97 -10.75 -28.27
N PRO H 542 81.18 -11.80 -28.05
CA PRO H 542 80.82 -12.19 -26.68
C PRO H 542 82.02 -12.63 -25.84
N PHE H 543 83.14 -12.99 -26.46
CA PHE H 543 84.31 -13.40 -25.69
C PHE H 543 84.80 -12.27 -24.80
N ILE H 544 84.92 -11.05 -25.35
CA ILE H 544 85.29 -9.89 -24.56
C ILE H 544 84.08 -9.27 -23.87
N ALA H 545 82.86 -9.57 -24.31
CA ALA H 545 81.67 -9.12 -23.60
C ALA H 545 81.54 -9.80 -22.26
N ASN H 546 82.09 -11.00 -22.10
CA ASN H 546 82.11 -11.70 -20.82
C ASN H 546 83.24 -11.22 -19.91
N MET H 547 84.13 -10.38 -20.42
CA MET H 547 85.17 -9.79 -19.60
C MET H 547 84.63 -8.75 -18.63
N HIS H 548 83.37 -8.35 -18.78
CA HIS H 548 82.80 -7.29 -17.96
C HIS H 548 82.78 -7.69 -16.48
N LEU H 549 83.51 -6.94 -15.67
CA LEU H 549 83.48 -7.01 -14.21
C LEU H 549 83.91 -8.38 -13.66
N LYS H 550 84.78 -9.08 -14.38
CA LYS H 550 85.39 -10.28 -13.82
C LYS H 550 86.59 -9.90 -12.96
N ARG H 551 87.01 -10.84 -12.11
CA ARG H 551 88.13 -10.60 -11.22
C ARG H 551 89.46 -11.13 -11.75
N SER H 552 89.43 -12.11 -12.64
CA SER H 552 90.65 -12.65 -13.24
C SER H 552 90.29 -13.36 -14.53
N VAL H 553 91.19 -13.28 -15.51
CA VAL H 553 91.00 -13.92 -16.81
C VAL H 553 92.28 -14.65 -17.18
N PHE H 554 92.13 -15.82 -17.78
CA PHE H 554 93.24 -16.60 -18.28
C PHE H 554 92.94 -17.06 -19.70
N CYS H 555 93.99 -17.26 -20.49
CA CYS H 555 93.85 -17.72 -21.86
C CYS H 555 94.72 -18.95 -22.07
N SER H 556 94.11 -20.02 -22.59
CA SER H 556 94.80 -21.30 -22.75
C SER H 556 94.72 -21.77 -24.19
N GLU H 557 95.15 -23.01 -24.43
CA GLU H 557 95.23 -23.59 -25.78
C GLU H 557 96.11 -22.73 -26.68
N LEU H 558 97.39 -22.69 -26.30
CA LEU H 558 98.35 -21.82 -26.98
C LEU H 558 98.71 -22.39 -28.35
N PRO H 559 98.42 -21.68 -29.44
CA PRO H 559 98.89 -22.12 -30.76
C PRO H 559 100.34 -21.70 -31.01
N ASP H 560 101.27 -22.53 -30.54
CA ASP H 560 102.68 -22.17 -30.56
C ASP H 560 103.14 -21.81 -31.96
N PHE H 561 103.84 -20.68 -32.07
CA PHE H 561 104.28 -20.14 -33.35
C PHE H 561 105.50 -20.86 -33.91
N ALA H 562 105.93 -21.95 -33.29
CA ALA H 562 107.06 -22.70 -33.82
C ALA H 562 106.74 -23.28 -35.19
N CYS H 563 105.53 -23.80 -35.36
CA CYS H 563 105.08 -24.32 -36.66
C CYS H 563 104.24 -23.27 -37.36
N SER H 564 104.53 -23.06 -38.64
CA SER H 564 103.83 -22.04 -39.42
C SER H 564 102.36 -22.39 -39.57
N GLY H 565 101.50 -21.38 -39.53
CA GLY H 565 100.07 -21.57 -39.61
C GLY H 565 99.34 -20.82 -38.52
N SER H 566 100.06 -20.39 -37.50
CA SER H 566 99.51 -19.64 -36.38
C SER H 566 99.81 -18.17 -36.58
N LYS H 567 98.76 -17.37 -36.74
CA LYS H 567 98.92 -15.94 -36.95
C LYS H 567 99.52 -15.29 -35.71
N LYS H 568 100.40 -14.31 -35.92
CA LYS H 568 101.10 -13.65 -34.82
C LYS H 568 100.17 -12.70 -34.07
N ILE H 569 100.45 -12.54 -32.78
CA ILE H 569 99.64 -11.67 -31.93
C ILE H 569 99.87 -10.21 -32.32
N ARG H 570 98.77 -9.48 -32.50
CA ARG H 570 98.86 -8.07 -32.88
C ARG H 570 99.11 -7.21 -31.65
N SER H 571 100.13 -6.35 -31.73
CA SER H 571 100.50 -5.52 -30.60
C SER H 571 99.41 -4.51 -30.27
N ASP H 572 98.66 -4.06 -31.27
CA ASP H 572 97.56 -3.14 -31.03
C ASP H 572 96.50 -3.76 -30.13
N ASN H 573 96.22 -5.05 -30.33
CA ASN H 573 95.32 -5.76 -29.44
C ASN H 573 95.89 -5.81 -28.02
N ILE H 574 97.21 -5.99 -27.90
CA ILE H 574 97.85 -6.05 -26.59
C ILE H 574 97.67 -4.72 -25.86
N LYS H 575 97.91 -3.60 -26.56
CA LYS H 575 97.71 -2.30 -25.94
C LYS H 575 96.23 -2.06 -25.62
N LYS H 576 95.33 -2.58 -26.45
CA LYS H 576 93.90 -2.46 -26.17
C LYS H 576 93.49 -3.25 -24.94
N LEU H 577 94.33 -4.18 -24.48
CA LEU H 577 94.08 -4.92 -23.25
C LEU H 577 94.46 -4.12 -22.00
N THR H 578 95.06 -2.95 -22.17
CA THR H 578 95.52 -2.14 -21.04
C THR H 578 94.50 -1.10 -20.60
N GLU H 579 93.74 -0.54 -21.53
CA GLU H 579 92.79 0.51 -21.18
C GLU H 579 91.66 -0.05 -20.32
N PRO H 580 91.19 0.71 -19.33
CA PRO H 580 90.09 0.22 -18.48
C PRO H 580 88.82 -0.08 -19.25
N CYS H 581 88.52 0.70 -20.29
CA CYS H 581 87.34 0.48 -21.11
C CYS H 581 87.75 -0.31 -22.34
N VAL H 582 87.19 -1.50 -22.50
CA VAL H 582 87.53 -2.40 -23.59
C VAL H 582 86.49 -2.25 -24.68
N ILE H 583 86.97 -1.96 -25.90
CA ILE H 583 86.06 -1.84 -27.04
C ILE H 583 85.48 -3.20 -27.38
N GLY H 584 84.18 -3.23 -27.66
CA GLY H 584 83.53 -4.48 -28.00
C GLY H 584 82.08 -4.54 -27.57
N ARG H 585 81.21 -4.99 -28.47
CA ARG H 585 79.79 -5.06 -28.23
C ARG H 585 79.29 -6.48 -28.40
N PRO H 586 78.40 -6.96 -27.53
CA PRO H 586 77.88 -8.32 -27.68
C PRO H 586 76.84 -8.41 -28.78
N CYS H 587 76.24 -9.58 -28.95
CA CYS H 587 75.12 -9.72 -29.87
C CYS H 587 73.82 -9.29 -29.18
N PHE H 588 72.86 -8.84 -30.00
CA PHE H 588 71.61 -8.28 -29.49
C PHE H 588 71.87 -7.15 -28.51
N SER H 589 72.83 -6.28 -28.86
CA SER H 589 73.24 -5.20 -27.98
C SER H 589 73.79 -4.06 -28.83
N ASN H 590 73.93 -2.89 -28.20
CA ASN H 590 74.54 -1.74 -28.81
C ASN H 590 75.72 -1.19 -28.02
N LYS H 591 75.86 -1.56 -26.75
CA LYS H 591 76.93 -1.07 -25.90
C LYS H 591 78.25 -1.65 -26.37
N ILE H 592 79.07 -0.82 -27.01
CA ILE H 592 80.35 -1.26 -27.55
C ILE H 592 81.47 -1.17 -26.53
N ASN H 593 81.18 -0.76 -25.29
CA ASN H 593 82.17 -0.65 -24.24
C ASN H 593 81.87 -1.65 -23.14
N ASN H 594 82.92 -2.30 -22.64
CA ASN H 594 82.82 -3.25 -21.54
C ASN H 594 83.91 -2.95 -20.52
N ARG H 595 83.54 -2.93 -19.25
CA ARG H 595 84.50 -2.61 -18.19
C ARG H 595 85.47 -3.76 -17.96
N ASN H 596 86.70 -3.41 -17.61
CA ASN H 596 87.74 -4.37 -17.26
C ASN H 596 88.15 -4.15 -15.81
N HIS H 597 88.05 -5.21 -15.01
CA HIS H 597 88.50 -5.18 -13.63
C HIS H 597 89.22 -6.48 -13.28
N ALA H 598 90.01 -7.01 -14.21
CA ALA H 598 90.68 -8.28 -14.03
C ALA H 598 92.09 -8.21 -14.61
N THR H 599 92.87 -9.25 -14.34
CA THR H 599 94.25 -9.35 -14.77
C THR H 599 94.37 -10.34 -15.93
N ILE H 600 94.97 -9.89 -17.02
CA ILE H 600 95.14 -10.71 -18.22
C ILE H 600 96.44 -11.49 -18.09
N ILE H 601 96.36 -12.82 -18.14
CA ILE H 601 97.48 -13.71 -17.89
C ILE H 601 97.52 -14.78 -18.95
N ILE H 602 98.72 -15.11 -19.43
CA ILE H 602 98.95 -16.17 -20.40
C ILE H 602 99.81 -17.24 -19.75
N ASP H 603 99.36 -18.50 -19.84
CA ASP H 603 100.14 -19.65 -19.38
C ASP H 603 100.68 -20.37 -20.60
N THR H 604 101.91 -20.05 -20.98
CA THR H 604 102.50 -20.55 -22.21
C THR H 604 103.59 -21.57 -21.90
N ASN H 605 103.84 -22.44 -22.86
CA ASN H 605 104.83 -23.50 -22.75
C ASN H 605 106.16 -23.13 -23.39
N TYR H 606 106.29 -21.91 -23.89
CA TYR H 606 107.47 -21.52 -24.67
C TYR H 606 107.61 -20.00 -24.59
N LYS H 607 108.79 -19.52 -24.99
CA LYS H 607 108.99 -18.09 -25.10
C LYS H 607 108.30 -17.58 -26.35
N PRO H 608 107.31 -16.69 -26.23
CA PRO H 608 106.54 -16.27 -27.41
C PRO H 608 107.35 -15.37 -28.32
N VAL H 609 106.73 -14.99 -29.44
CA VAL H 609 107.32 -14.06 -30.40
C VAL H 609 106.26 -13.05 -30.80
N PHE H 610 106.70 -11.83 -31.10
CA PHE H 610 105.80 -10.74 -31.45
C PHE H 610 106.15 -10.21 -32.84
N ASP H 611 105.11 -9.95 -33.64
CA ASP H 611 105.33 -9.43 -34.99
C ASP H 611 106.00 -8.06 -34.94
N ARG H 612 105.54 -7.18 -34.06
CA ARG H 612 106.13 -5.87 -33.86
C ARG H 612 106.31 -5.63 -32.37
N ILE H 613 107.45 -5.07 -31.99
CA ILE H 613 107.74 -4.71 -30.61
C ILE H 613 108.15 -3.24 -30.57
N ASP H 614 107.58 -2.50 -29.63
CA ASP H 614 107.94 -1.11 -29.43
C ASP H 614 108.17 -0.83 -27.94
N ASN H 615 108.40 0.43 -27.58
CA ASN H 615 108.70 0.76 -26.20
C ASN H 615 107.49 0.52 -25.30
N ALA H 616 106.30 0.89 -25.75
CA ALA H 616 105.09 0.69 -24.94
C ALA H 616 104.80 -0.79 -24.72
N LEU H 617 105.20 -1.64 -25.67
CA LEU H 617 104.97 -3.07 -25.52
C LEU H 617 105.76 -3.64 -24.35
N MET H 618 106.96 -3.12 -24.10
CA MET H 618 107.79 -3.63 -23.01
C MET H 618 107.34 -3.16 -21.64
N ARG H 619 106.44 -2.19 -21.56
CA ARG H 619 105.92 -1.71 -20.29
C ARG H 619 104.75 -2.52 -19.77
N ARG H 620 104.34 -3.57 -20.50
CA ARG H 620 103.21 -4.41 -20.10
C ARG H 620 103.54 -5.89 -20.23
N ILE H 621 104.81 -6.27 -20.16
CA ILE H 621 105.24 -7.65 -20.34
C ILE H 621 105.91 -8.13 -19.05
N ALA H 622 105.36 -9.18 -18.46
CA ALA H 622 105.96 -9.84 -17.30
C ALA H 622 105.81 -11.33 -17.47
N VAL H 623 106.84 -12.09 -17.08
CA VAL H 623 106.88 -13.53 -17.28
C VAL H 623 107.15 -14.22 -15.96
N VAL H 624 106.35 -15.23 -15.64
CA VAL H 624 106.55 -16.08 -14.47
C VAL H 624 106.69 -17.51 -14.94
N ARG H 625 107.74 -18.19 -14.48
CA ARG H 625 108.05 -19.54 -14.91
C ARG H 625 107.80 -20.53 -13.79
N PHE H 626 107.43 -21.76 -14.18
CA PHE H 626 107.16 -22.84 -13.26
C PHE H 626 108.11 -24.00 -13.55
N ARG H 627 108.64 -24.60 -12.49
CA ARG H 627 109.64 -25.66 -12.60
C ARG H 627 109.22 -26.88 -11.78
N THR H 628 107.96 -27.29 -11.92
CA THR H 628 107.42 -28.41 -11.17
C THR H 628 106.90 -29.47 -12.13
N HIS H 629 107.15 -30.73 -11.82
CA HIS H 629 106.65 -31.85 -12.60
C HIS H 629 105.96 -32.85 -11.69
N PHE H 630 104.70 -33.15 -12.00
CA PHE H 630 103.95 -34.22 -11.34
C PHE H 630 103.70 -35.30 -12.39
N SER H 631 104.46 -36.38 -12.31
CA SER H 631 104.38 -37.46 -13.28
C SER H 631 104.29 -38.80 -12.57
N GLN H 632 103.63 -39.75 -13.22
CA GLN H 632 103.47 -41.08 -12.66
C GLN H 632 104.83 -41.77 -12.58
N PRO H 633 105.01 -42.67 -11.60
CA PRO H 633 106.31 -43.35 -11.47
C PRO H 633 106.67 -44.22 -12.67
N SER H 634 105.70 -44.59 -13.51
CA SER H 634 106.00 -45.40 -14.68
C SER H 634 106.93 -44.65 -15.64
N GLY H 635 106.67 -43.38 -15.86
CA GLY H 635 107.52 -42.57 -16.73
C GLY H 635 108.45 -41.65 -15.97
N ARG H 636 108.67 -41.94 -14.69
CA ARG H 636 109.50 -41.07 -13.86
C ARG H 636 110.95 -41.07 -14.31
N GLU H 637 111.41 -42.15 -14.94
CA GLU H 637 112.81 -42.23 -15.35
C GLU H 637 113.17 -41.16 -16.37
N ALA H 638 112.27 -40.91 -17.33
CA ALA H 638 112.51 -39.86 -18.32
C ALA H 638 112.41 -38.47 -17.69
N ALA H 639 111.54 -38.31 -16.69
CA ALA H 639 111.42 -37.02 -16.02
C ALA H 639 112.70 -36.64 -15.30
N GLU H 640 113.35 -37.61 -14.65
CA GLU H 640 114.58 -37.36 -13.91
C GLU H 640 115.76 -37.00 -14.81
N ASN H 641 115.64 -37.24 -16.12
CA ASN H 641 116.70 -36.94 -17.07
C ASN H 641 116.36 -35.73 -17.94
N ASN H 642 115.46 -34.88 -17.46
CA ASN H 642 115.01 -33.71 -18.19
C ASN H 642 115.48 -32.46 -17.45
N ASP H 643 116.18 -31.58 -18.18
CA ASP H 643 116.69 -30.34 -17.60
C ASP H 643 115.61 -29.26 -17.49
N ALA H 644 114.46 -29.46 -18.13
CA ALA H 644 113.41 -28.45 -18.13
C ALA H 644 112.74 -28.29 -16.77
N TYR H 645 112.88 -29.26 -15.87
CA TYR H 645 112.24 -29.24 -14.56
C TYR H 645 113.30 -29.16 -13.47
N ASP H 646 113.10 -28.26 -12.51
CA ASP H 646 114.00 -28.13 -11.37
C ASP H 646 113.51 -28.89 -10.15
N LYS H 647 112.36 -29.56 -10.24
CA LYS H 647 111.86 -30.38 -9.14
C LYS H 647 110.84 -31.35 -9.68
N VAL H 648 110.94 -32.62 -9.26
CA VAL H 648 110.08 -33.68 -9.75
C VAL H 648 109.34 -34.32 -8.58
N LYS H 649 108.17 -34.86 -8.87
CA LYS H 649 107.34 -35.50 -7.84
C LYS H 649 106.41 -36.49 -8.52
N LEU H 650 105.94 -37.46 -7.74
CA LEU H 650 104.97 -38.42 -8.25
C LEU H 650 103.63 -37.73 -8.45
N LEU H 651 102.92 -38.12 -9.51
CA LEU H 651 101.61 -37.56 -9.78
C LEU H 651 100.59 -38.04 -8.75
N ASP H 652 99.75 -37.13 -8.29
CA ASP H 652 98.66 -37.44 -7.37
C ASP H 652 97.35 -37.28 -8.13
N GLU H 653 96.60 -38.38 -8.24
CA GLU H 653 95.42 -38.41 -9.11
C GLU H 653 94.14 -37.93 -8.42
N GLY H 654 94.19 -37.62 -7.13
CA GLY H 654 92.98 -37.23 -6.42
C GLY H 654 92.83 -35.73 -6.23
N LEU H 655 93.84 -34.97 -6.64
CA LEU H 655 93.81 -33.52 -6.44
C LEU H 655 92.67 -32.88 -7.23
N ASP H 656 92.48 -33.31 -8.49
CA ASP H 656 91.47 -32.70 -9.34
C ASP H 656 90.07 -32.90 -8.79
N GLY H 657 89.76 -34.11 -8.32
CA GLY H 657 88.45 -34.37 -7.77
C GLY H 657 88.17 -33.55 -6.52
N LYS H 658 89.17 -33.43 -5.65
CA LYS H 658 88.99 -32.64 -4.43
C LYS H 658 88.82 -31.15 -4.73
N ILE H 659 89.61 -30.63 -5.67
CA ILE H 659 89.50 -29.21 -6.00
C ILE H 659 88.22 -28.91 -6.77
N GLN H 660 87.66 -29.90 -7.46
CA GLN H 660 86.38 -29.69 -8.14
C GLN H 660 85.26 -29.41 -7.16
N ASN H 661 85.27 -30.07 -6.01
CA ASN H 661 84.26 -29.90 -4.98
C ASN H 661 84.53 -28.70 -4.08
N ASN H 662 85.63 -27.99 -4.30
CA ASN H 662 85.95 -26.74 -3.59
C ASN H 662 86.14 -26.99 -2.08
N ARG H 663 86.87 -28.05 -1.75
CA ARG H 663 87.27 -28.24 -0.35
C ARG H 663 88.39 -27.29 0.03
N TYR H 664 89.29 -26.97 -0.91
CA TYR H 664 90.36 -26.02 -0.68
C TYR H 664 89.95 -24.60 -1.01
N ARG H 665 88.68 -24.38 -1.32
CA ARG H 665 88.21 -23.06 -1.71
C ARG H 665 88.47 -22.02 -0.62
N PHE H 666 88.11 -22.33 0.62
CA PHE H 666 88.21 -21.32 1.68
C PHE H 666 89.64 -21.12 2.14
N ALA H 667 90.44 -22.19 2.20
CA ALA H 667 91.86 -22.04 2.54
C ALA H 667 92.59 -21.23 1.46
N PHE H 668 92.30 -21.52 0.19
CA PHE H 668 92.89 -20.75 -0.89
C PHE H 668 92.44 -19.29 -0.84
N LEU H 669 91.17 -19.07 -0.50
CA LEU H 669 90.66 -17.71 -0.33
C LEU H 669 91.40 -16.97 0.78
N TYR H 670 91.60 -17.63 1.93
CA TYR H 670 92.30 -16.98 3.03
C TYR H 670 93.75 -16.69 2.68
N LEU H 671 94.41 -17.59 1.96
CA LEU H 671 95.78 -17.32 1.57
C LEU H 671 95.87 -16.22 0.51
N LEU H 672 94.87 -16.13 -0.37
CA LEU H 672 94.77 -14.98 -1.26
C LEU H 672 94.61 -13.68 -0.48
N VAL H 673 93.79 -13.71 0.57
CA VAL H 673 93.64 -12.53 1.42
C VAL H 673 94.96 -12.18 2.08
N LYS H 674 95.72 -13.20 2.50
CA LYS H 674 97.03 -12.96 3.09
C LYS H 674 97.98 -12.32 2.08
N TRP H 675 97.96 -12.80 0.83
CA TRP H 675 98.81 -12.21 -0.21
C TRP H 675 98.40 -10.76 -0.48
N TYR H 676 97.10 -10.49 -0.51
CA TYR H 676 96.62 -9.12 -0.67
C TYR H 676 97.05 -8.25 0.50
N LYS H 677 97.11 -8.83 1.70
CA LYS H 677 97.63 -8.12 2.86
C LYS H 677 99.11 -7.80 2.69
N LYS H 678 99.87 -8.72 2.10
CA LYS H 678 101.29 -8.46 1.86
C LYS H 678 101.49 -7.28 0.92
N TYR H 679 100.70 -7.21 -0.15
CA TYR H 679 100.77 -6.12 -1.12
C TYR H 679 99.43 -5.38 -1.05
N HIS H 680 99.34 -4.36 -0.20
CA HIS H 680 98.11 -3.61 -0.02
C HIS H 680 98.36 -2.11 -0.10
N ILE H 681 99.36 -1.70 -0.87
CA ILE H 681 99.63 -0.26 -1.04
C ILE H 681 98.45 0.38 -1.76
N PRO H 682 98.05 1.60 -1.40
CA PRO H 682 96.92 2.23 -2.10
C PRO H 682 97.08 2.32 -3.61
N ILE H 683 98.29 2.60 -4.09
CA ILE H 683 98.55 2.70 -5.53
C ILE H 683 98.96 1.30 -6.01
N MET H 684 97.97 0.48 -6.35
CA MET H 684 98.21 -0.89 -6.77
C MET H 684 98.62 -0.93 -8.23
N LYS H 685 99.73 -1.61 -8.51
CA LYS H 685 100.23 -1.74 -9.87
C LYS H 685 101.28 -2.84 -9.90
N LEU H 686 101.15 -3.77 -10.85
CA LEU H 686 102.12 -4.83 -11.03
C LEU H 686 103.21 -4.38 -11.99
N TYR H 687 104.47 -4.64 -11.60
CA TYR H 687 105.59 -4.15 -12.39
C TYR H 687 105.97 -5.15 -13.47
N PRO H 688 106.00 -4.74 -14.74
CA PRO H 688 106.43 -5.65 -15.80
C PRO H 688 107.90 -6.03 -15.66
N THR H 689 108.22 -7.23 -16.13
CA THR H 689 109.58 -7.76 -16.11
C THR H 689 109.95 -8.18 -17.52
N PRO H 690 110.31 -7.22 -18.38
CA PRO H 690 110.66 -7.55 -19.77
C PRO H 690 111.93 -8.38 -19.92
N GLU H 691 112.76 -8.47 -18.87
CA GLU H 691 114.07 -9.09 -19.01
C GLU H 691 114.01 -10.59 -19.21
N GLU H 692 112.95 -11.25 -18.75
CA GLU H 692 112.89 -12.71 -18.84
C GLU H 692 112.73 -13.18 -20.28
N ILE H 693 111.82 -12.57 -21.02
CA ILE H 693 111.53 -13.03 -22.39
C ILE H 693 112.69 -12.66 -23.30
N PRO H 694 113.15 -13.56 -24.17
CA PRO H 694 114.29 -13.23 -25.05
C PRO H 694 113.94 -12.29 -26.20
N ASP H 695 112.65 -11.96 -26.40
CA ASP H 695 112.27 -11.13 -27.53
C ASP H 695 112.89 -9.73 -27.45
N PHE H 696 113.14 -9.24 -26.25
CA PHE H 696 113.61 -7.87 -26.05
C PHE H 696 115.13 -7.77 -25.97
N ALA H 697 115.85 -8.86 -26.21
CA ALA H 697 117.30 -8.84 -26.06
C ALA H 697 117.96 -7.86 -27.02
N PHE H 698 117.65 -7.98 -28.32
CA PHE H 698 118.26 -7.09 -29.31
C PHE H 698 117.82 -5.64 -29.10
N TYR H 699 116.53 -5.43 -28.82
CA TYR H 699 116.03 -4.07 -28.65
C TYR H 699 116.56 -3.43 -27.37
N LEU H 700 116.75 -4.21 -26.30
CA LEU H 700 117.30 -3.64 -25.08
C LEU H 700 118.81 -3.42 -25.18
N LYS H 701 119.51 -4.21 -26.01
CA LYS H 701 120.96 -4.08 -26.12
C LYS H 701 121.36 -2.83 -26.89
N ILE H 702 120.60 -2.47 -27.93
CA ILE H 702 120.94 -1.26 -28.69
C ILE H 702 120.73 -0.03 -27.82
N GLY H 703 119.77 -0.07 -26.89
CA GLY H 703 119.59 1.04 -25.98
C GLY H 703 120.80 1.26 -25.09
N THR H 704 121.46 0.17 -24.70
CA THR H 704 122.65 0.24 -23.86
C THR H 704 123.93 0.29 -24.67
N LEU H 705 123.86 0.28 -25.99
CA LEU H 705 125.03 0.34 -26.84
C LEU H 705 124.98 1.44 -27.90
N LEU H 706 123.79 1.89 -28.29
CA LEU H 706 123.62 2.93 -29.28
C LEU H 706 122.81 4.07 -28.67
N VAL H 707 123.29 5.30 -28.85
CA VAL H 707 122.62 6.49 -28.35
C VAL H 707 122.55 7.52 -29.47
N SER H 708 121.64 8.48 -29.30
CA SER H 708 121.47 9.53 -30.29
C SER H 708 122.62 10.51 -30.26
N SER H 709 122.87 11.17 -31.39
CA SER H 709 123.86 12.22 -31.46
C SER H 709 123.43 13.41 -30.62
N SER H 710 124.38 13.98 -29.87
CA SER H 710 124.06 15.04 -28.92
C SER H 710 125.09 16.15 -29.05
N VAL H 711 124.74 17.31 -28.47
CA VAL H 711 125.65 18.44 -28.44
C VAL H 711 126.89 18.11 -27.60
N LYS H 712 126.73 17.32 -26.55
CA LYS H 712 127.88 16.89 -25.77
C LYS H 712 128.82 16.01 -26.58
N HIS H 713 128.30 15.31 -27.57
CA HIS H 713 129.13 14.49 -28.45
C HIS H 713 129.77 15.29 -29.57
N ILE H 714 129.37 16.55 -29.77
CA ILE H 714 129.96 17.38 -30.82
C ILE H 714 131.45 17.60 -30.59
N PRO H 715 131.92 18.04 -29.40
CA PRO H 715 133.36 18.26 -29.24
C PRO H 715 134.14 16.96 -29.05
N LEU H 716 133.84 15.95 -29.86
CA LEU H 716 134.55 14.68 -29.78
C LEU H 716 134.82 14.07 -31.16
N MET H 717 134.52 14.80 -32.24
CA MET H 717 134.70 14.25 -33.59
C MET H 717 136.17 14.13 -33.98
N THR H 718 137.08 14.79 -33.27
CA THR H 718 138.50 14.65 -33.58
C THR H 718 138.97 13.22 -33.36
N ASP H 719 138.55 12.60 -32.26
CA ASP H 719 138.85 11.19 -32.03
C ASP H 719 138.06 10.29 -32.97
N LEU H 720 136.82 10.67 -33.27
CA LEU H 720 135.97 9.88 -34.16
C LEU H 720 136.41 9.94 -35.61
N SER H 721 137.32 10.85 -35.96
CA SER H 721 137.75 10.98 -37.34
C SER H 721 138.42 9.70 -37.84
N LYS H 722 139.25 9.09 -37.00
CA LYS H 722 139.92 7.84 -37.36
C LYS H 722 139.07 6.61 -37.15
N LYS H 723 137.85 6.77 -36.60
CA LYS H 723 136.95 5.65 -36.38
C LYS H 723 135.95 5.45 -37.51
N GLY H 724 136.02 6.25 -38.57
CA GLY H 724 135.12 6.14 -39.69
C GLY H 724 133.86 6.98 -39.59
N TYR H 725 133.64 7.65 -38.46
CA TYR H 725 132.48 8.52 -38.31
C TYR H 725 132.68 9.81 -39.09
N ILE H 726 131.56 10.44 -39.44
CA ILE H 726 131.57 11.69 -40.18
C ILE H 726 130.73 12.72 -39.44
N LEU H 727 130.98 13.99 -39.76
CA LEU H 727 130.28 15.11 -39.15
C LEU H 727 129.41 15.80 -40.20
N TYR H 728 128.13 15.95 -39.88
CA TYR H 728 127.18 16.61 -40.76
C TYR H 728 126.13 17.31 -39.92
N ASP H 729 125.86 18.58 -40.23
CA ASP H 729 124.92 19.45 -39.52
C ASP H 729 125.06 19.30 -38.00
N ASN H 730 126.31 19.24 -37.55
CA ASN H 730 126.63 19.03 -36.14
C ASN H 730 125.97 17.77 -35.59
N VAL H 731 125.93 16.72 -36.42
CA VAL H 731 125.39 15.42 -36.03
C VAL H 731 126.36 14.35 -36.53
N VAL H 732 126.79 13.47 -35.63
CA VAL H 732 127.72 12.41 -35.98
C VAL H 732 126.92 11.24 -36.55
N THR H 733 127.23 10.86 -37.79
CA THR H 733 126.54 9.78 -38.48
C THR H 733 127.55 8.77 -38.98
N LEU H 734 127.04 7.74 -39.65
CA LEU H 734 127.89 6.70 -40.25
C LEU H 734 127.14 6.01 -41.38
N PRO H 735 127.79 5.79 -42.53
CA PRO H 735 127.13 5.09 -43.64
C PRO H 735 126.62 3.70 -43.25
N LEU H 736 125.81 3.12 -44.14
CA LEU H 736 125.20 1.82 -43.86
C LEU H 736 126.25 0.72 -43.74
N THR H 737 127.28 0.76 -44.59
CA THR H 737 128.31 -0.28 -44.55
C THR H 737 129.05 -0.29 -43.22
N THR H 738 129.39 0.90 -42.70
CA THR H 738 130.08 0.98 -41.43
C THR H 738 129.23 0.43 -40.29
N PHE H 739 127.95 0.78 -40.27
CA PHE H 739 127.05 0.26 -39.24
C PHE H 739 126.91 -1.25 -39.34
N GLN H 740 126.80 -1.77 -40.57
CA GLN H 740 126.68 -3.21 -40.76
C GLN H 740 127.93 -3.94 -40.28
N GLN H 741 129.11 -3.38 -40.56
CA GLN H 741 130.35 -4.01 -40.13
C GLN H 741 130.52 -3.93 -38.62
N LYS H 742 130.11 -2.83 -38.01
CA LYS H 742 130.28 -2.68 -36.56
C LYS H 742 129.30 -3.54 -35.79
N ILE H 743 128.05 -3.63 -36.25
CA ILE H 743 127.00 -4.33 -35.52
C ILE H 743 127.20 -5.84 -35.50
N SER H 744 128.07 -6.37 -36.36
CA SER H 744 128.27 -7.82 -36.44
C SER H 744 129.19 -8.34 -35.35
N LYS H 745 129.93 -7.46 -34.67
CA LYS H 745 130.87 -7.93 -33.65
C LYS H 745 130.16 -8.58 -32.47
N TYR H 746 129.08 -7.96 -32.00
CA TYR H 746 128.39 -8.47 -30.82
C TYR H 746 127.57 -9.72 -31.15
N PHE H 747 126.98 -9.76 -32.34
CA PHE H 747 126.18 -10.91 -32.75
C PHE H 747 126.27 -11.07 -34.26
N ASN H 748 126.07 -12.30 -34.72
CA ASN H 748 126.17 -12.60 -36.14
C ASN H 748 124.91 -12.13 -36.88
N SER H 749 125.06 -11.93 -38.19
CA SER H 749 124.00 -11.35 -39.00
C SER H 749 122.87 -12.33 -39.31
N ARG H 750 123.17 -13.64 -39.38
CA ARG H 750 122.17 -14.59 -39.84
C ARG H 750 120.99 -14.69 -38.87
N LEU H 751 121.26 -14.72 -37.57
CA LEU H 751 120.19 -14.91 -36.59
C LEU H 751 119.25 -13.72 -36.55
N PHE H 752 119.80 -12.50 -36.46
CA PHE H 752 119.02 -11.28 -36.27
C PHE H 752 119.00 -10.43 -37.53
N GLY H 753 118.96 -11.07 -38.70
CA GLY H 753 118.95 -10.32 -39.94
C GLY H 753 117.71 -9.48 -40.12
N HIS H 754 116.54 -10.06 -39.83
CA HIS H 754 115.28 -9.32 -40.02
C HIS H 754 115.18 -8.14 -39.06
N ASP H 755 115.57 -8.34 -37.80
CA ASP H 755 115.55 -7.23 -36.84
C ASP H 755 116.51 -6.13 -37.25
N ILE H 756 117.69 -6.51 -37.74
CA ILE H 756 118.66 -5.51 -38.21
C ILE H 756 118.09 -4.73 -39.39
N GLU H 757 117.45 -5.42 -40.33
CA GLU H 757 116.86 -4.74 -41.47
C GLU H 757 115.73 -3.81 -41.04
N SER H 758 114.93 -4.24 -40.07
CA SER H 758 113.85 -3.39 -39.56
C SER H 758 114.41 -2.12 -38.92
N PHE H 759 115.46 -2.27 -38.10
CA PHE H 759 116.08 -1.09 -37.50
C PHE H 759 116.69 -0.20 -38.57
N ILE H 760 117.27 -0.80 -39.61
CA ILE H 760 117.85 -0.02 -40.70
C ILE H 760 116.78 0.82 -41.39
N ASN H 761 115.67 0.20 -41.78
CA ASN H 761 114.65 0.92 -42.51
C ASN H 761 113.82 1.84 -41.61
N ARG H 762 113.91 1.68 -40.29
CA ARG H 762 113.14 2.55 -39.39
C ARG H 762 113.93 3.72 -38.83
N HIS H 763 115.25 3.58 -38.63
CA HIS H 763 116.02 4.61 -37.94
C HIS H 763 116.97 5.40 -38.83
N LYS H 764 117.32 4.88 -40.00
CA LYS H 764 118.30 5.57 -40.84
C LYS H 764 117.74 6.89 -41.36
N LYS H 765 118.64 7.84 -41.61
CA LYS H 765 118.30 9.16 -42.12
C LYS H 765 118.83 9.32 -43.54
N PHE H 766 118.42 10.41 -44.18
CA PHE H 766 118.87 10.74 -45.51
C PHE H 766 119.19 12.23 -45.61
N ALA H 767 120.29 12.56 -46.28
CA ALA H 767 120.59 13.91 -46.69
C ALA H 767 120.19 14.18 -48.14
N ASN H 768 120.38 13.20 -49.00
CA ASN H 768 119.88 13.22 -50.37
C ASN H 768 119.66 11.77 -50.80
N VAL H 769 119.49 11.55 -52.10
CA VAL H 769 119.30 10.19 -52.59
C VAL H 769 120.58 9.38 -52.47
N SER H 770 121.72 9.99 -52.85
CA SER H 770 122.97 9.26 -52.87
C SER H 770 123.44 8.88 -51.47
N ASP H 771 123.24 9.76 -50.50
CA ASP H 771 123.76 9.57 -49.15
C ASP H 771 122.64 9.11 -48.23
N GLU H 772 122.93 8.08 -47.43
CA GLU H 772 122.03 7.59 -46.40
C GLU H 772 122.87 7.09 -45.23
N TYR H 773 122.57 7.56 -44.02
CA TYR H 773 123.37 7.23 -42.86
C TYR H 773 122.44 7.05 -41.66
N LEU H 774 123.03 6.88 -40.47
CA LEU H 774 122.30 6.66 -39.24
C LEU H 774 122.69 7.73 -38.23
N GLN H 775 121.69 8.24 -37.51
CA GLN H 775 121.92 9.23 -36.46
C GLN H 775 122.08 8.56 -35.10
N TYR H 776 123.09 7.71 -35.01
CA TYR H 776 123.39 6.99 -33.78
C TYR H 776 124.90 6.94 -33.57
N ILE H 777 125.30 6.88 -32.30
CA ILE H 777 126.70 6.83 -31.92
C ILE H 777 126.89 5.70 -30.92
N PHE H 778 127.91 4.87 -31.15
CA PHE H 778 128.24 3.82 -30.19
C PHE H 778 128.77 4.43 -28.90
N ILE H 779 128.59 3.70 -27.80
CA ILE H 779 129.08 4.19 -26.52
C ILE H 779 130.57 3.89 -26.33
N GLU H 780 131.08 2.86 -27.01
CA GLU H 780 132.49 2.51 -26.86
C GLU H 780 133.39 3.63 -27.36
N ASP H 781 133.06 4.24 -28.50
CA ASP H 781 133.89 5.31 -29.04
C ASP H 781 133.80 6.57 -28.18
N ILE H 782 132.62 6.84 -27.61
CA ILE H 782 132.48 7.99 -26.72
C ILE H 782 133.31 7.80 -25.46
N SER H 783 133.28 6.58 -24.88
CA SER H 783 134.08 6.31 -23.70
C SER H 783 135.57 6.43 -24.00
N SER H 784 135.99 5.93 -25.15
CA SER H 784 137.41 6.00 -25.52
C SER H 784 137.79 7.44 -25.84
N PRO H 785 138.80 8.01 -25.15
CA PRO H 785 139.23 9.39 -25.38
C PRO H 785 139.80 9.62 -26.77
N TRP I 236 31.00 32.16 -19.78
CA TRP I 236 31.22 30.77 -19.42
C TRP I 236 32.68 30.37 -19.66
N GLU I 237 33.21 29.58 -18.76
CA GLU I 237 34.60 29.15 -18.88
C GLU I 237 34.74 28.20 -20.06
N PRO I 238 35.62 28.48 -21.02
CA PRO I 238 35.69 27.66 -22.24
C PRO I 238 36.23 26.26 -22.00
N GLY I 239 36.84 26.01 -20.84
CA GLY I 239 37.53 24.75 -20.63
C GLY I 239 36.61 23.55 -20.63
N PHE I 240 35.37 23.70 -20.18
CA PHE I 240 34.51 22.53 -20.05
C PHE I 240 33.86 22.16 -21.38
N ILE I 241 32.92 22.98 -21.83
CA ILE I 241 32.17 22.74 -23.06
C ILE I 241 31.68 24.09 -23.56
N SER I 242 31.55 24.22 -24.88
CA SER I 242 30.93 25.40 -25.47
C SER I 242 29.43 25.39 -25.19
N PHE I 243 28.74 26.37 -25.77
CA PHE I 243 27.30 26.49 -25.55
C PHE I 243 26.50 25.47 -26.36
N GLU I 244 26.94 25.18 -27.58
CA GLU I 244 26.15 24.35 -28.48
C GLU I 244 25.99 22.93 -27.94
N ASP I 245 27.09 22.31 -27.49
CA ASP I 245 26.99 20.96 -26.99
C ASP I 245 26.14 20.89 -25.72
N ALA I 246 26.25 21.92 -24.87
CA ALA I 246 25.43 21.95 -23.66
C ALA I 246 23.95 22.05 -24.00
N ILE I 247 23.59 22.92 -24.95
CA ILE I 247 22.19 23.06 -25.31
C ILE I 247 21.67 21.80 -25.99
N LYS I 248 22.51 21.15 -26.80
CA LYS I 248 22.12 19.87 -27.38
C LYS I 248 21.88 18.83 -26.29
N ARG I 249 22.75 18.79 -25.29
CA ARG I 249 22.61 17.84 -24.19
C ARG I 249 21.30 18.06 -23.44
N VAL I 250 20.99 19.33 -23.11
CA VAL I 250 19.78 19.57 -22.34
C VAL I 250 18.54 19.32 -23.19
N SER I 251 18.58 19.67 -24.47
CA SER I 251 17.44 19.43 -25.34
C SER I 251 17.17 17.93 -25.49
N LYS I 252 18.24 17.14 -25.62
CA LYS I 252 18.06 15.70 -25.68
C LYS I 252 17.55 15.14 -24.36
N ILE I 253 18.05 15.67 -23.23
CA ILE I 253 17.74 15.08 -21.95
C ILE I 253 16.34 15.48 -21.47
N PHE I 254 15.75 16.51 -22.08
CA PHE I 254 14.37 16.89 -21.77
C PHE I 254 13.35 16.14 -22.60
N ILE I 255 13.80 15.27 -23.52
CA ILE I 255 12.97 14.42 -24.39
C ILE I 255 11.71 15.14 -24.86
N ASN I 256 11.79 16.45 -25.06
CA ASN I 256 10.65 17.23 -25.49
C ASN I 256 11.14 18.42 -26.30
N SER I 257 10.39 18.74 -27.35
CA SER I 257 10.73 19.88 -28.19
C SER I 257 10.66 21.17 -27.40
N ILE I 258 11.37 22.18 -27.87
CA ILE I 258 11.42 23.49 -27.22
C ILE I 258 10.89 24.52 -28.21
N ILE I 259 9.81 25.19 -27.82
CA ILE I 259 9.17 26.18 -28.70
C ILE I 259 10.07 27.39 -28.88
N ASN I 260 10.79 27.80 -27.84
CA ASN I 260 11.73 28.91 -27.93
C ASN I 260 13.17 28.43 -27.98
N PHE I 261 13.43 27.32 -28.68
CA PHE I 261 14.77 26.76 -28.74
C PHE I 261 15.74 27.73 -29.43
N ASN I 262 15.29 28.37 -30.51
CA ASN I 262 16.13 29.35 -31.19
C ASN I 262 16.33 30.58 -30.31
N ASP I 263 15.32 30.92 -29.51
CA ASP I 263 15.43 32.08 -28.62
C ASP I 263 16.55 31.89 -27.60
N LEU I 264 16.72 30.67 -27.09
CA LEU I 264 17.79 30.40 -26.14
C LEU I 264 19.16 30.65 -26.77
N ASP I 265 20.04 31.25 -25.99
CA ASP I 265 21.39 31.56 -26.44
C ASP I 265 22.37 31.25 -25.31
N GLU I 266 23.64 31.61 -25.50
CA GLU I 266 24.65 31.37 -24.46
C GLU I 266 24.55 32.38 -23.33
N ASN I 267 24.08 33.60 -23.63
CA ASN I 267 24.08 34.65 -22.62
C ASN I 267 23.01 34.42 -21.56
N ASN I 268 21.79 34.09 -21.96
CA ASN I 268 20.67 33.95 -21.03
C ASN I 268 20.77 32.57 -20.38
N PHE I 269 21.67 32.46 -19.40
CA PHE I 269 21.90 31.18 -18.74
C PHE I 269 20.88 30.94 -17.61
N THR I 270 20.92 31.79 -16.58
CA THR I 270 20.08 31.62 -15.40
C THR I 270 19.13 32.80 -15.21
N THR I 271 18.74 33.45 -16.31
CA THR I 271 17.89 34.62 -16.25
C THR I 271 16.53 34.43 -16.91
N VAL I 272 16.31 33.31 -17.60
CA VAL I 272 15.06 33.10 -18.32
C VAL I 272 14.48 31.72 -18.00
N PRO I 273 13.26 31.65 -17.49
CA PRO I 273 12.60 30.35 -17.33
C PRO I 273 12.34 29.69 -18.68
N LEU I 274 12.32 28.36 -18.67
CA LEU I 274 12.12 27.57 -19.87
C LEU I 274 10.68 27.08 -19.95
N VAL I 275 10.04 27.31 -21.09
CA VAL I 275 8.68 26.85 -21.35
C VAL I 275 8.76 25.58 -22.19
N ILE I 276 7.99 24.57 -21.79
CA ILE I 276 8.03 23.25 -22.42
C ILE I 276 6.63 22.91 -22.89
N ASP I 277 6.49 22.57 -24.17
CA ASP I 277 5.23 22.11 -24.73
C ASP I 277 5.18 20.59 -24.59
N TYR I 278 4.49 20.12 -23.56
CA TYR I 278 4.46 18.69 -23.24
C TYR I 278 3.47 17.99 -24.18
N VAL I 279 3.94 17.72 -25.39
CA VAL I 279 3.19 16.83 -26.29
C VAL I 279 3.13 15.43 -25.69
N THR I 280 4.18 15.01 -25.03
CA THR I 280 4.28 13.76 -24.31
C THR I 280 4.36 14.03 -22.80
N PRO I 281 4.32 12.97 -21.97
CA PRO I 281 4.57 13.15 -20.54
C PRO I 281 5.87 13.88 -20.25
N CYS I 282 5.96 14.49 -19.06
CA CYS I 282 7.10 15.33 -18.72
C CYS I 282 8.38 14.52 -18.68
N ALA I 283 9.51 15.21 -18.89
CA ALA I 283 10.80 14.55 -18.82
C ALA I 283 11.19 14.25 -17.37
N LEU I 284 10.92 15.19 -16.47
CA LEU I 284 11.37 15.05 -15.09
C LEU I 284 10.42 14.18 -14.29
N CYS I 285 9.18 14.63 -14.12
CA CYS I 285 8.21 13.93 -13.27
C CYS I 285 7.22 13.08 -14.05
N LYS I 286 7.34 13.05 -15.39
CA LYS I 286 6.48 12.23 -16.24
C LYS I 286 5.00 12.56 -16.06
N LYS I 287 4.70 13.79 -15.66
CA LYS I 287 3.31 14.22 -15.50
C LYS I 287 2.75 14.70 -16.83
N ARG I 288 1.42 14.83 -16.88
CA ARG I 288 0.76 15.25 -18.11
C ARG I 288 1.18 16.66 -18.51
N SER I 289 1.30 17.56 -17.53
CA SER I 289 1.73 18.93 -17.79
C SER I 289 2.17 19.56 -16.48
N HIS I 290 2.77 20.75 -16.60
CA HIS I 290 3.22 21.53 -15.45
C HIS I 290 2.50 22.87 -15.41
N LYS I 291 2.29 23.39 -14.21
CA LYS I 291 1.87 24.76 -14.02
C LYS I 291 3.04 25.69 -13.77
N HIS I 292 4.27 25.18 -13.80
CA HIS I 292 5.48 25.95 -13.57
C HIS I 292 6.49 25.66 -14.66
N PRO I 293 7.32 26.63 -15.01
CA PRO I 293 8.48 26.37 -15.86
C PRO I 293 9.61 25.75 -15.03
N HIS I 294 10.71 25.44 -15.71
CA HIS I 294 11.86 24.81 -15.08
C HIS I 294 13.06 25.74 -15.11
N GLN I 295 13.90 25.61 -14.10
CA GLN I 295 15.07 26.47 -13.92
C GLN I 295 16.36 25.67 -14.04
N LEU I 296 17.45 26.40 -14.27
CA LEU I 296 18.79 25.84 -14.32
C LEU I 296 19.75 26.84 -13.73
N SER I 297 20.74 26.35 -12.98
CA SER I 297 21.70 27.21 -12.32
C SER I 297 23.11 26.69 -12.55
N LEU I 298 24.04 27.62 -12.77
CA LEU I 298 25.45 27.27 -12.92
C LEU I 298 26.05 27.08 -11.54
N GLU I 299 26.47 25.85 -11.23
CA GLU I 299 26.99 25.53 -9.92
C GLU I 299 28.10 24.51 -10.03
N ASN I 300 29.26 24.84 -9.48
CA ASN I 300 30.38 23.89 -9.34
C ASN I 300 30.83 23.35 -10.69
N GLY I 301 30.68 24.16 -11.74
CA GLY I 301 30.99 23.71 -13.08
C GLY I 301 29.93 22.81 -13.69
N ALA I 302 28.77 22.69 -13.07
CA ALA I 302 27.70 21.81 -13.53
C ALA I 302 26.40 22.58 -13.62
N ILE I 303 25.50 22.08 -14.47
CA ILE I 303 24.19 22.69 -14.68
C ILE I 303 23.16 21.89 -13.90
N ARG I 304 22.52 22.53 -12.92
CA ARG I 304 21.53 21.88 -12.08
C ARG I 304 20.14 22.14 -12.63
N ILE I 305 19.47 21.08 -13.05
CA ILE I 305 18.14 21.18 -13.65
C ILE I 305 17.10 20.89 -12.58
N TYR I 306 16.18 21.83 -12.38
CA TYR I 306 15.15 21.69 -11.37
C TYR I 306 13.94 22.50 -11.79
N LYS I 307 12.95 22.59 -10.88
CA LYS I 307 11.70 23.27 -11.13
C LYS I 307 11.48 24.32 -10.04
N THR I 308 11.14 25.53 -10.46
CA THR I 308 10.94 26.62 -9.51
C THR I 308 9.60 26.48 -8.79
N GLY I 309 9.59 26.90 -7.53
CA GLY I 309 8.39 26.77 -6.73
C GLY I 309 8.46 25.62 -5.75
N ASN I 310 7.82 24.50 -6.08
CA ASN I 310 7.73 23.34 -5.20
C ASN I 310 8.33 22.14 -5.94
N PRO I 311 9.66 22.00 -5.91
CA PRO I 311 10.27 20.84 -6.58
C PRO I 311 10.34 19.63 -5.67
N HIS I 312 9.27 19.38 -4.91
CA HIS I 312 9.23 18.23 -4.02
C HIS I 312 8.55 17.04 -4.69
N SER I 313 7.54 17.29 -5.50
CA SER I 313 6.97 16.26 -6.38
C SER I 313 7.73 16.21 -7.69
N CYS I 314 9.06 16.26 -7.59
CA CYS I 314 9.95 16.37 -8.74
C CYS I 314 11.31 15.82 -8.33
N LYS I 315 12.31 16.04 -9.18
CA LYS I 315 13.65 15.52 -8.98
C LYS I 315 14.67 16.64 -9.10
N VAL I 316 15.73 16.53 -8.29
CA VAL I 316 16.88 17.42 -8.39
C VAL I 316 17.87 16.74 -9.33
N LYS I 317 17.92 17.23 -10.57
CA LYS I 317 18.67 16.59 -11.64
C LYS I 317 19.83 17.50 -12.06
N ILE I 318 20.98 16.89 -12.32
CA ILE I 318 22.21 17.63 -12.60
C ILE I 318 22.85 17.07 -13.87
N VAL I 319 23.30 17.95 -14.74
CA VAL I 319 24.13 17.60 -15.87
C VAL I 319 25.50 18.24 -15.69
N PRO I 320 26.52 17.48 -15.29
CA PRO I 320 27.85 18.06 -15.11
C PRO I 320 28.54 18.28 -16.45
N LEU I 321 29.28 19.38 -16.54
CA LEU I 321 29.95 19.80 -17.77
C LEU I 321 31.46 19.70 -17.56
N ASP I 322 32.04 18.56 -17.92
CA ASP I 322 33.49 18.34 -17.93
C ASP I 322 33.81 17.50 -19.16
N GLY I 323 34.19 18.18 -20.24
CA GLY I 323 34.43 17.49 -21.49
C GLY I 323 35.88 17.08 -21.64
N ASN I 324 36.17 15.80 -21.44
CA ASN I 324 37.50 15.25 -21.63
C ASN I 324 38.53 15.98 -20.79
N LYS I 325 38.39 15.87 -19.47
CA LYS I 325 39.32 16.53 -18.55
C LYS I 325 40.76 16.12 -18.85
N LEU I 326 40.98 14.86 -19.22
CA LEU I 326 42.32 14.40 -19.53
C LEU I 326 42.91 15.12 -20.74
N PHE I 327 42.07 15.41 -21.74
CA PHE I 327 42.56 16.22 -22.86
C PHE I 327 43.00 17.60 -22.39
N ASN I 328 42.25 18.19 -21.47
CA ASN I 328 42.64 19.50 -20.94
C ASN I 328 43.96 19.42 -20.21
N ILE I 329 44.15 18.36 -19.41
CA ILE I 329 45.43 18.19 -18.73
C ILE I 329 46.55 18.03 -19.74
N ALA I 330 46.28 17.33 -20.84
CA ALA I 330 47.27 17.21 -21.89
C ALA I 330 47.64 18.56 -22.47
N GLN I 331 46.63 19.41 -22.70
CA GLN I 331 46.90 20.74 -23.23
C GLN I 331 47.74 21.54 -22.24
N ARG I 332 47.44 21.44 -20.96
CA ARG I 332 48.21 22.17 -19.95
C ARG I 332 49.65 21.69 -19.90
N ILE I 333 49.88 20.39 -20.03
CA ILE I 333 51.24 19.86 -20.02
C ILE I 333 52.03 20.37 -21.23
N LEU I 334 51.41 20.34 -22.41
CA LEU I 334 52.10 20.71 -23.63
C LEU I 334 52.52 22.18 -23.63
N ASP I 335 51.81 23.01 -22.86
CA ASP I 335 52.10 24.44 -22.86
C ASP I 335 53.51 24.73 -22.35
N THR I 336 54.00 23.95 -21.39
CA THR I 336 55.31 24.19 -20.82
C THR I 336 56.46 24.01 -21.82
N ASN I 337 56.16 23.65 -23.07
CA ASN I 337 57.17 23.49 -24.10
C ASN I 337 58.22 22.47 -23.66
N SER I 338 57.74 21.36 -23.09
CA SER I 338 58.61 20.35 -22.49
C SER I 338 58.75 19.10 -23.33
N VAL I 339 57.77 18.78 -24.17
CA VAL I 339 57.83 17.64 -25.07
C VAL I 339 57.88 18.17 -26.49
N LEU I 340 58.91 17.81 -27.25
CA LEU I 340 59.06 18.23 -28.63
C LEU I 340 59.42 17.05 -29.50
N LEU I 341 59.02 17.13 -30.77
CA LEU I 341 59.36 16.13 -31.77
C LEU I 341 60.52 16.65 -32.61
N THR I 342 61.64 15.93 -32.59
CA THR I 342 62.81 16.31 -33.38
C THR I 342 62.73 15.69 -34.77
N GLU I 343 63.49 16.28 -35.70
CA GLU I 343 63.57 15.74 -37.04
C GLU I 343 64.17 14.33 -37.06
N ARG I 344 64.90 13.96 -36.00
CA ARG I 344 65.43 12.61 -35.89
C ARG I 344 64.31 11.57 -35.78
N GLY I 345 63.18 11.96 -35.20
CA GLY I 345 62.05 11.06 -35.06
C GLY I 345 61.72 10.65 -33.64
N ASP I 346 62.42 11.17 -32.64
CA ASP I 346 62.16 10.85 -31.24
C ASP I 346 61.47 12.02 -30.57
N HIS I 347 61.02 11.79 -29.35
CA HIS I 347 60.41 12.80 -28.51
C HIS I 347 61.33 13.09 -27.35
N ILE I 348 61.64 14.37 -27.15
CA ILE I 348 62.59 14.81 -26.13
C ILE I 348 61.83 15.49 -25.01
N VAL I 349 62.20 15.18 -23.77
CA VAL I 349 61.50 15.69 -22.60
C VAL I 349 62.44 16.53 -21.75
N TRP I 350 61.91 17.14 -20.69
CA TRP I 350 62.61 18.10 -19.86
C TRP I 350 62.53 17.63 -18.42
N ILE I 351 63.46 16.76 -18.02
CA ILE I 351 63.51 16.18 -16.68
C ILE I 351 64.84 16.56 -16.05
N ASN I 352 64.80 16.90 -14.75
CA ASN I 352 65.98 17.33 -14.02
C ASN I 352 66.63 18.55 -14.67
N ASN I 353 65.81 19.40 -15.26
CA ASN I 353 66.26 20.62 -15.90
C ASN I 353 67.32 20.33 -16.97
N SER I 354 67.13 19.24 -17.69
CA SER I 354 68.05 18.85 -18.76
C SER I 354 67.28 18.03 -19.79
N TRP I 355 67.42 18.41 -21.06
CA TRP I 355 66.69 17.72 -22.11
C TRP I 355 67.17 16.28 -22.21
N LYS I 356 66.24 15.33 -22.08
CA LYS I 356 66.56 13.91 -22.07
C LYS I 356 65.64 13.17 -23.02
N PHE I 357 66.13 12.09 -23.60
CA PHE I 357 65.31 11.26 -24.48
C PHE I 357 65.98 9.89 -24.63
N ASN I 358 65.15 8.91 -24.96
CA ASN I 358 65.63 7.56 -25.22
C ASN I 358 64.66 6.90 -26.20
N SER I 359 65.16 6.52 -27.37
CA SER I 359 64.31 5.89 -28.36
C SER I 359 63.71 4.58 -27.84
N GLU I 360 64.52 3.77 -27.17
CA GLU I 360 64.05 2.50 -26.65
C GLU I 360 63.32 2.65 -25.32
N GLU I 361 63.48 3.79 -24.64
CA GLU I 361 62.87 4.04 -23.34
C GLU I 361 62.19 5.40 -23.38
N PRO I 362 60.97 5.47 -23.93
CA PRO I 362 60.25 6.75 -23.95
C PRO I 362 60.03 7.28 -22.54
N LEU I 363 60.15 8.60 -22.40
CA LEU I 363 60.13 9.23 -21.09
C LEU I 363 58.91 10.11 -20.86
N ILE I 364 57.97 10.15 -21.80
CA ILE I 364 56.84 11.09 -21.70
C ILE I 364 56.07 10.85 -20.41
N THR I 365 55.85 9.58 -20.05
CA THR I 365 55.12 9.28 -18.83
C THR I 365 55.92 9.67 -17.58
N LYS I 366 57.24 9.54 -17.62
CA LYS I 366 58.06 9.99 -16.50
C LYS I 366 57.88 11.48 -16.26
N LEU I 367 57.96 12.28 -17.33
CA LEU I 367 57.72 13.71 -17.21
C LEU I 367 56.32 14.00 -16.72
N ILE I 368 55.33 13.26 -17.23
CA ILE I 368 53.94 13.49 -16.83
C ILE I 368 53.76 13.24 -15.33
N LEU I 369 54.45 12.24 -14.80
CA LEU I 369 54.44 12.03 -13.34
C LEU I 369 55.15 13.18 -12.62
N SER I 370 56.29 13.63 -13.15
CA SER I 370 57.12 14.56 -12.39
C SER I 370 56.43 15.91 -12.18
N ILE I 371 55.73 16.40 -13.19
CA ILE I 371 55.27 17.78 -13.18
C ILE I 371 53.80 17.87 -12.75
N ARG I 372 53.33 16.89 -11.99
CA ARG I 372 51.98 17.00 -11.44
C ARG I 372 51.87 18.14 -10.43
N HIS I 373 52.98 18.52 -9.78
CA HIS I 373 52.94 19.62 -8.83
C HIS I 373 52.62 20.94 -9.53
N GLN I 374 53.22 21.17 -10.71
CA GLN I 374 53.03 22.41 -11.44
C GLN I 374 51.69 22.47 -12.14
N LEU I 375 50.73 21.69 -11.67
CA LEU I 375 49.36 21.63 -12.16
C LEU I 375 48.40 22.00 -11.04
N PRO I 376 47.17 22.39 -11.38
CA PRO I 376 46.17 22.64 -10.34
C PRO I 376 45.92 21.39 -9.51
N LYS I 377 45.67 21.59 -8.22
CA LYS I 377 45.58 20.47 -7.28
C LYS I 377 44.47 19.50 -7.65
N GLU I 378 43.34 20.00 -8.14
CA GLU I 378 42.24 19.12 -8.53
C GLU I 378 42.58 18.27 -9.74
N TYR I 379 43.64 18.61 -10.47
CA TYR I 379 44.06 17.83 -11.63
C TYR I 379 45.22 16.89 -11.32
N SER I 380 46.00 17.15 -10.29
CA SER I 380 47.09 16.25 -9.93
C SER I 380 46.56 14.91 -9.45
N SER I 381 45.34 14.90 -8.92
CA SER I 381 44.71 13.65 -8.49
C SER I 381 44.38 12.74 -9.67
N GLU I 382 44.45 13.24 -10.89
CA GLU I 382 44.16 12.48 -12.09
C GLU I 382 45.41 11.92 -12.76
N LEU I 383 46.56 12.00 -12.09
CA LEU I 383 47.81 11.48 -12.64
C LEU I 383 48.48 10.53 -11.65
N LEU I 384 47.71 9.61 -11.09
CA LEU I 384 48.25 8.55 -10.25
C LEU I 384 47.88 7.15 -10.75
N CYS I 385 47.03 7.04 -11.77
CA CYS I 385 46.70 5.76 -12.38
C CYS I 385 47.36 5.68 -13.74
N PRO I 386 48.25 4.70 -13.98
CA PRO I 386 49.06 4.72 -15.21
C PRO I 386 48.24 4.62 -16.49
N ARG I 387 46.99 4.14 -16.43
CA ARG I 387 46.16 4.20 -17.62
C ARG I 387 45.86 5.63 -18.03
N LYS I 388 45.60 6.50 -17.04
CA LYS I 388 45.40 7.91 -17.33
C LYS I 388 46.67 8.53 -17.90
N ARG I 389 47.83 8.13 -17.36
CA ARG I 389 49.10 8.62 -17.87
C ARG I 389 49.29 8.21 -19.32
N LYS I 390 48.91 6.98 -19.65
CA LYS I 390 49.00 6.53 -21.03
C LYS I 390 48.06 7.31 -21.93
N THR I 391 46.87 7.64 -21.44
CA THR I 391 45.95 8.46 -22.22
C THR I 391 46.55 9.84 -22.50
N VAL I 392 47.11 10.46 -21.46
CA VAL I 392 47.71 11.79 -21.61
C VAL I 392 48.89 11.75 -22.57
N GLU I 393 49.72 10.71 -22.44
CA GLU I 393 50.86 10.56 -23.33
C GLU I 393 50.42 10.35 -24.77
N ALA I 394 49.35 9.56 -24.98
CA ALA I 394 48.83 9.38 -26.32
C ALA I 394 48.34 10.70 -26.90
N ASN I 395 47.64 11.49 -26.11
CA ASN I 395 47.19 12.78 -26.58
C ASN I 395 48.35 13.70 -26.92
N ILE I 396 49.40 13.69 -26.10
CA ILE I 396 50.58 14.50 -26.38
C ILE I 396 51.19 14.11 -27.72
N ARG I 397 51.36 12.81 -27.94
CA ARG I 397 51.90 12.35 -29.22
C ARG I 397 50.98 12.73 -30.36
N ASP I 398 49.68 12.82 -30.09
CA ASP I 398 48.73 13.25 -31.11
C ASP I 398 48.77 14.76 -31.35
N MET I 399 49.32 15.53 -30.41
CA MET I 399 49.39 16.98 -30.54
C MET I 399 50.68 17.47 -31.18
N LEU I 400 51.83 16.93 -30.77
CA LEU I 400 53.11 17.39 -31.29
C LEU I 400 53.24 17.04 -32.77
N VAL I 401 53.11 18.04 -33.63
CA VAL I 401 53.25 17.84 -35.07
C VAL I 401 54.50 18.48 -35.62
N ASP I 402 54.92 19.63 -35.08
CA ASP I 402 56.09 20.33 -35.59
C ASP I 402 57.38 19.56 -35.28
N SER I 403 58.35 19.70 -36.19
CA SER I 403 59.69 19.18 -35.98
C SER I 403 60.63 20.37 -35.87
N VAL I 404 61.15 20.60 -34.66
CA VAL I 404 61.99 21.76 -34.39
C VAL I 404 63.45 21.34 -34.41
N GLU I 405 64.30 22.30 -34.75
CA GLU I 405 65.74 22.09 -34.82
C GLU I 405 66.39 22.45 -33.49
N THR I 406 67.32 21.61 -33.05
CA THR I 406 68.03 21.79 -31.79
C THR I 406 69.53 21.84 -32.04
N ASP I 407 70.25 22.41 -31.07
CA ASP I 407 71.71 22.46 -31.11
C ASP I 407 72.21 23.27 -32.31
N THR I 408 71.70 24.49 -32.44
CA THR I 408 72.10 25.39 -33.51
C THR I 408 72.94 26.55 -33.01
N TYR I 409 73.37 26.52 -31.75
CA TYR I 409 74.21 27.57 -31.16
C TYR I 409 75.58 27.00 -30.83
N PRO I 410 76.59 27.21 -31.68
CA PRO I 410 77.90 26.62 -31.41
C PRO I 410 78.66 27.25 -30.27
N ASP I 411 78.20 28.41 -29.79
CA ASP I 411 78.91 29.19 -28.78
C ASP I 411 78.44 28.92 -27.37
N LYS I 412 77.56 27.94 -27.18
CA LYS I 412 76.95 27.68 -25.88
C LYS I 412 77.29 26.26 -25.43
N LEU I 413 77.82 26.16 -24.20
CA LEU I 413 78.28 24.89 -23.67
C LEU I 413 77.32 24.43 -22.57
N PRO I 414 76.63 23.31 -22.74
CA PRO I 414 75.73 22.83 -21.70
C PRO I 414 76.49 22.23 -20.52
N PHE I 415 75.81 22.18 -19.38
CA PHE I 415 76.33 21.56 -18.17
C PHE I 415 75.22 20.76 -17.52
N LYS I 416 75.60 19.94 -16.53
CA LYS I 416 74.64 19.11 -15.82
C LYS I 416 73.69 19.93 -14.95
N ASN I 417 73.99 21.21 -14.73
CA ASN I 417 73.09 22.10 -14.01
C ASN I 417 72.62 23.29 -14.85
N GLY I 418 73.05 23.38 -16.10
CA GLY I 418 72.65 24.52 -16.93
C GLY I 418 73.44 24.54 -18.23
N VAL I 419 73.58 25.74 -18.78
CA VAL I 419 74.32 25.95 -20.02
C VAL I 419 75.29 27.11 -19.84
N LEU I 420 76.54 26.90 -20.22
CA LEU I 420 77.54 27.96 -20.24
C LEU I 420 77.54 28.64 -21.60
N ASP I 421 77.72 29.96 -21.59
CA ASP I 421 77.88 30.74 -22.81
C ASP I 421 79.33 31.15 -22.96
N LEU I 422 79.97 30.67 -24.03
CA LEU I 422 81.41 30.90 -24.20
C LEU I 422 81.71 32.32 -24.66
N VAL I 423 80.83 32.91 -25.48
CA VAL I 423 81.05 34.28 -25.94
C VAL I 423 80.98 35.26 -24.76
N ASP I 424 79.97 35.10 -23.90
CA ASP I 424 79.78 36.01 -22.77
C ASP I 424 80.61 35.61 -21.57
N GLY I 425 80.82 34.31 -21.35
CA GLY I 425 81.49 33.83 -20.16
C GLY I 425 80.58 33.61 -18.97
N MET I 426 79.29 33.82 -19.11
CA MET I 426 78.33 33.67 -18.03
C MET I 426 77.65 32.31 -18.07
N PHE I 427 76.96 31.99 -16.98
CA PHE I 427 76.29 30.70 -16.83
C PHE I 427 74.78 30.87 -16.87
N TYR I 428 74.10 29.93 -17.52
CA TYR I 428 72.65 29.92 -17.61
C TYR I 428 72.10 28.75 -16.81
N SER I 429 70.88 28.91 -16.32
CA SER I 429 70.22 27.86 -15.54
C SER I 429 68.73 27.91 -15.80
N GLY I 430 68.12 26.73 -15.82
CA GLY I 430 66.67 26.65 -16.03
C GLY I 430 66.28 27.18 -17.39
N ASP I 431 65.24 28.02 -17.41
CA ASP I 431 64.70 28.53 -18.67
C ASP I 431 65.74 29.33 -19.44
N ASP I 432 66.76 29.85 -18.76
CA ASP I 432 67.86 30.50 -19.47
C ASP I 432 68.57 29.51 -20.39
N ALA I 433 68.42 28.21 -20.13
CA ALA I 433 68.96 27.18 -20.99
C ALA I 433 67.90 26.47 -21.81
N LYS I 434 66.62 26.61 -21.44
CA LYS I 434 65.58 25.83 -22.10
C LYS I 434 65.40 26.21 -23.56
N LYS I 435 65.66 27.47 -23.92
CA LYS I 435 65.53 27.87 -25.31
C LYS I 435 66.52 27.12 -26.19
N TYR I 436 67.74 26.94 -25.71
CA TYR I 436 68.77 26.22 -26.45
C TYR I 436 68.72 24.75 -26.04
N THR I 437 68.12 23.91 -26.88
CA THR I 437 67.89 22.52 -26.55
C THR I 437 69.19 21.73 -26.71
N CYS I 438 69.95 21.70 -25.63
CA CYS I 438 71.23 21.02 -25.60
C CYS I 438 71.04 19.58 -25.12
N THR I 439 71.45 18.61 -25.93
CA THR I 439 71.27 17.21 -25.59
C THR I 439 72.50 16.64 -24.88
N VAL I 440 73.66 16.69 -25.53
CA VAL I 440 74.86 16.09 -24.96
C VAL I 440 75.28 16.88 -23.73
N SER I 441 75.50 16.17 -22.63
CA SER I 441 75.90 16.77 -21.37
C SER I 441 77.36 16.48 -21.09
N THR I 442 77.98 17.40 -20.33
CA THR I 442 79.39 17.25 -19.97
C THR I 442 79.63 16.22 -18.89
N GLY I 443 78.58 15.76 -18.20
CA GLY I 443 78.74 14.80 -17.14
C GLY I 443 79.06 15.38 -15.78
N PHE I 444 79.00 16.69 -15.63
CA PHE I 444 79.26 17.32 -14.34
C PHE I 444 78.62 18.71 -14.34
N LYS I 445 78.29 19.17 -13.14
CA LYS I 445 77.70 20.49 -12.95
C LYS I 445 78.78 21.56 -12.84
N PHE I 446 78.39 22.79 -13.19
CA PHE I 446 79.31 23.91 -13.17
C PHE I 446 79.43 24.43 -11.74
N ASP I 447 80.66 24.41 -11.20
CA ASP I 447 80.94 24.94 -9.88
C ASP I 447 81.49 26.35 -10.02
N ASP I 448 80.75 27.33 -9.50
CA ASP I 448 81.20 28.72 -9.59
C ASP I 448 82.34 29.00 -8.62
N THR I 449 82.39 28.28 -7.50
CA THR I 449 83.44 28.51 -6.51
C THR I 449 84.82 28.23 -7.10
N LYS I 450 84.95 27.18 -7.88
CA LYS I 450 86.22 26.86 -8.53
C LYS I 450 86.47 27.68 -9.78
N PHE I 451 85.46 28.39 -10.27
CA PHE I 451 85.62 29.26 -11.45
C PHE I 451 86.22 30.58 -10.97
N VAL I 452 87.55 30.57 -10.79
CA VAL I 452 88.30 31.70 -10.29
C VAL I 452 89.58 31.83 -11.10
N GLU I 453 90.39 32.82 -10.75
CA GLU I 453 91.66 33.08 -11.43
C GLU I 453 92.88 33.00 -10.52
N ASP I 454 92.77 33.43 -9.27
CA ASP I 454 93.90 33.42 -8.33
C ASP I 454 93.73 32.23 -7.39
N SER I 455 94.39 31.12 -7.73
CA SER I 455 94.36 29.91 -6.92
C SER I 455 95.61 29.10 -7.25
N PRO I 456 96.06 28.24 -6.35
CA PRO I 456 97.24 27.41 -6.65
C PRO I 456 97.05 26.55 -7.89
N GLU I 457 95.83 26.08 -8.15
CA GLU I 457 95.57 25.26 -9.33
C GLU I 457 95.85 26.03 -10.61
N MET I 458 95.44 27.30 -10.67
CA MET I 458 95.68 28.09 -11.87
C MET I 458 97.16 28.33 -12.11
N GLU I 459 97.92 28.62 -11.04
CA GLU I 459 99.36 28.81 -11.18
C GLU I 459 100.05 27.53 -11.63
N GLU I 460 99.66 26.39 -11.04
CA GLU I 460 100.23 25.12 -11.45
C GLU I 460 99.90 24.81 -12.91
N LEU I 461 98.66 25.10 -13.33
CA LEU I 461 98.28 24.87 -14.72
C LEU I 461 99.09 25.77 -15.67
N MET I 462 99.27 27.03 -15.30
CA MET I 462 100.06 27.93 -16.13
C MET I 462 101.50 27.45 -16.24
N ASN I 463 102.08 27.00 -15.13
CA ASN I 463 103.44 26.47 -15.18
C ASN I 463 103.52 25.23 -16.05
N ILE I 464 102.52 24.33 -15.93
CA ILE I 464 102.50 23.12 -16.74
C ILE I 464 102.40 23.45 -18.22
N ILE I 465 101.54 24.42 -18.57
CA ILE I 465 101.38 24.81 -19.97
C ILE I 465 102.66 25.44 -20.50
N ASN I 466 103.31 26.28 -19.68
CA ASN I 466 104.57 26.89 -20.11
C ASN I 466 105.66 25.84 -20.31
N ASP I 467 105.72 24.86 -19.42
CA ASP I 467 106.72 23.80 -19.57
C ASP I 467 106.46 22.97 -20.82
N ILE I 468 105.19 22.60 -21.04
CA ILE I 468 104.86 21.77 -22.20
C ILE I 468 105.12 22.53 -23.48
N GLN I 469 104.67 23.78 -23.55
CA GLN I 469 104.88 24.63 -24.72
C GLN I 469 105.74 25.83 -24.32
N PRO I 470 107.04 25.80 -24.60
CA PRO I 470 107.89 26.92 -24.20
C PRO I 470 107.51 28.21 -24.91
N LEU I 471 107.76 29.33 -24.23
CA LEU I 471 107.42 30.65 -24.73
C LEU I 471 108.47 31.21 -25.68
N THR I 472 109.28 30.35 -26.28
CA THR I 472 110.34 30.80 -27.18
C THR I 472 109.75 31.33 -28.49
N ASP I 473 110.56 32.14 -29.18
CA ASP I 473 110.12 32.72 -30.44
C ASP I 473 110.09 31.68 -31.56
N GLU I 474 111.00 30.70 -31.52
CA GLU I 474 111.00 29.65 -32.54
C GLU I 474 109.72 28.84 -32.50
N ASN I 475 109.15 28.65 -31.31
CA ASN I 475 107.89 27.93 -31.15
C ASN I 475 106.71 28.87 -30.94
N LYS I 476 106.89 30.17 -31.17
CA LYS I 476 105.81 31.12 -30.97
C LYS I 476 104.67 30.86 -31.94
N LYS I 477 104.98 30.69 -33.22
CA LYS I 477 103.95 30.39 -34.22
C LYS I 477 103.29 29.05 -33.93
N ASN I 478 104.09 28.06 -33.54
CA ASN I 478 103.54 26.75 -33.19
C ASN I 478 102.57 26.86 -32.03
N ARG I 479 102.93 27.62 -30.99
CA ARG I 479 102.05 27.78 -29.84
C ARG I 479 100.79 28.55 -30.20
N GLU I 480 100.91 29.57 -31.06
CA GLU I 480 99.73 30.33 -31.47
C GLU I 480 98.76 29.45 -32.27
N LEU I 481 99.30 28.67 -33.21
CA LEU I 481 98.45 27.74 -33.96
C LEU I 481 97.86 26.68 -33.03
N TYR I 482 98.65 26.25 -32.03
CA TYR I 482 98.17 25.27 -31.06
C TYR I 482 97.01 25.81 -30.26
N GLU I 483 97.10 27.06 -29.79
CA GLU I 483 96.01 27.67 -29.05
C GLU I 483 94.79 27.88 -29.93
N LYS I 484 95.00 28.30 -31.17
CA LYS I 484 93.88 28.47 -32.10
C LYS I 484 93.16 27.14 -32.33
N THR I 485 93.92 26.05 -32.43
CA THR I 485 93.32 24.72 -32.50
C THR I 485 92.56 24.40 -31.21
N LEU I 486 93.14 24.74 -30.06
CA LEU I 486 92.46 24.50 -28.79
C LEU I 486 91.35 25.51 -28.55
N SER I 487 91.35 26.63 -29.28
CA SER I 487 90.32 27.64 -29.07
C SER I 487 88.99 27.21 -29.67
N SER I 488 89.00 26.41 -30.73
CA SER I 488 87.77 25.98 -31.39
C SER I 488 87.30 24.60 -30.94
N CYS I 489 87.98 23.99 -29.97
CA CYS I 489 87.55 22.68 -29.48
C CYS I 489 86.22 22.76 -28.74
N LEU I 490 86.01 23.82 -27.96
CA LEU I 490 84.79 23.95 -27.19
C LEU I 490 83.64 24.48 -28.03
N CYS I 491 83.88 24.89 -29.27
CA CYS I 491 82.84 25.41 -30.14
C CYS I 491 82.36 24.32 -31.09
N GLY I 492 81.04 24.17 -31.19
CA GLY I 492 80.45 23.17 -32.05
C GLY I 492 80.30 23.62 -33.48
N ALA I 493 81.43 23.80 -34.17
CA ALA I 493 81.45 24.20 -35.56
C ALA I 493 82.28 23.21 -36.36
N THR I 494 81.86 22.93 -37.59
CA THR I 494 82.61 22.03 -38.45
C THR I 494 83.82 22.75 -39.02
N LYS I 495 85.00 22.13 -38.88
CA LYS I 495 86.24 22.74 -39.30
C LYS I 495 86.65 22.22 -40.67
N GLY I 496 87.18 23.12 -41.50
CA GLY I 496 87.68 22.79 -42.81
C GLY I 496 89.14 22.42 -42.85
N CYS I 497 89.78 22.22 -41.71
CA CYS I 497 91.20 21.88 -41.67
C CYS I 497 91.46 20.89 -40.54
N LEU I 498 92.55 20.14 -40.68
CA LEU I 498 92.96 19.16 -39.70
C LEU I 498 94.35 19.50 -39.19
N THR I 499 94.57 19.31 -37.89
CA THR I 499 95.85 19.60 -37.26
C THR I 499 96.43 18.32 -36.69
N PHE I 500 97.71 18.07 -36.99
CA PHE I 500 98.42 16.89 -36.52
C PHE I 500 99.17 17.21 -35.24
N PHE I 501 99.09 16.32 -34.26
CA PHE I 501 99.75 16.50 -32.98
C PHE I 501 101.13 15.85 -33.00
N PHE I 502 101.98 16.34 -33.90
CA PHE I 502 103.31 15.78 -34.06
C PHE I 502 104.12 15.95 -32.77
N GLY I 503 104.92 14.95 -32.46
CA GLY I 503 105.72 14.98 -31.25
C GLY I 503 106.24 13.60 -30.88
N GLU I 504 107.42 13.56 -30.27
CA GLU I 504 108.04 12.31 -29.87
C GLU I 504 107.49 11.87 -28.52
N THR I 505 108.04 10.78 -27.98
CA THR I 505 107.57 10.25 -26.71
C THR I 505 107.89 11.20 -25.57
N ALA I 506 107.02 11.20 -24.55
CA ALA I 506 107.20 12.01 -23.35
C ALA I 506 107.27 13.50 -23.69
N THR I 507 106.34 13.94 -24.55
CA THR I 507 106.18 15.34 -24.88
C THR I 507 104.94 15.96 -24.25
N GLY I 508 104.27 15.23 -23.36
CA GLY I 508 103.05 15.72 -22.76
C GLY I 508 101.80 15.51 -23.58
N LYS I 509 101.86 14.68 -24.62
CA LYS I 509 100.68 14.40 -25.44
C LYS I 509 99.60 13.71 -24.61
N SER I 510 99.98 12.67 -23.86
CA SER I 510 99.02 11.98 -23.01
C SER I 510 98.48 12.91 -21.92
N THR I 511 99.36 13.73 -21.33
CA THR I 511 98.92 14.65 -20.29
C THR I 511 97.94 15.67 -20.85
N THR I 512 98.21 16.22 -22.03
CA THR I 512 97.30 17.20 -22.63
C THR I 512 95.97 16.56 -23.00
N LYS I 513 96.00 15.34 -23.54
CA LYS I 513 94.75 14.65 -23.86
C LYS I 513 93.93 14.41 -22.60
N ARG I 514 94.59 13.99 -21.52
CA ARG I 514 93.87 13.74 -20.26
C ARG I 514 93.30 15.04 -19.69
N LEU I 515 94.06 16.13 -19.77
CA LEU I 515 93.56 17.42 -19.29
C LEU I 515 92.36 17.88 -20.10
N LEU I 516 92.41 17.73 -21.43
CA LEU I 516 91.27 18.11 -22.26
C LEU I 516 90.05 17.24 -21.96
N LYS I 517 90.27 15.93 -21.76
CA LYS I 517 89.15 15.05 -21.45
C LYS I 517 88.55 15.38 -20.09
N SER I 518 89.38 15.72 -19.11
CA SER I 518 88.88 16.09 -17.79
C SER I 518 88.11 17.41 -17.84
N ALA I 519 88.64 18.41 -18.55
CA ALA I 519 87.95 19.68 -18.67
C ALA I 519 86.63 19.54 -19.42
N ILE I 520 86.61 18.72 -20.47
CA ILE I 520 85.39 18.52 -21.26
C ILE I 520 84.51 17.40 -20.73
N GLY I 521 85.01 16.59 -19.80
CA GLY I 521 84.24 15.48 -19.31
C GLY I 521 84.02 14.41 -20.36
N ASP I 522 82.81 14.37 -20.92
CA ASP I 522 82.45 13.40 -21.95
C ASP I 522 82.53 13.98 -23.36
N LEU I 523 82.85 15.26 -23.52
CA LEU I 523 82.88 15.88 -24.83
C LEU I 523 84.05 15.43 -25.69
N PHE I 524 85.04 14.74 -25.11
CA PHE I 524 86.16 14.20 -25.84
C PHE I 524 85.96 12.70 -26.04
N VAL I 525 86.03 12.26 -27.30
CA VAL I 525 85.85 10.86 -27.65
C VAL I 525 87.09 10.39 -28.40
N GLU I 526 87.57 9.20 -28.06
CA GLU I 526 88.77 8.64 -28.65
C GLU I 526 88.41 7.60 -29.71
N THR I 527 89.19 7.55 -30.77
CA THR I 527 89.01 6.58 -31.85
C THR I 527 90.35 6.00 -32.23
N GLY I 528 90.31 4.80 -32.82
CA GLY I 528 91.50 4.10 -33.23
C GLY I 528 91.96 4.50 -34.62
N GLN I 529 92.95 3.75 -35.11
CA GLN I 529 93.56 4.04 -36.41
C GLN I 529 92.84 3.33 -37.57
N THR I 530 91.74 2.65 -37.30
CA THR I 530 90.98 2.01 -38.37
C THR I 530 90.42 3.04 -39.34
N ILE I 531 89.87 4.14 -38.82
CA ILE I 531 89.19 5.13 -39.66
C ILE I 531 90.14 5.69 -40.70
N LEU I 532 91.38 6.01 -40.30
CA LEU I 532 92.36 6.47 -41.26
C LEU I 532 92.87 5.35 -42.16
N THR I 533 92.54 4.10 -41.87
CA THR I 533 93.08 2.96 -42.59
C THR I 533 92.04 1.97 -43.08
N ASP I 534 90.74 2.32 -42.99
CA ASP I 534 89.69 1.43 -43.47
C ASP I 534 88.67 2.25 -44.25
N VAL I 535 87.66 1.57 -44.78
CA VAL I 535 86.55 2.23 -45.45
C VAL I 535 85.63 2.83 -44.40
N LEU I 536 85.15 4.05 -44.66
CA LEU I 536 84.31 4.73 -43.68
C LEU I 536 82.83 4.41 -43.86
N ASP I 537 82.37 4.31 -45.11
CA ASP I 537 80.96 4.04 -45.35
C ASP I 537 80.60 2.61 -44.96
N LYS I 538 81.20 1.63 -45.65
CA LYS I 538 81.01 0.20 -45.36
C LYS I 538 79.55 -0.15 -45.11
N GLY I 539 79.29 -0.82 -43.98
CA GLY I 539 77.95 -1.13 -43.56
C GLY I 539 77.64 -0.50 -42.21
N PRO I 540 77.36 -1.34 -41.20
CA PRO I 540 77.13 -0.82 -39.85
C PRO I 540 78.46 -0.43 -39.20
N ASN I 541 78.62 0.87 -38.93
CA ASN I 541 79.85 1.42 -38.36
C ASN I 541 79.50 2.30 -37.17
N PRO I 542 79.26 1.70 -36.01
CA PRO I 542 79.00 2.51 -34.81
C PRO I 542 80.17 3.36 -34.39
N PHE I 543 81.41 2.91 -34.67
CA PHE I 543 82.59 3.68 -34.26
C PHE I 543 82.62 5.05 -34.95
N ILE I 544 82.29 5.09 -36.24
CA ILE I 544 82.19 6.38 -36.93
C ILE I 544 80.88 7.08 -36.59
N ALA I 545 79.89 6.34 -36.09
CA ALA I 545 78.62 6.92 -35.68
C ALA I 545 78.62 7.37 -34.24
N ASN I 546 79.62 6.97 -33.45
CA ASN I 546 79.76 7.50 -32.10
C ASN I 546 80.17 8.96 -32.10
N MET I 547 80.69 9.45 -33.24
CA MET I 547 81.03 10.87 -33.39
C MET I 547 79.81 11.77 -33.26
N HIS I 548 78.61 11.26 -33.53
CA HIS I 548 77.39 12.03 -33.52
C HIS I 548 77.29 12.95 -32.31
N LEU I 549 77.24 14.26 -32.59
CA LEU I 549 77.08 15.29 -31.57
C LEU I 549 78.21 15.26 -30.54
N LYS I 550 79.43 15.40 -31.03
CA LYS I 550 80.60 15.56 -30.20
C LYS I 550 81.39 16.78 -30.65
N ARG I 551 82.11 17.39 -29.70
CA ARG I 551 82.87 18.61 -29.96
C ARG I 551 84.37 18.40 -30.00
N SER I 552 84.87 17.23 -29.62
CA SER I 552 86.30 16.98 -29.59
C SER I 552 86.58 15.50 -29.86
N VAL I 553 87.47 15.24 -30.81
CA VAL I 553 87.94 13.91 -31.12
C VAL I 553 89.46 13.92 -31.15
N PHE I 554 90.04 12.73 -31.00
CA PHE I 554 91.49 12.60 -30.98
C PHE I 554 91.86 11.25 -31.57
N CYS I 555 93.09 11.15 -32.06
CA CYS I 555 93.64 9.91 -32.60
C CYS I 555 94.91 9.59 -31.85
N SER I 556 95.06 8.32 -31.45
CA SER I 556 96.20 7.88 -30.67
C SER I 556 96.72 6.55 -31.21
N GLU I 557 98.00 6.29 -30.93
CA GLU I 557 98.69 5.09 -31.38
C GLU I 557 98.59 4.92 -32.89
N LEU I 558 99.16 5.88 -33.61
CA LEU I 558 99.17 5.78 -35.07
C LEU I 558 100.06 4.61 -35.52
N PRO I 559 99.66 3.90 -36.56
CA PRO I 559 100.52 2.81 -37.07
C PRO I 559 101.62 3.34 -37.97
N ASP I 560 102.76 3.69 -37.38
CA ASP I 560 103.90 4.24 -38.11
C ASP I 560 104.18 3.43 -39.38
N PHE I 561 104.25 4.14 -40.51
CA PHE I 561 104.46 3.51 -41.81
C PHE I 561 105.92 3.31 -42.16
N ALA I 562 106.84 3.70 -41.27
CA ALA I 562 108.26 3.47 -41.53
C ALA I 562 108.57 1.99 -41.63
N CYS I 563 107.96 1.18 -40.77
CA CYS I 563 108.11 -0.27 -40.84
C CYS I 563 107.08 -0.83 -41.83
N SER I 564 107.53 -1.78 -42.64
CA SER I 564 106.66 -2.37 -43.65
C SER I 564 105.52 -3.15 -43.00
N GLY I 565 104.32 -2.97 -43.52
CA GLY I 565 103.16 -3.64 -42.99
C GLY I 565 102.10 -2.70 -42.47
N SER I 566 102.22 -1.42 -42.84
CA SER I 566 101.29 -0.38 -42.39
C SER I 566 100.62 0.26 -43.59
N LYS I 567 99.29 0.30 -43.58
CA LYS I 567 98.53 0.91 -44.66
C LYS I 567 98.48 2.43 -44.48
N LYS I 568 98.81 3.15 -45.54
CA LYS I 568 98.84 4.60 -45.49
C LYS I 568 97.44 5.17 -45.32
N ILE I 569 97.37 6.37 -44.75
CA ILE I 569 96.09 7.05 -44.56
C ILE I 569 95.52 7.40 -45.93
N ARG I 570 94.30 6.93 -46.20
CA ARG I 570 93.70 7.08 -47.51
C ARG I 570 93.19 8.51 -47.67
N SER I 571 93.46 9.11 -48.83
CA SER I 571 93.15 10.52 -49.04
C SER I 571 91.65 10.78 -49.04
N ASP I 572 90.87 9.88 -49.63
CA ASP I 572 89.42 10.11 -49.74
C ASP I 572 88.76 10.15 -48.36
N ASN I 573 89.30 9.40 -47.40
CA ASN I 573 88.80 9.47 -46.03
C ASN I 573 88.97 10.88 -45.48
N ILE I 574 90.13 11.48 -45.71
CA ILE I 574 90.36 12.86 -45.25
C ILE I 574 89.46 13.83 -46.01
N LYS I 575 89.21 13.56 -47.29
CA LYS I 575 88.29 14.40 -48.05
C LYS I 575 86.90 14.38 -47.43
N LYS I 576 86.37 13.19 -47.15
CA LYS I 576 85.01 13.05 -46.64
C LYS I 576 84.88 13.36 -45.16
N LEU I 577 86.00 13.40 -44.43
CA LEU I 577 85.95 13.72 -43.01
C LEU I 577 85.67 15.20 -42.75
N THR I 578 85.94 16.08 -43.73
CA THR I 578 85.80 17.50 -43.53
C THR I 578 84.35 17.96 -43.53
N GLU I 579 83.49 17.32 -44.32
CA GLU I 579 82.13 17.79 -44.48
C GLU I 579 81.34 17.63 -43.17
N PRO I 580 80.45 18.58 -42.87
CA PRO I 580 79.63 18.46 -41.64
C PRO I 580 78.75 17.22 -41.61
N CYS I 581 78.24 16.78 -42.76
CA CYS I 581 77.43 15.58 -42.84
C CYS I 581 78.29 14.44 -43.36
N VAL I 582 78.38 13.37 -42.57
CA VAL I 582 79.19 12.20 -42.89
C VAL I 582 78.27 11.01 -43.10
N ILE I 583 78.47 10.31 -44.21
CA ILE I 583 77.65 9.14 -44.51
C ILE I 583 78.13 7.99 -43.64
N GLY I 584 77.48 7.79 -42.50
CA GLY I 584 77.84 6.72 -41.59
C GLY I 584 76.70 6.36 -40.66
N ARG I 585 76.55 5.08 -40.36
CA ARG I 585 75.42 4.62 -39.57
C ARG I 585 75.89 3.68 -38.46
N PRO I 586 75.18 3.65 -37.35
CA PRO I 586 75.50 2.71 -36.27
C PRO I 586 75.12 1.28 -36.68
N CYS I 587 75.32 0.35 -35.75
CA CYS I 587 74.87 -1.02 -35.96
C CYS I 587 73.35 -1.08 -35.92
N PHE I 588 72.76 -1.71 -36.94
CA PHE I 588 71.31 -1.93 -37.00
C PHE I 588 70.54 -0.62 -36.93
N SER I 589 71.12 0.42 -37.53
CA SER I 589 70.50 1.74 -37.54
C SER I 589 70.62 2.33 -38.93
N ASN I 590 69.53 2.92 -39.41
CA ASN I 590 69.45 3.45 -40.77
C ASN I 590 69.88 4.91 -40.87
N LYS I 591 70.34 5.51 -39.77
CA LYS I 591 70.73 6.92 -39.77
C LYS I 591 72.06 7.07 -40.51
N ILE I 592 71.97 7.25 -41.82
CA ILE I 592 73.15 7.43 -42.66
C ILE I 592 73.52 8.91 -42.68
N ASN I 593 72.86 9.69 -41.84
CA ASN I 593 73.09 11.13 -41.74
C ASN I 593 73.68 11.43 -40.37
N ASN I 594 74.74 12.24 -40.34
CA ASN I 594 75.43 12.55 -39.09
C ASN I 594 75.81 14.02 -39.07
N ARG I 595 76.06 14.53 -37.86
CA ARG I 595 76.51 15.90 -37.65
C ARG I 595 77.91 15.88 -37.05
N ASN I 596 78.84 16.57 -37.70
CA ASN I 596 80.24 16.59 -37.29
C ASN I 596 80.68 18.02 -37.03
N HIS I 597 81.13 18.28 -35.79
CA HIS I 597 81.64 19.61 -35.44
C HIS I 597 82.85 19.53 -34.52
N ALA I 598 83.46 18.35 -34.39
CA ALA I 598 84.56 18.17 -33.46
C ALA I 598 85.90 18.53 -34.09
N THR I 599 86.82 18.98 -33.24
CA THR I 599 88.19 19.24 -33.69
C THR I 599 88.94 17.93 -33.83
N ILE I 600 89.58 17.73 -34.98
CA ILE I 600 90.27 16.49 -35.30
C ILE I 600 91.76 16.73 -35.12
N ILE I 601 92.35 16.06 -34.12
CA ILE I 601 93.77 16.16 -33.82
C ILE I 601 94.33 14.75 -33.72
N ILE I 602 95.44 14.50 -34.42
CA ILE I 602 96.06 13.18 -34.46
C ILE I 602 97.53 13.32 -34.07
N ASP I 603 97.97 12.51 -33.12
CA ASP I 603 99.36 12.53 -32.69
C ASP I 603 100.20 11.59 -33.54
N THR I 604 101.48 11.90 -33.65
CA THR I 604 102.40 11.10 -34.46
C THR I 604 103.82 11.34 -33.99
N ASN I 605 104.63 10.28 -34.06
CA ASN I 605 106.04 10.33 -33.71
C ASN I 605 106.93 10.41 -34.95
N TYR I 606 106.34 10.66 -36.12
CA TYR I 606 107.05 10.55 -37.39
C TYR I 606 106.35 11.41 -38.43
N LYS I 607 107.01 11.58 -39.56
CA LYS I 607 106.40 12.29 -40.67
C LYS I 607 105.49 11.35 -41.44
N PRO I 608 104.23 11.70 -41.65
CA PRO I 608 103.27 10.78 -42.27
C PRO I 608 103.47 10.73 -43.79
N VAL I 609 102.55 10.02 -44.45
CA VAL I 609 102.57 9.86 -45.90
C VAL I 609 101.15 9.73 -46.41
N PHE I 610 100.89 10.23 -47.61
CA PHE I 610 99.59 10.18 -48.24
C PHE I 610 99.69 9.50 -49.60
N ASP I 611 98.70 8.68 -49.93
CA ASP I 611 98.71 7.97 -51.21
C ASP I 611 98.46 8.92 -52.38
N ARG I 612 97.45 9.78 -52.26
CA ARG I 612 97.14 10.76 -53.29
C ARG I 612 97.25 12.16 -52.70
N ILE I 613 98.00 13.03 -53.38
CA ILE I 613 98.25 14.39 -52.93
C ILE I 613 97.80 15.35 -54.02
N ASP I 614 97.02 16.35 -53.64
CA ASP I 614 96.49 17.34 -54.57
C ASP I 614 96.14 18.60 -53.78
N ASN I 615 95.43 19.52 -54.44
CA ASN I 615 95.04 20.76 -53.78
C ASN I 615 94.05 20.52 -52.65
N ALA I 616 93.19 19.51 -52.79
CA ALA I 616 92.17 19.26 -51.78
C ALA I 616 92.79 18.82 -50.45
N LEU I 617 93.80 17.96 -50.51
CA LEU I 617 94.38 17.43 -49.27
C LEU I 617 95.29 18.45 -48.59
N MET I 618 95.93 19.32 -49.36
CA MET I 618 96.84 20.30 -48.76
C MET I 618 96.11 21.44 -48.07
N ARG I 619 94.82 21.61 -48.34
CA ARG I 619 94.06 22.73 -47.79
C ARG I 619 93.51 22.45 -46.41
N ARG I 620 93.71 21.25 -45.87
CA ARG I 620 93.17 20.86 -44.58
C ARG I 620 94.23 20.12 -43.75
N ILE I 621 95.45 20.64 -43.75
CA ILE I 621 96.55 20.00 -43.04
C ILE I 621 97.23 21.02 -42.13
N ALA I 622 97.42 20.66 -40.86
CA ALA I 622 98.19 21.46 -39.92
C ALA I 622 99.02 20.52 -39.05
N VAL I 623 100.15 21.03 -38.58
CA VAL I 623 101.08 20.27 -37.75
C VAL I 623 101.47 21.10 -36.54
N VAL I 624 101.43 20.48 -35.36
CA VAL I 624 101.93 21.07 -34.13
C VAL I 624 103.03 20.17 -33.59
N ARG I 625 104.19 20.76 -33.29
CA ARG I 625 105.35 20.03 -32.83
C ARG I 625 105.73 20.47 -31.42
N PHE I 626 106.19 19.53 -30.61
CA PHE I 626 106.57 19.79 -29.23
C PHE I 626 108.06 19.55 -29.04
N ARG I 627 108.61 20.17 -28.00
CA ARG I 627 110.02 20.01 -27.66
C ARG I 627 110.19 19.89 -26.14
N THR I 628 109.33 19.09 -25.51
CA THR I 628 109.33 18.93 -24.06
C THR I 628 109.65 17.49 -23.70
N HIS I 629 110.38 17.31 -22.60
CA HIS I 629 110.77 16.00 -22.12
C HIS I 629 110.51 15.90 -20.62
N PHE I 630 110.08 14.72 -20.18
CA PHE I 630 109.97 14.40 -18.76
C PHE I 630 110.44 12.97 -18.56
N SER I 631 111.56 12.81 -17.86
CA SER I 631 112.13 11.49 -17.62
C SER I 631 112.68 11.42 -16.21
N GLN I 632 112.83 10.18 -15.72
CA GLN I 632 113.30 9.96 -14.37
C GLN I 632 114.75 10.46 -14.21
N PRO I 633 115.11 10.95 -13.02
CA PRO I 633 116.48 11.46 -12.84
C PRO I 633 117.56 10.42 -13.06
N SER I 634 117.26 9.14 -12.90
CA SER I 634 118.25 8.11 -13.22
C SER I 634 118.58 8.10 -14.70
N GLY I 635 117.56 8.26 -15.55
CA GLY I 635 117.77 8.31 -16.99
C GLY I 635 117.80 9.72 -17.53
N ARG I 636 118.05 10.69 -16.64
CA ARG I 636 118.06 12.10 -17.04
C ARG I 636 119.19 12.39 -18.03
N GLU I 637 120.36 11.77 -17.83
CA GLU I 637 121.51 12.05 -18.68
C GLU I 637 121.24 11.68 -20.13
N ALA I 638 120.59 10.53 -20.36
CA ALA I 638 120.24 10.14 -21.71
C ALA I 638 119.24 11.13 -22.32
N ALA I 639 118.30 11.61 -21.53
CA ALA I 639 117.33 12.59 -22.02
C ALA I 639 118.01 13.89 -22.43
N GLU I 640 118.96 14.36 -21.62
CA GLU I 640 119.69 15.57 -21.94
C GLU I 640 120.70 15.37 -23.07
N ASN I 641 120.94 14.14 -23.49
CA ASN I 641 121.85 13.83 -24.59
C ASN I 641 121.08 13.48 -25.87
N ASN I 642 119.96 14.16 -26.11
CA ASN I 642 119.12 13.92 -27.28
C ASN I 642 119.01 15.21 -28.10
N ASP I 643 119.12 15.07 -29.42
CA ASP I 643 119.00 16.22 -30.31
C ASP I 643 117.56 16.61 -30.59
N ALA I 644 116.59 15.74 -30.29
CA ALA I 644 115.20 16.00 -30.57
C ALA I 644 114.43 16.55 -29.37
N TYR I 645 115.10 16.77 -28.24
CA TYR I 645 114.47 17.27 -27.02
C TYR I 645 115.12 18.61 -26.67
N ASP I 646 114.44 19.71 -26.99
CA ASP I 646 114.96 21.03 -26.67
C ASP I 646 114.83 21.35 -25.18
N LYS I 647 113.73 20.96 -24.56
CA LYS I 647 113.50 21.21 -23.13
C LYS I 647 113.26 19.88 -22.43
N VAL I 648 114.03 19.63 -21.37
CA VAL I 648 113.92 18.41 -20.58
C VAL I 648 113.66 18.81 -19.14
N LYS I 649 112.67 18.17 -18.52
CA LYS I 649 112.33 18.44 -17.13
C LYS I 649 112.18 17.12 -16.37
N LEU I 650 112.21 17.23 -15.05
CA LEU I 650 112.14 16.05 -14.20
C LEU I 650 110.79 15.36 -14.33
N LEU I 651 110.79 14.05 -14.14
CA LEU I 651 109.57 13.26 -14.20
C LEU I 651 108.78 13.44 -12.90
N ASP I 652 107.51 13.82 -13.02
CA ASP I 652 106.62 13.94 -11.88
C ASP I 652 105.65 12.77 -11.92
N GLU I 653 105.80 11.85 -10.96
CA GLU I 653 104.96 10.66 -10.93
C GLU I 653 103.51 11.01 -10.64
N GLY I 654 103.28 11.95 -9.73
CA GLY I 654 101.95 12.25 -9.25
C GLY I 654 101.07 13.08 -10.17
N LEU I 655 101.60 13.55 -11.30
CA LEU I 655 100.79 14.35 -12.22
C LEU I 655 99.60 13.55 -12.75
N ASP I 656 99.85 12.30 -13.14
CA ASP I 656 98.78 11.47 -13.69
C ASP I 656 97.72 11.15 -12.64
N GLY I 657 98.14 10.90 -11.40
CA GLY I 657 97.21 10.67 -10.32
C GLY I 657 96.53 11.92 -9.80
N LYS I 658 97.04 13.10 -10.16
CA LYS I 658 96.43 14.36 -9.76
C LYS I 658 95.42 14.86 -10.79
N ILE I 659 95.74 14.71 -12.09
CA ILE I 659 94.80 15.13 -13.13
C ILE I 659 93.56 14.24 -13.11
N GLN I 660 93.71 12.95 -12.80
CA GLN I 660 92.55 12.08 -12.70
C GLN I 660 91.66 12.45 -11.52
N ASN I 661 92.18 13.21 -10.56
CA ASN I 661 91.37 13.75 -9.48
C ASN I 661 90.50 14.92 -9.94
N ASN I 662 90.69 15.38 -11.19
CA ASN I 662 89.87 16.43 -11.78
C ASN I 662 89.94 17.72 -10.97
N ARG I 663 91.11 18.00 -10.40
CA ARG I 663 91.33 19.27 -9.73
C ARG I 663 91.56 20.40 -10.72
N TYR I 664 92.22 20.11 -11.84
CA TYR I 664 92.56 21.11 -12.84
C TYR I 664 91.55 21.18 -13.99
N ARG I 665 90.47 20.40 -13.92
CA ARG I 665 89.48 20.40 -14.99
C ARG I 665 88.85 21.77 -15.15
N PHE I 666 88.47 22.40 -14.03
CA PHE I 666 87.90 23.74 -14.10
C PHE I 666 88.95 24.78 -14.45
N ALA I 667 90.19 24.60 -13.96
CA ALA I 667 91.27 25.48 -14.37
C ALA I 667 91.55 25.36 -15.86
N PHE I 668 91.57 24.13 -16.37
CA PHE I 668 91.76 23.92 -17.80
C PHE I 668 90.61 24.53 -18.60
N LEU I 669 89.39 24.42 -18.08
CA LEU I 669 88.25 25.06 -18.72
C LEU I 669 88.42 26.56 -18.79
N TYR I 670 88.89 27.16 -17.70
CA TYR I 670 89.16 28.60 -17.68
C TYR I 670 90.21 28.97 -18.72
N LEU I 671 91.29 28.20 -18.77
CA LEU I 671 92.35 28.48 -19.75
C LEU I 671 91.83 28.39 -21.17
N LEU I 672 91.06 27.34 -21.46
CA LEU I 672 90.57 27.15 -22.84
C LEU I 672 89.55 28.22 -23.20
N VAL I 673 88.67 28.60 -22.27
CA VAL I 673 87.67 29.61 -22.59
C VAL I 673 88.32 30.96 -22.78
N LYS I 674 89.39 31.27 -22.02
CA LYS I 674 90.08 32.53 -22.26
C LYS I 674 90.87 32.49 -23.57
N TRP I 675 91.40 31.33 -23.95
CA TRP I 675 92.07 31.21 -25.24
C TRP I 675 91.09 31.38 -26.40
N TYR I 676 89.87 30.86 -26.25
CA TYR I 676 88.85 31.10 -27.26
C TYR I 676 88.42 32.56 -27.26
N LYS I 677 88.35 33.19 -26.08
CA LYS I 677 88.05 34.61 -26.01
C LYS I 677 89.14 35.43 -26.70
N LYS I 678 90.35 34.90 -26.78
CA LYS I 678 91.38 35.56 -27.56
C LYS I 678 91.02 35.61 -29.04
N TYR I 679 90.47 34.50 -29.58
CA TYR I 679 90.08 34.41 -30.98
C TYR I 679 88.66 33.87 -31.05
N HIS I 680 87.68 34.76 -30.93
CA HIS I 680 86.26 34.42 -31.00
C HIS I 680 85.56 35.31 -32.01
N ILE I 681 86.20 35.50 -33.15
CA ILE I 681 85.69 36.36 -34.22
C ILE I 681 84.38 35.78 -34.72
N PRO I 682 83.47 36.59 -35.28
CA PRO I 682 82.21 36.04 -35.80
C PRO I 682 82.41 34.95 -36.83
N ILE I 683 83.48 35.04 -37.63
CA ILE I 683 83.88 33.97 -38.53
C ILE I 683 85.18 33.36 -38.00
N MET I 684 85.19 32.04 -37.88
CA MET I 684 86.35 31.32 -37.36
C MET I 684 86.73 30.24 -38.36
N LYS I 685 88.00 30.23 -38.77
CA LYS I 685 88.47 29.29 -39.78
C LYS I 685 89.88 28.84 -39.40
N LEU I 686 90.07 27.53 -39.26
CA LEU I 686 91.41 26.99 -39.09
C LEU I 686 92.20 27.17 -40.37
N TYR I 687 93.50 27.48 -40.23
CA TYR I 687 94.34 27.74 -41.37
C TYR I 687 95.35 26.62 -41.55
N PRO I 688 95.40 26.00 -42.73
CA PRO I 688 96.36 24.92 -42.94
C PRO I 688 97.80 25.41 -42.92
N THR I 689 98.69 24.55 -42.43
CA THR I 689 100.13 24.86 -42.32
C THR I 689 100.91 23.72 -42.96
N PRO I 690 100.97 23.68 -44.30
CA PRO I 690 101.63 22.55 -44.97
C PRO I 690 103.14 22.67 -45.06
N GLU I 691 103.73 23.76 -44.58
CA GLU I 691 105.18 23.92 -44.70
C GLU I 691 105.93 22.90 -43.87
N GLU I 692 105.37 22.53 -42.71
CA GLU I 692 106.06 21.59 -41.83
C GLU I 692 106.14 20.20 -42.45
N ILE I 693 105.08 19.78 -43.15
CA ILE I 693 105.03 18.45 -43.75
C ILE I 693 106.02 18.41 -44.92
N PRO I 694 107.00 17.50 -44.90
CA PRO I 694 107.94 17.41 -46.02
C PRO I 694 107.37 16.68 -47.24
N ASP I 695 106.19 16.07 -47.12
CA ASP I 695 105.58 15.42 -48.28
C ASP I 695 105.28 16.43 -49.38
N PHE I 696 104.82 17.61 -49.00
CA PHE I 696 104.43 18.65 -49.94
C PHE I 696 105.62 19.45 -50.45
N ALA I 697 106.83 19.16 -49.95
CA ALA I 697 107.99 19.95 -50.34
C ALA I 697 108.24 19.88 -51.84
N PHE I 698 108.14 18.69 -52.43
CA PHE I 698 108.25 18.57 -53.88
C PHE I 698 107.13 19.31 -54.57
N TYR I 699 105.90 19.18 -54.06
CA TYR I 699 104.77 19.91 -54.64
C TYR I 699 104.90 21.41 -54.44
N LEU I 700 105.43 21.83 -53.28
CA LEU I 700 105.69 23.24 -53.05
C LEU I 700 106.91 23.74 -53.82
N LYS I 701 107.68 22.83 -54.42
CA LYS I 701 108.88 23.17 -55.18
C LYS I 701 108.62 23.32 -56.67
N ILE I 702 107.78 22.45 -57.24
CA ILE I 702 107.48 22.53 -58.68
C ILE I 702 106.70 23.80 -58.98
N GLY I 703 105.79 24.19 -58.09
CA GLY I 703 105.01 25.40 -58.33
C GLY I 703 105.85 26.66 -58.33
N THR I 704 106.85 26.72 -57.46
CA THR I 704 107.73 27.88 -57.35
C THR I 704 108.90 27.85 -58.33
N LEU I 705 109.04 26.77 -59.10
CA LEU I 705 110.11 26.66 -60.07
C LEU I 705 109.62 26.41 -61.50
N LEU I 706 108.42 25.85 -61.67
CA LEU I 706 107.85 25.57 -62.98
C LEU I 706 106.50 26.27 -63.10
N VAL I 707 106.26 26.87 -64.27
CA VAL I 707 104.99 27.52 -64.56
C VAL I 707 104.48 27.01 -65.90
N SER I 708 103.17 27.08 -66.08
CA SER I 708 102.54 26.63 -67.31
C SER I 708 102.75 27.64 -68.43
N SER I 709 102.84 27.13 -69.65
CA SER I 709 102.97 28.00 -70.81
C SER I 709 101.71 28.84 -70.99
N SER I 710 101.89 30.11 -71.34
CA SER I 710 100.78 31.05 -71.41
C SER I 710 100.88 31.86 -72.69
N VAL I 711 99.82 32.63 -72.96
CA VAL I 711 99.82 33.52 -74.11
C VAL I 711 100.83 34.64 -73.93
N LYS I 712 101.08 35.06 -72.68
CA LYS I 712 102.10 36.06 -72.42
C LYS I 712 103.49 35.54 -72.76
N HIS I 713 103.70 34.23 -72.65
CA HIS I 713 104.96 33.61 -73.02
C HIS I 713 105.06 33.29 -74.50
N ILE I 714 104.01 33.54 -75.28
CA ILE I 714 104.09 33.33 -76.72
C ILE I 714 105.11 34.24 -77.39
N PRO I 715 105.10 35.58 -77.18
CA PRO I 715 106.07 36.43 -77.89
C PRO I 715 107.42 36.53 -77.20
N LEU I 716 107.94 35.40 -76.71
CA LEU I 716 109.30 35.39 -76.19
C LEU I 716 110.05 34.11 -76.57
N MET I 717 109.54 33.32 -77.51
CA MET I 717 110.23 32.11 -77.93
C MET I 717 111.54 32.41 -78.65
N THR I 718 111.73 33.66 -79.12
CA THR I 718 113.00 34.02 -79.73
C THR I 718 114.15 33.93 -78.72
N ASP I 719 113.91 34.37 -77.49
CA ASP I 719 114.92 34.20 -76.44
C ASP I 719 115.00 32.75 -75.98
N LEU I 720 113.92 31.99 -76.12
CA LEU I 720 113.87 30.61 -75.69
C LEU I 720 114.38 29.63 -76.75
N SER I 721 114.75 30.13 -77.93
CA SER I 721 115.24 29.25 -78.98
C SER I 721 116.50 28.50 -78.56
N LYS I 722 117.42 29.20 -77.89
CA LYS I 722 118.68 28.59 -77.48
C LYS I 722 118.55 27.73 -76.24
N LYS I 723 117.41 27.76 -75.57
CA LYS I 723 117.20 26.98 -74.35
C LYS I 723 116.80 25.53 -74.62
N GLY I 724 116.64 25.15 -75.90
CA GLY I 724 116.21 23.82 -76.25
C GLY I 724 114.72 23.61 -76.26
N TYR I 725 113.94 24.63 -75.90
CA TYR I 725 112.49 24.49 -75.86
C TYR I 725 111.94 24.38 -77.29
N ILE I 726 110.88 23.57 -77.42
CA ILE I 726 110.22 23.37 -78.69
C ILE I 726 108.80 23.90 -78.59
N LEU I 727 108.35 24.56 -79.66
CA LEU I 727 107.05 25.21 -79.72
C LEU I 727 106.09 24.36 -80.54
N TYR I 728 104.91 24.10 -79.98
CA TYR I 728 103.88 23.33 -80.65
C TYR I 728 102.53 24.03 -80.47
N ASP I 729 101.84 24.28 -81.58
CA ASP I 729 100.53 24.94 -81.61
C ASP I 729 100.44 26.09 -80.61
N ASN I 730 101.40 27.02 -80.73
CA ASN I 730 101.48 28.23 -79.90
C ASN I 730 101.65 27.91 -78.42
N VAL I 731 102.14 26.72 -78.10
CA VAL I 731 102.34 26.30 -76.71
C VAL I 731 103.77 25.79 -76.58
N VAL I 732 104.54 26.41 -75.69
CA VAL I 732 105.92 26.02 -75.46
C VAL I 732 105.93 24.69 -74.72
N THR I 733 106.67 23.72 -75.24
CA THR I 733 106.73 22.38 -74.67
C THR I 733 108.18 21.97 -74.43
N LEU I 734 108.35 20.96 -73.58
CA LEU I 734 109.65 20.47 -73.18
C LEU I 734 109.71 18.95 -73.33
N PRO I 735 110.78 18.41 -73.90
CA PRO I 735 110.92 16.96 -73.98
C PRO I 735 110.96 16.31 -72.61
N LEU I 736 110.40 15.10 -72.52
CA LEU I 736 110.34 14.40 -71.25
C LEU I 736 111.73 14.16 -70.67
N THR I 737 112.63 13.60 -71.47
CA THR I 737 113.98 13.33 -70.99
C THR I 737 114.72 14.63 -70.67
N THR I 738 114.55 15.66 -71.51
CA THR I 738 115.17 16.95 -71.24
C THR I 738 114.61 17.55 -69.96
N PHE I 739 113.31 17.40 -69.72
CA PHE I 739 112.72 17.80 -68.45
C PHE I 739 113.37 17.04 -67.30
N GLN I 740 113.66 15.76 -67.50
CA GLN I 740 114.30 14.97 -66.45
C GLN I 740 115.68 15.50 -66.12
N GLN I 741 116.48 15.82 -67.16
CA GLN I 741 117.81 16.36 -66.89
C GLN I 741 117.73 17.75 -66.24
N LYS I 742 116.80 18.59 -66.71
CA LYS I 742 116.71 19.95 -66.20
C LYS I 742 116.26 19.98 -64.73
N ILE I 743 115.29 19.14 -64.37
CA ILE I 743 114.78 19.16 -63.00
C ILE I 743 115.82 18.61 -62.03
N SER I 744 116.59 17.60 -62.43
CA SER I 744 117.54 16.94 -61.53
C SER I 744 118.59 17.87 -60.95
N LYS I 745 118.64 19.13 -61.40
CA LYS I 745 119.60 20.07 -60.82
C LYS I 745 119.28 20.36 -59.36
N TYR I 746 118.00 20.51 -59.03
CA TYR I 746 117.63 20.90 -57.66
C TYR I 746 117.73 19.74 -56.68
N PHE I 747 117.40 18.52 -57.11
CA PHE I 747 117.46 17.37 -56.23
C PHE I 747 117.81 16.13 -57.03
N ASN I 748 118.31 15.12 -56.33
CA ASN I 748 118.77 13.90 -56.97
C ASN I 748 117.58 13.06 -57.45
N SER I 749 117.87 12.15 -58.39
CA SER I 749 116.81 11.41 -59.07
C SER I 749 116.11 10.45 -58.11
N ARG I 750 116.87 9.65 -57.37
CA ARG I 750 116.27 8.58 -56.58
C ARG I 750 115.52 9.08 -55.35
N LEU I 751 115.72 10.34 -54.97
CA LEU I 751 115.03 10.88 -53.80
C LEU I 751 113.53 11.04 -54.08
N PHE I 752 113.19 11.83 -55.08
CA PHE I 752 111.80 12.05 -55.48
C PHE I 752 111.49 11.41 -56.82
N GLY I 753 112.12 10.26 -57.11
CA GLY I 753 111.89 9.60 -58.38
C GLY I 753 110.44 9.22 -58.59
N HIS I 754 109.80 8.70 -57.56
CA HIS I 754 108.36 8.42 -57.65
C HIS I 754 107.57 9.72 -57.81
N ASP I 755 107.98 10.77 -57.10
CA ASP I 755 107.33 12.06 -57.28
C ASP I 755 107.52 12.58 -58.70
N ILE I 756 108.72 12.40 -59.26
CA ILE I 756 108.98 12.84 -60.63
C ILE I 756 108.12 12.08 -61.61
N GLU I 757 108.03 10.75 -61.45
CA GLU I 757 107.24 9.98 -62.40
C GLU I 757 105.75 10.26 -62.26
N SER I 758 105.28 10.50 -61.03
CA SER I 758 103.88 10.92 -60.86
C SER I 758 103.63 12.26 -61.54
N PHE I 759 104.56 13.21 -61.39
CA PHE I 759 104.40 14.51 -62.02
C PHE I 759 104.35 14.40 -63.53
N ILE I 760 105.25 13.61 -64.12
CA ILE I 760 105.29 13.50 -65.57
C ILE I 760 104.07 12.73 -66.08
N ASN I 761 103.61 11.73 -65.34
CA ASN I 761 102.46 10.95 -65.77
C ASN I 761 101.15 11.71 -65.57
N ARG I 762 101.11 12.69 -64.69
CA ARG I 762 99.87 13.43 -64.44
C ARG I 762 99.85 14.80 -65.10
N HIS I 763 100.97 15.30 -65.60
CA HIS I 763 101.04 16.65 -66.13
C HIS I 763 101.75 16.71 -67.48
N LYS I 764 101.52 15.72 -68.33
CA LYS I 764 102.03 15.73 -69.70
C LYS I 764 100.90 15.48 -70.68
N LYS I 765 101.14 15.87 -71.94
CA LYS I 765 100.16 15.74 -73.01
C LYS I 765 100.67 14.80 -74.09
N PHE I 766 99.73 14.28 -74.87
CA PHE I 766 100.03 13.44 -76.04
C PHE I 766 99.45 14.12 -77.28
N ALA I 767 100.20 15.06 -77.85
CA ALA I 767 99.87 15.53 -79.18
C ALA I 767 100.07 14.42 -80.20
N ASN I 768 101.16 13.66 -80.07
CA ASN I 768 101.40 12.48 -80.87
C ASN I 768 102.22 11.51 -80.02
N VAL I 769 102.09 10.22 -80.36
CA VAL I 769 102.80 9.19 -79.59
C VAL I 769 104.30 9.32 -79.81
N SER I 770 104.71 9.69 -81.02
CA SER I 770 106.14 9.80 -81.31
C SER I 770 106.81 10.92 -80.53
N ASP I 771 106.08 12.00 -80.25
CA ASP I 771 106.64 13.18 -79.59
C ASP I 771 105.71 13.61 -78.46
N GLU I 772 106.02 13.19 -77.24
CA GLU I 772 105.28 13.59 -76.04
C GLU I 772 106.08 14.61 -75.26
N TYR I 773 105.38 15.60 -74.72
CA TYR I 773 106.03 16.71 -74.03
C TYR I 773 105.11 17.19 -72.90
N LEU I 774 105.48 18.33 -72.31
CA LEU I 774 104.73 18.91 -71.20
C LEU I 774 104.53 20.39 -71.45
N GLN I 775 103.41 20.92 -70.94
CA GLN I 775 103.11 22.35 -71.06
C GLN I 775 103.55 23.09 -69.80
N TYR I 776 104.85 22.99 -69.50
CA TYR I 776 105.45 23.67 -68.36
C TYR I 776 106.73 24.38 -68.78
N ILE I 777 106.94 25.58 -68.26
CA ILE I 777 108.10 26.40 -68.56
C ILE I 777 108.81 26.72 -67.25
N PHE I 778 110.14 26.56 -67.25
CA PHE I 778 110.93 26.91 -66.08
C PHE I 778 110.91 28.41 -65.87
N ILE I 779 111.15 28.83 -64.62
CA ILE I 779 111.19 30.25 -64.31
C ILE I 779 112.61 30.81 -64.49
N GLU I 780 113.62 29.94 -64.50
CA GLU I 780 115.00 30.41 -64.57
C GLU I 780 115.27 31.17 -65.88
N ASP I 781 114.75 30.65 -67.00
CA ASP I 781 114.93 31.33 -68.27
C ASP I 781 113.86 32.39 -68.50
N ILE I 782 112.70 32.26 -67.84
CA ILE I 782 111.66 33.29 -67.94
C ILE I 782 112.14 34.60 -67.31
N SER I 783 112.79 34.51 -66.16
CA SER I 783 113.29 35.70 -65.48
C SER I 783 114.34 36.41 -66.34
N SER I 784 115.19 35.65 -67.01
CA SER I 784 116.17 36.25 -67.91
C SER I 784 115.45 36.83 -69.13
N PRO I 785 115.68 38.10 -69.46
CA PRO I 785 115.05 38.75 -70.61
C PRO I 785 115.51 38.16 -71.95
N TRP J 236 24.25 -39.12 -10.31
CA TRP J 236 25.09 -37.93 -10.33
C TRP J 236 26.18 -38.04 -11.40
N GLU J 237 26.10 -37.19 -12.41
CA GLU J 237 27.16 -37.15 -13.41
C GLU J 237 28.37 -36.43 -12.82
N PRO J 238 29.55 -37.07 -12.80
CA PRO J 238 30.71 -36.45 -12.15
C PRO J 238 31.24 -35.23 -12.89
N GLY J 239 30.64 -34.83 -14.00
CA GLY J 239 31.09 -33.67 -14.73
C GLY J 239 30.54 -32.36 -14.20
N PHE J 240 29.45 -32.41 -13.43
CA PHE J 240 28.84 -31.17 -12.95
C PHE J 240 29.69 -30.54 -11.86
N ILE J 241 29.79 -31.21 -10.71
CA ILE J 241 30.54 -30.74 -9.56
C ILE J 241 30.92 -31.97 -8.75
N SER J 242 32.04 -31.88 -8.04
CA SER J 242 32.42 -32.92 -7.08
C SER J 242 31.53 -32.81 -5.84
N PHE J 243 31.79 -33.62 -4.83
CA PHE J 243 30.92 -33.66 -3.65
C PHE J 243 31.32 -32.62 -2.61
N GLU J 244 32.61 -32.56 -2.27
CA GLU J 244 33.05 -31.63 -1.24
C GLU J 244 32.80 -30.19 -1.66
N ASP J 245 32.96 -29.88 -2.95
CA ASP J 245 32.63 -28.55 -3.43
C ASP J 245 31.15 -28.25 -3.26
N ALA J 246 30.29 -29.24 -3.52
CA ALA J 246 28.85 -29.03 -3.33
C ALA J 246 28.52 -28.82 -1.85
N ILE J 247 29.17 -29.56 -0.96
CA ILE J 247 28.94 -29.41 0.47
C ILE J 247 29.36 -28.02 0.93
N LYS J 248 30.52 -27.57 0.47
CA LYS J 248 30.96 -26.22 0.80
C LYS J 248 30.00 -25.19 0.22
N ARG J 249 29.49 -25.43 -0.98
CA ARG J 249 28.56 -24.49 -1.61
C ARG J 249 27.28 -24.37 -0.79
N VAL J 250 26.72 -25.49 -0.35
CA VAL J 250 25.48 -25.42 0.42
C VAL J 250 25.73 -24.81 1.80
N SER J 251 26.88 -25.13 2.41
CA SER J 251 27.20 -24.55 3.71
C SER J 251 27.39 -23.04 3.61
N LYS J 252 27.96 -22.55 2.51
CA LYS J 252 28.15 -21.11 2.34
C LYS J 252 26.85 -20.42 1.93
N ILE J 253 26.01 -21.06 1.13
CA ILE J 253 24.77 -20.43 0.71
C ILE J 253 23.80 -20.35 1.88
N PHE J 254 23.86 -21.32 2.81
CA PHE J 254 23.02 -21.21 4.00
C PHE J 254 23.68 -20.38 5.10
N ILE J 255 25.02 -20.27 5.08
CA ILE J 255 25.81 -19.39 5.94
C ILE J 255 25.38 -19.46 7.41
N ASN J 256 24.83 -20.60 7.82
CA ASN J 256 24.40 -20.80 9.20
C ASN J 256 24.98 -22.12 9.71
N SER J 257 25.05 -22.23 11.04
CA SER J 257 25.56 -23.45 11.64
C SER J 257 24.66 -24.63 11.30
N ILE J 258 25.27 -25.77 10.97
CA ILE J 258 24.55 -26.97 10.56
C ILE J 258 24.92 -28.10 11.53
N ILE J 259 23.90 -28.74 12.10
CA ILE J 259 24.15 -29.78 13.09
C ILE J 259 24.74 -31.02 12.43
N ASN J 260 24.15 -31.45 11.31
CA ASN J 260 24.45 -32.74 10.69
C ASN J 260 25.33 -32.63 9.46
N PHE J 261 26.32 -31.74 9.48
CA PHE J 261 27.20 -31.58 8.33
C PHE J 261 27.93 -32.87 8.00
N ASN J 262 28.43 -33.57 9.03
CA ASN J 262 29.12 -34.83 8.81
C ASN J 262 28.15 -35.95 8.44
N ASP J 263 26.91 -35.87 8.91
CA ASP J 263 25.93 -36.91 8.65
C ASP J 263 25.53 -37.01 7.18
N LEU J 264 25.77 -35.95 6.40
CA LEU J 264 25.44 -35.99 4.98
C LEU J 264 26.36 -36.98 4.28
N ASP J 265 25.80 -37.70 3.31
CA ASP J 265 26.51 -38.75 2.59
C ASP J 265 26.27 -38.58 1.10
N GLU J 266 26.92 -39.43 0.30
CA GLU J 266 26.68 -39.41 -1.14
C GLU J 266 25.32 -40.03 -1.46
N ASN J 267 24.84 -40.93 -0.61
CA ASN J 267 23.55 -41.57 -0.86
C ASN J 267 22.41 -40.57 -0.72
N ASN J 268 22.23 -40.01 0.47
CA ASN J 268 21.07 -39.17 0.76
C ASN J 268 21.40 -37.74 0.39
N PHE J 269 21.04 -37.35 -0.84
CA PHE J 269 21.23 -36.00 -1.34
C PHE J 269 19.99 -35.12 -1.13
N THR J 270 18.88 -35.50 -1.75
CA THR J 270 17.68 -34.70 -1.77
C THR J 270 16.64 -35.13 -0.75
N THR J 271 16.71 -36.37 -0.27
CA THR J 271 15.67 -36.94 0.57
C THR J 271 15.89 -36.68 2.05
N VAL J 272 17.01 -36.09 2.44
CA VAL J 272 17.31 -35.81 3.85
C VAL J 272 16.90 -34.36 4.13
N PRO J 273 15.92 -34.11 4.99
CA PRO J 273 15.69 -32.75 5.47
C PRO J 273 16.86 -32.28 6.32
N LEU J 274 17.17 -31.00 6.20
CA LEU J 274 18.30 -30.42 6.91
C LEU J 274 17.79 -29.72 8.17
N VAL J 275 18.45 -29.99 9.29
CA VAL J 275 18.09 -29.39 10.57
C VAL J 275 19.00 -28.20 10.82
N ILE J 276 18.41 -27.08 11.22
CA ILE J 276 19.13 -25.82 11.36
C ILE J 276 18.93 -25.27 12.77
N ASP J 277 20.02 -24.96 13.44
CA ASP J 277 19.99 -24.20 14.70
C ASP J 277 20.29 -22.74 14.36
N TYR J 278 19.25 -21.93 14.26
CA TYR J 278 19.35 -20.57 13.74
C TYR J 278 19.92 -19.66 14.82
N VAL J 279 21.25 -19.58 14.89
CA VAL J 279 21.88 -18.58 15.73
C VAL J 279 21.53 -17.19 15.24
N THR J 280 21.57 -16.99 13.92
CA THR J 280 21.16 -15.78 13.23
C THR J 280 19.81 -15.99 12.54
N PRO J 281 19.08 -14.92 12.26
CA PRO J 281 17.84 -15.07 11.49
C PRO J 281 18.09 -15.80 10.18
N CYS J 282 17.14 -16.64 9.79
CA CYS J 282 17.30 -17.46 8.61
C CYS J 282 17.52 -16.61 7.37
N ALA J 283 18.49 -17.01 6.56
CA ALA J 283 18.78 -16.32 5.31
C ALA J 283 17.72 -16.56 4.24
N LEU J 284 16.79 -17.50 4.47
CA LEU J 284 15.81 -17.84 3.46
C LEU J 284 14.84 -16.70 3.22
N CYS J 285 14.02 -16.37 4.22
CA CYS J 285 13.06 -15.28 4.09
C CYS J 285 13.01 -14.42 5.36
N LYS J 286 14.15 -14.29 6.04
CA LYS J 286 14.26 -13.45 7.23
C LYS J 286 13.23 -13.87 8.29
N LYS J 287 13.44 -15.09 8.78
CA LYS J 287 12.58 -15.67 9.80
C LYS J 287 13.45 -16.13 10.97
N ARG J 288 12.89 -16.01 12.18
CA ARG J 288 13.63 -16.40 13.38
C ARG J 288 13.91 -17.90 13.39
N SER J 289 12.91 -18.71 13.06
CA SER J 289 13.07 -20.16 13.00
C SER J 289 12.28 -20.65 11.80
N HIS J 290 12.07 -21.97 11.73
CA HIS J 290 11.30 -22.56 10.64
C HIS J 290 10.78 -23.90 11.12
N LYS J 291 9.46 -24.05 11.21
CA LYS J 291 8.88 -25.30 11.68
C LYS J 291 9.24 -26.46 10.76
N HIS J 292 9.07 -26.26 9.46
CA HIS J 292 9.39 -27.30 8.49
C HIS J 292 10.86 -27.23 8.10
N PRO J 293 11.49 -28.37 7.85
CA PRO J 293 12.90 -28.37 7.45
C PRO J 293 13.07 -27.97 5.99
N HIS J 294 14.29 -28.04 5.48
CA HIS J 294 14.60 -27.58 4.14
C HIS J 294 14.90 -28.78 3.23
N GLN J 295 14.51 -28.64 1.96
CA GLN J 295 14.72 -29.68 0.96
C GLN J 295 15.31 -29.06 -0.29
N LEU J 296 16.18 -29.82 -0.96
CA LEU J 296 16.75 -29.42 -2.24
C LEU J 296 16.44 -30.49 -3.27
N SER J 297 15.95 -30.06 -4.43
CA SER J 297 15.55 -30.97 -5.50
C SER J 297 16.31 -30.62 -6.77
N LEU J 298 16.76 -31.64 -7.49
CA LEU J 298 17.56 -31.44 -8.71
C LEU J 298 16.65 -31.37 -9.92
N GLU J 299 16.83 -30.33 -10.73
CA GLU J 299 16.00 -30.10 -11.91
C GLU J 299 16.81 -29.41 -12.98
N ASN J 300 16.60 -29.82 -14.23
CA ASN J 300 17.22 -29.22 -15.42
C ASN J 300 18.68 -28.83 -15.17
N GLY J 301 19.45 -29.79 -14.67
CA GLY J 301 20.87 -29.56 -14.41
C GLY J 301 21.13 -28.44 -13.43
N ALA J 302 20.32 -28.35 -12.38
CA ALA J 302 20.51 -27.32 -11.36
C ALA J 302 19.85 -27.80 -10.07
N ILE J 303 20.30 -27.24 -8.96
CA ILE J 303 19.80 -27.60 -7.63
C ILE J 303 18.90 -26.47 -7.15
N ARG J 304 17.70 -26.82 -6.70
CA ARG J 304 16.70 -25.85 -6.27
C ARG J 304 16.57 -25.87 -4.75
N ILE J 305 16.58 -24.69 -4.15
CA ILE J 305 16.50 -24.53 -2.71
C ILE J 305 15.16 -23.92 -2.35
N TYR J 306 14.47 -24.54 -1.40
CA TYR J 306 13.14 -24.16 -0.97
C TYR J 306 12.79 -24.96 0.27
N LYS J 307 12.28 -24.28 1.29
CA LYS J 307 11.86 -24.97 2.50
C LYS J 307 10.51 -25.63 2.25
N THR J 308 10.32 -26.83 2.81
CA THR J 308 9.09 -27.56 2.55
C THR J 308 7.93 -26.96 3.35
N GLY J 309 6.72 -27.39 3.01
CA GLY J 309 5.54 -26.94 3.70
C GLY J 309 4.79 -25.83 2.99
N ASN J 310 4.97 -24.59 3.45
CA ASN J 310 4.24 -23.44 2.93
C ASN J 310 5.23 -22.36 2.51
N PRO J 311 5.96 -22.59 1.39
CA PRO J 311 7.04 -21.69 0.98
C PRO J 311 6.60 -20.59 0.02
N HIS J 312 5.48 -19.93 0.33
CA HIS J 312 4.97 -18.89 -0.55
C HIS J 312 5.64 -17.54 -0.30
N SER J 313 5.88 -17.21 0.97
CA SER J 313 6.63 -16.01 1.33
C SER J 313 8.10 -16.34 1.57
N CYS J 314 8.73 -16.92 0.56
CA CYS J 314 10.09 -17.41 0.69
C CYS J 314 10.87 -17.10 -0.58
N LYS J 315 12.19 -17.09 -0.45
CA LYS J 315 13.09 -16.87 -1.58
C LYS J 315 13.64 -18.21 -2.05
N VAL J 316 13.42 -18.54 -3.32
CA VAL J 316 13.84 -19.81 -3.88
C VAL J 316 15.23 -19.64 -4.47
N LYS J 317 16.23 -20.20 -3.79
CA LYS J 317 17.62 -20.12 -4.23
C LYS J 317 17.95 -21.30 -5.13
N ILE J 318 18.93 -21.11 -6.01
CA ILE J 318 19.34 -22.12 -6.97
C ILE J 318 20.84 -22.09 -7.13
N VAL J 319 21.41 -23.21 -7.56
CA VAL J 319 22.81 -23.29 -7.95
C VAL J 319 22.92 -24.15 -9.20
N PRO J 320 23.56 -23.69 -10.28
CA PRO J 320 23.63 -24.49 -11.49
C PRO J 320 24.64 -25.61 -11.38
N LEU J 321 24.52 -26.58 -12.28
CA LEU J 321 25.46 -27.69 -12.37
C LEU J 321 26.05 -27.67 -13.78
N ASP J 322 27.02 -26.78 -13.98
CA ASP J 322 27.71 -26.66 -15.26
C ASP J 322 29.19 -26.38 -15.01
N GLY J 323 29.78 -27.12 -14.07
CA GLY J 323 31.12 -26.83 -13.60
C GLY J 323 32.19 -26.83 -14.69
N ASN J 324 32.65 -25.64 -15.06
CA ASN J 324 33.69 -25.46 -16.06
C ASN J 324 33.36 -26.21 -17.35
N LYS J 325 32.26 -25.81 -17.98
CA LYS J 325 31.76 -26.48 -19.17
C LYS J 325 32.84 -26.61 -20.24
N LEU J 326 33.67 -25.57 -20.38
CA LEU J 326 34.70 -25.61 -21.40
C LEU J 326 35.70 -26.72 -21.14
N PHE J 327 36.04 -26.96 -19.87
CA PHE J 327 36.99 -28.03 -19.58
C PHE J 327 36.42 -29.39 -19.98
N ASN J 328 35.14 -29.61 -19.72
CA ASN J 328 34.52 -30.88 -20.12
C ASN J 328 34.43 -31.00 -21.63
N ILE J 329 34.16 -29.89 -22.33
CA ILE J 329 34.18 -29.94 -23.79
C ILE J 329 35.57 -30.30 -24.29
N ALA J 330 36.60 -29.74 -23.66
CA ALA J 330 37.97 -30.09 -24.02
C ALA J 330 38.24 -31.57 -23.77
N GLN J 331 37.79 -32.08 -22.62
CA GLN J 331 37.98 -33.49 -22.31
C GLN J 331 37.28 -34.38 -23.33
N ARG J 332 36.11 -33.94 -23.80
CA ARG J 332 35.43 -34.66 -24.88
C ARG J 332 36.23 -34.60 -26.17
N ILE J 333 36.82 -33.45 -26.49
CA ILE J 333 37.57 -33.31 -27.74
C ILE J 333 38.85 -34.12 -27.70
N LEU J 334 39.54 -34.12 -26.56
CA LEU J 334 40.78 -34.89 -26.45
C LEU J 334 40.54 -36.38 -26.67
N ASP J 335 39.45 -36.91 -26.09
CA ASP J 335 39.20 -38.34 -26.17
C ASP J 335 38.98 -38.81 -27.60
N THR J 336 38.64 -37.90 -28.51
CA THR J 336 38.53 -38.28 -29.91
C THR J 336 39.88 -38.54 -30.56
N ASN J 337 40.98 -38.27 -29.86
CA ASN J 337 42.33 -38.46 -30.37
C ASN J 337 42.56 -37.63 -31.63
N SER J 338 42.54 -36.32 -31.43
CA SER J 338 42.68 -35.38 -32.53
C SER J 338 44.04 -34.70 -32.61
N VAL J 339 44.59 -34.24 -31.49
CA VAL J 339 45.86 -33.51 -31.47
C VAL J 339 46.85 -34.27 -30.61
N LEU J 340 48.10 -34.30 -31.05
CA LEU J 340 49.15 -35.02 -30.35
C LEU J 340 50.40 -34.14 -30.27
N LEU J 341 51.07 -34.18 -29.13
CA LEU J 341 52.33 -33.46 -28.96
C LEU J 341 53.43 -34.23 -29.66
N THR J 342 53.89 -33.72 -30.79
CA THR J 342 55.00 -34.33 -31.50
C THR J 342 56.31 -34.06 -30.76
N GLU J 343 57.28 -34.98 -30.93
CA GLU J 343 58.55 -34.87 -30.23
C GLU J 343 59.21 -33.51 -30.44
N ARG J 344 59.11 -32.96 -31.65
CA ARG J 344 59.70 -31.67 -31.95
C ARG J 344 58.99 -30.50 -31.27
N GLY J 345 57.83 -30.74 -30.65
CA GLY J 345 57.08 -29.70 -29.98
C GLY J 345 55.91 -29.16 -30.76
N ASP J 346 55.60 -29.71 -31.93
CA ASP J 346 54.45 -29.29 -32.72
C ASP J 346 53.22 -30.10 -32.35
N HIS J 347 52.07 -29.59 -32.74
CA HIS J 347 50.78 -30.21 -32.47
C HIS J 347 50.18 -30.67 -33.79
N ILE J 348 50.21 -31.98 -34.03
CA ILE J 348 49.68 -32.56 -35.26
C ILE J 348 48.22 -32.94 -35.04
N VAL J 349 47.41 -32.73 -36.07
CA VAL J 349 45.96 -32.86 -35.98
C VAL J 349 45.47 -33.71 -37.16
N TRP J 350 44.21 -34.13 -37.06
CA TRP J 350 43.58 -35.00 -38.04
C TRP J 350 42.34 -34.30 -38.59
N ILE J 351 42.46 -33.70 -39.78
CA ILE J 351 41.43 -32.84 -40.34
C ILE J 351 41.23 -33.17 -41.82
N ASN J 352 39.97 -33.14 -42.26
CA ASN J 352 39.63 -33.27 -43.67
C ASN J 352 40.16 -34.57 -44.26
N ASN J 353 40.06 -35.65 -43.49
CA ASN J 353 40.60 -36.96 -43.89
C ASN J 353 42.08 -36.85 -44.26
N SER J 354 42.81 -36.07 -43.49
CA SER J 354 44.23 -35.87 -43.74
C SER J 354 44.90 -35.44 -42.44
N TRP J 355 46.21 -35.64 -42.38
CA TRP J 355 47.01 -35.18 -41.25
C TRP J 355 47.69 -33.87 -41.62
N LYS J 356 47.55 -32.88 -40.75
CA LYS J 356 48.06 -31.54 -41.01
C LYS J 356 48.72 -30.99 -39.75
N PHE J 357 49.66 -30.06 -39.95
CA PHE J 357 50.31 -29.35 -38.87
C PHE J 357 50.97 -28.11 -39.44
N ASN J 358 51.15 -27.11 -38.58
CA ASN J 358 51.83 -25.88 -38.97
C ASN J 358 52.27 -25.15 -37.72
N SER J 359 53.54 -24.78 -37.66
CA SER J 359 54.05 -23.99 -36.54
C SER J 359 53.52 -22.57 -36.55
N GLU J 360 52.98 -22.09 -37.67
CA GLU J 360 52.48 -20.72 -37.77
C GLU J 360 50.96 -20.67 -37.56
N GLU J 361 50.20 -21.32 -38.43
CA GLU J 361 48.75 -21.26 -38.36
C GLU J 361 48.27 -22.02 -37.13
N PRO J 362 47.47 -21.39 -36.27
CA PRO J 362 46.99 -22.09 -35.06
C PRO J 362 45.94 -23.13 -35.41
N LEU J 363 46.41 -24.31 -35.85
CA LEU J 363 45.51 -25.29 -36.42
C LEU J 363 44.65 -25.99 -35.38
N ILE J 364 44.91 -25.75 -34.09
CA ILE J 364 44.06 -26.34 -33.06
C ILE J 364 42.63 -25.82 -33.19
N THR J 365 42.48 -24.53 -33.43
CA THR J 365 41.14 -23.94 -33.47
C THR J 365 40.36 -24.41 -34.69
N LYS J 366 41.03 -24.65 -35.81
CA LYS J 366 40.32 -25.17 -36.98
C LYS J 366 39.71 -26.53 -36.69
N LEU J 367 40.45 -27.38 -35.97
CA LEU J 367 39.92 -28.68 -35.55
C LEU J 367 38.80 -28.50 -34.54
N ILE J 368 38.95 -27.55 -33.62
CA ILE J 368 37.92 -27.32 -32.60
C ILE J 368 36.62 -26.87 -33.25
N LEU J 369 36.70 -26.10 -34.33
CA LEU J 369 35.49 -25.75 -35.06
C LEU J 369 34.95 -26.92 -35.87
N SER J 370 35.85 -27.70 -36.49
CA SER J 370 35.39 -28.80 -37.33
C SER J 370 34.67 -29.89 -36.55
N ILE J 371 35.12 -30.16 -35.33
CA ILE J 371 34.64 -31.29 -34.54
C ILE J 371 33.37 -30.90 -33.78
N ARG J 372 32.77 -29.77 -34.16
CA ARG J 372 31.62 -29.26 -33.41
C ARG J 372 30.39 -30.14 -33.60
N HIS J 373 30.31 -30.89 -34.70
CA HIS J 373 29.21 -31.82 -34.89
C HIS J 373 29.38 -33.08 -34.06
N GLN J 374 30.58 -33.36 -33.58
CA GLN J 374 30.92 -34.60 -32.88
C GLN J 374 30.95 -34.43 -31.38
N LEU J 375 30.04 -33.64 -30.83
CA LEU J 375 29.91 -33.44 -29.40
C LEU J 375 28.43 -33.43 -29.04
N PRO J 376 28.11 -33.36 -27.75
CA PRO J 376 26.71 -33.29 -27.34
C PRO J 376 26.05 -31.99 -27.77
N LYS J 377 24.73 -32.04 -27.96
CA LYS J 377 24.00 -30.88 -28.48
C LYS J 377 23.95 -29.73 -27.49
N GLU J 378 23.97 -30.01 -26.18
CA GLU J 378 23.99 -28.91 -25.22
C GLU J 378 25.27 -28.10 -25.33
N TYR J 379 26.33 -28.68 -25.91
CA TYR J 379 27.60 -28.00 -26.13
C TYR J 379 27.76 -27.48 -27.55
N SER J 380 26.80 -27.74 -28.44
CA SER J 380 26.98 -27.42 -29.85
C SER J 380 27.12 -25.92 -30.07
N SER J 381 26.35 -25.12 -29.34
CA SER J 381 26.34 -23.68 -29.54
C SER J 381 27.45 -22.95 -28.79
N GLU J 382 28.29 -23.67 -28.05
CA GLU J 382 29.37 -23.04 -27.29
C GLU J 382 30.68 -22.97 -28.07
N LEU J 383 30.69 -23.36 -29.33
CA LEU J 383 31.88 -23.27 -30.18
C LEU J 383 31.70 -22.22 -31.26
N LEU J 384 30.96 -21.15 -30.98
CA LEU J 384 30.72 -20.11 -31.95
C LEU J 384 31.35 -18.76 -31.60
N CYS J 385 31.76 -18.57 -30.36
CA CYS J 385 32.39 -17.33 -29.96
C CYS J 385 33.89 -17.53 -29.90
N PRO J 386 34.68 -16.78 -30.67
CA PRO J 386 36.12 -17.07 -30.76
C PRO J 386 36.84 -17.06 -29.43
N ARG J 387 36.42 -16.24 -28.46
CA ARG J 387 37.09 -16.24 -27.17
C ARG J 387 36.93 -17.59 -26.47
N LYS J 388 35.75 -18.20 -26.59
CA LYS J 388 35.56 -19.54 -26.03
C LYS J 388 36.39 -20.56 -26.78
N ARG J 389 36.50 -20.42 -28.11
CA ARG J 389 37.35 -21.32 -28.88
C ARG J 389 38.80 -21.22 -28.42
N LYS J 390 39.28 -20.00 -28.15
CA LYS J 390 40.64 -19.85 -27.67
C LYS J 390 40.81 -20.43 -26.28
N THR J 391 39.77 -20.31 -25.44
CA THR J 391 39.82 -20.94 -24.13
C THR J 391 39.95 -22.46 -24.25
N VAL J 392 39.13 -23.05 -25.12
CA VAL J 392 39.18 -24.49 -25.36
C VAL J 392 40.56 -24.89 -25.90
N GLU J 393 41.09 -24.11 -26.85
CA GLU J 393 42.39 -24.41 -27.42
C GLU J 393 43.49 -24.34 -26.38
N ALA J 394 43.39 -23.36 -25.46
CA ALA J 394 44.35 -23.31 -24.37
C ALA J 394 44.27 -24.54 -23.50
N ASN J 395 43.05 -24.99 -23.18
CA ASN J 395 42.92 -26.20 -22.37
C ASN J 395 43.50 -27.41 -23.07
N ILE J 396 43.24 -27.54 -24.37
CA ILE J 396 43.80 -28.64 -25.15
C ILE J 396 45.31 -28.60 -25.10
N ARG J 397 45.90 -27.41 -25.28
CA ARG J 397 47.35 -27.30 -25.25
C ARG J 397 47.91 -27.71 -23.91
N ASP J 398 47.23 -27.35 -22.82
CA ASP J 398 47.72 -27.73 -21.51
C ASP J 398 47.52 -29.21 -21.20
N MET J 399 46.59 -29.88 -21.88
CA MET J 399 46.32 -31.29 -21.58
C MET J 399 47.55 -32.15 -21.80
N LEU J 400 48.16 -32.06 -22.98
CA LEU J 400 49.08 -33.08 -23.45
C LEU J 400 50.36 -33.10 -22.62
N VAL J 401 50.80 -34.30 -22.25
CA VAL J 401 52.02 -34.53 -21.50
C VAL J 401 52.96 -35.48 -22.25
N ASP J 402 52.42 -36.56 -22.78
CA ASP J 402 53.22 -37.56 -23.48
C ASP J 402 53.53 -37.11 -24.90
N SER J 403 54.79 -37.22 -25.27
CA SER J 403 55.23 -36.94 -26.63
C SER J 403 55.07 -38.19 -27.49
N VAL J 404 54.81 -37.98 -28.77
CA VAL J 404 54.48 -39.07 -29.68
C VAL J 404 55.44 -39.05 -30.87
N GLU J 405 55.41 -40.14 -31.64
CA GLU J 405 56.22 -40.28 -32.84
C GLU J 405 55.31 -40.63 -34.01
N THR J 406 55.77 -40.32 -35.21
CA THR J 406 54.98 -40.52 -36.42
C THR J 406 55.83 -41.10 -37.53
N ASP J 407 55.16 -41.63 -38.54
CA ASP J 407 55.79 -42.16 -39.75
C ASP J 407 56.74 -43.31 -39.43
N THR J 408 56.18 -44.37 -38.84
CA THR J 408 56.89 -45.61 -38.61
C THR J 408 56.30 -46.76 -39.43
N TYR J 409 55.59 -46.44 -40.50
CA TYR J 409 54.95 -47.43 -41.37
C TYR J 409 55.53 -47.32 -42.76
N PRO J 410 56.49 -48.16 -43.13
CA PRO J 410 57.15 -48.00 -44.43
C PRO J 410 56.29 -48.39 -45.62
N ASP J 411 55.41 -49.38 -45.45
CA ASP J 411 54.67 -49.96 -46.56
C ASP J 411 53.34 -49.26 -46.81
N LYS J 412 53.10 -48.13 -46.16
CA LYS J 412 51.83 -47.42 -46.26
C LYS J 412 52.01 -46.21 -47.17
N LEU J 413 51.18 -46.15 -48.22
CA LEU J 413 51.22 -45.03 -49.15
C LEU J 413 50.17 -44.02 -48.74
N PRO J 414 50.54 -42.85 -48.21
CA PRO J 414 49.56 -41.91 -47.67
C PRO J 414 48.99 -41.02 -48.77
N PHE J 415 47.68 -41.11 -48.98
CA PHE J 415 46.97 -40.26 -49.94
C PHE J 415 46.17 -39.21 -49.19
N LYS J 416 45.72 -38.21 -49.94
CA LYS J 416 44.93 -37.13 -49.35
C LYS J 416 43.56 -37.59 -48.86
N ASN J 417 43.13 -38.80 -49.24
CA ASN J 417 41.84 -39.34 -48.82
C ASN J 417 41.97 -40.78 -48.33
N GLY J 418 43.03 -41.07 -47.59
CA GLY J 418 43.23 -42.38 -47.01
C GLY J 418 44.67 -42.82 -47.19
N VAL J 419 44.90 -44.10 -46.98
CA VAL J 419 46.24 -44.70 -47.09
C VAL J 419 46.14 -45.94 -47.97
N LEU J 420 47.03 -46.04 -48.96
CA LEU J 420 47.12 -47.23 -49.80
C LEU J 420 48.15 -48.19 -49.23
N ASP J 421 47.73 -49.42 -48.98
CA ASP J 421 48.60 -50.42 -48.34
C ASP J 421 49.31 -51.21 -49.41
N LEU J 422 50.64 -51.26 -49.34
CA LEU J 422 51.43 -51.98 -50.33
C LEU J 422 51.37 -53.48 -50.10
N VAL J 423 51.35 -53.92 -48.83
CA VAL J 423 51.29 -55.35 -48.55
C VAL J 423 49.91 -55.92 -48.91
N ASP J 424 48.86 -55.11 -48.79
CA ASP J 424 47.50 -55.58 -49.02
C ASP J 424 46.95 -55.18 -50.38
N GLY J 425 47.29 -54.00 -50.88
CA GLY J 425 46.71 -53.51 -52.12
C GLY J 425 45.36 -52.85 -51.98
N MET J 426 44.82 -52.75 -50.77
CA MET J 426 43.53 -52.13 -50.52
C MET J 426 43.73 -50.73 -49.98
N PHE J 427 42.91 -49.79 -50.45
CA PHE J 427 43.01 -48.40 -50.04
C PHE J 427 42.14 -48.13 -48.83
N TYR J 428 42.66 -47.32 -47.92
CA TYR J 428 41.96 -46.96 -46.69
C TYR J 428 41.28 -45.61 -46.84
N SER J 429 40.40 -45.31 -45.88
CA SER J 429 39.74 -44.00 -45.83
C SER J 429 39.07 -43.78 -44.48
N GLY J 430 39.40 -42.67 -43.81
CA GLY J 430 38.75 -42.33 -42.56
C GLY J 430 39.59 -42.58 -41.33
N ASP J 431 38.97 -43.14 -40.29
CA ASP J 431 39.66 -43.37 -39.02
C ASP J 431 40.81 -44.36 -39.17
N ASP J 432 40.78 -45.18 -40.21
CA ASP J 432 41.88 -46.11 -40.46
C ASP J 432 43.18 -45.35 -40.68
N ALA J 433 43.13 -44.25 -41.42
CA ALA J 433 44.32 -43.45 -41.67
C ALA J 433 44.86 -42.79 -40.41
N LYS J 434 44.03 -42.63 -39.37
CA LYS J 434 44.50 -42.02 -38.13
C LYS J 434 45.58 -42.87 -37.49
N LYS J 435 45.40 -44.19 -37.48
CA LYS J 435 46.42 -45.07 -36.92
C LYS J 435 47.72 -44.98 -37.70
N TYR J 436 47.63 -44.91 -39.03
CA TYR J 436 48.81 -44.74 -39.88
C TYR J 436 49.19 -43.27 -39.88
N THR J 437 49.97 -42.87 -38.87
CA THR J 437 50.38 -41.47 -38.71
C THR J 437 51.45 -41.13 -39.75
N CYS J 438 51.01 -41.03 -40.99
CA CYS J 438 51.87 -40.65 -42.11
C CYS J 438 51.57 -39.18 -42.44
N THR J 439 52.40 -38.29 -41.89
CA THR J 439 52.21 -36.87 -42.13
C THR J 439 52.34 -36.53 -43.60
N VAL J 440 53.32 -37.13 -44.28
CA VAL J 440 53.53 -36.87 -45.70
C VAL J 440 52.31 -37.35 -46.48
N SER J 441 52.11 -36.77 -47.67
CA SER J 441 51.03 -37.14 -48.55
C SER J 441 51.52 -37.18 -49.99
N THR J 442 50.81 -37.94 -50.82
CA THR J 442 51.15 -37.99 -52.24
C THR J 442 50.97 -36.63 -52.90
N GLY J 443 49.92 -35.90 -52.53
CA GLY J 443 49.62 -34.63 -53.14
C GLY J 443 48.36 -34.61 -53.99
N PHE J 444 47.58 -35.69 -53.99
CA PHE J 444 46.35 -35.74 -54.76
C PHE J 444 45.43 -36.79 -54.16
N LYS J 445 44.15 -36.68 -54.48
CA LYS J 445 43.17 -37.66 -54.04
C LYS J 445 43.37 -38.97 -54.78
N PHE J 446 43.02 -40.07 -54.11
CA PHE J 446 43.14 -41.40 -54.69
C PHE J 446 41.79 -41.83 -55.25
N ASP J 447 41.75 -42.11 -56.55
CA ASP J 447 40.54 -42.53 -57.24
C ASP J 447 40.60 -44.04 -57.46
N ASP J 448 39.57 -44.74 -56.98
CA ASP J 448 39.49 -46.19 -57.13
C ASP J 448 38.84 -46.62 -58.44
N THR J 449 38.23 -45.68 -59.18
CA THR J 449 37.60 -46.04 -60.45
C THR J 449 38.65 -46.33 -61.52
N LYS J 450 39.68 -45.50 -61.61
CA LYS J 450 40.68 -45.63 -62.67
C LYS J 450 41.75 -46.68 -62.34
N PHE J 451 41.77 -47.20 -61.12
CA PHE J 451 42.76 -48.20 -60.71
C PHE J 451 42.33 -49.57 -61.26
N VAL J 452 42.45 -49.71 -62.57
CA VAL J 452 42.06 -50.93 -63.26
C VAL J 452 43.23 -51.42 -64.10
N GLU J 453 43.31 -52.74 -64.28
CA GLU J 453 44.39 -53.32 -65.05
C GLU J 453 44.20 -53.11 -66.55
N ASP J 454 42.95 -53.18 -67.01
CA ASP J 454 42.63 -53.12 -68.44
C ASP J 454 41.95 -51.80 -68.75
N SER J 455 42.61 -50.96 -69.55
CA SER J 455 42.04 -49.69 -69.97
C SER J 455 42.86 -49.10 -71.11
N PRO J 456 42.28 -48.20 -71.91
CA PRO J 456 43.10 -47.56 -72.97
C PRO J 456 44.29 -46.80 -72.43
N GLU J 457 44.14 -46.12 -71.28
CA GLU J 457 45.27 -45.43 -70.68
C GLU J 457 46.33 -46.44 -70.21
N MET J 458 45.90 -47.53 -69.58
CA MET J 458 46.84 -48.56 -69.16
C MET J 458 47.51 -49.20 -70.37
N GLU J 459 46.75 -49.40 -71.45
CA GLU J 459 47.34 -49.96 -72.66
C GLU J 459 48.39 -49.02 -73.24
N GLU J 460 48.11 -47.73 -73.27
CA GLU J 460 49.09 -46.77 -73.76
C GLU J 460 50.34 -46.76 -72.89
N LEU J 461 50.15 -46.79 -71.57
CA LEU J 461 51.29 -46.81 -70.66
C LEU J 461 52.13 -48.07 -70.86
N MET J 462 51.48 -49.23 -71.01
CA MET J 462 52.21 -50.47 -71.23
C MET J 462 52.97 -50.45 -72.55
N ASN J 463 52.35 -49.90 -73.60
CA ASN J 463 53.03 -49.77 -74.88
C ASN J 463 54.26 -48.88 -74.75
N ILE J 464 54.13 -47.75 -74.06
CA ILE J 464 55.27 -46.85 -73.90
C ILE J 464 56.36 -47.49 -73.05
N ILE J 465 55.96 -48.26 -72.03
CA ILE J 465 56.93 -48.95 -71.19
C ILE J 465 57.71 -49.96 -72.01
N ASN J 466 57.01 -50.74 -72.85
CA ASN J 466 57.69 -51.70 -73.70
C ASN J 466 58.60 -51.01 -74.71
N ASP J 467 58.17 -49.85 -75.21
CA ASP J 467 58.99 -49.12 -76.18
C ASP J 467 60.27 -48.58 -75.54
N ILE J 468 60.15 -47.98 -74.36
CA ILE J 468 61.32 -47.41 -73.70
C ILE J 468 62.26 -48.52 -73.24
N GLN J 469 61.74 -49.53 -72.55
CA GLN J 469 62.54 -50.61 -72.01
C GLN J 469 62.34 -51.86 -72.84
N PRO J 470 63.32 -52.30 -73.63
CA PRO J 470 63.15 -53.53 -74.40
C PRO J 470 63.01 -54.74 -73.50
N LEU J 471 62.25 -55.72 -73.98
CA LEU J 471 62.05 -56.98 -73.26
C LEU J 471 63.03 -58.06 -73.71
N THR J 472 64.14 -57.67 -74.34
CA THR J 472 65.10 -58.63 -74.86
C THR J 472 65.84 -59.34 -73.73
N ASP J 473 66.33 -60.54 -74.02
CA ASP J 473 67.06 -61.32 -73.03
C ASP J 473 68.36 -60.64 -72.66
N GLU J 474 69.06 -60.05 -73.64
CA GLU J 474 70.29 -59.32 -73.33
C GLU J 474 70.02 -58.14 -72.41
N ASN J 475 68.84 -57.55 -72.48
CA ASN J 475 68.43 -56.47 -71.60
C ASN J 475 67.55 -56.96 -70.46
N LYS J 476 67.36 -58.28 -70.34
CA LYS J 476 66.45 -58.82 -69.33
C LYS J 476 66.95 -58.54 -67.91
N LYS J 477 68.25 -58.72 -67.67
CA LYS J 477 68.79 -58.39 -66.36
C LYS J 477 68.67 -56.89 -66.08
N ASN J 478 68.98 -56.07 -67.07
CA ASN J 478 68.78 -54.63 -66.93
C ASN J 478 67.30 -54.29 -66.79
N ARG J 479 66.42 -55.03 -67.47
CA ARG J 479 64.99 -54.83 -67.31
C ARG J 479 64.55 -55.07 -65.88
N GLU J 480 65.02 -56.18 -65.29
CA GLU J 480 64.67 -56.49 -63.90
C GLU J 480 65.24 -55.45 -62.95
N LEU J 481 66.49 -55.02 -63.18
CA LEU J 481 67.08 -54.00 -62.32
C LEU J 481 66.31 -52.69 -62.42
N TYR J 482 65.91 -52.30 -63.63
CA TYR J 482 65.14 -51.08 -63.82
C TYR J 482 63.79 -51.17 -63.14
N GLU J 483 63.11 -52.31 -63.24
CA GLU J 483 61.83 -52.48 -62.55
C GLU J 483 62.02 -52.44 -61.03
N LYS J 484 63.10 -53.05 -60.53
CA LYS J 484 63.38 -53.01 -59.10
C LYS J 484 63.61 -51.58 -58.63
N THR J 485 64.35 -50.79 -59.41
CA THR J 485 64.56 -49.38 -59.07
C THR J 485 63.25 -48.61 -59.09
N LEU J 486 62.39 -48.88 -60.09
CA LEU J 486 61.09 -48.21 -60.14
C LEU J 486 60.22 -48.62 -58.96
N SER J 487 60.24 -49.90 -58.59
CA SER J 487 59.40 -50.37 -57.49
C SER J 487 59.84 -49.77 -56.16
N SER J 488 61.13 -49.47 -56.02
CA SER J 488 61.66 -48.96 -54.76
C SER J 488 61.24 -47.52 -54.46
N CYS J 489 60.63 -46.83 -55.41
CA CYS J 489 60.26 -45.43 -55.24
C CYS J 489 58.98 -45.23 -54.44
N LEU J 490 58.51 -46.26 -53.73
CA LEU J 490 57.30 -46.15 -52.92
C LEU J 490 57.48 -46.59 -51.48
N CYS J 491 58.55 -47.31 -51.14
CA CYS J 491 58.74 -47.80 -49.78
C CYS J 491 59.12 -46.66 -48.84
N GLY J 492 58.56 -46.69 -47.64
CA GLY J 492 58.89 -45.68 -46.63
C GLY J 492 60.00 -46.14 -45.71
N ALA J 493 61.08 -46.65 -46.28
CA ALA J 493 62.25 -47.10 -45.54
C ALA J 493 63.48 -46.35 -46.06
N THR J 494 64.62 -46.65 -45.46
CA THR J 494 65.87 -46.02 -45.86
C THR J 494 66.38 -46.60 -47.17
N LYS J 495 66.94 -45.74 -48.01
CA LYS J 495 67.47 -46.15 -49.32
C LYS J 495 68.99 -46.10 -49.23
N GLY J 496 69.60 -47.25 -48.94
CA GLY J 496 71.03 -47.34 -48.73
C GLY J 496 71.87 -47.63 -49.95
N CYS J 497 71.27 -47.75 -51.13
CA CYS J 497 72.00 -48.03 -52.35
C CYS J 497 71.64 -46.99 -53.42
N LEU J 498 72.59 -46.74 -54.31
CA LEU J 498 72.42 -45.74 -55.36
C LEU J 498 72.54 -46.41 -56.73
N THR J 499 71.58 -46.12 -57.60
CA THR J 499 71.56 -46.62 -58.96
C THR J 499 71.55 -45.45 -59.93
N PHE J 500 72.39 -45.50 -60.95
CA PHE J 500 72.49 -44.44 -61.93
C PHE J 500 71.71 -44.83 -63.18
N PHE J 501 70.73 -43.99 -63.56
CA PHE J 501 69.95 -44.22 -64.76
C PHE J 501 70.69 -43.64 -65.96
N PHE J 502 71.83 -44.26 -66.26
CA PHE J 502 72.68 -43.79 -67.35
C PHE J 502 71.94 -43.83 -68.68
N GLY J 503 72.02 -42.75 -69.43
CA GLY J 503 71.36 -42.65 -70.72
C GLY J 503 71.75 -41.40 -71.48
N GLU J 504 71.98 -41.56 -72.78
CA GLU J 504 72.40 -40.43 -73.62
C GLU J 504 71.17 -39.57 -73.95
N THR J 505 71.36 -38.61 -74.85
CA THR J 505 70.28 -37.70 -75.21
C THR J 505 69.16 -38.43 -75.94
N ALA J 506 67.92 -38.05 -75.62
CA ALA J 506 66.72 -38.61 -76.25
C ALA J 506 66.65 -40.12 -76.04
N THR J 507 66.57 -40.53 -74.76
CA THR J 507 66.43 -41.93 -74.39
C THR J 507 65.25 -42.16 -73.44
N GLY J 508 64.28 -41.25 -73.43
CA GLY J 508 63.11 -41.41 -72.59
C GLY J 508 63.31 -41.10 -71.12
N LYS J 509 64.49 -40.57 -70.74
CA LYS J 509 64.71 -40.22 -69.35
C LYS J 509 63.78 -39.11 -68.89
N SER J 510 63.56 -38.11 -69.75
CA SER J 510 62.64 -37.03 -69.39
C SER J 510 61.22 -37.54 -69.24
N THR J 511 60.77 -38.41 -70.15
CA THR J 511 59.42 -38.97 -70.04
C THR J 511 59.28 -39.83 -68.79
N THR J 512 60.30 -40.62 -68.48
CA THR J 512 60.25 -41.43 -67.27
C THR J 512 60.19 -40.57 -66.02
N LYS J 513 61.00 -39.50 -65.99
CA LYS J 513 60.99 -38.59 -64.85
C LYS J 513 59.62 -37.93 -64.69
N ARG J 514 59.05 -37.44 -65.80
CA ARG J 514 57.73 -36.79 -65.72
C ARG J 514 56.68 -37.77 -65.26
N LEU J 515 56.69 -39.00 -65.81
CA LEU J 515 55.69 -39.99 -65.41
C LEU J 515 55.82 -40.35 -63.94
N LEU J 516 57.04 -40.55 -63.45
CA LEU J 516 57.22 -40.91 -62.04
C LEU J 516 56.78 -39.78 -61.13
N LYS J 517 57.17 -38.54 -61.43
CA LYS J 517 56.78 -37.41 -60.59
C LYS J 517 55.27 -37.24 -60.58
N SER J 518 54.62 -37.35 -61.75
CA SER J 518 53.17 -37.23 -61.80
C SER J 518 52.49 -38.35 -61.03
N ALA J 519 52.98 -39.58 -61.17
CA ALA J 519 52.35 -40.73 -60.52
C ALA J 519 52.46 -40.64 -59.00
N ILE J 520 53.65 -40.31 -58.50
CA ILE J 520 53.84 -40.26 -57.05
C ILE J 520 53.59 -38.87 -56.47
N GLY J 521 53.21 -37.90 -57.29
CA GLY J 521 52.81 -36.59 -56.82
C GLY J 521 53.90 -35.80 -56.10
N ASP J 522 53.63 -35.41 -54.86
CA ASP J 522 54.58 -34.63 -54.08
C ASP J 522 55.70 -35.47 -53.48
N LEU J 523 55.64 -36.80 -53.62
CA LEU J 523 56.74 -37.65 -53.18
C LEU J 523 57.98 -37.50 -54.03
N PHE J 524 57.89 -36.83 -55.18
CA PHE J 524 59.02 -36.59 -56.06
C PHE J 524 59.43 -35.13 -56.01
N VAL J 525 60.73 -34.90 -55.85
CA VAL J 525 61.30 -33.56 -55.89
C VAL J 525 62.50 -33.59 -56.83
N GLU J 526 62.92 -32.40 -57.26
CA GLU J 526 64.05 -32.27 -58.17
C GLU J 526 65.25 -31.69 -57.44
N THR J 527 66.39 -32.35 -57.56
CA THR J 527 67.63 -31.95 -56.91
C THR J 527 68.69 -31.68 -57.96
N GLY J 528 69.74 -30.96 -57.54
CA GLY J 528 70.83 -30.59 -58.41
C GLY J 528 72.01 -31.53 -58.32
N GLN J 529 73.09 -31.14 -59.01
CA GLN J 529 74.34 -31.90 -59.01
C GLN J 529 75.34 -31.38 -57.99
N THR J 530 75.29 -30.09 -57.66
CA THR J 530 76.26 -29.51 -56.74
C THR J 530 76.24 -30.21 -55.39
N ILE J 531 75.09 -30.78 -54.99
CA ILE J 531 75.02 -31.54 -53.76
C ILE J 531 75.97 -32.74 -53.81
N LEU J 532 76.14 -33.32 -55.00
CA LEU J 532 77.08 -34.41 -55.20
C LEU J 532 78.52 -33.93 -55.27
N THR J 533 78.76 -32.61 -55.31
CA THR J 533 80.11 -32.09 -55.46
C THR J 533 80.43 -30.98 -54.47
N ASP J 534 79.65 -30.79 -53.41
CA ASP J 534 79.91 -29.74 -52.43
C ASP J 534 79.85 -30.31 -51.02
N VAL J 535 80.38 -29.52 -50.08
CA VAL J 535 80.34 -29.90 -48.67
C VAL J 535 78.92 -29.75 -48.17
N LEU J 536 78.36 -30.83 -47.64
CA LEU J 536 76.96 -30.82 -47.23
C LEU J 536 76.75 -30.00 -45.97
N ASP J 537 77.70 -30.06 -45.02
CA ASP J 537 77.54 -29.38 -43.74
C ASP J 537 77.40 -27.88 -43.93
N LYS J 538 78.49 -27.23 -44.37
CA LYS J 538 78.53 -25.79 -44.65
C LYS J 538 77.65 -24.97 -43.73
N GLY J 539 76.60 -24.38 -44.29
CA GLY J 539 75.62 -23.65 -43.51
C GLY J 539 74.21 -23.97 -43.98
N PRO J 540 73.39 -22.93 -44.15
CA PRO J 540 72.04 -23.15 -44.69
C PRO J 540 72.11 -23.72 -46.11
N ASN J 541 71.21 -24.66 -46.39
CA ASN J 541 71.20 -25.36 -47.67
C ASN J 541 69.79 -25.80 -47.99
N PRO J 542 69.12 -25.13 -48.93
CA PRO J 542 67.77 -25.59 -49.34
C PRO J 542 67.77 -26.99 -49.92
N PHE J 543 68.83 -27.39 -50.62
CA PHE J 543 68.84 -28.66 -51.32
C PHE J 543 68.98 -29.85 -50.37
N ILE J 544 69.36 -29.62 -49.12
CA ILE J 544 69.49 -30.70 -48.15
C ILE J 544 68.26 -30.85 -47.27
N ALA J 545 67.36 -29.86 -47.28
CA ALA J 545 66.16 -29.90 -46.45
C ALA J 545 64.91 -30.30 -47.21
N ASN J 546 64.83 -29.98 -48.51
CA ASN J 546 63.66 -30.34 -49.29
C ASN J 546 63.53 -31.84 -49.53
N MET J 547 64.56 -32.62 -49.20
CA MET J 547 64.49 -34.06 -49.28
C MET J 547 63.96 -34.70 -48.00
N HIS J 548 63.63 -33.91 -46.99
CA HIS J 548 63.19 -34.44 -45.70
C HIS J 548 61.85 -35.15 -45.84
N LEU J 549 61.80 -36.39 -45.38
CA LEU J 549 60.60 -37.22 -45.36
C LEU J 549 59.99 -37.44 -46.74
N LYS J 550 60.77 -37.30 -47.81
CA LYS J 550 60.25 -37.53 -49.14
C LYS J 550 60.43 -38.98 -49.55
N ARG J 551 60.08 -39.28 -50.80
CA ARG J 551 60.18 -40.63 -51.33
C ARG J 551 61.03 -40.75 -52.59
N SER J 552 61.29 -39.65 -53.29
CA SER J 552 62.08 -39.70 -54.52
C SER J 552 62.84 -38.38 -54.70
N VAL J 553 64.11 -38.50 -55.06
CA VAL J 553 64.92 -37.35 -55.44
C VAL J 553 65.61 -37.67 -56.76
N PHE J 554 65.80 -36.65 -57.59
CA PHE J 554 66.30 -36.83 -58.94
C PHE J 554 67.40 -35.82 -59.23
N CYS J 555 68.31 -36.19 -60.15
CA CYS J 555 69.40 -35.33 -60.57
C CYS J 555 69.53 -35.37 -62.08
N SER J 556 69.76 -34.19 -62.68
CA SER J 556 69.92 -34.10 -64.13
C SER J 556 70.76 -32.85 -64.44
N GLU J 557 70.90 -32.57 -65.74
CA GLU J 557 71.69 -31.46 -66.27
C GLU J 557 73.02 -31.29 -65.52
N LEU J 558 73.84 -32.34 -65.61
CA LEU J 558 75.12 -32.36 -64.92
C LEU J 558 76.20 -31.62 -65.71
N PRO J 559 77.20 -31.05 -65.02
CA PRO J 559 78.41 -30.59 -65.70
C PRO J 559 79.38 -31.73 -65.93
N ASP J 560 79.21 -32.44 -67.05
CA ASP J 560 79.95 -33.68 -67.34
C ASP J 560 81.44 -33.54 -67.04
N PHE J 561 82.01 -34.61 -66.49
CA PHE J 561 83.39 -34.63 -66.05
C PHE J 561 84.37 -34.95 -67.19
N ALA J 562 83.87 -35.22 -68.39
CA ALA J 562 84.77 -35.50 -69.51
C ALA J 562 85.65 -34.31 -69.83
N CYS J 563 85.08 -33.10 -69.83
CA CYS J 563 85.83 -31.88 -70.09
C CYS J 563 86.29 -31.27 -68.77
N SER J 564 87.49 -30.70 -68.78
CA SER J 564 88.04 -30.09 -67.58
C SER J 564 87.24 -28.84 -67.22
N GLY J 565 86.99 -28.67 -65.92
CA GLY J 565 86.27 -27.51 -65.43
C GLY J 565 85.14 -27.85 -64.48
N SER J 566 85.05 -29.12 -64.07
CA SER J 566 84.00 -29.56 -63.16
C SER J 566 84.64 -30.26 -61.96
N LYS J 567 84.21 -29.88 -60.77
CA LYS J 567 84.70 -30.51 -59.55
C LYS J 567 84.18 -31.94 -59.45
N LYS J 568 85.06 -32.86 -59.06
CA LYS J 568 84.71 -34.27 -59.01
C LYS J 568 83.71 -34.55 -57.89
N ILE J 569 82.92 -35.61 -58.08
CA ILE J 569 81.91 -35.98 -57.11
C ILE J 569 82.58 -36.56 -55.86
N ARG J 570 82.18 -36.07 -54.70
CA ARG J 570 82.77 -36.52 -53.44
C ARG J 570 82.18 -37.87 -53.04
N SER J 571 83.07 -38.81 -52.67
CA SER J 571 82.61 -40.12 -52.24
C SER J 571 81.97 -40.06 -50.86
N ASP J 572 82.48 -39.20 -49.98
CA ASP J 572 81.88 -39.07 -48.64
C ASP J 572 80.51 -38.42 -48.71
N ASN J 573 80.29 -37.51 -49.66
CA ASN J 573 78.96 -36.99 -49.89
C ASN J 573 78.01 -38.12 -50.29
N ILE J 574 78.48 -39.03 -51.13
CA ILE J 574 77.71 -40.21 -51.48
C ILE J 574 77.42 -41.05 -50.23
N LYS J 575 78.42 -41.19 -49.36
CA LYS J 575 78.25 -41.96 -48.14
C LYS J 575 77.17 -41.36 -47.25
N LYS J 576 77.11 -40.03 -47.18
CA LYS J 576 76.10 -39.37 -46.36
C LYS J 576 74.68 -39.66 -46.84
N LEU J 577 74.52 -40.08 -48.09
CA LEU J 577 73.21 -40.42 -48.66
C LEU J 577 72.78 -41.85 -48.35
N THR J 578 73.35 -42.46 -47.31
CA THR J 578 73.09 -43.87 -46.99
C THR J 578 72.47 -44.07 -45.62
N GLU J 579 72.86 -43.27 -44.64
CA GLU J 579 72.36 -43.43 -43.28
C GLU J 579 70.86 -43.13 -43.21
N PRO J 580 70.16 -43.69 -42.23
CA PRO J 580 68.72 -43.39 -42.09
C PRO J 580 68.43 -41.92 -41.87
N CYS J 581 69.29 -41.21 -41.15
CA CYS J 581 69.13 -39.78 -40.91
C CYS J 581 70.31 -39.03 -41.52
N VAL J 582 70.11 -37.73 -41.75
CA VAL J 582 71.13 -36.87 -42.33
C VAL J 582 71.28 -35.63 -41.45
N ILE J 583 72.44 -34.98 -41.61
CA ILE J 583 72.80 -33.81 -40.82
C ILE J 583 72.74 -32.59 -41.71
N GLY J 584 71.96 -31.60 -41.31
CA GLY J 584 71.83 -30.37 -42.07
C GLY J 584 70.88 -29.38 -41.42
N ARG J 585 71.28 -28.11 -41.36
CA ARG J 585 70.46 -27.07 -40.76
C ARG J 585 69.97 -26.12 -41.85
N PRO J 586 68.66 -26.00 -42.06
CA PRO J 586 68.15 -25.05 -43.05
C PRO J 586 68.35 -23.60 -42.63
N CYS J 587 67.87 -22.67 -43.44
CA CYS J 587 68.09 -21.25 -43.19
C CYS J 587 67.43 -20.82 -41.88
N PHE J 588 68.19 -20.11 -41.05
CA PHE J 588 67.68 -19.52 -39.80
C PHE J 588 67.02 -20.57 -38.91
N SER J 589 67.75 -21.65 -38.63
CA SER J 589 67.23 -22.72 -37.79
C SER J 589 68.37 -23.47 -37.12
N ASN J 590 68.05 -24.19 -36.05
CA ASN J 590 69.01 -24.96 -35.30
C ASN J 590 68.81 -26.47 -35.39
N LYS J 591 67.75 -26.93 -36.04
CA LYS J 591 67.52 -28.37 -36.18
C LYS J 591 68.51 -28.96 -37.17
N ILE J 592 69.24 -29.99 -36.74
CA ILE J 592 70.31 -30.58 -37.54
C ILE J 592 70.04 -32.06 -37.82
N ASN J 593 68.80 -32.50 -37.71
CA ASN J 593 68.43 -33.89 -38.01
C ASN J 593 67.29 -33.92 -39.00
N ASN J 594 67.48 -34.64 -40.10
CA ASN J 594 66.44 -34.87 -41.09
C ASN J 594 66.40 -36.35 -41.44
N ARG J 595 65.20 -36.87 -41.63
CA ARG J 595 65.01 -38.28 -41.92
C ARG J 595 65.07 -38.54 -43.42
N ASN J 596 65.61 -39.69 -43.80
CA ASN J 596 65.81 -40.06 -45.19
C ASN J 596 64.84 -41.18 -45.56
N HIS J 597 63.99 -40.91 -46.56
CA HIS J 597 63.15 -41.95 -47.15
C HIS J 597 63.07 -41.82 -48.66
N ALA J 598 63.96 -41.04 -49.29
CA ALA J 598 63.86 -40.72 -50.70
C ALA J 598 64.87 -41.53 -51.51
N THR J 599 64.44 -41.95 -52.69
CA THR J 599 65.28 -42.73 -53.60
C THR J 599 66.12 -41.78 -54.44
N ILE J 600 67.43 -42.05 -54.49
CA ILE J 600 68.38 -41.20 -55.21
C ILE J 600 68.67 -41.86 -56.55
N ILE J 601 68.13 -41.27 -57.61
CA ILE J 601 68.34 -41.76 -58.98
C ILE J 601 68.89 -40.61 -59.81
N ILE J 602 70.01 -40.87 -60.48
CA ILE J 602 70.72 -39.85 -61.24
C ILE J 602 70.88 -40.34 -62.68
N ASP J 603 70.56 -39.47 -63.64
CA ASP J 603 70.67 -39.78 -65.06
C ASP J 603 71.78 -38.96 -65.69
N THR J 604 72.54 -39.60 -66.59
CA THR J 604 73.64 -38.93 -67.27
C THR J 604 73.96 -39.68 -68.55
N ASN J 605 74.70 -39.01 -69.43
CA ASN J 605 75.16 -39.59 -70.69
C ASN J 605 76.60 -40.08 -70.62
N TYR J 606 77.19 -40.10 -69.43
CA TYR J 606 78.57 -40.52 -69.25
C TYR J 606 78.71 -41.19 -67.90
N LYS J 607 79.56 -42.21 -67.84
CA LYS J 607 79.72 -42.97 -66.61
C LYS J 607 80.36 -42.10 -65.54
N PRO J 608 79.75 -41.96 -64.37
CA PRO J 608 80.30 -41.07 -63.33
C PRO J 608 81.62 -41.59 -62.79
N VAL J 609 82.44 -40.67 -62.31
CA VAL J 609 83.76 -40.97 -61.75
C VAL J 609 83.92 -40.23 -60.43
N PHE J 610 84.54 -40.89 -59.46
CA PHE J 610 84.73 -40.35 -58.13
C PHE J 610 86.23 -40.13 -57.89
N ASP J 611 86.55 -39.08 -57.13
CA ASP J 611 87.96 -38.78 -56.87
C ASP J 611 88.62 -39.87 -56.04
N ARG J 612 87.90 -40.43 -55.05
CA ARG J 612 88.41 -41.50 -54.22
C ARG J 612 87.40 -42.65 -54.24
N ILE J 613 87.89 -43.86 -54.52
CA ILE J 613 87.06 -45.05 -54.59
C ILE J 613 87.74 -46.16 -53.82
N ASP J 614 86.98 -46.86 -52.98
CA ASP J 614 87.49 -47.98 -52.20
C ASP J 614 86.34 -48.93 -51.91
N ASN J 615 86.58 -49.89 -51.00
CA ASN J 615 85.59 -50.92 -50.72
C ASN J 615 84.29 -50.35 -50.18
N ALA J 616 84.35 -49.19 -49.53
CA ALA J 616 83.15 -48.61 -48.94
C ALA J 616 82.16 -48.14 -50.00
N LEU J 617 82.65 -47.71 -51.16
CA LEU J 617 81.77 -47.17 -52.19
C LEU J 617 81.25 -48.25 -53.14
N MET J 618 81.83 -49.45 -53.14
CA MET J 618 81.40 -50.48 -54.08
C MET J 618 79.97 -50.92 -53.81
N ARG J 619 79.61 -51.07 -52.53
CA ARG J 619 78.27 -51.54 -52.19
C ARG J 619 77.20 -50.49 -52.46
N ARG J 620 77.57 -49.25 -52.79
CA ARG J 620 76.60 -48.18 -52.97
C ARG J 620 76.67 -47.60 -54.38
N ILE J 621 76.69 -48.46 -55.40
CA ILE J 621 76.78 -48.01 -56.78
C ILE J 621 76.01 -48.97 -57.67
N ALA J 622 75.31 -48.42 -58.65
CA ALA J 622 74.60 -49.22 -59.65
C ALA J 622 74.31 -48.35 -60.87
N VAL J 623 74.07 -49.01 -62.00
CA VAL J 623 73.87 -48.35 -63.28
C VAL J 623 72.67 -48.96 -64.00
N VAL J 624 71.81 -48.12 -64.55
CA VAL J 624 70.72 -48.55 -65.42
C VAL J 624 70.92 -47.88 -66.78
N ARG J 625 70.85 -48.68 -67.84
CA ARG J 625 71.09 -48.21 -69.20
C ARG J 625 69.79 -48.16 -69.99
N PHE J 626 69.70 -47.17 -70.88
CA PHE J 626 68.56 -46.98 -71.76
C PHE J 626 69.02 -47.16 -73.21
N ARG J 627 68.33 -48.02 -73.95
CA ARG J 627 68.73 -48.31 -75.32
C ARG J 627 67.59 -48.04 -76.30
N THR J 628 66.92 -46.91 -76.15
CA THR J 628 65.86 -46.50 -77.06
C THR J 628 66.05 -45.03 -77.39
N HIS J 629 65.71 -44.66 -78.62
CA HIS J 629 65.84 -43.29 -79.10
C HIS J 629 64.48 -42.76 -79.55
N PHE J 630 64.23 -41.49 -79.28
CA PHE J 630 63.02 -40.82 -79.72
C PHE J 630 63.40 -39.48 -80.34
N SER J 631 62.90 -39.22 -81.54
CA SER J 631 63.16 -37.97 -82.25
C SER J 631 62.22 -37.90 -83.44
N GLN J 632 62.34 -36.82 -84.21
CA GLN J 632 61.53 -36.64 -85.40
C GLN J 632 62.05 -37.52 -86.54
N PRO J 633 61.19 -37.87 -87.50
CA PRO J 633 61.63 -38.71 -88.62
C PRO J 633 62.70 -38.06 -89.49
N SER J 634 62.83 -36.73 -89.46
CA SER J 634 63.84 -36.07 -90.27
C SER J 634 65.24 -36.49 -89.84
N GLY J 635 65.47 -36.59 -88.54
CA GLY J 635 66.75 -37.04 -88.02
C GLY J 635 66.76 -38.50 -87.65
N ARG J 636 65.74 -39.23 -88.11
CA ARG J 636 65.64 -40.65 -87.78
C ARG J 636 66.79 -41.45 -88.36
N GLU J 637 67.15 -41.18 -89.61
CA GLU J 637 68.23 -41.93 -90.25
C GLU J 637 69.57 -41.70 -89.55
N ALA J 638 69.73 -40.55 -88.90
CA ALA J 638 70.94 -40.30 -88.13
C ALA J 638 71.07 -41.27 -86.96
N ALA J 639 69.98 -41.52 -86.25
CA ALA J 639 70.00 -42.49 -85.16
C ALA J 639 70.10 -43.92 -85.68
N GLU J 640 69.65 -44.16 -86.91
CA GLU J 640 69.76 -45.49 -87.51
C GLU J 640 71.19 -45.86 -87.85
N ASN J 641 72.12 -44.91 -87.83
CA ASN J 641 73.53 -45.17 -88.07
C ASN J 641 74.37 -44.99 -86.80
N ASN J 642 73.72 -45.09 -85.63
CA ASN J 642 74.39 -44.92 -84.35
C ASN J 642 74.18 -46.15 -83.50
N ASP J 643 75.23 -46.56 -82.78
CA ASP J 643 75.20 -47.72 -81.92
C ASP J 643 74.78 -47.41 -80.49
N ALA J 644 74.50 -46.14 -80.18
CA ALA J 644 74.11 -45.78 -78.82
C ALA J 644 72.73 -46.29 -78.47
N TYR J 645 71.78 -46.21 -79.42
CA TYR J 645 70.41 -46.65 -79.20
C TYR J 645 70.14 -47.90 -80.02
N ASP J 646 69.64 -48.94 -79.36
CA ASP J 646 69.39 -50.21 -80.02
C ASP J 646 68.06 -50.25 -80.76
N LYS J 647 67.16 -49.30 -80.51
CA LYS J 647 65.87 -49.28 -81.19
C LYS J 647 65.41 -47.84 -81.35
N VAL J 648 65.14 -47.46 -82.61
CA VAL J 648 64.76 -46.10 -82.96
C VAL J 648 63.28 -46.09 -83.31
N LYS J 649 62.56 -45.08 -82.83
CA LYS J 649 61.15 -44.91 -83.10
C LYS J 649 60.82 -43.42 -83.11
N LEU J 650 59.80 -43.06 -83.87
CA LEU J 650 59.39 -41.66 -83.95
C LEU J 650 58.79 -41.20 -82.64
N LEU J 651 59.17 -40.00 -82.21
CA LEU J 651 58.68 -39.44 -80.97
C LEU J 651 57.22 -38.99 -81.14
N ASP J 652 56.48 -39.07 -80.04
CA ASP J 652 55.06 -38.70 -80.01
C ASP J 652 54.95 -37.22 -79.64
N GLU J 653 54.37 -36.43 -80.54
CA GLU J 653 54.24 -34.99 -80.31
C GLU J 653 53.33 -34.70 -79.12
N GLY J 654 52.23 -35.44 -79.00
CA GLY J 654 51.32 -35.25 -77.89
C GLY J 654 51.71 -35.96 -76.61
N LEU J 655 52.86 -36.62 -76.60
CA LEU J 655 53.28 -37.37 -75.40
C LEU J 655 53.50 -36.45 -74.21
N ASP J 656 54.13 -35.29 -74.45
CA ASP J 656 54.39 -34.36 -73.35
C ASP J 656 53.09 -33.85 -72.72
N GLY J 657 52.10 -33.52 -73.56
CA GLY J 657 50.81 -33.10 -73.02
C GLY J 657 50.12 -34.22 -72.27
N LYS J 658 50.09 -35.42 -72.87
CA LYS J 658 49.36 -36.53 -72.27
C LYS J 658 50.01 -37.06 -71.00
N ILE J 659 51.32 -36.81 -70.81
CA ILE J 659 51.94 -37.10 -69.52
C ILE J 659 51.87 -35.90 -68.58
N GLN J 660 51.61 -34.71 -69.11
CA GLN J 660 51.26 -33.58 -68.25
C GLN J 660 49.82 -33.69 -67.74
N ASN J 661 48.92 -34.21 -68.56
CA ASN J 661 47.53 -34.40 -68.16
C ASN J 661 47.37 -35.47 -67.09
N ASN J 662 48.42 -36.26 -66.83
CA ASN J 662 48.40 -37.32 -65.82
C ASN J 662 47.34 -38.37 -66.14
N ARG J 663 47.08 -38.60 -67.43
CA ARG J 663 46.16 -39.65 -67.84
C ARG J 663 46.68 -41.02 -67.42
N TYR J 664 47.98 -41.23 -67.48
CA TYR J 664 48.61 -42.47 -67.07
C TYR J 664 49.14 -42.42 -65.65
N ARG J 665 48.78 -41.39 -64.88
CA ARG J 665 49.23 -41.29 -63.50
C ARG J 665 48.73 -42.47 -62.69
N PHE J 666 47.43 -42.79 -62.77
CA PHE J 666 46.91 -43.94 -62.06
C PHE J 666 47.31 -45.24 -62.74
N ALA J 667 47.48 -45.23 -64.07
CA ALA J 667 48.03 -46.40 -64.74
C ALA J 667 49.43 -46.71 -64.24
N PHE J 668 50.28 -45.67 -64.12
CA PHE J 668 51.62 -45.88 -63.60
C PHE J 668 51.60 -46.24 -62.12
N LEU J 669 50.64 -45.72 -61.36
CA LEU J 669 50.49 -46.15 -59.97
C LEU J 669 50.18 -47.63 -59.88
N TYR J 670 49.25 -48.10 -60.71
CA TYR J 670 48.94 -49.53 -60.75
C TYR J 670 50.16 -50.36 -61.15
N LEU J 671 50.89 -49.90 -62.17
CA LEU J 671 52.08 -50.61 -62.59
C LEU J 671 53.11 -50.69 -61.47
N LEU J 672 53.32 -49.57 -60.76
CA LEU J 672 54.29 -49.54 -59.69
C LEU J 672 53.88 -50.44 -58.52
N VAL J 673 52.60 -50.41 -58.13
CA VAL J 673 52.18 -51.24 -57.00
C VAL J 673 52.24 -52.71 -57.38
N LYS J 674 51.92 -53.05 -58.64
CA LYS J 674 52.06 -54.42 -59.09
C LYS J 674 53.53 -54.85 -59.08
N TRP J 675 54.42 -53.97 -59.53
CA TRP J 675 55.85 -54.28 -59.53
C TRP J 675 56.36 -54.50 -58.11
N TYR J 676 55.89 -53.68 -57.16
CA TYR J 676 56.28 -53.88 -55.77
C TYR J 676 55.72 -55.19 -55.23
N LYS J 677 54.48 -55.53 -55.61
CA LYS J 677 53.94 -56.83 -55.22
C LYS J 677 54.77 -57.96 -55.78
N LYS J 678 55.41 -57.74 -56.93
CA LYS J 678 56.35 -58.73 -57.45
C LYS J 678 57.56 -58.88 -56.54
N TYR J 679 58.08 -57.77 -56.01
CA TYR J 679 59.26 -57.76 -55.14
C TYR J 679 58.86 -57.12 -53.81
N HIS J 680 58.35 -57.92 -52.89
CA HIS J 680 57.87 -57.43 -51.61
C HIS J 680 58.33 -58.32 -50.48
N ILE J 681 59.59 -58.74 -50.54
CA ILE J 681 60.17 -59.58 -49.46
C ILE J 681 60.15 -58.78 -48.16
N PRO J 682 59.89 -59.40 -47.02
CA PRO J 682 59.92 -58.64 -45.75
C PRO J 682 61.21 -57.87 -45.54
N ILE J 683 62.34 -58.42 -45.99
CA ILE J 683 63.59 -57.68 -46.02
C ILE J 683 63.72 -57.09 -47.41
N MET J 684 63.47 -55.79 -47.52
CA MET J 684 63.61 -55.06 -48.77
C MET J 684 64.94 -54.31 -48.76
N LYS J 685 65.78 -54.56 -49.75
CA LYS J 685 67.10 -53.94 -49.80
C LYS J 685 67.59 -53.95 -51.24
N LEU J 686 68.02 -52.79 -51.72
CA LEU J 686 68.58 -52.69 -53.06
C LEU J 686 69.97 -53.30 -53.08
N TYR J 687 70.41 -53.69 -54.28
CA TYR J 687 71.72 -54.33 -54.41
C TYR J 687 72.58 -53.57 -55.40
N PRO J 688 73.88 -53.46 -55.14
CA PRO J 688 74.76 -52.74 -56.06
C PRO J 688 75.17 -53.60 -57.24
N THR J 689 75.51 -52.92 -58.33
CA THR J 689 76.02 -53.56 -59.55
C THR J 689 77.28 -52.83 -60.00
N PRO J 690 78.39 -53.01 -59.27
CA PRO J 690 79.60 -52.23 -59.57
C PRO J 690 80.38 -52.73 -60.79
N GLU J 691 80.00 -53.86 -61.38
CA GLU J 691 80.77 -54.40 -62.49
C GLU J 691 80.59 -53.57 -63.76
N GLU J 692 79.45 -52.91 -63.92
CA GLU J 692 79.19 -52.14 -65.13
C GLU J 692 80.12 -50.92 -65.23
N ILE J 693 80.42 -50.29 -64.12
CA ILE J 693 81.18 -49.03 -64.13
C ILE J 693 82.62 -49.32 -64.55
N PRO J 694 83.14 -48.60 -65.55
CA PRO J 694 84.55 -48.81 -65.94
C PRO J 694 85.54 -48.46 -64.85
N ASP J 695 85.15 -47.63 -63.87
CA ASP J 695 86.09 -47.20 -62.84
C ASP J 695 86.53 -48.37 -61.97
N PHE J 696 85.62 -49.25 -61.60
CA PHE J 696 85.90 -50.32 -60.65
C PHE J 696 86.50 -51.55 -61.31
N ALA J 697 86.75 -51.52 -62.61
CA ALA J 697 87.40 -52.66 -63.28
C ALA J 697 88.81 -52.87 -62.72
N PHE J 698 89.57 -51.79 -62.57
CA PHE J 698 90.93 -51.92 -62.03
C PHE J 698 90.91 -52.17 -60.53
N TYR J 699 89.96 -51.58 -59.81
CA TYR J 699 89.85 -51.83 -58.38
C TYR J 699 89.53 -53.30 -58.10
N LEU J 700 88.65 -53.88 -58.92
CA LEU J 700 88.28 -55.28 -58.72
C LEU J 700 89.25 -56.25 -59.38
N LYS J 701 90.17 -55.76 -60.21
CA LYS J 701 91.13 -56.64 -60.88
C LYS J 701 92.34 -56.95 -60.00
N ILE J 702 92.80 -55.98 -59.20
CA ILE J 702 93.95 -56.21 -58.33
C ILE J 702 93.61 -57.24 -57.25
N GLY J 703 92.40 -57.14 -56.68
CA GLY J 703 92.00 -58.09 -55.65
C GLY J 703 91.73 -59.48 -56.16
N THR J 704 91.38 -59.63 -57.43
CA THR J 704 91.12 -60.94 -58.02
C THR J 704 92.38 -61.59 -58.59
N LEU J 705 93.50 -60.86 -58.67
CA LEU J 705 94.74 -61.40 -59.21
C LEU J 705 95.93 -61.24 -58.30
N LEU J 706 95.85 -60.40 -57.27
CA LEU J 706 96.94 -60.18 -56.33
C LEU J 706 96.41 -60.35 -54.91
N VAL J 707 96.95 -61.34 -54.21
CA VAL J 707 96.48 -61.69 -52.87
C VAL J 707 97.57 -61.36 -51.86
N SER J 708 97.15 -60.92 -50.67
CA SER J 708 98.10 -60.60 -49.62
C SER J 708 98.83 -61.85 -49.17
N SER J 709 100.09 -61.68 -48.76
CA SER J 709 100.88 -62.79 -48.27
C SER J 709 100.26 -63.37 -47.01
N SER J 710 100.19 -64.70 -46.96
CA SER J 710 99.59 -65.42 -45.85
C SER J 710 100.54 -66.52 -45.37
N VAL J 711 100.17 -67.17 -44.28
CA VAL J 711 101.00 -68.23 -43.73
C VAL J 711 101.07 -69.43 -44.67
N LYS J 712 99.97 -69.72 -45.36
CA LYS J 712 99.92 -70.89 -46.22
C LYS J 712 100.91 -70.78 -47.38
N HIS J 713 101.15 -69.58 -47.88
CA HIS J 713 102.07 -69.38 -49.01
C HIS J 713 103.53 -69.49 -48.60
N ILE J 714 103.84 -69.41 -47.29
CA ILE J 714 105.23 -69.45 -46.86
C ILE J 714 105.92 -70.76 -47.22
N PRO J 715 105.32 -71.95 -46.97
CA PRO J 715 106.01 -73.19 -47.38
C PRO J 715 105.88 -73.46 -48.88
N LEU J 716 106.06 -72.42 -49.69
CA LEU J 716 106.07 -72.55 -51.14
C LEU J 716 107.16 -71.68 -51.76
N MET J 717 108.06 -71.15 -50.94
CA MET J 717 109.08 -70.21 -51.38
C MET J 717 110.21 -70.87 -52.15
N THR J 718 110.17 -72.20 -52.34
CA THR J 718 111.22 -72.88 -53.07
C THR J 718 111.28 -72.41 -54.53
N ASP J 719 110.12 -72.25 -55.16
CA ASP J 719 110.06 -71.74 -56.53
C ASP J 719 109.70 -70.26 -56.58
N LEU J 720 109.48 -69.62 -55.42
CA LEU J 720 109.18 -68.19 -55.41
C LEU J 720 110.43 -67.35 -55.61
N SER J 721 111.58 -67.82 -55.14
CA SER J 721 112.82 -67.04 -55.29
C SER J 721 113.21 -66.88 -56.75
N LYS J 722 113.06 -67.93 -57.55
CA LYS J 722 113.42 -67.86 -58.96
C LYS J 722 112.47 -66.98 -59.76
N LYS J 723 111.32 -66.61 -59.19
CA LYS J 723 110.39 -65.70 -59.82
C LYS J 723 110.58 -64.25 -59.40
N GLY J 724 111.56 -63.96 -58.53
CA GLY J 724 111.79 -62.61 -58.04
C GLY J 724 111.17 -62.30 -56.70
N TYR J 725 110.68 -63.30 -55.97
CA TYR J 725 110.03 -63.09 -54.69
C TYR J 725 110.96 -63.50 -53.55
N ILE J 726 111.14 -62.60 -52.59
CA ILE J 726 112.01 -62.83 -51.45
C ILE J 726 111.18 -62.87 -50.18
N LEU J 727 111.75 -63.45 -49.13
CA LEU J 727 111.05 -63.62 -47.86
C LEU J 727 111.66 -62.68 -46.83
N TYR J 728 110.83 -61.81 -46.27
CA TYR J 728 111.21 -60.92 -45.18
C TYR J 728 110.22 -61.12 -44.05
N ASP J 729 110.72 -61.40 -42.85
CA ASP J 729 109.92 -61.76 -41.68
C ASP J 729 108.79 -62.71 -42.05
N ASN J 730 109.14 -63.75 -42.81
CA ASN J 730 108.20 -64.77 -43.28
C ASN J 730 107.08 -64.16 -44.14
N VAL J 731 107.42 -63.15 -44.93
CA VAL J 731 106.47 -62.51 -45.84
C VAL J 731 107.08 -62.52 -47.24
N VAL J 732 106.31 -63.01 -48.21
CA VAL J 732 106.76 -63.08 -49.60
C VAL J 732 106.56 -61.69 -50.20
N THR J 733 107.66 -60.95 -50.37
CA THR J 733 107.62 -59.57 -50.81
C THR J 733 108.12 -59.44 -52.24
N LEU J 734 107.68 -58.37 -52.90
CA LEU J 734 108.04 -58.09 -54.28
C LEU J 734 108.52 -56.66 -54.41
N PRO J 735 109.62 -56.40 -55.11
CA PRO J 735 110.09 -55.03 -55.28
C PRO J 735 109.13 -54.21 -56.13
N LEU J 736 109.21 -52.89 -55.95
CA LEU J 736 108.31 -52.00 -56.67
C LEU J 736 108.52 -52.09 -58.18
N THR J 737 109.78 -52.14 -58.63
CA THR J 737 110.05 -52.29 -60.05
C THR J 737 109.53 -53.62 -60.57
N THR J 738 109.79 -54.71 -59.85
CA THR J 738 109.34 -56.02 -60.29
C THR J 738 107.82 -56.07 -60.40
N PHE J 739 107.12 -55.50 -59.41
CA PHE J 739 105.67 -55.45 -59.46
C PHE J 739 105.19 -54.59 -60.64
N GLN J 740 105.90 -53.47 -60.89
CA GLN J 740 105.49 -52.59 -61.99
C GLN J 740 105.59 -53.30 -63.33
N GLN J 741 106.72 -53.96 -63.60
CA GLN J 741 106.83 -54.65 -64.89
C GLN J 741 106.08 -55.97 -64.91
N LYS J 742 105.69 -56.50 -63.75
CA LYS J 742 104.82 -57.67 -63.75
C LYS J 742 103.37 -57.31 -64.03
N ILE J 743 102.94 -56.11 -63.62
CA ILE J 743 101.57 -55.67 -63.85
C ILE J 743 101.43 -54.85 -65.12
N SER J 744 102.54 -54.44 -65.74
CA SER J 744 102.47 -53.72 -67.02
C SER J 744 102.08 -54.63 -68.18
N LYS J 745 102.21 -55.95 -68.01
CA LYS J 745 101.81 -56.87 -69.08
C LYS J 745 100.30 -57.02 -69.15
N TYR J 746 99.63 -57.01 -67.99
CA TYR J 746 98.18 -57.10 -67.98
C TYR J 746 97.54 -55.90 -68.67
N PHE J 747 98.04 -54.71 -68.39
CA PHE J 747 97.52 -53.48 -68.96
C PHE J 747 98.67 -52.51 -69.19
N ASN J 748 98.56 -51.73 -70.27
CA ASN J 748 99.58 -50.73 -70.54
C ASN J 748 99.50 -49.60 -69.51
N SER J 749 100.65 -48.99 -69.23
CA SER J 749 100.77 -48.09 -68.10
C SER J 749 100.41 -46.65 -68.42
N ARG J 750 100.08 -46.33 -69.69
CA ARG J 750 99.77 -44.96 -70.02
C ARG J 750 98.43 -44.52 -69.40
N LEU J 751 97.39 -45.34 -69.57
CA LEU J 751 96.08 -44.97 -69.05
C LEU J 751 96.04 -45.01 -67.53
N PHE J 752 96.78 -45.92 -66.91
CA PHE J 752 96.70 -46.16 -65.47
C PHE J 752 98.01 -45.86 -64.76
N GLY J 753 98.82 -44.95 -65.32
CA GLY J 753 100.05 -44.56 -64.65
C GLY J 753 99.79 -43.89 -63.31
N HIS J 754 98.80 -43.00 -63.25
CA HIS J 754 98.38 -42.43 -61.98
C HIS J 754 97.86 -43.51 -61.04
N ASP J 755 97.11 -44.47 -61.59
CA ASP J 755 96.63 -45.57 -60.76
C ASP J 755 97.79 -46.43 -60.25
N ILE J 756 98.80 -46.66 -61.10
CA ILE J 756 99.96 -47.44 -60.67
C ILE J 756 100.72 -46.72 -59.56
N GLU J 757 100.91 -45.40 -59.70
CA GLU J 757 101.58 -44.66 -58.64
C GLU J 757 100.75 -44.63 -57.36
N SER J 758 99.42 -44.54 -57.48
CA SER J 758 98.57 -44.63 -56.29
C SER J 758 98.71 -45.99 -55.61
N PHE J 759 98.74 -47.06 -56.41
CA PHE J 759 98.94 -48.39 -55.85
C PHE J 759 100.27 -48.49 -55.14
N ILE J 760 101.34 -47.95 -55.74
CA ILE J 760 102.66 -48.11 -55.16
C ILE J 760 102.88 -47.20 -53.96
N ASN J 761 102.10 -46.12 -53.82
CA ASN J 761 102.24 -45.26 -52.65
C ASN J 761 101.24 -45.55 -51.54
N ARG J 762 100.18 -46.31 -51.81
CA ARG J 762 99.18 -46.60 -50.79
C ARG J 762 99.04 -48.09 -50.48
N HIS J 763 99.70 -48.97 -51.24
CA HIS J 763 99.72 -50.40 -50.96
C HIS J 763 101.15 -50.88 -50.74
N LYS J 764 101.92 -50.14 -49.94
CA LYS J 764 103.34 -50.39 -49.76
C LYS J 764 103.69 -50.43 -48.28
N LYS J 765 104.63 -51.30 -47.92
CA LYS J 765 105.20 -51.36 -46.58
C LYS J 765 106.66 -50.96 -46.64
N PHE J 766 107.13 -50.26 -45.60
CA PHE J 766 108.45 -49.64 -45.61
C PHE J 766 109.26 -50.14 -44.42
N ALA J 767 110.08 -51.17 -44.65
CA ALA J 767 111.04 -51.59 -43.64
C ALA J 767 112.09 -50.52 -43.40
N ASN J 768 112.54 -49.87 -44.47
CA ASN J 768 113.47 -48.74 -44.37
C ASN J 768 113.30 -47.90 -45.63
N VAL J 769 113.92 -46.72 -45.61
CA VAL J 769 113.82 -45.82 -46.77
C VAL J 769 114.55 -46.43 -47.96
N SER J 770 115.73 -47.04 -47.72
CA SER J 770 116.51 -47.59 -48.81
C SER J 770 115.78 -48.75 -49.49
N ASP J 771 115.19 -49.64 -48.71
CA ASP J 771 114.57 -50.85 -49.24
C ASP J 771 113.14 -50.96 -48.77
N GLU J 772 112.22 -51.18 -49.71
CA GLU J 772 110.83 -51.42 -49.39
C GLU J 772 110.23 -52.33 -50.45
N TYR J 773 109.16 -53.03 -50.10
CA TYR J 773 108.52 -53.96 -51.01
C TYR J 773 107.03 -54.00 -50.69
N LEU J 774 106.32 -54.91 -51.33
CA LEU J 774 104.87 -55.04 -51.20
C LEU J 774 104.53 -56.36 -50.53
N GLN J 775 103.64 -56.31 -49.54
CA GLN J 775 103.13 -57.52 -48.90
C GLN J 775 101.99 -58.09 -49.74
N TYR J 776 102.35 -58.48 -50.96
CA TYR J 776 101.39 -58.95 -51.94
C TYR J 776 102.08 -59.95 -52.86
N ILE J 777 101.33 -60.97 -53.28
CA ILE J 777 101.83 -62.00 -54.18
C ILE J 777 100.84 -62.14 -55.34
N PHE J 778 101.36 -62.20 -56.56
CA PHE J 778 100.52 -62.46 -57.72
C PHE J 778 99.88 -63.84 -57.61
N ILE J 779 98.82 -64.06 -58.40
CA ILE J 779 98.16 -65.36 -58.38
C ILE J 779 98.76 -66.33 -59.39
N GLU J 780 99.42 -65.82 -60.43
CA GLU J 780 99.98 -66.70 -61.46
C GLU J 780 101.05 -67.62 -60.89
N ASP J 781 101.94 -67.08 -60.05
CA ASP J 781 102.98 -67.91 -59.46
C ASP J 781 102.46 -68.78 -58.32
N ILE J 782 101.43 -68.33 -57.60
CA ILE J 782 100.88 -69.13 -56.51
C ILE J 782 100.14 -70.35 -57.06
N SER J 783 99.29 -70.13 -58.07
CA SER J 783 98.52 -71.24 -58.63
C SER J 783 99.42 -72.26 -59.30
N SER J 784 100.39 -71.81 -60.08
CA SER J 784 101.30 -72.72 -60.76
C SER J 784 102.37 -73.21 -59.79
N PRO J 785 102.52 -74.54 -59.63
CA PRO J 785 103.55 -75.12 -58.74
C PRO J 785 104.96 -74.72 -59.15
N TRP K 236 11.18 -23.77 -38.33
CA TRP K 236 11.83 -22.47 -38.16
C TRP K 236 13.02 -22.37 -39.10
N GLU K 237 13.49 -21.15 -39.35
CA GLU K 237 14.65 -20.99 -40.21
C GLU K 237 15.88 -21.62 -39.56
N PRO K 238 16.68 -22.35 -40.33
CA PRO K 238 17.77 -23.13 -39.73
C PRO K 238 18.93 -22.27 -39.26
N GLY K 239 18.76 -20.95 -39.30
CA GLY K 239 19.87 -20.06 -39.04
C GLY K 239 20.07 -19.68 -37.58
N PHE K 240 19.08 -19.91 -36.72
CA PHE K 240 19.15 -19.37 -35.36
C PHE K 240 19.71 -20.38 -34.36
N ILE K 241 18.95 -21.43 -34.07
CA ILE K 241 19.27 -22.37 -33.00
C ILE K 241 18.60 -23.70 -33.33
N SER K 242 19.27 -24.80 -32.97
CA SER K 242 18.69 -26.13 -33.12
C SER K 242 17.59 -26.31 -32.07
N PHE K 243 16.84 -27.40 -32.16
CA PHE K 243 15.68 -27.58 -31.31
C PHE K 243 16.08 -27.91 -29.88
N GLU K 244 17.10 -28.75 -29.69
CA GLU K 244 17.47 -29.20 -28.35
C GLU K 244 17.90 -28.02 -27.48
N ASP K 245 18.68 -27.10 -28.06
CA ASP K 245 19.14 -25.95 -27.29
C ASP K 245 17.98 -25.08 -26.85
N ALA K 246 17.01 -24.84 -27.73
CA ALA K 246 15.84 -24.06 -27.35
C ALA K 246 15.03 -24.77 -26.27
N ILE K 247 14.86 -26.08 -26.40
CA ILE K 247 14.09 -26.83 -25.41
C ILE K 247 14.77 -26.76 -24.05
N LYS K 248 16.10 -26.90 -24.01
CA LYS K 248 16.78 -26.85 -22.72
C LYS K 248 16.85 -25.44 -22.17
N ARG K 249 16.85 -24.42 -23.05
CA ARG K 249 16.80 -23.05 -22.57
C ARG K 249 15.47 -22.75 -21.90
N VAL K 250 14.36 -23.14 -22.54
CA VAL K 250 13.05 -22.95 -21.92
C VAL K 250 12.87 -23.88 -20.73
N SER K 251 13.63 -24.97 -20.67
CA SER K 251 13.62 -25.83 -19.50
C SER K 251 14.44 -25.25 -18.36
N LYS K 252 15.50 -24.49 -18.68
CA LYS K 252 16.32 -23.87 -17.65
C LYS K 252 15.63 -22.64 -17.04
N ILE K 253 14.92 -21.88 -17.86
CA ILE K 253 14.31 -20.64 -17.38
C ILE K 253 13.22 -20.91 -16.36
N PHE K 254 12.59 -22.08 -16.43
CA PHE K 254 11.35 -22.30 -15.69
C PHE K 254 11.60 -22.49 -14.20
N ILE K 255 12.73 -23.07 -13.83
CA ILE K 255 13.14 -23.28 -12.44
C ILE K 255 12.09 -24.14 -11.73
N ASN K 256 11.52 -25.11 -12.45
CA ASN K 256 10.59 -26.06 -11.88
C ASN K 256 10.67 -27.36 -12.67
N SER K 257 10.15 -28.42 -12.07
CA SER K 257 10.07 -29.70 -12.76
C SER K 257 9.06 -29.63 -13.90
N ILE K 258 9.31 -30.42 -14.93
CA ILE K 258 8.47 -30.45 -16.12
C ILE K 258 8.02 -31.88 -16.38
N ILE K 259 6.77 -32.03 -16.83
CA ILE K 259 6.21 -33.33 -17.14
C ILE K 259 6.24 -33.60 -18.64
N ASN K 260 5.77 -32.65 -19.45
CA ASN K 260 5.68 -32.81 -20.89
C ASN K 260 7.00 -32.49 -21.61
N PHE K 261 8.12 -32.53 -20.88
CA PHE K 261 9.41 -32.33 -21.52
C PHE K 261 9.74 -33.45 -22.50
N ASN K 262 9.45 -34.70 -22.12
CA ASN K 262 9.87 -35.84 -22.92
C ASN K 262 9.00 -36.01 -24.16
N ASP K 263 7.74 -35.57 -24.10
CA ASP K 263 6.83 -35.67 -25.23
C ASP K 263 6.84 -34.43 -26.10
N LEU K 264 7.62 -33.41 -25.75
CA LEU K 264 7.64 -32.18 -26.52
C LEU K 264 8.33 -32.42 -27.87
N ASP K 265 7.71 -31.93 -28.93
CA ASP K 265 8.23 -32.13 -30.29
C ASP K 265 8.31 -30.81 -31.04
N GLU K 266 8.59 -30.89 -32.34
CA GLU K 266 8.80 -29.70 -33.16
C GLU K 266 7.49 -29.13 -33.69
N ASN K 267 6.62 -29.97 -34.24
CA ASN K 267 5.38 -29.49 -34.83
C ASN K 267 4.48 -28.84 -33.79
N ASN K 268 4.36 -29.46 -32.61
CA ASN K 268 3.52 -28.93 -31.54
C ASN K 268 4.34 -27.93 -30.75
N PHE K 269 4.26 -26.66 -31.17
CA PHE K 269 4.95 -25.57 -30.52
C PHE K 269 4.01 -24.51 -29.95
N THR K 270 2.95 -24.17 -30.68
CA THR K 270 1.97 -23.19 -30.23
C THR K 270 0.59 -23.78 -29.99
N THR K 271 0.40 -25.08 -30.24
CA THR K 271 -0.89 -25.74 -30.06
C THR K 271 -0.95 -26.56 -28.79
N VAL K 272 0.02 -26.44 -27.90
CA VAL K 272 -0.01 -27.15 -26.63
C VAL K 272 0.36 -26.20 -25.50
N PRO K 273 -0.37 -26.23 -24.39
CA PRO K 273 0.09 -25.54 -23.18
C PRO K 273 1.09 -26.42 -22.43
N LEU K 274 1.77 -25.80 -21.48
CA LEU K 274 2.78 -26.51 -20.70
C LEU K 274 2.17 -26.94 -19.37
N VAL K 275 2.38 -28.20 -19.01
CA VAL K 275 1.89 -28.75 -17.75
C VAL K 275 2.99 -28.63 -16.72
N ILE K 276 2.62 -28.33 -15.47
CA ILE K 276 3.59 -28.03 -14.43
C ILE K 276 3.27 -28.87 -13.21
N ASP K 277 4.30 -29.35 -12.53
CA ASP K 277 4.18 -29.85 -11.16
C ASP K 277 5.01 -28.90 -10.29
N TYR K 278 4.36 -27.91 -9.70
CA TYR K 278 5.05 -26.90 -8.93
C TYR K 278 5.54 -27.44 -7.59
N VAL K 279 6.75 -27.99 -7.58
CA VAL K 279 7.35 -28.39 -6.30
C VAL K 279 7.60 -27.14 -5.45
N THR K 280 7.93 -26.03 -6.10
CA THR K 280 8.08 -24.73 -5.50
C THR K 280 7.08 -23.76 -6.14
N PRO K 281 6.84 -22.60 -5.50
CA PRO K 281 5.97 -21.61 -6.12
C PRO K 281 6.48 -21.17 -7.49
N CYS K 282 5.54 -20.83 -8.36
CA CYS K 282 5.86 -20.55 -9.76
C CYS K 282 6.82 -19.38 -9.87
N ALA K 283 7.84 -19.55 -10.72
CA ALA K 283 8.82 -18.50 -10.98
C ALA K 283 8.25 -17.38 -11.85
N LEU K 284 7.05 -17.56 -12.40
CA LEU K 284 6.41 -16.49 -13.16
C LEU K 284 6.03 -15.32 -12.25
N CYS K 285 5.12 -15.56 -11.31
CA CYS K 285 4.60 -14.49 -10.47
C CYS K 285 4.52 -14.90 -9.00
N LYS K 286 5.52 -15.64 -8.52
CA LYS K 286 5.64 -16.09 -7.13
C LYS K 286 4.31 -16.55 -6.55
N LYS K 287 3.53 -17.27 -7.35
CA LYS K 287 2.24 -17.82 -6.94
C LYS K 287 2.40 -19.26 -6.49
N ARG K 288 1.47 -19.71 -5.66
CA ARG K 288 1.48 -21.11 -5.22
C ARG K 288 1.40 -22.05 -6.39
N SER K 289 0.49 -21.80 -7.32
CA SER K 289 0.29 -22.59 -8.52
C SER K 289 -0.70 -21.84 -9.41
N HIS K 290 -0.75 -22.23 -10.67
CA HIS K 290 -1.61 -21.58 -11.65
C HIS K 290 -2.82 -22.46 -11.90
N LYS K 291 -4.02 -21.87 -11.80
CA LYS K 291 -5.22 -22.62 -12.10
C LYS K 291 -5.26 -23.08 -13.56
N HIS K 292 -4.49 -22.43 -14.43
CA HIS K 292 -4.44 -22.75 -15.84
C HIS K 292 -2.99 -22.92 -16.29
N PRO K 293 -2.75 -23.74 -17.31
CA PRO K 293 -1.38 -23.99 -17.75
C PRO K 293 -0.79 -22.79 -18.47
N HIS K 294 0.49 -22.93 -18.82
CA HIS K 294 1.22 -21.91 -19.56
C HIS K 294 1.37 -22.33 -21.02
N GLN K 295 1.15 -21.38 -21.93
CA GLN K 295 1.27 -21.62 -23.36
C GLN K 295 2.29 -20.67 -23.93
N LEU K 296 2.91 -21.08 -25.04
CA LEU K 296 3.96 -20.32 -25.69
C LEU K 296 3.68 -20.24 -27.18
N SER K 297 4.08 -19.11 -27.78
CA SER K 297 3.82 -18.83 -29.18
C SER K 297 5.09 -18.29 -29.84
N LEU K 298 5.19 -18.49 -31.15
CA LEU K 298 6.34 -18.05 -31.93
C LEU K 298 5.98 -16.78 -32.69
N GLU K 299 6.78 -15.74 -32.48
CA GLU K 299 6.57 -14.47 -33.16
C GLU K 299 7.94 -13.82 -33.38
N ASN K 300 8.12 -13.26 -34.58
CA ASN K 300 9.35 -12.56 -34.93
C ASN K 300 10.59 -13.43 -34.67
N GLY K 301 10.47 -14.72 -34.98
CA GLY K 301 11.54 -15.64 -34.69
C GLY K 301 11.85 -15.78 -33.22
N ALA K 302 10.89 -15.46 -32.36
CA ALA K 302 11.10 -15.51 -30.92
C ALA K 302 9.89 -16.14 -30.26
N ILE K 303 10.08 -16.61 -29.04
CA ILE K 303 9.06 -17.32 -28.28
C ILE K 303 8.68 -16.50 -27.07
N ARG K 304 7.38 -16.29 -26.88
CA ARG K 304 6.85 -15.54 -25.75
C ARG K 304 6.30 -16.51 -24.71
N ILE K 305 6.67 -16.27 -23.45
CA ILE K 305 6.21 -17.09 -22.34
C ILE K 305 5.07 -16.36 -21.64
N TYR K 306 3.91 -17.02 -21.54
CA TYR K 306 2.75 -16.42 -20.90
C TYR K 306 1.93 -17.52 -20.25
N LYS K 307 0.78 -17.14 -19.70
CA LYS K 307 -0.12 -18.05 -19.01
C LYS K 307 -1.48 -18.05 -19.69
N THR K 308 -2.08 -19.24 -19.83
CA THR K 308 -3.39 -19.35 -20.43
C THR K 308 -4.45 -18.70 -19.55
N GLY K 309 -5.37 -17.97 -20.17
CA GLY K 309 -6.41 -17.27 -19.44
C GLY K 309 -6.15 -15.79 -19.28
N ASN K 310 -6.05 -15.32 -18.03
CA ASN K 310 -5.83 -13.92 -17.72
C ASN K 310 -4.58 -13.78 -16.85
N PRO K 311 -3.40 -13.64 -17.45
CA PRO K 311 -2.17 -13.42 -16.68
C PRO K 311 -2.00 -11.98 -16.22
N HIS K 312 -3.07 -11.41 -15.67
CA HIS K 312 -3.04 -10.03 -15.19
C HIS K 312 -2.12 -9.89 -13.99
N SER K 313 -2.20 -10.83 -13.05
CA SER K 313 -1.29 -10.84 -11.89
C SER K 313 -0.09 -11.74 -12.16
N CYS K 314 0.55 -11.55 -13.32
CA CYS K 314 1.65 -12.41 -13.75
C CYS K 314 2.66 -11.56 -14.50
N LYS K 315 3.78 -12.19 -14.84
CA LYS K 315 4.84 -11.53 -15.59
C LYS K 315 4.89 -12.08 -17.01
N VAL K 316 5.79 -11.51 -17.81
CA VAL K 316 6.01 -11.94 -19.18
C VAL K 316 7.51 -12.14 -19.37
N LYS K 317 7.90 -13.33 -19.82
CA LYS K 317 9.29 -13.66 -20.08
C LYS K 317 9.49 -13.86 -21.58
N ILE K 318 10.64 -13.39 -22.07
CA ILE K 318 10.99 -13.49 -23.49
C ILE K 318 12.28 -14.26 -23.60
N VAL K 319 12.29 -15.29 -24.45
CA VAL K 319 13.48 -16.09 -24.72
C VAL K 319 13.98 -15.73 -26.11
N PRO K 320 15.14 -15.09 -26.23
CA PRO K 320 15.63 -14.68 -27.54
C PRO K 320 16.14 -15.87 -28.35
N LEU K 321 16.22 -15.65 -29.66
CA LEU K 321 16.76 -16.64 -30.61
C LEU K 321 17.85 -15.95 -31.42
N ASP K 322 19.10 -16.05 -30.95
CA ASP K 322 20.24 -15.43 -31.59
C ASP K 322 21.41 -16.41 -31.62
N GLY K 323 21.67 -16.99 -32.78
CA GLY K 323 22.76 -17.93 -32.93
C GLY K 323 24.04 -17.32 -33.44
N ASN K 324 24.61 -16.38 -32.68
CA ASN K 324 25.85 -15.71 -33.04
C ASN K 324 25.74 -15.07 -34.42
N LYS K 325 24.95 -14.00 -34.52
CA LYS K 325 24.71 -13.36 -35.81
C LYS K 325 26.00 -13.02 -36.54
N LEU K 326 27.07 -12.74 -35.80
CA LEU K 326 28.37 -12.54 -36.44
C LEU K 326 28.83 -13.82 -37.15
N PHE K 327 28.69 -14.96 -36.48
CA PHE K 327 29.01 -16.22 -37.15
C PHE K 327 28.08 -16.50 -38.31
N ASN K 328 26.81 -16.07 -38.19
CA ASN K 328 25.87 -16.27 -39.29
C ASN K 328 26.27 -15.47 -40.51
N ILE K 329 26.65 -14.20 -40.33
CA ILE K 329 27.08 -13.39 -41.47
C ILE K 329 28.42 -13.88 -41.98
N ALA K 330 29.26 -14.45 -41.10
CA ALA K 330 30.51 -15.05 -41.56
C ALA K 330 30.23 -16.24 -42.47
N GLN K 331 29.24 -17.06 -42.13
CA GLN K 331 28.86 -18.16 -42.99
C GLN K 331 28.23 -17.64 -44.29
N ARG K 332 27.51 -16.52 -44.20
CA ARG K 332 26.90 -15.94 -45.40
C ARG K 332 27.95 -15.45 -46.39
N ILE K 333 28.93 -14.70 -45.90
CA ILE K 333 29.92 -14.10 -46.81
C ILE K 333 30.79 -15.18 -47.44
N LEU K 334 31.10 -16.23 -46.67
CA LEU K 334 31.97 -17.28 -47.18
C LEU K 334 31.39 -17.92 -48.45
N ASP K 335 30.07 -17.90 -48.59
CA ASP K 335 29.44 -18.51 -49.76
C ASP K 335 29.84 -17.80 -51.05
N THR K 336 30.11 -16.49 -50.97
CA THR K 336 30.50 -15.73 -52.15
C THR K 336 31.89 -16.10 -52.65
N ASN K 337 32.65 -16.91 -51.89
CA ASN K 337 33.98 -17.35 -52.28
C ASN K 337 34.92 -16.18 -52.54
N SER K 338 34.79 -15.12 -51.74
CA SER K 338 35.65 -13.96 -51.86
C SER K 338 36.90 -14.04 -50.98
N VAL K 339 36.98 -15.05 -50.11
CA VAL K 339 38.14 -15.26 -49.26
C VAL K 339 38.71 -16.64 -49.61
N LEU K 340 39.93 -16.65 -50.13
CA LEU K 340 40.59 -17.87 -50.53
C LEU K 340 41.99 -17.94 -49.95
N LEU K 341 42.47 -19.16 -49.73
CA LEU K 341 43.81 -19.40 -49.24
C LEU K 341 44.53 -20.33 -50.21
N THR K 342 45.82 -20.06 -50.43
CA THR K 342 46.62 -20.83 -51.35
C THR K 342 47.58 -21.73 -50.58
N GLU K 343 48.38 -22.50 -51.33
CA GLU K 343 49.38 -23.37 -50.73
C GLU K 343 50.52 -22.58 -50.09
N ARG K 344 50.67 -21.31 -50.45
CA ARG K 344 51.70 -20.45 -49.91
C ARG K 344 51.29 -19.77 -48.61
N GLY K 345 50.10 -20.07 -48.11
CA GLY K 345 49.63 -19.46 -46.88
C GLY K 345 49.20 -18.02 -47.00
N ASP K 346 48.88 -17.57 -48.21
CA ASP K 346 48.51 -16.18 -48.46
C ASP K 346 47.02 -16.10 -48.78
N HIS K 347 46.37 -15.05 -48.26
CA HIS K 347 44.93 -14.84 -48.44
C HIS K 347 44.70 -13.84 -49.55
N ILE K 348 44.12 -14.30 -50.65
CA ILE K 348 43.76 -13.43 -51.76
C ILE K 348 42.27 -13.14 -51.67
N VAL K 349 41.91 -11.87 -51.87
CA VAL K 349 40.51 -11.45 -51.84
C VAL K 349 40.13 -10.94 -53.23
N TRP K 350 38.83 -10.91 -53.48
CA TRP K 350 38.29 -10.44 -54.75
C TRP K 350 37.65 -9.07 -54.51
N ILE K 351 38.37 -8.02 -54.90
CA ILE K 351 37.96 -6.65 -54.62
C ILE K 351 38.05 -5.85 -55.91
N ASN K 352 37.10 -4.92 -56.09
CA ASN K 352 37.03 -4.01 -57.24
C ASN K 352 37.38 -4.71 -58.55
N ASN K 353 36.73 -5.87 -58.76
CA ASN K 353 36.91 -6.65 -59.98
C ASN K 353 38.38 -7.04 -60.16
N SER K 354 39.00 -7.51 -59.08
CA SER K 354 40.43 -7.84 -59.12
C SER K 354 40.79 -8.69 -57.91
N TRP K 355 41.48 -9.79 -58.15
CA TRP K 355 42.04 -10.57 -57.05
C TRP K 355 43.21 -9.82 -56.45
N LYS K 356 43.17 -9.59 -55.14
CA LYS K 356 44.21 -8.84 -54.46
C LYS K 356 44.59 -9.52 -53.15
N PHE K 357 45.79 -9.20 -52.68
CA PHE K 357 46.28 -9.75 -51.42
C PHE K 357 47.33 -8.80 -50.85
N ASN K 358 47.66 -9.01 -49.57
CA ASN K 358 48.68 -8.21 -48.92
C ASN K 358 49.49 -9.12 -48.00
N SER K 359 50.81 -8.92 -48.01
CA SER K 359 51.71 -9.79 -47.28
C SER K 359 51.61 -9.57 -45.77
N GLU K 360 51.61 -8.32 -45.34
CA GLU K 360 51.74 -7.98 -43.93
C GLU K 360 50.45 -7.49 -43.28
N GLU K 361 49.41 -7.23 -44.07
CA GLU K 361 48.13 -6.83 -43.49
C GLU K 361 47.00 -7.20 -44.45
N PRO K 362 46.39 -8.37 -44.27
CA PRO K 362 45.37 -8.83 -45.22
C PRO K 362 44.18 -7.88 -45.28
N LEU K 363 43.55 -7.85 -46.45
CA LEU K 363 42.40 -6.99 -46.71
C LEU K 363 41.08 -7.64 -46.32
N ILE K 364 41.11 -8.62 -45.42
CA ILE K 364 39.88 -9.32 -45.03
C ILE K 364 38.92 -8.36 -44.35
N THR K 365 39.42 -7.53 -43.43
CA THR K 365 38.57 -6.53 -42.81
C THR K 365 38.06 -5.52 -43.83
N LYS K 366 38.92 -5.12 -44.77
CA LYS K 366 38.50 -4.23 -45.84
C LYS K 366 37.41 -4.87 -46.70
N LEU K 367 37.57 -6.16 -47.01
CA LEU K 367 36.55 -6.87 -47.76
C LEU K 367 35.24 -6.94 -46.97
N ILE K 368 35.35 -7.14 -45.65
CA ILE K 368 34.16 -7.17 -44.80
C ILE K 368 33.42 -5.85 -44.89
N LEU K 369 34.16 -4.75 -44.75
CA LEU K 369 33.53 -3.43 -44.80
C LEU K 369 32.93 -3.15 -46.17
N SER K 370 33.65 -3.51 -47.23
CA SER K 370 33.19 -3.23 -48.58
C SER K 370 31.91 -4.01 -48.90
N ILE K 371 31.85 -5.28 -48.50
CA ILE K 371 30.70 -6.14 -48.83
C ILE K 371 29.49 -5.88 -47.95
N ARG K 372 29.56 -4.88 -47.06
CA ARG K 372 28.47 -4.62 -46.14
C ARG K 372 27.19 -4.22 -46.86
N HIS K 373 27.28 -3.74 -48.10
CA HIS K 373 26.12 -3.27 -48.83
C HIS K 373 25.42 -4.38 -49.62
N GLN K 374 25.94 -5.61 -49.58
CA GLN K 374 25.39 -6.71 -50.37
C GLN K 374 24.70 -7.76 -49.51
N LEU K 375 24.29 -7.38 -48.29
CA LEU K 375 23.68 -8.32 -47.35
C LEU K 375 22.32 -7.80 -46.91
N PRO K 376 21.52 -8.59 -46.21
CA PRO K 376 20.28 -8.06 -45.63
C PRO K 376 20.55 -6.90 -44.69
N LYS K 377 19.63 -5.93 -44.70
CA LYS K 377 19.85 -4.68 -43.99
C LYS K 377 20.01 -4.87 -42.50
N GLU K 378 19.46 -5.95 -41.95
CA GLU K 378 19.70 -6.25 -40.54
C GLU K 378 21.18 -6.50 -40.29
N TYR K 379 21.83 -7.23 -41.19
CA TYR K 379 23.22 -7.61 -40.99
C TYR K 379 24.19 -6.47 -41.26
N SER K 380 23.77 -5.44 -41.99
CA SER K 380 24.70 -4.40 -42.42
C SER K 380 25.26 -3.63 -41.24
N SER K 381 24.40 -3.28 -40.27
CA SER K 381 24.82 -2.42 -39.16
C SER K 381 25.89 -3.06 -38.30
N GLU K 382 26.00 -4.39 -38.28
CA GLU K 382 27.00 -5.05 -37.46
C GLU K 382 28.40 -4.72 -37.94
N LEU K 383 28.60 -4.65 -39.25
CA LEU K 383 29.91 -4.45 -39.84
C LEU K 383 30.43 -3.03 -39.65
N LEU K 384 29.68 -2.16 -38.99
CA LEU K 384 30.06 -0.77 -38.80
C LEU K 384 31.06 -0.57 -37.68
N CYS K 385 31.36 -1.60 -36.90
CA CYS K 385 32.30 -1.45 -35.81
C CYS K 385 33.55 -2.27 -36.06
N PRO K 386 34.73 -1.72 -35.75
CA PRO K 386 35.96 -2.51 -35.91
C PRO K 386 35.99 -3.78 -35.08
N ARG K 387 35.37 -3.78 -33.89
CA ARG K 387 35.39 -4.97 -33.05
C ARG K 387 34.63 -6.12 -33.71
N LYS K 388 33.41 -5.85 -34.17
CA LYS K 388 32.62 -6.89 -34.83
C LYS K 388 33.29 -7.36 -36.10
N ARG K 389 33.89 -6.44 -36.86
CA ARG K 389 34.61 -6.82 -38.07
C ARG K 389 35.78 -7.73 -37.72
N LYS K 390 36.50 -7.43 -36.64
CA LYS K 390 37.64 -8.25 -36.24
C LYS K 390 37.18 -9.65 -35.81
N THR K 391 36.08 -9.74 -35.06
CA THR K 391 35.56 -11.05 -34.69
C THR K 391 35.11 -11.84 -35.92
N VAL K 392 34.45 -11.17 -36.86
CA VAL K 392 34.06 -11.84 -38.10
C VAL K 392 35.29 -12.32 -38.85
N GLU K 393 36.36 -11.51 -38.83
CA GLU K 393 37.61 -11.91 -39.45
C GLU K 393 38.17 -13.17 -38.80
N ALA K 394 38.13 -13.24 -37.48
CA ALA K 394 38.58 -14.45 -36.80
C ALA K 394 37.75 -15.65 -37.23
N ASN K 395 36.43 -15.47 -37.34
CA ASN K 395 35.57 -16.55 -37.77
C ASN K 395 35.94 -17.02 -39.18
N ILE K 396 36.17 -16.08 -40.08
CA ILE K 396 36.48 -16.43 -41.47
C ILE K 396 37.83 -17.11 -41.56
N ARG K 397 38.81 -16.64 -40.78
CA ARG K 397 40.12 -17.26 -40.77
C ARG K 397 40.04 -18.68 -40.22
N ASP K 398 39.15 -18.90 -39.26
CA ASP K 398 38.93 -20.26 -38.75
C ASP K 398 38.18 -21.12 -39.76
N MET K 399 37.30 -20.51 -40.56
CA MET K 399 36.44 -21.29 -41.44
C MET K 399 37.24 -21.97 -42.55
N LEU K 400 38.11 -21.21 -43.22
CA LEU K 400 38.85 -21.76 -44.35
C LEU K 400 39.79 -22.87 -43.89
N VAL K 401 39.82 -23.96 -44.66
CA VAL K 401 40.59 -25.15 -44.32
C VAL K 401 41.52 -25.55 -45.46
N ASP K 402 41.01 -25.59 -46.68
CA ASP K 402 41.72 -26.18 -47.81
C ASP K 402 42.27 -25.10 -48.74
N SER K 403 43.48 -25.33 -49.24
CA SER K 403 44.13 -24.38 -50.12
C SER K 403 43.62 -24.53 -51.56
N VAL K 404 43.60 -23.41 -52.28
CA VAL K 404 43.12 -23.36 -53.65
C VAL K 404 44.18 -22.71 -54.52
N GLU K 405 44.52 -23.35 -55.64
CA GLU K 405 45.55 -22.82 -56.53
C GLU K 405 45.01 -21.62 -57.31
N THR K 406 45.94 -20.78 -57.78
CA THR K 406 45.61 -19.57 -58.50
C THR K 406 46.45 -19.47 -59.77
N ASP K 407 45.93 -18.69 -60.73
CA ASP K 407 46.61 -18.42 -61.99
C ASP K 407 46.94 -19.71 -62.74
N THR K 408 45.87 -20.40 -63.15
CA THR K 408 45.99 -21.68 -63.83
C THR K 408 45.53 -21.66 -65.28
N TYR K 409 45.01 -20.53 -65.77
CA TYR K 409 44.52 -20.45 -67.14
C TYR K 409 45.52 -19.68 -67.99
N PRO K 410 46.18 -20.31 -68.96
CA PRO K 410 47.14 -19.60 -69.82
C PRO K 410 46.54 -18.92 -71.04
N ASP K 411 45.25 -19.11 -71.30
CA ASP K 411 44.61 -18.59 -72.51
C ASP K 411 43.72 -17.38 -72.22
N LYS K 412 44.12 -16.54 -71.27
CA LYS K 412 43.34 -15.37 -70.89
C LYS K 412 44.26 -14.16 -70.79
N LEU K 413 43.66 -12.99 -70.98
CA LEU K 413 44.39 -11.73 -70.86
C LEU K 413 43.83 -10.95 -69.67
N PRO K 414 44.46 -11.02 -68.50
CA PRO K 414 43.90 -10.34 -67.32
C PRO K 414 44.24 -8.86 -67.32
N PHE K 415 43.23 -8.04 -67.08
CA PHE K 415 43.37 -6.59 -66.95
C PHE K 415 43.17 -6.19 -65.50
N LYS K 416 43.23 -4.88 -65.24
CA LYS K 416 42.83 -4.38 -63.93
C LYS K 416 41.32 -4.33 -63.76
N ASN K 417 40.59 -4.07 -64.85
CA ASN K 417 39.13 -3.98 -64.82
C ASN K 417 38.45 -5.29 -65.20
N GLY K 418 39.21 -6.35 -65.44
CA GLY K 418 38.62 -7.62 -65.83
C GLY K 418 39.65 -8.51 -66.49
N VAL K 419 39.14 -9.46 -67.27
CA VAL K 419 39.99 -10.37 -68.05
C VAL K 419 39.45 -10.46 -69.47
N LEU K 420 40.34 -10.85 -70.38
CA LEU K 420 39.97 -11.07 -71.78
C LEU K 420 40.38 -12.47 -72.17
N ASP K 421 39.46 -13.22 -72.77
CA ASP K 421 39.76 -14.56 -73.25
C ASP K 421 40.48 -14.48 -74.60
N LEU K 422 41.66 -15.12 -74.66
CA LEU K 422 42.48 -15.07 -75.86
C LEU K 422 42.09 -16.10 -76.90
N VAL K 423 41.32 -17.12 -76.52
CA VAL K 423 40.89 -18.13 -77.48
C VAL K 423 39.88 -17.55 -78.47
N ASP K 424 38.96 -16.72 -77.97
CA ASP K 424 37.88 -16.18 -78.78
C ASP K 424 38.05 -14.68 -79.03
N GLY K 425 38.19 -13.88 -77.97
CA GLY K 425 38.27 -12.45 -78.12
C GLY K 425 37.11 -11.72 -77.46
N MET K 426 36.61 -12.29 -76.36
CA MET K 426 35.52 -11.70 -75.60
C MET K 426 36.04 -11.13 -74.29
N PHE K 427 35.53 -9.96 -73.93
CA PHE K 427 35.92 -9.27 -72.70
C PHE K 427 35.04 -9.74 -71.55
N TYR K 428 35.67 -10.24 -70.50
CA TYR K 428 34.99 -10.69 -69.30
C TYR K 428 35.30 -9.73 -68.15
N SER K 429 34.24 -9.20 -67.53
CA SER K 429 34.38 -8.21 -66.48
C SER K 429 33.47 -8.58 -65.32
N GLY K 430 33.80 -8.05 -64.14
CA GLY K 430 33.01 -8.36 -62.96
C GLY K 430 33.27 -9.77 -62.48
N ASP K 431 32.20 -10.46 -62.09
CA ASP K 431 32.32 -11.82 -61.56
C ASP K 431 32.87 -12.79 -62.60
N ASP K 432 32.74 -12.47 -63.89
CA ASP K 432 33.32 -13.34 -64.92
C ASP K 432 34.83 -13.41 -64.81
N ALA K 433 35.47 -12.41 -64.21
CA ALA K 433 36.90 -12.43 -64.00
C ALA K 433 37.30 -13.06 -62.67
N LYS K 434 36.33 -13.35 -61.79
CA LYS K 434 36.66 -13.97 -60.50
C LYS K 434 37.16 -15.40 -60.68
N LYS K 435 36.53 -16.16 -61.57
CA LYS K 435 36.95 -17.54 -61.80
C LYS K 435 38.34 -17.58 -62.40
N TYR K 436 38.66 -16.65 -63.30
CA TYR K 436 40.00 -16.53 -63.85
C TYR K 436 40.88 -15.95 -62.75
N THR K 437 41.34 -16.84 -61.87
CA THR K 437 42.07 -16.45 -60.66
C THR K 437 43.53 -16.13 -60.98
N CYS K 438 43.71 -15.26 -61.98
CA CYS K 438 45.03 -14.77 -62.37
C CYS K 438 45.40 -13.63 -61.42
N THR K 439 46.37 -13.88 -60.55
CA THR K 439 46.74 -12.91 -59.52
C THR K 439 47.41 -11.66 -60.07
N VAL K 440 47.79 -11.66 -61.35
CA VAL K 440 48.48 -10.52 -61.94
C VAL K 440 47.57 -9.84 -62.96
N SER K 441 47.81 -8.55 -63.15
CA SER K 441 47.04 -7.75 -64.10
C SER K 441 48.00 -6.95 -64.96
N THR K 442 47.49 -6.48 -66.10
CA THR K 442 48.31 -5.71 -67.03
C THR K 442 48.71 -4.36 -66.45
N GLY K 443 48.11 -3.92 -65.35
CA GLY K 443 48.40 -2.64 -64.76
C GLY K 443 47.61 -1.48 -65.32
N PHE K 444 46.72 -1.73 -66.29
CA PHE K 444 45.89 -0.69 -66.88
C PHE K 444 44.55 -1.30 -67.25
N LYS K 445 43.56 -0.42 -67.42
CA LYS K 445 42.21 -0.83 -67.76
C LYS K 445 42.03 -0.90 -69.28
N PHE K 446 40.88 -1.43 -69.68
CA PHE K 446 40.55 -1.58 -71.09
C PHE K 446 39.70 -0.42 -71.59
N ASP K 447 39.63 -0.28 -72.92
CA ASP K 447 38.82 0.75 -73.55
C ASP K 447 38.40 0.22 -74.92
N ASP K 448 37.14 -0.21 -75.03
CA ASP K 448 36.66 -0.77 -76.28
C ASP K 448 36.51 0.29 -77.37
N THR K 449 36.43 1.56 -77.02
CA THR K 449 36.36 2.61 -78.03
C THR K 449 37.62 2.63 -78.88
N LYS K 450 38.79 2.46 -78.26
CA LYS K 450 40.03 2.34 -79.00
C LYS K 450 40.26 0.93 -79.55
N PHE K 451 39.54 -0.07 -79.03
CA PHE K 451 39.69 -1.45 -79.49
C PHE K 451 38.89 -1.67 -80.77
N VAL K 452 39.23 -0.90 -81.80
CA VAL K 452 38.58 -0.96 -83.09
C VAL K 452 39.65 -1.16 -84.17
N GLU K 453 39.35 -2.03 -85.13
CA GLU K 453 40.33 -2.37 -86.17
C GLU K 453 40.72 -1.15 -87.00
N ASP K 454 39.82 -0.19 -87.16
CA ASP K 454 40.02 0.94 -88.06
C ASP K 454 40.27 2.20 -87.25
N SER K 455 41.50 2.68 -87.28
CA SER K 455 41.90 3.92 -86.63
C SER K 455 43.28 4.31 -87.14
N PRO K 456 43.65 5.59 -87.07
CA PRO K 456 44.98 6.00 -87.55
C PRO K 456 46.12 5.28 -86.84
N GLU K 457 45.96 4.98 -85.55
CA GLU K 457 47.00 4.28 -84.80
C GLU K 457 47.24 2.89 -85.35
N MET K 458 46.17 2.21 -85.76
CA MET K 458 46.31 0.88 -86.34
C MET K 458 47.24 0.90 -87.55
N GLU K 459 46.96 1.80 -88.49
CA GLU K 459 47.77 1.88 -89.71
C GLU K 459 49.18 2.37 -89.42
N GLU K 460 49.32 3.30 -88.47
CA GLU K 460 50.66 3.74 -88.09
C GLU K 460 51.50 2.59 -87.53
N LEU K 461 50.90 1.78 -86.65
CA LEU K 461 51.64 0.65 -86.09
C LEU K 461 51.92 -0.41 -87.15
N MET K 462 50.98 -0.60 -88.08
CA MET K 462 51.22 -1.54 -89.18
C MET K 462 52.39 -1.08 -90.04
N ASN K 463 52.46 0.22 -90.34
CA ASN K 463 53.59 0.75 -91.09
C ASN K 463 54.89 0.61 -90.31
N ILE K 464 54.83 0.83 -88.99
CA ILE K 464 56.02 0.68 -88.16
C ILE K 464 56.54 -0.75 -88.21
N ILE K 465 55.62 -1.73 -88.09
CA ILE K 465 56.01 -3.13 -88.13
C ILE K 465 56.56 -3.50 -89.51
N ASN K 466 55.92 -2.99 -90.57
CA ASN K 466 56.38 -3.30 -91.91
C ASN K 466 57.78 -2.73 -92.16
N ASP K 467 58.05 -1.52 -91.66
CA ASP K 467 59.38 -0.95 -91.79
C ASP K 467 60.40 -1.74 -90.98
N ILE K 468 60.07 -2.05 -89.72
CA ILE K 468 61.02 -2.73 -88.84
C ILE K 468 61.35 -4.12 -89.39
N GLN K 469 60.32 -4.87 -89.77
CA GLN K 469 60.51 -6.19 -90.35
C GLN K 469 59.96 -6.22 -91.77
N PRO K 470 60.82 -6.21 -92.79
CA PRO K 470 60.32 -6.25 -94.17
C PRO K 470 59.51 -7.51 -94.44
N LEU K 471 58.50 -7.35 -95.29
CA LEU K 471 57.60 -8.44 -95.67
C LEU K 471 58.10 -9.22 -96.86
N THR K 472 59.38 -9.12 -97.19
CA THR K 472 59.92 -9.78 -98.37
C THR K 472 59.93 -11.30 -98.19
N ASP K 473 59.93 -12.01 -99.32
CA ASP K 473 59.86 -13.46 -99.29
C ASP K 473 61.09 -14.06 -98.61
N GLU K 474 62.28 -13.53 -98.89
CA GLU K 474 63.47 -14.00 -98.22
C GLU K 474 63.44 -13.68 -96.73
N ASN K 475 62.73 -12.63 -96.34
CA ASN K 475 62.55 -12.26 -94.95
C ASN K 475 61.21 -12.75 -94.38
N LYS K 476 60.44 -13.50 -95.19
CA LYS K 476 59.14 -13.98 -94.73
C LYS K 476 59.28 -14.96 -93.57
N LYS K 477 60.28 -15.85 -93.63
CA LYS K 477 60.48 -16.80 -92.54
C LYS K 477 60.82 -16.08 -91.24
N ASN K 478 61.70 -15.08 -91.31
CA ASN K 478 62.03 -14.30 -90.13
C ASN K 478 60.82 -13.55 -89.60
N ARG K 479 60.01 -12.98 -90.50
CA ARG K 479 58.81 -12.28 -90.07
C ARG K 479 57.83 -13.22 -89.39
N GLU K 480 57.67 -14.43 -89.92
CA GLU K 480 56.79 -15.42 -89.31
C GLU K 480 57.31 -15.85 -87.94
N LEU K 481 58.61 -16.04 -87.81
CA LEU K 481 59.19 -16.38 -86.51
C LEU K 481 58.94 -15.25 -85.51
N TYR K 482 59.12 -14.01 -85.94
CA TYR K 482 58.87 -12.86 -85.08
C TYR K 482 57.40 -12.79 -84.66
N GLU K 483 56.49 -13.03 -85.61
CA GLU K 483 55.06 -13.00 -85.30
C GLU K 483 54.69 -14.08 -84.29
N LYS K 484 55.19 -15.30 -84.50
CA LYS K 484 54.87 -16.39 -83.58
C LYS K 484 55.53 -16.17 -82.22
N THR K 485 56.68 -15.49 -82.19
CA THR K 485 57.32 -15.19 -80.92
C THR K 485 56.53 -14.15 -80.14
N LEU K 486 56.07 -13.08 -80.82
CA LEU K 486 55.24 -12.10 -80.14
C LEU K 486 53.92 -12.70 -79.67
N SER K 487 53.30 -13.54 -80.50
CA SER K 487 52.06 -14.18 -80.11
C SER K 487 52.27 -15.15 -78.95
N SER K 488 53.49 -15.70 -78.82
CA SER K 488 53.77 -16.61 -77.71
C SER K 488 53.95 -15.89 -76.38
N CYS K 489 54.17 -14.56 -76.41
CA CYS K 489 54.35 -13.80 -75.18
C CYS K 489 53.04 -13.58 -74.42
N LEU K 490 51.90 -13.89 -75.03
CA LEU K 490 50.60 -13.66 -74.40
C LEU K 490 50.08 -14.87 -73.64
N CYS K 491 50.23 -16.07 -74.20
CA CYS K 491 49.76 -17.27 -73.52
C CYS K 491 50.61 -17.56 -72.28
N GLY K 492 49.95 -17.77 -71.15
CA GLY K 492 50.64 -17.95 -69.89
C GLY K 492 51.16 -19.36 -69.65
N ALA K 493 51.78 -19.94 -70.67
CA ALA K 493 52.36 -21.28 -70.57
C ALA K 493 53.87 -21.17 -70.42
N THR K 494 54.51 -22.33 -70.25
CA THR K 494 55.96 -22.38 -70.10
C THR K 494 56.62 -22.45 -71.47
N LYS K 495 57.58 -21.56 -71.70
CA LYS K 495 58.21 -21.42 -73.00
C LYS K 495 59.47 -22.28 -73.05
N GLY K 496 59.46 -23.30 -73.91
CA GLY K 496 60.54 -24.25 -74.03
C GLY K 496 61.66 -23.87 -74.97
N CYS K 497 61.62 -22.68 -75.55
CA CYS K 497 62.66 -22.23 -76.47
C CYS K 497 63.03 -20.79 -76.15
N LEU K 498 64.32 -20.49 -76.20
CA LEU K 498 64.83 -19.15 -75.90
C LEU K 498 65.27 -18.51 -77.21
N THR K 499 64.50 -17.52 -77.67
CA THR K 499 64.77 -16.85 -78.93
C THR K 499 65.82 -15.76 -78.75
N PHE K 500 66.39 -15.32 -79.86
CA PHE K 500 67.41 -14.28 -79.88
C PHE K 500 67.07 -13.27 -80.95
N PHE K 501 66.83 -12.01 -80.55
CA PHE K 501 66.57 -10.94 -81.51
C PHE K 501 67.90 -10.35 -81.96
N PHE K 502 68.55 -11.08 -82.87
CA PHE K 502 69.80 -10.61 -83.46
C PHE K 502 69.54 -9.38 -84.33
N GLY K 503 70.43 -8.39 -84.22
CA GLY K 503 70.31 -7.18 -85.00
C GLY K 503 71.23 -6.08 -84.52
N GLU K 504 71.83 -5.36 -85.46
CA GLU K 504 72.82 -4.35 -85.14
C GLU K 504 72.16 -3.18 -84.38
N THR K 505 72.98 -2.19 -84.03
CA THR K 505 72.49 -1.04 -83.30
C THR K 505 71.47 -0.27 -84.14
N ALA K 506 70.40 0.19 -83.49
CA ALA K 506 69.36 1.02 -84.13
C ALA K 506 68.62 0.24 -85.21
N THR K 507 68.12 -0.94 -84.85
CA THR K 507 67.24 -1.71 -85.71
C THR K 507 65.81 -1.74 -85.21
N GLY K 508 65.46 -0.88 -84.25
CA GLY K 508 64.12 -0.83 -83.72
C GLY K 508 63.81 -1.85 -82.65
N LYS K 509 64.76 -2.71 -82.30
CA LYS K 509 64.51 -3.73 -81.28
C LYS K 509 64.20 -3.09 -79.94
N SER K 510 64.91 -2.00 -79.60
CA SER K 510 64.58 -1.28 -78.38
C SER K 510 63.20 -0.66 -78.47
N THR K 511 62.82 -0.14 -79.64
CA THR K 511 61.49 0.40 -79.83
C THR K 511 60.43 -0.67 -79.67
N THR K 512 60.66 -1.86 -80.23
CA THR K 512 59.73 -2.97 -80.04
C THR K 512 59.65 -3.39 -78.59
N LYS K 513 60.79 -3.38 -77.89
CA LYS K 513 60.81 -3.71 -76.46
C LYS K 513 59.95 -2.73 -75.67
N ARG K 514 60.11 -1.43 -75.93
CA ARG K 514 59.32 -0.43 -75.22
C ARG K 514 57.85 -0.54 -75.58
N LEU K 515 57.53 -0.81 -76.84
CA LEU K 515 56.14 -0.95 -77.26
C LEU K 515 55.49 -2.14 -76.59
N LEU K 516 56.20 -3.27 -76.50
CA LEU K 516 55.67 -4.44 -75.82
C LEU K 516 55.53 -4.19 -74.32
N LYS K 517 56.48 -3.45 -73.74
CA LYS K 517 56.37 -3.06 -72.33
C LYS K 517 55.11 -2.25 -72.09
N SER K 518 54.84 -1.29 -72.96
CA SER K 518 53.63 -0.46 -72.81
C SER K 518 52.37 -1.28 -73.08
N ALA K 519 52.46 -2.26 -73.99
CA ALA K 519 51.29 -3.07 -74.32
C ALA K 519 50.90 -3.99 -73.18
N ILE K 520 51.87 -4.72 -72.62
CA ILE K 520 51.56 -5.68 -71.56
C ILE K 520 51.81 -5.12 -70.17
N GLY K 521 52.26 -3.87 -70.07
CA GLY K 521 52.28 -3.20 -68.77
C GLY K 521 53.26 -3.79 -67.79
N ASP K 522 52.80 -4.01 -66.56
CA ASP K 522 53.69 -4.41 -65.47
C ASP K 522 54.30 -5.78 -65.70
N LEU K 523 53.59 -6.67 -66.40
CA LEU K 523 54.09 -8.03 -66.59
C LEU K 523 55.38 -8.05 -67.39
N PHE K 524 55.65 -7.02 -68.18
CA PHE K 524 56.95 -6.88 -68.81
C PHE K 524 57.99 -6.50 -67.77
N VAL K 525 59.15 -7.15 -67.83
CA VAL K 525 60.23 -6.88 -66.89
C VAL K 525 61.55 -6.97 -67.63
N GLU K 526 62.52 -6.18 -67.19
CA GLU K 526 63.86 -6.16 -67.74
C GLU K 526 64.86 -6.71 -66.73
N THR K 527 65.84 -7.46 -67.22
CA THR K 527 66.86 -8.05 -66.37
C THR K 527 68.24 -7.77 -66.94
N GLY K 528 69.23 -7.71 -66.06
CA GLY K 528 70.59 -7.53 -66.49
C GLY K 528 71.16 -8.78 -67.11
N GLN K 529 72.29 -8.61 -67.80
CA GLN K 529 72.94 -9.74 -68.45
C GLN K 529 73.75 -10.59 -67.48
N THR K 530 73.85 -10.18 -66.22
CA THR K 530 74.57 -10.99 -65.24
C THR K 530 73.89 -12.34 -65.03
N ILE K 531 72.55 -12.36 -65.00
CA ILE K 531 71.82 -13.60 -64.75
C ILE K 531 72.12 -14.64 -65.82
N LEU K 532 72.46 -14.21 -67.04
CA LEU K 532 72.91 -15.13 -68.08
C LEU K 532 74.39 -15.46 -67.94
N THR K 533 75.08 -14.88 -66.96
CA THR K 533 76.51 -15.09 -66.76
C THR K 533 76.89 -15.47 -65.34
N ASP K 534 76.12 -15.10 -64.33
CA ASP K 534 76.44 -15.41 -62.94
C ASP K 534 75.59 -16.58 -62.46
N VAL K 535 75.86 -17.02 -61.23
CA VAL K 535 75.12 -18.13 -60.64
C VAL K 535 73.68 -17.70 -60.38
N LEU K 536 72.73 -18.54 -60.78
CA LEU K 536 71.33 -18.26 -60.50
C LEU K 536 70.92 -18.67 -59.10
N ASP K 537 71.63 -19.61 -58.47
CA ASP K 537 71.27 -20.03 -57.12
C ASP K 537 71.82 -19.08 -56.08
N LYS K 538 73.16 -19.02 -55.95
CA LYS K 538 73.85 -18.17 -55.00
C LYS K 538 73.17 -18.14 -53.63
N GLY K 539 72.95 -16.95 -53.10
CA GLY K 539 72.18 -16.78 -51.89
C GLY K 539 70.89 -16.06 -52.19
N PRO K 540 70.65 -14.93 -51.53
CA PRO K 540 69.51 -14.09 -51.90
C PRO K 540 69.64 -13.60 -53.34
N ASN K 541 68.52 -13.58 -54.04
CA ASN K 541 68.52 -13.22 -55.46
C ASN K 541 67.28 -12.39 -55.76
N PRO K 542 67.36 -11.07 -55.58
CA PRO K 542 66.24 -10.21 -55.98
C PRO K 542 65.97 -10.22 -57.48
N PHE K 543 66.98 -10.56 -58.29
CA PHE K 543 66.77 -10.62 -59.73
C PHE K 543 65.89 -11.80 -60.12
N ILE K 544 65.98 -12.91 -59.39
CA ILE K 544 65.08 -14.03 -59.65
C ILE K 544 63.73 -13.83 -58.96
N ALA K 545 63.65 -12.91 -58.01
CA ALA K 545 62.39 -12.63 -57.32
C ALA K 545 61.39 -11.94 -58.22
N ASN K 546 61.84 -11.23 -59.25
CA ASN K 546 60.95 -10.58 -60.20
C ASN K 546 60.53 -11.49 -61.35
N MET K 547 61.15 -12.66 -61.48
CA MET K 547 60.80 -13.56 -62.57
C MET K 547 59.41 -14.17 -62.37
N HIS K 548 59.00 -14.36 -61.13
CA HIS K 548 57.73 -15.03 -60.85
C HIS K 548 56.56 -14.26 -61.45
N LEU K 549 55.63 -15.00 -62.07
CA LEU K 549 54.36 -14.44 -62.56
C LEU K 549 54.60 -13.37 -63.62
N LYS K 550 55.34 -13.72 -64.67
CA LYS K 550 55.58 -12.81 -65.78
C LYS K 550 55.16 -13.47 -67.09
N ARG K 551 54.89 -12.63 -68.09
CA ARG K 551 54.47 -13.08 -69.41
C ARG K 551 55.53 -12.89 -70.49
N SER K 552 56.52 -12.03 -70.25
CA SER K 552 57.62 -11.83 -71.19
C SER K 552 58.79 -11.14 -70.50
N VAL K 553 59.99 -11.73 -70.59
CA VAL K 553 61.18 -11.21 -69.94
C VAL K 553 62.21 -10.85 -70.99
N PHE K 554 62.83 -9.69 -70.82
CA PHE K 554 63.85 -9.19 -71.74
C PHE K 554 65.14 -8.91 -70.99
N CYS K 555 66.25 -9.13 -71.68
CA CYS K 555 67.56 -8.68 -71.22
C CYS K 555 68.28 -8.03 -72.40
N SER K 556 68.89 -6.88 -72.15
CA SER K 556 69.50 -6.09 -73.22
C SER K 556 70.91 -5.69 -72.81
N GLU K 557 71.64 -5.12 -73.77
CA GLU K 557 73.00 -4.64 -73.58
C GLU K 557 73.95 -5.79 -73.21
N LEU K 558 74.09 -6.72 -74.15
CA LEU K 558 75.00 -7.83 -73.97
C LEU K 558 76.44 -7.34 -73.84
N PRO K 559 77.24 -7.93 -72.96
CA PRO K 559 78.68 -7.68 -72.99
C PRO K 559 79.32 -8.44 -74.14
N ASP K 560 79.29 -7.83 -75.33
CA ASP K 560 79.68 -8.48 -76.58
C ASP K 560 81.00 -9.22 -76.43
N PHE K 561 81.01 -10.49 -76.83
CA PHE K 561 82.16 -11.36 -76.68
C PHE K 561 83.22 -11.12 -77.76
N ALA K 562 83.12 -10.03 -78.51
CA ALA K 562 84.19 -9.68 -79.44
C ALA K 562 85.45 -9.28 -78.68
N CYS K 563 85.28 -8.73 -77.48
CA CYS K 563 86.40 -8.36 -76.62
C CYS K 563 86.50 -9.31 -75.45
N SER K 564 87.71 -9.78 -75.17
CA SER K 564 87.93 -10.69 -74.05
C SER K 564 87.77 -9.94 -72.72
N GLY K 565 87.11 -10.60 -71.76
CA GLY K 565 86.89 -10.01 -70.46
C GLY K 565 85.54 -10.33 -69.87
N SER K 566 84.63 -10.85 -70.69
CA SER K 566 83.29 -11.21 -70.26
C SER K 566 83.13 -12.72 -70.28
N LYS K 567 82.66 -13.29 -69.17
CA LYS K 567 82.45 -14.72 -69.10
C LYS K 567 81.30 -15.16 -70.01
N LYS K 568 81.42 -16.37 -70.54
CA LYS K 568 80.44 -16.88 -71.49
C LYS K 568 79.12 -17.22 -70.79
N ILE K 569 78.09 -17.44 -71.61
CA ILE K 569 76.78 -17.78 -71.09
C ILE K 569 76.83 -19.14 -70.41
N ARG K 570 76.30 -19.21 -69.18
CA ARG K 570 76.19 -20.48 -68.49
C ARG K 570 75.05 -21.29 -69.09
N SER K 571 75.37 -22.43 -69.70
CA SER K 571 74.37 -23.22 -70.39
C SER K 571 73.35 -23.81 -69.41
N ASP K 572 73.77 -24.08 -68.17
CA ASP K 572 72.83 -24.62 -67.19
C ASP K 572 71.70 -23.64 -66.91
N ASN K 573 71.98 -22.34 -67.00
CA ASN K 573 70.91 -21.35 -66.83
C ASN K 573 69.85 -21.49 -67.91
N ILE K 574 70.28 -21.71 -69.16
CA ILE K 574 69.32 -21.88 -70.26
C ILE K 574 68.58 -23.20 -70.10
N LYS K 575 69.28 -24.26 -69.67
CA LYS K 575 68.63 -25.55 -69.49
C LYS K 575 67.58 -25.51 -68.39
N LYS K 576 67.88 -24.82 -67.28
CA LYS K 576 66.95 -24.76 -66.15
C LYS K 576 65.84 -23.75 -66.34
N LEU K 577 65.98 -22.79 -67.25
CA LEU K 577 64.93 -21.83 -67.51
C LEU K 577 63.78 -22.41 -68.33
N THR K 578 63.97 -23.60 -68.89
CA THR K 578 62.90 -24.28 -69.63
C THR K 578 61.83 -24.85 -68.70
N GLU K 579 62.22 -25.37 -67.55
CA GLU K 579 61.26 -25.93 -66.62
C GLU K 579 60.38 -24.83 -66.02
N PRO K 580 59.10 -25.12 -65.80
CA PRO K 580 58.19 -24.10 -65.26
C PRO K 580 58.61 -23.58 -63.89
N CYS K 581 59.32 -24.38 -63.11
CA CYS K 581 59.81 -23.97 -61.80
C CYS K 581 61.32 -23.72 -61.90
N VAL K 582 61.74 -22.55 -61.44
CA VAL K 582 63.14 -22.14 -61.50
C VAL K 582 63.71 -22.11 -60.09
N ILE K 583 64.93 -22.63 -59.95
CA ILE K 583 65.57 -22.73 -58.65
C ILE K 583 66.10 -21.35 -58.25
N GLY K 584 65.63 -20.84 -57.11
CA GLY K 584 66.05 -19.54 -56.66
C GLY K 584 65.22 -19.01 -55.50
N ARG K 585 65.70 -17.94 -54.88
CA ARG K 585 65.06 -17.35 -53.71
C ARG K 585 65.05 -15.84 -53.82
N PRO K 586 64.01 -15.19 -53.30
CA PRO K 586 64.07 -13.73 -53.11
C PRO K 586 64.97 -13.36 -51.94
N CYS K 587 64.99 -12.09 -51.57
CA CYS K 587 65.81 -11.64 -50.44
C CYS K 587 65.21 -12.14 -49.13
N PHE K 588 65.93 -13.04 -48.45
CA PHE K 588 65.51 -13.59 -47.17
C PHE K 588 64.14 -14.28 -47.28
N SER K 589 64.09 -15.30 -48.14
CA SER K 589 62.85 -16.02 -48.38
C SER K 589 63.14 -17.49 -48.62
N ASN K 590 62.28 -18.36 -48.10
CA ASN K 590 62.43 -19.80 -48.21
C ASN K 590 61.59 -20.41 -49.34
N LYS K 591 60.88 -19.59 -50.11
CA LYS K 591 60.00 -20.11 -51.16
C LYS K 591 60.84 -20.39 -52.40
N ILE K 592 61.27 -21.64 -52.55
CA ILE K 592 62.08 -22.07 -53.68
C ILE K 592 61.31 -22.07 -55.00
N ASN K 593 60.03 -22.46 -54.97
CA ASN K 593 59.28 -22.75 -56.18
C ASN K 593 58.63 -21.48 -56.72
N ASN K 594 58.81 -21.22 -58.01
CA ASN K 594 58.20 -20.11 -58.71
C ASN K 594 57.60 -20.60 -60.02
N ARG K 595 57.04 -19.68 -60.79
CA ARG K 595 56.37 -19.98 -62.04
C ARG K 595 57.11 -19.35 -63.21
N ASN K 596 57.33 -20.13 -64.27
CA ASN K 596 57.98 -19.67 -65.48
C ASN K 596 56.94 -19.66 -66.62
N HIS K 597 56.28 -18.52 -66.80
CA HIS K 597 55.30 -18.35 -67.86
C HIS K 597 55.65 -17.22 -68.81
N ALA K 598 56.91 -16.77 -68.81
CA ALA K 598 57.34 -15.60 -69.58
C ALA K 598 58.29 -16.04 -70.68
N THR K 599 58.02 -15.59 -71.90
CA THR K 599 58.93 -15.84 -73.01
C THR K 599 60.24 -15.09 -72.79
N ILE K 600 61.35 -15.75 -73.10
CA ILE K 600 62.68 -15.21 -72.87
C ILE K 600 63.25 -14.75 -74.22
N ILE K 601 63.51 -13.46 -74.33
CA ILE K 601 63.97 -12.85 -75.57
C ILE K 601 65.30 -12.15 -75.31
N ILE K 602 66.29 -12.45 -76.16
CA ILE K 602 67.64 -11.90 -76.03
C ILE K 602 67.91 -11.07 -77.27
N ASP K 603 68.25 -9.80 -77.08
CA ASP K 603 68.59 -8.92 -78.19
C ASP K 603 70.10 -8.83 -78.34
N THR K 604 70.58 -8.96 -79.57
CA THR K 604 72.00 -9.03 -79.83
C THR K 604 72.33 -8.33 -81.14
N ASN K 605 73.53 -7.76 -81.20
CA ASN K 605 74.09 -7.20 -82.42
C ASN K 605 75.12 -8.13 -83.05
N TYR K 606 75.26 -9.34 -82.52
CA TYR K 606 76.27 -10.28 -82.99
C TYR K 606 75.76 -11.70 -82.75
N LYS K 607 76.39 -12.66 -83.42
CA LYS K 607 75.99 -14.06 -83.27
C LYS K 607 76.31 -14.53 -81.85
N PRO K 608 75.34 -15.08 -81.13
CA PRO K 608 75.63 -15.59 -79.79
C PRO K 608 76.64 -16.71 -79.81
N VAL K 609 77.46 -16.77 -78.75
CA VAL K 609 78.51 -17.78 -78.62
C VAL K 609 78.42 -18.38 -77.22
N PHE K 610 78.61 -19.69 -77.14
CA PHE K 610 78.56 -20.42 -75.88
C PHE K 610 79.81 -21.26 -75.70
N ASP K 611 80.24 -21.41 -74.45
CA ASP K 611 81.43 -22.19 -74.16
C ASP K 611 81.21 -23.67 -74.45
N ARG K 612 80.05 -24.19 -74.09
CA ARG K 612 79.71 -25.59 -74.33
C ARG K 612 78.46 -25.67 -75.19
N ILE K 613 78.41 -26.67 -76.07
CA ILE K 613 77.27 -26.91 -76.94
C ILE K 613 76.98 -28.40 -76.94
N ASP K 614 75.72 -28.76 -76.73
CA ASP K 614 75.31 -30.15 -76.67
C ASP K 614 74.01 -30.33 -77.46
N ASN K 615 73.43 -31.52 -77.33
CA ASN K 615 72.22 -31.84 -78.09
C ASN K 615 71.01 -31.07 -77.59
N ALA K 616 70.94 -30.81 -76.28
CA ALA K 616 69.77 -30.13 -75.71
C ALA K 616 69.76 -28.64 -76.03
N LEU K 617 70.94 -28.01 -76.18
CA LEU K 617 71.00 -26.58 -76.39
C LEU K 617 70.38 -26.19 -77.72
N MET K 618 70.61 -26.97 -78.78
CA MET K 618 70.10 -26.63 -80.10
C MET K 618 68.59 -26.74 -80.20
N ARG K 619 67.93 -27.32 -79.20
CA ARG K 619 66.47 -27.34 -79.14
C ARG K 619 65.90 -26.11 -78.43
N ARG K 620 66.74 -25.28 -77.83
CA ARG K 620 66.30 -24.11 -77.07
C ARG K 620 66.85 -22.82 -77.68
N ILE K 621 67.19 -22.84 -78.96
CA ILE K 621 67.84 -21.72 -79.62
C ILE K 621 66.97 -21.25 -80.77
N ALA K 622 66.83 -19.93 -80.90
CA ALA K 622 66.10 -19.33 -82.00
C ALA K 622 66.62 -17.92 -82.21
N VAL K 623 66.78 -17.53 -83.48
CA VAL K 623 67.34 -16.23 -83.84
C VAL K 623 66.43 -15.55 -84.84
N VAL K 624 66.04 -14.32 -84.53
CA VAL K 624 65.25 -13.49 -85.43
C VAL K 624 66.08 -12.26 -85.78
N ARG K 625 66.35 -12.10 -87.07
CA ARG K 625 67.19 -11.00 -87.54
C ARG K 625 66.39 -9.71 -87.64
N PHE K 626 67.11 -8.60 -87.66
CA PHE K 626 66.52 -7.27 -87.83
C PHE K 626 67.37 -6.50 -88.83
N ARG K 627 66.78 -6.17 -89.99
CA ARG K 627 67.53 -5.52 -91.06
C ARG K 627 66.94 -4.17 -91.40
N THR K 628 66.60 -3.39 -90.37
CA THR K 628 66.06 -2.06 -90.52
C THR K 628 66.94 -1.06 -89.77
N HIS K 629 67.02 0.16 -90.30
CA HIS K 629 67.84 1.22 -89.71
C HIS K 629 66.98 2.44 -89.43
N PHE K 630 67.09 2.96 -88.21
CA PHE K 630 66.45 4.22 -87.83
C PHE K 630 67.57 5.23 -87.59
N SER K 631 67.82 6.06 -88.59
CA SER K 631 68.93 7.01 -88.57
C SER K 631 68.44 8.39 -88.96
N GLN K 632 69.09 9.41 -88.41
CA GLN K 632 68.77 10.78 -88.77
C GLN K 632 69.21 11.08 -90.21
N PRO K 633 68.59 12.04 -90.86
CA PRO K 633 69.01 12.38 -92.24
C PRO K 633 70.46 12.81 -92.34
N SER K 634 71.02 13.41 -91.29
CA SER K 634 72.42 13.82 -91.32
C SER K 634 73.35 12.61 -91.47
N GLY K 635 73.05 11.52 -90.77
CA GLY K 635 73.85 10.32 -90.86
C GLY K 635 73.27 9.31 -91.83
N ARG K 636 72.39 9.77 -92.71
CA ARG K 636 71.74 8.87 -93.66
C ARG K 636 72.74 8.31 -94.67
N GLU K 637 73.78 9.07 -95.00
CA GLU K 637 74.74 8.62 -96.01
C GLU K 637 75.42 7.33 -95.59
N ALA K 638 75.84 7.24 -94.32
CA ALA K 638 76.37 5.99 -93.81
C ALA K 638 75.30 4.93 -93.62
N ALA K 639 74.03 5.34 -93.54
CA ALA K 639 72.94 4.38 -93.43
C ALA K 639 72.64 3.70 -94.78
N GLU K 640 72.71 4.46 -95.88
CA GLU K 640 72.47 3.91 -97.20
C GLU K 640 73.70 3.23 -97.79
N ASN K 641 74.84 3.31 -97.12
CA ASN K 641 76.09 2.73 -97.61
C ASN K 641 76.56 1.59 -96.71
N ASN K 642 75.63 0.71 -96.33
CA ASN K 642 75.94 -0.44 -95.50
C ASN K 642 75.31 -1.69 -96.11
N ASP K 643 76.05 -2.80 -96.08
CA ASP K 643 75.56 -4.05 -96.64
C ASP K 643 74.52 -4.73 -95.77
N ALA K 644 74.55 -4.50 -94.46
CA ALA K 644 73.66 -5.17 -93.52
C ALA K 644 72.32 -4.47 -93.37
N TYR K 645 72.12 -3.32 -94.00
CA TYR K 645 70.87 -2.57 -93.93
C TYR K 645 70.12 -2.79 -95.24
N ASP K 646 69.22 -3.79 -95.25
CA ASP K 646 68.42 -4.10 -96.42
C ASP K 646 67.40 -3.02 -96.74
N LYS K 647 67.16 -2.09 -95.81
CA LYS K 647 66.19 -1.02 -96.02
C LYS K 647 66.55 0.13 -95.08
N VAL K 648 66.46 1.35 -95.60
CA VAL K 648 66.82 2.56 -94.86
C VAL K 648 65.62 3.47 -94.77
N LYS K 649 65.28 3.89 -93.56
CA LYS K 649 64.23 4.88 -93.33
C LYS K 649 64.67 5.82 -92.23
N LEU K 650 64.26 7.08 -92.36
CA LEU K 650 64.65 8.10 -91.38
C LEU K 650 63.98 7.85 -90.04
N LEU K 651 64.73 8.09 -88.97
CA LEU K 651 64.18 7.97 -87.62
C LEU K 651 63.12 9.02 -87.38
N ASP K 652 62.07 8.65 -86.67
CA ASP K 652 60.97 9.54 -86.34
C ASP K 652 61.08 9.95 -84.87
N GLU K 653 61.12 11.26 -84.61
CA GLU K 653 61.14 11.76 -83.24
C GLU K 653 59.78 11.68 -82.58
N GLY K 654 58.71 11.46 -83.33
CA GLY K 654 57.38 11.41 -82.76
C GLY K 654 56.98 10.03 -82.26
N LEU K 655 57.68 8.99 -82.74
CA LEU K 655 57.36 7.64 -82.31
C LEU K 655 57.70 7.43 -80.84
N ASP K 656 58.88 7.91 -80.41
CA ASP K 656 59.26 7.77 -79.00
C ASP K 656 58.29 8.51 -78.09
N GLY K 657 57.93 9.74 -78.46
CA GLY K 657 56.95 10.47 -77.67
C GLY K 657 55.59 9.80 -77.66
N LYS K 658 55.18 9.25 -78.80
CA LYS K 658 53.88 8.58 -78.87
C LYS K 658 53.83 7.34 -77.99
N ILE K 659 54.90 6.54 -78.01
CA ILE K 659 54.92 5.35 -77.15
C ILE K 659 55.05 5.73 -75.69
N GLN K 660 55.74 6.85 -75.40
CA GLN K 660 55.74 7.34 -74.02
C GLN K 660 54.34 7.75 -73.58
N ASN K 661 53.61 8.42 -74.46
CA ASN K 661 52.19 8.68 -74.25
C ASN K 661 51.33 7.43 -74.41
N ASN K 662 51.94 6.33 -74.84
CA ASN K 662 51.26 5.04 -75.00
C ASN K 662 50.12 5.13 -76.01
N ARG K 663 50.39 5.77 -77.14
CA ARG K 663 49.39 5.85 -78.21
C ARG K 663 49.10 4.48 -78.80
N TYR K 664 50.14 3.65 -78.95
CA TYR K 664 50.02 2.34 -79.60
C TYR K 664 49.82 1.21 -78.60
N ARG K 665 49.14 1.48 -77.49
CA ARG K 665 48.85 0.44 -76.52
C ARG K 665 47.77 -0.50 -77.02
N PHE K 666 46.57 0.04 -77.27
CA PHE K 666 45.48 -0.80 -77.74
C PHE K 666 45.71 -1.28 -79.16
N ALA K 667 46.44 -0.50 -79.96
CA ALA K 667 46.80 -0.95 -81.31
C ALA K 667 47.63 -2.22 -81.24
N PHE K 668 48.69 -2.22 -80.42
CA PHE K 668 49.53 -3.40 -80.30
C PHE K 668 48.79 -4.54 -79.61
N LEU K 669 47.89 -4.24 -78.67
CA LEU K 669 47.10 -5.29 -78.06
C LEU K 669 46.22 -5.98 -79.09
N TYR K 670 45.56 -5.21 -79.94
CA TYR K 670 44.74 -5.78 -81.01
C TYR K 670 45.59 -6.59 -81.97
N LEU K 671 46.75 -6.07 -82.35
CA LEU K 671 47.62 -6.77 -83.29
C LEU K 671 48.12 -8.09 -82.71
N LEU K 672 48.54 -8.07 -81.44
CA LEU K 672 48.99 -9.30 -80.79
C LEU K 672 47.85 -10.29 -80.64
N VAL K 673 46.64 -9.81 -80.35
CA VAL K 673 45.50 -10.71 -80.24
C VAL K 673 45.23 -11.40 -81.57
N LYS K 674 45.25 -10.63 -82.67
CA LYS K 674 45.04 -11.23 -83.99
C LYS K 674 46.16 -12.21 -84.33
N TRP K 675 47.41 -11.85 -84.02
CA TRP K 675 48.53 -12.74 -84.32
C TRP K 675 48.44 -14.04 -83.53
N TYR K 676 48.05 -13.95 -82.26
CA TYR K 676 47.90 -15.14 -81.43
C TYR K 676 46.70 -15.97 -81.86
N LYS K 677 45.66 -15.33 -82.40
CA LYS K 677 44.57 -16.09 -83.01
C LYS K 677 45.03 -16.80 -84.26
N LYS K 678 45.94 -16.20 -85.03
CA LYS K 678 46.49 -16.85 -86.20
C LYS K 678 47.25 -18.11 -85.82
N TYR K 679 48.07 -18.04 -84.77
CA TYR K 679 48.82 -19.18 -84.26
C TYR K 679 48.23 -19.55 -82.90
N HIS K 680 47.17 -20.35 -82.91
CA HIS K 680 46.51 -20.79 -81.70
C HIS K 680 46.23 -22.29 -81.74
N ILE K 681 47.24 -23.07 -82.08
CA ILE K 681 47.12 -24.52 -81.94
C ILE K 681 47.00 -24.87 -80.47
N PRO K 682 46.07 -25.76 -80.07
CA PRO K 682 45.92 -26.08 -78.64
C PRO K 682 47.21 -26.54 -77.97
N ILE K 683 48.06 -27.26 -78.69
CA ILE K 683 49.40 -27.58 -78.21
C ILE K 683 50.35 -26.49 -78.69
N MET K 684 51.10 -25.91 -77.75
CA MET K 684 52.03 -24.82 -78.05
C MET K 684 53.45 -25.33 -77.90
N LYS K 685 54.25 -25.17 -78.95
CA LYS K 685 55.64 -25.61 -78.94
C LYS K 685 56.39 -24.83 -80.01
N LEU K 686 57.24 -23.89 -79.59
CA LEU K 686 58.03 -23.13 -80.55
C LEU K 686 59.08 -24.02 -81.19
N TYR K 687 59.36 -23.77 -82.47
CA TYR K 687 60.31 -24.58 -83.22
C TYR K 687 61.70 -23.98 -83.14
N PRO K 688 62.69 -24.69 -82.63
CA PRO K 688 64.05 -24.13 -82.54
C PRO K 688 64.66 -23.94 -83.92
N THR K 689 65.55 -22.95 -84.01
CA THR K 689 66.24 -22.62 -85.27
C THR K 689 67.74 -22.55 -85.02
N PRO K 690 68.40 -23.71 -84.88
CA PRO K 690 69.86 -23.70 -84.74
C PRO K 690 70.59 -23.51 -86.07
N GLU K 691 69.87 -23.47 -87.19
CA GLU K 691 70.50 -23.42 -88.49
C GLU K 691 71.24 -22.10 -88.72
N GLU K 692 70.64 -20.99 -88.30
CA GLU K 692 71.22 -19.68 -88.60
C GLU K 692 72.57 -19.49 -87.89
N ILE K 693 72.67 -19.95 -86.65
CA ILE K 693 73.86 -19.72 -85.83
C ILE K 693 75.03 -20.54 -86.35
N PRO K 694 76.16 -19.90 -86.70
CA PRO K 694 77.31 -20.67 -87.19
C PRO K 694 77.95 -21.57 -86.14
N ASP K 695 77.69 -21.33 -84.86
CA ASP K 695 78.34 -22.12 -83.81
C ASP K 695 77.87 -23.57 -83.83
N PHE K 696 76.59 -23.81 -84.12
CA PHE K 696 76.06 -25.15 -84.21
C PHE K 696 76.31 -25.80 -85.57
N ALA K 697 76.88 -25.05 -86.52
CA ALA K 697 77.14 -25.61 -87.85
C ALA K 697 78.13 -26.76 -87.79
N PHE K 698 79.19 -26.60 -87.00
CA PHE K 698 80.16 -27.69 -86.84
C PHE K 698 79.51 -28.91 -86.20
N TYR K 699 78.68 -28.70 -85.18
CA TYR K 699 77.97 -29.81 -84.57
C TYR K 699 76.88 -30.35 -85.49
N LEU K 700 76.35 -29.51 -86.39
CA LEU K 700 75.40 -30.00 -87.37
C LEU K 700 76.09 -30.78 -88.49
N LYS K 701 77.27 -30.32 -88.92
CA LYS K 701 77.97 -30.98 -90.01
C LYS K 701 78.37 -32.40 -89.62
N ILE K 702 78.91 -32.58 -88.41
CA ILE K 702 79.32 -33.91 -87.99
C ILE K 702 78.11 -34.83 -87.84
N GLY K 703 76.95 -34.27 -87.53
CA GLY K 703 75.73 -35.08 -87.52
C GLY K 703 75.34 -35.57 -88.89
N THR K 704 75.52 -34.73 -89.91
CA THR K 704 75.13 -35.06 -91.28
C THR K 704 76.30 -35.54 -92.13
N LEU K 705 77.51 -35.64 -91.58
CA LEU K 705 78.66 -36.12 -92.33
C LEU K 705 79.38 -37.30 -91.71
N LEU K 706 79.13 -37.59 -90.43
CA LEU K 706 79.77 -38.72 -89.76
C LEU K 706 78.71 -39.66 -89.23
N VAL K 707 78.93 -40.96 -89.46
CA VAL K 707 78.02 -42.00 -89.00
C VAL K 707 78.82 -43.01 -88.18
N SER K 708 78.29 -43.36 -87.01
CA SER K 708 78.97 -44.33 -86.15
C SER K 708 78.96 -45.72 -86.78
N SER K 709 80.03 -46.46 -86.55
CA SER K 709 80.08 -47.85 -86.99
C SER K 709 79.03 -48.67 -86.24
N SER K 710 78.31 -49.49 -86.99
CA SER K 710 77.24 -50.31 -86.43
C SER K 710 77.08 -51.55 -87.29
N VAL K 711 76.01 -52.32 -87.02
CA VAL K 711 75.74 -53.52 -87.81
C VAL K 711 75.41 -53.18 -89.26
N LYS K 712 74.97 -51.95 -89.54
CA LYS K 712 74.68 -51.56 -90.91
C LYS K 712 75.94 -51.56 -91.77
N HIS K 713 77.07 -51.13 -91.20
CA HIS K 713 78.32 -51.05 -91.93
C HIS K 713 79.21 -52.27 -91.75
N ILE K 714 78.78 -53.26 -90.96
CA ILE K 714 79.61 -54.46 -90.77
C ILE K 714 79.79 -55.26 -92.06
N PRO K 715 78.73 -55.58 -92.83
CA PRO K 715 78.95 -56.41 -94.03
C PRO K 715 79.46 -55.62 -95.22
N LEU K 716 80.39 -54.71 -94.99
CA LEU K 716 81.09 -54.02 -96.07
C LEU K 716 82.55 -53.73 -95.73
N MET K 717 83.09 -54.40 -94.71
CA MET K 717 84.44 -54.11 -94.24
C MET K 717 85.51 -54.42 -95.27
N THR K 718 85.21 -55.26 -96.26
CA THR K 718 86.18 -55.56 -97.32
C THR K 718 86.53 -54.30 -98.10
N ASP K 719 85.54 -53.47 -98.42
CA ASP K 719 85.82 -52.19 -99.04
C ASP K 719 86.62 -51.28 -98.12
N LEU K 720 86.29 -51.28 -96.82
CA LEU K 720 86.95 -50.41 -95.87
C LEU K 720 88.40 -50.83 -95.61
N SER K 721 88.76 -52.08 -95.92
CA SER K 721 90.14 -52.52 -95.71
C SER K 721 91.10 -51.73 -96.60
N LYS K 722 90.71 -51.47 -97.84
CA LYS K 722 91.53 -50.70 -98.77
C LYS K 722 91.29 -49.20 -98.67
N LYS K 723 90.36 -48.77 -97.82
CA LYS K 723 90.11 -47.35 -97.60
C LYS K 723 90.85 -46.79 -96.40
N GLY K 724 91.60 -47.62 -95.67
CA GLY K 724 92.33 -47.18 -94.50
C GLY K 724 91.66 -47.48 -93.17
N TYR K 725 90.52 -48.15 -93.18
CA TYR K 725 89.81 -48.49 -91.95
C TYR K 725 90.27 -49.84 -91.41
N ILE K 726 90.01 -50.08 -90.13
CA ILE K 726 90.35 -51.33 -89.46
C ILE K 726 89.13 -51.84 -88.71
N LEU K 727 89.15 -53.12 -88.39
CA LEU K 727 88.06 -53.79 -87.70
C LEU K 727 88.53 -54.24 -86.32
N TYR K 728 87.73 -53.92 -85.30
CA TYR K 728 87.98 -54.37 -83.94
C TYR K 728 86.65 -54.75 -83.31
N ASP K 729 86.57 -55.96 -82.76
CA ASP K 729 85.34 -56.56 -82.23
C ASP K 729 84.14 -56.26 -83.13
N ASN K 730 84.34 -56.49 -84.43
CA ASN K 730 83.31 -56.27 -85.44
C ASN K 730 82.86 -54.81 -85.49
N VAL K 731 83.76 -53.89 -85.12
CA VAL K 731 83.49 -52.46 -85.14
C VAL K 731 84.58 -51.78 -85.95
N VAL K 732 84.20 -50.99 -86.94
CA VAL K 732 85.16 -50.29 -87.78
C VAL K 732 85.61 -49.01 -87.08
N THR K 733 86.92 -48.86 -86.92
CA THR K 733 87.50 -47.74 -86.20
C THR K 733 88.52 -47.02 -87.07
N LEU K 734 88.88 -45.81 -86.64
CA LEU K 734 89.83 -44.97 -87.35
C LEU K 734 90.82 -44.37 -86.36
N PRO K 735 92.13 -44.43 -86.63
CA PRO K 735 93.10 -43.81 -85.72
C PRO K 735 92.97 -42.29 -85.70
N LEU K 736 93.63 -41.69 -84.71
CA LEU K 736 93.54 -40.24 -84.52
C LEU K 736 94.10 -39.48 -85.71
N THR K 737 95.27 -39.89 -86.20
CA THR K 737 95.94 -39.14 -87.26
C THR K 737 95.14 -39.18 -88.56
N THR K 738 94.65 -40.36 -88.93
CA THR K 738 93.87 -40.48 -90.16
C THR K 738 92.56 -39.71 -90.06
N PHE K 739 91.90 -39.76 -88.90
CA PHE K 739 90.67 -39.01 -88.71
C PHE K 739 90.92 -37.50 -88.81
N GLN K 740 92.01 -37.03 -88.19
CA GLN K 740 92.33 -35.60 -88.26
C GLN K 740 92.66 -35.18 -89.68
N GLN K 741 93.37 -36.03 -90.42
CA GLN K 741 93.69 -35.71 -91.82
C GLN K 741 92.43 -35.68 -92.67
N LYS K 742 91.52 -36.62 -92.46
CA LYS K 742 90.32 -36.70 -93.30
C LYS K 742 89.29 -35.64 -92.95
N ILE K 743 89.20 -35.25 -91.68
CA ILE K 743 88.28 -34.16 -91.32
C ILE K 743 88.79 -32.83 -91.87
N SER K 744 90.10 -32.68 -92.01
CA SER K 744 90.66 -31.46 -92.58
C SER K 744 90.36 -31.30 -94.05
N LYS K 745 89.95 -32.36 -94.74
CA LYS K 745 89.60 -32.26 -96.15
C LYS K 745 88.39 -31.38 -96.36
N TYR K 746 87.38 -31.50 -95.49
CA TYR K 746 86.14 -30.75 -95.67
C TYR K 746 86.32 -29.29 -95.21
N PHE K 747 86.63 -29.09 -93.94
CA PHE K 747 86.79 -27.77 -93.36
C PHE K 747 88.22 -27.55 -92.91
N ASN K 748 88.61 -26.28 -92.84
CA ASN K 748 89.96 -25.93 -92.44
C ASN K 748 90.22 -26.32 -90.99
N SER K 749 91.48 -26.62 -90.71
CA SER K 749 91.88 -27.10 -89.38
C SER K 749 92.11 -25.96 -88.39
N ARG K 750 92.60 -24.81 -88.86
CA ARG K 750 93.01 -23.75 -87.94
C ARG K 750 91.80 -23.12 -87.24
N LEU K 751 90.75 -22.80 -88.00
CA LEU K 751 89.61 -22.10 -87.42
C LEU K 751 88.90 -22.96 -86.38
N PHE K 752 88.76 -24.25 -86.65
CA PHE K 752 88.05 -25.16 -85.76
C PHE K 752 88.98 -26.16 -85.08
N GLY K 753 90.18 -25.71 -84.73
CA GLY K 753 91.13 -26.60 -84.06
C GLY K 753 90.66 -27.02 -82.68
N HIS K 754 90.15 -26.07 -81.89
CA HIS K 754 89.67 -26.40 -80.56
C HIS K 754 88.45 -27.32 -80.62
N ASP K 755 87.53 -27.05 -81.55
CA ASP K 755 86.37 -27.92 -81.69
C ASP K 755 86.80 -29.31 -82.13
N ILE K 756 87.78 -29.40 -83.01
CA ILE K 756 88.28 -30.71 -83.47
C ILE K 756 88.91 -31.46 -82.30
N GLU K 757 89.73 -30.77 -81.49
CA GLU K 757 90.37 -31.45 -80.38
C GLU K 757 89.34 -31.89 -79.33
N SER K 758 88.31 -31.08 -79.10
CA SER K 758 87.24 -31.48 -78.19
C SER K 758 86.51 -32.70 -78.73
N PHE K 759 86.22 -32.71 -80.03
CA PHE K 759 85.54 -33.85 -80.64
C PHE K 759 86.39 -35.11 -80.51
N ILE K 760 87.70 -34.99 -80.74
CA ILE K 760 88.58 -36.15 -80.65
C ILE K 760 88.65 -36.67 -79.21
N ASN K 761 88.83 -35.77 -78.26
CA ASN K 761 88.97 -36.17 -76.86
C ASN K 761 87.65 -36.60 -76.22
N ARG K 762 86.51 -36.30 -76.84
CA ARG K 762 85.23 -36.72 -76.30
C ARG K 762 84.64 -37.93 -77.01
N HIS K 763 85.06 -38.22 -78.24
CA HIS K 763 84.44 -39.28 -79.03
C HIS K 763 85.37 -40.44 -79.37
N LYS K 764 86.62 -40.41 -78.93
CA LYS K 764 87.54 -41.49 -79.24
C LYS K 764 87.46 -42.59 -78.18
N LYS K 765 87.67 -43.82 -78.62
CA LYS K 765 87.68 -44.97 -77.74
C LYS K 765 89.11 -45.45 -77.51
N PHE K 766 89.25 -46.44 -76.64
CA PHE K 766 90.56 -46.95 -76.23
C PHE K 766 90.56 -48.47 -76.32
N ALA K 767 91.09 -49.01 -77.42
CA ALA K 767 91.37 -50.43 -77.48
C ALA K 767 92.41 -50.82 -76.43
N ASN K 768 93.44 -49.99 -76.28
CA ASN K 768 94.41 -50.11 -75.21
C ASN K 768 94.97 -48.72 -74.95
N VAL K 769 95.95 -48.63 -74.05
CA VAL K 769 96.59 -47.34 -73.82
C VAL K 769 97.45 -46.95 -75.03
N SER K 770 98.20 -47.90 -75.58
CA SER K 770 99.07 -47.61 -76.71
C SER K 770 98.29 -47.23 -77.97
N ASP K 771 97.20 -47.94 -78.24
CA ASP K 771 96.42 -47.74 -79.46
C ASP K 771 95.07 -47.15 -79.11
N GLU K 772 94.72 -46.05 -79.78
CA GLU K 772 93.44 -45.37 -79.60
C GLU K 772 92.82 -45.13 -80.97
N TYR K 773 91.49 -45.15 -81.01
CA TYR K 773 90.76 -44.98 -82.27
C TYR K 773 89.38 -44.40 -81.97
N LEU K 774 88.62 -44.18 -83.02
CA LEU K 774 87.26 -43.65 -82.93
C LEU K 774 86.31 -44.60 -83.64
N GLN K 775 85.16 -44.86 -83.03
CA GLN K 775 84.16 -45.76 -83.59
C GLN K 775 83.28 -45.03 -84.60
N TYR K 776 83.93 -44.39 -85.57
CA TYR K 776 83.26 -43.56 -86.57
C TYR K 776 83.69 -43.97 -87.96
N ILE K 777 82.75 -43.86 -88.90
CA ILE K 777 82.98 -44.14 -90.32
C ILE K 777 82.49 -42.95 -91.12
N PHE K 778 83.31 -42.52 -92.08
CA PHE K 778 82.88 -41.46 -92.99
C PHE K 778 81.84 -41.99 -93.97
N ILE K 779 80.90 -41.12 -94.35
CA ILE K 779 79.81 -41.53 -95.23
C ILE K 779 80.25 -41.68 -96.67
N GLU K 780 81.38 -41.07 -97.05
CA GLU K 780 81.82 -41.14 -98.44
C GLU K 780 82.18 -42.56 -98.85
N ASP K 781 82.80 -43.32 -97.95
CA ASP K 781 83.16 -44.70 -98.27
C ASP K 781 81.93 -45.60 -98.28
N ILE K 782 80.98 -45.35 -97.38
CA ILE K 782 79.75 -46.14 -97.36
C ILE K 782 78.92 -45.88 -98.61
N SER K 783 78.93 -44.64 -99.10
CA SER K 783 78.16 -44.32 -100.30
C SER K 783 78.67 -45.10 -101.51
N SER K 784 79.99 -45.24 -101.64
CA SER K 784 80.56 -46.03 -102.72
C SER K 784 80.45 -47.52 -102.38
N PRO K 785 79.76 -48.32 -103.20
CA PRO K 785 79.57 -49.76 -102.95
C PRO K 785 80.89 -50.54 -102.93
N TRP L 236 41.81 -20.17 13.70
CA TRP L 236 42.16 -19.25 12.62
C TRP L 236 43.22 -19.85 11.71
N GLU L 237 42.78 -20.45 10.61
CA GLU L 237 43.72 -20.87 9.58
C GLU L 237 44.29 -19.63 8.90
N PRO L 238 45.61 -19.49 8.82
CA PRO L 238 46.19 -18.25 8.29
C PRO L 238 46.08 -18.15 6.77
N GLY L 239 45.34 -19.05 6.16
CA GLY L 239 45.15 -19.04 4.71
C GLY L 239 44.08 -18.10 4.21
N PHE L 240 43.37 -17.40 5.11
CA PHE L 240 42.30 -16.50 4.70
C PHE L 240 42.68 -15.02 4.79
N ILE L 241 42.97 -14.54 6.00
CA ILE L 241 43.17 -13.11 6.22
C ILE L 241 43.89 -12.91 7.54
N SER L 242 44.70 -11.86 7.63
CA SER L 242 45.47 -11.58 8.83
C SER L 242 44.60 -10.89 9.88
N PHE L 243 45.19 -10.64 11.04
CA PHE L 243 44.43 -10.03 12.14
C PHE L 243 44.18 -8.56 11.87
N GLU L 244 45.19 -7.84 11.39
CA GLU L 244 45.05 -6.40 11.15
C GLU L 244 44.02 -6.12 10.07
N ASP L 245 44.05 -6.88 8.98
CA ASP L 245 43.05 -6.65 7.92
C ASP L 245 41.66 -7.00 8.40
N ALA L 246 41.53 -8.05 9.22
CA ALA L 246 40.21 -8.38 9.78
C ALA L 246 39.69 -7.26 10.66
N ILE L 247 40.56 -6.69 11.50
CA ILE L 247 40.14 -5.58 12.36
C ILE L 247 39.74 -4.39 11.51
N LYS L 248 40.52 -4.08 10.48
CA LYS L 248 40.19 -2.95 9.61
C LYS L 248 38.86 -3.17 8.90
N ARG L 249 38.62 -4.38 8.41
CA ARG L 249 37.37 -4.65 7.71
C ARG L 249 36.19 -4.55 8.66
N VAL L 250 36.32 -5.09 9.88
CA VAL L 250 35.25 -4.98 10.86
C VAL L 250 34.95 -3.52 11.17
N SER L 251 36.00 -2.71 11.36
CA SER L 251 35.81 -1.30 11.68
C SER L 251 35.16 -0.55 10.53
N LYS L 252 35.59 -0.81 9.29
CA LYS L 252 35.05 -0.06 8.15
C LYS L 252 33.62 -0.50 7.83
N ILE L 253 33.27 -1.76 8.13
CA ILE L 253 31.88 -2.15 8.05
C ILE L 253 31.06 -1.48 9.15
N PHE L 254 31.66 -1.34 10.33
CA PHE L 254 30.92 -0.79 11.48
C PHE L 254 30.55 0.67 11.28
N ILE L 255 31.36 1.42 10.53
CA ILE L 255 31.14 2.83 10.18
C ILE L 255 30.86 3.69 11.40
N ASN L 256 31.24 3.21 12.59
CA ASN L 256 31.00 3.95 13.81
C ASN L 256 32.22 3.84 14.73
N SER L 257 32.35 4.82 15.61
CA SER L 257 33.43 4.83 16.58
C SER L 257 33.22 3.74 17.63
N ILE L 258 34.33 3.23 18.16
CA ILE L 258 34.30 2.16 19.16
C ILE L 258 35.23 2.54 20.29
N ILE L 259 34.83 2.21 21.52
CA ILE L 259 35.66 2.50 22.68
C ILE L 259 36.87 1.58 22.74
N ASN L 260 36.68 0.30 22.43
CA ASN L 260 37.72 -0.72 22.64
C ASN L 260 38.52 -1.01 21.38
N PHE L 261 38.84 0.03 20.60
CA PHE L 261 39.68 -0.15 19.41
C PHE L 261 41.00 -0.81 19.75
N ASN L 262 41.69 -0.29 20.77
CA ASN L 262 43.00 -0.82 21.11
C ASN L 262 42.91 -2.02 22.05
N ASP L 263 41.97 -2.00 22.99
CA ASP L 263 41.87 -3.06 23.99
C ASP L 263 41.50 -4.42 23.39
N LEU L 264 40.93 -4.43 22.18
CA LEU L 264 40.53 -5.69 21.56
C LEU L 264 41.74 -6.56 21.29
N ASP L 265 41.61 -7.86 21.56
CA ASP L 265 42.68 -8.82 21.34
C ASP L 265 42.16 -10.05 20.59
N GLU L 266 43.07 -10.69 19.86
CA GLU L 266 42.72 -11.74 18.91
C GLU L 266 42.14 -12.98 19.60
N ASN L 267 42.72 -13.41 20.73
CA ASN L 267 42.26 -14.65 21.34
C ASN L 267 40.83 -14.52 21.87
N ASN L 268 40.44 -13.32 22.30
CA ASN L 268 39.07 -13.05 22.74
C ASN L 268 38.35 -12.30 21.63
N PHE L 269 37.72 -13.07 20.73
CA PHE L 269 36.97 -12.50 19.62
C PHE L 269 35.48 -12.79 19.72
N THR L 270 35.09 -14.06 19.82
CA THR L 270 33.69 -14.45 19.81
C THR L 270 33.02 -14.34 21.17
N THR L 271 33.76 -14.02 22.22
CA THR L 271 33.21 -13.91 23.56
C THR L 271 33.17 -12.48 24.10
N VAL L 272 33.98 -11.59 23.56
CA VAL L 272 34.06 -10.23 24.09
C VAL L 272 32.88 -9.40 23.59
N PRO L 273 32.13 -8.77 24.48
CA PRO L 273 31.12 -7.81 24.04
C PRO L 273 31.77 -6.52 23.56
N LEU L 274 31.03 -5.79 22.73
CA LEU L 274 31.52 -4.56 22.14
C LEU L 274 30.80 -3.37 22.77
N VAL L 275 31.58 -2.37 23.18
CA VAL L 275 31.05 -1.09 23.66
C VAL L 275 31.25 -0.06 22.56
N ILE L 276 30.17 0.64 22.20
CA ILE L 276 30.17 1.56 21.06
C ILE L 276 29.56 2.87 21.50
N ASP L 277 30.22 3.98 21.14
CA ASP L 277 29.66 5.31 21.30
C ASP L 277 28.87 5.64 20.03
N TYR L 278 27.55 5.62 20.13
CA TYR L 278 26.70 5.81 18.95
C TYR L 278 26.49 7.30 18.70
N VAL L 279 27.60 7.95 18.30
CA VAL L 279 27.52 9.33 17.85
C VAL L 279 26.69 9.44 16.58
N THR L 280 26.59 8.34 15.84
CA THR L 280 25.79 8.22 14.63
C THR L 280 24.76 7.11 14.82
N PRO L 281 23.71 7.10 14.00
CA PRO L 281 22.78 5.96 14.04
C PRO L 281 23.52 4.67 13.75
N CYS L 282 23.17 3.62 14.50
CA CYS L 282 23.86 2.35 14.37
C CYS L 282 23.60 1.74 13.00
N ALA L 283 24.66 1.36 12.29
CA ALA L 283 24.51 0.77 10.97
C ALA L 283 23.77 -0.56 11.03
N LEU L 284 23.82 -1.23 12.18
CA LEU L 284 23.12 -2.51 12.33
C LEU L 284 21.61 -2.32 12.32
N CYS L 285 21.11 -1.28 12.98
CA CYS L 285 19.67 -1.14 13.19
C CYS L 285 19.13 0.25 12.85
N LYS L 286 20.00 1.23 12.56
CA LYS L 286 19.57 2.59 12.25
C LYS L 286 18.69 3.17 13.35
N LYS L 287 19.03 2.84 14.59
CA LYS L 287 18.32 3.33 15.77
C LYS L 287 19.25 4.22 16.59
N ARG L 288 18.64 4.99 17.50
CA ARG L 288 19.38 6.00 18.24
C ARG L 288 20.47 5.37 19.11
N SER L 289 20.14 4.30 19.81
CA SER L 289 21.12 3.63 20.66
C SER L 289 20.67 2.19 20.87
N HIS L 290 21.61 1.35 21.31
CA HIS L 290 21.36 -0.05 21.59
C HIS L 290 21.58 -0.31 23.08
N LYS L 291 20.56 -0.85 23.73
CA LYS L 291 20.71 -1.29 25.12
C LYS L 291 21.60 -2.51 25.22
N HIS L 292 21.72 -3.30 24.14
CA HIS L 292 22.48 -4.52 24.01
C HIS L 292 23.80 -4.27 23.31
N PRO L 293 24.88 -4.89 23.78
CA PRO L 293 26.16 -4.77 23.08
C PRO L 293 26.20 -5.58 21.81
N HIS L 294 27.37 -5.68 21.19
CA HIS L 294 27.55 -6.46 19.97
C HIS L 294 28.48 -7.63 20.22
N GLN L 295 28.36 -8.64 19.37
CA GLN L 295 29.15 -9.85 19.46
C GLN L 295 29.38 -10.40 18.06
N LEU L 296 30.43 -11.20 17.91
CA LEU L 296 30.77 -11.81 16.63
C LEU L 296 30.93 -13.31 16.80
N SER L 297 30.61 -14.06 15.74
CA SER L 297 30.69 -15.52 15.76
C SER L 297 31.36 -16.03 14.49
N LEU L 298 32.23 -17.02 14.65
CA LEU L 298 32.92 -17.64 13.53
C LEU L 298 32.14 -18.87 13.09
N GLU L 299 31.83 -18.96 11.80
CA GLU L 299 31.08 -20.08 11.26
C GLU L 299 31.49 -20.33 9.82
N ASN L 300 31.52 -21.61 9.44
CA ASN L 300 31.84 -22.09 8.09
C ASN L 300 33.01 -21.34 7.46
N GLY L 301 34.05 -21.09 8.24
CA GLY L 301 35.17 -20.30 7.75
C GLY L 301 34.83 -18.86 7.49
N ALA L 302 33.98 -18.26 8.33
CA ALA L 302 33.59 -16.88 8.19
C ALA L 302 33.15 -16.35 9.54
N ILE L 303 33.16 -15.03 9.69
CA ILE L 303 32.82 -14.37 10.94
C ILE L 303 31.49 -13.64 10.77
N ARG L 304 30.58 -13.85 11.69
CA ARG L 304 29.28 -13.19 11.69
C ARG L 304 29.16 -12.26 12.89
N ILE L 305 28.86 -11.00 12.63
CA ILE L 305 28.70 -9.99 13.67
C ILE L 305 27.21 -9.76 13.89
N TYR L 306 26.80 -9.71 15.15
CA TYR L 306 25.39 -9.67 15.50
C TYR L 306 25.22 -8.94 16.82
N LYS L 307 23.97 -8.58 17.12
CA LYS L 307 23.62 -7.84 18.32
C LYS L 307 22.92 -8.77 19.31
N THR L 308 23.35 -8.71 20.57
CA THR L 308 22.83 -9.61 21.58
C THR L 308 21.39 -9.27 21.95
N GLY L 309 20.71 -10.24 22.53
CA GLY L 309 19.32 -10.05 22.96
C GLY L 309 18.32 -10.57 21.92
N ASN L 310 17.60 -9.64 21.29
CA ASN L 310 16.63 -10.00 20.25
C ASN L 310 17.11 -9.45 18.91
N PRO L 311 17.72 -10.28 18.06
CA PRO L 311 18.16 -9.83 16.73
C PRO L 311 17.10 -10.01 15.66
N HIS L 312 15.91 -9.47 15.91
CA HIS L 312 14.78 -9.65 14.99
C HIS L 312 14.67 -8.50 13.98
N SER L 313 14.53 -7.28 14.48
CA SER L 313 14.40 -6.09 13.64
C SER L 313 15.76 -5.42 13.42
N CYS L 314 16.74 -6.17 12.96
CA CYS L 314 18.10 -5.67 12.81
C CYS L 314 18.74 -6.36 11.62
N LYS L 315 20.05 -6.24 11.51
CA LYS L 315 20.82 -6.91 10.46
C LYS L 315 22.02 -7.62 11.08
N VAL L 316 22.40 -8.73 10.47
CA VAL L 316 23.55 -9.53 10.90
C VAL L 316 24.62 -9.43 9.82
N LYS L 317 25.85 -9.12 10.23
CA LYS L 317 26.94 -8.87 9.30
C LYS L 317 27.68 -10.18 9.02
N ILE L 318 27.83 -10.49 7.74
CA ILE L 318 28.53 -11.69 7.29
C ILE L 318 29.66 -11.26 6.36
N VAL L 319 30.87 -11.73 6.65
CA VAL L 319 32.06 -11.39 5.88
C VAL L 319 32.74 -12.68 5.47
N PRO L 320 33.25 -12.79 4.23
CA PRO L 320 34.03 -13.97 3.85
C PRO L 320 35.46 -13.87 4.34
N LEU L 321 36.11 -15.03 4.40
CA LEU L 321 37.53 -15.13 4.77
C LEU L 321 38.22 -15.97 3.71
N ASP L 322 38.65 -15.31 2.63
CA ASP L 322 39.44 -15.96 1.59
C ASP L 322 40.27 -14.92 0.85
N GLY L 323 41.55 -14.82 1.20
CA GLY L 323 42.38 -13.79 0.60
C GLY L 323 43.19 -14.30 -0.57
N ASN L 324 42.74 -13.92 -1.77
CA ASN L 324 43.39 -14.30 -3.01
C ASN L 324 43.58 -15.81 -3.06
N LYS L 325 42.48 -16.56 -3.18
CA LYS L 325 42.54 -18.01 -3.10
C LYS L 325 43.55 -18.59 -4.07
N LEU L 326 43.71 -17.96 -5.24
CA LEU L 326 44.71 -18.45 -6.19
C LEU L 326 46.12 -18.31 -5.65
N PHE L 327 46.39 -17.26 -4.87
CA PHE L 327 47.71 -17.17 -4.23
C PHE L 327 47.93 -18.32 -3.26
N ASN L 328 46.89 -18.67 -2.48
CA ASN L 328 47.00 -19.81 -1.58
C ASN L 328 47.24 -21.10 -2.37
N ILE L 329 46.54 -21.24 -3.50
CA ILE L 329 46.75 -22.41 -4.36
C ILE L 329 48.19 -22.50 -4.81
N ALA L 330 48.74 -21.37 -5.28
CA ALA L 330 50.12 -21.35 -5.76
C ALA L 330 51.09 -21.68 -4.63
N GLN L 331 50.89 -21.06 -3.46
CA GLN L 331 51.78 -21.32 -2.34
C GLN L 331 51.69 -22.77 -1.89
N ARG L 332 50.55 -23.41 -2.12
CA ARG L 332 50.45 -24.84 -1.84
C ARG L 332 51.15 -25.68 -2.91
N ILE L 333 51.15 -25.21 -4.16
CA ILE L 333 51.80 -25.99 -5.21
C ILE L 333 53.32 -25.98 -5.02
N LEU L 334 53.88 -24.85 -4.61
CA LEU L 334 55.33 -24.78 -4.41
C LEU L 334 55.80 -25.71 -3.30
N ASP L 335 54.91 -26.10 -2.39
CA ASP L 335 55.30 -27.05 -1.36
C ASP L 335 55.66 -28.40 -1.96
N THR L 336 55.03 -28.76 -3.08
CA THR L 336 55.36 -30.01 -3.76
C THR L 336 56.76 -30.01 -4.33
N ASN L 337 57.38 -28.84 -4.47
CA ASN L 337 58.73 -28.72 -5.04
C ASN L 337 58.80 -29.39 -6.41
N SER L 338 57.74 -29.24 -7.19
CA SER L 338 57.66 -29.81 -8.52
C SER L 338 58.20 -28.87 -9.59
N VAL L 339 58.52 -27.64 -9.23
CA VAL L 339 59.13 -26.67 -10.15
C VAL L 339 60.36 -26.06 -9.48
N LEU L 340 61.46 -26.01 -10.23
CA LEU L 340 62.66 -25.32 -9.80
C LEU L 340 63.14 -24.43 -10.94
N LEU L 341 63.93 -23.42 -10.59
CA LEU L 341 64.52 -22.50 -11.55
C LEU L 341 65.97 -22.88 -11.77
N THR L 342 66.39 -22.93 -13.04
CA THR L 342 67.74 -23.34 -13.38
C THR L 342 68.67 -22.14 -13.48
N GLU L 343 69.97 -22.42 -13.39
CA GLU L 343 70.99 -21.40 -13.62
C GLU L 343 71.08 -21.01 -15.09
N ARG L 344 70.48 -21.80 -15.99
CA ARG L 344 70.45 -21.51 -17.41
C ARG L 344 69.31 -20.56 -17.78
N GLY L 345 68.46 -20.20 -16.83
CA GLY L 345 67.40 -19.26 -17.09
C GLY L 345 66.06 -19.86 -17.45
N ASP L 346 65.88 -21.17 -17.24
CA ASP L 346 64.62 -21.83 -17.53
C ASP L 346 64.12 -22.53 -16.29
N HIS L 347 62.88 -23.01 -16.37
CA HIS L 347 62.22 -23.69 -15.27
C HIS L 347 62.11 -25.17 -15.57
N ILE L 348 62.32 -26.00 -14.55
CA ILE L 348 62.20 -27.45 -14.68
C ILE L 348 60.95 -27.90 -13.94
N VAL L 349 60.15 -28.72 -14.60
CA VAL L 349 58.86 -29.15 -14.08
C VAL L 349 58.87 -30.67 -13.93
N TRP L 350 58.02 -31.16 -13.03
CA TRP L 350 58.01 -32.58 -12.63
C TRP L 350 56.67 -33.19 -13.02
N ILE L 351 56.62 -33.83 -14.18
CA ILE L 351 55.42 -34.47 -14.68
C ILE L 351 55.72 -35.95 -14.93
N ASN L 352 54.75 -36.81 -14.63
CA ASN L 352 54.87 -38.24 -14.85
C ASN L 352 56.11 -38.80 -14.15
N ASN L 353 56.43 -38.24 -12.99
CA ASN L 353 57.62 -38.60 -12.23
C ASN L 353 58.88 -38.42 -13.06
N SER L 354 58.92 -37.36 -13.87
CA SER L 354 60.05 -37.07 -14.72
C SER L 354 60.30 -35.57 -14.75
N TRP L 355 61.58 -35.19 -14.72
CA TRP L 355 61.96 -33.79 -14.81
C TRP L 355 61.82 -33.31 -16.25
N LYS L 356 61.08 -32.23 -16.46
CA LYS L 356 60.87 -31.71 -17.80
C LYS L 356 61.10 -30.20 -17.82
N PHE L 357 61.53 -29.71 -18.96
CA PHE L 357 61.73 -28.28 -19.18
C PHE L 357 61.64 -28.01 -20.67
N ASN L 358 61.40 -26.74 -21.00
CA ASN L 358 61.41 -26.32 -22.40
C ASN L 358 61.47 -24.80 -22.52
N SER L 359 62.39 -24.31 -23.34
CA SER L 359 62.49 -22.87 -23.55
C SER L 359 61.33 -22.36 -24.41
N GLU L 360 61.02 -23.07 -25.49
CA GLU L 360 60.01 -22.61 -26.44
C GLU L 360 58.58 -22.79 -25.94
N GLU L 361 58.37 -23.55 -24.88
CA GLU L 361 57.03 -23.75 -24.35
C GLU L 361 57.11 -24.18 -22.88
N PRO L 362 56.96 -23.25 -21.93
CA PRO L 362 56.95 -23.64 -20.52
C PRO L 362 55.80 -24.59 -20.22
N LEU L 363 56.07 -25.54 -19.34
CA LEU L 363 55.09 -26.56 -18.98
C LEU L 363 54.44 -26.31 -17.63
N ILE L 364 54.62 -25.11 -17.08
CA ILE L 364 54.12 -24.81 -15.74
C ILE L 364 52.61 -24.94 -15.68
N THR L 365 51.92 -24.44 -16.72
CA THR L 365 50.46 -24.55 -16.75
C THR L 365 50.02 -26.01 -16.81
N LYS L 366 50.77 -26.86 -17.51
CA LYS L 366 50.46 -28.29 -17.50
C LYS L 366 50.56 -28.87 -16.09
N LEU L 367 51.60 -28.48 -15.35
CA LEU L 367 51.73 -28.95 -13.97
C LEU L 367 50.52 -28.51 -13.15
N ILE L 368 50.20 -27.22 -13.16
CA ILE L 368 49.10 -26.74 -12.33
C ILE L 368 47.80 -27.36 -12.78
N LEU L 369 47.71 -27.76 -14.05
CA LEU L 369 46.59 -28.59 -14.49
C LEU L 369 46.57 -29.91 -13.75
N SER L 370 47.70 -30.61 -13.70
CA SER L 370 47.73 -31.99 -13.24
C SER L 370 48.08 -32.16 -11.77
N ILE L 371 48.24 -31.08 -11.01
CA ILE L 371 48.47 -31.20 -9.58
C ILE L 371 47.27 -30.62 -8.82
N ARG L 372 46.08 -30.77 -9.40
CA ARG L 372 44.87 -30.51 -8.64
C ARG L 372 44.43 -31.73 -7.84
N HIS L 373 44.89 -32.92 -8.23
CA HIS L 373 44.52 -34.13 -7.51
C HIS L 373 45.16 -34.18 -6.14
N GLN L 374 46.45 -33.82 -6.04
CA GLN L 374 47.16 -33.85 -4.76
C GLN L 374 46.71 -32.74 -3.81
N LEU L 375 45.91 -31.79 -4.28
CA LEU L 375 45.44 -30.69 -3.47
C LEU L 375 43.99 -30.92 -3.05
N PRO L 376 43.55 -30.29 -1.95
CA PRO L 376 42.19 -30.52 -1.48
C PRO L 376 41.15 -30.17 -2.53
N LYS L 377 39.94 -30.70 -2.33
CA LYS L 377 38.88 -30.57 -3.33
C LYS L 377 38.48 -29.12 -3.54
N GLU L 378 38.42 -28.33 -2.47
CA GLU L 378 38.07 -26.92 -2.62
C GLU L 378 39.10 -26.19 -3.47
N TYR L 379 40.35 -26.64 -3.44
CA TYR L 379 41.39 -26.09 -4.29
C TYR L 379 41.55 -26.88 -5.58
N SER L 380 40.66 -27.83 -5.85
CA SER L 380 40.72 -28.65 -7.05
C SER L 380 39.78 -28.18 -8.14
N SER L 381 38.82 -27.32 -7.82
CA SER L 381 37.80 -26.92 -8.79
C SER L 381 38.13 -25.61 -9.48
N GLU L 382 38.98 -24.77 -8.90
CA GLU L 382 39.24 -23.44 -9.40
C GLU L 382 40.47 -23.37 -10.31
N LEU L 383 40.99 -24.50 -10.75
CA LEU L 383 42.11 -24.54 -11.67
C LEU L 383 41.71 -25.18 -12.99
N LEU L 384 40.47 -24.92 -13.43
CA LEU L 384 39.97 -25.40 -14.70
C LEU L 384 39.71 -24.29 -15.70
N CYS L 385 39.92 -23.03 -15.32
CA CYS L 385 39.76 -21.92 -16.23
C CYS L 385 41.13 -21.39 -16.66
N PRO L 386 41.38 -21.25 -17.95
CA PRO L 386 42.72 -20.84 -18.39
C PRO L 386 43.15 -19.52 -17.80
N ARG L 387 42.23 -18.58 -17.57
CA ARG L 387 42.63 -17.32 -16.95
C ARG L 387 43.20 -17.56 -15.57
N LYS L 388 42.56 -18.43 -14.78
CA LYS L 388 43.08 -18.71 -13.45
C LYS L 388 44.32 -19.59 -13.51
N ARG L 389 44.42 -20.46 -14.52
CA ARG L 389 45.67 -21.19 -14.69
C ARG L 389 46.83 -20.23 -14.94
N LYS L 390 46.61 -19.22 -15.79
CA LYS L 390 47.65 -18.24 -16.07
C LYS L 390 47.95 -17.39 -14.84
N THR L 391 46.92 -17.06 -14.06
CA THR L 391 47.16 -16.29 -12.84
C THR L 391 48.01 -17.09 -11.86
N VAL L 392 47.71 -18.37 -11.68
CA VAL L 392 48.53 -19.21 -10.82
C VAL L 392 49.94 -19.34 -11.40
N GLU L 393 50.04 -19.40 -12.72
CA GLU L 393 51.36 -19.49 -13.34
C GLU L 393 52.19 -18.25 -13.04
N ALA L 394 51.57 -17.07 -13.15
CA ALA L 394 52.27 -15.84 -12.81
C ALA L 394 52.66 -15.81 -11.35
N ASN L 395 51.77 -16.27 -10.47
CA ASN L 395 52.08 -16.32 -9.05
C ASN L 395 53.27 -17.23 -8.78
N ILE L 396 53.29 -18.40 -9.43
CA ILE L 396 54.39 -19.35 -9.23
C ILE L 396 55.69 -18.78 -9.77
N ARG L 397 55.64 -18.14 -10.95
CA ARG L 397 56.84 -17.56 -11.52
C ARG L 397 57.39 -16.46 -10.63
N ASP L 398 56.51 -15.63 -10.07
CA ASP L 398 56.96 -14.57 -9.17
C ASP L 398 57.51 -15.14 -7.87
N MET L 399 56.91 -16.20 -7.33
CA MET L 399 57.38 -16.77 -6.08
C MET L 399 58.72 -17.49 -6.26
N LEU L 400 58.92 -18.13 -7.40
CA LEU L 400 60.16 -18.85 -7.68
C LEU L 400 61.25 -17.83 -7.95
N VAL L 401 62.01 -17.48 -6.90
CA VAL L 401 63.07 -16.48 -7.02
C VAL L 401 64.46 -17.08 -7.09
N ASP L 402 64.66 -18.27 -6.53
CA ASP L 402 66.00 -18.86 -6.42
C ASP L 402 66.24 -19.87 -7.54
N SER L 403 67.44 -19.85 -8.07
CA SER L 403 67.88 -20.80 -9.09
C SER L 403 68.72 -21.90 -8.45
N VAL L 404 68.68 -23.08 -9.07
CA VAL L 404 69.39 -24.25 -8.55
C VAL L 404 70.17 -24.89 -9.69
N GLU L 405 70.98 -25.89 -9.31
CA GLU L 405 71.78 -26.65 -10.25
C GLU L 405 71.11 -28.00 -10.53
N THR L 406 71.42 -28.57 -11.69
CA THR L 406 70.84 -29.84 -12.11
C THR L 406 71.94 -30.79 -12.56
N ASP L 407 71.65 -32.09 -12.40
CA ASP L 407 72.54 -33.17 -12.85
C ASP L 407 73.89 -33.10 -12.15
N THR L 408 73.87 -33.04 -10.82
CA THR L 408 75.07 -33.02 -10.02
C THR L 408 75.57 -34.41 -9.68
N TYR L 409 74.88 -35.46 -10.13
CA TYR L 409 75.30 -36.84 -9.89
C TYR L 409 75.65 -37.49 -11.22
N PRO L 410 76.93 -37.61 -11.57
CA PRO L 410 77.32 -38.29 -12.81
C PRO L 410 77.36 -39.80 -12.72
N ASP L 411 76.76 -40.38 -11.67
CA ASP L 411 76.82 -41.81 -11.42
C ASP L 411 75.42 -42.44 -11.43
N LYS L 412 74.46 -41.81 -12.08
CA LYS L 412 73.09 -42.31 -12.14
C LYS L 412 72.60 -42.22 -13.58
N LEU L 413 71.99 -43.31 -14.07
CA LEU L 413 71.50 -43.34 -15.44
C LEU L 413 69.99 -43.14 -15.44
N PRO L 414 69.49 -42.04 -16.00
CA PRO L 414 68.05 -41.78 -15.96
C PRO L 414 67.28 -42.39 -17.12
N PHE L 415 66.03 -42.75 -16.83
CA PHE L 415 65.09 -43.27 -17.80
C PHE L 415 63.83 -42.40 -17.78
N LYS L 416 62.81 -42.83 -18.53
CA LYS L 416 61.58 -42.05 -18.59
C LYS L 416 60.84 -42.08 -17.26
N ASN L 417 60.70 -43.26 -16.65
CA ASN L 417 59.96 -43.41 -15.42
C ASN L 417 60.80 -43.20 -14.17
N GLY L 418 62.12 -43.08 -14.32
CA GLY L 418 62.97 -42.93 -13.16
C GLY L 418 64.43 -42.90 -13.56
N VAL L 419 65.29 -43.19 -12.59
CA VAL L 419 66.73 -43.18 -12.79
C VAL L 419 67.30 -44.51 -12.32
N LEU L 420 68.24 -45.06 -13.07
CA LEU L 420 68.88 -46.32 -12.73
C LEU L 420 70.18 -46.05 -11.99
N ASP L 421 70.28 -46.55 -10.75
CA ASP L 421 71.50 -46.39 -9.99
C ASP L 421 72.62 -47.24 -10.60
N LEU L 422 73.86 -46.77 -10.44
CA LEU L 422 75.01 -47.47 -10.98
C LEU L 422 75.83 -48.19 -9.90
N VAL L 423 76.07 -47.55 -8.76
CA VAL L 423 76.90 -48.16 -7.73
C VAL L 423 76.21 -49.38 -7.12
N ASP L 424 74.88 -49.32 -6.96
CA ASP L 424 74.13 -50.42 -6.38
C ASP L 424 73.30 -51.17 -7.40
N GLY L 425 72.78 -50.49 -8.41
CA GLY L 425 72.09 -51.11 -9.52
C GLY L 425 70.57 -51.09 -9.43
N MET L 426 70.02 -50.82 -8.25
CA MET L 426 68.57 -50.80 -8.11
C MET L 426 67.98 -49.58 -8.82
N PHE L 427 66.88 -49.82 -9.53
CA PHE L 427 66.21 -48.77 -10.29
C PHE L 427 65.33 -47.94 -9.35
N TYR L 428 65.35 -46.63 -9.53
CA TYR L 428 64.61 -45.72 -8.68
C TYR L 428 63.51 -45.00 -9.45
N SER L 429 62.47 -44.60 -8.73
CA SER L 429 61.33 -43.93 -9.34
C SER L 429 60.59 -43.13 -8.27
N GLY L 430 59.75 -42.20 -8.73
CA GLY L 430 58.93 -41.42 -7.84
C GLY L 430 59.64 -40.25 -7.17
N ASP L 431 59.37 -40.05 -5.88
CA ASP L 431 60.04 -38.98 -5.14
C ASP L 431 61.54 -39.24 -5.03
N ASP L 432 61.93 -40.51 -4.83
CA ASP L 432 63.33 -40.84 -4.67
C ASP L 432 64.14 -40.49 -5.91
N ALA L 433 63.53 -40.57 -7.10
CA ALA L 433 64.19 -40.17 -8.33
C ALA L 433 64.20 -38.66 -8.53
N LYS L 434 63.36 -37.92 -7.79
CA LYS L 434 63.37 -36.47 -7.92
C LYS L 434 64.60 -35.85 -7.25
N LYS L 435 65.10 -36.48 -6.19
CA LYS L 435 66.27 -35.97 -5.48
C LYS L 435 67.44 -35.79 -6.44
N TYR L 436 67.70 -36.80 -7.27
CA TYR L 436 68.70 -36.68 -8.32
C TYR L 436 68.14 -35.84 -9.46
N THR L 437 68.69 -34.65 -9.66
CA THR L 437 68.18 -33.75 -10.68
C THR L 437 68.55 -34.26 -12.06
N CYS L 438 67.86 -35.30 -12.53
CA CYS L 438 68.16 -35.93 -13.80
C CYS L 438 67.38 -35.24 -14.89
N THR L 439 67.89 -34.10 -15.35
CA THR L 439 67.29 -33.41 -16.49
C THR L 439 67.38 -34.27 -17.74
N VAL L 440 68.55 -34.88 -17.97
CA VAL L 440 68.69 -35.78 -19.11
C VAL L 440 67.88 -37.05 -18.88
N SER L 441 67.60 -37.75 -19.97
CA SER L 441 66.89 -39.02 -19.90
C SER L 441 67.18 -39.80 -21.17
N THR L 442 66.97 -41.13 -21.09
CA THR L 442 67.16 -41.99 -22.24
C THR L 442 66.06 -41.85 -23.29
N GLY L 443 64.93 -41.22 -22.95
CA GLY L 443 63.85 -41.01 -23.88
C GLY L 443 62.87 -42.15 -24.01
N PHE L 444 63.03 -43.22 -23.23
CA PHE L 444 62.12 -44.36 -23.29
C PHE L 444 61.91 -44.90 -21.89
N LYS L 445 60.77 -45.57 -21.69
CA LYS L 445 60.46 -46.16 -20.40
C LYS L 445 61.39 -47.33 -20.11
N PHE L 446 61.85 -47.40 -18.87
CA PHE L 446 62.71 -48.51 -18.45
C PHE L 446 61.86 -49.73 -18.14
N ASP L 447 62.23 -50.87 -18.74
CA ASP L 447 61.51 -52.12 -18.55
C ASP L 447 62.40 -53.09 -17.78
N ASP L 448 62.04 -53.35 -16.52
CA ASP L 448 62.73 -54.36 -15.74
C ASP L 448 62.46 -55.76 -16.27
N THR L 449 61.35 -55.96 -16.98
CA THR L 449 61.07 -57.25 -17.59
C THR L 449 62.12 -57.60 -18.63
N LYS L 450 62.51 -56.64 -19.46
CA LYS L 450 63.59 -56.85 -20.41
C LYS L 450 64.97 -56.70 -19.77
N PHE L 451 65.05 -56.04 -18.61
CA PHE L 451 66.31 -55.89 -17.88
C PHE L 451 66.51 -57.13 -17.00
N VAL L 452 66.80 -58.25 -17.66
CA VAL L 452 66.98 -59.53 -17.00
C VAL L 452 68.22 -60.22 -17.55
N GLU L 453 68.77 -61.13 -16.75
CA GLU L 453 69.97 -61.85 -17.15
C GLU L 453 69.68 -62.92 -18.19
N ASP L 454 68.54 -63.62 -18.06
CA ASP L 454 68.21 -64.76 -18.90
C ASP L 454 67.23 -64.36 -19.98
N SER L 455 67.58 -64.67 -21.24
CA SER L 455 66.77 -64.41 -22.42
C SER L 455 67.43 -65.08 -23.62
N PRO L 456 66.79 -65.11 -24.79
CA PRO L 456 67.53 -65.47 -26.00
C PRO L 456 68.30 -64.28 -26.54
N GLU L 457 67.82 -63.07 -26.22
CA GLU L 457 68.48 -61.85 -26.67
C GLU L 457 69.88 -61.74 -26.08
N MET L 458 70.07 -62.13 -24.82
CA MET L 458 71.40 -62.09 -24.24
C MET L 458 72.34 -63.06 -24.93
N GLU L 459 71.86 -64.25 -25.29
CA GLU L 459 72.70 -65.20 -26.00
C GLU L 459 73.06 -64.68 -27.39
N GLU L 460 72.10 -64.10 -28.09
CA GLU L 460 72.39 -63.55 -29.42
C GLU L 460 73.36 -62.38 -29.32
N LEU L 461 73.20 -61.54 -28.29
CA LEU L 461 74.13 -60.43 -28.09
C LEU L 461 75.53 -60.94 -27.76
N MET L 462 75.62 -62.00 -26.95
CA MET L 462 76.93 -62.57 -26.66
C MET L 462 77.58 -63.14 -27.92
N ASN L 463 76.80 -63.79 -28.77
CA ASN L 463 77.33 -64.26 -30.04
C ASN L 463 77.81 -63.08 -30.89
N ILE L 464 77.04 -61.99 -30.92
CA ILE L 464 77.40 -60.83 -31.72
C ILE L 464 78.71 -60.22 -31.22
N ILE L 465 78.84 -60.05 -29.90
CA ILE L 465 80.03 -59.43 -29.35
C ILE L 465 81.24 -60.35 -29.48
N ASN L 466 81.03 -61.67 -29.43
CA ASN L 466 82.12 -62.58 -29.72
C ASN L 466 82.57 -62.47 -31.16
N ASP L 467 81.61 -62.29 -32.08
CA ASP L 467 81.96 -62.11 -33.49
C ASP L 467 82.76 -60.82 -33.69
N ILE L 468 82.27 -59.71 -33.10
CA ILE L 468 82.88 -58.41 -33.36
C ILE L 468 84.27 -58.34 -32.72
N GLN L 469 84.39 -58.76 -31.47
CA GLN L 469 85.67 -58.73 -30.75
C GLN L 469 85.95 -60.11 -30.17
N PRO L 470 86.95 -60.83 -30.67
CA PRO L 470 87.30 -62.12 -30.07
C PRO L 470 87.83 -61.94 -28.66
N LEU L 471 87.56 -62.94 -27.82
CA LEU L 471 88.01 -62.93 -26.43
C LEU L 471 89.30 -63.72 -26.23
N THR L 472 90.12 -63.83 -27.28
CA THR L 472 91.36 -64.58 -27.19
C THR L 472 92.36 -63.88 -26.26
N ASP L 473 93.33 -64.66 -25.79
CA ASP L 473 94.34 -64.11 -24.89
C ASP L 473 95.18 -63.05 -25.60
N GLU L 474 95.51 -63.27 -26.87
CA GLU L 474 96.21 -62.26 -27.64
C GLU L 474 95.36 -61.01 -27.83
N ASN L 475 94.04 -61.16 -27.87
CA ASN L 475 93.11 -60.04 -27.91
C ASN L 475 92.54 -59.72 -26.54
N LYS L 476 93.06 -60.34 -25.47
CA LYS L 476 92.53 -60.09 -24.14
C LYS L 476 92.75 -58.64 -23.71
N LYS L 477 93.94 -58.08 -24.01
CA LYS L 477 94.17 -56.67 -23.73
C LYS L 477 93.22 -55.80 -24.55
N ASN L 478 93.07 -56.10 -25.84
CA ASN L 478 92.14 -55.34 -26.68
C ASN L 478 90.70 -55.51 -26.18
N ARG L 479 90.34 -56.71 -25.76
CA ARG L 479 88.99 -56.94 -25.25
C ARG L 479 88.75 -56.17 -23.96
N GLU L 480 89.75 -56.13 -23.08
CA GLU L 480 89.62 -55.36 -21.84
C GLU L 480 89.50 -53.87 -22.13
N LEU L 481 90.29 -53.36 -23.08
CA LEU L 481 90.15 -51.96 -23.47
C LEU L 481 88.77 -51.68 -24.05
N TYR L 482 88.26 -52.60 -24.87
CA TYR L 482 86.92 -52.47 -25.42
C TYR L 482 85.88 -52.41 -24.31
N GLU L 483 85.96 -53.32 -23.35
CA GLU L 483 85.00 -53.33 -22.25
C GLU L 483 85.09 -52.04 -21.43
N LYS L 484 86.30 -51.58 -21.12
CA LYS L 484 86.44 -50.39 -20.30
C LYS L 484 85.94 -49.15 -21.01
N THR L 485 86.24 -49.02 -22.31
CA THR L 485 85.78 -47.84 -23.04
C THR L 485 84.29 -47.90 -23.32
N LEU L 486 83.69 -49.09 -23.38
CA LEU L 486 82.23 -49.19 -23.38
C LEU L 486 81.66 -48.96 -21.99
N SER L 487 82.34 -49.44 -20.95
CA SER L 487 81.87 -49.20 -19.59
C SER L 487 81.90 -47.72 -19.24
N SER L 488 82.99 -47.03 -19.59
CA SER L 488 83.11 -45.61 -19.27
C SER L 488 82.25 -44.73 -20.17
N CYS L 489 81.63 -45.31 -21.20
CA CYS L 489 80.75 -44.53 -22.07
C CYS L 489 79.55 -43.98 -21.30
N LEU L 490 79.14 -44.65 -20.23
CA LEU L 490 77.93 -44.30 -19.49
C LEU L 490 78.17 -43.19 -18.46
N CYS L 491 79.39 -42.69 -18.34
CA CYS L 491 79.68 -41.67 -17.33
C CYS L 491 79.29 -40.28 -17.85
N GLY L 492 78.52 -39.55 -17.06
CA GLY L 492 78.18 -38.18 -17.39
C GLY L 492 79.14 -37.19 -16.79
N ALA L 493 80.42 -37.31 -17.14
CA ALA L 493 81.46 -36.44 -16.59
C ALA L 493 82.54 -36.25 -17.65
N THR L 494 83.71 -35.79 -17.23
CA THR L 494 84.79 -35.47 -18.16
C THR L 494 85.64 -36.69 -18.45
N LYS L 495 86.02 -36.86 -19.72
CA LYS L 495 86.90 -37.92 -20.17
C LYS L 495 88.18 -37.30 -20.72
N GLY L 496 89.32 -37.79 -20.23
CA GLY L 496 90.60 -37.19 -20.53
C GLY L 496 91.41 -37.81 -21.65
N CYS L 497 90.85 -38.74 -22.42
CA CYS L 497 91.58 -39.36 -23.53
C CYS L 497 90.63 -39.60 -24.69
N LEU L 498 91.22 -39.77 -25.87
CA LEU L 498 90.47 -40.07 -27.09
C LEU L 498 90.77 -41.50 -27.52
N THR L 499 89.72 -42.27 -27.76
CA THR L 499 89.84 -43.68 -28.13
C THR L 499 89.59 -43.84 -29.62
N PHE L 500 90.58 -44.38 -30.32
CA PHE L 500 90.44 -44.67 -31.75
C PHE L 500 89.95 -46.09 -31.94
N PHE L 501 88.84 -46.23 -32.68
CA PHE L 501 88.38 -47.55 -33.11
C PHE L 501 88.88 -47.83 -34.53
N PHE L 502 90.21 -47.92 -34.64
CA PHE L 502 90.85 -48.15 -35.93
C PHE L 502 90.34 -49.45 -36.54
N GLY L 503 89.92 -49.37 -37.80
CA GLY L 503 89.37 -50.52 -38.49
C GLY L 503 88.90 -50.18 -39.89
N GLU L 504 88.89 -51.18 -40.77
CA GLU L 504 88.53 -50.98 -42.16
C GLU L 504 87.00 -51.10 -42.31
N THR L 505 86.53 -51.16 -43.56
CA THR L 505 85.10 -51.22 -43.81
C THR L 505 84.53 -52.57 -43.45
N ALA L 506 83.31 -52.57 -42.90
CA ALA L 506 82.55 -53.77 -42.56
C ALA L 506 83.33 -54.65 -41.57
N THR L 507 83.56 -54.10 -40.38
CA THR L 507 84.23 -54.83 -39.29
C THR L 507 83.38 -54.88 -38.03
N GLY L 508 82.07 -54.63 -38.14
CA GLY L 508 81.20 -54.69 -36.99
C GLY L 508 81.20 -53.47 -36.10
N LYS L 509 81.96 -52.43 -36.45
CA LYS L 509 81.98 -51.23 -35.62
C LYS L 509 80.67 -50.46 -35.75
N SER L 510 80.11 -50.37 -36.96
CA SER L 510 78.87 -49.64 -37.16
C SER L 510 77.71 -50.31 -36.42
N THR L 511 77.69 -51.65 -36.43
CA THR L 511 76.68 -52.37 -35.66
C THR L 511 76.82 -52.09 -34.17
N THR L 512 78.07 -52.02 -33.68
CA THR L 512 78.30 -51.68 -32.28
C THR L 512 77.79 -50.29 -31.95
N LYS L 513 78.03 -49.32 -32.84
CA LYS L 513 77.55 -47.96 -32.61
C LYS L 513 76.02 -47.92 -32.60
N ARG L 514 75.39 -48.63 -33.54
CA ARG L 514 73.92 -48.66 -33.57
C ARG L 514 73.36 -49.29 -32.31
N LEU L 515 73.97 -50.38 -31.84
CA LEU L 515 73.52 -51.01 -30.60
C LEU L 515 73.69 -50.07 -29.42
N LEU L 516 74.81 -49.35 -29.36
CA LEU L 516 75.04 -48.42 -28.26
C LEU L 516 74.00 -47.30 -28.27
N LYS L 517 73.74 -46.71 -29.44
CA LYS L 517 72.78 -45.61 -29.50
C LYS L 517 71.36 -46.09 -29.23
N SER L 518 71.03 -47.31 -29.63
CA SER L 518 69.72 -47.88 -29.28
C SER L 518 69.62 -48.10 -27.78
N ALA L 519 70.70 -48.60 -27.16
CA ALA L 519 70.68 -48.89 -25.73
C ALA L 519 70.55 -47.62 -24.91
N ILE L 520 71.28 -46.57 -25.28
CA ILE L 520 71.26 -45.32 -24.50
C ILE L 520 70.26 -44.31 -25.02
N GLY L 521 69.70 -44.51 -26.21
CA GLY L 521 68.67 -43.62 -26.73
C GLY L 521 69.14 -42.21 -27.02
N ASP L 522 68.50 -41.24 -26.36
CA ASP L 522 68.80 -39.83 -26.58
C ASP L 522 70.17 -39.42 -26.03
N LEU L 523 70.83 -40.30 -25.28
CA LEU L 523 72.14 -39.99 -24.72
C LEU L 523 73.23 -39.89 -25.79
N PHE L 524 72.95 -40.28 -27.03
CA PHE L 524 73.91 -40.25 -28.12
C PHE L 524 73.60 -39.09 -29.06
N VAL L 525 74.65 -38.43 -29.54
CA VAL L 525 74.54 -37.33 -30.49
C VAL L 525 75.45 -37.61 -31.67
N GLU L 526 74.94 -37.40 -32.88
CA GLU L 526 75.68 -37.64 -34.11
C GLU L 526 76.02 -36.32 -34.78
N THR L 527 77.26 -36.19 -35.22
CA THR L 527 77.75 -34.97 -35.85
C THR L 527 78.79 -35.33 -36.90
N GLY L 528 79.05 -34.37 -37.80
CA GLY L 528 80.01 -34.55 -38.85
C GLY L 528 81.44 -34.37 -38.38
N GLN L 529 82.34 -34.27 -39.35
CA GLN L 529 83.77 -34.14 -39.08
C GLN L 529 84.23 -32.68 -39.02
N THR L 530 83.31 -31.73 -39.16
CA THR L 530 83.70 -30.32 -39.16
C THR L 530 84.26 -29.86 -37.82
N ILE L 531 84.09 -30.65 -36.75
CA ILE L 531 84.60 -30.26 -35.44
C ILE L 531 86.13 -30.19 -35.47
N LEU L 532 86.76 -31.20 -36.05
CA LEU L 532 88.21 -31.32 -36.01
C LEU L 532 88.92 -30.48 -37.07
N THR L 533 88.18 -29.83 -37.96
CA THR L 533 88.78 -29.06 -39.05
C THR L 533 88.46 -27.58 -39.00
N ASP L 534 87.64 -27.14 -38.04
CA ASP L 534 87.25 -25.73 -37.94
C ASP L 534 87.49 -25.23 -36.52
N VAL L 535 87.65 -23.91 -36.42
CA VAL L 535 87.88 -23.29 -35.12
C VAL L 535 86.66 -23.46 -34.24
N LEU L 536 86.89 -23.80 -32.96
CA LEU L 536 85.78 -24.09 -32.06
C LEU L 536 85.05 -22.83 -31.65
N ASP L 537 85.63 -21.65 -31.89
CA ASP L 537 84.93 -20.41 -31.59
C ASP L 537 83.96 -20.04 -32.71
N LYS L 538 84.49 -19.82 -33.92
CA LYS L 538 83.72 -19.54 -35.12
C LYS L 538 82.58 -18.56 -34.89
N GLY L 539 81.48 -18.76 -35.62
CA GLY L 539 80.27 -17.99 -35.44
C GLY L 539 79.12 -18.91 -35.04
N PRO L 540 78.23 -19.18 -36.00
CA PRO L 540 77.21 -20.20 -35.76
C PRO L 540 77.79 -21.61 -35.78
N ASN L 541 77.88 -22.23 -34.62
CA ASN L 541 78.49 -23.55 -34.46
C ASN L 541 77.53 -24.45 -33.68
N PRO L 542 76.58 -25.10 -34.37
CA PRO L 542 75.60 -25.93 -33.67
C PRO L 542 76.08 -27.35 -33.41
N PHE L 543 76.98 -27.85 -34.26
CA PHE L 543 77.43 -29.23 -34.14
C PHE L 543 78.24 -29.45 -32.87
N ILE L 544 79.03 -28.46 -32.48
CA ILE L 544 79.80 -28.54 -31.24
C ILE L 544 78.95 -28.06 -30.08
N ALA L 545 77.67 -27.80 -30.34
CA ALA L 545 76.73 -27.40 -29.31
C ALA L 545 75.84 -28.53 -28.82
N ASN L 546 75.54 -29.50 -29.67
CA ASN L 546 74.71 -30.64 -29.28
C ASN L 546 75.36 -31.52 -28.23
N MET L 547 76.68 -31.43 -28.06
CA MET L 547 77.39 -32.23 -27.06
C MET L 547 77.10 -31.77 -25.64
N HIS L 548 76.45 -30.63 -25.45
CA HIS L 548 76.11 -30.17 -24.11
C HIS L 548 75.16 -31.13 -23.43
N LEU L 549 75.51 -31.54 -22.21
CA LEU L 549 74.69 -32.44 -21.40
C LEU L 549 74.39 -33.76 -22.12
N LYS L 550 75.36 -34.29 -22.84
CA LYS L 550 75.23 -35.57 -23.52
C LYS L 550 76.00 -36.65 -22.76
N ARG L 551 75.77 -37.90 -23.15
CA ARG L 551 76.44 -39.04 -22.53
C ARG L 551 77.35 -39.82 -23.47
N SER L 552 77.15 -39.71 -24.79
CA SER L 552 78.00 -40.39 -25.76
C SER L 552 77.95 -39.64 -27.07
N VAL L 553 79.13 -39.39 -27.65
CA VAL L 553 79.25 -38.68 -28.92
C VAL L 553 80.20 -39.47 -29.82
N PHE L 554 79.81 -39.63 -31.09
CA PHE L 554 80.58 -40.42 -32.04
C PHE L 554 80.87 -39.62 -33.29
N CYS L 555 82.03 -39.85 -33.88
CA CYS L 555 82.41 -39.26 -35.15
C CYS L 555 82.93 -40.35 -36.07
N SER L 556 82.37 -40.42 -37.29
CA SER L 556 82.76 -41.42 -38.26
C SER L 556 82.86 -40.74 -39.62
N GLU L 557 83.01 -41.55 -40.67
CA GLU L 557 83.21 -41.05 -42.04
C GLU L 557 84.41 -40.11 -42.09
N LEU L 558 85.49 -40.52 -41.44
CA LEU L 558 86.69 -39.68 -41.38
C LEU L 558 87.33 -39.58 -42.76
N PRO L 559 87.68 -38.38 -43.20
CA PRO L 559 88.38 -38.23 -44.47
C PRO L 559 89.87 -38.51 -44.36
N ASP L 560 90.24 -39.78 -44.50
CA ASP L 560 91.65 -40.18 -44.38
C ASP L 560 92.52 -39.38 -45.34
N PHE L 561 93.66 -38.92 -44.83
CA PHE L 561 94.53 -37.98 -45.52
C PHE L 561 95.42 -38.64 -46.56
N ALA L 562 95.09 -39.85 -47.00
CA ALA L 562 95.90 -40.51 -48.03
C ALA L 562 95.86 -39.73 -49.34
N CYS L 563 94.69 -39.21 -49.71
CA CYS L 563 94.52 -38.42 -50.92
C CYS L 563 94.54 -36.94 -50.58
N SER L 564 95.24 -36.16 -51.40
CA SER L 564 95.34 -34.72 -51.17
C SER L 564 93.98 -34.06 -51.26
N GLY L 565 93.73 -33.11 -50.35
CA GLY L 565 92.45 -32.44 -50.30
C GLY L 565 91.77 -32.61 -48.95
N SER L 566 92.54 -32.99 -47.94
CA SER L 566 92.03 -33.20 -46.59
C SER L 566 92.82 -32.35 -45.61
N LYS L 567 92.10 -31.63 -44.76
CA LYS L 567 92.74 -30.82 -43.72
C LYS L 567 93.04 -31.67 -42.51
N LYS L 568 94.26 -31.56 -41.99
CA LYS L 568 94.69 -32.41 -40.89
C LYS L 568 93.95 -32.02 -39.60
N ILE L 569 93.93 -32.97 -38.67
CA ILE L 569 93.37 -32.74 -37.35
C ILE L 569 94.30 -31.81 -36.58
N ARG L 570 93.72 -30.82 -35.91
CA ARG L 570 94.51 -29.86 -35.15
C ARG L 570 94.76 -30.34 -33.73
N SER L 571 95.85 -29.84 -33.15
CA SER L 571 96.15 -30.15 -31.75
C SER L 571 95.18 -29.43 -30.81
N ASP L 572 94.75 -28.23 -31.19
CA ASP L 572 93.83 -27.48 -30.34
C ASP L 572 92.48 -28.16 -30.24
N ASN L 573 92.02 -28.80 -31.32
CA ASN L 573 90.80 -29.59 -31.25
C ASN L 573 90.94 -30.76 -30.28
N ILE L 574 92.09 -31.42 -30.31
CA ILE L 574 92.32 -32.56 -29.42
C ILE L 574 92.35 -32.10 -27.97
N LYS L 575 93.06 -31.00 -27.71
CA LYS L 575 93.25 -30.55 -26.33
C LYS L 575 91.99 -29.93 -25.76
N LYS L 576 91.22 -29.20 -26.58
CA LYS L 576 90.06 -28.47 -26.10
C LYS L 576 88.89 -29.37 -25.76
N LEU L 577 88.95 -30.66 -26.09
CA LEU L 577 87.89 -31.61 -25.75
C LEU L 577 88.31 -32.48 -24.56
N THR L 578 89.34 -32.06 -23.86
CA THR L 578 89.81 -32.78 -22.69
C THR L 578 89.42 -32.10 -21.38
N GLU L 579 89.47 -30.77 -21.33
CA GLU L 579 89.04 -30.06 -20.13
C GLU L 579 87.53 -30.15 -19.97
N PRO L 580 87.02 -30.03 -18.75
CA PRO L 580 85.55 -30.13 -18.55
C PRO L 580 84.78 -29.08 -19.33
N CYS L 581 85.31 -27.85 -19.43
CA CYS L 581 84.62 -26.77 -20.10
C CYS L 581 85.00 -26.73 -21.57
N VAL L 582 83.99 -26.62 -22.44
CA VAL L 582 84.19 -26.53 -23.88
C VAL L 582 83.65 -25.19 -24.35
N ILE L 583 84.45 -24.48 -25.13
CA ILE L 583 84.14 -23.12 -25.58
C ILE L 583 83.48 -23.20 -26.95
N GLY L 584 82.39 -22.47 -27.12
CA GLY L 584 81.68 -22.42 -28.39
C GLY L 584 80.21 -22.11 -28.21
N ARG L 585 79.66 -21.24 -29.07
CA ARG L 585 78.26 -20.87 -28.94
C ARG L 585 77.46 -21.40 -30.12
N PRO L 586 76.20 -21.79 -29.90
CA PRO L 586 75.38 -22.30 -31.00
C PRO L 586 74.93 -21.21 -31.95
N CYS L 587 74.09 -21.57 -32.92
CA CYS L 587 73.57 -20.58 -33.86
C CYS L 587 72.55 -19.69 -33.15
N PHE L 588 72.75 -18.37 -33.28
CA PHE L 588 71.85 -17.36 -32.71
C PHE L 588 71.68 -17.53 -31.20
N SER L 589 72.71 -18.03 -30.53
CA SER L 589 72.69 -18.18 -29.07
C SER L 589 73.94 -17.54 -28.51
N ASN L 590 73.76 -16.62 -27.56
CA ASN L 590 74.87 -15.87 -26.97
C ASN L 590 75.57 -16.62 -25.85
N LYS L 591 75.01 -17.74 -25.39
CA LYS L 591 75.65 -18.52 -24.33
C LYS L 591 76.71 -19.43 -24.93
N ILE L 592 77.89 -19.43 -24.30
CA ILE L 592 79.06 -20.09 -24.86
C ILE L 592 79.52 -21.28 -24.05
N ASN L 593 79.21 -21.33 -22.75
CA ASN L 593 79.65 -22.41 -21.89
C ASN L 593 78.96 -23.71 -22.30
N ASN L 594 79.71 -24.60 -22.97
CA ASN L 594 79.20 -25.89 -23.39
C ASN L 594 79.82 -26.95 -22.51
N ARG L 595 78.98 -27.68 -21.78
CA ARG L 595 79.46 -28.71 -20.86
C ARG L 595 79.74 -30.01 -21.61
N ASN L 596 80.83 -30.66 -21.22
CA ASN L 596 81.25 -31.92 -21.83
C ASN L 596 81.04 -33.03 -20.81
N HIS L 597 80.13 -33.97 -21.14
CA HIS L 597 79.86 -35.12 -20.28
C HIS L 597 79.70 -36.41 -21.07
N ALA L 598 80.16 -36.44 -22.32
CA ALA L 598 79.95 -37.57 -23.21
C ALA L 598 81.29 -38.21 -23.57
N THR L 599 81.33 -39.54 -23.53
CA THR L 599 82.52 -40.27 -23.95
C THR L 599 82.57 -40.31 -25.48
N ILE L 600 83.69 -39.85 -26.04
CA ILE L 600 83.82 -39.68 -27.48
C ILE L 600 84.52 -40.88 -28.08
N ILE L 601 84.03 -41.35 -29.22
CA ILE L 601 84.65 -42.43 -29.98
C ILE L 601 84.73 -42.01 -31.44
N ILE L 602 85.91 -42.11 -32.03
CA ILE L 602 86.12 -41.82 -33.44
C ILE L 602 86.92 -42.96 -34.04
N ASP L 603 86.56 -43.35 -35.26
CA ASP L 603 87.20 -44.45 -35.97
C ASP L 603 87.76 -43.95 -37.29
N THR L 604 88.67 -44.74 -37.87
CA THR L 604 89.26 -44.40 -39.15
C THR L 604 89.82 -45.66 -39.81
N ASN L 605 89.71 -45.72 -41.13
CA ASN L 605 90.25 -46.84 -41.89
C ASN L 605 91.76 -46.77 -42.04
N TYR L 606 92.33 -45.57 -42.03
CA TYR L 606 93.76 -45.36 -42.23
C TYR L 606 94.33 -44.62 -41.03
N LYS L 607 95.58 -44.90 -40.71
CA LYS L 607 96.23 -44.27 -39.57
C LYS L 607 96.35 -42.77 -39.82
N PRO L 608 95.78 -41.92 -38.98
CA PRO L 608 95.82 -40.49 -39.24
C PRO L 608 97.23 -39.91 -39.18
N VAL L 609 97.44 -38.86 -39.98
CA VAL L 609 98.70 -38.13 -39.98
C VAL L 609 98.48 -36.75 -39.37
N PHE L 610 99.24 -36.45 -38.33
CA PHE L 610 99.01 -35.29 -37.48
C PHE L 610 100.17 -34.31 -37.56
N ASP L 611 99.86 -33.04 -37.27
CA ASP L 611 100.77 -31.94 -37.61
C ASP L 611 101.89 -31.78 -36.59
N ARG L 612 101.55 -31.58 -35.32
CA ARG L 612 102.53 -31.18 -34.34
C ARG L 612 102.25 -31.81 -32.98
N ILE L 613 103.27 -32.46 -32.42
CA ILE L 613 103.13 -33.30 -31.24
C ILE L 613 104.16 -32.86 -30.22
N ASP L 614 103.71 -32.65 -28.98
CA ASP L 614 104.59 -32.36 -27.86
C ASP L 614 104.28 -33.31 -26.71
N ASN L 615 104.85 -33.04 -25.54
CA ASN L 615 104.65 -33.91 -24.38
C ASN L 615 103.22 -33.85 -23.85
N ALA L 616 102.40 -32.92 -24.32
CA ALA L 616 101.03 -32.79 -23.85
C ALA L 616 100.01 -33.49 -24.73
N LEU L 617 100.45 -34.20 -25.77
CA LEU L 617 99.52 -34.78 -26.74
C LEU L 617 99.45 -36.31 -26.72
N MET L 618 100.46 -36.99 -26.18
CA MET L 618 100.38 -38.44 -26.09
C MET L 618 99.61 -38.92 -24.86
N ARG L 619 99.18 -38.01 -23.99
CA ARG L 619 98.41 -38.37 -22.81
C ARG L 619 96.91 -38.41 -23.05
N ARG L 620 96.44 -37.99 -24.23
CA ARG L 620 95.01 -37.96 -24.51
C ARG L 620 94.68 -38.82 -25.72
N ILE L 621 95.21 -40.04 -25.78
CA ILE L 621 95.08 -40.88 -26.97
C ILE L 621 94.79 -42.32 -26.53
N ALA L 622 94.19 -43.08 -27.46
CA ALA L 622 93.91 -44.49 -27.27
C ALA L 622 93.49 -45.08 -28.60
N VAL L 623 93.89 -46.33 -28.86
CA VAL L 623 93.59 -47.03 -30.09
C VAL L 623 93.01 -48.40 -29.76
N VAL L 624 91.88 -48.72 -30.37
CA VAL L 624 91.25 -50.04 -30.26
C VAL L 624 91.04 -50.59 -31.67
N ARG L 625 91.42 -51.85 -31.88
CA ARG L 625 91.38 -52.46 -33.19
C ARG L 625 90.26 -53.49 -33.28
N PHE L 626 89.70 -53.63 -34.49
CA PHE L 626 88.70 -54.63 -34.80
C PHE L 626 89.20 -55.46 -35.97
N ARG L 627 89.13 -56.78 -35.84
CA ARG L 627 89.75 -57.71 -36.78
C ARG L 627 88.78 -58.80 -37.19
N THR L 628 87.58 -58.41 -37.61
CA THR L 628 86.57 -59.35 -38.08
C THR L 628 86.00 -58.85 -39.39
N HIS L 629 85.58 -59.80 -40.23
CA HIS L 629 84.99 -59.50 -41.53
C HIS L 629 83.57 -60.04 -41.59
N PHE L 630 82.63 -59.19 -42.02
CA PHE L 630 81.23 -59.57 -42.22
C PHE L 630 80.86 -59.26 -43.65
N SER L 631 80.55 -60.29 -44.43
CA SER L 631 80.23 -60.12 -45.85
C SER L 631 79.47 -61.35 -46.33
N GLN L 632 78.97 -61.26 -47.56
CA GLN L 632 78.24 -62.35 -48.19
C GLN L 632 79.20 -63.45 -48.63
N PRO L 633 78.69 -64.67 -48.78
CA PRO L 633 79.55 -65.77 -49.28
C PRO L 633 80.06 -65.57 -50.70
N SER L 634 79.45 -64.66 -51.47
CA SER L 634 79.89 -64.43 -52.84
C SER L 634 81.33 -63.95 -52.89
N GLY L 635 81.69 -62.99 -52.03
CA GLY L 635 83.05 -62.50 -51.98
C GLY L 635 83.83 -63.06 -50.81
N ARG L 636 83.34 -64.17 -50.24
CA ARG L 636 83.99 -64.77 -49.09
C ARG L 636 85.41 -65.24 -49.42
N GLU L 637 85.66 -65.59 -50.68
CA GLU L 637 87.01 -66.03 -51.06
C GLU L 637 88.03 -64.92 -50.88
N ALA L 638 87.68 -63.68 -51.27
CA ALA L 638 88.58 -62.56 -51.07
C ALA L 638 88.60 -62.13 -49.61
N ALA L 639 87.53 -62.42 -48.86
CA ALA L 639 87.50 -62.08 -47.45
C ALA L 639 88.54 -62.85 -46.66
N GLU L 640 88.86 -64.07 -47.08
CA GLU L 640 89.81 -64.93 -46.38
C GLU L 640 91.23 -64.78 -46.91
N ASN L 641 91.47 -63.91 -47.88
CA ASN L 641 92.80 -63.74 -48.45
C ASN L 641 93.33 -62.34 -48.18
N ASN L 642 93.13 -61.85 -46.96
CA ASN L 642 93.63 -60.55 -46.55
C ASN L 642 94.23 -60.65 -45.16
N ASP L 643 95.29 -59.88 -44.92
CA ASP L 643 95.93 -59.82 -43.63
C ASP L 643 95.33 -58.76 -42.70
N ALA L 644 94.36 -57.99 -43.19
CA ALA L 644 93.71 -56.96 -42.38
C ALA L 644 92.52 -57.50 -41.60
N TYR L 645 92.14 -58.75 -41.81
CA TYR L 645 91.02 -59.37 -41.11
C TYR L 645 91.53 -60.62 -40.41
N ASP L 646 91.33 -60.70 -39.09
CA ASP L 646 91.69 -61.88 -38.33
C ASP L 646 90.51 -62.82 -38.10
N LYS L 647 89.34 -62.52 -38.68
CA LYS L 647 88.18 -63.38 -38.55
C LYS L 647 87.26 -63.14 -39.74
N VAL L 648 86.60 -64.20 -40.18
CA VAL L 648 85.63 -64.13 -41.26
C VAL L 648 84.29 -64.65 -40.74
N LYS L 649 83.22 -63.91 -41.04
CA LYS L 649 81.87 -64.29 -40.62
C LYS L 649 80.90 -63.97 -41.75
N LEU L 650 79.75 -64.63 -41.71
CA LEU L 650 78.72 -64.46 -42.73
C LEU L 650 77.78 -63.33 -42.36
N LEU L 651 77.40 -62.54 -43.37
CA LEU L 651 76.49 -61.42 -43.16
C LEU L 651 75.11 -61.93 -42.77
N ASP L 652 74.44 -61.18 -41.89
CA ASP L 652 73.08 -61.50 -41.45
C ASP L 652 72.15 -60.42 -41.97
N GLU L 653 71.22 -60.81 -42.85
CA GLU L 653 70.29 -59.86 -43.44
C GLU L 653 69.12 -59.52 -42.52
N GLY L 654 68.93 -60.27 -41.44
CA GLY L 654 67.83 -59.98 -40.53
C GLY L 654 68.25 -59.19 -39.31
N LEU L 655 69.56 -58.99 -39.14
CA LEU L 655 70.05 -58.25 -37.99
C LEU L 655 69.69 -56.77 -38.06
N ASP L 656 69.59 -56.21 -39.27
CA ASP L 656 69.22 -54.81 -39.41
C ASP L 656 67.82 -54.55 -38.86
N GLY L 657 66.88 -55.45 -39.13
CA GLY L 657 65.55 -55.31 -38.57
C GLY L 657 65.54 -55.43 -37.05
N LYS L 658 66.37 -56.33 -36.52
CA LYS L 658 66.43 -56.48 -35.07
C LYS L 658 67.01 -55.24 -34.39
N ILE L 659 68.04 -54.64 -34.99
CA ILE L 659 68.63 -53.46 -34.37
C ILE L 659 67.82 -52.20 -34.61
N GLN L 660 67.04 -52.13 -35.70
CA GLN L 660 66.20 -50.97 -35.92
C GLN L 660 64.94 -50.98 -35.04
N ASN L 661 64.66 -52.10 -34.39
CA ASN L 661 63.56 -52.20 -33.43
C ASN L 661 64.05 -52.15 -31.98
N ASN L 662 65.35 -51.94 -31.77
CA ASN L 662 65.96 -51.85 -30.44
C ASN L 662 65.74 -53.14 -29.63
N ARG L 663 65.70 -54.28 -30.31
CA ARG L 663 65.50 -55.55 -29.63
C ARG L 663 66.69 -55.89 -28.73
N TYR L 664 67.91 -55.64 -29.21
CA TYR L 664 69.12 -55.91 -28.45
C TYR L 664 69.48 -54.77 -27.49
N ARG L 665 68.68 -53.70 -27.46
CA ARG L 665 69.01 -52.56 -26.61
C ARG L 665 69.04 -52.95 -25.14
N PHE L 666 68.06 -53.76 -24.71
CA PHE L 666 68.01 -54.19 -23.32
C PHE L 666 69.19 -55.09 -22.98
N ALA L 667 69.52 -56.04 -23.86
CA ALA L 667 70.66 -56.91 -23.64
C ALA L 667 71.96 -56.13 -23.59
N PHE L 668 72.13 -55.18 -24.52
CA PHE L 668 73.33 -54.35 -24.52
C PHE L 668 73.42 -53.51 -23.25
N LEU L 669 72.29 -52.97 -22.79
CA LEU L 669 72.29 -52.19 -21.56
C LEU L 669 72.68 -53.05 -20.36
N TYR L 670 72.16 -54.28 -20.28
CA TYR L 670 72.55 -55.15 -19.18
C TYR L 670 74.03 -55.50 -19.24
N LEU L 671 74.54 -55.75 -20.45
CA LEU L 671 75.96 -56.06 -20.60
C LEU L 671 76.82 -54.88 -20.17
N LEU L 672 76.43 -53.66 -20.54
CA LEU L 672 77.17 -52.47 -20.14
C LEU L 672 77.10 -52.28 -18.63
N VAL L 673 75.95 -52.59 -18.02
CA VAL L 673 75.82 -52.48 -16.58
C VAL L 673 76.78 -53.45 -15.90
N LYS L 674 76.86 -54.68 -16.41
CA LYS L 674 77.80 -55.64 -15.84
C LYS L 674 79.24 -55.19 -16.03
N TRP L 675 79.56 -54.62 -17.20
CA TRP L 675 80.91 -54.15 -17.46
C TRP L 675 81.29 -53.03 -16.49
N TYR L 676 80.37 -52.10 -16.25
CA TYR L 676 80.63 -51.02 -15.30
C TYR L 676 80.74 -51.55 -13.87
N LYS L 677 79.96 -52.59 -13.53
CA LYS L 677 80.13 -53.21 -12.22
C LYS L 677 81.48 -53.90 -12.10
N LYS L 678 82.03 -54.38 -13.22
CA LYS L 678 83.38 -54.92 -13.19
C LYS L 678 84.41 -53.85 -12.86
N TYR L 679 84.27 -52.66 -13.44
CA TYR L 679 85.17 -51.54 -13.21
C TYR L 679 84.37 -50.39 -12.60
N HIS L 680 84.21 -50.41 -11.28
CA HIS L 680 83.51 -49.37 -10.54
C HIS L 680 84.46 -48.69 -9.55
N ILE L 681 85.69 -48.46 -9.98
CA ILE L 681 86.70 -47.84 -9.11
C ILE L 681 86.22 -46.47 -8.67
N PRO L 682 86.42 -46.07 -7.40
CA PRO L 682 85.97 -44.74 -6.98
C PRO L 682 86.56 -43.60 -7.80
N ILE L 683 87.81 -43.72 -8.23
CA ILE L 683 88.42 -42.74 -9.11
C ILE L 683 88.24 -43.18 -10.56
N MET L 684 87.80 -42.25 -11.40
CA MET L 684 87.51 -42.53 -12.80
C MET L 684 88.37 -41.64 -13.68
N LYS L 685 89.18 -42.25 -14.54
CA LYS L 685 90.00 -41.51 -15.49
C LYS L 685 90.37 -42.41 -16.65
N LEU L 686 90.68 -41.80 -17.78
CA LEU L 686 91.13 -42.53 -18.96
C LEU L 686 92.64 -42.64 -18.98
N TYR L 687 93.14 -43.61 -19.75
CA TYR L 687 94.57 -43.86 -19.82
C TYR L 687 95.03 -43.85 -21.27
N PRO L 688 96.29 -43.48 -21.52
CA PRO L 688 96.80 -43.43 -22.88
C PRO L 688 97.48 -44.73 -23.30
N THR L 689 97.44 -44.97 -24.61
CA THR L 689 98.13 -46.11 -25.24
C THR L 689 98.98 -45.58 -26.38
N PRO L 690 100.06 -44.87 -26.08
CA PRO L 690 100.85 -44.20 -27.13
C PRO L 690 101.63 -45.15 -28.03
N GLU L 691 101.78 -46.42 -27.64
CA GLU L 691 102.58 -47.34 -28.44
C GLU L 691 101.91 -47.70 -29.75
N GLU L 692 100.58 -47.73 -29.79
CA GLU L 692 99.89 -48.17 -30.99
C GLU L 692 99.94 -47.11 -32.10
N ILE L 693 99.97 -45.84 -31.73
CA ILE L 693 99.91 -44.76 -32.71
C ILE L 693 101.23 -44.72 -33.49
N PRO L 694 101.20 -44.84 -34.81
CA PRO L 694 102.44 -44.72 -35.60
C PRO L 694 103.09 -43.36 -35.48
N ASP L 695 102.31 -42.33 -35.17
CA ASP L 695 102.87 -40.98 -35.05
C ASP L 695 103.85 -40.89 -33.90
N PHE L 696 103.54 -41.55 -32.78
CA PHE L 696 104.41 -41.53 -31.61
C PHE L 696 105.64 -42.42 -31.75
N ALA L 697 105.73 -43.21 -32.82
CA ALA L 697 106.85 -44.13 -32.97
C ALA L 697 108.18 -43.40 -32.98
N PHE L 698 108.26 -42.30 -33.72
CA PHE L 698 109.47 -41.48 -33.68
C PHE L 698 109.59 -40.72 -32.36
N TYR L 699 108.46 -40.21 -31.85
CA TYR L 699 108.49 -39.42 -30.62
C TYR L 699 108.85 -40.29 -29.42
N LEU L 700 108.30 -41.50 -29.34
CA LEU L 700 108.66 -42.38 -28.23
C LEU L 700 110.08 -42.92 -28.37
N LYS L 701 110.57 -43.06 -29.61
CA LYS L 701 111.93 -43.56 -29.81
C LYS L 701 112.97 -42.54 -29.32
N ILE L 702 112.81 -41.27 -29.74
CA ILE L 702 113.78 -40.25 -29.36
C ILE L 702 113.77 -40.01 -27.86
N GLY L 703 112.65 -40.30 -27.20
CA GLY L 703 112.62 -40.23 -25.75
C GLY L 703 113.53 -41.26 -25.10
N THR L 704 113.64 -42.43 -25.71
CA THR L 704 114.52 -43.49 -25.22
C THR L 704 115.83 -43.56 -26.00
N LEU L 705 116.06 -42.66 -26.97
CA LEU L 705 117.28 -42.64 -27.73
C LEU L 705 118.16 -41.43 -27.45
N LEU L 706 117.62 -40.38 -26.82
CA LEU L 706 118.39 -39.21 -26.44
C LEU L 706 117.99 -38.80 -25.04
N VAL L 707 118.95 -38.25 -24.31
CA VAL L 707 118.72 -37.74 -22.95
C VAL L 707 119.39 -36.40 -22.81
N SER L 708 118.74 -35.48 -22.11
CA SER L 708 119.29 -34.16 -21.88
C SER L 708 120.52 -34.25 -20.98
N SER L 709 121.51 -33.40 -21.28
CA SER L 709 122.68 -33.29 -20.44
C SER L 709 122.30 -32.69 -19.09
N SER L 710 122.95 -33.18 -18.03
CA SER L 710 122.69 -32.70 -16.67
C SER L 710 124.00 -32.68 -15.90
N VAL L 711 123.90 -32.30 -14.62
CA VAL L 711 125.09 -32.25 -13.77
C VAL L 711 125.66 -33.65 -13.56
N LYS L 712 124.81 -34.69 -13.65
CA LYS L 712 125.30 -36.05 -13.51
C LYS L 712 126.22 -36.43 -14.66
N HIS L 713 126.06 -35.80 -15.82
CA HIS L 713 126.90 -36.08 -16.98
C HIS L 713 128.11 -35.15 -17.07
N ILE L 714 128.29 -34.25 -16.10
CA ILE L 714 129.49 -33.41 -16.09
C ILE L 714 130.75 -34.24 -15.90
N PRO L 715 130.86 -35.17 -14.88
CA PRO L 715 132.05 -36.01 -14.74
C PRO L 715 132.06 -37.22 -15.67
N LEU L 716 131.77 -36.99 -16.94
CA LEU L 716 131.86 -38.05 -17.95
C LEU L 716 132.43 -37.52 -19.26
N MET L 717 133.02 -36.33 -19.26
CA MET L 717 133.63 -35.77 -20.46
C MET L 717 135.03 -36.30 -20.73
N THR L 718 135.65 -36.97 -19.76
CA THR L 718 137.00 -37.49 -19.96
C THR L 718 137.04 -38.54 -21.05
N ASP L 719 136.07 -39.46 -21.04
CA ASP L 719 135.99 -40.50 -22.06
C ASP L 719 135.07 -40.14 -23.22
N LEU L 720 134.39 -38.99 -23.15
CA LEU L 720 133.53 -38.55 -24.24
C LEU L 720 134.30 -37.85 -25.35
N SER L 721 135.58 -37.54 -25.13
CA SER L 721 136.36 -36.85 -26.15
C SER L 721 136.55 -37.69 -27.40
N LYS L 722 136.75 -39.01 -27.23
CA LYS L 722 136.90 -39.90 -28.37
C LYS L 722 135.62 -40.03 -29.18
N LYS L 723 134.47 -39.70 -28.60
CA LYS L 723 133.19 -39.77 -29.29
C LYS L 723 132.86 -38.49 -30.05
N GLY L 724 133.71 -37.47 -29.96
CA GLY L 724 133.48 -36.21 -30.63
C GLY L 724 132.65 -35.21 -29.86
N TYR L 725 132.11 -35.60 -28.70
CA TYR L 725 131.30 -34.68 -27.90
C TYR L 725 132.15 -33.51 -27.42
N ILE L 726 131.59 -32.32 -27.53
CA ILE L 726 132.24 -31.10 -27.08
C ILE L 726 131.56 -30.62 -25.80
N LEU L 727 132.19 -29.64 -25.16
CA LEU L 727 131.70 -29.08 -23.91
C LEU L 727 131.43 -27.58 -24.09
N TYR L 728 130.37 -27.11 -23.44
CA TYR L 728 130.04 -25.68 -23.46
C TYR L 728 129.26 -25.36 -22.19
N ASP L 729 129.77 -24.39 -21.42
CA ASP L 729 129.22 -24.00 -20.12
C ASP L 729 128.78 -25.21 -19.30
N ASN L 730 129.70 -26.17 -19.18
CA ASN L 730 129.48 -27.42 -18.43
C ASN L 730 128.28 -28.19 -18.97
N VAL L 731 128.00 -28.06 -20.26
CA VAL L 731 126.96 -28.82 -20.94
C VAL L 731 127.60 -29.52 -22.14
N VAL L 732 127.48 -30.85 -22.18
CA VAL L 732 128.07 -31.64 -23.25
C VAL L 732 127.15 -31.52 -24.47
N THR L 733 127.54 -30.68 -25.42
CA THR L 733 126.76 -30.43 -26.62
C THR L 733 127.33 -31.23 -27.78
N LEU L 734 126.53 -31.34 -28.84
CA LEU L 734 126.89 -32.15 -30.01
C LEU L 734 126.65 -31.32 -31.26
N PRO L 735 127.61 -31.23 -32.18
CA PRO L 735 127.41 -30.46 -33.41
C PRO L 735 126.36 -31.11 -34.30
N LEU L 736 125.90 -30.33 -35.29
CA LEU L 736 124.81 -30.78 -36.16
C LEU L 736 125.20 -32.01 -36.95
N THR L 737 126.42 -32.04 -37.51
CA THR L 737 126.81 -33.13 -38.40
C THR L 737 126.85 -34.46 -37.67
N THR L 738 127.42 -34.47 -36.46
CA THR L 738 127.53 -35.72 -35.71
C THR L 738 126.14 -36.26 -35.34
N PHE L 739 125.25 -35.39 -34.89
CA PHE L 739 123.90 -35.82 -34.55
C PHE L 739 123.17 -36.34 -35.79
N GLN L 740 123.33 -35.67 -36.92
CA GLN L 740 122.69 -36.11 -38.16
C GLN L 740 123.21 -37.47 -38.61
N GLN L 741 124.52 -37.71 -38.52
CA GLN L 741 125.07 -38.99 -38.96
C GLN L 741 124.92 -40.08 -37.91
N LYS L 742 124.59 -39.73 -36.67
CA LYS L 742 124.34 -40.73 -35.64
C LYS L 742 122.88 -41.12 -35.54
N ILE L 743 121.96 -40.23 -35.91
CA ILE L 743 120.54 -40.58 -35.87
C ILE L 743 120.11 -41.41 -37.07
N SER L 744 120.96 -41.51 -38.10
CA SER L 744 120.59 -42.23 -39.31
C SER L 744 120.70 -43.75 -39.16
N LYS L 745 121.39 -44.24 -38.14
CA LYS L 745 121.54 -45.68 -37.99
C LYS L 745 120.24 -46.32 -37.48
N TYR L 746 119.58 -45.67 -36.53
CA TYR L 746 118.31 -46.21 -36.02
C TYR L 746 117.25 -46.24 -37.12
N PHE L 747 117.15 -45.16 -37.89
CA PHE L 747 116.20 -45.06 -38.97
C PHE L 747 116.80 -44.23 -40.09
N ASN L 748 116.48 -44.59 -41.33
CA ASN L 748 116.98 -43.82 -42.47
C ASN L 748 116.32 -42.44 -42.50
N SER L 749 117.06 -41.47 -43.04
CA SER L 749 116.61 -40.08 -42.97
C SER L 749 115.38 -39.83 -43.84
N ARG L 750 115.30 -40.50 -44.99
CA ARG L 750 114.27 -40.16 -45.97
C ARG L 750 112.87 -40.34 -45.42
N LEU L 751 112.62 -41.45 -44.71
CA LEU L 751 111.28 -41.71 -44.19
C LEU L 751 110.87 -40.68 -43.15
N PHE L 752 111.80 -40.31 -42.27
CA PHE L 752 111.51 -39.37 -41.18
C PHE L 752 112.29 -38.07 -41.35
N GLY L 753 112.45 -37.61 -42.60
CA GLY L 753 113.16 -36.36 -42.83
C GLY L 753 112.48 -35.18 -42.17
N HIS L 754 111.14 -35.13 -42.24
CA HIS L 754 110.41 -34.09 -41.53
C HIS L 754 110.61 -34.21 -40.03
N ASP L 755 110.59 -35.43 -39.50
CA ASP L 755 110.84 -35.62 -38.08
C ASP L 755 112.25 -35.17 -37.70
N ILE L 756 113.23 -35.49 -38.53
CA ILE L 756 114.61 -35.09 -38.24
C ILE L 756 114.75 -33.58 -38.23
N GLU L 757 114.20 -32.91 -39.25
CA GLU L 757 114.31 -31.46 -39.31
C GLU L 757 113.50 -30.78 -38.22
N SER L 758 112.36 -31.35 -37.85
CA SER L 758 111.58 -30.81 -36.73
C SER L 758 112.34 -30.91 -35.43
N PHE L 759 113.00 -32.05 -35.19
CA PHE L 759 113.84 -32.16 -34.00
C PHE L 759 115.00 -31.17 -34.05
N ILE L 760 115.57 -30.97 -35.24
CA ILE L 760 116.69 -30.04 -35.39
C ILE L 760 116.25 -28.62 -35.05
N ASN L 761 115.09 -28.19 -35.55
CA ASN L 761 114.64 -26.83 -35.32
C ASN L 761 113.92 -26.64 -33.99
N ARG L 762 113.60 -27.72 -33.27
CA ARG L 762 112.94 -27.59 -31.98
C ARG L 762 113.86 -27.81 -30.79
N HIS L 763 114.88 -28.67 -30.92
CA HIS L 763 115.69 -29.08 -29.79
C HIS L 763 117.15 -28.64 -29.91
N LYS L 764 117.44 -27.60 -30.67
CA LYS L 764 118.80 -27.11 -30.80
C LYS L 764 118.95 -25.78 -30.07
N LYS L 765 119.95 -25.71 -29.18
CA LYS L 765 120.34 -24.48 -28.53
C LYS L 765 121.28 -23.69 -29.45
N PHE L 766 121.53 -22.44 -29.08
CA PHE L 766 122.39 -21.59 -29.89
C PHE L 766 123.39 -20.85 -29.00
N ALA L 767 124.59 -20.65 -29.54
CA ALA L 767 125.55 -19.70 -29.01
C ALA L 767 125.85 -18.56 -29.97
N ASN L 768 125.76 -18.82 -31.28
CA ASN L 768 125.88 -17.82 -32.31
C ASN L 768 125.24 -18.39 -33.57
N VAL L 769 125.11 -17.54 -34.60
CA VAL L 769 124.47 -17.99 -35.83
C VAL L 769 125.37 -18.96 -36.58
N SER L 770 126.66 -18.65 -36.68
CA SER L 770 127.57 -19.48 -37.46
C SER L 770 127.80 -20.84 -36.81
N ASP L 771 127.98 -20.87 -35.49
CA ASP L 771 128.27 -22.10 -34.76
C ASP L 771 127.08 -22.47 -33.90
N GLU L 772 126.60 -23.71 -34.05
CA GLU L 772 125.48 -24.22 -33.27
C GLU L 772 125.79 -25.64 -32.82
N TYR L 773 125.13 -26.05 -31.75
CA TYR L 773 125.29 -27.40 -31.23
C TYR L 773 124.03 -27.82 -30.51
N LEU L 774 123.84 -29.14 -30.38
CA LEU L 774 122.69 -29.71 -29.70
C LEU L 774 123.11 -30.16 -28.32
N GLN L 775 122.41 -29.68 -27.29
CA GLN L 775 122.78 -29.97 -25.91
C GLN L 775 122.21 -31.31 -25.46
N TYR L 776 122.41 -32.36 -26.26
CA TYR L 776 121.89 -33.68 -25.97
C TYR L 776 122.99 -34.72 -26.12
N ILE L 777 122.88 -35.79 -25.33
CA ILE L 777 123.91 -36.82 -25.26
C ILE L 777 123.25 -38.17 -25.56
N PHE L 778 123.86 -38.94 -26.43
CA PHE L 778 123.38 -40.29 -26.70
C PHE L 778 123.63 -41.19 -25.48
N ILE L 779 122.67 -42.07 -25.20
CA ILE L 779 122.80 -42.98 -24.07
C ILE L 779 123.94 -43.98 -24.29
N GLU L 780 124.21 -44.33 -25.55
CA GLU L 780 125.18 -45.38 -25.82
C GLU L 780 126.59 -44.99 -25.37
N ASP L 781 126.94 -43.71 -25.49
CA ASP L 781 128.25 -43.26 -25.01
C ASP L 781 128.27 -43.13 -23.49
N ILE L 782 127.15 -42.74 -22.87
CA ILE L 782 127.09 -42.67 -21.42
C ILE L 782 127.26 -44.04 -20.80
N SER L 783 126.62 -45.05 -21.39
CA SER L 783 126.71 -46.41 -20.85
C SER L 783 128.14 -46.93 -20.94
N SER L 784 128.84 -46.61 -22.02
CA SER L 784 130.22 -47.07 -22.18
C SER L 784 131.10 -46.36 -21.17
N PRO L 785 131.83 -47.08 -20.30
CA PRO L 785 132.74 -46.48 -19.32
C PRO L 785 133.97 -45.87 -19.97
#